data_5WKO
#
_entry.id   5WKO
#
_cell.length_a   190.580
_cell.length_b   191.486
_cell.length_c   391.050
_cell.angle_alpha   90.00
_cell.angle_beta   90.00
_cell.angle_gamma   90.00
#
_symmetry.space_group_name_H-M   'P 2 2 21'
#
loop_
_entity.id
_entity.type
_entity.pdbx_description
1 polymer 'Antibody 27F3 heavy chain'
2 polymer 'Antibody 27F3 light chain'
3 polymer Hemagglutinin
4 polymer Hemagglutinin
#
loop_
_entity_poly.entity_id
_entity_poly.type
_entity_poly.pdbx_seq_one_letter_code
_entity_poly.pdbx_strand_id
1 'polypeptide(L)'
;QVQLVQSGAEVKKPGSSVQVSCRASGGTFGNYAINWVRQAPGQGLEWMGGISPIFGPPKYAQKFQGRVTISADISSSTAY
MDLSSLSSDDTAVYYCARKLEPPYYFYSYMDVWGKGTTVTVSSASTKGPSVFPLAPSSKSTSGGTAALGCLVKDYFPEPV
TVSWNSGALTSGVHTFPAVLQSSGLYSLSSVVTVPSSSLGTQTYICNVNHKPSNTKVDKRVEPKS
;
A,C,E,G,I,K
2 'polypeptide(L)'
;EIVLTQSPGTLSLSPGERATLSCRASQSVSSSYLAWYQQKPGQAPRLLIYGASSRATGIPDRFSGSGSGTDFTLTITRLE
PEDFAVYYCQQYVSTPLTFGGGTKVEIKRTVAAPSVFIFPPSDEQLKSGTASVVCLLNNFYPREAKVQWKVDNALQSGNS
QESVTEQDSKDSTYSLSSTLTLSKADYEKHKVYACEVTHQGLSSPVTKSFNRG
;
B,D,F,H,J,L
3 'polypeptide(L)'
;ADPGDTLCIGYHANNSTDTVDTVLEKNVTVTHSVNLLEDKHNGKLCKLRGVAPLHLGKCNIAGWILGNPECESLSTASSW
SYIVETPSSDNGTCYPGDFIDYEELREQLSSVSSFERFEIFPKTSSWPNHDSNKGVTAACPHAGAKSFYKNLIWLVKKGN
SYPKLSKSYINDKGKEVLVLWGIHHPSTSADQQSLYQNADTYVFVGSSRYSKKFKPEIAIRPKVRDQEGRMNYYWTLVEP
GDKITFEATGNLVVPRYAFAMERNAGSGIIISDTPVHDCNTTCQTPKGAINTSLPFQNIHPITIGKCPKYVKSTKLRLAT
GLRNIPSIQSR
;
M,N,O,S,T,U
4 'polypeptide(L)'
;GLFGAIAGFIEGGWTGMVDGWYGYHHQNEQGSGYAADLKSTQNAIDGITNKVNSVIEKMNTQFTAVGKEFNHLEKRIENL
NKKVDDGFLDIWTYNAELLVLLENERTLDYHDSNVKNLYEKVRSQLKNNAKEIGNGCFEFYHKCDNTCMESVKNGTYDYP
KYSEEAKLNREEIDSGR
;
P,Q,R,V,W,X
#
# COMPACT_ATOMS: atom_id res chain seq x y z
N GLN A 1 49.67 35.34 -32.59
CA GLN A 1 48.85 35.67 -31.41
C GLN A 1 49.01 37.12 -31.01
N VAL A 2 50.11 37.76 -31.42
CA VAL A 2 50.52 39.07 -30.94
C VAL A 2 49.60 40.21 -31.39
N GLN A 3 48.71 40.67 -30.51
CA GLN A 3 47.75 41.72 -30.82
C GLN A 3 47.53 42.71 -29.69
N LEU A 4 47.34 43.98 -30.01
CA LEU A 4 46.93 44.99 -29.03
C LEU A 4 45.43 45.28 -29.15
N VAL A 5 44.71 45.26 -28.03
CA VAL A 5 43.25 45.36 -28.07
C VAL A 5 42.80 46.63 -27.37
N GLN A 6 42.37 47.63 -28.13
CA GLN A 6 42.02 48.91 -27.52
C GLN A 6 40.67 48.81 -26.81
N SER A 7 40.48 49.68 -25.84
CA SER A 7 39.21 49.81 -25.15
C SER A 7 38.17 50.50 -26.02
N GLY A 8 36.93 50.45 -25.58
CA GLY A 8 35.83 51.01 -26.34
C GLY A 8 35.91 52.50 -26.58
N ALA A 9 35.26 52.91 -27.67
CA ALA A 9 35.21 54.32 -28.08
C ALA A 9 34.42 55.12 -27.08
N GLU A 10 34.81 56.36 -26.88
CA GLU A 10 34.26 57.13 -25.79
C GLU A 10 33.93 58.56 -26.20
N VAL A 11 32.98 59.14 -25.48
CA VAL A 11 32.52 60.50 -25.66
C VAL A 11 32.50 61.21 -24.33
N LYS A 12 33.35 62.20 -24.15
CA LYS A 12 33.48 62.91 -22.89
C LYS A 12 33.34 64.41 -23.07
N LYS A 13 32.85 65.08 -22.01
CA LYS A 13 32.56 66.49 -22.04
C LYS A 13 33.85 67.29 -21.93
N PRO A 14 33.87 68.50 -22.44
CA PRO A 14 35.08 69.32 -22.36
C PRO A 14 35.41 69.66 -20.93
N GLY A 15 36.70 69.74 -20.64
CA GLY A 15 37.17 69.96 -19.31
C GLY A 15 37.53 68.68 -18.56
N SER A 16 36.81 67.59 -18.82
CA SER A 16 37.00 66.36 -18.07
C SER A 16 38.24 65.59 -18.50
N SER A 17 38.34 64.32 -18.13
CA SER A 17 39.49 63.48 -18.45
C SER A 17 39.06 62.27 -19.24
N VAL A 18 40.03 61.68 -19.96
CA VAL A 18 39.82 60.43 -20.67
C VAL A 18 40.90 59.44 -20.28
N GLN A 19 40.55 58.16 -20.31
CA GLN A 19 41.52 57.10 -20.15
C GLN A 19 41.29 56.01 -21.19
N VAL A 20 42.26 55.76 -22.05
CA VAL A 20 42.17 54.72 -23.08
C VAL A 20 43.03 53.54 -22.66
N SER A 21 42.46 52.34 -22.69
CA SER A 21 43.19 51.13 -22.33
C SER A 21 43.74 50.45 -23.58
N CYS A 22 44.57 49.42 -23.38
CA CYS A 22 45.19 48.71 -24.51
C CYS A 22 45.79 47.40 -24.01
N ARG A 23 45.09 46.27 -24.09
CA ARG A 23 45.57 45.01 -23.54
C ARG A 23 46.33 44.16 -24.54
N ALA A 24 47.61 43.94 -24.28
CA ALA A 24 48.36 43.02 -25.11
C ALA A 24 47.96 41.59 -24.85
N SER A 25 48.14 40.78 -25.87
CA SER A 25 47.82 39.40 -25.79
C SER A 25 48.91 38.69 -26.55
N GLY A 26 50.07 38.52 -25.93
CA GLY A 26 51.20 37.86 -26.56
C GLY A 26 52.37 37.79 -25.59
N GLY A 27 53.50 37.26 -26.04
CA GLY A 27 54.74 37.11 -25.28
C GLY A 27 54.77 37.21 -23.76
N THR A 28 55.51 38.16 -23.24
CA THR A 28 55.53 38.39 -21.83
C THR A 28 55.50 39.87 -21.83
N PHE A 29 54.47 40.43 -21.26
CA PHE A 29 54.35 41.88 -21.25
C PHE A 29 55.46 42.50 -20.43
N GLY A 30 55.94 43.67 -20.84
CA GLY A 30 56.84 44.44 -20.01
C GLY A 30 58.21 44.66 -20.62
N ASN A 31 58.64 43.77 -21.47
CA ASN A 31 59.97 43.92 -22.04
C ASN A 31 59.99 44.64 -23.36
N TYR A 32 58.85 45.15 -23.83
CA TYR A 32 58.76 45.98 -25.01
C TYR A 32 58.07 47.29 -24.72
N ALA A 33 58.45 48.31 -25.49
CA ALA A 33 57.83 49.64 -25.45
C ALA A 33 56.50 49.68 -26.15
N ILE A 34 55.54 50.34 -25.53
CA ILE A 34 54.24 50.65 -26.13
C ILE A 34 54.11 52.14 -26.41
N ASN A 35 53.80 52.50 -27.66
CA ASN A 35 53.62 53.88 -28.06
C ASN A 35 52.14 54.27 -28.16
N TRP A 36 51.83 55.54 -27.87
CA TRP A 36 50.49 56.08 -28.03
C TRP A 36 50.50 57.16 -29.10
N VAL A 37 49.89 56.87 -30.24
CA VAL A 37 49.84 57.75 -31.39
C VAL A 37 48.39 58.13 -31.65
N ARG A 38 48.18 59.40 -31.99
CA ARG A 38 46.89 60.07 -32.07
C ARG A 38 46.70 60.62 -33.48
N GLN A 39 45.47 60.61 -33.96
CA GLN A 39 45.12 61.08 -35.30
C GLN A 39 43.80 61.83 -35.24
N ALA A 40 43.86 63.15 -35.36
CA ALA A 40 42.67 63.97 -35.45
C ALA A 40 41.90 63.61 -36.72
N PRO A 41 40.63 63.98 -36.83
CA PRO A 41 39.90 63.62 -38.05
C PRO A 41 40.56 64.25 -39.26
N GLY A 42 40.89 63.41 -40.25
CA GLY A 42 41.58 63.85 -41.44
C GLY A 42 42.82 64.65 -41.15
N GLN A 43 43.73 64.09 -40.36
CA GLN A 43 44.89 64.83 -39.89
C GLN A 43 46.11 63.96 -39.81
N GLY A 44 47.23 64.58 -39.49
CA GLY A 44 48.48 63.84 -39.34
C GLY A 44 48.50 62.91 -38.14
N LEU A 45 49.65 62.28 -37.96
CA LEU A 45 49.87 61.42 -36.81
C LEU A 45 50.78 62.17 -35.86
N GLU A 46 50.37 62.31 -34.61
CA GLU A 46 51.26 62.88 -33.62
C GLU A 46 51.49 61.86 -32.54
N TRP A 47 52.76 61.72 -32.18
CA TRP A 47 53.19 60.81 -31.15
C TRP A 47 53.04 61.47 -29.81
N MET A 48 52.28 60.87 -28.94
CA MET A 48 52.11 61.52 -27.66
C MET A 48 53.21 61.15 -26.67
N GLY A 49 53.51 59.87 -26.56
CA GLY A 49 54.53 59.40 -25.63
C GLY A 49 54.56 57.89 -25.69
N GLY A 50 55.02 57.27 -24.63
CA GLY A 50 55.04 55.81 -24.60
C GLY A 50 55.75 55.32 -23.36
N ILE A 51 55.59 54.02 -23.09
CA ILE A 51 56.25 53.42 -21.94
C ILE A 51 56.76 52.05 -22.29
N SER A 52 57.87 51.69 -21.68
CA SER A 52 58.28 50.30 -21.61
C SER A 52 58.44 49.97 -20.14
N PRO A 53 57.43 49.48 -19.56
CA PRO A 53 57.28 49.42 -18.12
C PRO A 53 58.52 49.23 -17.32
N ILE A 54 59.45 48.43 -17.81
CA ILE A 54 60.56 48.00 -17.01
C ILE A 54 61.84 48.76 -17.31
N PHE A 55 62.10 49.03 -18.57
CA PHE A 55 63.27 49.80 -18.91
C PHE A 55 63.33 51.14 -18.21
N GLY A 56 62.22 51.78 -18.01
CA GLY A 56 62.27 53.08 -17.39
C GLY A 56 60.93 53.77 -17.32
N PRO A 57 60.94 55.03 -16.96
CA PRO A 57 59.70 55.70 -16.78
C PRO A 57 59.15 56.18 -18.10
N PRO A 58 57.85 56.45 -18.16
CA PRO A 58 57.21 56.98 -19.36
C PRO A 58 57.91 58.20 -19.92
N LYS A 59 57.88 58.32 -21.25
CA LYS A 59 58.37 59.51 -21.93
C LYS A 59 57.27 60.16 -22.73
N TYR A 60 57.20 61.48 -22.64
CA TYR A 60 56.11 62.25 -23.19
C TYR A 60 56.61 63.32 -24.14
N ALA A 61 55.72 63.77 -25.01
CA ALA A 61 55.95 64.97 -25.79
C ALA A 61 55.51 66.20 -25.01
N GLN A 62 56.21 67.33 -25.21
CA GLN A 62 55.85 68.56 -24.51
C GLN A 62 54.45 69.05 -24.81
N LYS A 63 53.95 68.79 -26.01
CA LYS A 63 52.57 69.17 -26.35
C LYS A 63 51.61 68.74 -25.27
N PHE A 64 51.80 67.56 -24.74
CA PHE A 64 50.87 67.03 -23.75
C PHE A 64 51.50 66.98 -22.37
N GLN A 65 52.67 67.58 -22.20
CA GLN A 65 53.30 67.62 -20.92
C GLN A 65 52.34 68.26 -19.94
N GLY A 66 52.00 67.51 -18.90
CA GLY A 66 51.05 68.01 -17.94
C GLY A 66 49.66 67.48 -18.20
N ARG A 67 49.24 67.35 -19.43
CA ARG A 67 47.88 66.89 -19.60
C ARG A 67 47.76 65.37 -19.57
N VAL A 68 48.79 64.65 -20.07
CA VAL A 68 48.79 63.20 -20.23
C VAL A 68 49.70 62.54 -19.21
N THR A 69 49.31 61.33 -18.81
CA THR A 69 50.16 60.42 -18.07
C THR A 69 49.95 59.06 -18.67
N ILE A 70 51.00 58.28 -18.82
CA ILE A 70 50.86 56.91 -19.29
C ILE A 70 51.32 55.96 -18.19
N SER A 71 50.53 54.94 -17.97
CA SER A 71 50.84 53.97 -16.97
C SER A 71 50.73 52.59 -17.56
N ALA A 72 51.14 51.60 -16.79
CA ALA A 72 50.97 50.24 -17.23
C ALA A 72 50.78 49.35 -16.04
N ASP A 73 49.88 48.39 -16.18
CA ASP A 73 49.63 47.38 -15.18
C ASP A 73 50.30 46.08 -15.62
N ILE A 74 51.46 45.81 -15.02
CA ILE A 74 52.33 44.73 -15.48
C ILE A 74 51.63 43.39 -15.34
N SER A 75 50.76 43.26 -14.36
CA SER A 75 50.12 41.97 -14.23
C SER A 75 49.06 41.75 -15.27
N SER A 76 48.11 42.68 -15.39
CA SER A 76 47.00 42.54 -16.33
C SER A 76 47.41 42.74 -17.80
N SER A 77 48.67 43.02 -18.07
CA SER A 77 49.18 43.08 -19.43
C SER A 77 48.53 44.24 -20.16
N THR A 78 48.48 45.37 -19.48
CA THR A 78 47.68 46.48 -19.96
C THR A 78 48.38 47.80 -19.76
N ALA A 79 48.29 48.67 -20.74
CA ALA A 79 48.78 50.02 -20.63
C ALA A 79 47.65 51.03 -20.69
N TYR A 80 47.79 52.15 -20.00
CA TYR A 80 46.74 53.15 -19.94
C TYR A 80 47.22 54.52 -20.38
N MET A 81 46.51 55.25 -21.20
CA MET A 81 47.03 56.48 -21.67
C MET A 81 46.30 57.48 -20.98
N ASP A 82 46.99 58.13 -20.08
CA ASP A 82 46.45 59.22 -19.29
C ASP A 82 46.27 60.53 -20.01
N LEU A 83 45.06 61.06 -20.07
CA LEU A 83 44.89 62.35 -20.72
C LEU A 83 43.64 63.01 -20.34
N SER A 84 43.77 64.11 -19.64
CA SER A 84 42.64 64.87 -19.20
C SER A 84 43.18 66.22 -18.88
N SER A 85 42.56 67.13 -19.59
CA SER A 85 42.69 68.57 -19.73
C SER A 85 41.89 68.94 -20.98
N LEU A 86 41.01 68.02 -21.42
CA LEU A 86 40.20 67.92 -22.58
C LEU A 86 39.53 69.09 -23.19
N SER A 87 39.95 69.41 -24.39
CA SER A 87 39.31 70.45 -25.11
C SER A 87 38.46 69.75 -26.12
N SER A 88 38.12 70.51 -27.12
CA SER A 88 37.42 69.89 -28.23
C SER A 88 38.37 69.46 -29.35
N ASP A 89 39.50 70.12 -29.49
CA ASP A 89 40.47 69.66 -30.47
C ASP A 89 41.42 68.62 -29.89
N ASP A 90 41.02 67.93 -28.82
CA ASP A 90 41.62 66.65 -28.46
C ASP A 90 40.79 65.50 -28.97
N THR A 91 39.75 65.78 -29.73
CA THR A 91 38.93 64.75 -30.31
C THR A 91 39.72 64.15 -31.46
N ALA A 92 39.89 62.82 -31.43
CA ALA A 92 40.81 62.18 -32.34
C ALA A 92 40.64 60.67 -32.21
N VAL A 93 41.43 59.95 -32.96
CA VAL A 93 41.61 58.53 -32.74
C VAL A 93 42.92 58.34 -32.00
N TYR A 94 42.92 57.47 -31.00
CA TYR A 94 44.10 57.22 -30.19
C TYR A 94 44.55 55.77 -30.41
N TYR A 95 45.74 55.59 -30.99
CA TYR A 95 46.30 54.26 -31.27
C TYR A 95 47.39 53.89 -30.28
N CYS A 96 47.40 52.64 -29.82
CA CYS A 96 48.58 52.10 -29.16
C CYS A 96 49.29 51.18 -30.13
N ALA A 97 50.62 51.20 -30.12
CA ALA A 97 51.34 50.45 -31.13
C ALA A 97 52.75 50.11 -30.67
N ARG A 98 53.25 48.97 -31.13
CA ARG A 98 54.52 48.48 -30.64
C ARG A 98 55.33 47.94 -31.78
N LYS A 99 56.61 47.75 -31.50
CA LYS A 99 57.51 47.05 -32.39
C LYS A 99 57.39 45.59 -32.10
N LEU A 100 57.66 44.77 -33.10
CA LEU A 100 57.48 43.34 -32.95
C LEU A 100 58.74 42.52 -32.63
N GLU A 101 59.66 42.50 -33.48
CA GLU A 101 60.85 41.69 -33.30
C GLU A 101 61.94 42.45 -32.55
N PRO A 102 62.69 41.82 -31.62
CA PRO A 102 63.62 42.55 -30.78
C PRO A 102 64.86 43.03 -31.49
N PRO A 103 65.53 44.09 -30.98
CA PRO A 103 65.25 44.84 -29.75
C PRO A 103 64.10 45.85 -29.84
N TYR A 104 63.22 45.79 -28.87
CA TYR A 104 61.99 46.56 -28.90
C TYR A 104 61.68 47.23 -27.59
N TYR A 105 62.68 47.41 -26.75
CA TYR A 105 62.45 48.03 -25.46
C TYR A 105 62.35 49.53 -25.58
N PHE A 106 62.84 50.11 -26.66
CA PHE A 106 62.79 51.54 -26.83
C PHE A 106 61.73 51.92 -27.85
N TYR A 107 61.42 53.21 -27.83
CA TYR A 107 60.44 53.80 -28.72
C TYR A 107 61.13 53.98 -30.06
N SER A 108 60.82 53.12 -31.01
CA SER A 108 61.47 53.18 -32.30
C SER A 108 60.36 53.31 -33.33
N TYR A 109 60.12 52.28 -34.10
CA TYR A 109 59.02 52.27 -35.03
C TYR A 109 58.00 51.28 -34.52
N MET A 110 57.00 50.93 -35.34
CA MET A 110 55.90 50.11 -34.83
C MET A 110 55.27 49.23 -35.91
N ASP A 111 55.58 47.94 -35.85
CA ASP A 111 54.95 46.90 -36.68
C ASP A 111 53.48 46.77 -36.37
N VAL A 112 53.11 46.81 -35.10
CA VAL A 112 51.82 46.32 -34.63
C VAL A 112 51.03 47.40 -33.96
N TRP A 113 49.83 47.68 -34.47
CA TRP A 113 48.95 48.71 -33.96
C TRP A 113 47.68 48.09 -33.44
N GLY A 114 47.06 48.75 -32.50
CA GLY A 114 45.70 48.47 -32.13
C GLY A 114 44.82 49.03 -33.20
N LYS A 115 43.52 48.79 -33.08
CA LYS A 115 42.61 49.36 -34.07
C LYS A 115 42.29 50.81 -33.81
N GLY A 116 42.56 51.31 -32.63
CA GLY A 116 42.26 52.68 -32.31
C GLY A 116 41.03 52.77 -31.44
N THR A 117 41.00 53.77 -30.59
CA THR A 117 39.85 54.14 -29.77
C THR A 117 39.47 55.56 -30.13
N THR A 118 38.32 55.76 -30.74
CA THR A 118 37.90 57.12 -31.11
C THR A 118 37.29 57.83 -29.92
N VAL A 119 37.67 59.09 -29.71
CA VAL A 119 37.27 59.85 -28.54
C VAL A 119 36.86 61.25 -28.99
N THR A 120 35.60 61.61 -28.75
CA THR A 120 34.99 62.85 -29.24
C THR A 120 34.68 63.76 -28.08
N VAL A 121 35.27 64.92 -28.06
CA VAL A 121 35.13 65.82 -26.92
C VAL A 121 34.04 66.82 -27.20
N SER A 122 32.85 66.60 -26.64
CA SER A 122 31.71 67.41 -27.02
C SER A 122 30.71 67.49 -25.88
N SER A 123 30.29 68.71 -25.53
CA SER A 123 29.30 68.95 -24.49
C SER A 123 27.89 68.69 -24.96
N ALA A 124 27.74 68.20 -26.18
CA ALA A 124 26.43 67.77 -26.66
C ALA A 124 25.96 66.57 -25.90
N SER A 125 24.81 66.08 -26.28
CA SER A 125 24.29 64.88 -25.67
C SER A 125 23.45 64.10 -26.65
N THR A 126 23.39 62.80 -26.43
CA THR A 126 22.78 61.85 -27.34
C THR A 126 21.47 62.38 -27.87
N LYS A 127 21.27 62.28 -29.18
CA LYS A 127 20.05 62.70 -29.85
C LYS A 127 19.84 61.87 -31.10
N GLY A 128 18.61 61.42 -31.32
CA GLY A 128 18.32 60.71 -32.54
C GLY A 128 18.24 61.67 -33.72
N PRO A 129 18.41 61.15 -34.88
CA PRO A 129 18.37 61.97 -36.08
C PRO A 129 16.98 62.10 -36.66
N SER A 130 16.57 63.31 -37.02
CA SER A 130 15.39 63.48 -37.86
C SER A 130 15.79 63.31 -39.31
N VAL A 131 14.95 62.68 -40.11
CA VAL A 131 15.30 62.27 -41.46
C VAL A 131 14.30 62.87 -42.46
N PHE A 132 14.80 63.77 -43.31
CA PHE A 132 14.01 64.46 -44.31
C PHE A 132 14.37 63.94 -45.70
N PRO A 133 13.47 64.00 -46.65
CA PRO A 133 13.80 63.52 -47.98
C PRO A 133 14.28 64.59 -48.93
N LEU A 134 15.29 64.28 -49.73
CA LEU A 134 15.69 65.13 -50.85
C LEU A 134 14.94 64.60 -52.05
N ALA A 135 13.84 65.24 -52.37
CA ALA A 135 12.95 64.78 -53.41
C ALA A 135 13.51 65.09 -54.79
N PRO A 136 13.40 64.19 -55.73
CA PRO A 136 13.78 64.47 -57.12
C PRO A 136 12.79 65.40 -57.79
N SER A 137 13.18 65.93 -58.94
CA SER A 137 12.31 66.89 -59.59
C SER A 137 12.76 67.11 -61.03
N SER A 138 12.24 68.16 -61.66
CA SER A 138 12.74 68.59 -62.94
C SER A 138 14.09 69.31 -62.81
N LYS A 139 14.48 69.66 -61.59
CA LYS A 139 15.77 70.24 -61.26
C LYS A 139 16.76 69.21 -60.76
N SER A 140 16.30 68.00 -60.45
CA SER A 140 17.16 66.87 -60.07
C SER A 140 17.19 65.77 -61.14
N THR A 141 17.02 66.13 -62.43
CA THR A 141 17.11 65.20 -63.55
C THR A 141 18.02 65.80 -64.64
N SER A 142 18.71 64.93 -65.38
CA SER A 142 19.64 65.39 -66.41
C SER A 142 19.97 64.25 -67.38
N GLY A 143 19.45 64.34 -68.60
CA GLY A 143 19.60 63.23 -69.51
C GLY A 143 18.80 62.03 -69.04
N GLY A 144 19.40 60.86 -69.15
CA GLY A 144 18.70 59.66 -68.76
C GLY A 144 18.33 59.60 -67.28
N THR A 145 19.14 60.22 -66.42
CA THR A 145 19.07 60.01 -64.98
C THR A 145 18.67 61.21 -64.14
N ALA A 146 18.23 60.89 -62.93
CA ALA A 146 17.77 61.87 -61.95
C ALA A 146 18.23 61.41 -60.58
N ALA A 147 18.45 62.36 -59.68
CA ALA A 147 19.02 62.12 -58.35
C ALA A 147 18.02 62.40 -57.23
N LEU A 148 18.02 61.55 -56.22
CA LEU A 148 17.18 61.70 -55.03
C LEU A 148 18.00 61.32 -53.81
N GLY A 149 17.48 61.62 -52.62
CA GLY A 149 18.26 61.31 -51.43
C GLY A 149 17.54 61.61 -50.14
N CYS A 150 18.28 61.39 -49.04
CA CYS A 150 17.90 61.64 -47.65
C CYS A 150 18.89 62.55 -46.97
N LEU A 151 18.40 63.49 -46.19
CA LEU A 151 19.18 64.36 -45.34
C LEU A 151 19.04 63.91 -43.91
N VAL A 152 20.09 63.38 -43.31
CA VAL A 152 20.02 62.92 -41.92
C VAL A 152 20.57 64.04 -41.05
N LYS A 153 19.68 64.81 -40.44
CA LYS A 153 20.06 66.05 -39.81
C LYS A 153 19.92 65.98 -38.29
N ASP A 154 20.77 66.74 -37.60
CA ASP A 154 20.72 66.93 -36.16
C ASP A 154 20.70 65.61 -35.38
N TYR A 155 21.87 64.92 -35.29
CA TYR A 155 22.06 63.69 -34.53
C TYR A 155 23.41 63.78 -33.83
N PHE A 156 23.54 63.07 -32.70
CA PHE A 156 24.78 62.97 -31.92
C PHE A 156 24.79 61.71 -31.14
N PRO A 157 25.91 61.04 -31.05
CA PRO A 157 27.16 61.29 -31.74
C PRO A 157 27.27 60.35 -32.92
N GLU A 158 28.36 60.41 -33.65
CA GLU A 158 28.60 59.46 -34.72
C GLU A 158 28.58 58.05 -34.18
N PRO A 159 28.27 57.06 -35.02
CA PRO A 159 27.94 57.09 -36.44
C PRO A 159 26.50 56.84 -36.77
N VAL A 160 26.14 57.13 -38.01
CA VAL A 160 24.87 56.70 -38.55
C VAL A 160 25.17 55.71 -39.68
N THR A 161 24.25 54.79 -39.93
CA THR A 161 24.38 53.90 -41.09
C THR A 161 23.16 54.03 -41.97
N VAL A 162 23.39 54.17 -43.27
CA VAL A 162 22.31 54.37 -44.22
C VAL A 162 22.36 53.29 -45.29
N SER A 163 21.20 52.75 -45.62
CA SER A 163 21.03 51.84 -46.74
C SER A 163 19.76 52.25 -47.47
N TRP A 164 19.65 51.82 -48.71
CA TRP A 164 18.51 52.13 -49.56
C TRP A 164 17.76 50.87 -49.93
N ASN A 165 16.44 50.89 -49.82
CA ASN A 165 15.63 49.69 -50.03
C ASN A 165 16.20 48.51 -49.25
N SER A 166 16.46 48.76 -47.96
CA SER A 166 17.05 47.80 -47.05
C SER A 166 18.17 46.98 -47.70
N GLY A 167 19.12 47.68 -48.32
CA GLY A 167 20.29 47.01 -48.87
C GLY A 167 20.11 46.52 -50.28
N ALA A 168 18.93 46.68 -50.85
CA ALA A 168 18.73 46.22 -52.20
C ALA A 168 19.42 47.14 -53.18
N LEU A 169 19.31 48.44 -52.96
CA LEU A 169 19.85 49.41 -53.88
C LEU A 169 21.26 49.78 -53.46
N THR A 170 22.20 49.46 -54.35
CA THR A 170 23.63 49.68 -54.16
C THR A 170 24.20 50.61 -55.20
N SER A 171 24.05 50.24 -56.46
CA SER A 171 24.68 50.95 -57.54
C SER A 171 24.33 52.43 -57.46
N GLY A 172 25.34 53.28 -57.53
CA GLY A 172 25.05 54.69 -57.59
C GLY A 172 24.68 55.37 -56.30
N VAL A 173 24.94 54.76 -55.21
CA VAL A 173 24.63 55.35 -53.92
C VAL A 173 25.86 56.07 -53.43
N HIS A 174 25.66 57.26 -52.89
CA HIS A 174 26.71 57.99 -52.20
C HIS A 174 26.23 58.45 -50.85
N THR A 175 26.80 57.89 -49.80
CA THR A 175 26.62 58.41 -48.46
C THR A 175 27.83 59.25 -48.08
N PHE A 176 27.60 60.42 -47.77
CA PHE A 176 28.66 61.37 -47.54
C PHE A 176 29.18 61.32 -46.11
N PRO A 177 30.40 61.79 -45.92
CA PRO A 177 30.90 61.96 -44.58
C PRO A 177 30.06 62.99 -43.85
N ALA A 178 29.73 62.70 -42.61
CA ALA A 178 28.93 63.62 -41.85
C ALA A 178 29.70 64.92 -41.60
N VAL A 179 28.98 65.97 -41.25
CA VAL A 179 29.61 67.20 -40.82
C VAL A 179 29.08 67.62 -39.46
N LEU A 180 29.94 68.26 -38.69
CA LEU A 180 29.61 68.82 -37.39
C LEU A 180 29.10 70.25 -37.53
N GLN A 181 27.90 70.50 -37.06
CA GLN A 181 27.31 71.82 -37.21
C GLN A 181 27.73 72.74 -36.07
N SER A 182 27.26 74.00 -36.09
CA SER A 182 27.57 74.91 -35.00
C SER A 182 26.86 74.50 -33.74
N SER A 183 25.75 73.82 -33.90
CA SER A 183 25.09 73.33 -32.71
C SER A 183 25.87 72.20 -32.11
N GLY A 184 26.94 71.79 -32.77
CA GLY A 184 27.68 70.67 -32.28
C GLY A 184 27.06 69.35 -32.62
N LEU A 185 26.10 69.33 -33.53
CA LEU A 185 25.48 68.08 -33.94
C LEU A 185 25.90 67.75 -35.36
N TYR A 186 25.71 66.49 -35.73
CA TYR A 186 26.17 66.03 -37.03
C TYR A 186 25.03 66.00 -38.01
N SER A 187 25.34 66.20 -39.28
CA SER A 187 24.37 66.00 -40.34
C SER A 187 25.07 65.38 -41.52
N LEU A 188 24.44 64.41 -42.15
CA LEU A 188 24.98 63.88 -43.38
C LEU A 188 23.84 63.69 -44.33
N SER A 189 24.19 63.62 -45.60
CA SER A 189 23.26 63.38 -46.69
C SER A 189 23.60 62.09 -47.42
N SER A 190 22.59 61.33 -47.79
CA SER A 190 22.76 60.21 -48.68
C SER A 190 21.99 60.41 -49.97
N VAL A 191 22.53 59.90 -51.07
CA VAL A 191 22.07 60.28 -52.40
C VAL A 191 22.16 59.09 -53.34
N VAL A 192 21.18 58.97 -54.23
CA VAL A 192 21.19 57.97 -55.28
C VAL A 192 20.90 58.59 -56.62
N THR A 193 21.54 58.09 -57.67
CA THR A 193 21.19 58.42 -59.03
C THR A 193 20.49 57.23 -59.64
N VAL A 194 19.34 57.47 -60.25
CA VAL A 194 18.51 56.39 -60.79
C VAL A 194 18.01 56.78 -62.17
N PRO A 195 17.53 55.80 -62.95
CA PRO A 195 16.94 56.13 -64.23
C PRO A 195 15.73 57.00 -64.03
N SER A 196 15.63 58.04 -64.87
CA SER A 196 14.50 58.95 -64.74
C SER A 196 13.19 58.23 -64.91
N SER A 197 13.15 57.21 -65.77
CA SER A 197 11.94 56.44 -66.02
C SER A 197 11.41 55.69 -64.81
N SER A 198 12.30 55.26 -63.92
CA SER A 198 11.92 54.46 -62.78
C SER A 198 11.09 55.20 -61.72
N LEU A 199 11.04 56.53 -61.78
CA LEU A 199 10.17 57.28 -60.86
C LEU A 199 8.70 57.07 -61.15
N GLY A 200 7.95 56.85 -60.08
CA GLY A 200 6.56 56.52 -60.23
C GLY A 200 6.36 55.03 -60.14
N THR A 201 7.22 54.29 -60.83
CA THR A 201 7.08 52.83 -60.84
C THR A 201 7.77 52.18 -59.63
N GLN A 202 9.07 52.39 -59.51
CA GLN A 202 9.87 51.80 -58.45
C GLN A 202 9.95 52.70 -57.22
N THR A 203 9.77 52.13 -56.03
CA THR A 203 9.70 52.90 -54.79
C THR A 203 10.99 52.82 -53.97
N TYR A 204 11.54 53.99 -53.63
CA TYR A 204 12.82 54.12 -52.94
C TYR A 204 12.68 54.55 -51.49
N ILE A 205 13.27 53.79 -50.56
CA ILE A 205 13.26 54.08 -49.13
C ILE A 205 14.67 54.00 -48.58
N CYS A 206 15.11 55.05 -47.91
CA CYS A 206 16.38 54.99 -47.21
C CYS A 206 16.11 54.53 -45.78
N ASN A 207 17.04 53.76 -45.24
CA ASN A 207 16.91 53.16 -43.91
C ASN A 207 18.01 53.75 -43.07
N VAL A 208 17.67 54.66 -42.26
CA VAL A 208 18.65 55.33 -41.41
C VAL A 208 18.72 54.56 -40.13
N ASN A 209 19.91 54.52 -39.55
CA ASN A 209 20.13 53.77 -38.32
C ASN A 209 21.11 54.48 -37.42
N HIS A 210 20.67 54.80 -36.20
CA HIS A 210 21.52 55.45 -35.21
C HIS A 210 21.48 54.63 -33.97
N LYS A 211 22.43 53.73 -33.79
CA LYS A 211 22.33 52.90 -32.61
C LYS A 211 22.41 53.69 -31.30
N PRO A 212 23.29 54.70 -31.15
CA PRO A 212 23.38 55.43 -29.87
C PRO A 212 22.08 55.99 -29.29
N SER A 213 21.06 56.22 -30.09
CA SER A 213 19.76 56.63 -29.59
C SER A 213 18.69 55.58 -29.87
N ASN A 214 19.09 54.43 -30.40
CA ASN A 214 18.17 53.37 -30.76
C ASN A 214 17.03 53.86 -31.64
N THR A 215 17.28 54.82 -32.51
CA THR A 215 16.26 55.29 -33.43
C THR A 215 16.51 54.65 -34.79
N LYS A 216 15.48 54.02 -35.35
CA LYS A 216 15.58 53.40 -36.69
C LYS A 216 14.44 53.91 -37.57
N VAL A 217 14.75 54.84 -38.48
CA VAL A 217 13.78 55.45 -39.38
C VAL A 217 13.85 54.87 -40.77
N ASP A 218 12.70 54.68 -41.40
CA ASP A 218 12.61 54.34 -42.82
C ASP A 218 11.80 55.40 -43.53
N LYS A 219 12.44 56.22 -44.34
CA LYS A 219 11.75 57.32 -45.00
C LYS A 219 11.60 56.99 -46.47
N ARG A 220 10.35 56.95 -46.92
CA ARG A 220 10.03 56.78 -48.32
C ARG A 220 10.30 58.11 -48.97
N VAL A 221 10.83 58.09 -50.19
CA VAL A 221 11.16 59.33 -50.87
C VAL A 221 10.29 59.44 -52.11
N GLU A 222 9.34 60.52 -52.12
CA GLU A 222 8.41 60.71 -53.21
C GLU A 222 8.87 61.81 -54.14
N PRO A 223 8.63 61.67 -55.43
CA PRO A 223 8.82 62.80 -56.35
C PRO A 223 7.81 63.90 -56.06
N LYS A 224 8.08 65.05 -56.66
CA LYS A 224 7.18 66.19 -56.59
C LYS A 224 7.27 66.96 -57.92
N SER A 225 6.37 67.94 -58.11
CA SER A 225 6.40 68.85 -59.31
C SER A 225 7.52 69.90 -59.25
N GLU B 1 61.10 68.67 -32.02
CA GLU B 1 61.91 69.06 -33.15
C GLU B 1 62.33 67.86 -33.92
N ILE B 2 63.13 68.07 -34.95
CA ILE B 2 63.25 67.12 -36.06
C ILE B 2 61.86 66.90 -36.61
N VAL B 3 61.40 67.86 -37.42
CA VAL B 3 60.12 67.80 -38.09
C VAL B 3 60.33 67.39 -39.54
N LEU B 4 59.41 66.60 -40.08
CA LEU B 4 59.53 66.01 -41.40
C LEU B 4 58.41 66.49 -42.31
N THR B 5 58.74 67.20 -43.38
CA THR B 5 57.75 67.61 -44.37
C THR B 5 57.83 66.75 -45.63
N GLN B 6 56.71 66.18 -46.01
CA GLN B 6 56.61 65.33 -47.19
C GLN B 6 56.12 66.15 -48.36
N SER B 7 56.67 65.85 -49.51
CA SER B 7 56.32 66.56 -50.72
C SER B 7 55.96 65.60 -51.82
N PRO B 8 54.83 65.81 -52.49
CA PRO B 8 53.75 66.78 -52.35
C PRO B 8 52.65 66.25 -51.50
N GLY B 9 51.75 67.13 -51.10
CA GLY B 9 50.65 66.74 -50.25
C GLY B 9 49.78 65.67 -50.86
N THR B 10 49.58 65.73 -52.16
CA THR B 10 48.87 64.70 -52.86
C THR B 10 49.67 64.34 -54.09
N LEU B 11 49.43 63.15 -54.62
CA LEU B 11 50.18 62.68 -55.78
C LEU B 11 49.21 61.92 -56.65
N SER B 12 48.90 62.44 -57.81
CA SER B 12 47.96 61.80 -58.73
C SER B 12 48.73 60.96 -59.70
N LEU B 13 48.52 59.65 -59.67
CA LEU B 13 49.19 58.76 -60.61
C LEU B 13 48.27 57.63 -61.01
N SER B 14 48.36 57.21 -62.21
CA SER B 14 47.56 56.10 -62.67
C SER B 14 48.28 54.80 -62.41
N PRO B 15 47.56 53.70 -62.29
CA PRO B 15 48.19 52.43 -61.95
C PRO B 15 49.26 52.01 -62.96
N GLY B 16 50.23 51.25 -62.48
CA GLY B 16 51.35 50.77 -63.27
C GLY B 16 52.54 51.69 -63.32
N GLU B 17 52.49 52.84 -62.69
CA GLU B 17 53.43 53.93 -62.85
C GLU B 17 54.29 54.05 -61.59
N ARG B 18 55.52 54.55 -61.75
CA ARG B 18 56.42 54.78 -60.63
C ARG B 18 56.00 56.00 -59.84
N ALA B 19 55.86 55.81 -58.54
CA ALA B 19 55.62 56.87 -57.58
C ALA B 19 56.86 57.03 -56.75
N THR B 20 57.34 58.25 -56.60
CA THR B 20 58.43 58.48 -55.67
C THR B 20 58.06 59.58 -54.69
N LEU B 21 57.81 59.23 -53.43
CA LEU B 21 57.48 60.23 -52.43
C LEU B 21 58.75 60.69 -51.75
N SER B 22 58.75 61.90 -51.25
CA SER B 22 59.94 62.31 -50.53
C SER B 22 59.57 62.84 -49.17
N CYS B 23 60.57 62.86 -48.32
CA CYS B 23 60.45 63.19 -46.91
C CYS B 23 61.72 63.89 -46.51
N ARG B 24 61.64 65.15 -46.16
CA ARG B 24 62.81 65.92 -45.83
C ARG B 24 62.79 66.29 -44.35
N ALA B 25 63.94 66.31 -43.74
CA ALA B 25 63.98 66.50 -42.31
C ALA B 25 64.60 67.84 -41.98
N SER B 26 64.13 68.43 -40.89
CA SER B 26 64.71 69.69 -40.45
C SER B 26 66.11 69.54 -39.87
N GLN B 27 66.49 68.36 -39.40
CA GLN B 27 67.79 68.08 -38.82
C GLN B 27 68.38 66.89 -39.54
N SER B 28 69.69 66.75 -39.68
CA SER B 28 70.13 65.52 -40.31
C SER B 28 69.37 64.44 -39.57
N VAL B 29 68.66 63.55 -40.26
CA VAL B 29 67.90 62.62 -39.48
C VAL B 29 68.82 61.94 -38.56
N SER B 30 69.99 61.54 -39.06
CA SER B 30 71.21 60.82 -38.44
C SER B 30 71.54 59.64 -39.30
N SER B 31 71.20 58.45 -38.80
CA SER B 31 71.42 57.26 -39.55
C SER B 31 70.19 57.01 -40.48
N SER B 32 69.88 55.74 -40.62
CA SER B 32 68.72 55.45 -41.36
C SER B 32 67.94 55.14 -40.15
N TYR B 33 67.15 56.08 -39.70
CA TYR B 33 66.33 55.87 -38.58
C TYR B 33 65.17 56.56 -39.14
N LEU B 34 64.52 55.92 -40.08
CA LEU B 34 63.36 56.50 -40.71
C LEU B 34 62.49 55.41 -41.21
N ALA B 35 61.27 55.32 -40.75
CA ALA B 35 60.35 54.32 -41.24
C ALA B 35 59.40 54.96 -42.22
N TRP B 36 58.69 54.15 -42.99
CA TRP B 36 57.64 54.63 -43.88
C TRP B 36 56.40 53.80 -43.64
N TYR B 37 55.27 54.45 -43.46
CA TYR B 37 54.03 53.74 -43.20
C TYR B 37 53.04 53.95 -44.35
N GLN B 38 52.02 53.11 -44.40
CA GLN B 38 50.95 53.18 -45.39
C GLN B 38 49.61 53.07 -44.68
N GLN B 39 48.76 54.07 -44.80
CA GLN B 39 47.46 54.04 -44.14
C GLN B 39 46.32 54.13 -45.11
N LYS B 40 45.42 53.18 -45.05
CA LYS B 40 44.29 53.20 -45.92
C LYS B 40 43.16 53.64 -45.05
N PRO B 41 42.25 54.41 -45.58
CA PRO B 41 41.30 55.04 -44.68
C PRO B 41 40.48 54.01 -43.96
N GLY B 42 40.32 54.25 -42.68
CA GLY B 42 39.59 53.37 -41.83
C GLY B 42 40.46 52.35 -41.14
N GLN B 43 41.72 52.23 -41.53
CA GLN B 43 42.60 51.24 -40.94
C GLN B 43 43.75 51.92 -40.22
N ALA B 44 44.44 51.15 -39.43
CA ALA B 44 45.66 51.67 -38.85
C ALA B 44 46.79 51.49 -39.83
N PRO B 45 47.87 52.23 -39.67
CA PRO B 45 48.98 52.12 -40.61
C PRO B 45 49.60 50.75 -40.68
N ARG B 46 50.20 50.47 -41.82
CA ARG B 46 50.94 49.25 -42.05
C ARG B 46 52.37 49.73 -42.19
N LEU B 47 53.32 49.02 -41.60
CA LEU B 47 54.70 49.44 -41.72
C LEU B 47 55.29 48.95 -43.01
N LEU B 48 55.83 49.88 -43.80
CA LEU B 48 56.44 49.51 -45.07
C LEU B 48 57.94 49.34 -44.95
N ILE B 49 58.65 50.40 -44.65
CA ILE B 49 60.10 50.40 -44.60
C ILE B 49 60.56 50.78 -43.23
N TYR B 50 61.61 50.13 -42.77
CA TYR B 50 62.30 50.59 -41.60
C TYR B 50 63.75 50.80 -41.93
N GLY B 51 64.50 51.18 -40.95
CA GLY B 51 65.87 51.50 -41.23
C GLY B 51 65.87 52.73 -42.07
N ALA B 52 65.99 52.54 -43.36
CA ALA B 52 65.67 53.63 -44.25
C ALA B 52 65.31 52.98 -45.54
N SER B 53 65.95 51.86 -45.77
CA SER B 53 65.67 51.05 -46.92
C SER B 53 65.34 49.61 -46.60
N SER B 54 65.21 49.24 -45.35
CA SER B 54 64.90 47.86 -45.03
C SER B 54 63.44 47.57 -45.15
N ARG B 55 63.11 46.68 -46.05
CA ARG B 55 61.74 46.28 -46.32
C ARG B 55 61.23 45.39 -45.19
N ALA B 56 60.05 45.67 -44.66
CA ALA B 56 59.49 44.85 -43.61
C ALA B 56 58.98 43.53 -44.13
N THR B 57 59.08 42.47 -43.34
CA THR B 57 58.63 41.19 -43.87
C THR B 57 57.16 41.32 -44.12
N GLY B 58 56.72 40.80 -45.25
CA GLY B 58 55.38 40.96 -45.74
C GLY B 58 55.28 41.94 -46.88
N ILE B 59 56.13 42.94 -46.91
CA ILE B 59 55.96 43.99 -47.90
C ILE B 59 56.48 43.53 -49.25
N PRO B 60 55.66 43.61 -50.29
CA PRO B 60 56.06 43.28 -51.63
C PRO B 60 57.21 44.14 -52.09
N ASP B 61 57.86 43.62 -53.10
CA ASP B 61 59.13 44.11 -53.59
C ASP B 61 59.07 45.50 -54.18
N ARG B 62 57.96 45.89 -54.79
CA ARG B 62 57.85 47.19 -55.44
C ARG B 62 58.18 48.38 -54.55
N PHE B 63 57.85 48.30 -53.27
CA PHE B 63 58.22 49.34 -52.32
C PHE B 63 59.70 49.31 -51.98
N SER B 64 60.42 50.40 -52.16
CA SER B 64 61.83 50.36 -51.79
C SER B 64 62.21 51.73 -51.25
N GLY B 65 62.83 51.79 -50.11
CA GLY B 65 63.26 53.05 -49.54
C GLY B 65 64.70 53.41 -49.82
N SER B 66 65.02 54.67 -49.63
CA SER B 66 66.40 55.12 -49.80
C SER B 66 66.57 56.52 -49.25
N GLY B 67 67.79 57.02 -49.36
CA GLY B 67 68.17 58.34 -48.93
C GLY B 67 68.91 58.33 -47.61
N SER B 68 69.44 59.50 -47.25
CA SER B 68 70.24 59.64 -46.05
C SER B 68 70.44 61.12 -45.77
N GLY B 69 70.70 61.45 -44.53
CA GLY B 69 70.94 62.83 -44.18
C GLY B 69 69.64 63.58 -44.02
N THR B 70 69.35 64.54 -44.87
CA THR B 70 68.08 65.23 -44.79
C THR B 70 67.18 64.91 -45.97
N ASP B 71 67.50 63.90 -46.77
CA ASP B 71 66.74 63.58 -47.98
C ASP B 71 66.45 62.08 -48.06
N PHE B 72 65.18 61.70 -47.93
CA PHE B 72 64.76 60.31 -48.09
C PHE B 72 63.67 60.24 -49.13
N THR B 73 63.56 59.10 -49.79
CA THR B 73 62.51 58.90 -50.76
C THR B 73 61.95 57.51 -50.63
N LEU B 74 60.68 57.37 -50.90
CA LEU B 74 60.02 56.07 -50.94
C LEU B 74 59.55 55.86 -52.35
N THR B 75 59.96 54.76 -52.97
CA THR B 75 59.66 54.48 -54.36
C THR B 75 58.79 53.24 -54.44
N ILE B 76 57.69 53.37 -55.15
CA ILE B 76 56.83 52.25 -55.51
C ILE B 76 57.00 52.13 -57.01
N THR B 77 57.33 50.94 -57.47
CA THR B 77 57.79 50.87 -58.86
C THR B 77 56.67 50.62 -59.83
N ARG B 78 55.66 49.87 -59.45
CA ARG B 78 54.45 49.75 -60.23
C ARG B 78 53.29 49.92 -59.29
N LEU B 79 52.60 51.03 -59.33
CA LEU B 79 51.43 51.16 -58.49
C LEU B 79 50.40 50.11 -58.83
N GLU B 80 50.07 49.26 -57.89
CA GLU B 80 48.90 48.40 -58.00
C GLU B 80 47.71 49.16 -57.46
N PRO B 81 46.49 48.69 -57.68
CA PRO B 81 45.34 49.35 -57.04
C PRO B 81 45.38 49.38 -55.53
N GLU B 82 45.95 48.36 -54.90
CA GLU B 82 46.05 48.34 -53.46
C GLU B 82 46.89 49.49 -52.93
N ASP B 83 47.85 49.92 -53.70
CA ASP B 83 48.84 50.87 -53.24
C ASP B 83 48.30 52.24 -53.07
N PHE B 84 47.06 52.47 -53.39
CA PHE B 84 46.51 53.81 -53.27
C PHE B 84 46.04 54.12 -51.85
N ALA B 85 46.72 55.04 -51.18
CA ALA B 85 46.60 55.21 -49.75
C ALA B 85 47.40 56.45 -49.40
N VAL B 86 47.50 56.72 -48.14
CA VAL B 86 48.32 57.82 -47.67
C VAL B 86 49.61 57.22 -47.13
N TYR B 87 50.74 57.88 -47.35
CA TYR B 87 52.02 57.35 -46.95
C TYR B 87 52.70 58.32 -46.02
N TYR B 88 52.96 57.87 -44.79
CA TYR B 88 53.62 58.69 -43.78
C TYR B 88 55.05 58.24 -43.59
N CYS B 89 55.98 59.18 -43.48
CA CYS B 89 57.33 58.85 -43.06
C CYS B 89 57.48 59.20 -41.60
N GLN B 90 58.26 58.41 -40.86
CA GLN B 90 58.47 58.62 -39.44
C GLN B 90 59.93 58.48 -39.08
N GLN B 91 60.41 59.35 -38.24
CA GLN B 91 61.75 59.27 -37.74
C GLN B 91 61.75 58.80 -36.32
N TYR B 92 62.85 58.22 -35.91
CA TYR B 92 62.95 57.72 -34.56
C TYR B 92 64.39 57.71 -34.13
N VAL B 93 65.13 58.76 -34.48
CA VAL B 93 66.45 58.88 -33.92
C VAL B 93 66.34 59.42 -32.54
N SER B 94 65.39 60.29 -32.30
CA SER B 94 65.42 60.89 -31.02
C SER B 94 64.15 61.31 -30.39
N THR B 95 64.34 62.13 -29.36
CA THR B 95 63.37 62.74 -28.47
C THR B 95 62.02 62.13 -28.50
N PRO B 96 61.07 62.86 -29.12
CA PRO B 96 59.66 62.67 -29.41
C PRO B 96 59.65 62.21 -30.84
N LEU B 97 59.01 61.10 -31.11
CA LEU B 97 59.01 60.59 -32.44
C LEU B 97 58.11 61.45 -33.22
N THR B 98 58.45 61.69 -34.45
CA THR B 98 57.65 62.58 -35.26
C THR B 98 57.39 61.94 -36.59
N PHE B 99 56.19 62.12 -37.11
CA PHE B 99 55.85 61.63 -38.43
C PHE B 99 55.87 62.75 -39.47
N GLY B 100 55.62 62.38 -40.70
CA GLY B 100 55.48 63.36 -41.75
C GLY B 100 54.05 63.83 -41.88
N GLY B 101 53.85 64.79 -42.79
CA GLY B 101 52.51 65.26 -43.06
C GLY B 101 51.68 64.21 -43.75
N GLY B 102 52.30 63.42 -44.59
CA GLY B 102 51.62 62.43 -45.38
C GLY B 102 51.48 62.89 -46.81
N THR B 103 51.65 61.96 -47.72
CA THR B 103 51.32 62.13 -49.11
C THR B 103 50.21 61.15 -49.41
N LYS B 104 49.17 61.60 -50.08
CA LYS B 104 48.09 60.74 -50.56
C LYS B 104 48.30 60.51 -52.04
N VAL B 105 48.58 59.28 -52.44
CA VAL B 105 48.57 58.96 -53.86
C VAL B 105 47.15 58.61 -54.26
N GLU B 106 46.67 59.28 -55.31
CA GLU B 106 45.33 59.07 -55.83
C GLU B 106 45.41 58.63 -57.27
N ILE B 107 44.32 58.06 -57.76
CA ILE B 107 44.25 57.62 -59.14
C ILE B 107 44.04 58.80 -60.08
N LYS B 108 45.01 59.06 -60.94
CA LYS B 108 44.83 60.01 -62.02
C LYS B 108 43.89 59.42 -63.05
N ARG B 109 43.01 60.24 -63.58
CA ARG B 109 42.06 59.83 -64.59
C ARG B 109 41.65 61.06 -65.37
N THR B 110 40.88 60.85 -66.41
CA THR B 110 40.43 61.92 -67.27
C THR B 110 39.55 62.90 -66.54
N VAL B 111 39.66 64.17 -66.92
CA VAL B 111 38.86 65.17 -66.27
C VAL B 111 37.41 64.83 -66.50
N ALA B 112 36.59 64.95 -65.48
CA ALA B 112 35.20 64.58 -65.62
C ALA B 112 34.38 65.54 -64.82
N ALA B 113 33.50 66.27 -65.48
CA ALA B 113 32.74 67.35 -64.88
C ALA B 113 31.55 66.82 -64.10
N PRO B 114 31.12 67.54 -63.09
CA PRO B 114 30.01 67.09 -62.25
C PRO B 114 28.63 67.19 -62.87
N SER B 115 27.78 66.23 -62.54
CA SER B 115 26.33 66.43 -62.61
C SER B 115 25.93 67.25 -61.41
N VAL B 116 25.19 68.33 -61.61
CA VAL B 116 24.78 69.19 -60.50
C VAL B 116 23.30 69.12 -60.27
N PHE B 117 22.90 68.79 -59.07
CA PHE B 117 21.51 68.74 -58.70
C PHE B 117 21.28 69.70 -57.54
N ILE B 118 20.05 70.15 -57.36
CA ILE B 118 19.72 70.98 -56.21
C ILE B 118 18.40 70.52 -55.63
N PHE B 119 18.30 70.53 -54.31
CA PHE B 119 17.14 70.02 -53.61
C PHE B 119 16.60 71.08 -52.68
N PRO B 120 15.43 71.63 -52.96
CA PRO B 120 14.82 72.58 -52.04
C PRO B 120 14.35 71.87 -50.77
N PRO B 121 14.27 72.59 -49.65
CA PRO B 121 13.98 71.91 -48.38
C PRO B 121 12.63 71.22 -48.40
N SER B 122 12.53 70.19 -47.59
CA SER B 122 11.33 69.40 -47.49
C SER B 122 10.29 70.18 -46.69
N ASP B 123 9.04 69.77 -46.83
CA ASP B 123 7.98 70.39 -46.04
C ASP B 123 8.10 69.98 -44.60
N GLU B 124 8.24 68.67 -44.40
CA GLU B 124 8.45 68.09 -43.09
C GLU B 124 9.45 68.91 -42.31
N GLN B 125 10.59 69.23 -42.92
CA GLN B 125 11.57 70.02 -42.21
C GLN B 125 11.04 71.42 -41.99
N LEU B 126 10.30 71.92 -42.97
CA LEU B 126 9.88 73.31 -42.88
C LEU B 126 8.94 73.51 -41.70
N LYS B 127 8.27 72.46 -41.23
CA LYS B 127 7.42 72.56 -40.06
C LYS B 127 8.21 72.72 -38.77
N SER B 128 9.49 72.39 -38.76
CA SER B 128 10.28 72.46 -37.54
C SER B 128 11.19 73.67 -37.47
N GLY B 129 10.92 74.70 -38.25
CA GLY B 129 11.56 75.98 -38.02
C GLY B 129 12.94 76.15 -38.61
N THR B 130 13.44 75.21 -39.38
CA THR B 130 14.64 75.43 -40.17
C THR B 130 14.48 74.83 -41.54
N ALA B 131 15.27 75.37 -42.47
CA ALA B 131 15.24 74.98 -43.86
C ALA B 131 16.67 74.74 -44.34
N SER B 132 16.91 73.55 -44.88
CA SER B 132 18.23 73.16 -45.39
C SER B 132 18.16 72.90 -46.87
N VAL B 133 18.88 73.69 -47.65
CA VAL B 133 18.95 73.50 -49.09
C VAL B 133 20.21 72.74 -49.40
N VAL B 134 20.10 71.64 -50.11
CA VAL B 134 21.23 70.79 -50.46
C VAL B 134 21.56 70.93 -51.93
N CYS B 135 22.83 71.16 -52.23
CA CYS B 135 23.38 71.17 -53.59
C CYS B 135 24.36 70.03 -53.68
N LEU B 136 24.30 69.24 -54.75
CA LEU B 136 25.06 68.00 -54.88
C LEU B 136 25.82 67.95 -56.20
N LEU B 137 27.14 67.79 -56.13
CA LEU B 137 27.97 67.61 -57.31
C LEU B 137 28.35 66.14 -57.41
N ASN B 138 27.92 65.47 -58.47
CA ASN B 138 28.06 64.03 -58.60
C ASN B 138 29.10 63.57 -59.61
N ASN B 139 30.01 62.69 -59.19
CA ASN B 139 31.00 62.05 -60.09
C ASN B 139 31.86 63.03 -60.86
N PHE B 140 32.60 63.83 -60.13
CA PHE B 140 33.53 64.77 -60.69
C PHE B 140 34.97 64.37 -60.38
N TYR B 141 35.89 64.74 -61.26
CA TYR B 141 37.32 64.60 -61.00
C TYR B 141 37.98 65.66 -61.77
N PRO B 142 39.00 66.35 -61.19
CA PRO B 142 39.67 66.22 -59.91
C PRO B 142 38.89 66.68 -58.71
N ARG B 143 39.49 66.52 -57.55
CA ARG B 143 38.78 66.78 -56.32
C ARG B 143 38.55 68.23 -56.07
N GLU B 144 39.38 69.07 -56.61
CA GLU B 144 39.24 70.51 -56.58
C GLU B 144 37.94 71.02 -57.20
N ALA B 145 37.03 71.51 -56.36
CA ALA B 145 35.76 72.06 -56.83
C ALA B 145 35.35 73.21 -55.94
N LYS B 146 34.72 74.23 -56.52
CA LYS B 146 34.29 75.40 -55.78
C LYS B 146 32.78 75.53 -55.83
N VAL B 147 32.13 75.65 -54.67
CA VAL B 147 30.69 75.80 -54.57
C VAL B 147 30.35 77.09 -53.87
N GLN B 148 29.61 77.97 -54.54
CA GLN B 148 29.06 79.16 -53.92
C GLN B 148 27.56 79.11 -53.87
N TRP B 149 26.99 79.61 -52.79
CA TRP B 149 25.56 79.76 -52.65
C TRP B 149 25.14 81.19 -52.86
N LYS B 150 24.09 81.39 -53.64
CA LYS B 150 23.52 82.70 -53.81
C LYS B 150 22.03 82.57 -53.57
N VAL B 151 21.45 83.43 -52.73
CA VAL B 151 20.01 83.49 -52.53
C VAL B 151 19.54 84.90 -52.83
N ASP B 152 18.53 85.01 -53.68
CA ASP B 152 18.16 86.27 -54.28
C ASP B 152 19.43 87.03 -54.69
N ASN B 153 20.23 86.36 -55.52
CA ASN B 153 21.46 86.93 -56.02
C ASN B 153 22.48 87.31 -54.94
N ALA B 154 22.19 87.07 -53.68
CA ALA B 154 23.07 87.51 -52.61
C ALA B 154 23.96 86.38 -52.13
N LEU B 155 25.26 86.64 -52.08
CA LEU B 155 26.22 85.58 -51.84
C LEU B 155 26.28 85.19 -50.38
N GLN B 156 25.76 84.02 -50.04
CA GLN B 156 25.85 83.48 -48.69
C GLN B 156 27.29 83.21 -48.29
N SER B 157 27.58 83.33 -47.02
CA SER B 157 28.96 83.47 -46.57
C SER B 157 29.32 82.63 -45.36
N GLY B 158 28.41 82.43 -44.43
CA GLY B 158 28.81 81.71 -43.24
C GLY B 158 27.99 80.49 -42.86
N ASN B 159 27.12 80.02 -43.74
CA ASN B 159 26.09 79.07 -43.35
C ASN B 159 26.06 77.81 -44.18
N SER B 160 27.05 77.58 -45.01
CA SER B 160 27.11 76.38 -45.83
C SER B 160 28.08 75.38 -45.24
N GLN B 161 28.10 74.19 -45.80
CA GLN B 161 28.99 73.21 -45.22
C GLN B 161 29.15 72.01 -46.13
N GLU B 162 30.35 71.83 -46.68
CA GLU B 162 30.65 70.81 -47.68
C GLU B 162 31.14 69.52 -47.03
N SER B 163 31.09 68.44 -47.79
CA SER B 163 31.85 67.25 -47.43
C SER B 163 31.98 66.33 -48.65
N VAL B 164 33.21 65.85 -48.92
CA VAL B 164 33.51 65.06 -50.12
C VAL B 164 33.65 63.61 -49.77
N THR B 165 33.22 62.73 -50.68
CA THR B 165 33.42 61.29 -50.55
C THR B 165 34.84 60.96 -50.88
N GLU B 166 35.20 59.70 -50.79
CA GLU B 166 36.51 59.27 -51.24
C GLU B 166 36.45 58.71 -52.65
N GLN B 167 37.61 58.67 -53.33
CA GLN B 167 37.62 58.19 -54.70
C GLN B 167 36.88 56.90 -54.89
N ASP B 168 36.11 56.84 -55.96
CA ASP B 168 35.26 55.68 -56.16
C ASP B 168 36.09 54.48 -56.58
N SER B 169 35.72 53.34 -56.05
CA SER B 169 36.40 52.12 -56.43
C SER B 169 36.28 51.86 -57.91
N LYS B 170 35.15 52.22 -58.52
CA LYS B 170 34.92 51.85 -59.90
C LYS B 170 35.38 52.91 -60.89
N ASP B 171 34.79 54.10 -60.88
CA ASP B 171 35.21 55.14 -61.82
C ASP B 171 36.18 56.12 -61.22
N SER B 172 36.69 55.85 -60.03
CA SER B 172 37.65 56.69 -59.33
C SER B 172 37.40 58.19 -59.51
N THR B 173 36.14 58.58 -59.39
CA THR B 173 35.71 59.95 -59.39
C THR B 173 35.24 60.31 -58.00
N TYR B 174 35.18 61.60 -57.72
CA TYR B 174 34.70 62.09 -56.44
C TYR B 174 33.23 62.51 -56.49
N SER B 175 32.66 62.80 -55.32
CA SER B 175 31.32 63.36 -55.22
C SER B 175 31.26 64.30 -54.02
N LEU B 176 30.51 65.39 -54.12
CA LEU B 176 30.53 66.44 -53.11
C LEU B 176 29.13 66.90 -52.73
N SER B 177 28.92 67.26 -51.47
CA SER B 177 27.60 67.73 -51.03
C SER B 177 27.68 68.85 -50.00
N SER B 178 27.50 70.08 -50.44
CA SER B 178 27.32 71.17 -49.52
C SER B 178 25.85 71.35 -49.28
N THR B 179 25.52 71.74 -48.04
CA THR B 179 24.16 72.06 -47.66
C THR B 179 24.11 73.40 -46.97
N LEU B 180 23.10 74.18 -47.33
CA LEU B 180 22.90 75.54 -46.87
C LEU B 180 21.70 75.51 -45.97
N THR B 181 21.86 75.99 -44.74
CA THR B 181 20.81 75.94 -43.74
C THR B 181 20.43 77.33 -43.29
N LEU B 182 19.11 77.59 -43.20
CA LEU B 182 18.58 78.89 -42.85
C LEU B 182 17.41 78.75 -41.89
N SER B 183 17.12 79.83 -41.18
CA SER B 183 15.91 79.82 -40.41
C SER B 183 14.73 79.87 -41.36
N LYS B 184 13.67 79.15 -41.02
CA LYS B 184 12.46 79.22 -41.82
C LYS B 184 12.08 80.67 -42.04
N ALA B 185 12.32 81.53 -41.05
CA ALA B 185 12.17 82.97 -41.23
C ALA B 185 12.82 83.42 -42.50
N ASP B 186 14.14 83.25 -42.60
CA ASP B 186 14.86 83.76 -43.76
C ASP B 186 14.50 83.00 -45.02
N TYR B 187 14.32 81.69 -44.91
CA TYR B 187 13.99 80.95 -46.10
C TYR B 187 12.73 81.47 -46.74
N GLU B 188 11.73 81.79 -45.94
CA GLU B 188 10.49 82.27 -46.53
C GLU B 188 10.62 83.69 -47.06
N LYS B 189 11.61 84.44 -46.62
CA LYS B 189 11.84 85.81 -47.06
C LYS B 189 12.48 85.97 -48.42
N HIS B 190 12.87 84.92 -49.12
CA HIS B 190 13.57 85.11 -50.38
C HIS B 190 13.06 84.16 -51.43
N LYS B 191 13.11 84.57 -52.69
CA LYS B 191 12.49 83.75 -53.73
C LYS B 191 13.43 82.74 -54.36
N VAL B 192 14.53 83.19 -54.93
CA VAL B 192 15.38 82.32 -55.74
C VAL B 192 16.63 81.90 -55.01
N TYR B 193 16.88 80.59 -55.00
CA TYR B 193 17.99 79.95 -54.32
C TYR B 193 18.86 79.21 -55.32
N ALA B 194 20.13 79.59 -55.42
CA ALA B 194 21.02 78.99 -56.41
C ALA B 194 22.37 78.60 -55.83
N CYS B 195 22.89 77.45 -56.27
CA CYS B 195 24.27 77.08 -56.01
C CYS B 195 25.05 77.09 -57.30
N GLU B 196 26.18 77.79 -57.29
CA GLU B 196 27.03 78.01 -58.45
C GLU B 196 28.32 77.23 -58.31
N VAL B 197 28.59 76.34 -59.26
CA VAL B 197 29.65 75.34 -59.17
C VAL B 197 30.75 75.65 -60.19
N THR B 198 31.99 75.81 -59.75
CA THR B 198 33.08 76.08 -60.65
C THR B 198 33.94 74.85 -60.60
N HIS B 199 34.39 74.37 -61.73
CA HIS B 199 35.19 73.19 -61.77
C HIS B 199 35.91 73.23 -63.08
N GLN B 200 37.12 72.72 -63.03
CA GLN B 200 38.06 72.68 -64.11
C GLN B 200 37.57 72.03 -65.34
N GLY B 201 36.50 71.28 -65.26
CA GLY B 201 35.99 70.67 -66.47
C GLY B 201 34.82 71.52 -66.87
N LEU B 202 33.82 70.96 -67.49
CA LEU B 202 32.65 71.75 -67.86
C LEU B 202 32.74 73.03 -68.78
N SER B 203 33.49 74.06 -68.36
CA SER B 203 33.73 75.38 -68.95
C SER B 203 32.54 76.21 -68.69
N SER B 204 32.75 77.27 -67.93
CA SER B 204 31.74 78.22 -67.47
C SER B 204 30.75 77.63 -66.48
N PRO B 205 30.87 78.04 -65.26
CA PRO B 205 30.22 77.75 -64.01
C PRO B 205 28.81 77.28 -64.15
N VAL B 206 28.42 76.26 -63.42
CA VAL B 206 27.09 75.80 -63.57
C VAL B 206 26.32 76.20 -62.40
N THR B 207 25.23 76.91 -62.59
CA THR B 207 24.46 77.35 -61.47
C THR B 207 23.06 76.78 -61.46
N LYS B 208 22.80 75.71 -60.73
CA LYS B 208 21.44 75.22 -60.67
C LYS B 208 20.70 76.02 -59.63
N SER B 209 19.41 76.25 -59.84
CA SER B 209 18.67 77.12 -58.93
C SER B 209 17.22 76.73 -58.95
N PHE B 210 16.44 77.37 -58.05
CA PHE B 210 15.01 77.12 -58.01
C PHE B 210 14.30 78.29 -57.34
N ASN B 211 13.07 78.57 -57.78
CA ASN B 211 12.19 79.51 -57.10
C ASN B 211 11.39 78.78 -56.05
N ARG B 212 11.05 79.47 -54.97
CA ARG B 212 10.39 78.82 -53.83
C ARG B 212 8.91 78.55 -54.10
N GLY B 213 8.61 77.42 -54.73
CA GLY B 213 7.23 77.12 -55.08
C GLY B 213 7.00 76.01 -56.10
N GLN C 1 -74.22 -10.37 -27.45
CA GLN C 1 -72.88 -10.19 -26.88
C GLN C 1 -71.84 -10.87 -27.77
N VAL C 2 -72.28 -11.83 -28.57
CA VAL C 2 -71.37 -12.69 -29.29
C VAL C 2 -70.62 -11.89 -30.36
N GLN C 3 -69.39 -11.49 -30.07
CA GLN C 3 -68.61 -10.69 -31.00
C GLN C 3 -67.16 -11.13 -31.03
N LEU C 4 -66.54 -11.07 -32.20
CA LEU C 4 -65.11 -11.30 -32.36
C LEU C 4 -64.42 -9.95 -32.45
N VAL C 5 -63.37 -9.77 -31.67
CA VAL C 5 -62.72 -8.48 -31.56
C VAL C 5 -61.30 -8.58 -32.09
N GLN C 6 -61.04 -8.02 -33.27
CA GLN C 6 -59.76 -8.11 -33.95
C GLN C 6 -58.75 -7.17 -33.30
N SER C 7 -57.47 -7.49 -33.46
CA SER C 7 -56.37 -6.64 -33.01
C SER C 7 -56.16 -5.42 -33.95
N GLY C 8 -55.34 -4.47 -33.49
CA GLY C 8 -55.09 -3.26 -34.26
C GLY C 8 -54.40 -3.50 -35.59
N ALA C 9 -54.61 -2.60 -36.53
CA ALA C 9 -54.00 -2.70 -37.85
C ALA C 9 -52.50 -2.47 -37.79
N GLU C 10 -51.76 -3.17 -38.66
CA GLU C 10 -50.31 -3.17 -38.55
C GLU C 10 -49.62 -3.03 -39.89
N VAL C 11 -48.39 -2.51 -39.84
CA VAL C 11 -47.54 -2.32 -41.02
C VAL C 11 -46.14 -2.89 -40.72
N LYS C 12 -45.76 -3.97 -41.41
CA LYS C 12 -44.51 -4.67 -41.16
C LYS C 12 -43.69 -4.78 -42.43
N LYS C 13 -42.34 -4.84 -42.28
CA LYS C 13 -41.40 -4.84 -43.39
C LYS C 13 -41.36 -6.22 -44.04
N PRO C 14 -40.99 -6.30 -45.31
CA PRO C 14 -40.96 -7.60 -45.98
C PRO C 14 -39.96 -8.51 -45.33
N GLY C 15 -40.30 -9.79 -45.32
CA GLY C 15 -39.50 -10.79 -44.67
C GLY C 15 -39.92 -11.13 -43.24
N SER C 16 -40.42 -10.15 -42.47
CA SER C 16 -40.73 -10.41 -41.07
C SER C 16 -42.01 -11.18 -40.86
N SER C 17 -42.52 -11.19 -39.64
CA SER C 17 -43.76 -11.88 -39.32
C SER C 17 -44.77 -10.92 -38.73
N VAL C 18 -46.05 -11.32 -38.83
CA VAL C 18 -47.16 -10.62 -38.21
C VAL C 18 -47.98 -11.62 -37.41
N GLN C 19 -48.59 -11.12 -36.34
CA GLN C 19 -49.55 -11.89 -35.56
C GLN C 19 -50.79 -11.06 -35.26
N VAL C 20 -51.94 -11.53 -35.74
CA VAL C 20 -53.23 -10.88 -35.54
C VAL C 20 -54.00 -11.67 -34.50
N SER C 21 -54.55 -10.97 -33.51
CA SER C 21 -55.35 -11.58 -32.46
C SER C 21 -56.82 -11.47 -32.80
N CYS C 22 -57.68 -12.13 -32.01
CA CYS C 22 -59.13 -12.16 -32.22
C CYS C 22 -59.80 -12.68 -30.95
N ARG C 23 -60.26 -11.82 -30.07
CA ARG C 23 -60.82 -12.26 -28.80
C ARG C 23 -62.30 -12.47 -28.94
N ALA C 24 -62.77 -13.69 -28.84
CA ALA C 24 -64.19 -13.89 -28.90
C ALA C 24 -64.72 -13.75 -27.51
N SER C 25 -65.99 -13.50 -27.39
CA SER C 25 -66.55 -13.36 -26.09
C SER C 25 -67.93 -13.87 -26.21
N GLY C 26 -68.05 -15.08 -26.71
CA GLY C 26 -69.32 -15.75 -26.93
C GLY C 26 -69.77 -16.34 -25.64
N GLY C 27 -69.68 -17.64 -25.51
CA GLY C 27 -70.08 -18.23 -24.25
C GLY C 27 -69.33 -19.50 -24.01
N THR C 28 -68.13 -19.45 -23.46
CA THR C 28 -67.49 -20.75 -23.30
C THR C 28 -66.58 -21.10 -24.47
N PHE C 29 -65.66 -20.19 -24.79
CA PHE C 29 -64.74 -20.40 -25.89
C PHE C 29 -64.30 -21.85 -25.99
N GLY C 30 -64.10 -22.33 -27.20
CA GLY C 30 -63.50 -23.62 -27.45
C GLY C 30 -64.37 -24.63 -28.17
N ASN C 31 -65.68 -24.54 -28.04
CA ASN C 31 -66.55 -25.54 -28.67
C ASN C 31 -67.04 -25.15 -30.05
N TYR C 32 -66.58 -24.03 -30.60
CA TYR C 32 -66.89 -23.62 -31.95
C TYR C 32 -65.61 -23.38 -32.72
N ALA C 33 -65.69 -23.60 -34.03
CA ALA C 33 -64.59 -23.33 -34.95
C ALA C 33 -64.42 -21.85 -35.26
N ILE C 34 -63.17 -21.39 -35.27
CA ILE C 34 -62.78 -20.04 -35.72
C ILE C 34 -62.01 -20.12 -37.03
N ASN C 35 -62.48 -19.40 -38.05
CA ASN C 35 -61.88 -19.30 -39.37
C ASN C 35 -61.08 -18.01 -39.56
N TRP C 36 -60.02 -18.06 -40.38
CA TRP C 36 -59.21 -16.91 -40.78
C TRP C 36 -59.33 -16.64 -42.28
N VAL C 37 -60.00 -15.55 -42.65
CA VAL C 37 -60.23 -15.19 -44.05
C VAL C 37 -59.52 -13.89 -44.32
N ARG C 38 -58.91 -13.83 -45.49
CA ARG C 38 -57.99 -12.79 -45.88
C ARG C 38 -58.55 -12.16 -47.15
N GLN C 39 -58.35 -10.85 -47.29
CA GLN C 39 -58.88 -10.16 -48.47
C GLN C 39 -57.85 -9.15 -48.92
N ALA C 40 -57.19 -9.44 -50.03
CA ALA C 40 -56.27 -8.48 -50.59
C ALA C 40 -57.06 -7.25 -51.02
N PRO C 41 -56.41 -6.12 -51.25
CA PRO C 41 -57.18 -4.93 -51.65
C PRO C 41 -57.92 -5.15 -52.96
N GLY C 42 -59.22 -4.90 -52.92
CA GLY C 42 -60.05 -5.14 -54.09
C GLY C 42 -59.84 -6.53 -54.65
N GLN C 43 -60.01 -7.56 -53.83
CA GLN C 43 -59.70 -8.92 -54.27
C GLN C 43 -60.69 -9.87 -53.64
N GLY C 44 -60.60 -11.12 -54.03
CA GLY C 44 -61.48 -12.11 -53.49
C GLY C 44 -61.23 -12.39 -52.05
N LEU C 45 -61.98 -13.35 -51.54
CA LEU C 45 -61.81 -13.82 -50.19
C LEU C 45 -61.13 -15.16 -50.31
N GLU C 46 -60.01 -15.33 -49.62
CA GLU C 46 -59.36 -16.63 -49.54
C GLU C 46 -59.30 -17.09 -48.11
N TRP C 47 -59.64 -18.36 -47.92
CA TRP C 47 -59.63 -18.97 -46.61
C TRP C 47 -58.23 -19.44 -46.30
N MET C 48 -57.66 -18.95 -45.20
CA MET C 48 -56.31 -19.33 -44.83
C MET C 48 -56.30 -20.60 -44.02
N GLY C 49 -57.19 -20.68 -43.05
CA GLY C 49 -57.26 -21.84 -42.21
C GLY C 49 -58.30 -21.55 -41.18
N GLY C 50 -58.21 -22.23 -40.06
CA GLY C 50 -59.12 -22.01 -38.94
C GLY C 50 -58.85 -23.07 -37.90
N ILE C 51 -59.38 -22.87 -36.69
CA ILE C 51 -59.21 -23.86 -35.64
C ILE C 51 -60.46 -24.04 -34.82
N SER C 52 -60.69 -25.25 -34.32
CA SER C 52 -61.64 -25.42 -33.22
C SER C 52 -60.96 -26.08 -32.03
N PRO C 53 -60.45 -25.29 -31.14
CA PRO C 53 -59.48 -25.73 -30.15
C PRO C 53 -59.54 -27.14 -29.65
N ILE C 54 -60.73 -27.68 -29.48
CA ILE C 54 -60.91 -28.94 -28.79
C ILE C 54 -61.17 -30.08 -29.74
N PHE C 55 -61.98 -29.84 -30.75
CA PHE C 55 -62.24 -30.89 -31.69
C PHE C 55 -60.99 -31.48 -32.27
N GLY C 56 -59.99 -30.67 -32.52
CA GLY C 56 -58.80 -31.18 -33.17
C GLY C 56 -57.76 -30.14 -33.50
N PRO C 57 -56.75 -30.51 -34.28
CA PRO C 57 -55.67 -29.58 -34.53
C PRO C 57 -56.04 -28.61 -35.63
N PRO C 58 -55.34 -27.49 -35.68
CA PRO C 58 -55.58 -26.51 -36.72
C PRO C 58 -55.58 -27.10 -38.11
N LYS C 59 -56.40 -26.51 -38.98
CA LYS C 59 -56.36 -26.88 -40.39
C LYS C 59 -56.07 -25.65 -41.23
N TYR C 60 -55.18 -25.84 -42.22
CA TYR C 60 -54.61 -24.79 -43.05
C TYR C 60 -54.83 -25.05 -44.53
N ALA C 61 -54.76 -24.00 -45.33
CA ALA C 61 -54.68 -24.16 -46.77
C ALA C 61 -53.22 -24.35 -47.20
N GLN C 62 -53.01 -25.16 -48.26
CA GLN C 62 -51.64 -25.39 -48.74
C GLN C 62 -50.95 -24.11 -49.21
N LYS C 63 -51.71 -23.15 -49.72
CA LYS C 63 -51.10 -21.88 -50.11
C LYS C 63 -50.21 -21.34 -48.98
N PHE C 64 -50.65 -21.46 -47.75
CA PHE C 64 -49.91 -20.90 -46.62
C PHE C 64 -49.25 -21.97 -45.77
N GLN C 65 -49.21 -23.19 -46.27
CA GLN C 65 -48.57 -24.27 -45.53
C GLN C 65 -47.13 -23.87 -45.23
N GLY C 66 -46.79 -23.84 -43.96
CA GLY C 66 -45.46 -23.44 -43.59
C GLY C 66 -45.32 -22.00 -43.16
N ARG C 67 -46.02 -21.06 -43.82
CA ARG C 67 -45.83 -19.66 -43.46
C ARG C 67 -46.71 -19.25 -42.29
N VAL C 68 -47.90 -19.84 -42.18
CA VAL C 68 -48.90 -19.49 -41.17
C VAL C 68 -49.05 -20.56 -40.10
N THR C 69 -49.34 -20.12 -38.89
CA THR C 69 -49.81 -21.01 -37.83
C THR C 69 -50.95 -20.33 -37.12
N ILE C 70 -51.97 -21.09 -36.76
CA ILE C 70 -53.09 -20.59 -35.98
C ILE C 70 -53.09 -21.29 -34.62
N SER C 71 -53.25 -20.51 -33.56
CA SER C 71 -53.29 -21.01 -32.21
C SER C 71 -54.50 -20.47 -31.48
N ALA C 72 -54.72 -20.96 -30.27
CA ALA C 72 -55.78 -20.46 -29.40
C ALA C 72 -55.41 -20.56 -27.94
N ASP C 73 -55.76 -19.53 -27.18
CA ASP C 73 -55.58 -19.43 -25.74
C ASP C 73 -56.92 -19.69 -25.07
N ILE C 74 -57.08 -20.89 -24.53
CA ILE C 74 -58.39 -21.30 -24.09
C ILE C 74 -58.88 -20.41 -22.98
N SER C 75 -57.97 -19.89 -22.18
CA SER C 75 -58.40 -19.06 -21.08
C SER C 75 -58.82 -17.68 -21.52
N SER C 76 -57.91 -16.99 -22.20
CA SER C 76 -58.23 -15.63 -22.61
C SER C 76 -59.23 -15.61 -23.74
N SER C 77 -59.64 -16.77 -24.20
CA SER C 77 -60.73 -16.84 -25.13
C SER C 77 -60.32 -16.15 -26.42
N THR C 78 -59.13 -16.46 -26.89
CA THR C 78 -58.55 -15.66 -27.96
C THR C 78 -57.88 -16.62 -28.94
N ALA C 79 -58.02 -16.34 -30.21
CA ALA C 79 -57.32 -17.08 -31.25
C ALA C 79 -56.33 -16.17 -31.93
N TYR C 80 -55.22 -16.74 -32.35
CA TYR C 80 -54.13 -16.01 -32.96
C TYR C 80 -53.82 -16.58 -34.32
N MET C 81 -53.66 -15.70 -35.29
CA MET C 81 -53.28 -16.06 -36.64
C MET C 81 -51.87 -15.51 -36.83
N ASP C 82 -50.94 -16.40 -37.17
CA ASP C 82 -49.52 -16.05 -37.16
C ASP C 82 -48.88 -16.36 -38.51
N LEU C 83 -48.79 -15.32 -39.32
CA LEU C 83 -48.23 -15.45 -40.63
C LEU C 83 -47.04 -14.59 -40.65
N SER C 84 -45.95 -15.17 -41.11
CA SER C 84 -44.71 -14.46 -41.20
C SER C 84 -43.91 -15.01 -42.33
N SER C 85 -44.60 -15.33 -43.43
CA SER C 85 -43.93 -15.66 -44.69
C SER C 85 -43.45 -14.29 -45.18
N LEU C 86 -44.36 -13.33 -45.06
CA LEU C 86 -44.28 -11.92 -45.31
C LEU C 86 -43.59 -11.28 -46.45
N SER C 87 -44.32 -11.20 -47.54
CA SER C 87 -43.83 -10.48 -48.69
C SER C 87 -44.73 -9.28 -48.81
N SER C 88 -44.83 -8.75 -50.01
CA SER C 88 -45.70 -7.60 -50.16
C SER C 88 -47.10 -7.95 -50.64
N ASP C 89 -47.26 -9.03 -51.37
CA ASP C 89 -48.62 -9.39 -51.75
C ASP C 89 -49.31 -10.23 -50.71
N ASP C 90 -48.84 -10.13 -49.47
CA ASP C 90 -49.59 -10.54 -48.30
C ASP C 90 -50.30 -9.36 -47.68
N THR C 91 -50.23 -8.21 -48.31
CA THR C 91 -50.95 -7.06 -47.80
C THR C 91 -52.43 -7.23 -48.09
N ALA C 92 -53.26 -7.15 -47.07
CA ALA C 92 -54.66 -7.52 -47.21
C ALA C 92 -55.40 -7.14 -45.94
N VAL C 93 -56.68 -7.40 -45.90
CA VAL C 93 -57.47 -7.37 -44.68
C VAL C 93 -57.64 -8.79 -44.19
N TYR C 94 -57.47 -8.99 -42.89
CA TYR C 94 -57.55 -10.29 -42.24
C TYR C 94 -58.74 -10.34 -41.29
N TYR C 95 -59.73 -11.18 -41.61
CA TYR C 95 -60.95 -11.40 -40.83
C TYR C 95 -60.85 -12.72 -40.09
N CYS C 96 -61.29 -12.76 -38.82
CA CYS C 96 -61.59 -14.01 -38.13
C CYS C 96 -63.10 -14.15 -38.10
N ALA C 97 -63.61 -15.35 -38.26
CA ALA C 97 -65.05 -15.46 -38.39
C ALA C 97 -65.52 -16.86 -38.01
N ARG C 98 -66.73 -16.95 -37.46
CA ARG C 98 -67.26 -18.20 -36.91
C ARG C 98 -68.72 -18.41 -37.26
N LYS C 99 -69.18 -19.63 -37.06
CA LYS C 99 -70.59 -19.90 -37.18
C LYS C 99 -71.26 -19.63 -35.86
N LEU C 100 -72.54 -19.36 -35.89
CA LEU C 100 -73.25 -19.04 -34.67
C LEU C 100 -74.04 -20.16 -34.08
N GLU C 101 -75.17 -20.48 -34.67
CA GLU C 101 -76.00 -21.52 -34.12
C GLU C 101 -75.34 -22.82 -34.41
N PRO C 102 -75.42 -23.77 -33.51
CA PRO C 102 -74.78 -25.08 -33.62
C PRO C 102 -75.43 -25.99 -34.58
N PRO C 103 -74.72 -26.97 -35.12
CA PRO C 103 -73.34 -27.37 -34.90
C PRO C 103 -72.33 -26.48 -35.59
N TYR C 104 -71.34 -26.05 -34.85
CA TYR C 104 -70.38 -25.07 -35.29
C TYR C 104 -68.95 -25.43 -34.93
N TYR C 105 -68.69 -26.70 -34.67
CA TYR C 105 -67.36 -27.11 -34.28
C TYR C 105 -66.44 -27.28 -35.45
N PHE C 106 -67.00 -27.43 -36.62
CA PHE C 106 -66.27 -27.63 -37.85
C PHE C 106 -66.27 -26.39 -38.69
N TYR C 107 -65.39 -26.40 -39.67
CA TYR C 107 -65.25 -25.30 -40.60
C TYR C 107 -66.37 -25.39 -41.63
N SER C 108 -67.39 -24.56 -41.47
CA SER C 108 -68.53 -24.62 -42.38
C SER C 108 -68.73 -23.25 -42.98
N TYR C 109 -69.77 -22.54 -42.64
CA TYR C 109 -69.94 -21.19 -43.13
C TYR C 109 -69.77 -20.27 -41.96
N MET C 110 -70.13 -19.00 -42.09
CA MET C 110 -69.80 -18.06 -41.01
C MET C 110 -70.78 -16.90 -40.88
N ASP C 111 -71.60 -16.99 -39.83
CA ASP C 111 -72.50 -15.92 -39.42
C ASP C 111 -71.79 -14.67 -38.96
N VAL C 112 -70.73 -14.82 -38.18
CA VAL C 112 -70.20 -13.74 -37.37
C VAL C 112 -68.77 -13.39 -37.74
N TRP C 113 -68.52 -12.15 -38.09
CA TRP C 113 -67.20 -11.72 -38.50
C TRP C 113 -66.63 -10.69 -37.53
N GLY C 114 -65.31 -10.64 -37.42
CA GLY C 114 -64.63 -9.53 -36.81
C GLY C 114 -64.65 -8.39 -37.77
N LYS C 115 -64.16 -7.23 -37.34
CA LYS C 115 -64.17 -6.17 -38.35
C LYS C 115 -62.97 -6.27 -39.30
N GLY C 116 -61.98 -7.03 -38.97
CA GLY C 116 -60.84 -7.14 -39.85
C GLY C 116 -59.67 -6.33 -39.35
N THR C 117 -58.50 -6.83 -39.64
CA THR C 117 -57.26 -6.14 -39.36
C THR C 117 -56.48 -5.90 -40.63
N THR C 118 -56.31 -4.65 -41.03
CA THR C 118 -55.61 -4.35 -42.25
C THR C 118 -54.11 -4.42 -42.02
N VAL C 119 -53.41 -5.07 -42.94
CA VAL C 119 -51.99 -5.31 -42.73
C VAL C 119 -51.26 -5.02 -44.03
N THR C 120 -50.34 -4.07 -43.99
CA THR C 120 -49.66 -3.59 -45.19
C THR C 120 -48.19 -3.96 -45.13
N VAL C 121 -47.73 -4.75 -46.08
CA VAL C 121 -46.37 -5.25 -46.09
C VAL C 121 -45.58 -4.32 -47.00
N SER C 122 -44.82 -3.38 -46.45
CA SER C 122 -44.18 -2.34 -47.26
C SER C 122 -42.90 -1.87 -46.58
N SER C 123 -41.80 -1.86 -47.34
CA SER C 123 -40.52 -1.41 -46.82
C SER C 123 -40.41 0.09 -46.79
N ALA C 124 -41.48 0.78 -47.14
CA ALA C 124 -41.48 2.22 -46.96
C ALA C 124 -41.46 2.52 -45.49
N SER C 125 -41.50 3.80 -45.18
CA SER C 125 -41.57 4.25 -43.79
C SER C 125 -42.32 5.55 -43.76
N THR C 126 -42.93 5.82 -42.61
CA THR C 126 -43.85 6.94 -42.45
C THR C 126 -43.33 8.18 -43.12
N LYS C 127 -44.21 8.83 -43.87
CA LYS C 127 -43.86 10.08 -44.55
C LYS C 127 -45.10 10.92 -44.71
N GLY C 128 -44.97 12.21 -44.40
CA GLY C 128 -46.06 13.10 -44.61
C GLY C 128 -46.22 13.40 -46.09
N PRO C 129 -47.41 13.83 -46.46
CA PRO C 129 -47.69 14.13 -47.86
C PRO C 129 -47.39 15.56 -48.27
N SER C 130 -46.74 15.79 -49.39
CA SER C 130 -46.72 17.14 -49.96
C SER C 130 -47.98 17.36 -50.79
N VAL C 131 -48.55 18.56 -50.70
CA VAL C 131 -49.88 18.84 -51.27
C VAL C 131 -49.77 19.99 -52.25
N PHE C 132 -50.03 19.69 -53.52
CA PHE C 132 -49.96 20.64 -54.62
C PHE C 132 -51.36 20.98 -55.11
N PRO C 133 -51.53 22.18 -55.68
CA PRO C 133 -52.83 22.57 -56.18
C PRO C 133 -53.03 22.28 -57.65
N LEU C 134 -54.21 21.78 -57.95
CA LEU C 134 -54.70 21.66 -59.31
C LEU C 134 -55.49 22.94 -59.57
N ALA C 135 -54.85 23.86 -60.19
CA ALA C 135 -55.41 25.17 -60.37
C ALA C 135 -56.44 25.12 -61.47
N PRO C 136 -57.57 25.80 -61.30
CA PRO C 136 -58.51 25.90 -62.41
C PRO C 136 -57.99 26.84 -63.46
N SER C 137 -58.61 26.77 -64.62
CA SER C 137 -58.15 27.57 -65.74
C SER C 137 -59.21 27.52 -66.82
N SER C 138 -58.83 27.95 -68.00
CA SER C 138 -59.65 27.79 -69.18
C SER C 138 -59.68 26.39 -69.70
N LYS C 139 -58.77 25.55 -69.28
CA LYS C 139 -58.79 24.16 -69.66
C LYS C 139 -59.45 23.32 -68.60
N SER C 140 -59.68 23.87 -67.42
CA SER C 140 -60.40 23.16 -66.39
C SER C 140 -61.75 23.77 -66.16
N THR C 141 -62.29 24.36 -67.19
CA THR C 141 -63.62 24.91 -67.14
C THR C 141 -64.41 24.49 -68.35
N SER C 142 -65.71 24.42 -68.18
CA SER C 142 -66.54 24.03 -69.29
C SER C 142 -67.98 24.44 -69.04
N GLY C 143 -68.41 25.47 -69.77
CA GLY C 143 -69.70 26.07 -69.55
C GLY C 143 -69.80 26.83 -68.25
N GLY C 144 -70.92 26.64 -67.56
CA GLY C 144 -71.12 27.37 -66.34
C GLY C 144 -70.07 27.09 -65.29
N THR C 145 -69.51 25.89 -65.27
CA THR C 145 -68.71 25.44 -64.14
C THR C 145 -67.25 25.23 -64.52
N ALA C 146 -66.39 25.19 -63.50
CA ALA C 146 -64.95 25.02 -63.65
C ALA C 146 -64.47 24.12 -62.53
N ALA C 147 -63.41 23.37 -62.78
CA ALA C 147 -62.93 22.37 -61.84
C ALA C 147 -61.59 22.72 -61.24
N LEU C 148 -61.44 22.45 -59.95
CA LEU C 148 -60.18 22.64 -59.25
C LEU C 148 -59.94 21.47 -58.29
N GLY C 149 -58.74 21.40 -57.73
CA GLY C 149 -58.43 20.29 -56.84
C GLY C 149 -57.07 20.39 -56.19
N CYS C 150 -56.76 19.35 -55.41
CA CYS C 150 -55.48 19.19 -54.72
C CYS C 150 -54.87 17.86 -55.10
N LEU C 151 -53.57 17.86 -55.32
CA LEU C 151 -52.85 16.62 -55.55
C LEU C 151 -52.05 16.30 -54.30
N VAL C 152 -52.43 15.23 -53.59
CA VAL C 152 -51.78 14.79 -52.36
C VAL C 152 -50.80 13.68 -52.73
N LYS C 153 -49.52 14.03 -52.83
CA LYS C 153 -48.50 13.17 -53.40
C LYS C 153 -47.50 12.68 -52.36
N ASP C 154 -46.96 11.47 -52.58
CA ASP C 154 -45.88 10.88 -51.80
C ASP C 154 -46.13 10.83 -50.30
N TYR C 155 -46.98 9.93 -49.84
CA TYR C 155 -47.23 9.78 -48.42
C TYR C 155 -47.30 8.30 -48.07
N PHE C 156 -46.97 7.99 -46.83
CA PHE C 156 -47.03 6.64 -46.32
C PHE C 156 -47.22 6.67 -44.84
N PRO C 157 -48.04 5.78 -44.33
CA PRO C 157 -48.88 4.89 -45.10
C PRO C 157 -50.27 5.42 -45.17
N GLU C 158 -51.16 4.68 -45.82
CA GLU C 158 -52.56 5.04 -45.81
C GLU C 158 -52.98 5.12 -44.37
N PRO C 159 -54.03 5.88 -44.09
CA PRO C 159 -54.86 6.66 -44.98
C PRO C 159 -54.65 8.13 -44.89
N VAL C 160 -55.19 8.84 -45.86
CA VAL C 160 -55.35 10.28 -45.80
C VAL C 160 -56.83 10.61 -45.76
N THR C 161 -57.19 11.74 -45.14
CA THR C 161 -58.54 12.26 -45.19
C THR C 161 -58.50 13.70 -45.69
N VAL C 162 -59.36 14.04 -46.65
CA VAL C 162 -59.42 15.35 -47.29
C VAL C 162 -60.80 15.96 -47.17
N SER C 163 -60.86 17.24 -46.83
CA SER C 163 -62.09 18.02 -46.84
C SER C 163 -61.81 19.37 -47.49
N TRP C 164 -62.88 20.03 -47.94
CA TRP C 164 -62.78 21.32 -48.62
C TRP C 164 -63.48 22.39 -47.79
N ASN C 165 -62.81 23.51 -47.62
CA ASN C 165 -63.29 24.56 -46.73
C ASN C 165 -63.70 24.00 -45.39
N SER C 166 -62.82 23.20 -44.82
CA SER C 166 -63.03 22.55 -43.54
C SER C 166 -64.47 22.04 -43.36
N GLY C 167 -64.97 21.29 -44.35
CA GLY C 167 -66.28 20.68 -44.23
C GLY C 167 -67.43 21.53 -44.69
N ALA C 168 -67.17 22.76 -45.12
CA ALA C 168 -68.23 23.62 -45.61
C ALA C 168 -68.71 23.19 -46.98
N LEU C 169 -67.76 22.86 -47.84
CA LEU C 169 -68.02 22.49 -49.23
C LEU C 169 -68.20 20.98 -49.39
N THR C 170 -69.39 20.57 -49.83
CA THR C 170 -69.71 19.15 -50.03
C THR C 170 -70.03 18.84 -51.48
N SER C 171 -71.03 19.51 -52.05
CA SER C 171 -71.53 19.21 -53.40
C SER C 171 -70.43 19.25 -54.45
N GLY C 172 -70.36 18.19 -55.26
CA GLY C 172 -69.43 18.15 -56.36
C GLY C 172 -68.01 17.83 -56.00
N VAL C 173 -67.78 17.32 -54.87
CA VAL C 173 -66.43 16.98 -54.48
C VAL C 173 -66.21 15.52 -54.81
N HIS C 174 -65.04 15.21 -55.34
CA HIS C 174 -64.63 13.83 -55.55
C HIS C 174 -63.24 13.64 -54.96
N THR C 175 -63.11 12.82 -53.92
CA THR C 175 -61.80 12.37 -53.46
C THR C 175 -61.50 10.96 -53.99
N PHE C 176 -60.43 10.83 -54.69
CA PHE C 176 -60.18 9.58 -55.39
C PHE C 176 -59.49 8.55 -54.51
N PRO C 177 -59.63 7.28 -54.84
CA PRO C 177 -58.84 6.25 -54.17
C PRO C 177 -57.37 6.47 -54.43
N ALA C 178 -56.58 6.31 -53.38
CA ALA C 178 -55.15 6.49 -53.55
C ALA C 178 -54.60 5.40 -54.45
N VAL C 179 -53.42 5.65 -54.99
CA VAL C 179 -52.70 4.65 -55.75
C VAL C 179 -51.31 4.48 -55.18
N LEU C 180 -50.78 3.27 -55.27
CA LEU C 180 -49.41 2.96 -54.85
C LEU C 180 -48.42 3.17 -55.99
N GLN C 181 -47.44 4.03 -55.79
CA GLN C 181 -46.48 4.34 -56.83
C GLN C 181 -45.33 3.33 -56.83
N SER C 182 -44.38 3.51 -57.73
CA SER C 182 -43.24 2.60 -57.74
C SER C 182 -42.36 2.83 -56.52
N SER C 183 -42.40 4.04 -55.97
CA SER C 183 -41.64 4.33 -54.76
C SER C 183 -42.24 3.67 -53.55
N GLY C 184 -43.38 3.02 -53.68
CA GLY C 184 -43.99 2.44 -52.53
C GLY C 184 -44.74 3.44 -51.70
N LEU C 185 -44.98 4.63 -52.20
CA LEU C 185 -45.72 5.63 -51.47
C LEU C 185 -47.06 5.83 -52.17
N TYR C 186 -47.99 6.44 -51.49
CA TYR C 186 -49.33 6.59 -52.02
C TYR C 186 -49.52 7.99 -52.58
N SER C 187 -50.37 8.12 -53.58
CA SER C 187 -50.79 9.42 -54.04
C SER C 187 -52.25 9.38 -54.39
N LEU C 188 -52.96 10.43 -53.98
CA LEU C 188 -54.35 10.58 -54.35
C LEU C 188 -54.59 12.03 -54.71
N SER C 189 -55.65 12.24 -55.46
CA SER C 189 -56.12 13.56 -55.86
C SER C 189 -57.53 13.80 -55.33
N SER C 190 -57.79 15.00 -54.86
CA SER C 190 -59.15 15.41 -54.58
C SER C 190 -59.51 16.60 -55.45
N VAL C 191 -60.77 16.66 -55.87
CA VAL C 191 -61.24 17.55 -56.94
C VAL C 191 -62.67 18.02 -56.64
N VAL C 192 -62.95 19.29 -56.95
CA VAL C 192 -64.28 19.88 -56.89
C VAL C 192 -64.57 20.62 -58.18
N THR C 193 -65.83 20.58 -58.62
CA THR C 193 -66.33 21.42 -59.70
C THR C 193 -67.19 22.49 -59.04
N VAL C 194 -66.95 23.75 -59.39
CA VAL C 194 -67.64 24.86 -58.74
C VAL C 194 -68.09 25.83 -59.81
N PRO C 195 -69.01 26.73 -59.49
CA PRO C 195 -69.38 27.75 -60.50
C PRO C 195 -68.19 28.61 -60.87
N SER C 196 -68.03 28.83 -62.18
CA SER C 196 -66.91 29.62 -62.69
C SER C 196 -66.95 31.04 -62.16
N SER C 197 -68.14 31.61 -61.98
CA SER C 197 -68.24 32.97 -61.48
C SER C 197 -67.72 33.08 -60.06
N SER C 198 -67.85 32.02 -59.29
CA SER C 198 -67.44 32.09 -57.90
C SER C 198 -65.94 32.19 -57.75
N LEU C 199 -65.18 31.92 -58.80
CA LEU C 199 -63.75 32.14 -58.73
C LEU C 199 -63.49 33.63 -58.66
N GLY C 200 -62.60 34.01 -57.78
CA GLY C 200 -62.31 35.40 -57.50
C GLY C 200 -63.06 35.81 -56.26
N THR C 201 -64.33 35.46 -56.16
CA THR C 201 -65.04 35.89 -54.96
C THR C 201 -64.87 34.93 -53.79
N GLN C 202 -65.28 33.68 -53.99
CA GLN C 202 -65.26 32.66 -52.94
C GLN C 202 -63.92 31.95 -53.03
N THR C 203 -63.27 31.76 -51.88
CA THR C 203 -61.93 31.21 -51.80
C THR C 203 -61.92 29.74 -51.35
N TYR C 204 -61.25 28.88 -52.09
CA TYR C 204 -61.27 27.45 -51.86
C TYR C 204 -59.98 26.90 -51.25
N ILE C 205 -60.13 26.19 -50.12
CA ILE C 205 -59.02 25.58 -49.41
C ILE C 205 -59.33 24.11 -49.15
N CYS C 206 -58.44 23.23 -49.56
CA CYS C 206 -58.56 21.82 -49.22
C CYS C 206 -57.79 21.54 -47.95
N ASN C 207 -58.32 20.63 -47.13
CA ASN C 207 -57.74 20.33 -45.83
C ASN C 207 -57.28 18.88 -45.79
N VAL C 208 -55.97 18.66 -45.89
CA VAL C 208 -55.37 17.33 -45.88
C VAL C 208 -55.00 16.93 -44.46
N ASN C 209 -55.14 15.64 -44.15
CA ASN C 209 -54.85 15.17 -42.81
C ASN C 209 -54.20 13.80 -42.92
N HIS C 210 -52.99 13.66 -42.39
CA HIS C 210 -52.29 12.39 -42.38
C HIS C 210 -51.92 12.15 -40.93
N LYS C 211 -52.76 11.40 -40.23
CA LYS C 211 -52.53 11.20 -38.82
C LYS C 211 -51.24 10.42 -38.59
N PRO C 212 -50.91 9.36 -39.36
CA PRO C 212 -49.66 8.63 -39.11
C PRO C 212 -48.40 9.45 -39.07
N SER C 213 -48.36 10.63 -39.68
CA SER C 213 -47.20 11.51 -39.55
C SER C 213 -47.55 12.80 -38.84
N ASN C 214 -48.78 12.89 -38.34
CA ASN C 214 -49.29 14.06 -37.65
C ASN C 214 -49.09 15.36 -38.44
N THR C 215 -49.16 15.30 -39.76
CA THR C 215 -49.07 16.49 -40.61
C THR C 215 -50.49 16.85 -41.02
N LYS C 216 -50.87 18.11 -40.80
CA LYS C 216 -52.19 18.64 -41.18
C LYS C 216 -51.94 19.90 -42.00
N VAL C 217 -52.11 19.80 -43.34
CA VAL C 217 -51.92 20.91 -44.28
C VAL C 217 -53.25 21.49 -44.74
N ASP C 218 -53.30 22.81 -44.85
CA ASP C 218 -54.43 23.53 -45.46
C ASP C 218 -53.88 24.30 -46.63
N LYS C 219 -54.20 23.86 -47.84
CA LYS C 219 -53.69 24.48 -49.06
C LYS C 219 -54.79 25.23 -49.76
N ARG C 220 -54.57 26.54 -49.91
CA ARG C 220 -55.45 27.39 -50.68
C ARG C 220 -55.14 27.14 -52.15
N VAL C 221 -56.18 27.13 -52.99
CA VAL C 221 -56.04 26.87 -54.42
C VAL C 221 -56.47 28.11 -55.18
N GLU C 222 -55.59 28.70 -55.82
CA GLU C 222 -55.81 29.93 -56.56
C GLU C 222 -55.95 29.67 -58.05
N PRO C 223 -56.77 30.47 -58.71
CA PRO C 223 -56.79 30.49 -60.16
C PRO C 223 -55.47 31.01 -60.72
N LYS C 224 -55.31 30.80 -62.01
CA LYS C 224 -54.17 31.31 -62.76
C LYS C 224 -54.67 31.65 -64.16
N SER C 225 -53.84 32.29 -64.97
CA SER C 225 -54.20 32.58 -66.37
C SER C 225 -54.19 31.37 -67.31
N GLU D 1 -58.58 -27.37 -53.96
CA GLU D 1 -59.51 -27.74 -55.01
C GLU D 1 -60.96 -27.55 -54.60
N ILE D 2 -61.87 -27.95 -55.48
CA ILE D 2 -63.24 -27.45 -55.45
C ILE D 2 -63.13 -25.93 -55.55
N VAL D 3 -62.90 -25.47 -56.73
CA VAL D 3 -62.83 -24.05 -57.02
C VAL D 3 -64.16 -23.61 -57.65
N LEU D 4 -64.61 -22.41 -57.32
CA LEU D 4 -65.91 -21.89 -57.73
C LEU D 4 -65.77 -20.64 -58.59
N THR D 5 -66.22 -20.68 -59.84
CA THR D 5 -66.20 -19.48 -60.68
C THR D 5 -67.58 -18.86 -60.74
N GLN D 6 -67.67 -17.58 -60.44
CA GLN D 6 -68.94 -16.89 -60.51
C GLN D 6 -69.12 -16.15 -61.83
N SER D 7 -70.34 -16.18 -62.34
CA SER D 7 -70.71 -15.55 -63.58
C SER D 7 -71.95 -14.70 -63.37
N PRO D 8 -71.93 -13.44 -63.81
CA PRO D 8 -70.79 -12.76 -64.39
C PRO D 8 -70.02 -12.05 -63.36
N GLY D 9 -68.82 -11.62 -63.74
CA GLY D 9 -67.98 -10.91 -62.79
C GLY D 9 -68.63 -9.65 -62.28
N THR D 10 -69.34 -8.97 -63.14
CA THR D 10 -70.12 -7.80 -62.78
C THR D 10 -71.51 -7.93 -63.34
N LEU D 11 -72.44 -7.20 -62.75
CA LEU D 11 -73.80 -7.32 -63.21
C LEU D 11 -74.43 -5.95 -63.12
N SER D 12 -74.75 -5.36 -64.26
CA SER D 12 -75.37 -4.04 -64.32
C SER D 12 -76.88 -4.21 -64.40
N LEU D 13 -77.60 -3.74 -63.37
CA LEU D 13 -79.05 -3.79 -63.34
C LEU D 13 -79.65 -2.58 -62.66
N SER D 14 -80.79 -2.16 -63.14
CA SER D 14 -81.50 -1.03 -62.55
C SER D 14 -82.42 -1.52 -61.43
N PRO D 15 -82.76 -0.65 -60.46
CA PRO D 15 -83.58 -1.11 -59.32
C PRO D 15 -84.90 -1.70 -59.74
N GLY D 16 -85.40 -2.61 -58.91
CA GLY D 16 -86.65 -3.27 -59.19
C GLY D 16 -86.59 -4.51 -60.06
N GLU D 17 -85.41 -4.91 -60.52
CA GLU D 17 -85.24 -5.92 -61.57
C GLU D 17 -84.71 -7.21 -60.95
N ARG D 18 -85.02 -8.35 -61.58
CA ARG D 18 -84.49 -9.63 -61.10
C ARG D 18 -83.02 -9.75 -61.42
N ALA D 19 -82.22 -10.05 -60.42
CA ALA D 19 -80.82 -10.36 -60.61
C ALA D 19 -80.64 -11.84 -60.31
N THR D 20 -80.00 -12.57 -61.22
CA THR D 20 -79.64 -13.95 -60.97
C THR D 20 -78.16 -14.17 -61.18
N LEU D 21 -77.43 -14.35 -60.10
CA LEU D 21 -75.99 -14.60 -60.13
C LEU D 21 -75.81 -16.11 -60.17
N SER D 22 -74.71 -16.58 -60.72
CA SER D 22 -74.49 -18.02 -60.70
C SER D 22 -73.13 -18.35 -60.16
N CYS D 23 -72.99 -19.60 -59.77
CA CYS D 23 -71.77 -20.04 -59.13
C CYS D 23 -71.58 -21.48 -59.57
N ARG D 24 -70.53 -21.74 -60.33
CA ARG D 24 -70.31 -23.07 -60.86
C ARG D 24 -69.06 -23.66 -60.24
N ALA D 25 -69.09 -24.94 -59.99
CA ALA D 25 -68.04 -25.63 -59.26
C ALA D 25 -67.27 -26.61 -60.12
N SER D 26 -66.00 -26.76 -59.80
CA SER D 26 -65.13 -27.72 -60.47
C SER D 26 -65.44 -29.17 -60.08
N GLN D 27 -66.03 -29.43 -58.93
CA GLN D 27 -66.35 -30.78 -58.48
C GLN D 27 -67.82 -30.88 -58.11
N SER D 28 -68.45 -32.02 -58.22
CA SER D 28 -69.81 -32.02 -57.71
C SER D 28 -69.76 -31.38 -56.34
N VAL D 29 -70.82 -30.68 -55.93
CA VAL D 29 -70.82 -29.98 -54.65
C VAL D 29 -71.61 -30.61 -53.49
N SER D 30 -71.64 -31.94 -53.43
CA SER D 30 -72.34 -32.65 -52.35
C SER D 30 -73.77 -32.15 -52.08
N SER D 31 -74.09 -31.94 -50.81
CA SER D 31 -75.41 -31.46 -50.43
C SER D 31 -75.52 -30.05 -50.87
N SER D 32 -76.25 -29.25 -50.11
CA SER D 32 -76.28 -27.84 -50.40
C SER D 32 -75.25 -27.47 -49.39
N TYR D 33 -73.99 -27.47 -49.74
CA TYR D 33 -73.02 -27.11 -48.77
C TYR D 33 -72.42 -25.91 -49.40
N LEU D 34 -73.26 -24.93 -49.66
CA LEU D 34 -72.88 -23.73 -50.32
C LEU D 34 -73.53 -22.52 -49.73
N ALA D 35 -72.75 -21.56 -49.29
CA ALA D 35 -73.30 -20.33 -48.74
C ALA D 35 -73.21 -19.20 -49.75
N TRP D 36 -73.93 -18.10 -49.48
CA TRP D 36 -73.86 -16.89 -50.27
C TRP D 36 -73.67 -15.72 -49.34
N TYR D 37 -72.72 -14.85 -49.63
CA TYR D 37 -72.44 -13.71 -48.79
C TYR D 37 -72.74 -12.41 -49.51
N GLN D 38 -72.86 -11.34 -48.76
CA GLN D 38 -73.07 -10.02 -49.34
C GLN D 38 -72.10 -9.05 -48.68
N GLN D 39 -71.21 -8.47 -49.47
CA GLN D 39 -70.24 -7.50 -48.99
C GLN D 39 -70.46 -6.14 -49.61
N LYS D 40 -70.66 -5.18 -48.83
CA LYS D 40 -70.68 -3.80 -49.25
C LYS D 40 -69.33 -3.19 -48.97
N PRO D 41 -68.88 -2.19 -49.72
CA PRO D 41 -67.49 -1.77 -49.57
C PRO D 41 -67.26 -1.12 -48.23
N GLY D 42 -66.14 -1.51 -47.61
CA GLY D 42 -65.77 -1.02 -46.32
C GLY D 42 -66.22 -1.86 -45.16
N GLN D 43 -67.09 -2.84 -45.38
CA GLN D 43 -67.62 -3.69 -44.32
C GLN D 43 -67.23 -5.14 -44.54
N ALA D 44 -67.41 -5.92 -43.52
CA ALA D 44 -67.25 -7.36 -43.62
C ALA D 44 -68.50 -8.02 -44.15
N PRO D 45 -68.40 -9.24 -44.65
CA PRO D 45 -69.57 -9.91 -45.22
C PRO D 45 -70.72 -10.13 -44.27
N ARG D 46 -71.90 -10.23 -44.88
CA ARG D 46 -73.15 -10.56 -44.23
C ARG D 46 -73.51 -11.90 -44.83
N LEU D 47 -73.97 -12.83 -44.03
CA LEU D 47 -74.34 -14.13 -44.57
C LEU D 47 -75.74 -14.10 -45.14
N LEU D 48 -75.89 -14.47 -46.40
CA LEU D 48 -77.23 -14.49 -46.98
C LEU D 48 -77.86 -15.87 -46.97
N ILE D 49 -77.30 -16.81 -47.68
CA ILE D 49 -77.86 -18.14 -47.81
C ILE D 49 -76.85 -19.15 -47.32
N TYR D 50 -77.31 -20.15 -46.61
CA TYR D 50 -76.50 -21.32 -46.31
C TYR D 50 -77.26 -22.53 -46.82
N GLY D 51 -76.71 -23.70 -46.62
CA GLY D 51 -77.35 -24.87 -47.17
C GLY D 51 -77.28 -24.80 -48.66
N ALA D 52 -78.32 -24.35 -49.29
CA ALA D 52 -78.13 -23.96 -50.67
C ALA D 52 -79.22 -22.98 -50.95
N SER D 53 -80.33 -23.23 -50.28
CA SER D 53 -81.51 -22.41 -50.31
C SER D 53 -82.03 -21.96 -48.96
N SER D 54 -81.32 -22.21 -47.88
CA SER D 54 -81.82 -21.80 -46.57
C SER D 54 -81.50 -20.34 -46.30
N ARG D 55 -82.52 -19.52 -46.17
CA ARG D 55 -82.32 -18.11 -45.93
C ARG D 55 -81.86 -17.84 -44.51
N ALA D 56 -80.85 -17.01 -44.36
CA ALA D 56 -80.37 -16.71 -43.03
C ALA D 56 -81.32 -15.81 -42.29
N THR D 57 -81.40 -16.00 -40.99
CA THR D 57 -82.30 -15.21 -40.19
C THR D 57 -81.81 -13.78 -40.25
N GLY D 58 -82.73 -12.85 -40.42
CA GLY D 58 -82.36 -11.49 -40.65
C GLY D 58 -82.54 -11.08 -42.08
N ILE D 59 -82.37 -12.02 -43.00
CA ILE D 59 -82.33 -11.77 -44.42
C ILE D 59 -83.71 -11.62 -45.02
N PRO D 60 -83.98 -10.50 -45.71
CA PRO D 60 -85.26 -10.32 -46.39
C PRO D 60 -85.55 -11.36 -47.43
N ASP D 61 -86.82 -11.46 -47.71
CA ASP D 61 -87.38 -12.54 -48.49
C ASP D 61 -86.97 -12.54 -49.96
N ARG D 62 -86.73 -11.38 -50.57
CA ARG D 62 -86.39 -11.29 -52.00
C ARG D 62 -85.20 -12.14 -52.40
N PHE D 63 -84.24 -12.30 -51.52
CA PHE D 63 -83.10 -13.16 -51.76
C PHE D 63 -83.52 -14.62 -51.70
N SER D 64 -83.25 -15.38 -52.73
CA SER D 64 -83.62 -16.79 -52.66
C SER D 64 -82.55 -17.60 -53.38
N GLY D 65 -82.05 -18.65 -52.74
CA GLY D 65 -81.04 -19.49 -53.35
C GLY D 65 -81.65 -20.71 -54.00
N SER D 66 -80.87 -21.34 -54.88
CA SER D 66 -81.28 -22.59 -55.53
C SER D 66 -80.08 -23.20 -56.26
N GLY D 67 -80.33 -24.36 -56.89
CA GLY D 67 -79.34 -25.10 -57.66
C GLY D 67 -78.77 -26.30 -56.90
N SER D 68 -78.01 -27.13 -57.60
CA SER D 68 -77.46 -28.34 -57.00
C SER D 68 -76.39 -28.92 -57.92
N GLY D 69 -75.49 -29.71 -57.35
CA GLY D 69 -74.45 -30.34 -58.16
C GLY D 69 -73.34 -29.37 -58.42
N THR D 70 -73.16 -28.96 -59.66
CA THR D 70 -72.17 -27.96 -60.03
C THR D 70 -72.81 -26.67 -60.50
N ASP D 71 -74.11 -26.49 -60.25
CA ASP D 71 -74.83 -25.33 -60.72
C ASP D 71 -75.66 -24.76 -59.59
N PHE D 72 -75.28 -23.61 -59.10
CA PHE D 72 -76.05 -22.91 -58.09
C PHE D 72 -76.30 -21.51 -58.57
N THR D 73 -77.42 -20.95 -58.13
CA THR D 73 -77.75 -19.58 -58.48
C THR D 73 -78.33 -18.87 -57.28
N LEU D 74 -78.08 -17.59 -57.18
CA LEU D 74 -78.65 -16.74 -56.15
C LEU D 74 -79.53 -15.74 -56.86
N THR D 75 -80.79 -15.67 -56.49
CA THR D 75 -81.72 -14.80 -57.18
C THR D 75 -82.23 -13.72 -56.24
N ILE D 76 -82.14 -12.48 -56.67
CA ILE D 76 -82.78 -11.40 -55.95
C ILE D 76 -83.90 -10.90 -56.82
N THR D 77 -85.09 -10.83 -56.26
CA THR D 77 -86.26 -10.65 -57.11
C THR D 77 -86.61 -9.20 -57.35
N ARG D 78 -86.39 -8.32 -56.40
CA ARG D 78 -86.50 -6.89 -56.66
C ARG D 78 -85.28 -6.24 -56.07
N LEU D 79 -84.38 -5.81 -56.91
CA LEU D 79 -83.22 -5.11 -56.40
C LEU D 79 -83.67 -3.85 -55.69
N GLU D 80 -83.38 -3.77 -54.41
CA GLU D 80 -83.51 -2.52 -53.69
C GLU D 80 -82.25 -1.73 -53.85
N PRO D 81 -82.22 -0.45 -53.49
CA PRO D 81 -80.93 0.26 -53.52
C PRO D 81 -79.86 -0.34 -52.62
N GLU D 82 -80.24 -0.90 -51.48
CA GLU D 82 -79.27 -1.54 -50.59
C GLU D 82 -78.59 -2.73 -51.22
N ASP D 83 -79.28 -3.42 -52.11
CA ASP D 83 -78.81 -4.69 -52.62
C ASP D 83 -77.63 -4.57 -53.53
N PHE D 84 -77.18 -3.37 -53.82
CA PHE D 84 -76.06 -3.20 -54.72
C PHE D 84 -74.77 -3.35 -53.93
N ALA D 85 -74.05 -4.41 -54.21
CA ALA D 85 -72.97 -4.86 -53.33
C ALA D 85 -72.27 -5.98 -54.06
N VAL D 86 -71.34 -6.58 -53.41
CA VAL D 86 -70.67 -7.72 -53.97
C VAL D 86 -71.21 -8.98 -53.36
N TYR D 87 -71.36 -10.01 -54.16
CA TYR D 87 -71.94 -11.24 -53.69
C TYR D 87 -70.97 -12.38 -53.96
N TYR D 88 -70.54 -13.03 -52.88
CA TYR D 88 -69.62 -14.15 -52.94
C TYR D 88 -70.38 -15.43 -52.64
N CYS D 89 -70.11 -16.50 -53.39
CA CYS D 89 -70.59 -17.83 -53.05
C CYS D 89 -69.47 -18.63 -52.38
N GLN D 90 -69.83 -19.48 -51.44
CA GLN D 90 -68.83 -20.27 -50.71
C GLN D 90 -69.26 -21.71 -50.55
N GLN D 91 -68.31 -22.62 -50.72
CA GLN D 91 -68.55 -24.03 -50.51
C GLN D 91 -67.92 -24.49 -49.22
N TYR D 92 -68.48 -25.55 -48.69
CA TYR D 92 -67.96 -26.07 -47.45
C TYR D 92 -68.23 -27.53 -47.34
N VAL D 93 -68.05 -28.24 -48.42
CA VAL D 93 -68.09 -29.67 -48.25
C VAL D 93 -66.79 -30.16 -47.70
N SER D 94 -65.69 -29.51 -48.03
CA SER D 94 -64.43 -30.04 -47.54
C SER D 94 -63.41 -28.94 -47.45
N THR D 95 -62.53 -29.05 -46.49
CA THR D 95 -61.43 -28.12 -46.46
C THR D 95 -60.54 -28.45 -47.66
N PRO D 96 -59.92 -27.42 -48.29
CA PRO D 96 -59.95 -26.02 -47.88
C PRO D 96 -61.21 -25.31 -48.31
N LEU D 97 -61.71 -24.45 -47.43
CA LEU D 97 -62.85 -23.62 -47.76
C LEU D 97 -62.48 -22.70 -48.90
N THR D 98 -63.37 -22.58 -49.87
CA THR D 98 -63.09 -21.75 -51.03
C THR D 98 -64.27 -20.85 -51.32
N PHE D 99 -63.99 -19.61 -51.68
CA PHE D 99 -65.03 -18.68 -52.09
C PHE D 99 -65.02 -18.56 -53.61
N GLY D 100 -65.97 -17.79 -54.11
CA GLY D 100 -66.03 -17.45 -55.53
C GLY D 100 -65.27 -16.21 -55.91
N GLY D 101 -65.28 -15.91 -57.21
CA GLY D 101 -64.64 -14.70 -57.68
C GLY D 101 -65.36 -13.45 -57.21
N GLY D 102 -66.67 -13.52 -57.10
CA GLY D 102 -67.49 -12.39 -56.72
C GLY D 102 -68.18 -11.84 -57.92
N THR D 103 -69.43 -11.44 -57.77
CA THR D 103 -70.14 -10.68 -58.75
C THR D 103 -70.45 -9.33 -58.12
N LYS D 104 -70.20 -8.26 -58.82
CA LYS D 104 -70.60 -6.95 -58.34
C LYS D 104 -71.85 -6.53 -59.07
N VAL D 105 -72.94 -6.42 -58.37
CA VAL D 105 -74.09 -5.81 -59.01
C VAL D 105 -73.98 -4.31 -58.87
N GLU D 106 -74.06 -3.62 -60.00
CA GLU D 106 -74.00 -2.18 -60.06
C GLU D 106 -75.29 -1.66 -60.66
N ILE D 107 -75.55 -0.37 -60.46
CA ILE D 107 -76.76 0.26 -60.96
C ILE D 107 -76.64 0.54 -62.45
N LYS D 108 -77.50 -0.08 -63.25
CA LYS D 108 -77.63 0.27 -64.67
C LYS D 108 -78.28 1.64 -64.83
N ARG D 109 -77.79 2.45 -65.75
CA ARG D 109 -78.40 3.75 -65.99
C ARG D 109 -78.06 4.21 -67.40
N THR D 110 -78.63 5.33 -67.80
CA THR D 110 -78.40 5.86 -69.14
C THR D 110 -76.95 6.25 -69.33
N VAL D 111 -76.46 6.04 -70.56
CA VAL D 111 -75.10 6.39 -70.89
C VAL D 111 -74.91 7.88 -70.73
N ALA D 112 -73.78 8.29 -70.17
CA ALA D 112 -73.51 9.71 -69.91
C ALA D 112 -72.04 9.95 -70.15
N ALA D 113 -71.71 10.82 -71.10
CA ALA D 113 -70.32 11.02 -71.50
C ALA D 113 -69.60 11.93 -70.52
N PRO D 114 -68.30 11.76 -70.39
CA PRO D 114 -67.53 12.55 -69.43
C PRO D 114 -67.27 13.98 -69.83
N SER D 115 -67.29 14.85 -68.84
CA SER D 115 -66.59 16.12 -68.94
C SER D 115 -65.09 15.90 -68.73
N VAL D 116 -64.25 16.40 -69.64
CA VAL D 116 -62.79 16.21 -69.55
C VAL D 116 -62.05 17.50 -69.27
N PHE D 117 -61.27 17.48 -68.22
CA PHE D 117 -60.43 18.59 -67.81
C PHE D 117 -58.99 18.13 -67.77
N ILE D 118 -58.07 19.08 -67.86
CA ILE D 118 -56.66 18.77 -67.73
C ILE D 118 -56.00 19.83 -66.88
N PHE D 119 -55.05 19.42 -66.06
CA PHE D 119 -54.40 20.31 -65.11
C PHE D 119 -52.91 20.22 -65.33
N PRO D 120 -52.29 21.27 -65.83
CA PRO D 120 -50.83 21.27 -65.96
C PRO D 120 -50.16 21.34 -64.59
N PRO D 121 -48.93 20.81 -64.46
CA PRO D 121 -48.33 20.73 -63.12
C PRO D 121 -48.16 22.08 -62.47
N SER D 122 -48.14 22.07 -61.15
CA SER D 122 -48.02 23.26 -60.33
C SER D 122 -46.60 23.79 -60.33
N ASP D 123 -46.46 25.05 -59.94
CA ASP D 123 -45.15 25.65 -59.84
C ASP D 123 -44.39 25.08 -58.65
N GLU D 124 -45.06 25.10 -57.52
CA GLU D 124 -44.56 24.55 -56.27
C GLU D 124 -43.94 23.20 -56.52
N GLN D 125 -44.65 22.33 -57.21
CA GLN D 125 -44.11 21.03 -57.49
C GLN D 125 -42.97 21.12 -58.44
N LEU D 126 -43.06 22.03 -59.39
CA LEU D 126 -42.03 22.05 -60.40
C LEU D 126 -40.71 22.43 -59.78
N LYS D 127 -40.73 23.12 -58.65
CA LYS D 127 -39.45 23.44 -58.05
C LYS D 127 -38.77 22.21 -57.48
N SER D 128 -39.50 21.14 -57.26
CA SER D 128 -38.87 19.97 -56.66
C SER D 128 -38.56 18.90 -57.68
N GLY D 129 -38.48 19.25 -58.95
CA GLY D 129 -37.88 18.31 -59.88
C GLY D 129 -38.76 17.22 -60.45
N THR D 130 -40.06 17.22 -60.20
CA THR D 130 -40.93 16.30 -60.93
C THR D 130 -42.19 17.04 -61.32
N ALA D 131 -42.82 16.54 -62.39
CA ALA D 131 -44.03 17.15 -62.95
C ALA D 131 -45.10 16.10 -63.17
N SER D 132 -46.27 16.33 -62.59
CA SER D 132 -47.42 15.44 -62.70
C SER D 132 -48.55 16.18 -63.38
N VAL D 133 -48.95 15.70 -64.54
CA VAL D 133 -50.06 16.29 -65.27
C VAL D 133 -51.27 15.44 -64.94
N VAL D 134 -52.35 16.06 -64.51
CA VAL D 134 -53.55 15.36 -64.14
C VAL D 134 -54.60 15.56 -65.22
N CYS D 135 -55.20 14.48 -65.68
CA CYS D 135 -56.32 14.46 -66.60
C CYS D 135 -57.47 13.87 -65.81
N LEU D 136 -58.65 14.50 -65.87
CA LEU D 136 -59.79 14.14 -65.02
C LEU D 136 -61.06 13.93 -65.83
N LEU D 137 -61.66 12.76 -65.75
CA LEU D 137 -62.94 12.47 -66.40
C LEU D 137 -64.07 12.51 -65.38
N ASN D 138 -64.99 13.43 -65.54
CA ASN D 138 -66.03 13.68 -64.55
C ASN D 138 -67.42 13.24 -64.96
N ASN D 139 -68.08 12.47 -64.09
CA ASN D 139 -69.47 12.04 -64.23
C ASN D 139 -69.80 11.30 -65.52
N PHE D 140 -69.15 10.18 -65.72
CA PHE D 140 -69.35 9.29 -66.84
C PHE D 140 -69.99 7.97 -66.44
N TYR D 141 -70.73 7.38 -67.37
CA TYR D 141 -71.22 6.03 -67.17
C TYR D 141 -71.38 5.40 -68.52
N PRO D 142 -70.99 4.12 -68.70
CA PRO D 142 -70.45 3.06 -67.88
C PRO D 142 -69.03 3.26 -67.45
N ARG D 143 -68.50 2.36 -66.65
CA ARG D 143 -67.18 2.56 -66.07
C ARG D 143 -66.07 2.34 -67.08
N GLU D 144 -66.33 1.57 -68.11
CA GLU D 144 -65.39 1.37 -69.20
C GLU D 144 -65.00 2.67 -69.87
N ALA D 145 -63.75 3.07 -69.66
CA ALA D 145 -63.21 4.28 -70.26
C ALA D 145 -61.74 4.07 -70.54
N LYS D 146 -61.26 4.64 -71.63
CA LYS D 146 -59.87 4.48 -72.03
C LYS D 146 -59.15 5.81 -72.01
N VAL D 147 -58.04 5.89 -71.31
CA VAL D 147 -57.25 7.10 -71.24
C VAL D 147 -55.84 6.81 -71.74
N GLN D 148 -55.43 7.49 -72.80
CA GLN D 148 -54.07 7.43 -73.27
C GLN D 148 -53.42 8.77 -73.09
N TRP D 149 -52.15 8.80 -72.75
CA TRP D 149 -51.41 10.04 -72.71
C TRP D 149 -50.54 10.14 -73.94
N LYS D 150 -50.52 11.31 -74.55
CA LYS D 150 -49.64 11.61 -75.66
C LYS D 150 -48.95 12.92 -75.31
N VAL D 151 -47.62 12.97 -75.42
CA VAL D 151 -46.87 14.22 -75.24
C VAL D 151 -46.06 14.51 -76.50
N ASP D 152 -46.21 15.71 -77.01
CA ASP D 152 -45.74 16.05 -78.34
C ASP D 152 -46.09 14.90 -79.30
N ASN D 153 -47.39 14.57 -79.33
CA ASN D 153 -47.92 13.50 -80.18
C ASN D 153 -47.35 12.13 -79.93
N ALA D 154 -46.46 11.98 -78.95
CA ALA D 154 -45.78 10.73 -78.70
C ALA D 154 -46.47 9.99 -77.56
N LEU D 155 -46.80 8.73 -77.79
CA LEU D 155 -47.67 7.99 -76.88
C LEU D 155 -46.91 7.53 -75.64
N GLN D 156 -47.21 8.16 -74.50
CA GLN D 156 -46.65 7.75 -73.23
C GLN D 156 -47.08 6.35 -72.87
N SER D 157 -46.25 5.65 -72.14
CA SER D 157 -46.42 4.21 -72.10
C SER D 157 -46.30 3.60 -70.72
N GLY D 158 -45.43 4.11 -69.87
CA GLY D 158 -45.28 3.45 -68.60
C GLY D 158 -45.41 4.28 -67.36
N ASN D 159 -45.88 5.52 -67.48
CA ASN D 159 -45.73 6.53 -66.43
C ASN D 159 -47.02 7.19 -65.98
N SER D 160 -48.15 6.65 -66.39
CA SER D 160 -49.47 7.13 -66.01
C SER D 160 -50.06 6.20 -64.95
N GLN D 161 -51.19 6.61 -64.40
CA GLN D 161 -51.81 5.82 -63.34
C GLN D 161 -53.21 6.27 -63.04
N GLU D 162 -54.19 5.44 -63.32
CA GLU D 162 -55.59 5.83 -63.17
C GLU D 162 -56.13 5.45 -61.79
N SER D 163 -57.24 6.08 -61.41
CA SER D 163 -58.03 5.53 -60.30
C SER D 163 -59.43 6.10 -60.33
N VAL D 164 -60.41 5.22 -60.21
CA VAL D 164 -61.82 5.53 -60.34
C VAL D 164 -62.51 5.56 -58.99
N THR D 165 -63.49 6.44 -58.85
CA THR D 165 -64.36 6.49 -57.68
C THR D 165 -65.36 5.36 -57.73
N GLU D 166 -66.20 5.25 -56.72
CA GLU D 166 -67.29 4.29 -56.79
C GLU D 166 -68.57 4.98 -57.24
N GLN D 167 -69.51 4.17 -57.72
CA GLN D 167 -70.76 4.71 -58.23
C GLN D 167 -71.33 5.73 -57.27
N ASP D 168 -71.84 6.79 -57.83
CA ASP D 168 -72.34 7.90 -57.04
C ASP D 168 -73.63 7.58 -56.32
N SER D 169 -73.72 8.09 -55.10
CA SER D 169 -74.95 7.93 -54.32
C SER D 169 -76.16 8.54 -55.01
N LYS D 170 -75.98 9.67 -55.69
CA LYS D 170 -77.12 10.40 -56.25
C LYS D 170 -77.42 10.04 -57.71
N ASP D 171 -76.50 10.35 -58.62
CA ASP D 171 -76.65 10.06 -60.04
C ASP D 171 -75.97 8.79 -60.48
N SER D 172 -75.48 7.98 -59.55
CA SER D 172 -74.81 6.72 -59.83
C SER D 172 -73.93 6.75 -61.08
N THR D 173 -73.12 7.81 -61.19
CA THR D 173 -72.12 7.95 -62.23
C THR D 173 -70.73 7.79 -61.61
N TYR D 174 -69.76 7.49 -62.45
CA TYR D 174 -68.38 7.34 -62.01
C TYR D 174 -67.59 8.61 -62.23
N SER D 175 -66.38 8.64 -61.70
CA SER D 175 -65.41 9.70 -61.96
C SER D 175 -64.01 9.11 -61.93
N LEU D 176 -63.12 9.59 -62.78
CA LEU D 176 -61.81 8.99 -63.00
C LEU D 176 -60.72 10.03 -63.01
N SER D 177 -59.54 9.67 -62.51
CA SER D 177 -58.38 10.56 -62.50
C SER D 177 -57.08 9.80 -62.77
N SER D 178 -56.59 9.86 -64.00
CA SER D 178 -55.25 9.36 -64.27
C SER D 178 -54.33 10.55 -64.14
N THR D 179 -53.12 10.31 -63.66
CA THR D 179 -52.11 11.35 -63.59
C THR D 179 -50.81 10.84 -64.21
N LEU D 180 -50.17 11.71 -64.97
CA LEU D 180 -48.97 11.39 -65.72
C LEU D 180 -47.84 12.16 -65.04
N THR D 181 -46.77 11.46 -64.66
CA THR D 181 -45.68 12.07 -63.93
C THR D 181 -44.39 11.97 -64.71
N LEU D 182 -43.64 13.07 -64.77
CA LEU D 182 -42.41 13.13 -65.55
C LEU D 182 -41.38 13.87 -64.75
N SER D 183 -40.13 13.66 -65.10
CA SER D 183 -39.10 14.48 -64.50
C SER D 183 -39.20 15.90 -65.02
N LYS D 184 -38.91 16.89 -64.16
CA LYS D 184 -38.88 18.27 -64.62
C LYS D 184 -38.02 18.36 -65.85
N ALA D 185 -36.97 17.56 -65.93
CA ALA D 185 -36.19 17.44 -67.15
C ALA D 185 -37.07 17.22 -68.37
N ASP D 186 -37.78 16.10 -68.40
CA ASP D 186 -38.57 15.74 -69.57
C ASP D 186 -39.79 16.63 -69.73
N TYR D 187 -40.42 17.02 -68.64
CA TYR D 187 -41.58 17.87 -68.79
C TYR D 187 -41.20 19.14 -69.52
N GLU D 188 -40.04 19.72 -69.21
CA GLU D 188 -39.61 20.95 -69.87
C GLU D 188 -39.16 20.71 -71.28
N LYS D 189 -38.82 19.48 -71.64
CA LYS D 189 -38.38 19.21 -72.99
C LYS D 189 -39.48 19.13 -74.05
N HIS D 190 -40.75 19.26 -73.71
CA HIS D 190 -41.80 19.09 -74.71
C HIS D 190 -42.87 20.16 -74.58
N LYS D 191 -43.50 20.50 -75.71
CA LYS D 191 -44.43 21.64 -75.67
C LYS D 191 -45.87 21.27 -75.34
N VAL D 192 -46.47 20.38 -76.12
CA VAL D 192 -47.90 20.09 -76.03
C VAL D 192 -48.17 18.75 -75.33
N TYR D 193 -49.03 18.78 -74.32
CA TYR D 193 -49.37 17.62 -73.50
C TYR D 193 -50.86 17.34 -73.62
N ALA D 194 -51.23 16.16 -74.08
CA ALA D 194 -52.64 15.85 -74.28
C ALA D 194 -53.02 14.50 -73.72
N CYS D 195 -54.20 14.41 -73.12
CA CYS D 195 -54.79 13.13 -72.75
C CYS D 195 -56.02 12.89 -73.60
N GLU D 196 -56.08 11.72 -74.23
CA GLU D 196 -57.10 11.33 -75.19
C GLU D 196 -58.02 10.28 -74.61
N VAL D 197 -59.32 10.59 -74.55
CA VAL D 197 -60.30 9.81 -73.82
C VAL D 197 -61.28 9.13 -74.77
N THR D 198 -61.60 7.87 -74.57
CA THR D 198 -62.53 7.16 -75.43
C THR D 198 -63.62 6.46 -74.66
N HIS D 199 -64.77 7.08 -74.53
CA HIS D 199 -65.91 6.52 -73.87
C HIS D 199 -66.93 6.20 -74.94
N GLN D 200 -67.92 5.39 -74.63
CA GLN D 200 -68.91 5.03 -75.60
C GLN D 200 -69.94 6.10 -75.71
N GLY D 201 -70.05 6.98 -74.75
CA GLY D 201 -71.03 8.04 -74.85
C GLY D 201 -70.39 9.32 -75.29
N LEU D 202 -69.61 9.23 -76.33
CA LEU D 202 -68.93 10.32 -76.91
C LEU D 202 -69.02 10.04 -78.36
N SER D 203 -69.35 11.06 -79.13
CA SER D 203 -69.47 10.93 -80.55
C SER D 203 -68.16 10.49 -81.10
N SER D 204 -67.06 11.11 -80.68
CA SER D 204 -65.75 10.67 -81.09
C SER D 204 -64.78 11.12 -80.04
N PRO D 205 -63.77 10.33 -79.78
CA PRO D 205 -62.69 10.45 -78.82
C PRO D 205 -62.25 11.86 -78.56
N VAL D 206 -62.47 12.39 -77.38
CA VAL D 206 -62.12 13.76 -77.10
C VAL D 206 -60.68 13.83 -76.70
N THR D 207 -60.01 14.95 -76.89
CA THR D 207 -58.64 15.06 -76.44
C THR D 207 -58.37 16.41 -75.83
N LYS D 208 -58.26 16.55 -74.52
CA LYS D 208 -57.91 17.84 -73.97
C LYS D 208 -56.41 17.94 -73.91
N SER D 209 -55.89 19.13 -74.13
CA SER D 209 -54.46 19.29 -74.18
C SER D 209 -54.10 20.71 -73.79
N PHE D 210 -52.80 20.94 -73.68
CA PHE D 210 -52.31 22.25 -73.36
C PHE D 210 -50.86 22.37 -73.81
N ASN D 211 -50.47 23.57 -74.21
CA ASN D 211 -49.07 23.91 -74.44
C ASN D 211 -48.45 24.43 -73.16
N ARG D 212 -47.15 24.19 -73.02
CA ARG D 212 -46.44 24.55 -71.80
C ARG D 212 -46.16 26.06 -71.79
N GLY D 213 -47.10 26.88 -71.34
CA GLY D 213 -46.88 28.31 -71.40
C GLY D 213 -48.09 29.18 -71.22
N GLN E 1 69.91 62.86 17.00
CA GLN E 1 69.15 61.79 17.65
C GLN E 1 70.09 60.83 18.38
N VAL E 2 71.35 60.79 18.01
CA VAL E 2 72.23 59.74 18.49
C VAL E 2 72.56 59.80 19.96
N GLN E 3 71.89 58.98 20.79
CA GLN E 3 72.10 58.94 22.23
C GLN E 3 72.07 57.54 22.80
N LEU E 4 72.94 57.30 23.79
CA LEU E 4 72.92 56.07 24.58
C LEU E 4 72.23 56.30 25.93
N VAL E 5 71.32 55.41 26.25
CA VAL E 5 70.46 55.57 27.41
C VAL E 5 70.74 54.45 28.41
N GLN E 6 71.43 54.77 29.50
CA GLN E 6 71.85 53.80 30.49
C GLN E 6 70.68 53.38 31.36
N SER E 7 70.79 52.21 31.97
CA SER E 7 69.77 51.77 32.92
C SER E 7 69.92 52.49 34.27
N GLY E 8 68.88 52.34 35.09
CA GLY E 8 68.86 53.00 36.39
C GLY E 8 69.97 52.54 37.32
N ALA E 9 70.32 53.42 38.26
CA ALA E 9 71.37 53.14 39.23
C ALA E 9 70.92 52.06 40.20
N GLU E 10 71.86 51.24 40.64
CA GLU E 10 71.51 50.06 41.41
C GLU E 10 72.45 49.87 42.59
N VAL E 11 71.95 49.19 43.62
CA VAL E 11 72.70 48.87 44.82
C VAL E 11 72.53 47.38 45.09
N LYS E 12 73.62 46.62 44.99
CA LYS E 12 73.58 45.17 45.14
C LYS E 12 74.56 44.72 46.21
N LYS E 13 74.23 43.60 46.85
CA LYS E 13 74.97 43.06 47.99
C LYS E 13 76.25 42.41 47.49
N PRO E 14 77.28 42.33 48.32
CA PRO E 14 78.54 41.71 47.89
C PRO E 14 78.38 40.24 47.58
N GLY E 15 79.14 39.79 46.58
CA GLY E 15 79.05 38.43 46.10
C GLY E 15 78.15 38.24 44.89
N SER E 16 77.07 39.02 44.81
CA SER E 16 76.07 38.84 43.77
C SER E 16 76.54 39.36 42.43
N SER E 17 75.63 39.55 41.47
CA SER E 17 75.92 40.03 40.14
C SER E 17 75.15 41.31 39.84
N VAL E 18 75.63 42.06 38.86
CA VAL E 18 74.94 43.24 38.36
C VAL E 18 74.85 43.10 36.86
N GLN E 19 73.80 43.67 36.27
CA GLN E 19 73.73 43.78 34.83
C GLN E 19 73.28 45.19 34.48
N VAL E 20 74.11 45.92 33.77
CA VAL E 20 73.76 47.27 33.36
C VAL E 20 73.40 47.26 31.89
N SER E 21 72.27 47.84 31.54
CA SER E 21 71.82 47.89 30.17
C SER E 21 72.25 49.21 29.55
N CYS E 22 72.06 49.35 28.25
CA CYS E 22 72.49 50.55 27.55
C CYS E 22 71.82 50.56 26.18
N ARG E 23 70.69 51.24 26.01
CA ARG E 23 69.94 51.23 24.75
C ARG E 23 70.33 52.35 23.82
N ALA E 24 70.87 52.02 22.66
CA ALA E 24 71.11 53.04 21.67
C ALA E 24 69.80 53.51 21.05
N SER E 25 69.79 54.69 20.52
CA SER E 25 68.62 55.16 19.87
C SER E 25 69.02 55.96 18.66
N GLY E 26 69.06 55.36 17.49
CA GLY E 26 69.41 56.13 16.32
C GLY E 26 70.43 55.46 15.47
N GLY E 27 70.05 55.06 14.27
CA GLY E 27 70.92 54.38 13.34
C GLY E 27 70.71 52.89 13.46
N THR E 28 71.07 52.10 12.46
CA THR E 28 70.91 50.67 12.67
C THR E 28 71.93 50.30 13.67
N PHE E 29 71.51 49.53 14.64
CA PHE E 29 72.36 49.06 15.68
C PHE E 29 73.10 47.87 15.26
N GLY E 30 74.34 47.78 15.67
CA GLY E 30 75.10 46.60 15.34
C GLY E 30 76.37 46.89 14.57
N ASN E 31 76.41 47.98 13.83
CA ASN E 31 77.59 48.24 13.04
C ASN E 31 78.63 49.11 13.71
N TYR E 32 78.44 49.48 14.97
CA TYR E 32 79.43 50.23 15.74
C TYR E 32 79.78 49.54 17.02
N ALA E 33 81.01 49.76 17.46
CA ALA E 33 81.51 49.28 18.74
C ALA E 33 80.98 50.11 19.89
N ILE E 34 80.55 49.44 20.95
CA ILE E 34 80.15 50.03 22.23
C ILE E 34 81.18 49.70 23.29
N ASN E 35 81.73 50.70 23.96
CA ASN E 35 82.70 50.45 25.01
C ASN E 35 82.07 50.54 26.38
N TRP E 36 82.60 49.76 27.33
CA TRP E 36 82.17 49.84 28.73
C TRP E 36 83.31 50.35 29.60
N VAL E 37 83.16 51.58 30.08
CA VAL E 37 84.14 52.25 30.91
C VAL E 37 83.55 52.54 32.27
N ARG E 38 84.37 52.33 33.30
CA ARG E 38 84.04 52.32 34.72
C ARG E 38 84.87 53.35 35.43
N GLN E 39 84.30 54.01 36.43
CA GLN E 39 84.99 55.04 37.20
C GLN E 39 84.61 54.92 38.67
N ALA E 40 85.53 54.43 39.50
CA ALA E 40 85.29 54.40 40.93
C ALA E 40 85.17 55.83 41.45
N PRO E 41 84.63 56.04 42.65
CA PRO E 41 84.47 57.42 43.13
C PRO E 41 85.80 58.16 43.28
N GLY E 42 85.86 59.34 42.68
CA GLY E 42 87.07 60.13 42.68
C GLY E 42 88.26 59.34 42.22
N GLN E 43 88.15 58.75 41.02
CA GLN E 43 89.15 57.83 40.48
C GLN E 43 89.30 58.00 38.98
N GLY E 44 90.27 57.28 38.46
CA GLY E 44 90.55 57.26 37.03
C GLY E 44 89.45 56.55 36.25
N LEU E 45 89.69 56.45 34.94
CA LEU E 45 88.82 55.73 34.02
C LEU E 45 89.50 54.43 33.68
N GLU E 46 88.83 53.30 33.86
CA GLU E 46 89.38 52.04 33.39
C GLU E 46 88.43 51.41 32.38
N TRP E 47 89.00 50.94 31.27
CA TRP E 47 88.24 50.30 30.22
C TRP E 47 88.03 48.84 30.56
N MET E 48 86.79 48.41 30.61
CA MET E 48 86.54 47.01 30.94
C MET E 48 86.56 46.08 29.74
N GLY E 49 85.89 46.48 28.66
CA GLY E 49 85.82 45.67 27.46
C GLY E 49 84.92 46.37 26.48
N GLY E 50 84.34 45.62 25.55
CA GLY E 50 83.41 46.22 24.60
C GLY E 50 82.99 45.23 23.53
N ILE E 51 81.94 45.58 22.79
CA ILE E 51 81.46 44.74 21.70
C ILE E 51 81.01 45.55 20.51
N SER E 52 81.20 45.00 19.31
CA SER E 52 80.48 45.43 18.11
C SER E 52 79.75 44.21 17.55
N PRO E 53 78.51 43.99 17.94
CA PRO E 53 77.83 42.71 17.78
C PRO E 53 78.18 41.86 16.60
N ILE E 54 78.46 42.51 15.49
CA ILE E 54 78.57 41.82 14.24
C ILE E 54 80.00 41.62 13.78
N PHE E 55 80.85 42.60 13.96
CA PHE E 55 82.23 42.42 13.59
C PHE E 55 82.85 41.21 14.22
N GLY E 56 82.50 40.91 15.46
CA GLY E 56 83.14 39.80 16.13
C GLY E 56 82.74 39.64 17.57
N PRO E 57 83.45 38.80 18.30
CA PRO E 57 83.07 38.53 19.67
C PRO E 57 83.59 39.59 20.63
N PRO E 58 82.98 39.70 21.82
CA PRO E 58 83.43 40.67 22.83
C PRO E 58 84.90 40.62 23.14
N LYS E 59 85.48 41.77 23.47
CA LYS E 59 86.85 41.82 23.95
C LYS E 59 86.88 42.44 25.33
N TYR E 60 87.67 41.84 26.21
CA TYR E 60 87.67 42.20 27.62
C TYR E 60 89.07 42.58 28.08
N ALA E 61 89.12 43.32 29.17
CA ALA E 61 90.39 43.52 29.84
C ALA E 61 90.60 42.35 30.77
N GLN E 62 91.86 41.93 30.94
CA GLN E 62 92.15 40.79 31.81
C GLN E 62 91.71 41.00 33.24
N LYS E 63 91.75 42.25 33.71
CA LYS E 63 91.26 42.57 35.05
C LYS E 63 89.89 41.95 35.31
N PHE E 64 89.01 41.98 34.32
CA PHE E 64 87.66 41.51 34.54
C PHE E 64 87.40 40.19 33.87
N GLN E 65 88.45 39.57 33.36
CA GLN E 65 88.34 38.28 32.72
C GLN E 65 87.71 37.29 33.67
N GLY E 66 86.59 36.71 33.27
CA GLY E 66 85.92 35.78 34.13
C GLY E 66 84.80 36.42 34.90
N ARG E 67 84.97 37.64 35.37
CA ARG E 67 83.90 38.18 36.17
C ARG E 67 82.84 38.81 35.30
N VAL E 68 83.23 39.42 34.18
CA VAL E 68 82.33 40.17 33.30
C VAL E 68 82.08 39.42 32.01
N THR E 69 80.88 39.58 31.48
CA THR E 69 80.54 39.19 30.13
C THR E 69 79.73 40.33 29.57
N ILE E 70 79.95 40.66 28.31
CA ILE E 70 79.17 41.69 27.64
C ILE E 70 78.39 41.01 26.54
N SER E 71 77.11 41.33 26.45
CA SER E 71 76.26 40.77 25.41
C SER E 71 75.52 41.88 24.68
N ALA E 72 74.80 41.52 23.62
CA ALA E 72 73.99 42.53 22.95
C ALA E 72 72.75 41.96 22.32
N ASP E 73 71.68 42.69 22.42
CA ASP E 73 70.43 42.33 21.79
C ASP E 73 70.24 43.17 20.55
N ILE E 74 70.50 42.56 19.40
CA ILE E 74 70.56 43.32 18.17
C ILE E 74 69.21 43.96 17.84
N SER E 75 68.14 43.32 18.24
CA SER E 75 66.80 43.83 17.96
C SER E 75 66.37 44.99 18.83
N SER E 76 66.40 44.79 20.11
CA SER E 76 65.97 45.81 21.04
C SER E 76 66.95 46.95 21.10
N SER E 77 68.03 46.85 20.34
CA SER E 77 68.94 47.96 20.17
C SER E 77 69.61 48.27 21.49
N THR E 78 70.07 47.24 22.17
CA THR E 78 70.51 47.36 23.55
C THR E 78 71.76 46.53 23.80
N ALA E 79 72.70 47.07 24.56
CA ALA E 79 73.87 46.32 24.98
C ALA E 79 73.85 46.13 26.48
N TYR E 80 74.35 45.01 26.97
CA TYR E 80 74.31 44.69 28.40
C TYR E 80 75.70 44.41 28.92
N MET E 81 76.04 44.99 30.05
CA MET E 81 77.32 44.72 30.69
C MET E 81 77.01 43.96 31.97
N ASP E 82 77.60 42.78 32.11
CA ASP E 82 77.37 41.95 33.29
C ASP E 82 78.67 41.66 34.03
N LEU E 83 78.81 42.26 35.21
CA LEU E 83 80.00 42.06 36.03
C LEU E 83 79.63 41.39 37.35
N SER E 84 79.84 40.08 37.42
CA SER E 84 79.53 39.32 38.62
C SER E 84 80.78 38.78 39.27
N SER E 85 81.32 39.55 40.22
CA SER E 85 82.34 38.99 41.09
C SER E 85 81.72 38.64 42.43
N LEU E 86 81.32 39.58 43.31
CA LEU E 86 81.29 41.04 43.15
C LEU E 86 81.64 41.83 44.43
N SER E 87 82.85 42.36 44.55
CA SER E 87 83.27 43.00 45.79
C SER E 87 82.82 44.46 45.91
N SER E 88 83.18 45.06 47.05
CA SER E 88 82.81 46.44 47.36
C SER E 88 83.63 47.45 46.58
N ASP E 89 84.86 47.13 46.21
CA ASP E 89 85.60 48.06 45.38
C ASP E 89 85.32 47.83 43.90
N ASP E 90 84.19 47.21 43.60
CA ASP E 90 83.62 47.29 42.27
C ASP E 90 82.56 48.37 42.21
N THR E 91 82.41 49.10 43.29
CA THR E 91 81.48 50.20 43.30
C THR E 91 82.07 51.34 42.50
N ALA E 92 81.31 51.84 41.53
CA ALA E 92 81.84 52.79 40.57
C ALA E 92 80.67 53.30 39.76
N VAL E 93 80.97 54.17 38.83
CA VAL E 93 80.04 54.57 37.78
C VAL E 93 80.42 53.78 36.53
N TYR E 94 79.41 53.25 35.84
CA TYR E 94 79.59 52.43 34.67
C TYR E 94 79.03 53.15 33.46
N TYR E 95 79.91 53.51 32.55
CA TYR E 95 79.56 54.19 31.33
C TYR E 95 79.62 53.22 30.16
N CYS E 96 78.64 53.30 29.25
CA CYS E 96 78.75 52.72 27.93
C CYS E 96 79.02 53.84 26.93
N ALA E 97 79.87 53.60 25.95
CA ALA E 97 80.24 54.71 25.09
C ALA E 97 80.75 54.24 23.75
N ARG E 98 80.51 55.05 22.72
CA ARG E 98 80.80 54.69 21.34
C ARG E 98 81.38 55.89 20.61
N LYS E 99 81.94 55.60 19.45
CA LYS E 99 82.37 56.60 18.47
C LYS E 99 81.20 56.97 17.60
N LEU E 100 81.26 58.17 17.03
CA LEU E 100 80.15 58.65 16.24
C LEU E 100 80.35 58.48 14.74
N GLU E 101 81.29 59.10 14.21
CA GLU E 101 81.45 59.00 12.76
C GLU E 101 82.33 57.84 12.32
N PRO E 102 82.00 57.14 11.21
CA PRO E 102 82.70 55.93 10.82
C PRO E 102 84.10 56.22 10.28
N PRO E 103 85.04 55.24 10.32
CA PRO E 103 84.83 53.86 10.77
C PRO E 103 84.81 53.71 12.28
N TYR E 104 83.80 53.03 12.79
CA TYR E 104 83.61 52.96 14.23
C TYR E 104 83.28 51.57 14.71
N TYR E 105 83.62 50.55 13.94
CA TYR E 105 83.31 49.17 14.27
C TYR E 105 84.25 48.58 15.29
N PHE E 106 85.42 49.16 15.46
CA PHE E 106 86.42 48.69 16.41
C PHE E 106 86.48 49.62 17.60
N TYR E 107 87.14 49.14 18.63
CA TYR E 107 87.34 49.87 19.87
C TYR E 107 88.44 50.87 19.66
N SER E 108 88.07 52.12 19.51
CA SER E 108 89.00 53.21 19.24
C SER E 108 88.80 54.25 20.33
N TYR E 109 88.24 55.41 20.01
CA TYR E 109 87.90 56.42 21.00
C TYR E 109 86.39 56.52 21.11
N MET E 110 85.87 57.57 21.77
CA MET E 110 84.42 57.61 22.01
C MET E 110 83.89 59.05 22.06
N ASP E 111 83.21 59.45 21.00
CA ASP E 111 82.48 60.72 20.95
C ASP E 111 81.34 60.75 21.92
N VAL E 112 80.59 59.67 22.00
CA VAL E 112 79.25 59.70 22.59
C VAL E 112 79.17 58.77 23.77
N TRP E 113 78.82 59.33 24.92
CA TRP E 113 78.73 58.54 26.14
C TRP E 113 77.29 58.54 26.66
N GLY E 114 76.96 57.48 27.39
CA GLY E 114 75.76 57.51 28.19
C GLY E 114 76.00 58.37 29.40
N LYS E 115 74.96 58.59 30.20
CA LYS E 115 75.17 59.37 31.40
C LYS E 115 75.77 58.58 32.55
N GLY E 116 75.76 57.27 32.47
CA GLY E 116 76.31 56.44 33.51
C GLY E 116 75.25 55.83 34.37
N THR E 117 75.55 54.64 34.88
CA THR E 117 74.76 53.92 35.88
C THR E 117 75.68 53.75 37.06
N THR E 118 75.41 54.40 38.17
CA THR E 118 76.25 54.30 39.35
C THR E 118 75.87 53.03 40.09
N VAL E 119 76.85 52.24 40.53
CA VAL E 119 76.53 50.96 41.13
C VAL E 119 77.35 50.78 42.39
N THR E 120 76.66 50.62 43.52
CA THR E 120 77.23 50.57 44.86
C THR E 120 77.08 49.21 45.50
N VAL E 121 78.21 48.59 45.82
CA VAL E 121 78.27 47.24 46.37
C VAL E 121 78.39 47.31 47.88
N SER E 122 77.29 47.10 48.61
CA SER E 122 77.26 47.36 50.05
C SER E 122 76.24 46.44 50.70
N SER E 123 76.65 45.75 51.77
CA SER E 123 75.76 44.87 52.49
C SER E 123 74.82 45.58 53.46
N ALA E 124 74.82 46.90 53.46
CA ALA E 124 73.85 47.66 54.21
C ALA E 124 72.46 47.45 53.63
N SER E 125 71.50 48.14 54.20
CA SER E 125 70.14 48.13 53.70
C SER E 125 69.52 49.47 54.04
N THR E 126 68.53 49.87 53.26
CA THR E 126 67.95 51.21 53.33
C THR E 126 67.71 51.70 54.74
N LYS E 127 68.11 52.95 54.98
CA LYS E 127 67.93 53.61 56.26
C LYS E 127 67.79 55.11 56.07
N GLY E 128 66.83 55.70 56.77
CA GLY E 128 66.68 57.14 56.74
C GLY E 128 67.74 57.81 57.59
N PRO E 129 67.99 59.04 57.32
CA PRO E 129 69.01 59.76 58.06
C PRO E 129 68.46 60.43 59.31
N SER E 130 69.13 60.30 60.44
CA SER E 130 68.82 61.14 61.57
C SER E 130 69.55 62.45 61.40
N VAL E 131 68.91 63.56 61.77
CA VAL E 131 69.43 64.90 61.44
C VAL E 131 69.65 65.71 62.71
N PHE E 132 70.87 66.02 62.99
CA PHE E 132 71.23 66.75 64.16
C PHE E 132 71.66 68.16 63.78
N PRO E 133 71.50 69.13 64.68
CA PRO E 133 71.91 70.50 64.41
C PRO E 133 73.32 70.80 64.92
N LEU E 134 74.07 71.53 64.11
CA LEU E 134 75.33 72.11 64.53
C LEU E 134 75.06 73.52 65.02
N ALA E 135 74.95 73.68 66.29
CA ALA E 135 74.54 74.98 66.83
C ALA E 135 75.69 75.98 66.81
N PRO E 136 75.39 77.23 66.46
CA PRO E 136 76.39 78.31 66.54
C PRO E 136 76.64 78.73 67.98
N SER E 137 77.70 79.49 68.18
CA SER E 137 78.04 79.89 69.54
C SER E 137 79.06 81.01 69.52
N SER E 138 79.66 81.27 70.68
CA SER E 138 80.79 82.16 70.76
C SER E 138 82.06 81.52 70.22
N LYS E 139 82.07 80.20 70.00
CA LYS E 139 83.17 79.46 69.40
C LYS E 139 83.00 79.22 67.89
N SER E 140 81.80 79.47 67.38
CA SER E 140 81.44 79.43 65.98
C SER E 140 81.15 80.84 65.47
N THR E 141 81.83 81.84 66.07
CA THR E 141 81.77 83.23 65.61
C THR E 141 83.19 83.77 65.52
N SER E 142 83.38 84.69 64.58
CA SER E 142 84.70 85.28 64.37
C SER E 142 84.47 86.53 63.54
N GLY E 143 84.62 87.69 64.15
CA GLY E 143 84.29 88.94 63.50
C GLY E 143 82.79 89.10 63.30
N GLY E 144 82.40 89.62 62.15
CA GLY E 144 80.98 89.85 61.91
C GLY E 144 80.11 88.62 61.88
N THR E 145 80.65 87.50 61.45
CA THR E 145 79.83 86.37 61.09
C THR E 145 80.03 85.17 61.99
N ALA E 146 79.05 84.29 61.92
CA ALA E 146 79.01 83.08 62.70
C ALA E 146 78.42 82.00 61.81
N ALA E 147 78.82 80.77 62.04
CA ALA E 147 78.46 79.62 61.21
C ALA E 147 77.57 78.63 61.95
N LEU E 148 76.59 78.08 61.25
CA LEU E 148 75.71 77.06 61.77
C LEU E 148 75.47 76.03 60.70
N GLY E 149 74.88 74.90 61.05
CA GLY E 149 74.72 73.89 60.02
C GLY E 149 73.95 72.70 60.52
N CYS E 150 73.85 71.71 59.64
CA CYS E 150 73.21 70.44 59.92
C CYS E 150 74.13 69.26 59.67
N LEU E 151 74.07 68.31 60.58
CA LEU E 151 74.76 67.04 60.45
C LEU E 151 73.76 65.95 60.11
N VAL E 152 73.81 65.44 58.89
CA VAL E 152 72.92 64.39 58.43
C VAL E 152 73.60 63.04 58.57
N LYS E 153 73.29 62.28 59.61
CA LYS E 153 74.06 61.10 59.97
C LYS E 153 73.29 59.80 59.78
N ASP E 154 74.06 58.74 59.47
CA ASP E 154 73.61 57.35 59.39
C ASP E 154 72.41 57.16 58.49
N TYR E 155 72.67 57.21 57.18
CA TYR E 155 71.71 56.99 56.11
C TYR E 155 72.33 56.14 55.04
N PHE E 156 71.46 55.41 54.33
CA PHE E 156 71.81 54.57 53.21
C PHE E 156 70.65 54.38 52.29
N PRO E 157 70.88 54.43 50.98
CA PRO E 157 72.12 54.80 50.31
C PRO E 157 72.09 56.22 49.81
N GLU E 158 73.15 56.66 49.14
CA GLU E 158 73.16 57.96 48.51
C GLU E 158 72.01 58.13 47.53
N PRO E 159 71.60 59.38 47.25
CA PRO E 159 72.07 60.66 47.71
C PRO E 159 71.10 61.27 48.67
N VAL E 160 71.52 62.30 49.34
CA VAL E 160 70.62 63.14 50.10
C VAL E 160 70.63 64.51 49.43
N THR E 161 69.54 65.25 49.58
CA THR E 161 69.53 66.62 49.13
C THR E 161 69.17 67.53 50.28
N VAL E 162 69.94 68.60 50.45
CA VAL E 162 69.77 69.53 51.56
C VAL E 162 69.57 70.92 51.01
N SER E 163 68.61 71.64 51.58
CA SER E 163 68.42 73.04 51.27
C SER E 163 68.22 73.79 52.56
N TRP E 164 68.43 75.10 52.52
CA TRP E 164 68.29 75.92 53.71
C TRP E 164 67.15 76.90 53.53
N ASN E 165 66.31 76.99 54.56
CA ASN E 165 65.08 77.76 54.52
C ASN E 165 64.26 77.43 53.29
N SER E 166 64.06 76.14 53.06
CA SER E 166 63.34 75.62 51.90
C SER E 166 63.69 76.40 50.64
N GLY E 167 64.98 76.54 50.41
CA GLY E 167 65.43 77.18 49.21
C GLY E 167 65.57 78.68 49.31
N ALA E 168 65.23 79.27 50.44
CA ALA E 168 65.39 80.72 50.58
C ALA E 168 66.84 81.09 50.75
N LEU E 169 67.56 80.34 51.58
CA LEU E 169 68.95 80.62 51.91
C LEU E 169 69.92 79.91 50.98
N THR E 170 70.70 80.71 50.24
CA THR E 170 71.69 80.29 49.26
C THR E 170 73.09 80.76 49.62
N SER E 171 73.29 82.08 49.75
CA SER E 171 74.63 82.63 49.93
C SER E 171 75.32 81.96 51.12
N GLY E 172 76.55 81.48 50.88
CA GLY E 172 77.34 80.93 51.96
C GLY E 172 77.01 79.54 52.44
N VAL E 173 76.29 78.80 51.69
CA VAL E 173 75.97 77.43 52.08
C VAL E 173 77.00 76.53 51.46
N HIS E 174 77.48 75.57 52.23
CA HIS E 174 78.35 74.52 51.71
C HIS E 174 77.76 73.21 52.20
N THR E 175 77.28 72.40 51.29
CA THR E 175 76.93 71.03 51.62
C THR E 175 78.06 70.12 51.20
N PHE E 176 78.57 69.40 52.11
CA PHE E 176 79.79 68.66 51.82
C PHE E 176 79.51 67.33 51.17
N PRO E 177 80.50 66.80 50.46
CA PRO E 177 80.38 65.44 49.95
C PRO E 177 80.31 64.43 51.07
N ALA E 178 79.41 63.46 50.93
CA ALA E 178 79.25 62.47 51.97
C ALA E 178 80.50 61.63 52.13
N VAL E 179 80.62 60.96 53.29
CA VAL E 179 81.65 59.99 53.59
C VAL E 179 81.02 58.68 54.02
N LEU E 180 81.70 57.59 53.71
CA LEU E 180 81.27 56.26 54.09
C LEU E 180 81.85 55.90 55.45
N GLN E 181 80.99 55.58 56.41
CA GLN E 181 81.51 55.28 57.73
C GLN E 181 81.91 53.81 57.82
N SER E 182 82.44 53.41 58.97
CA SER E 182 82.80 52.01 59.14
C SER E 182 81.58 51.16 59.22
N SER E 183 80.47 51.75 59.66
CA SER E 183 79.23 51.01 59.70
C SER E 183 78.68 50.78 58.32
N GLY E 184 79.29 51.35 57.31
CA GLY E 184 78.75 51.22 55.99
C GLY E 184 77.61 52.15 55.70
N LEU E 185 77.38 53.15 56.54
CA LEU E 185 76.34 54.14 56.34
C LEU E 185 77.00 55.48 56.03
N TYR E 186 76.22 56.38 55.49
CA TYR E 186 76.76 57.64 55.05
C TYR E 186 76.46 58.74 56.05
N SER E 187 77.34 59.74 56.09
CA SER E 187 77.08 60.95 56.86
C SER E 187 77.59 62.14 56.09
N LEU E 188 76.82 63.20 56.06
CA LEU E 188 77.33 64.43 55.46
C LEU E 188 76.91 65.58 56.33
N SER E 189 77.62 66.66 56.19
CA SER E 189 77.30 67.88 56.89
C SER E 189 76.99 69.00 55.91
N SER E 190 75.99 69.80 56.25
CA SER E 190 75.70 71.04 55.56
C SER E 190 75.85 72.24 56.48
N VAL E 191 76.31 73.35 55.90
CA VAL E 191 76.81 74.46 56.69
C VAL E 191 76.48 75.79 56.03
N VAL E 192 76.16 76.80 56.85
CA VAL E 192 75.97 78.18 56.39
C VAL E 192 76.76 79.13 57.26
N THR E 193 77.29 80.17 56.64
CA THR E 193 77.85 81.28 57.39
C THR E 193 76.89 82.46 57.28
N VAL E 194 76.56 83.06 58.40
CA VAL E 194 75.57 84.14 58.38
C VAL E 194 76.09 85.28 59.24
N PRO E 195 75.53 86.47 59.10
CA PRO E 195 75.93 87.55 59.99
C PRO E 195 75.60 87.17 61.41
N SER E 196 76.53 87.43 62.32
CA SER E 196 76.29 87.07 63.71
C SER E 196 75.04 87.74 64.25
N SER E 197 74.77 88.95 63.80
CA SER E 197 73.60 89.69 64.27
C SER E 197 72.27 89.02 63.93
N SER E 198 72.18 88.31 62.82
CA SER E 198 70.90 87.74 62.43
C SER E 198 70.42 86.60 63.33
N LEU E 199 71.27 86.07 64.20
CA LEU E 199 70.83 85.03 65.14
C LEU E 199 69.87 85.56 66.18
N GLY E 200 68.80 84.82 66.41
CA GLY E 200 67.78 85.30 67.32
C GLY E 200 66.64 85.93 66.58
N THR E 201 66.97 86.78 65.60
CA THR E 201 65.96 87.48 64.83
C THR E 201 65.47 86.59 63.70
N GLN E 202 66.39 86.18 62.84
CA GLN E 202 66.12 85.35 61.68
C GLN E 202 66.21 83.87 62.02
N THR E 203 65.23 83.09 61.58
CA THR E 203 65.13 81.68 61.94
C THR E 203 65.58 80.80 60.79
N TYR E 204 66.55 79.92 61.09
CA TYR E 204 67.17 79.05 60.11
C TYR E 204 66.75 77.60 60.27
N ILE E 205 66.25 77.03 59.19
CA ILE E 205 65.82 75.63 59.14
C ILE E 205 66.42 74.95 57.94
N CYS E 206 67.13 73.84 58.16
CA CYS E 206 67.60 73.03 57.03
C CYS E 206 66.56 71.95 56.75
N ASN E 207 66.39 71.64 55.47
CA ASN E 207 65.40 70.70 54.94
C ASN E 207 66.18 69.56 54.30
N VAL E 208 66.22 68.45 54.98
CA VAL E 208 66.92 67.27 54.52
C VAL E 208 65.97 66.39 53.74
N ASN E 209 66.44 65.73 52.70
CA ASN E 209 65.56 64.89 51.90
C ASN E 209 66.27 63.64 51.42
N HIS E 210 65.71 62.49 51.79
CA HIS E 210 66.24 61.19 51.39
C HIS E 210 65.11 60.40 50.77
N LYS E 211 65.02 60.47 49.45
CA LYS E 211 63.92 59.79 48.79
C LYS E 211 63.97 58.28 48.97
N PRO E 212 65.13 57.61 48.89
CA PRO E 212 65.14 56.15 49.06
C PRO E 212 64.49 55.66 50.34
N SER E 213 64.37 56.49 51.37
CA SER E 213 63.62 56.07 52.55
C SER E 213 62.38 56.91 52.74
N ASN E 214 62.10 57.81 51.79
CA ASN E 214 60.95 58.73 51.86
C ASN E 214 60.90 59.50 53.16
N THR E 215 62.04 59.82 53.72
CA THR E 215 62.07 60.61 54.93
C THR E 215 62.39 62.06 54.59
N LYS E 216 61.56 62.97 55.09
CA LYS E 216 61.74 64.40 54.87
C LYS E 216 61.72 65.12 56.22
N VAL E 217 62.92 65.50 56.71
CA VAL E 217 63.08 66.18 58.00
C VAL E 217 63.32 67.66 57.80
N ASP E 218 62.71 68.46 58.65
CA ASP E 218 62.99 69.89 58.76
C ASP E 218 63.45 70.17 60.18
N LYS E 219 64.74 70.48 60.33
CA LYS E 219 65.31 70.70 61.65
C LYS E 219 65.57 72.19 61.79
N ARG E 220 64.95 72.77 62.79
CA ARG E 220 65.20 74.15 63.14
C ARG E 220 66.53 74.16 63.85
N VAL E 221 67.32 75.20 63.63
CA VAL E 221 68.63 75.26 64.26
C VAL E 221 68.66 76.46 65.20
N GLU E 222 68.80 76.13 66.68
CA GLU E 222 68.78 77.21 67.66
C GLU E 222 70.18 77.55 68.16
N PRO E 223 70.46 78.81 68.44
CA PRO E 223 71.68 79.14 69.17
C PRO E 223 71.65 78.62 70.61
N LYS E 224 72.82 78.65 71.24
CA LYS E 224 73.02 78.28 72.63
C LYS E 224 74.13 79.16 73.19
N SER E 225 74.34 79.06 74.51
CA SER E 225 75.44 79.74 75.23
C SER E 225 76.81 79.12 74.96
N GLU F 1 98.62 46.41 29.50
CA GLU F 1 99.84 47.19 29.26
C GLU F 1 99.66 48.38 28.32
N ILE F 2 100.77 49.05 28.00
CA ILE F 2 100.72 50.42 27.49
C ILE F 2 99.95 51.23 28.51
N VAL F 3 100.61 51.58 29.57
CA VAL F 3 100.02 52.40 30.60
C VAL F 3 100.52 53.81 30.40
N LEU F 4 99.65 54.78 30.65
CA LEU F 4 99.90 56.19 30.40
C LEU F 4 99.89 56.93 31.72
N THR F 5 101.02 57.53 32.09
CA THR F 5 101.08 58.36 33.29
C THR F 5 101.04 59.82 32.88
N GLN F 6 100.12 60.57 33.45
CA GLN F 6 99.99 61.98 33.15
C GLN F 6 100.72 62.83 34.16
N SER F 7 101.32 63.90 33.68
CA SER F 7 102.08 64.77 34.52
C SER F 7 101.65 66.23 34.35
N PRO F 8 101.38 66.93 35.44
CA PRO F 8 101.28 66.58 36.84
C PRO F 8 99.87 66.23 37.25
N GLY F 9 99.73 65.66 38.43
CA GLY F 9 98.42 65.26 38.90
C GLY F 9 97.45 66.41 38.97
N THR F 10 97.92 67.58 39.36
CA THR F 10 97.12 68.78 39.35
C THR F 10 97.93 69.90 38.71
N LEU F 11 97.25 70.92 38.23
CA LEU F 11 97.92 72.04 37.58
C LEU F 11 97.15 73.28 37.98
N SER F 12 97.75 74.17 38.76
CA SER F 12 97.08 75.39 39.20
C SER F 12 97.42 76.55 38.29
N LEU F 13 96.41 77.09 37.61
CA LEU F 13 96.57 78.24 36.73
C LEU F 13 95.38 79.18 36.76
N SER F 14 95.64 80.46 36.64
CA SER F 14 94.57 81.44 36.62
C SER F 14 94.11 81.63 35.20
N PRO F 15 92.87 82.05 35.00
CA PRO F 15 92.34 82.20 33.65
C PRO F 15 93.19 83.13 32.83
N GLY F 16 93.15 82.92 31.52
CA GLY F 16 93.94 83.71 30.60
C GLY F 16 95.33 83.17 30.35
N GLU F 17 95.70 82.06 30.97
CA GLU F 17 97.07 81.55 30.99
C GLU F 17 97.22 80.29 30.15
N ARG F 18 98.41 80.04 29.60
CA ARG F 18 98.66 78.79 28.85
C ARG F 18 98.80 77.60 29.78
N ALA F 19 98.03 76.55 29.51
CA ALA F 19 98.15 75.26 30.20
C ALA F 19 98.71 74.22 29.26
N THR F 20 99.74 73.52 29.68
CA THR F 20 100.22 72.39 28.91
C THR F 20 100.29 71.13 29.76
N LEU F 21 99.39 70.19 29.52
CA LEU F 21 99.36 68.93 30.22
C LEU F 21 100.20 67.96 29.40
N SER F 22 100.79 66.97 30.02
CA SER F 22 101.52 66.02 29.20
C SER F 22 101.07 64.62 29.55
N CYS F 23 101.36 63.69 28.64
CA CYS F 23 100.89 62.31 28.73
C CYS F 23 102.00 61.48 28.12
N ARG F 24 102.65 60.63 28.92
CA ARG F 24 103.77 59.82 28.52
C ARG F 24 103.38 58.34 28.54
N ALA F 25 103.94 57.56 27.64
CA ALA F 25 103.50 56.18 27.50
C ALA F 25 104.57 55.18 27.89
N SER F 26 104.15 54.03 28.41
CA SER F 26 105.11 52.99 28.75
C SER F 26 105.72 52.28 27.53
N GLN F 27 105.04 52.26 26.37
CA GLN F 27 105.50 51.62 25.14
C GLN F 27 105.43 52.65 24.03
N SER F 28 106.21 52.65 22.98
CA SER F 28 105.91 53.66 21.93
C SER F 28 104.42 53.63 21.56
N VAL F 29 103.95 54.65 20.85
CA VAL F 29 102.55 54.72 20.43
C VAL F 29 102.45 54.68 18.91
N SER F 30 101.71 53.70 18.40
CA SER F 30 101.52 53.55 16.96
C SER F 30 101.02 54.84 16.32
N SER F 31 101.90 55.50 15.56
CA SER F 31 101.58 56.75 14.88
C SER F 31 100.94 57.76 15.83
N SER F 32 99.65 58.03 15.61
CA SER F 32 98.93 58.96 16.44
C SER F 32 97.61 58.23 16.68
N TYR F 33 97.58 57.41 17.72
CA TYR F 33 96.33 56.86 18.20
C TYR F 33 96.17 57.26 19.67
N LEU F 34 96.03 58.56 19.90
CA LEU F 34 95.84 59.09 21.24
C LEU F 34 94.77 60.17 21.26
N ALA F 35 93.78 60.00 22.11
CA ALA F 35 92.75 61.02 22.29
C ALA F 35 92.96 61.75 23.61
N TRP F 36 92.29 62.89 23.75
CA TRP F 36 92.28 63.66 24.99
C TRP F 36 90.85 64.00 25.35
N TYR F 37 90.47 63.76 26.58
CA TYR F 37 89.12 64.01 27.07
C TYR F 37 89.10 65.09 28.14
N GLN F 38 87.90 65.62 28.41
CA GLN F 38 87.69 66.62 29.45
C GLN F 38 86.50 66.21 30.31
N GLN F 39 86.75 65.99 31.59
CA GLN F 39 85.70 65.62 32.51
C GLN F 39 85.51 66.70 33.56
N LYS F 40 84.32 67.25 33.61
CA LYS F 40 83.90 68.14 34.66
C LYS F 40 83.10 67.31 35.64
N PRO F 41 83.09 67.64 36.92
CA PRO F 41 82.55 66.71 37.90
C PRO F 41 81.06 66.53 37.75
N GLY F 42 80.63 65.29 37.82
CA GLY F 42 79.23 65.01 37.67
C GLY F 42 78.83 64.70 36.25
N GLN F 43 79.70 64.93 35.28
CA GLN F 43 79.34 64.67 33.90
C GLN F 43 80.26 63.60 33.36
N ALA F 44 79.88 63.04 32.25
CA ALA F 44 80.77 62.14 31.57
C ALA F 44 81.72 62.93 30.68
N PRO F 45 82.84 62.35 30.27
CA PRO F 45 83.81 63.09 29.47
C PRO F 45 83.27 63.60 28.15
N ARG F 46 83.93 64.63 27.65
CA ARG F 46 83.66 65.23 26.35
C ARG F 46 84.92 64.90 25.57
N LEU F 47 84.79 64.50 24.32
CA LEU F 47 85.99 64.18 23.55
C LEU F 47 86.59 65.46 22.99
N LEU F 48 87.87 65.69 23.29
CA LEU F 48 88.54 66.87 22.78
C LEU F 48 89.37 66.60 21.52
N ILE F 49 90.39 65.77 21.62
CA ILE F 49 91.31 65.52 20.53
C ILE F 49 91.29 64.05 20.19
N TYR F 50 91.36 63.74 18.92
CA TYR F 50 91.63 62.39 18.49
C TYR F 50 92.83 62.37 17.60
N GLY F 51 93.16 61.20 17.12
CA GLY F 51 94.36 61.13 16.34
C GLY F 51 95.53 61.40 17.24
N ALA F 52 95.99 62.62 17.24
CA ALA F 52 96.88 63.03 18.30
C ALA F 52 96.76 64.53 18.40
N SER F 53 96.54 65.13 17.24
CA SER F 53 96.33 66.57 17.15
C SER F 53 95.05 66.99 16.44
N SER F 54 94.19 66.06 16.08
CA SER F 54 92.96 66.43 15.39
C SER F 54 91.88 66.88 16.37
N ARG F 55 91.48 68.11 16.25
CA ARG F 55 90.48 68.65 17.14
C ARG F 55 89.12 68.06 16.79
N ALA F 56 88.39 67.58 17.77
CA ALA F 56 87.09 67.02 17.45
C ALA F 56 86.15 68.14 17.10
N THR F 57 85.22 67.87 16.19
CA THR F 57 84.33 68.94 15.77
C THR F 57 83.51 69.38 16.95
N GLY F 58 83.37 70.69 17.10
CA GLY F 58 82.78 71.29 18.26
C GLY F 58 83.82 71.93 19.15
N ILE F 59 85.03 71.39 19.16
CA ILE F 59 86.03 71.82 20.11
C ILE F 59 86.63 73.13 19.65
N PRO F 60 86.61 74.15 20.51
CA PRO F 60 87.22 75.44 20.21
C PRO F 60 88.71 75.36 19.94
N ASP F 61 89.17 76.41 19.31
CA ASP F 61 90.50 76.47 18.73
C ASP F 61 91.61 76.43 19.76
N ARG F 62 91.37 76.96 20.96
CA ARG F 62 92.39 76.99 22.01
C ARG F 62 92.96 75.62 22.36
N PHE F 63 92.17 74.56 22.29
CA PHE F 63 92.66 73.21 22.50
C PHE F 63 93.48 72.71 21.31
N SER F 64 94.71 72.29 21.54
CA SER F 64 95.53 71.80 20.42
C SER F 64 96.41 70.64 20.90
N GLY F 65 96.40 69.54 20.17
CA GLY F 65 97.21 68.39 20.52
C GLY F 65 98.51 68.32 19.77
N SER F 66 99.44 67.54 20.28
CA SER F 66 100.70 67.31 19.60
C SER F 66 101.42 66.18 20.30
N GLY F 67 102.61 65.87 19.79
CA GLY F 67 103.50 64.86 20.33
C GLY F 67 103.46 63.55 19.53
N SER F 68 104.40 62.65 19.84
CA SER F 68 104.52 61.39 19.13
C SER F 68 105.45 60.45 19.88
N GLY F 69 105.28 59.18 19.63
CA GLY F 69 106.17 58.23 20.28
C GLY F 69 105.69 58.01 21.68
N THR F 70 106.46 58.44 22.66
CA THR F 70 106.03 58.32 24.04
C THR F 70 105.76 59.67 24.70
N ASP F 71 105.66 60.76 23.94
CA ASP F 71 105.48 62.08 24.51
C ASP F 71 104.37 62.80 23.79
N PHE F 72 103.27 63.03 24.47
CA PHE F 72 102.19 63.80 23.90
C PHE F 72 101.88 64.93 24.86
N THR F 73 101.37 66.01 24.31
CA THR F 73 100.98 67.11 25.15
C THR F 73 99.69 67.66 24.60
N LEU F 74 98.87 68.17 25.50
CA LEU F 74 97.63 68.86 25.19
C LEU F 74 97.78 70.28 25.69
N THR F 75 97.62 71.24 24.80
CA THR F 75 97.82 72.64 25.12
C THR F 75 96.54 73.43 25.00
N ILE F 76 96.21 74.20 26.03
CA ILE F 76 95.12 75.15 26.01
C ILE F 76 95.73 76.53 26.05
N THR F 77 95.36 77.38 25.12
CA THR F 77 96.18 78.58 25.00
C THR F 77 95.71 79.75 25.85
N ARG F 78 94.41 79.93 26.06
CA ARG F 78 93.92 80.90 27.05
C ARG F 78 92.85 80.14 27.78
N LEU F 79 93.14 79.76 29.00
CA LEU F 79 92.14 79.09 29.79
C LEU F 79 90.93 79.96 29.95
N GLU F 80 89.80 79.47 29.48
CA GLU F 80 88.54 80.09 29.80
C GLU F 80 88.03 79.50 31.09
N PRO F 81 87.03 80.11 31.71
CA PRO F 81 86.44 79.49 32.90
C PRO F 81 85.85 78.12 32.67
N GLU F 82 85.33 77.87 31.49
CA GLU F 82 84.79 76.54 31.22
C GLU F 82 85.87 75.47 31.29
N ASP F 83 87.09 75.82 30.94
CA ASP F 83 88.18 74.87 30.74
C ASP F 83 88.72 74.25 31.99
N PHE F 84 88.26 74.64 33.18
CA PHE F 84 88.80 74.09 34.42
C PHE F 84 88.11 72.79 34.77
N ALA F 85 88.85 71.68 34.72
CA ALA F 85 88.28 70.34 34.69
C ALA F 85 89.40 69.33 34.81
N VAL F 86 89.06 68.07 34.72
CA VAL F 86 90.04 67.02 34.71
C VAL F 86 90.24 66.58 33.29
N TYR F 87 91.46 66.29 32.90
CA TYR F 87 91.77 65.95 31.52
C TYR F 87 92.43 64.60 31.46
N TYR F 88 91.79 63.69 30.77
CA TYR F 88 92.31 62.35 30.61
C TYR F 88 92.86 62.18 29.20
N CYS F 89 94.01 61.54 29.08
CA CYS F 89 94.53 61.09 27.80
C CYS F 89 94.23 59.61 27.68
N GLN F 90 93.94 59.17 26.46
CA GLN F 90 93.59 57.78 26.21
C GLN F 90 94.32 57.28 24.98
N GLN F 91 94.82 56.05 25.04
CA GLN F 91 95.45 55.40 23.89
C GLN F 91 94.55 54.34 23.29
N TYR F 92 94.74 54.05 22.01
CA TYR F 92 93.91 53.07 21.35
C TYR F 92 94.64 52.40 20.20
N VAL F 93 95.92 52.09 20.40
CA VAL F 93 96.57 51.26 19.43
C VAL F 93 96.24 49.82 19.67
N SER F 94 96.00 49.42 20.90
CA SER F 94 95.73 48.01 21.07
C SER F 94 94.91 47.79 22.31
N THR F 95 94.05 46.81 22.26
CA THR F 95 93.34 46.44 23.45
C THR F 95 94.34 45.83 24.38
N PRO F 96 94.17 46.05 25.67
CA PRO F 96 93.04 46.76 26.28
C PRO F 96 93.18 48.28 26.22
N LEU F 97 92.09 48.99 25.96
CA LEU F 97 92.15 50.44 25.98
C LEU F 97 92.53 50.92 27.35
N THR F 98 93.43 51.88 27.43
CA THR F 98 93.88 52.39 28.70
C THR F 98 93.82 53.89 28.73
N PHE F 99 93.41 54.47 29.87
CA PHE F 99 93.42 55.92 30.04
C PHE F 99 94.61 56.38 30.88
N GLY F 100 94.72 57.69 31.02
CA GLY F 100 95.71 58.25 31.89
C GLY F 100 95.19 58.41 33.29
N GLY F 101 96.07 58.87 34.19
CA GLY F 101 95.68 59.14 35.55
C GLY F 101 94.75 60.32 35.68
N GLY F 102 94.91 61.31 34.83
CA GLY F 102 94.15 62.52 34.89
C GLY F 102 94.96 63.64 35.47
N THR F 103 94.81 64.83 34.92
CA THR F 103 95.33 66.08 35.46
C THR F 103 94.11 66.91 35.81
N LYS F 104 94.08 67.51 36.98
CA LYS F 104 93.01 68.43 37.31
C LYS F 104 93.57 69.83 37.18
N VAL F 105 93.08 70.61 36.22
CA VAL F 105 93.42 72.03 36.21
C VAL F 105 92.43 72.74 37.10
N GLU F 106 92.96 73.49 38.05
CA GLU F 106 92.20 74.26 39.01
C GLU F 106 92.57 75.72 38.89
N ILE F 107 91.72 76.57 39.44
CA ILE F 107 91.96 78.00 39.41
C ILE F 107 93.00 78.42 40.43
N LYS F 108 94.14 78.93 39.99
CA LYS F 108 95.11 79.55 40.89
C LYS F 108 94.56 80.89 41.38
N ARG F 109 94.75 81.19 42.66
CA ARG F 109 94.31 82.43 43.30
C ARG F 109 95.15 82.73 44.54
N THR F 110 94.89 83.89 45.12
CA THR F 110 95.62 84.35 46.30
C THR F 110 95.41 83.43 47.49
N VAL F 111 96.45 83.29 48.31
CA VAL F 111 96.36 82.43 49.47
C VAL F 111 95.29 82.93 50.38
N ALA F 112 94.49 82.02 50.92
CA ALA F 112 93.40 82.48 51.77
C ALA F 112 93.22 81.50 52.90
N ALA F 113 93.40 81.98 54.10
CA ALA F 113 93.37 81.14 55.28
C ALA F 113 91.94 80.85 55.71
N PRO F 114 91.71 79.73 56.34
CA PRO F 114 90.35 79.34 56.74
C PRO F 114 89.76 80.06 57.94
N SER F 115 88.47 80.29 57.90
CA SER F 115 87.71 80.48 59.12
C SER F 115 87.52 79.10 59.74
N VAL F 116 87.85 78.93 61.01
CA VAL F 116 87.73 77.64 61.66
C VAL F 116 86.64 77.69 62.70
N PHE F 117 85.68 76.80 62.57
CA PHE F 117 84.60 76.69 63.52
C PHE F 117 84.62 75.29 64.12
N ILE F 118 84.04 75.14 65.30
CA ILE F 118 83.90 73.83 65.91
C ILE F 118 82.52 73.71 66.54
N PHE F 119 81.94 72.53 66.42
CA PHE F 119 80.57 72.29 66.86
C PHE F 119 80.55 71.13 67.81
N PRO F 120 80.26 71.34 69.09
CA PRO F 120 80.12 70.22 69.99
C PRO F 120 78.85 69.45 69.66
N PRO F 121 78.80 68.18 69.97
CA PRO F 121 77.65 67.38 69.54
C PRO F 121 76.37 67.92 70.17
N SER F 122 75.26 67.67 69.50
CA SER F 122 73.95 68.13 69.92
C SER F 122 73.45 67.27 71.06
N ASP F 123 72.45 67.78 71.77
CA ASP F 123 71.89 66.99 72.85
C ASP F 123 71.13 65.82 72.31
N GLU F 124 70.25 66.10 71.35
CA GLU F 124 69.46 65.10 70.64
C GLU F 124 70.31 63.90 70.27
N GLN F 125 71.48 64.15 69.69
CA GLN F 125 72.36 63.05 69.32
C GLN F 125 72.88 62.38 70.55
N LEU F 126 73.17 63.16 71.58
CA LEU F 126 73.81 62.60 72.73
C LEU F 126 72.87 61.61 73.43
N LYS F 127 71.56 61.73 73.24
CA LYS F 127 70.65 60.76 73.82
C LYS F 127 70.71 59.40 73.15
N SER F 128 71.25 59.31 71.94
CA SER F 128 71.27 58.03 71.24
C SER F 128 72.64 57.35 71.30
N GLY F 129 73.46 57.71 72.26
CA GLY F 129 74.63 56.91 72.57
C GLY F 129 75.86 57.13 71.73
N THR F 130 75.87 58.11 70.84
CA THR F 130 77.10 58.48 70.15
C THR F 130 77.19 60.00 70.07
N ALA F 131 78.43 60.47 69.92
CA ALA F 131 78.78 61.88 69.88
C ALA F 131 79.70 62.18 68.72
N SER F 132 79.33 63.13 67.88
CA SER F 132 80.10 63.53 66.71
C SER F 132 80.54 64.97 66.84
N VAL F 133 81.83 65.22 66.88
CA VAL F 133 82.34 66.59 66.95
C VAL F 133 82.73 67.02 65.57
N VAL F 134 82.23 68.14 65.13
CA VAL F 134 82.52 68.65 63.81
C VAL F 134 83.44 69.85 63.86
N CYS F 135 84.51 69.81 63.08
CA CYS F 135 85.41 70.94 62.92
C CYS F 135 85.32 71.35 61.45
N LEU F 136 85.19 72.64 61.18
CA LEU F 136 84.91 73.11 59.83
C LEU F 136 85.88 74.21 59.43
N LEU F 137 86.59 74.01 58.34
CA LEU F 137 87.48 75.01 57.78
C LEU F 137 86.80 75.65 56.60
N ASN F 138 86.54 76.94 56.68
CA ASN F 138 85.74 77.62 55.68
C ASN F 138 86.53 78.54 54.76
N ASN F 139 86.35 78.35 53.45
CA ASN F 139 86.90 79.21 52.41
C ASN F 139 88.41 79.38 52.46
N PHE F 140 89.12 78.29 52.34
CA PHE F 140 90.57 78.31 52.33
C PHE F 140 91.12 77.96 50.96
N TYR F 141 92.28 78.52 50.65
CA TYR F 141 92.99 78.13 49.46
C TYR F 141 94.46 78.31 49.63
N PRO F 142 95.27 77.31 49.19
CA PRO F 142 95.03 76.06 48.43
C PRO F 142 94.38 74.93 49.19
N ARG F 143 94.16 73.82 48.49
CA ARG F 143 93.39 72.72 49.04
C ARG F 143 94.15 71.93 50.06
N GLU F 144 95.48 71.95 50.01
CA GLU F 144 96.31 71.33 51.03
C GLU F 144 96.09 71.88 52.46
N ALA F 145 95.46 71.07 53.32
CA ALA F 145 95.22 71.46 54.70
C ALA F 145 95.26 70.23 55.60
N LYS F 146 95.76 70.39 56.82
CA LYS F 146 95.91 69.31 57.78
C LYS F 146 95.05 69.55 59.01
N VAL F 147 94.23 68.58 59.38
CA VAL F 147 93.38 68.67 60.56
C VAL F 147 93.67 67.55 61.54
N GLN F 148 94.06 67.90 62.77
CA GLN F 148 94.21 66.92 63.83
C GLN F 148 93.18 67.12 64.93
N TRP F 149 92.70 66.03 65.48
CA TRP F 149 91.85 66.10 66.64
C TRP F 149 92.65 65.75 67.87
N LYS F 150 92.46 66.53 68.92
CA LYS F 150 93.05 66.26 70.22
C LYS F 150 91.94 66.34 71.25
N VAL F 151 91.80 65.33 72.10
CA VAL F 151 90.86 65.36 73.22
C VAL F 151 91.62 65.14 74.50
N ASP F 152 91.42 66.05 75.46
CA ASP F 152 92.25 66.16 76.64
C ASP F 152 93.72 66.03 76.26
N ASN F 153 94.12 66.88 75.33
CA ASN F 153 95.49 66.91 74.84
C ASN F 153 95.97 65.61 74.20
N ALA F 154 95.11 64.61 74.06
CA ALA F 154 95.51 63.30 73.53
C ALA F 154 95.14 63.20 72.06
N LEU F 155 96.09 62.82 71.21
CA LEU F 155 95.90 62.89 69.77
C LEU F 155 95.05 61.75 69.22
N GLN F 156 93.82 62.07 68.82
CA GLN F 156 92.94 61.10 68.17
C GLN F 156 93.49 60.61 66.84
N SER F 157 93.16 59.37 66.49
CA SER F 157 93.91 58.68 65.45
C SER F 157 93.09 57.89 64.45
N GLY F 158 91.99 57.25 64.86
CA GLY F 158 91.31 56.42 63.90
C GLY F 158 89.85 56.65 63.65
N ASN F 159 89.32 57.75 64.14
CA ASN F 159 87.90 57.98 64.24
C ASN F 159 87.48 59.29 63.60
N SER F 160 88.35 59.93 62.85
CA SER F 160 87.96 61.16 62.19
C SER F 160 87.67 60.89 60.72
N GLN F 161 87.13 61.90 60.05
CA GLN F 161 86.77 61.69 58.66
C GLN F 161 86.45 62.99 57.93
N GLU F 162 87.30 63.37 56.99
CA GLU F 162 87.25 64.63 56.25
C GLU F 162 86.46 64.46 54.97
N SER F 163 86.03 65.57 54.40
CA SER F 163 85.59 65.56 53.01
C SER F 163 85.59 66.99 52.50
N VAL F 164 86.13 67.24 51.34
CA VAL F 164 86.27 68.60 50.85
C VAL F 164 85.25 68.93 49.77
N THR F 165 84.81 70.17 49.74
CA THR F 165 83.95 70.63 48.67
C THR F 165 84.77 70.84 47.42
N GLU F 166 84.11 71.24 46.35
CA GLU F 166 84.83 71.60 45.14
C GLU F 166 85.02 73.11 45.04
N GLN F 167 85.99 73.51 44.22
CA GLN F 167 86.30 74.93 44.06
C GLN F 167 85.07 75.74 43.82
N ASP F 168 85.01 76.87 44.48
CA ASP F 168 83.82 77.68 44.42
C ASP F 168 83.68 78.37 43.09
N SER F 169 82.44 78.44 42.61
CA SER F 169 82.16 79.16 41.38
C SER F 169 82.54 80.62 41.50
N LYS F 170 82.37 81.18 42.69
CA LYS F 170 82.56 82.62 42.89
C LYS F 170 83.96 83.03 43.33
N ASP F 171 84.39 82.62 44.53
CA ASP F 171 85.73 82.98 45.02
C ASP F 171 86.76 81.89 44.81
N SER F 172 86.41 80.83 44.09
CA SER F 172 87.31 79.71 43.83
C SER F 172 88.20 79.33 45.02
N THR F 173 87.56 79.26 46.18
CA THR F 173 88.15 78.78 47.41
C THR F 173 87.55 77.45 47.78
N TYR F 174 88.24 76.69 48.62
CA TYR F 174 87.74 75.40 49.09
C TYR F 174 87.07 75.49 50.45
N SER F 175 86.45 74.39 50.86
CA SER F 175 85.91 74.27 52.21
C SER F 175 85.99 72.81 52.67
N LEU F 176 86.27 72.59 53.95
CA LEU F 176 86.57 71.26 54.48
C LEU F 176 85.82 71.00 55.77
N SER F 177 85.41 69.75 55.98
CA SER F 177 84.70 69.37 57.21
C SER F 177 85.08 67.99 57.69
N SER F 178 85.94 67.90 58.69
CA SER F 178 86.17 66.63 59.35
C SER F 178 85.26 66.51 60.54
N THR F 179 84.82 65.30 60.80
CA THR F 179 84.01 65.05 61.98
C THR F 179 84.56 63.88 62.77
N LEU F 180 84.58 64.04 64.07
CA LEU F 180 85.14 63.09 65.02
C LEU F 180 83.98 62.47 65.77
N THR F 181 83.90 61.15 65.76
CA THR F 181 82.78 60.44 66.34
C THR F 181 83.27 59.54 67.47
N LEU F 182 82.56 59.57 68.60
CA LEU F 182 82.94 58.83 69.80
C LEU F 182 81.68 58.24 70.40
N SER F 183 81.84 57.20 71.22
CA SER F 183 80.71 56.72 71.98
C SER F 183 80.34 57.73 73.05
N LYS F 184 79.03 57.86 73.32
CA LYS F 184 78.61 58.75 74.40
C LYS F 184 79.39 58.45 75.67
N ALA F 185 79.70 57.17 75.89
CA ALA F 185 80.60 56.79 76.96
C ALA F 185 81.86 57.64 76.92
N ASP F 186 82.59 57.55 75.83
CA ASP F 186 83.87 58.23 75.73
C ASP F 186 83.71 59.73 75.67
N TYR F 187 82.69 60.24 75.00
CA TYR F 187 82.56 61.69 74.96
C TYR F 187 82.45 62.26 76.34
N GLU F 188 81.70 61.60 77.23
CA GLU F 188 81.51 62.09 78.59
C GLU F 188 82.73 61.91 79.48
N LYS F 189 83.64 61.03 79.14
CA LYS F 189 84.81 60.85 79.98
C LYS F 189 85.87 61.93 79.84
N HIS F 190 85.72 62.91 78.96
CA HIS F 190 86.78 63.87 78.75
C HIS F 190 86.21 65.28 78.66
N LYS F 191 87.02 66.26 79.10
CA LYS F 191 86.50 67.62 79.20
C LYS F 191 86.72 68.51 77.97
N VAL F 192 87.96 68.69 77.52
CA VAL F 192 88.27 69.67 76.48
C VAL F 192 88.52 69.02 75.13
N TYR F 193 87.84 69.51 74.10
CA TYR F 193 87.92 68.95 72.75
C TYR F 193 88.41 70.02 71.77
N ALA F 194 89.53 69.77 71.10
CA ALA F 194 90.13 70.73 70.18
C ALA F 194 90.53 70.10 68.85
N CYS F 195 90.30 70.83 67.76
CA CYS F 195 90.82 70.51 66.43
C CYS F 195 91.85 71.55 66.03
N GLU F 196 93.03 71.10 65.62
CA GLU F 196 94.19 71.96 65.30
C GLU F 196 94.47 71.96 63.81
N VAL F 197 94.42 73.13 63.19
CA VAL F 197 94.42 73.27 61.73
C VAL F 197 95.72 73.89 61.24
N THR F 198 96.40 73.22 60.31
CA THR F 198 97.61 73.75 59.67
C THR F 198 97.38 73.96 58.18
N HIS F 199 97.48 75.21 57.76
CA HIS F 199 97.34 75.70 56.40
C HIS F 199 98.37 76.82 56.24
N GLN F 200 98.79 77.15 55.03
CA GLN F 200 99.78 78.18 54.84
C GLN F 200 99.33 79.55 55.19
N GLY F 201 98.08 79.84 55.08
CA GLY F 201 97.62 81.16 55.42
C GLY F 201 97.82 81.40 56.88
N LEU F 202 97.47 80.44 57.69
CA LEU F 202 97.62 80.60 59.11
C LEU F 202 99.07 80.79 59.49
N SER F 203 99.42 82.00 59.90
CA SER F 203 100.77 82.29 60.34
C SER F 203 101.19 81.14 61.20
N SER F 204 100.25 80.65 62.00
CA SER F 204 100.49 79.53 62.87
C SER F 204 99.22 78.86 63.27
N PRO F 205 99.25 77.55 63.32
CA PRO F 205 98.22 76.57 63.58
C PRO F 205 97.11 77.08 64.46
N VAL F 206 96.03 77.56 63.91
CA VAL F 206 94.96 78.01 64.74
C VAL F 206 94.32 76.76 65.28
N THR F 207 93.94 76.76 66.54
CA THR F 207 93.32 75.59 67.13
C THR F 207 92.09 76.07 67.90
N LYS F 208 90.89 75.70 67.43
CA LYS F 208 89.65 76.02 68.10
C LYS F 208 89.26 74.85 68.97
N SER F 209 88.65 75.13 70.11
CA SER F 209 88.34 74.08 71.07
C SER F 209 87.15 74.46 71.93
N PHE F 210 86.72 73.52 72.77
CA PHE F 210 85.63 73.82 73.68
C PHE F 210 85.65 72.84 74.84
N ASN F 211 85.25 73.31 76.02
CA ASN F 211 85.00 72.47 77.18
C ASN F 211 83.58 71.94 77.23
N ARG F 212 83.42 70.74 77.80
CA ARG F 212 82.12 70.07 77.80
C ARG F 212 81.25 70.72 78.86
N GLY F 213 80.56 71.79 78.48
CA GLY F 213 79.76 72.49 79.46
C GLY F 213 79.31 73.89 79.05
N GLN G 1 -79.89 -48.97 19.45
CA GLN G 1 -79.34 -47.62 19.64
C GLN G 1 -80.23 -46.57 18.95
N VAL G 2 -81.03 -46.98 17.99
CA VAL G 2 -81.76 -46.08 17.10
C VAL G 2 -82.84 -45.30 17.82
N GLN G 3 -82.55 -44.04 18.12
CA GLN G 3 -83.43 -43.15 18.85
C GLN G 3 -83.42 -41.77 18.26
N LEU G 4 -84.58 -41.14 18.27
CA LEU G 4 -84.72 -39.74 17.93
C LEU G 4 -84.81 -38.93 19.21
N VAL G 5 -84.01 -37.88 19.32
CA VAL G 5 -83.86 -37.12 20.53
C VAL G 5 -84.35 -35.69 20.34
N GLN G 6 -85.51 -35.38 20.90
CA GLN G 6 -86.15 -34.08 20.72
C GLN G 6 -85.47 -32.99 21.55
N SER G 7 -85.61 -31.75 21.10
CA SER G 7 -85.13 -30.64 21.89
C SER G 7 -86.07 -30.33 23.06
N GLY G 8 -85.58 -29.49 23.97
CA GLY G 8 -86.34 -29.11 25.15
C GLY G 8 -87.62 -28.35 24.84
N ALA G 9 -88.59 -28.44 25.76
CA ALA G 9 -89.88 -27.78 25.63
C ALA G 9 -89.78 -26.27 25.74
N GLU G 10 -90.66 -25.57 25.01
CA GLU G 10 -90.55 -24.11 24.88
C GLU G 10 -91.89 -23.39 24.98
N VAL G 11 -91.78 -22.13 25.38
CA VAL G 11 -92.89 -21.22 25.51
C VAL G 11 -92.54 -19.91 24.82
N LYS G 12 -93.26 -19.58 23.76
CA LYS G 12 -93.01 -18.40 22.95
C LYS G 12 -94.27 -17.55 22.85
N LYS G 13 -94.08 -16.25 22.68
CA LYS G 13 -95.20 -15.32 22.67
C LYS G 13 -95.89 -15.43 21.34
N PRO G 14 -97.18 -15.09 21.27
CA PRO G 14 -97.88 -15.17 19.99
C PRO G 14 -97.26 -14.20 18.99
N GLY G 15 -97.27 -14.62 17.74
CA GLY G 15 -96.66 -13.90 16.64
C GLY G 15 -95.25 -14.34 16.29
N SER G 16 -94.45 -14.74 17.26
CA SER G 16 -93.06 -15.04 16.96
C SER G 16 -92.92 -16.39 16.27
N SER G 17 -91.72 -16.96 16.22
CA SER G 17 -91.47 -18.23 15.59
C SER G 17 -90.89 -19.21 16.58
N VAL G 18 -91.02 -20.50 16.26
CA VAL G 18 -90.40 -21.56 17.01
C VAL G 18 -89.62 -22.48 16.07
N GLN G 19 -88.56 -23.08 16.60
CA GLN G 19 -87.80 -24.13 15.93
C GLN G 19 -87.51 -25.31 16.83
N VAL G 20 -88.01 -26.48 16.46
CA VAL G 20 -87.78 -27.71 17.20
C VAL G 20 -86.76 -28.58 16.48
N SER G 21 -85.74 -29.02 17.17
CA SER G 21 -84.74 -29.88 16.60
C SER G 21 -85.06 -31.33 16.95
N CYS G 22 -84.30 -32.27 16.37
CA CYS G 22 -84.53 -33.72 16.56
C CYS G 22 -83.31 -34.50 16.09
N ARG G 23 -82.39 -34.86 16.99
CA ARG G 23 -81.15 -35.53 16.61
C ARG G 23 -81.29 -37.04 16.65
N ALA G 24 -81.18 -37.67 15.50
CA ALA G 24 -81.14 -39.11 15.51
C ALA G 24 -79.82 -39.55 16.05
N SER G 25 -79.74 -40.78 16.46
CA SER G 25 -78.49 -41.24 16.94
C SER G 25 -78.33 -42.70 16.62
N GLY G 26 -78.19 -43.03 15.36
CA GLY G 26 -78.02 -44.41 14.97
C GLY G 26 -78.17 -44.60 13.50
N GLY G 27 -77.22 -45.26 12.86
CA GLY G 27 -77.26 -45.49 11.43
C GLY G 27 -76.71 -44.32 10.70
N THR G 28 -76.84 -44.32 9.38
CA THR G 28 -76.38 -43.19 8.58
C THR G 28 -77.58 -42.33 8.39
N PHE G 29 -77.42 -41.07 8.72
CA PHE G 29 -78.49 -40.07 8.65
C PHE G 29 -78.62 -39.51 7.23
N GLY G 30 -79.82 -39.63 6.68
CA GLY G 30 -80.09 -39.13 5.33
C GLY G 30 -80.83 -40.11 4.46
N ASN G 31 -80.70 -41.39 4.72
CA ASN G 31 -81.36 -42.37 3.87
C ASN G 31 -82.74 -42.79 4.33
N TYR G 32 -83.30 -42.19 5.40
CA TYR G 32 -84.65 -42.41 5.90
C TYR G 32 -85.45 -41.13 6.00
N ALA G 33 -86.75 -41.27 5.84
CA ALA G 33 -87.70 -40.17 6.02
C ALA G 33 -87.95 -39.87 7.47
N ILE G 34 -87.96 -38.58 7.82
CA ILE G 34 -88.37 -38.09 9.13
C ILE G 34 -89.69 -37.35 9.03
N ASN G 35 -90.68 -37.74 9.82
CA ASN G 35 -91.97 -37.08 9.85
C ASN G 35 -92.13 -36.15 11.05
N TRP G 36 -92.91 -35.06 10.89
CA TRP G 36 -93.24 -34.18 12.00
C TRP G 36 -94.72 -34.20 12.31
N VAL G 37 -95.09 -34.79 13.44
CA VAL G 37 -96.48 -34.93 13.85
C VAL G 37 -96.72 -34.14 15.12
N ARG G 38 -97.89 -33.50 15.19
CA ARG G 38 -98.27 -32.51 16.17
C ARG G 38 -99.54 -32.99 16.87
N GLN G 39 -99.65 -32.71 18.17
CA GLN G 39 -100.80 -33.12 18.98
C GLN G 39 -101.15 -32.03 19.95
N ALA G 40 -102.24 -31.31 19.69
CA ALA G 40 -102.73 -30.33 20.64
C ALA G 40 -103.17 -31.05 21.91
N PRO G 41 -103.34 -30.34 23.01
CA PRO G 41 -103.76 -30.98 24.26
C PRO G 41 -105.12 -31.65 24.13
N GLY G 42 -105.18 -32.92 24.50
CA GLY G 42 -106.35 -33.77 24.40
C GLY G 42 -106.92 -33.73 23.01
N GLN G 43 -106.08 -34.04 22.03
CA GLN G 43 -106.50 -33.88 20.65
C GLN G 43 -105.91 -34.99 19.79
N GLY G 44 -106.35 -35.01 18.53
CA GLY G 44 -105.86 -35.94 17.53
C GLY G 44 -104.41 -35.67 17.13
N LEU G 45 -103.94 -36.48 16.18
CA LEU G 45 -102.61 -36.35 15.60
C LEU G 45 -102.78 -35.78 14.20
N GLU G 46 -102.09 -34.69 13.90
CA GLU G 46 -102.07 -34.18 12.55
C GLU G 46 -100.65 -34.16 12.04
N TRP G 47 -100.47 -34.63 10.80
CA TRP G 47 -99.17 -34.68 10.16
C TRP G 47 -98.85 -33.35 9.53
N MET G 48 -97.74 -32.76 9.93
CA MET G 48 -97.39 -31.47 9.39
C MET G 48 -96.62 -31.57 8.10
N GLY G 49 -95.63 -32.46 8.07
CA GLY G 49 -94.80 -32.64 6.90
C GLY G 49 -93.72 -33.65 7.25
N GLY G 50 -92.61 -33.60 6.51
CA GLY G 50 -91.48 -34.47 6.76
C GLY G 50 -90.42 -34.33 5.68
N ILE G 51 -89.23 -34.87 5.95
CA ILE G 51 -88.15 -34.85 4.97
C ILE G 51 -87.34 -36.13 4.96
N SER G 52 -86.84 -36.48 3.77
CA SER G 52 -85.74 -37.43 3.66
C SER G 52 -84.62 -36.75 2.88
N PRO G 53 -83.70 -36.12 3.59
CA PRO G 53 -82.78 -35.12 3.02
C PRO G 53 -82.35 -35.29 1.58
N ILE G 54 -82.18 -36.55 1.22
CA ILE G 54 -81.54 -36.94 -0.02
C ILE G 54 -82.53 -37.36 -1.09
N PHE G 55 -83.54 -38.12 -0.71
CA PHE G 55 -84.55 -38.52 -1.67
C PHE G 55 -85.19 -37.35 -2.40
N GLY G 56 -85.42 -36.25 -1.71
CA GLY G 56 -86.08 -35.13 -2.33
C GLY G 56 -86.38 -33.98 -1.38
N PRO G 57 -87.17 -33.02 -1.83
CA PRO G 57 -87.42 -31.85 -1.00
C PRO G 57 -88.51 -32.13 0.02
N PRO G 58 -88.58 -31.33 1.09
CA PRO G 58 -89.63 -31.49 2.10
C PRO G 58 -91.03 -31.52 1.51
N LYS G 59 -91.94 -32.27 2.16
CA LYS G 59 -93.35 -32.25 1.78
C LYS G 59 -94.18 -31.81 2.97
N TYR G 60 -95.13 -30.93 2.71
CA TYR G 60 -95.87 -30.28 3.77
C TYR G 60 -97.35 -30.51 3.64
N ALA G 61 -98.05 -30.35 4.75
CA ALA G 61 -99.50 -30.29 4.70
C ALA G 61 -99.94 -28.87 4.41
N GLN G 62 -101.05 -28.74 3.67
CA GLN G 62 -101.55 -27.42 3.34
C GLN G 62 -101.94 -26.62 4.56
N LYS G 63 -102.37 -27.28 5.62
CA LYS G 63 -102.67 -26.54 6.83
C LYS G 63 -101.53 -25.60 7.20
N PHE G 64 -100.30 -26.03 7.03
CA PHE G 64 -99.16 -25.23 7.47
C PHE G 64 -98.39 -24.62 6.33
N GLN G 65 -98.93 -24.69 5.12
CA GLN G 65 -98.23 -24.10 3.99
C GLN G 65 -97.95 -22.63 4.24
N GLY G 66 -96.69 -22.29 4.19
CA GLY G 66 -96.27 -20.93 4.45
C GLY G 66 -95.78 -20.76 5.87
N ARG G 67 -96.44 -21.41 6.82
CA ARG G 67 -95.99 -21.14 8.18
C ARG G 67 -94.83 -22.02 8.57
N VAL G 68 -94.77 -23.25 8.09
CA VAL G 68 -93.75 -24.18 8.53
C VAL G 68 -92.72 -24.43 7.43
N THR G 69 -91.47 -24.65 7.85
CA THR G 69 -90.43 -25.18 6.98
C THR G 69 -89.66 -26.24 7.73
N ILE G 70 -89.31 -27.33 7.06
CA ILE G 70 -88.47 -28.35 7.66
C ILE G 70 -87.16 -28.42 6.92
N SER G 71 -86.05 -28.47 7.64
CA SER G 71 -84.72 -28.57 7.08
C SER G 71 -83.97 -29.72 7.76
N ALA G 72 -82.77 -30.03 7.28
CA ALA G 72 -81.95 -31.03 7.93
C ALA G 72 -80.48 -30.72 7.75
N ASP G 73 -79.71 -30.95 8.80
CA ASP G 73 -78.27 -30.78 8.80
C ASP G 73 -77.68 -32.19 8.69
N ILE G 74 -77.20 -32.54 7.49
CA ILE G 74 -76.85 -33.94 7.25
C ILE G 74 -75.71 -34.41 8.13
N SER G 75 -74.80 -33.52 8.48
CA SER G 75 -73.68 -33.94 9.31
C SER G 75 -74.04 -34.12 10.76
N SER G 76 -74.63 -33.11 11.36
CA SER G 76 -74.97 -33.24 12.76
C SER G 76 -76.13 -34.22 12.98
N SER G 77 -76.66 -34.80 11.91
CA SER G 77 -77.60 -35.89 12.05
C SER G 77 -78.86 -35.38 12.71
N THR G 78 -79.35 -34.25 12.24
CA THR G 78 -80.39 -33.51 12.93
C THR G 78 -81.43 -32.97 11.97
N ALA G 79 -82.69 -33.03 12.35
CA ALA G 79 -83.73 -32.42 11.55
C ALA G 79 -84.36 -31.28 12.32
N TYR G 80 -84.78 -30.24 11.61
CA TYR G 80 -85.33 -29.06 12.27
C TYR G 80 -86.72 -28.78 11.73
N MET G 81 -87.64 -28.51 12.64
CA MET G 81 -89.00 -28.13 12.33
C MET G 81 -89.16 -26.70 12.75
N ASP G 82 -89.53 -25.84 11.83
CA ASP G 82 -89.49 -24.42 12.10
C ASP G 82 -90.85 -23.79 11.81
N LEU G 83 -91.65 -23.61 12.85
CA LEU G 83 -93.02 -23.08 12.75
C LEU G 83 -93.12 -21.63 13.00
N SER G 84 -93.84 -20.92 12.16
CA SER G 84 -93.97 -19.50 12.35
C SER G 84 -95.35 -18.94 12.18
N SER G 85 -95.49 -17.70 12.67
CA SER G 85 -96.69 -16.88 12.77
C SER G 85 -97.54 -17.62 13.73
N LEU G 86 -96.94 -17.87 14.88
CA LEU G 86 -97.45 -18.60 16.01
C LEU G 86 -98.71 -18.04 16.61
N SER G 87 -99.63 -18.91 16.96
CA SER G 87 -100.87 -18.51 17.53
C SER G 87 -101.03 -19.13 18.90
N SER G 88 -102.25 -19.08 19.41
CA SER G 88 -102.51 -19.61 20.71
C SER G 88 -102.90 -21.04 20.59
N ASP G 89 -103.39 -21.38 19.43
CA ASP G 89 -103.81 -22.75 19.16
C ASP G 89 -102.83 -23.50 18.26
N ASP G 90 -101.59 -23.04 18.22
CA ASP G 90 -100.47 -23.84 17.77
C ASP G 90 -99.77 -24.44 18.96
N THR G 91 -100.33 -24.25 20.14
CA THR G 91 -99.75 -24.85 21.32
C THR G 91 -100.05 -26.34 21.32
N ALA G 92 -99.03 -27.17 21.46
CA ALA G 92 -99.17 -28.60 21.26
C ALA G 92 -97.86 -29.26 21.70
N VAL G 93 -97.82 -30.60 21.59
CA VAL G 93 -96.58 -31.38 21.68
C VAL G 93 -96.18 -31.70 20.26
N TYR G 94 -94.88 -31.57 19.94
CA TYR G 94 -94.39 -31.79 18.59
C TYR G 94 -93.45 -33.00 18.54
N TYR G 95 -93.87 -34.04 17.83
CA TYR G 95 -93.09 -35.26 17.69
C TYR G 95 -92.41 -35.36 16.34
N CYS G 96 -91.15 -35.82 16.33
CA CYS G 96 -90.49 -36.30 15.12
C CYS G 96 -90.46 -37.81 15.15
N ALA G 97 -90.65 -38.45 14.01
CA ALA G 97 -90.77 -39.90 13.99
C ALA G 97 -90.48 -40.47 12.61
N ARG G 98 -89.93 -41.70 12.58
CA ARG G 98 -89.46 -42.33 11.35
C ARG G 98 -89.82 -43.80 11.34
N LYS G 99 -89.69 -44.41 10.17
CA LYS G 99 -89.81 -45.84 10.02
C LYS G 99 -88.47 -46.48 10.31
N LEU G 100 -88.48 -47.73 10.74
CA LEU G 100 -87.24 -48.37 11.12
C LEU G 100 -86.61 -49.27 10.06
N GLU G 101 -87.23 -50.26 9.71
CA GLU G 101 -86.63 -51.17 8.75
C GLU G 101 -86.97 -50.81 7.31
N PRO G 102 -86.04 -50.92 6.35
CA PRO G 102 -86.22 -50.42 4.98
C PRO G 102 -87.15 -51.22 4.13
N PRO G 103 -87.75 -50.61 3.08
CA PRO G 103 -87.56 -49.23 2.61
C PRO G 103 -88.26 -48.16 3.40
N TYR G 104 -87.51 -47.14 3.75
CA TYR G 104 -88.00 -46.11 4.65
C TYR G 104 -87.66 -44.72 4.17
N TYR G 105 -87.40 -44.55 2.90
CA TYR G 105 -87.02 -43.27 2.37
C TYR G 105 -88.19 -42.36 2.19
N PHE G 106 -89.37 -42.94 2.14
CA PHE G 106 -90.59 -42.19 1.94
C PHE G 106 -91.39 -42.07 3.22
N TYR G 107 -92.34 -41.17 3.18
CA TYR G 107 -93.22 -40.92 4.30
C TYR G 107 -94.25 -42.03 4.31
N SER G 108 -94.10 -42.98 5.21
CA SER G 108 -95.00 -44.11 5.26
C SER G 108 -95.57 -44.16 6.67
N TYR G 109 -95.21 -45.14 7.48
CA TYR G 109 -95.64 -45.16 8.87
C TYR G 109 -94.45 -44.91 9.75
N MET G 110 -94.58 -45.13 11.05
CA MET G 110 -93.47 -44.74 11.92
C MET G 110 -93.35 -45.61 13.16
N ASP G 111 -92.35 -46.48 13.15
CA ASP G 111 -91.96 -47.28 14.31
C ASP G 111 -91.43 -46.45 15.46
N VAL G 112 -90.58 -45.47 15.16
CA VAL G 112 -89.70 -44.85 16.15
C VAL G 112 -90.00 -43.39 16.29
N TRP G 113 -90.35 -42.95 17.50
CA TRP G 113 -90.72 -41.58 17.77
C TRP G 113 -89.77 -40.91 18.76
N GLY G 114 -89.67 -39.59 18.67
CA GLY G 114 -89.07 -38.85 19.75
C GLY G 114 -90.06 -38.83 20.88
N LYS G 115 -89.65 -38.28 22.02
CA LYS G 115 -90.58 -38.21 23.15
C LYS G 115 -91.53 -37.04 23.02
N GLY G 116 -91.24 -36.11 22.15
CA GLY G 116 -92.06 -34.96 21.94
C GLY G 116 -91.47 -33.73 22.59
N THR G 117 -91.74 -32.61 21.97
CA THR G 117 -91.41 -31.28 22.49
C THR G 117 -92.69 -30.49 22.64
N THR G 118 -93.05 -30.21 23.87
CA THR G 118 -94.26 -29.47 24.15
C THR G 118 -94.00 -27.98 23.97
N VAL G 119 -94.91 -27.29 23.29
CA VAL G 119 -94.71 -25.90 22.94
C VAL G 119 -95.99 -25.13 23.21
N THR G 120 -95.89 -24.14 24.09
CA THR G 120 -97.02 -23.36 24.61
C THR G 120 -96.95 -21.91 24.13
N VAL G 121 -97.97 -21.48 23.38
CA VAL G 121 -97.99 -20.16 22.76
C VAL G 121 -98.80 -19.21 23.64
N SER G 122 -98.15 -18.38 24.42
CA SER G 122 -98.84 -17.60 25.44
C SER G 122 -98.12 -16.29 25.71
N SER G 123 -98.85 -15.20 25.68
CA SER G 123 -98.33 -13.87 25.95
C SER G 123 -98.16 -13.58 27.44
N ALA G 124 -98.42 -14.58 28.27
CA ALA G 124 -98.15 -14.50 29.70
C ALA G 124 -96.66 -14.42 29.97
N SER G 125 -96.33 -14.40 31.26
CA SER G 125 -94.95 -14.44 31.70
C SER G 125 -94.88 -15.13 33.05
N THR G 126 -93.73 -15.71 33.35
CA THR G 126 -93.54 -16.56 34.52
C THR G 126 -94.18 -15.97 35.76
N LYS G 127 -94.89 -16.80 36.50
CA LYS G 127 -95.52 -16.38 37.73
C LYS G 127 -95.65 -17.53 38.70
N GLY G 128 -95.32 -17.28 39.95
CA GLY G 128 -95.53 -18.29 40.96
C GLY G 128 -96.99 -18.46 41.33
N PRO G 129 -97.32 -19.61 41.87
CA PRO G 129 -98.70 -19.87 42.25
C PRO G 129 -98.98 -19.42 43.65
N SER G 130 -100.08 -18.72 43.89
CA SER G 130 -100.56 -18.52 45.25
C SER G 130 -101.38 -19.74 45.64
N VAL G 131 -101.28 -20.16 46.88
CA VAL G 131 -101.82 -21.44 47.32
C VAL G 131 -102.81 -21.27 48.46
N PHE G 132 -104.05 -21.59 48.20
CA PHE G 132 -105.10 -21.45 49.18
C PHE G 132 -105.55 -22.82 49.67
N PRO G 133 -106.06 -22.91 50.86
CA PRO G 133 -106.53 -24.20 51.36
C PRO G 133 -108.01 -24.42 51.14
N LEU G 134 -108.39 -25.63 50.77
CA LEU G 134 -109.79 -26.03 50.76
C LEU G 134 -110.10 -26.66 52.10
N ALA G 135 -110.66 -25.89 53.00
CA ALA G 135 -110.82 -26.43 54.33
C ALA G 135 -111.97 -27.42 54.39
N PRO G 136 -111.80 -28.53 55.09
CA PRO G 136 -112.90 -29.45 55.31
C PRO G 136 -113.89 -28.88 56.32
N SER G 137 -115.05 -29.49 56.41
CA SER G 137 -116.09 -28.97 57.29
C SER G 137 -117.17 -30.04 57.45
N SER G 138 -118.32 -29.64 57.97
CA SER G 138 -119.53 -30.47 58.01
C SER G 138 -120.20 -30.63 56.65
N LYS G 139 -119.82 -29.83 55.66
CA LYS G 139 -120.26 -29.91 54.26
C LYS G 139 -119.28 -30.66 53.37
N SER G 140 -118.08 -30.92 53.87
CA SER G 140 -117.05 -31.71 53.21
C SER G 140 -116.84 -33.05 53.92
N THR G 141 -117.92 -33.58 54.55
CA THR G 141 -117.93 -34.90 55.19
C THR G 141 -119.18 -35.66 54.73
N SER G 142 -119.05 -36.98 54.70
CA SER G 142 -120.15 -37.85 54.26
C SER G 142 -119.86 -39.27 54.75
N GLY G 143 -120.61 -39.70 55.76
CA GLY G 143 -120.33 -40.97 56.39
C GLY G 143 -119.04 -40.86 57.18
N GLY G 144 -118.22 -41.92 57.09
CA GLY G 144 -116.96 -41.96 57.82
C GLY G 144 -115.95 -40.90 57.43
N THR G 145 -115.98 -40.46 56.17
CA THR G 145 -114.89 -39.67 55.60
C THR G 145 -115.23 -38.24 55.21
N ALA G 146 -114.17 -37.45 55.09
CA ALA G 146 -114.27 -36.04 54.79
C ALA G 146 -113.15 -35.63 53.86
N ALA G 147 -113.39 -34.61 53.05
CA ALA G 147 -112.44 -34.20 52.02
C ALA G 147 -111.84 -32.83 52.29
N LEU G 148 -110.54 -32.71 52.02
CA LEU G 148 -109.84 -31.43 52.14
C LEU G 148 -108.88 -31.35 50.97
N GLY G 149 -108.31 -30.17 50.75
CA GLY G 149 -107.46 -30.03 49.60
C GLY G 149 -106.81 -28.67 49.52
N CYS G 150 -106.07 -28.49 48.43
CA CYS G 150 -105.39 -27.24 48.13
C CYS G 150 -105.79 -26.70 46.78
N LEU G 151 -106.00 -25.41 46.69
CA LEU G 151 -106.25 -24.73 45.43
C LEU G 151 -105.01 -23.97 45.02
N VAL G 152 -104.34 -24.41 43.97
CA VAL G 152 -103.11 -23.78 43.48
C VAL G 152 -103.49 -22.83 42.33
N LYS G 153 -103.57 -21.53 42.60
CA LYS G 153 -104.15 -20.57 41.66
C LYS G 153 -103.12 -19.61 41.09
N ASP G 154 -103.38 -19.20 39.85
CA ASP G 154 -102.66 -18.17 39.10
C ASP G 154 -101.17 -18.42 39.04
N TYR G 155 -100.79 -19.39 38.22
CA TYR G 155 -99.43 -19.80 38.01
C TYR G 155 -99.19 -19.99 36.54
N PHE G 156 -97.94 -19.89 36.14
CA PHE G 156 -97.53 -20.06 34.75
C PHE G 156 -96.05 -20.29 34.84
N PRO G 157 -95.53 -21.27 34.13
CA PRO G 157 -96.26 -22.14 33.23
C PRO G 157 -96.41 -23.49 33.80
N GLU G 158 -97.03 -24.37 33.05
CA GLU G 158 -97.19 -25.69 33.54
C GLU G 158 -95.81 -26.21 33.56
N PRO G 159 -95.37 -26.73 34.67
CA PRO G 159 -96.24 -27.59 35.43
C PRO G 159 -95.91 -27.48 36.88
N VAL G 160 -96.89 -27.78 37.69
CA VAL G 160 -96.74 -27.77 39.13
C VAL G 160 -96.67 -29.22 39.59
N THR G 161 -96.00 -29.47 40.70
CA THR G 161 -96.02 -30.79 41.30
C THR G 161 -96.49 -30.67 42.73
N VAL G 162 -97.43 -31.53 43.13
CA VAL G 162 -98.04 -31.49 44.45
C VAL G 162 -97.90 -32.84 45.12
N SER G 163 -97.54 -32.83 46.40
CA SER G 163 -97.55 -34.02 47.24
C SER G 163 -98.19 -33.67 48.57
N TRP G 164 -98.64 -34.68 49.30
CA TRP G 164 -99.31 -34.46 50.58
C TRP G 164 -98.47 -35.09 51.67
N ASN G 165 -98.25 -34.33 52.74
CA ASN G 165 -97.34 -34.71 53.83
C ASN G 165 -95.99 -35.17 53.31
N SER G 166 -95.42 -34.34 52.43
CA SER G 166 -94.15 -34.60 51.76
C SER G 166 -94.00 -36.05 51.31
N GLY G 167 -95.03 -36.53 50.61
CA GLY G 167 -94.95 -37.87 50.06
C GLY G 167 -95.43 -38.93 51.01
N ALA G 168 -95.81 -38.58 52.22
CA ALA G 168 -96.29 -39.59 53.16
C ALA G 168 -97.69 -40.06 52.80
N LEU G 169 -98.57 -39.12 52.47
CA LEU G 169 -99.97 -39.40 52.20
C LEU G 169 -100.19 -39.68 50.72
N THR G 170 -100.63 -40.89 50.42
CA THR G 170 -100.87 -41.32 49.04
C THR G 170 -102.32 -41.67 48.79
N SER G 171 -102.86 -42.66 49.52
CA SER G 171 -104.18 -43.20 49.24
C SER G 171 -105.25 -42.11 49.19
N GLY G 172 -106.05 -42.14 48.11
CA GLY G 172 -107.16 -41.24 48.03
C GLY G 172 -106.87 -39.81 47.62
N VAL G 173 -105.70 -39.55 47.06
CA VAL G 173 -105.32 -38.20 46.62
C VAL G 173 -105.69 -38.09 45.16
N HIS G 174 -106.25 -36.95 44.79
CA HIS G 174 -106.49 -36.65 43.40
C HIS G 174 -105.92 -35.27 43.12
N THR G 175 -104.88 -35.20 42.30
CA THR G 175 -104.42 -33.91 41.79
C THR G 175 -104.95 -33.71 40.37
N PHE G 176 -105.68 -32.64 40.16
CA PHE G 176 -106.39 -32.48 38.90
C PHE G 176 -105.55 -31.88 37.81
N PRO G 177 -105.91 -32.13 36.56
CA PRO G 177 -105.27 -31.43 35.45
C PRO G 177 -105.56 -29.96 35.54
N ALA G 178 -104.55 -29.15 35.30
CA ALA G 178 -104.70 -27.72 35.38
C ALA G 178 -105.66 -27.22 34.33
N VAL G 179 -106.18 -26.02 34.52
CA VAL G 179 -107.00 -25.34 33.52
C VAL G 179 -106.39 -23.98 33.23
N LEU G 180 -106.55 -23.51 32.00
CA LEU G 180 -106.10 -22.20 31.57
C LEU G 180 -107.19 -21.18 31.80
N GLN G 181 -106.90 -20.16 32.57
CA GLN G 181 -107.95 -19.21 32.87
C GLN G 181 -108.06 -18.15 31.79
N SER G 182 -109.00 -17.22 31.97
CA SER G 182 -109.14 -16.16 30.99
C SER G 182 -107.95 -15.22 31.04
N SER G 183 -107.31 -15.13 32.20
CA SER G 183 -106.10 -14.32 32.30
C SER G 183 -104.93 -15.00 31.62
N GLY G 184 -105.11 -16.21 31.14
CA GLY G 184 -104.01 -16.91 30.56
C GLY G 184 -103.10 -17.56 31.57
N LEU G 185 -103.50 -17.66 32.83
CA LEU G 185 -102.69 -18.31 33.84
C LEU G 185 -103.35 -19.61 34.23
N TYR G 186 -102.58 -20.48 34.87
CA TYR G 186 -103.10 -21.80 35.19
C TYR G 186 -103.55 -21.89 36.63
N SER G 187 -104.55 -22.75 36.89
CA SER G 187 -104.97 -23.10 38.23
C SER G 187 -105.33 -24.56 38.28
N LEU G 188 -104.92 -25.25 39.33
CA LEU G 188 -105.32 -26.63 39.54
C LEU G 188 -105.64 -26.84 41.01
N SER G 189 -106.42 -27.85 41.28
CA SER G 189 -106.76 -28.22 42.65
C SER G 189 -106.27 -29.62 42.96
N SER G 190 -105.75 -29.81 44.15
CA SER G 190 -105.46 -31.12 44.67
C SER G 190 -106.30 -31.39 45.91
N VAL G 191 -106.69 -32.64 46.10
CA VAL G 191 -107.74 -33.01 47.03
C VAL G 191 -107.43 -34.34 47.67
N VAL G 192 -107.74 -34.50 48.94
CA VAL G 192 -107.61 -35.78 49.62
C VAL G 192 -108.91 -36.10 50.34
N THR G 193 -109.26 -37.39 50.37
CA THR G 193 -110.34 -37.89 51.22
C THR G 193 -109.69 -38.64 52.37
N VAL G 194 -110.10 -38.31 53.59
CA VAL G 194 -109.47 -38.91 54.76
C VAL G 194 -110.56 -39.28 55.76
N PRO G 195 -110.25 -40.15 56.73
CA PRO G 195 -111.24 -40.44 57.76
C PRO G 195 -111.59 -39.17 58.53
N SER G 196 -112.88 -38.98 58.78
CA SER G 196 -113.30 -37.77 59.48
C SER G 196 -112.64 -37.66 60.86
N SER G 197 -112.42 -38.80 61.52
CA SER G 197 -111.80 -38.79 62.85
C SER G 197 -110.39 -38.25 62.83
N SER G 198 -109.66 -38.45 61.75
CA SER G 198 -108.28 -38.02 61.73
C SER G 198 -108.14 -36.51 61.76
N LEU G 199 -109.22 -35.77 61.53
CA LEU G 199 -109.14 -34.32 61.67
C LEU G 199 -108.94 -33.90 63.13
N GLY G 200 -108.03 -32.96 63.33
CA GLY G 200 -107.66 -32.53 64.67
C GLY G 200 -106.42 -33.21 65.18
N THR G 201 -106.34 -34.52 65.01
CA THR G 201 -105.22 -35.30 65.48
C THR G 201 -104.09 -35.30 64.45
N GLN G 202 -104.38 -35.76 63.23
CA GLN G 202 -103.39 -35.86 62.17
C GLN G 202 -103.37 -34.56 61.34
N THR G 203 -102.17 -34.05 61.05
CA THR G 203 -102.02 -32.75 60.41
C THR G 203 -101.66 -32.91 58.93
N TYR G 204 -102.42 -32.26 58.06
CA TYR G 204 -102.27 -32.39 56.62
C TYR G 204 -101.64 -31.16 56.02
N ILE G 205 -100.55 -31.35 55.30
CA ILE G 205 -99.86 -30.25 54.64
C ILE G 205 -99.65 -30.63 53.20
N CYS G 206 -100.11 -29.81 52.27
CA CYS G 206 -99.78 -30.02 50.88
C CYS G 206 -98.54 -29.20 50.53
N ASN G 207 -97.68 -29.76 49.67
CA ASN G 207 -96.40 -29.19 49.28
C ASN G 207 -96.41 -28.89 47.78
N VAL G 208 -96.56 -27.63 47.45
CA VAL G 208 -96.63 -27.19 46.06
C VAL G 208 -95.23 -26.86 45.58
N ASN G 209 -94.97 -27.13 44.31
CA ASN G 209 -93.67 -26.90 43.72
C ASN G 209 -93.83 -26.43 42.29
N HIS G 210 -93.29 -25.26 41.99
CA HIS G 210 -93.32 -24.65 40.65
C HIS G 210 -91.88 -24.34 40.31
N LYS G 211 -91.24 -25.24 39.60
CA LYS G 211 -89.83 -25.01 39.32
C LYS G 211 -89.66 -23.76 38.47
N PRO G 212 -90.48 -23.48 37.44
CA PRO G 212 -90.28 -22.27 36.64
C PRO G 212 -90.18 -20.94 37.36
N SER G 213 -90.73 -20.81 38.56
CA SER G 213 -90.54 -19.60 39.33
C SER G 213 -89.75 -19.90 40.59
N ASN G 214 -89.30 -21.13 40.72
CA ASN G 214 -88.56 -21.59 41.88
C ASN G 214 -89.26 -21.30 43.20
N THR G 215 -90.59 -21.36 43.21
CA THR G 215 -91.35 -21.16 44.42
C THR G 215 -91.78 -22.51 44.98
N LYS G 216 -91.49 -22.75 46.24
CA LYS G 216 -91.87 -23.99 46.90
C LYS G 216 -92.64 -23.64 48.18
N VAL G 217 -93.96 -23.77 48.13
CA VAL G 217 -94.83 -23.46 49.27
C VAL G 217 -95.28 -24.74 49.96
N ASP G 218 -95.35 -24.70 51.28
CA ASP G 218 -95.96 -25.76 52.07
C ASP G 218 -97.10 -25.13 52.88
N LYS G 219 -98.34 -25.47 52.50
CA LYS G 219 -99.53 -24.91 53.14
C LYS G 219 -100.22 -25.94 54.01
N ARG G 220 -100.34 -25.63 55.29
CA ARG G 220 -101.08 -26.46 56.21
C ARG G 220 -102.58 -26.22 56.01
N VAL G 221 -103.37 -27.29 56.11
CA VAL G 221 -104.82 -27.18 55.91
C VAL G 221 -105.52 -27.53 57.20
N GLU G 222 -106.18 -26.54 57.81
CA GLU G 222 -106.87 -26.69 59.06
C GLU G 222 -108.36 -26.80 58.83
N PRO G 223 -109.02 -27.59 59.65
CA PRO G 223 -110.48 -27.58 59.69
C PRO G 223 -111.00 -26.24 60.18
N LYS G 224 -112.30 -26.05 59.99
CA LYS G 224 -113.01 -24.88 60.48
C LYS G 224 -114.40 -25.34 60.86
N SER G 225 -115.16 -24.44 61.49
CA SER G 225 -116.58 -24.69 61.83
C SER G 225 -117.46 -24.61 60.57
N GLU H 1 -106.74 -34.09 1.88
CA GLU H 1 -107.84 -35.01 1.69
C GLU H 1 -107.48 -36.46 1.97
N ILE H 2 -108.42 -37.39 1.75
CA ILE H 2 -108.41 -38.71 2.37
C ILE H 2 -108.39 -38.55 3.87
N VAL H 3 -109.53 -38.28 4.45
CA VAL H 3 -109.70 -38.15 5.88
C VAL H 3 -110.30 -39.43 6.43
N LEU H 4 -109.89 -39.81 7.62
CA LEU H 4 -110.27 -41.07 8.23
C LEU H 4 -111.06 -40.77 9.48
N THR H 5 -112.33 -41.17 9.52
CA THR H 5 -113.13 -41.00 10.74
C THR H 5 -113.24 -42.31 11.49
N GLN H 6 -112.88 -42.29 12.76
CA GLN H 6 -112.94 -43.47 13.59
C GLN H 6 -114.23 -43.53 14.40
N SER H 7 -114.78 -44.72 14.52
CA SER H 7 -116.02 -45.01 15.24
C SER H 7 -115.84 -46.16 16.21
N PRO H 8 -116.25 -45.99 17.46
CA PRO H 8 -116.79 -44.80 18.08
C PRO H 8 -115.70 -43.99 18.76
N GLY H 9 -116.03 -42.76 19.13
CA GLY H 9 -115.03 -41.90 19.75
C GLY H 9 -114.46 -42.50 21.01
N THR H 10 -115.27 -43.16 21.78
CA THR H 10 -114.81 -43.88 22.95
C THR H 10 -115.40 -45.26 22.96
N LEU H 11 -114.78 -46.18 23.67
CA LEU H 11 -115.27 -47.55 23.69
C LEU H 11 -115.13 -48.10 25.08
N SER H 12 -116.24 -48.37 25.73
CA SER H 12 -116.23 -48.87 27.08
C SER H 12 -116.34 -50.38 27.06
N LEU H 13 -115.30 -51.04 27.53
CA LEU H 13 -115.27 -52.49 27.62
C LEU H 13 -114.52 -52.90 28.86
N SER H 14 -114.96 -53.89 29.44
CA SER H 14 -114.33 -54.43 30.63
C SER H 14 -113.25 -55.41 30.21
N PRO H 15 -112.27 -55.64 31.05
CA PRO H 15 -111.18 -56.53 30.68
C PRO H 15 -111.69 -57.91 30.33
N GLY H 16 -110.93 -58.59 29.46
CA GLY H 16 -111.22 -59.91 28.96
C GLY H 16 -112.09 -59.98 27.72
N GLU H 17 -112.55 -58.87 27.18
CA GLU H 17 -113.57 -58.82 26.14
C GLU H 17 -113.04 -58.39 24.77
N ARG H 18 -113.70 -58.85 23.70
CA ARG H 18 -113.30 -58.42 22.36
C ARG H 18 -113.72 -56.99 22.08
N ALA H 19 -112.75 -56.19 21.66
CA ALA H 19 -112.91 -54.83 21.18
C ALA H 19 -112.66 -54.82 19.70
N THR H 20 -113.56 -54.24 18.93
CA THR H 20 -113.33 -54.03 17.51
C THR H 20 -113.50 -52.56 17.15
N LEU H 21 -112.40 -51.90 16.87
CA LEU H 21 -112.43 -50.50 16.49
C LEU H 21 -112.56 -50.47 14.98
N SER H 22 -113.14 -49.41 14.43
CA SER H 22 -113.20 -49.34 12.99
C SER H 22 -112.66 -48.02 12.52
N CYS H 23 -112.31 -47.99 11.24
CA CYS H 23 -111.67 -46.84 10.63
C CYS H 23 -112.14 -46.81 9.19
N ARG H 24 -112.91 -45.80 8.81
CA ARG H 24 -113.48 -45.67 7.47
C ARG H 24 -112.87 -44.49 6.76
N ALA H 25 -112.69 -44.61 5.44
CA ALA H 25 -112.00 -43.57 4.70
C ALA H 25 -112.92 -42.84 3.74
N SER H 26 -112.64 -41.57 3.52
CA SER H 26 -113.44 -40.80 2.57
C SER H 26 -113.17 -41.20 1.13
N GLN H 27 -112.00 -41.78 0.84
CA GLN H 27 -111.57 -42.20 -0.48
C GLN H 27 -111.15 -43.65 -0.44
N SER H 28 -111.34 -44.44 -1.46
CA SER H 28 -110.86 -45.79 -1.34
C SER H 28 -109.44 -45.67 -0.90
N VAL H 29 -108.98 -46.47 0.05
CA VAL H 29 -107.58 -46.35 0.43
C VAL H 29 -106.83 -47.36 -0.40
N SER H 30 -105.99 -46.85 -1.28
CA SER H 30 -105.26 -47.70 -2.20
C SER H 30 -104.46 -48.74 -1.51
N SER H 31 -104.94 -49.96 -1.65
CA SER H 31 -104.35 -51.16 -1.10
C SER H 31 -104.35 -51.15 0.40
N SER H 32 -103.42 -51.84 1.00
CA SER H 32 -103.38 -51.82 2.42
C SER H 32 -102.21 -50.92 2.73
N TYR H 33 -102.47 -49.64 2.79
CA TYR H 33 -101.54 -48.67 3.29
C TYR H 33 -102.20 -47.98 4.44
N LEU H 34 -102.46 -48.76 5.51
CA LEU H 34 -103.08 -48.27 6.73
C LEU H 34 -102.35 -48.83 7.93
N ALA H 35 -101.88 -48.00 8.82
CA ALA H 35 -101.28 -48.47 10.04
C ALA H 35 -102.25 -48.22 11.19
N TRP H 36 -101.99 -48.85 12.34
CA TRP H 36 -102.75 -48.62 13.57
C TRP H 36 -101.79 -48.36 14.71
N TYR H 37 -102.05 -47.30 15.47
CA TYR H 37 -101.18 -46.93 16.57
C TYR H 37 -101.89 -47.07 17.91
N GLN H 38 -101.10 -47.09 18.99
CA GLN H 38 -101.60 -47.14 20.36
C GLN H 38 -100.90 -46.09 21.20
N GLN H 39 -101.65 -45.14 21.75
CA GLN H 39 -101.12 -44.08 22.61
C GLN H 39 -101.64 -44.18 24.01
N LYS H 40 -100.81 -44.30 24.90
CA LYS H 40 -101.17 -44.20 26.29
C LYS H 40 -100.85 -42.80 26.80
N PRO H 41 -101.55 -42.26 27.79
CA PRO H 41 -101.38 -40.83 28.07
C PRO H 41 -100.01 -40.52 28.61
N GLY H 42 -99.43 -39.46 28.09
CA GLY H 42 -98.09 -39.04 28.48
C GLY H 42 -96.97 -39.58 27.62
N GLN H 43 -97.23 -40.55 26.76
CA GLN H 43 -96.22 -41.16 25.94
C GLN H 43 -96.52 -40.90 24.49
N ALA H 44 -95.54 -41.16 23.64
CA ALA H 44 -95.77 -41.13 22.22
C ALA H 44 -96.31 -42.48 21.78
N PRO H 45 -96.95 -42.52 20.62
CA PRO H 45 -97.58 -43.76 20.12
C PRO H 45 -96.61 -44.91 19.89
N ARG H 46 -97.18 -46.10 19.96
CA ARG H 46 -96.49 -47.33 19.69
C ARG H 46 -97.15 -47.85 18.43
N LEU H 47 -96.38 -48.35 17.47
CA LEU H 47 -96.95 -48.85 16.23
C LEU H 47 -97.45 -50.26 16.42
N LEU H 48 -98.73 -50.49 16.12
CA LEU H 48 -99.30 -51.83 16.25
C LEU H 48 -99.33 -52.58 14.94
N ILE H 49 -100.09 -52.11 13.97
CA ILE H 49 -100.28 -52.80 12.71
C ILE H 49 -99.83 -51.92 11.57
N TYR H 50 -99.17 -52.51 10.58
CA TYR H 50 -98.92 -51.85 9.33
C TYR H 50 -99.46 -52.66 8.19
N GLY H 51 -99.24 -52.16 7.00
CA GLY H 51 -99.82 -52.84 5.90
C GLY H 51 -101.30 -52.68 6.04
N ALA H 52 -102.01 -53.67 6.58
CA ALA H 52 -103.37 -53.47 7.05
C ALA H 52 -103.66 -54.50 8.10
N SER H 53 -103.03 -55.64 7.93
CA SER H 53 -103.10 -56.72 8.89
C SER H 53 -101.73 -57.19 9.37
N SER H 54 -100.65 -56.52 8.97
CA SER H 54 -99.32 -56.96 9.39
C SER H 54 -98.97 -56.46 10.77
N ARG H 55 -98.81 -57.40 11.68
CA ARG H 55 -98.49 -57.09 13.06
C ARG H 55 -97.06 -56.62 13.17
N ALA H 56 -96.81 -55.53 13.83
CA ALA H 56 -95.44 -55.05 13.97
C ALA H 56 -94.68 -55.90 14.96
N THR H 57 -93.40 -56.07 14.72
CA THR H 57 -92.63 -56.92 15.62
C THR H 57 -92.64 -56.28 16.98
N GLY H 58 -92.86 -57.12 17.98
CA GLY H 58 -93.08 -56.67 19.33
C GLY H 58 -94.53 -56.77 19.75
N ILE H 59 -95.44 -56.62 18.83
CA ILE H 59 -96.84 -56.52 19.21
C ILE H 59 -97.39 -57.92 19.49
N PRO H 60 -97.98 -58.12 20.67
CA PRO H 60 -98.61 -59.39 21.01
C PRO H 60 -99.72 -59.77 20.07
N ASP H 61 -100.02 -61.04 20.09
CA ASP H 61 -100.87 -61.68 19.11
C ASP H 61 -102.32 -61.23 19.15
N ARG H 62 -102.85 -60.86 20.31
CA ARG H 62 -104.25 -60.47 20.42
C ARG H 62 -104.65 -59.34 19.47
N PHE H 63 -103.75 -58.41 19.18
CA PHE H 63 -104.03 -57.36 18.20
C PHE H 63 -104.02 -57.90 16.78
N SER H 64 -105.09 -57.69 16.03
CA SER H 64 -105.11 -58.16 14.65
C SER H 64 -105.88 -57.19 13.77
N GLY H 65 -105.28 -56.79 12.66
CA GLY H 65 -105.92 -55.88 11.73
C GLY H 65 -106.59 -56.59 10.58
N SER H 66 -107.48 -55.88 9.90
CA SER H 66 -108.13 -56.43 8.72
C SER H 66 -108.87 -55.32 8.00
N GLY H 67 -109.53 -55.69 6.92
CA GLY H 67 -110.31 -54.77 6.12
C GLY H 67 -109.58 -54.34 4.86
N SER H 68 -110.31 -53.65 4.00
CA SER H 68 -109.81 -53.21 2.72
C SER H 68 -110.76 -52.20 2.11
N GLY H 69 -110.22 -51.39 1.22
CA GLY H 69 -111.05 -50.44 0.54
C GLY H 69 -111.32 -49.24 1.39
N THR H 70 -112.57 -49.04 1.80
CA THR H 70 -112.90 -47.93 2.68
C THR H 70 -113.32 -48.38 4.06
N ASP H 71 -113.11 -49.66 4.41
CA ASP H 71 -113.56 -50.20 5.67
C ASP H 71 -112.44 -51.01 6.28
N PHE H 72 -111.86 -50.52 7.38
CA PHE H 72 -110.84 -51.28 8.06
C PHE H 72 -111.23 -51.43 9.51
N THR H 73 -110.76 -52.50 10.13
CA THR H 73 -111.03 -52.72 11.54
C THR H 73 -109.79 -53.25 12.25
N LEU H 74 -109.66 -52.88 13.50
CA LEU H 74 -108.62 -53.37 14.39
C LEU H 74 -109.29 -54.13 15.52
N THR H 75 -108.92 -55.38 15.70
CA THR H 75 -109.57 -56.24 16.66
C THR H 75 -108.60 -56.64 17.76
N ILE H 76 -109.01 -56.46 19.01
CA ILE H 76 -108.31 -56.96 20.18
C ILE H 76 -109.16 -58.03 20.82
N THR H 77 -108.59 -59.20 21.05
CA THR H 77 -109.42 -60.35 21.36
C THR H 77 -109.70 -60.58 22.83
N ARG H 78 -108.74 -60.28 23.69
CA ARG H 78 -108.94 -60.25 25.13
C ARG H 78 -108.29 -58.98 25.62
N LEU H 79 -109.08 -58.00 25.96
CA LEU H 79 -108.49 -56.78 26.49
C LEU H 79 -107.73 -57.09 27.75
N GLU H 80 -106.45 -56.84 27.74
CA GLU H 80 -105.68 -56.86 28.98
C GLU H 80 -105.75 -55.50 29.60
N PRO H 81 -105.35 -55.34 30.86
CA PRO H 81 -105.25 -54.00 31.43
C PRO H 81 -104.31 -53.07 30.70
N GLU H 82 -103.24 -53.58 30.12
CA GLU H 82 -102.33 -52.74 29.38
C GLU H 82 -102.98 -52.09 28.17
N ASP H 83 -103.93 -52.77 27.57
CA ASP H 83 -104.53 -52.39 26.30
C ASP H 83 -105.46 -51.20 26.35
N PHE H 84 -105.75 -50.64 27.50
CA PHE H 84 -106.68 -49.52 27.59
C PHE H 84 -105.98 -48.20 27.32
N ALA H 85 -106.33 -47.56 26.22
CA ALA H 85 -105.54 -46.48 25.64
C ALA H 85 -106.34 -45.91 24.47
N VAL H 86 -105.74 -44.98 23.76
CA VAL H 86 -106.33 -44.42 22.56
C VAL H 86 -105.67 -45.07 21.37
N TYR H 87 -106.45 -45.34 20.34
CA TYR H 87 -105.97 -46.05 19.17
C TYR H 87 -106.19 -45.20 17.93
N TYR H 88 -105.12 -44.86 17.24
CA TYR H 88 -105.22 -44.07 16.04
C TYR H 88 -104.99 -44.97 14.84
N CYS H 89 -105.79 -44.80 13.80
CA CYS H 89 -105.53 -45.41 12.51
C CYS H 89 -104.89 -44.36 11.62
N GLN H 90 -103.96 -44.80 10.76
CA GLN H 90 -103.26 -43.88 9.88
C GLN H 90 -103.17 -44.48 8.49
N GLN H 91 -103.37 -43.65 7.48
CA GLN H 91 -103.22 -44.02 6.09
C GLN H 91 -101.95 -43.42 5.53
N TYR H 92 -101.42 -44.05 4.49
CA TYR H 92 -100.19 -43.58 3.90
C TYR H 92 -100.13 -43.96 2.44
N VAL H 93 -101.25 -43.84 1.74
CA VAL H 93 -101.16 -43.98 0.30
C VAL H 93 -100.68 -42.72 -0.33
N SER H 94 -100.99 -41.57 0.23
CA SER H 94 -100.55 -40.36 -0.45
C SER H 94 -100.41 -39.25 0.56
N THR H 95 -99.45 -38.39 0.32
CA THR H 95 -99.35 -37.23 1.14
C THR H 95 -100.55 -36.29 0.86
N PRO H 96 -101.07 -35.60 1.89
CA PRO H 96 -100.56 -35.56 3.26
C PRO H 96 -100.96 -36.75 4.06
N LEU H 97 -100.06 -37.24 4.88
CA LEU H 97 -100.40 -38.32 5.77
C LEU H 97 -101.49 -37.85 6.69
N THR H 98 -102.49 -38.69 6.91
CA THR H 98 -103.59 -38.29 7.76
C THR H 98 -103.88 -39.36 8.80
N PHE H 99 -104.19 -38.94 10.04
CA PHE H 99 -104.60 -39.86 11.08
C PHE H 99 -106.12 -39.85 11.28
N GLY H 100 -106.57 -40.73 12.18
CA GLY H 100 -107.95 -40.78 12.59
C GLY H 100 -108.26 -39.90 13.77
N GLY H 101 -109.53 -39.89 14.13
CA GLY H 101 -109.91 -39.12 15.30
C GLY H 101 -109.36 -39.72 16.57
N GLY H 102 -109.28 -41.03 16.60
CA GLY H 102 -108.84 -41.71 17.78
C GLY H 102 -110.06 -42.27 18.44
N THR H 103 -109.94 -43.47 18.95
CA THR H 103 -110.92 -44.10 19.81
C THR H 103 -110.27 -44.30 21.17
N LYS H 104 -110.96 -43.95 22.23
CA LYS H 104 -110.45 -44.24 23.54
C LYS H 104 -111.19 -45.45 24.09
N VAL H 105 -110.48 -46.55 24.27
CA VAL H 105 -111.06 -47.66 25.00
C VAL H 105 -110.80 -47.39 26.46
N GLU H 106 -111.87 -47.44 27.23
CA GLU H 106 -111.88 -47.22 28.65
C GLU H 106 -112.42 -48.45 29.35
N ILE H 107 -112.16 -48.53 30.63
CA ILE H 107 -112.63 -49.65 31.42
C ILE H 107 -114.11 -49.47 31.72
N LYS H 108 -114.91 -50.37 31.21
CA LYS H 108 -116.30 -50.42 31.62
C LYS H 108 -116.34 -50.92 33.04
N ARG H 109 -117.22 -50.35 33.84
CA ARG H 109 -117.32 -50.83 35.19
C ARG H 109 -118.72 -50.49 35.68
N THR H 110 -119.03 -50.98 36.85
CA THR H 110 -120.34 -50.75 37.45
C THR H 110 -120.56 -49.28 37.73
N VAL H 111 -121.80 -48.82 37.60
CA VAL H 111 -122.08 -47.43 37.84
C VAL H 111 -121.76 -47.08 39.28
N ALA H 112 -121.15 -45.93 39.47
CA ALA H 112 -120.73 -45.49 40.79
C ALA H 112 -120.91 -43.99 40.86
N ALA H 113 -121.76 -43.55 41.77
CA ALA H 113 -122.17 -42.17 41.94
C ALA H 113 -121.12 -41.39 42.71
N PRO H 114 -121.03 -40.09 42.47
CA PRO H 114 -120.01 -39.28 43.12
C PRO H 114 -120.27 -38.97 44.58
N SER H 115 -119.19 -38.90 45.35
CA SER H 115 -119.22 -38.15 46.59
C SER H 115 -119.11 -36.68 46.21
N VAL H 116 -120.02 -35.84 46.71
CA VAL H 116 -120.00 -34.42 46.37
C VAL H 116 -119.66 -33.59 47.57
N PHE H 117 -118.62 -32.79 47.44
CA PHE H 117 -118.17 -31.86 48.43
C PHE H 117 -118.19 -30.48 47.84
N ILE H 118 -118.23 -29.47 48.69
CA ILE H 118 -118.15 -28.09 48.25
C ILE H 118 -117.23 -27.34 49.20
N PHE H 119 -116.43 -26.43 48.64
CA PHE H 119 -115.42 -25.70 49.40
C PHE H 119 -115.59 -24.21 49.25
N PRO H 120 -115.98 -23.50 50.31
CA PRO H 120 -116.05 -22.06 50.24
C PRO H 120 -114.65 -21.44 50.18
N PRO H 121 -114.54 -20.27 49.58
CA PRO H 121 -113.22 -19.67 49.40
C PRO H 121 -112.53 -19.42 50.73
N SER H 122 -111.21 -19.39 50.70
CA SER H 122 -110.38 -19.16 51.87
C SER H 122 -110.39 -17.69 52.28
N ASP H 123 -109.97 -17.44 53.50
CA ASP H 123 -109.86 -16.07 53.95
C ASP H 123 -108.72 -15.41 53.24
N GLU H 124 -107.58 -16.11 53.29
CA GLU H 124 -106.35 -15.72 52.63
C GLU H 124 -106.65 -15.20 51.24
N GLN H 125 -107.42 -15.97 50.49
CA GLN H 125 -107.76 -15.55 49.13
C GLN H 125 -108.65 -14.36 49.18
N LEU H 126 -109.54 -14.32 50.16
CA LEU H 126 -110.52 -13.26 50.17
C LEU H 126 -109.83 -11.94 50.36
N LYS H 127 -108.63 -11.95 50.96
CA LYS H 127 -107.91 -10.71 51.11
C LYS H 127 -107.37 -10.17 49.79
N SER H 128 -107.25 -11.01 48.77
CA SER H 128 -106.68 -10.53 47.53
C SER H 128 -107.71 -10.25 46.46
N GLY H 129 -108.98 -10.06 46.82
CA GLY H 129 -109.93 -9.51 45.88
C GLY H 129 -110.59 -10.45 44.91
N THR H 130 -110.38 -11.75 45.00
CA THR H 130 -111.18 -12.67 44.22
C THR H 130 -111.54 -13.85 45.09
N ALA H 131 -112.64 -14.51 44.73
CA ALA H 131 -113.17 -15.62 45.51
C ALA H 131 -113.46 -16.80 44.61
N SER H 132 -112.89 -17.96 44.93
CA SER H 132 -113.08 -19.18 44.15
C SER H 132 -113.77 -20.24 44.97
N VAL H 133 -114.94 -20.64 44.55
CA VAL H 133 -115.70 -21.70 45.20
C VAL H 133 -115.47 -22.98 44.46
N VAL H 134 -115.08 -24.01 45.18
CA VAL H 134 -114.78 -25.30 44.59
C VAL H 134 -115.85 -26.32 44.92
N CYS H 135 -116.34 -27.00 43.89
CA CYS H 135 -117.26 -28.12 44.02
C CYS H 135 -116.51 -29.33 43.47
N LEU H 136 -116.56 -30.44 44.17
CA LEU H 136 -115.75 -31.61 43.84
C LEU H 136 -116.61 -32.86 43.77
N LEU H 137 -116.61 -33.55 42.65
CA LEU H 137 -117.32 -34.81 42.50
C LEU H 137 -116.30 -35.92 42.61
N ASN H 138 -116.41 -36.76 43.61
CA ASN H 138 -115.40 -37.74 43.91
C ASN H 138 -115.77 -39.16 43.53
N ASN H 139 -114.90 -39.82 42.77
CA ASN H 139 -115.07 -41.23 42.43
C ASN H 139 -116.41 -41.56 41.76
N PHE H 140 -116.65 -40.99 40.60
CA PHE H 140 -117.87 -41.26 39.84
C PHE H 140 -117.61 -42.03 38.56
N TYR H 141 -118.57 -42.84 38.14
CA TYR H 141 -118.50 -43.47 36.81
C TYR H 141 -119.90 -43.74 36.28
N PRO H 142 -120.14 -43.50 35.00
CA PRO H 142 -119.34 -43.04 33.88
C PRO H 142 -118.93 -41.60 33.93
N ARG H 143 -118.15 -41.21 32.95
CA ARG H 143 -117.57 -39.88 32.96
C ARG H 143 -118.57 -38.79 32.63
N GLU H 144 -119.62 -39.11 31.93
CA GLU H 144 -120.69 -38.16 31.69
C GLU H 144 -121.31 -37.62 32.98
N ALA H 145 -121.06 -36.36 33.31
CA ALA H 145 -121.63 -35.74 34.50
C ALA H 145 -121.88 -34.27 34.24
N LYS H 146 -122.94 -33.73 34.81
CA LYS H 146 -123.32 -32.34 34.61
C LYS H 146 -123.25 -31.57 35.92
N VAL H 147 -122.53 -30.47 35.91
CA VAL H 147 -122.38 -29.61 37.07
C VAL H 147 -122.84 -28.20 36.73
N GLN H 148 -123.84 -27.72 37.47
CA GLN H 148 -124.32 -26.35 37.39
C GLN H 148 -124.02 -25.62 38.68
N TRP H 149 -123.68 -24.35 38.59
CA TRP H 149 -123.54 -23.50 39.76
C TRP H 149 -124.76 -22.61 39.90
N LYS H 150 -125.28 -22.50 41.13
CA LYS H 150 -126.36 -21.58 41.44
C LYS H 150 -125.96 -20.78 42.68
N VAL H 151 -126.06 -19.44 42.59
CA VAL H 151 -125.84 -18.55 43.73
C VAL H 151 -127.07 -17.69 43.94
N ASP H 152 -127.57 -17.68 45.15
CA ASP H 152 -128.88 -17.14 45.45
C ASP H 152 -129.87 -17.58 44.39
N ASN H 153 -129.94 -18.89 44.20
CA ASN H 153 -130.82 -19.51 43.22
C ASN H 153 -130.58 -19.09 41.77
N ALA H 154 -129.59 -18.25 41.51
CA ALA H 154 -129.36 -17.71 40.18
C ALA H 154 -128.27 -18.49 39.47
N LEU H 155 -128.56 -18.93 38.24
CA LEU H 155 -127.70 -19.86 37.49
C LEU H 155 -126.47 -19.18 36.89
N GLN H 156 -125.30 -19.45 37.46
CA GLN H 156 -124.04 -18.97 36.91
C GLN H 156 -123.75 -19.57 35.54
N SER H 157 -123.06 -18.82 34.70
CA SER H 157 -123.06 -19.12 33.28
C SER H 157 -121.72 -18.99 32.60
N GLY H 158 -120.86 -18.05 32.97
CA GLY H 158 -119.64 -17.91 32.21
C GLY H 158 -118.35 -17.97 32.98
N ASN H 159 -118.44 -18.40 34.22
CA ASN H 159 -117.37 -18.23 35.18
C ASN H 159 -116.96 -19.54 35.85
N SER H 160 -117.41 -20.66 35.37
CA SER H 160 -117.00 -21.93 35.95
C SER H 160 -115.95 -22.59 35.08
N GLN H 161 -115.37 -23.66 35.58
CA GLN H 161 -114.31 -24.31 34.83
C GLN H 161 -113.99 -25.67 35.40
N GLU H 162 -114.28 -26.70 34.65
CA GLU H 162 -114.16 -28.07 35.08
C GLU H 162 -112.79 -28.62 34.72
N SER H 163 -112.40 -29.71 35.36
CA SER H 163 -111.32 -30.51 34.81
C SER H 163 -111.36 -31.88 35.43
N VAL H 164 -111.28 -32.92 34.64
CA VAL H 164 -111.44 -34.29 35.11
C VAL H 164 -110.11 -35.01 35.17
N THR H 165 -109.98 -35.89 36.13
CA THR H 165 -108.84 -36.76 36.19
C THR H 165 -108.98 -37.86 35.15
N GLU H 166 -107.98 -38.72 35.06
CA GLU H 166 -108.09 -39.89 34.21
C GLU H 166 -108.51 -41.09 35.01
N GLN H 167 -109.02 -42.09 34.31
CA GLN H 167 -109.51 -43.28 34.96
C GLN H 167 -108.53 -43.83 35.96
N ASP H 168 -109.06 -44.26 37.10
CA ASP H 168 -108.20 -44.69 38.18
C ASP H 168 -107.56 -46.02 37.87
N SER H 169 -106.29 -46.15 38.23
CA SER H 169 -105.62 -47.42 38.07
C SER H 169 -106.29 -48.51 38.89
N LYS H 170 -106.82 -48.18 40.07
CA LYS H 170 -107.36 -49.17 41.00
C LYS H 170 -108.86 -49.42 40.87
N ASP H 171 -109.70 -48.43 41.14
CA ASP H 171 -111.14 -48.64 41.01
C ASP H 171 -111.65 -48.13 39.69
N SER H 172 -110.76 -47.76 38.79
CA SER H 172 -111.11 -47.24 37.48
C SER H 172 -112.35 -46.36 37.47
N THR H 173 -112.39 -45.45 38.43
CA THR H 173 -113.41 -44.43 38.48
C THR H 173 -112.82 -43.06 38.19
N TYR H 174 -113.67 -42.12 37.82
CA TYR H 174 -113.23 -40.77 37.56
C TYR H 174 -113.42 -39.84 38.77
N SER H 175 -112.85 -38.64 38.67
CA SER H 175 -113.06 -37.58 39.64
C SER H 175 -113.02 -36.23 38.96
N LEU H 176 -113.83 -35.27 39.40
CA LEU H 176 -114.04 -34.01 38.73
C LEU H 176 -113.98 -32.83 39.68
N SER H 177 -113.48 -31.69 39.19
CA SER H 177 -113.41 -30.47 39.99
C SER H 177 -113.68 -29.23 39.15
N SER H 178 -114.89 -28.68 39.21
CA SER H 178 -115.17 -27.38 38.64
C SER H 178 -114.99 -26.34 39.71
N THR H 179 -114.51 -25.18 39.35
CA THR H 179 -114.41 -24.10 40.31
C THR H 179 -115.02 -22.83 39.76
N LEU H 180 -115.74 -22.14 40.62
CA LEU H 180 -116.47 -20.93 40.26
C LEU H 180 -115.73 -19.79 40.91
N THR H 181 -115.34 -18.81 40.13
CA THR H 181 -114.53 -17.71 40.60
C THR H 181 -115.28 -16.40 40.41
N LEU H 182 -115.26 -15.55 41.45
CA LEU H 182 -115.98 -14.29 41.46
C LEU H 182 -115.10 -13.22 42.08
N SER H 183 -115.41 -11.96 41.77
CA SER H 183 -114.76 -10.87 42.47
C SER H 183 -115.24 -10.84 43.90
N LYS H 184 -114.34 -10.49 44.82
CA LYS H 184 -114.75 -10.35 46.21
C LYS H 184 -116.00 -9.48 46.33
N ALA H 185 -116.10 -8.46 45.47
CA ALA H 185 -117.32 -7.67 45.39
C ALA H 185 -118.56 -8.55 45.32
N ASP H 186 -118.67 -9.34 44.27
CA ASP H 186 -119.86 -10.14 44.05
C ASP H 186 -119.99 -11.25 45.06
N TYR H 187 -118.89 -11.85 45.47
CA TYR H 187 -119.03 -12.91 46.45
C TYR H 187 -119.71 -12.44 47.72
N GLU H 188 -119.37 -11.23 48.19
CA GLU H 188 -119.97 -10.73 49.42
C GLU H 188 -121.41 -10.29 49.24
N LYS H 189 -121.85 -10.05 48.02
CA LYS H 189 -123.22 -9.62 47.76
C LYS H 189 -124.24 -10.74 47.80
N HIS H 190 -123.87 -11.99 48.01
CA HIS H 190 -124.87 -13.04 47.95
C HIS H 190 -124.67 -14.02 49.09
N LYS H 191 -125.76 -14.63 49.56
CA LYS H 191 -125.68 -15.47 50.76
C LYS H 191 -125.41 -16.95 50.49
N VAL H 192 -126.26 -17.62 49.70
CA VAL H 192 -126.22 -19.08 49.52
C VAL H 192 -125.61 -19.46 48.18
N TYR H 193 -124.61 -20.36 48.22
CA TYR H 193 -123.86 -20.82 47.06
C TYR H 193 -124.03 -22.32 46.89
N ALA H 194 -124.56 -22.76 45.74
CA ALA H 194 -124.81 -24.18 45.52
C ALA H 194 -124.33 -24.67 44.16
N CYS H 195 -123.76 -25.89 44.15
CA CYS H 195 -123.45 -26.63 42.93
C CYS H 195 -124.36 -27.85 42.85
N GLU H 196 -125.04 -28.02 41.71
CA GLU H 196 -126.05 -29.06 41.48
C GLU H 196 -125.53 -30.10 40.50
N VAL H 197 -125.45 -31.35 40.93
CA VAL H 197 -124.76 -32.39 40.19
C VAL H 197 -125.72 -33.43 39.68
N THR H 198 -125.69 -33.69 38.37
CA THR H 198 -126.51 -34.74 37.77
C THR H 198 -125.62 -35.82 37.18
N HIS H 199 -125.79 -37.01 37.71
CA HIS H 199 -125.11 -38.19 37.28
C HIS H 199 -126.09 -39.34 37.41
N GLN H 200 -125.99 -40.30 36.52
CA GLN H 200 -126.86 -41.44 36.63
C GLN H 200 -126.36 -42.17 37.84
N GLY H 201 -127.28 -42.76 38.56
CA GLY H 201 -126.87 -43.43 39.76
C GLY H 201 -126.93 -42.36 40.81
N LEU H 202 -127.99 -41.60 40.77
CA LEU H 202 -128.20 -40.59 41.75
C LEU H 202 -129.69 -40.60 41.92
N SER H 203 -130.38 -40.26 40.83
CA SER H 203 -131.84 -40.14 40.69
C SER H 203 -132.41 -39.04 41.50
N SER H 204 -131.60 -38.01 41.72
CA SER H 204 -131.89 -36.84 42.48
C SER H 204 -130.63 -36.05 42.45
N PRO H 205 -130.57 -35.05 41.60
CA PRO H 205 -129.48 -34.11 41.45
C PRO H 205 -128.92 -33.68 42.78
N VAL H 206 -128.00 -34.44 43.34
CA VAL H 206 -127.52 -34.11 44.65
C VAL H 206 -127.02 -32.71 44.53
N THR H 207 -127.41 -31.82 45.40
CA THR H 207 -126.96 -30.44 45.31
C THR H 207 -126.42 -30.09 46.69
N LYS H 208 -125.13 -29.88 46.79
CA LYS H 208 -124.47 -29.46 48.02
C LYS H 208 -124.35 -27.95 48.00
N SER H 209 -124.45 -27.32 49.18
CA SER H 209 -124.45 -25.87 49.22
C SER H 209 -123.93 -25.36 50.56
N PHE H 210 -123.80 -24.03 50.65
CA PHE H 210 -123.39 -23.40 51.90
C PHE H 210 -123.82 -21.93 51.90
N ASN H 211 -124.17 -21.42 53.09
CA ASN H 211 -124.40 -20.00 53.34
C ASN H 211 -123.12 -19.29 53.74
N ARG H 212 -123.03 -18.02 53.40
CA ARG H 212 -121.81 -17.25 53.63
C ARG H 212 -121.69 -16.84 55.09
N GLY H 213 -121.15 -17.71 55.92
CA GLY H 213 -121.06 -17.42 57.34
C GLY H 213 -120.77 -18.60 58.25
N GLN I 1 78.83 2.01 8.89
CA GLN I 1 77.37 2.11 8.76
C GLN I 1 76.98 1.99 7.30
N VAL I 2 77.92 2.26 6.42
CA VAL I 2 77.61 2.40 5.01
C VAL I 2 77.21 1.07 4.40
N GLN I 3 75.91 0.84 4.24
CA GLN I 3 75.41 -0.43 3.71
C GLN I 3 74.27 -0.20 2.74
N LEU I 4 74.21 -1.01 1.70
CA LEU I 4 73.09 -1.00 0.78
C LEU I 4 72.13 -2.12 1.10
N VAL I 5 70.84 -1.79 1.19
CA VAL I 5 69.82 -2.73 1.64
C VAL I 5 68.83 -3.03 0.51
N GLN I 6 68.95 -4.23 -0.05
CA GLN I 6 68.18 -4.70 -1.19
C GLN I 6 66.77 -5.04 -0.80
N SER I 7 65.87 -5.01 -1.78
CA SER I 7 64.52 -5.45 -1.51
C SER I 7 64.45 -6.98 -1.45
N GLY I 8 63.30 -7.47 -0.98
CA GLY I 8 63.08 -8.90 -0.82
C GLY I 8 63.11 -9.64 -2.16
N ALA I 9 63.44 -10.93 -2.10
CA ALA I 9 63.49 -11.74 -3.30
C ALA I 9 62.09 -11.92 -3.87
N GLU I 10 61.98 -12.00 -5.20
CA GLU I 10 60.66 -11.97 -5.82
C GLU I 10 60.52 -12.99 -6.95
N VAL I 11 59.26 -13.39 -7.19
CA VAL I 11 58.89 -14.34 -8.24
C VAL I 11 57.73 -13.79 -9.07
N LYS I 12 57.98 -13.50 -10.34
CA LYS I 12 57.00 -12.91 -11.24
C LYS I 12 56.84 -13.72 -12.50
N LYS I 13 55.65 -13.63 -13.06
CA LYS I 13 55.32 -14.42 -14.23
C LYS I 13 55.98 -13.81 -15.46
N PRO I 14 56.24 -14.60 -16.47
CA PRO I 14 56.87 -14.08 -17.69
C PRO I 14 55.98 -13.08 -18.40
N GLY I 15 56.61 -12.08 -19.02
CA GLY I 15 55.93 -11.00 -19.67
C GLY I 15 55.77 -9.77 -18.80
N SER I 16 55.60 -9.96 -17.47
CA SER I 16 55.32 -8.89 -16.52
C SER I 16 56.56 -8.06 -16.17
N SER I 17 56.52 -7.25 -15.09
CA SER I 17 57.66 -6.43 -14.66
C SER I 17 58.10 -6.74 -13.24
N VAL I 18 59.34 -6.36 -12.94
CA VAL I 18 59.85 -6.46 -11.59
C VAL I 18 60.45 -5.10 -11.23
N GLN I 19 60.40 -4.75 -9.94
CA GLN I 19 61.09 -3.57 -9.44
C GLN I 19 61.85 -3.91 -8.18
N VAL I 20 63.17 -3.74 -8.22
CA VAL I 20 64.04 -4.00 -7.09
C VAL I 20 64.48 -2.69 -6.46
N SER I 21 64.34 -2.59 -5.16
CA SER I 21 64.75 -1.42 -4.39
C SER I 21 66.14 -1.68 -3.80
N CYS I 22 66.75 -0.64 -3.22
CA CYS I 22 68.10 -0.71 -2.66
C CYS I 22 68.30 0.51 -1.77
N ARG I 23 68.08 0.41 -0.47
CA ARG I 23 68.17 1.56 0.44
C ARG I 23 69.56 1.70 1.03
N ALA I 24 70.23 2.79 0.71
CA ALA I 24 71.49 3.09 1.35
C ALA I 24 71.25 3.53 2.77
N SER I 25 72.17 3.24 3.65
CA SER I 25 71.97 3.69 4.98
C SER I 25 73.25 4.28 5.45
N GLY I 26 73.60 5.44 4.97
CA GLY I 26 74.84 6.05 5.42
C GLY I 26 75.26 7.27 4.66
N GLY I 27 75.32 8.41 5.35
CA GLY I 27 75.74 9.65 4.74
C GLY I 27 74.64 10.29 3.95
N THR I 28 74.95 11.32 3.19
CA THR I 28 73.89 11.93 2.44
C THR I 28 73.87 11.34 1.09
N PHE I 29 72.74 10.75 0.77
CA PHE I 29 72.47 10.12 -0.52
C PHE I 29 72.53 11.13 -1.64
N GLY I 30 73.00 10.70 -2.81
CA GLY I 30 72.91 11.50 -4.03
C GLY I 30 74.24 11.85 -4.67
N ASN I 31 75.30 11.93 -3.89
CA ASN I 31 76.56 12.32 -4.45
C ASN I 31 77.41 11.15 -4.88
N TYR I 32 76.91 9.93 -4.80
CA TYR I 32 77.62 8.77 -5.31
C TYR I 32 76.76 7.99 -6.29
N ALA I 33 77.44 7.35 -7.23
CA ALA I 33 76.82 6.47 -8.22
C ALA I 33 76.46 5.14 -7.63
N ILE I 34 75.28 4.64 -7.96
CA ILE I 34 74.86 3.29 -7.64
C ILE I 34 74.77 2.47 -8.92
N ASN I 35 75.47 1.34 -8.98
CA ASN I 35 75.43 0.46 -10.13
C ASN I 35 74.49 -0.72 -9.89
N TRP I 36 73.88 -1.23 -10.96
CA TRP I 36 73.05 -2.42 -10.92
C TRP I 36 73.66 -3.57 -11.71
N VAL I 37 74.14 -4.59 -11.01
CA VAL I 37 74.80 -5.73 -11.60
C VAL I 37 73.99 -6.98 -11.33
N ARG I 38 73.92 -7.83 -12.34
CA ARG I 38 73.04 -8.98 -12.45
C ARG I 38 73.87 -10.24 -12.63
N GLN I 39 73.43 -11.34 -12.06
CA GLN I 39 74.18 -12.58 -12.18
C GLN I 39 73.22 -13.73 -12.36
N ALA I 40 73.15 -14.27 -13.58
CA ALA I 40 72.33 -15.44 -13.81
C ALA I 40 72.88 -16.59 -12.98
N PRO I 41 72.09 -17.64 -12.77
CA PRO I 41 72.58 -18.75 -11.95
C PRO I 41 73.81 -19.38 -12.57
N GLY I 42 74.86 -19.46 -11.75
CA GLY I 42 76.13 -19.98 -12.21
C GLY I 42 76.64 -19.33 -13.49
N GLN I 43 76.76 -18.00 -13.49
CA GLN I 43 77.11 -17.24 -14.68
C GLN I 43 77.99 -16.07 -14.31
N GLY I 44 78.45 -15.39 -15.33
CA GLY I 44 79.27 -14.22 -15.15
C GLY I 44 78.47 -13.07 -14.55
N LEU I 45 79.13 -11.94 -14.43
CA LEU I 45 78.51 -10.72 -13.96
C LEU I 45 78.30 -9.77 -15.12
N GLU I 46 77.08 -9.29 -15.31
CA GLU I 46 76.85 -8.25 -16.30
C GLU I 46 76.29 -6.99 -15.64
N TRP I 47 76.86 -5.88 -16.05
CA TRP I 47 76.47 -4.56 -15.59
C TRP I 47 75.30 -4.07 -16.41
N MET I 48 74.19 -3.76 -15.75
CA MET I 48 73.03 -3.29 -16.50
C MET I 48 73.06 -1.79 -16.74
N GLY I 49 73.36 -1.05 -15.68
CA GLY I 49 73.41 0.39 -15.77
C GLY I 49 73.70 0.92 -14.40
N GLY I 50 73.30 2.16 -14.18
CA GLY I 50 73.50 2.78 -12.90
C GLY I 50 73.09 4.22 -12.97
N ILE I 51 73.01 4.84 -11.80
CA ILE I 51 72.65 6.24 -11.72
C ILE I 51 73.47 6.93 -10.65
N SER I 52 73.76 8.21 -10.87
CA SER I 52 74.19 9.08 -9.78
C SER I 52 73.20 10.22 -9.73
N PRO I 53 72.19 10.09 -8.96
CA PRO I 53 70.98 10.94 -9.06
C PRO I 53 71.15 12.37 -9.50
N ILE I 54 72.24 12.98 -9.07
CA ILE I 54 72.44 14.41 -9.21
C ILE I 54 73.40 14.74 -10.34
N PHE I 55 74.46 13.96 -10.48
CA PHE I 55 75.38 14.19 -11.58
C PHE I 55 74.73 14.22 -12.93
N GLY I 56 73.76 13.39 -13.15
CA GLY I 56 73.17 13.33 -14.46
C GLY I 56 72.14 12.24 -14.61
N PRO I 57 71.72 11.98 -15.84
CA PRO I 57 70.67 11.03 -16.01
C PRO I 57 71.22 9.63 -16.00
N PRO I 58 70.37 8.63 -15.73
CA PRO I 58 70.81 7.24 -15.76
C PRO I 58 71.51 6.85 -17.05
N LYS I 59 72.48 5.94 -16.95
CA LYS I 59 73.10 5.39 -18.14
C LYS I 59 72.92 3.88 -18.12
N TYR I 60 72.57 3.33 -19.28
CA TYR I 60 72.18 1.94 -19.45
C TYR I 60 73.05 1.25 -20.48
N ALA I 61 73.09 -0.09 -20.39
CA ALA I 61 73.66 -0.93 -21.42
C ALA I 61 72.65 -1.23 -22.53
N GLN I 62 73.14 -1.39 -23.76
CA GLN I 62 72.24 -1.66 -24.87
C GLN I 62 71.45 -2.95 -24.73
N LYS I 63 72.01 -3.97 -24.07
CA LYS I 63 71.26 -5.20 -23.83
C LYS I 63 69.88 -4.92 -23.24
N PHE I 64 69.79 -3.97 -22.34
CA PHE I 64 68.53 -3.71 -21.65
C PHE I 64 67.87 -2.42 -22.09
N GLN I 65 68.38 -1.79 -23.16
CA GLN I 65 67.76 -0.58 -23.65
C GLN I 65 66.29 -0.79 -23.99
N GLY I 66 65.42 -0.05 -23.32
CA GLY I 66 63.99 -0.15 -23.57
C GLY I 66 63.28 -1.16 -22.67
N ARG I 67 64.05 -1.98 -21.97
CA ARG I 67 63.47 -3.00 -21.08
C ARG I 67 63.68 -2.64 -19.62
N VAL I 68 64.70 -1.84 -19.35
CA VAL I 68 65.03 -1.41 -18.00
C VAL I 68 64.95 0.10 -17.85
N THR I 69 64.56 0.52 -16.65
CA THR I 69 64.71 1.89 -16.21
C THR I 69 65.19 1.89 -14.77
N ILE I 70 66.13 2.79 -14.46
CA ILE I 70 66.62 3.00 -13.11
C ILE I 70 66.26 4.41 -12.67
N SER I 71 65.72 4.53 -11.47
CA SER I 71 65.33 5.78 -10.87
C SER I 71 65.92 5.86 -9.47
N ALA I 72 65.75 7.01 -8.82
CA ALA I 72 66.18 7.16 -7.43
C ALA I 72 65.30 8.15 -6.69
N ASP I 73 65.01 7.82 -5.46
CA ASP I 73 64.27 8.69 -4.59
C ASP I 73 65.22 9.36 -3.64
N ILE I 74 65.51 10.62 -3.94
CA ILE I 74 66.59 11.29 -3.24
C ILE I 74 66.32 11.44 -1.74
N SER I 75 65.08 11.58 -1.33
CA SER I 75 64.92 11.74 0.11
C SER I 75 65.05 10.43 0.84
N SER I 76 64.30 9.44 0.42
CA SER I 76 64.26 8.14 1.07
C SER I 76 65.53 7.37 0.89
N SER I 77 66.49 7.94 0.18
CA SER I 77 67.82 7.38 0.12
C SER I 77 67.77 6.05 -0.58
N THR I 78 67.05 6.01 -1.69
CA THR I 78 66.75 4.73 -2.31
C THR I 78 66.84 4.83 -3.81
N ALA I 79 67.40 3.79 -4.42
CA ALA I 79 67.44 3.62 -5.86
C ALA I 79 66.61 2.41 -6.24
N TYR I 80 65.99 2.49 -7.40
CA TYR I 80 65.10 1.46 -7.90
C TYR I 80 65.56 0.98 -9.26
N MET I 81 65.60 -0.33 -9.43
CA MET I 81 65.91 -0.95 -10.69
C MET I 81 64.64 -1.64 -11.18
N ASP I 82 64.08 -1.14 -12.28
CA ASP I 82 62.82 -1.64 -12.80
C ASP I 82 63.11 -2.35 -14.08
N LEU I 83 62.73 -3.60 -14.13
CA LEU I 83 62.95 -4.40 -15.31
C LEU I 83 61.71 -5.06 -15.76
N SER I 84 61.33 -4.76 -16.99
CA SER I 84 60.18 -5.37 -17.54
C SER I 84 60.34 -5.56 -19.01
N SER I 85 61.40 -6.30 -19.29
CA SER I 85 61.77 -6.85 -20.58
C SER I 85 61.79 -8.22 -19.94
N LEU I 86 60.61 -8.78 -19.59
CA LEU I 86 60.60 -10.01 -18.82
C LEU I 86 60.43 -11.28 -19.56
N SER I 87 61.31 -12.21 -19.24
CA SER I 87 61.34 -13.51 -19.84
C SER I 87 61.70 -14.50 -18.78
N SER I 88 62.12 -15.67 -19.21
CA SER I 88 62.54 -16.62 -18.16
C SER I 88 64.03 -16.56 -17.89
N ASP I 89 64.82 -16.17 -18.91
CA ASP I 89 66.25 -15.96 -18.77
C ASP I 89 66.59 -14.55 -18.31
N ASP I 90 65.65 -13.88 -17.68
CA ASP I 90 65.94 -12.74 -16.82
C ASP I 90 65.98 -13.17 -15.36
N THR I 91 65.88 -14.46 -15.10
CA THR I 91 65.99 -14.97 -13.74
C THR I 91 67.43 -14.95 -13.26
N ALA I 92 67.68 -14.30 -12.13
CA ALA I 92 69.06 -14.06 -11.74
C ALA I 92 69.06 -13.49 -10.34
N VAL I 93 70.27 -13.20 -9.84
CA VAL I 93 70.47 -12.38 -8.66
C VAL I 93 70.83 -10.97 -9.12
N TYR I 94 70.22 -9.99 -8.48
CA TYR I 94 70.39 -8.58 -8.81
C TYR I 94 71.09 -7.80 -7.70
N TYR I 95 72.28 -7.30 -8.00
CA TYR I 95 73.06 -6.54 -7.05
C TYR I 95 73.03 -5.04 -7.36
N CYS I 96 72.88 -4.22 -6.31
CA CYS I 96 73.20 -2.80 -6.38
C CYS I 96 74.52 -2.60 -5.64
N ALA I 97 75.37 -1.72 -6.15
CA ALA I 97 76.69 -1.61 -5.56
C ALA I 97 77.29 -0.26 -5.87
N ARG I 98 78.11 0.25 -4.97
CA ARG I 98 78.63 1.60 -5.09
C ARG I 98 80.10 1.63 -4.73
N LYS I 99 80.76 2.70 -5.08
CA LYS I 99 82.10 2.97 -4.62
C LYS I 99 82.03 3.68 -3.28
N LEU I 100 83.05 3.58 -2.46
CA LEU I 100 82.94 4.19 -1.15
C LEU I 100 83.72 5.43 -0.95
N GLU I 101 84.97 5.46 -1.33
CA GLU I 101 85.73 6.66 -1.10
C GLU I 101 85.70 7.49 -2.34
N PRO I 102 85.63 8.82 -2.22
CA PRO I 102 85.48 9.75 -3.33
C PRO I 102 86.73 9.94 -4.10
N PRO I 103 86.62 10.35 -5.37
CA PRO I 103 85.42 10.71 -6.10
C PRO I 103 84.66 9.51 -6.57
N TYR I 104 83.38 9.50 -6.33
CA TYR I 104 82.55 8.33 -6.57
C TYR I 104 81.25 8.64 -7.26
N TYR I 105 81.18 9.76 -7.94
CA TYR I 105 79.96 10.17 -8.60
C TYR I 105 79.74 9.46 -9.90
N PHE I 106 80.78 8.90 -10.46
CA PHE I 106 80.70 8.19 -11.72
C PHE I 106 80.76 6.70 -11.47
N TYR I 107 80.41 5.97 -12.51
CA TYR I 107 80.39 4.52 -12.53
C TYR I 107 81.81 4.04 -12.71
N SER I 108 82.40 3.54 -11.65
CA SER I 108 83.78 3.10 -11.74
C SER I 108 83.85 1.66 -11.28
N TYR I 109 84.42 1.41 -10.14
CA TYR I 109 84.43 0.09 -9.57
C TYR I 109 83.53 0.11 -8.36
N MET I 110 83.58 -0.92 -7.53
CA MET I 110 82.59 -0.98 -6.45
C MET I 110 83.07 -1.71 -5.20
N ASP I 111 83.37 -0.92 -4.18
CA ASP I 111 83.73 -1.39 -2.85
C ASP I 111 82.61 -2.13 -2.16
N VAL I 112 81.40 -1.61 -2.25
CA VAL I 112 80.28 -1.94 -1.36
C VAL I 112 79.11 -2.52 -2.13
N TRP I 113 78.68 -3.73 -1.78
CA TRP I 113 77.59 -4.41 -2.46
C TRP I 113 76.39 -4.66 -1.54
N GLY I 114 75.20 -4.73 -2.13
CA GLY I 114 74.07 -5.27 -1.41
C GLY I 114 74.21 -6.76 -1.33
N LYS I 115 73.32 -7.40 -0.60
CA LYS I 115 73.43 -8.84 -0.56
C LYS I 115 72.82 -9.49 -1.78
N GLY I 116 72.05 -8.74 -2.54
CA GLY I 116 71.43 -9.27 -3.74
C GLY I 116 69.98 -9.58 -3.51
N THR I 117 69.19 -9.45 -4.56
CA THR I 117 67.80 -9.86 -4.59
C THR I 117 67.64 -10.90 -5.69
N THR I 118 67.34 -12.15 -5.34
CA THR I 118 67.19 -13.21 -6.34
C THR I 118 65.80 -13.14 -6.96
N VAL I 119 65.73 -13.26 -8.27
CA VAL I 119 64.48 -13.04 -8.99
C VAL I 119 64.26 -14.12 -10.04
N THR I 120 63.16 -14.85 -9.89
CA THR I 120 62.87 -16.01 -10.72
C THR I 120 61.63 -15.78 -11.60
N VAL I 121 61.84 -15.83 -12.90
CA VAL I 121 60.80 -15.55 -13.87
C VAL I 121 60.24 -16.89 -14.33
N SER I 122 59.06 -17.26 -13.81
CA SER I 122 58.46 -18.59 -13.96
C SER I 122 56.95 -18.52 -13.88
N SER I 123 56.26 -19.10 -14.88
CA SER I 123 54.79 -19.16 -14.92
C SER I 123 54.23 -20.27 -14.04
N ALA I 124 55.09 -20.94 -13.30
CA ALA I 124 54.65 -21.90 -12.30
C ALA I 124 53.93 -21.18 -11.18
N SER I 125 53.52 -21.97 -10.20
CA SER I 125 52.88 -21.46 -9.00
C SER I 125 53.21 -22.38 -7.84
N THR I 126 53.17 -21.81 -6.64
CA THR I 126 53.61 -22.46 -5.40
C THR I 126 53.13 -23.90 -5.34
N LYS I 127 54.04 -24.81 -4.98
CA LYS I 127 53.70 -26.22 -4.82
C LYS I 127 54.63 -26.85 -3.81
N GLY I 128 54.07 -27.65 -2.92
CA GLY I 128 54.86 -28.39 -1.99
C GLY I 128 55.57 -29.56 -2.64
N PRO I 129 56.62 -30.03 -2.03
CA PRO I 129 57.38 -31.15 -2.61
C PRO I 129 56.88 -32.50 -2.17
N SER I 130 56.71 -33.45 -3.10
CA SER I 130 56.54 -34.84 -2.72
C SER I 130 57.90 -35.48 -2.49
N VAL I 131 58.00 -36.33 -1.47
CA VAL I 131 59.28 -36.86 -1.01
C VAL I 131 59.30 -38.38 -1.03
N PHE I 132 60.14 -38.92 -1.87
CA PHE I 132 60.31 -40.34 -2.06
C PHE I 132 61.64 -40.78 -1.48
N PRO I 133 61.75 -42.02 -1.06
CA PRO I 133 63.02 -42.50 -0.52
C PRO I 133 63.89 -43.20 -1.55
N LEU I 134 65.18 -42.91 -1.47
CA LEU I 134 66.23 -43.65 -2.16
C LEU I 134 66.76 -44.72 -1.21
N ALA I 135 66.27 -45.88 -1.35
CA ALA I 135 66.54 -46.96 -0.42
C ALA I 135 67.92 -47.56 -0.68
N PRO I 136 68.66 -47.89 0.37
CA PRO I 136 69.90 -48.63 0.21
C PRO I 136 69.58 -50.07 -0.12
N SER I 137 70.57 -50.80 -0.57
CA SER I 137 70.34 -52.19 -0.97
C SER I 137 71.69 -52.89 -1.12
N SER I 138 71.67 -54.06 -1.76
CA SER I 138 72.90 -54.72 -2.17
C SER I 138 73.55 -54.02 -3.36
N LYS I 139 72.81 -53.14 -4.04
CA LYS I 139 73.27 -52.30 -5.15
C LYS I 139 73.65 -50.90 -4.71
N SER I 140 73.30 -50.51 -3.47
CA SER I 140 73.68 -49.24 -2.85
C SER I 140 74.67 -49.49 -1.71
N THR I 141 75.50 -50.56 -1.80
CA THR I 141 76.56 -50.88 -0.85
C THR I 141 77.87 -51.19 -1.58
N SER I 142 78.99 -50.88 -0.91
CA SER I 142 80.32 -51.09 -1.50
C SER I 142 81.35 -51.08 -0.38
N GLY I 143 81.88 -52.26 -0.07
CA GLY I 143 82.77 -52.41 1.06
C GLY I 143 82.03 -52.21 2.37
N GLY I 144 82.69 -51.49 3.27
CA GLY I 144 82.12 -51.24 4.58
C GLY I 144 80.85 -50.42 4.52
N THR I 145 80.73 -49.53 3.52
CA THR I 145 79.70 -48.50 3.56
C THR I 145 78.65 -48.61 2.46
N ALA I 146 77.50 -47.96 2.71
CA ALA I 146 76.35 -47.99 1.82
C ALA I 146 75.67 -46.63 1.80
N ALA I 147 75.02 -46.30 0.68
CA ALA I 147 74.41 -45.01 0.46
C ALA I 147 72.89 -45.10 0.39
N LEU I 148 72.22 -44.13 1.01
CA LEU I 148 70.77 -43.97 1.00
C LEU I 148 70.46 -42.49 0.87
N GLY I 149 69.20 -42.16 0.62
CA GLY I 149 68.94 -40.73 0.42
C GLY I 149 67.48 -40.46 0.24
N CYS I 150 67.18 -39.18 0.00
CA CYS I 150 65.83 -38.70 -0.26
C CYS I 150 65.78 -37.96 -1.58
N LEU I 151 64.72 -38.18 -2.35
CA LEU I 151 64.45 -37.44 -3.59
C LEU I 151 63.35 -36.43 -3.43
N VAL I 152 63.67 -35.15 -3.47
CA VAL I 152 62.68 -34.10 -3.30
C VAL I 152 62.21 -33.61 -4.66
N LYS I 153 61.06 -34.09 -5.09
CA LYS I 153 60.60 -33.90 -6.46
C LYS I 153 59.38 -33.00 -6.51
N ASP I 154 59.29 -32.25 -7.62
CA ASP I 154 58.17 -31.40 -8.03
C ASP I 154 57.72 -30.40 -6.96
N TYR I 155 58.50 -29.35 -6.76
CA TYR I 155 58.23 -28.25 -5.84
C TYR I 155 58.56 -26.92 -6.50
N PHE I 156 57.89 -25.87 -6.06
CA PHE I 156 58.10 -24.51 -6.52
C PHE I 156 57.70 -23.54 -5.45
N PRO I 157 58.47 -22.49 -5.28
CA PRO I 157 59.77 -22.22 -5.88
C PRO I 157 60.89 -22.56 -4.91
N GLU I 158 62.13 -22.32 -5.31
CA GLU I 158 63.24 -22.47 -4.41
C GLU I 158 62.99 -21.60 -3.21
N PRO I 159 63.56 -21.91 -2.05
CA PRO I 159 64.46 -23.00 -1.75
C PRO I 159 63.81 -24.08 -0.92
N VAL I 160 64.48 -25.22 -0.84
CA VAL I 160 64.18 -26.29 0.10
C VAL I 160 65.34 -26.39 1.07
N THR I 161 65.09 -26.84 2.30
CA THR I 161 66.15 -27.12 3.25
C THR I 161 66.05 -28.57 3.72
N VAL I 162 67.17 -29.27 3.73
CA VAL I 162 67.20 -30.67 4.09
C VAL I 162 68.15 -30.90 5.25
N SER I 163 67.71 -31.69 6.21
CA SER I 163 68.56 -32.13 7.29
C SER I 163 68.29 -33.61 7.50
N TRP I 164 69.24 -34.30 8.13
CA TRP I 164 69.12 -35.73 8.38
C TRP I 164 69.08 -35.99 9.88
N ASN I 165 68.12 -36.82 10.30
CA ASN I 165 67.82 -37.10 11.71
C ASN I 165 67.71 -35.81 12.50
N SER I 166 66.91 -34.89 11.97
CA SER I 166 66.68 -33.56 12.54
C SER I 166 67.98 -32.92 13.09
N GLY I 167 69.02 -32.92 12.25
CA GLY I 167 70.28 -32.28 12.58
C GLY I 167 71.29 -33.14 13.29
N ALA I 168 70.95 -34.40 13.60
CA ALA I 168 71.87 -35.30 14.28
C ALA I 168 72.93 -35.80 13.32
N LEU I 169 72.53 -36.18 12.12
CA LEU I 169 73.41 -36.75 11.12
C LEU I 169 73.99 -35.70 10.19
N THR I 170 75.32 -35.56 10.22
CA THR I 170 76.05 -34.59 9.39
C THR I 170 77.02 -35.28 8.46
N SER I 171 77.96 -36.06 8.99
CA SER I 171 79.03 -36.63 8.20
C SER I 171 78.53 -37.42 7.00
N GLY I 172 79.10 -37.12 5.84
CA GLY I 172 78.80 -37.87 4.65
C GLY I 172 77.50 -37.55 3.95
N VAL I 173 76.88 -36.41 4.26
CA VAL I 173 75.64 -36.00 3.61
C VAL I 173 75.98 -35.09 2.46
N HIS I 174 75.33 -35.31 1.34
CA HIS I 174 75.42 -34.43 0.19
C HIS I 174 74.00 -34.10 -0.24
N THR I 175 73.62 -32.86 -0.10
CA THR I 175 72.39 -32.35 -0.69
C THR I 175 72.77 -31.62 -1.97
N PHE I 176 72.23 -32.04 -3.03
CA PHE I 176 72.67 -31.58 -4.33
C PHE I 176 71.98 -30.28 -4.70
N PRO I 177 72.55 -29.50 -5.60
CA PRO I 177 71.81 -28.35 -6.12
C PRO I 177 70.57 -28.84 -6.86
N ALA I 178 69.45 -28.17 -6.64
CA ALA I 178 68.22 -28.56 -7.30
C ALA I 178 68.32 -28.37 -8.79
N VAL I 179 67.42 -29.02 -9.52
CA VAL I 179 67.35 -28.79 -10.95
C VAL I 179 65.95 -28.39 -11.37
N LEU I 180 65.89 -27.57 -12.41
CA LEU I 180 64.65 -27.14 -13.02
C LEU I 180 64.24 -28.12 -14.10
N GLN I 181 63.04 -28.71 -13.95
CA GLN I 181 62.52 -29.71 -14.87
C GLN I 181 61.79 -29.08 -16.05
N SER I 182 61.29 -29.92 -16.96
CA SER I 182 60.52 -29.40 -18.10
C SER I 182 59.18 -28.88 -17.65
N SER I 183 58.67 -29.39 -16.54
CA SER I 183 57.42 -28.94 -15.95
C SER I 183 57.55 -27.58 -15.30
N GLY I 184 58.76 -27.02 -15.23
CA GLY I 184 58.98 -25.76 -14.56
C GLY I 184 59.07 -25.88 -13.06
N LEU I 185 59.22 -27.08 -12.53
CA LEU I 185 59.36 -27.34 -11.10
C LEU I 185 60.77 -27.84 -10.79
N TYR I 186 61.11 -27.78 -9.52
CA TYR I 186 62.46 -28.12 -9.11
C TYR I 186 62.48 -29.53 -8.54
N SER I 187 63.62 -30.20 -8.66
CA SER I 187 63.82 -31.47 -7.99
C SER I 187 65.24 -31.50 -7.50
N LEU I 188 65.41 -31.98 -6.29
CA LEU I 188 66.76 -32.17 -5.78
C LEU I 188 66.81 -33.50 -5.04
N SER I 189 68.00 -34.01 -4.90
CA SER I 189 68.27 -35.22 -4.16
C SER I 189 69.18 -34.93 -3.00
N SER I 190 68.92 -35.53 -1.85
CA SER I 190 69.84 -35.55 -0.71
C SER I 190 70.28 -36.97 -0.39
N VAL I 191 71.52 -37.12 0.06
CA VAL I 191 72.16 -38.43 0.09
C VAL I 191 73.08 -38.53 1.30
N VAL I 192 73.11 -39.70 1.93
CA VAL I 192 74.04 -39.99 2.99
C VAL I 192 74.73 -41.31 2.72
N THR I 193 75.99 -41.40 3.08
CA THR I 193 76.71 -42.67 3.10
C THR I 193 76.86 -43.09 4.55
N VAL I 194 76.51 -44.32 4.88
CA VAL I 194 76.55 -44.76 6.28
C VAL I 194 77.18 -46.13 6.36
N PRO I 195 77.60 -46.54 7.56
CA PRO I 195 78.11 -47.91 7.69
C PRO I 195 77.02 -48.90 7.34
N SER I 196 77.38 -49.91 6.55
CA SER I 196 76.41 -50.91 6.12
C SER I 196 75.80 -51.62 7.32
N SER I 197 76.61 -51.85 8.35
CA SER I 197 76.16 -52.51 9.56
C SER I 197 75.09 -51.72 10.30
N SER I 198 75.15 -50.39 10.23
CA SER I 198 74.21 -49.57 10.99
C SER I 198 72.79 -49.69 10.45
N LEU I 199 72.61 -50.24 9.26
CA LEU I 199 71.29 -50.51 8.72
C LEU I 199 70.61 -51.64 9.50
N GLY I 200 69.34 -51.44 9.82
CA GLY I 200 68.59 -52.37 10.66
C GLY I 200 68.55 -51.89 12.09
N THR I 201 69.70 -51.47 12.59
CA THR I 201 69.83 -51.00 13.96
C THR I 201 69.48 -49.52 14.09
N GLN I 202 70.21 -48.68 13.35
CA GLN I 202 70.03 -47.23 13.38
C GLN I 202 69.02 -46.77 12.32
N THR I 203 68.09 -45.92 12.70
CA THR I 203 66.98 -45.51 11.83
C THR I 203 67.22 -44.11 11.26
N TYR I 204 67.15 -43.98 9.94
CA TYR I 204 67.45 -42.74 9.24
C TYR I 204 66.19 -42.06 8.70
N ILE I 205 66.02 -40.79 9.05
CA ILE I 205 64.89 -39.99 8.61
C ILE I 205 65.40 -38.67 8.06
N CYS I 206 65.03 -38.34 6.85
CA CYS I 206 65.33 -37.01 6.32
C CYS I 206 64.16 -36.07 6.59
N ASN I 207 64.47 -34.81 6.87
CA ASN I 207 63.48 -33.81 7.25
C ASN I 207 63.48 -32.73 6.18
N VAL I 208 62.49 -32.73 5.33
CA VAL I 208 62.38 -31.78 4.24
C VAL I 208 61.55 -30.60 4.70
N ASN I 209 61.89 -29.40 4.22
CA ASN I 209 61.19 -28.19 4.61
C ASN I 209 61.07 -27.22 3.45
N HIS I 210 59.85 -26.84 3.11
CA HIS I 210 59.60 -25.89 2.04
C HIS I 210 58.72 -24.79 2.62
N LYS I 211 59.36 -23.71 3.08
CA LYS I 211 58.61 -22.65 3.73
C LYS I 211 57.61 -22.00 2.77
N PRO I 212 57.94 -21.74 1.50
CA PRO I 212 56.96 -21.11 0.60
C PRO I 212 55.60 -21.79 0.48
N SER I 213 55.51 -23.08 0.77
CA SER I 213 54.23 -23.76 0.80
C SER I 213 53.90 -24.28 2.19
N ASN I 214 54.71 -23.93 3.19
CA ASN I 214 54.55 -24.37 4.58
C ASN I 214 54.40 -25.89 4.76
N THR I 215 55.06 -26.67 3.93
CA THR I 215 55.00 -28.12 4.08
C THR I 215 56.26 -28.62 4.78
N LYS I 216 56.08 -29.39 5.85
CA LYS I 216 57.20 -29.97 6.59
C LYS I 216 56.98 -31.47 6.72
N VAL I 217 57.68 -32.24 5.88
CA VAL I 217 57.61 -33.71 5.83
C VAL I 217 58.81 -34.33 6.51
N ASP I 218 58.58 -35.42 7.25
CA ASP I 218 59.66 -36.25 7.80
C ASP I 218 59.49 -37.68 7.26
N LYS I 219 60.36 -38.10 6.36
CA LYS I 219 60.24 -39.41 5.74
C LYS I 219 61.32 -40.36 6.26
N ARG I 220 60.88 -41.47 6.86
CA ARG I 220 61.79 -42.51 7.28
C ARG I 220 62.23 -43.31 6.06
N VAL I 221 63.49 -43.73 6.04
CA VAL I 221 64.06 -44.47 4.92
C VAL I 221 64.45 -45.85 5.40
N GLU I 222 63.78 -46.89 4.86
CA GLU I 222 63.94 -48.29 5.21
C GLU I 222 64.77 -49.05 4.17
N PRO I 223 65.56 -50.01 4.62
CA PRO I 223 66.19 -50.95 3.70
C PRO I 223 65.14 -51.81 2.99
N LYS I 224 65.61 -52.50 1.95
CA LYS I 224 64.82 -53.46 1.19
C LYS I 224 65.75 -54.58 0.73
N SER I 225 65.17 -55.63 0.17
CA SER I 225 65.96 -56.72 -0.40
C SER I 225 66.60 -56.33 -1.74
N GLU J 1 80.89 -2.72 -25.80
CA GLU J 1 82.19 -3.15 -26.27
C GLU J 1 83.24 -2.95 -25.22
N ILE J 2 84.48 -3.22 -25.58
CA ILE J 2 85.53 -3.53 -24.61
C ILE J 2 85.08 -4.71 -23.77
N VAL J 3 85.21 -5.87 -24.33
CA VAL J 3 84.89 -7.11 -23.65
C VAL J 3 86.19 -7.72 -23.17
N LEU J 4 86.15 -8.32 -21.98
CA LEU J 4 87.33 -8.86 -21.32
C LEU J 4 87.19 -10.37 -21.15
N THR J 5 88.09 -11.12 -21.77
CA THR J 5 88.13 -12.57 -21.64
C THR J 5 89.23 -13.02 -20.69
N GLN J 6 88.85 -13.81 -19.70
CA GLN J 6 89.76 -14.34 -18.71
C GLN J 6 90.22 -15.74 -19.04
N SER J 7 91.49 -15.98 -18.76
CA SER J 7 92.18 -17.21 -18.99
C SER J 7 92.90 -17.70 -17.77
N PRO J 8 92.70 -18.95 -17.40
CA PRO J 8 91.80 -19.98 -17.94
C PRO J 8 90.47 -20.03 -17.22
N GLY J 9 89.51 -20.72 -17.81
CA GLY J 9 88.21 -20.79 -17.19
C GLY J 9 88.23 -21.36 -15.80
N THR J 10 89.07 -22.35 -15.59
CA THR J 10 89.30 -22.91 -14.28
C THR J 10 90.80 -23.02 -14.10
N LEU J 11 91.24 -23.09 -12.87
CA LEU J 11 92.66 -23.16 -12.55
C LEU J 11 92.80 -24.12 -11.39
N SER J 12 93.42 -25.26 -11.61
CA SER J 12 93.59 -26.23 -10.54
C SER J 12 94.94 -26.05 -9.88
N LEU J 13 94.93 -25.68 -8.60
CA LEU J 13 96.13 -25.53 -7.83
C LEU J 13 95.92 -25.97 -6.40
N SER J 14 96.91 -26.57 -5.81
CA SER J 14 96.88 -26.98 -4.41
C SER J 14 97.37 -25.84 -3.53
N PRO J 15 96.98 -25.77 -2.27
CA PRO J 15 97.38 -24.65 -1.42
C PRO J 15 98.88 -24.47 -1.31
N GLY J 16 99.28 -23.25 -1.04
CA GLY J 16 100.68 -22.87 -0.93
C GLY J 16 101.33 -22.47 -2.22
N GLU J 17 100.59 -22.49 -3.30
CA GLU J 17 101.16 -22.40 -4.62
C GLU J 17 100.88 -21.06 -5.29
N ARG J 18 101.74 -20.61 -6.20
CA ARG J 18 101.43 -19.36 -6.92
C ARG J 18 100.35 -19.55 -7.96
N ALA J 19 99.32 -18.71 -7.89
CA ALA J 19 98.29 -18.62 -8.91
C ALA J 19 98.45 -17.30 -9.64
N THR J 20 98.47 -17.33 -10.95
CA THR J 20 98.45 -16.11 -11.74
C THR J 20 97.32 -16.13 -12.77
N LEU J 21 96.31 -15.34 -12.53
CA LEU J 21 95.17 -15.24 -13.42
C LEU J 21 95.43 -14.14 -14.42
N SER J 22 94.84 -14.24 -15.60
CA SER J 22 94.98 -13.16 -16.58
C SER J 22 93.63 -12.72 -17.12
N CYS J 23 93.66 -11.52 -17.69
CA CYS J 23 92.47 -10.85 -18.16
C CYS J 23 92.90 -10.03 -19.36
N ARG J 24 92.40 -10.35 -20.54
CA ARG J 24 92.80 -9.66 -21.76
C ARG J 24 91.62 -8.87 -22.32
N ALA J 25 91.94 -7.74 -22.91
CA ALA J 25 90.92 -6.82 -23.34
C ALA J 25 90.86 -6.74 -24.84
N SER J 26 89.65 -6.54 -25.35
CA SER J 26 89.46 -6.37 -26.77
C SER J 26 89.98 -5.04 -27.29
N GLN J 27 90.08 -4.04 -26.43
CA GLN J 27 90.55 -2.70 -26.79
C GLN J 27 91.65 -2.28 -25.85
N SER J 28 92.56 -1.36 -26.16
CA SER J 28 93.48 -0.97 -25.08
C SER J 28 92.72 -0.61 -23.81
N VAL J 29 93.39 -0.23 -22.71
CA VAL J 29 92.72 0.18 -21.45
C VAL J 29 93.28 1.33 -20.58
N SER J 30 92.76 2.50 -20.84
CA SER J 30 93.01 3.76 -20.18
C SER J 30 93.89 3.90 -18.94
N SER J 31 95.20 3.74 -19.05
CA SER J 31 95.98 3.89 -17.82
C SER J 31 95.95 2.60 -16.99
N SER J 32 95.02 2.54 -16.05
CA SER J 32 94.86 1.38 -15.19
C SER J 32 93.46 1.30 -14.61
N TYR J 33 92.44 1.44 -15.45
CA TYR J 33 91.07 1.39 -14.96
C TYR J 33 90.63 -0.05 -15.00
N LEU J 34 91.25 -0.88 -14.19
CA LEU J 34 90.85 -2.26 -14.12
C LEU J 34 90.82 -2.70 -12.67
N ALA J 35 89.70 -3.24 -12.25
CA ALA J 35 89.56 -3.77 -10.92
C ALA J 35 89.56 -5.28 -11.00
N TRP J 36 89.75 -5.94 -9.86
CA TRP J 36 89.66 -7.39 -9.74
C TRP J 36 88.77 -7.74 -8.57
N TYR J 37 87.81 -8.63 -8.75
CA TYR J 37 86.93 -9.00 -7.67
C TYR J 37 87.14 -10.46 -7.31
N GLN J 38 86.65 -10.83 -6.15
CA GLN J 38 86.70 -12.20 -5.66
C GLN J 38 85.32 -12.59 -5.17
N GLN J 39 84.72 -13.61 -5.77
CA GLN J 39 83.41 -14.09 -5.34
C GLN J 39 83.47 -15.50 -4.81
N LYS J 40 83.06 -15.67 -3.64
CA LYS J 40 82.89 -17.00 -3.14
C LYS J 40 81.43 -17.34 -3.28
N PRO J 41 81.06 -18.61 -3.45
CA PRO J 41 79.68 -18.90 -3.83
C PRO J 41 78.72 -18.60 -2.71
N GLY J 42 77.61 -17.95 -3.08
CA GLY J 42 76.63 -17.54 -2.11
C GLY J 42 76.77 -16.13 -1.61
N GLN J 43 77.88 -15.47 -1.89
CA GLN J 43 78.17 -14.12 -1.43
C GLN J 43 78.29 -13.17 -2.62
N ALA J 44 78.27 -11.89 -2.29
CA ALA J 44 78.58 -10.89 -3.26
C ALA J 44 80.07 -10.69 -3.33
N PRO J 45 80.58 -10.09 -4.41
CA PRO J 45 82.01 -9.89 -4.57
C PRO J 45 82.66 -9.03 -3.50
N ARG J 46 83.95 -9.27 -3.32
CA ARG J 46 84.81 -8.51 -2.44
C ARG J 46 85.74 -7.83 -3.42
N LEU J 47 86.05 -6.57 -3.21
CA LEU J 47 86.95 -5.89 -4.11
C LEU J 47 88.37 -6.20 -3.75
N LEU J 48 89.16 -6.70 -4.69
CA LEU J 48 90.56 -6.99 -4.38
C LEU J 48 91.47 -5.86 -4.83
N ILE J 49 91.54 -5.60 -6.11
CA ILE J 49 92.44 -4.62 -6.68
C ILE J 49 91.64 -3.57 -7.42
N TYR J 50 92.06 -2.33 -7.33
CA TYR J 50 91.54 -1.30 -8.21
C TYR J 50 92.70 -0.64 -8.90
N GLY J 51 92.40 0.35 -9.71
CA GLY J 51 93.47 0.94 -10.46
C GLY J 51 93.97 -0.08 -11.43
N ALA J 52 95.04 -0.73 -11.09
CA ALA J 52 95.37 -1.93 -11.82
C ALA J 52 96.21 -2.78 -10.91
N SER J 53 96.97 -2.10 -10.10
CA SER J 53 97.76 -2.77 -9.11
C SER J 53 97.54 -2.25 -7.71
N SER J 54 96.60 -1.36 -7.50
CA SER J 54 96.34 -0.81 -6.17
C SER J 54 95.49 -1.74 -5.35
N ARG J 55 96.04 -2.25 -4.27
CA ARG J 55 95.36 -3.18 -3.37
C ARG J 55 94.30 -2.46 -2.53
N ALA J 56 93.09 -3.02 -2.48
CA ALA J 56 92.02 -2.41 -1.71
C ALA J 56 92.25 -2.61 -0.24
N THR J 57 91.84 -1.64 0.57
CA THR J 57 92.09 -1.76 2.00
C THR J 57 91.33 -2.95 2.53
N GLY J 58 92.01 -3.74 3.38
CA GLY J 58 91.48 -5.01 3.82
C GLY J 58 92.15 -6.17 3.16
N ILE J 59 92.59 -5.99 1.94
CA ILE J 59 93.10 -7.13 1.17
C ILE J 59 94.50 -7.47 1.62
N PRO J 60 94.73 -8.74 2.00
CA PRO J 60 96.04 -9.21 2.38
C PRO J 60 97.07 -9.05 1.28
N ASP J 61 98.31 -9.05 1.72
CA ASP J 61 99.41 -8.67 0.87
C ASP J 61 99.63 -9.66 -0.28
N ARG J 62 99.32 -10.93 -0.10
CA ARG J 62 99.56 -11.91 -1.15
C ARG J 62 98.95 -11.57 -2.49
N PHE J 63 97.79 -10.92 -2.50
CA PHE J 63 97.15 -10.45 -3.74
C PHE J 63 97.86 -9.25 -4.38
N SER J 64 98.24 -9.37 -5.64
CA SER J 64 98.90 -8.24 -6.31
C SER J 64 98.51 -8.18 -7.78
N GLY J 65 98.09 -7.03 -8.24
CA GLY J 65 97.73 -6.83 -9.62
C GLY J 65 98.87 -6.26 -10.41
N SER J 66 98.79 -6.35 -11.72
CA SER J 66 99.80 -5.75 -12.57
C SER J 66 99.27 -5.79 -14.01
N GLY J 67 100.06 -5.28 -14.94
CA GLY J 67 99.71 -5.27 -16.35
C GLY J 67 99.19 -3.93 -16.82
N SER J 68 99.04 -3.82 -18.14
CA SER J 68 98.61 -2.57 -18.74
C SER J 68 98.22 -2.80 -20.18
N GLY J 69 97.39 -1.92 -20.70
CA GLY J 69 97.01 -2.04 -22.09
C GLY J 69 95.94 -3.07 -22.31
N THR J 70 96.25 -4.16 -22.99
CA THR J 70 95.28 -5.22 -23.18
C THR J 70 95.67 -6.45 -22.41
N ASP J 71 96.64 -6.35 -21.51
CA ASP J 71 97.13 -7.50 -20.77
C ASP J 71 97.27 -7.17 -19.30
N PHE J 72 96.44 -7.78 -18.47
CA PHE J 72 96.54 -7.63 -17.05
C PHE J 72 96.66 -8.98 -16.42
N THR J 73 97.30 -9.02 -15.26
CA THR J 73 97.43 -10.25 -14.52
C THR J 73 97.21 -9.97 -13.05
N LEU J 74 96.61 -10.93 -12.38
CA LEU J 74 96.40 -10.93 -10.95
C LEU J 74 97.17 -12.10 -10.40
N THR J 75 98.04 -11.84 -9.45
CA THR J 75 98.91 -12.87 -8.92
C THR J 75 98.58 -13.11 -7.48
N ILE J 76 98.35 -14.35 -7.10
CA ILE J 76 98.23 -14.71 -5.70
C ILE J 76 99.43 -15.56 -5.37
N THR J 77 100.16 -15.16 -4.36
CA THR J 77 101.46 -15.75 -4.15
C THR J 77 101.44 -16.95 -3.24
N ARG J 78 100.55 -17.00 -2.25
CA ARG J 78 100.34 -18.21 -1.48
C ARG J 78 98.87 -18.46 -1.39
N LEU J 79 98.39 -19.43 -2.12
CA LEU J 79 96.99 -19.74 -1.97
C LEU J 79 96.73 -20.21 -0.57
N GLU J 80 95.92 -19.50 0.16
CA GLU J 80 95.38 -20.01 1.41
C GLU J 80 94.10 -20.75 1.09
N PRO J 81 93.56 -21.53 2.02
CA PRO J 81 92.24 -22.11 1.76
C PRO J 81 91.15 -21.09 1.51
N GLU J 82 91.20 -19.93 2.14
CA GLU J 82 90.19 -18.91 1.89
C GLU J 82 90.18 -18.44 0.45
N ASP J 83 91.33 -18.44 -0.18
CA ASP J 83 91.50 -17.84 -1.48
C ASP J 83 90.86 -18.60 -2.62
N PHE J 84 90.27 -19.77 -2.38
CA PHE J 84 89.67 -20.55 -3.44
C PHE J 84 88.24 -20.11 -3.72
N ALA J 85 87.99 -19.53 -4.88
CA ALA J 85 86.79 -18.76 -5.19
C ALA J 85 86.86 -18.44 -6.67
N VAL J 86 85.91 -17.66 -7.14
CA VAL J 86 85.94 -17.19 -8.53
C VAL J 86 86.43 -15.77 -8.54
N TYR J 87 87.23 -15.43 -9.53
CA TYR J 87 87.84 -14.12 -9.63
C TYR J 87 87.44 -13.51 -10.95
N TYR J 88 86.75 -12.39 -10.89
CA TYR J 88 86.29 -11.66 -12.05
C TYR J 88 87.16 -10.43 -12.19
N CYS J 89 87.58 -10.09 -13.40
CA CYS J 89 88.22 -8.81 -13.67
C CYS J 89 87.19 -7.88 -14.28
N GLN J 90 87.29 -6.58 -13.98
CA GLN J 90 86.34 -5.56 -14.46
C GLN J 90 87.03 -4.31 -14.96
N GLN J 91 86.56 -3.75 -16.05
CA GLN J 91 87.05 -2.50 -16.58
C GLN J 91 86.08 -1.36 -16.34
N TYR J 92 86.61 -0.17 -16.31
CA TYR J 92 85.77 0.98 -16.08
C TYR J 92 86.38 2.21 -16.71
N VAL J 93 86.92 2.07 -17.91
CA VAL J 93 87.31 3.28 -18.59
C VAL J 93 86.11 3.90 -19.22
N SER J 94 85.14 3.12 -19.64
CA SER J 94 84.00 3.71 -20.30
C SER J 94 82.76 2.84 -20.17
N THR J 95 81.62 3.52 -20.10
CA THR J 95 80.39 2.80 -20.14
C THR J 95 80.24 2.25 -21.54
N PRO J 96 79.66 1.05 -21.65
CA PRO J 96 79.11 0.28 -20.53
C PRO J 96 80.17 -0.47 -19.71
N LEU J 97 80.00 -0.50 -18.39
CA LEU J 97 80.89 -1.28 -17.57
C LEU J 97 80.75 -2.74 -17.93
N THR J 98 81.90 -3.43 -18.05
CA THR J 98 81.94 -4.83 -18.41
C THR J 98 82.87 -5.57 -17.48
N PHE J 99 82.50 -6.80 -17.09
CA PHE J 99 83.32 -7.70 -16.29
C PHE J 99 83.96 -8.76 -17.16
N GLY J 100 84.77 -9.60 -16.53
CA GLY J 100 85.34 -10.74 -17.21
C GLY J 100 84.42 -11.94 -17.07
N GLY J 101 84.80 -13.03 -17.72
CA GLY J 101 84.03 -14.23 -17.57
C GLY J 101 84.15 -14.80 -16.18
N GLY J 102 85.32 -14.63 -15.57
CA GLY J 102 85.64 -15.19 -14.28
C GLY J 102 86.54 -16.38 -14.44
N THR J 103 87.50 -16.54 -13.55
CA THR J 103 88.31 -17.74 -13.42
C THR J 103 87.98 -18.36 -12.09
N LYS J 104 87.77 -19.65 -12.06
CA LYS J 104 87.57 -20.37 -10.81
C LYS J 104 88.85 -21.08 -10.46
N VAL J 105 89.46 -20.71 -9.38
CA VAL J 105 90.56 -21.48 -8.84
C VAL J 105 89.98 -22.56 -7.96
N GLU J 106 90.38 -23.80 -8.23
CA GLU J 106 89.91 -24.92 -7.46
C GLU J 106 91.11 -25.61 -6.83
N ILE J 107 90.83 -26.42 -5.83
CA ILE J 107 91.88 -27.16 -5.15
C ILE J 107 92.36 -28.32 -5.98
N LYS J 108 93.62 -28.29 -6.38
CA LYS J 108 94.22 -29.47 -6.98
C LYS J 108 94.43 -30.53 -5.93
N ARG J 109 94.17 -31.78 -6.29
CA ARG J 109 94.38 -32.86 -5.35
C ARG J 109 94.57 -34.13 -6.14
N THR J 110 94.88 -35.20 -5.42
CA THR J 110 95.12 -36.49 -6.04
C THR J 110 93.86 -37.04 -6.71
N VAL J 111 94.06 -37.73 -7.82
CA VAL J 111 92.91 -38.29 -8.53
C VAL J 111 92.19 -39.28 -7.65
N ALA J 112 90.86 -39.24 -7.66
CA ALA J 112 90.02 -40.10 -6.83
C ALA J 112 88.77 -40.51 -7.55
N ALA J 113 88.59 -41.76 -7.77
CA ALA J 113 87.47 -42.23 -8.57
C ALA J 113 86.19 -42.26 -7.76
N PRO J 114 85.04 -42.11 -8.41
CA PRO J 114 83.78 -42.07 -7.67
C PRO J 114 83.34 -43.43 -7.18
N SER J 115 82.74 -43.46 -6.01
CA SER J 115 81.87 -44.56 -5.69
C SER J 115 80.58 -44.35 -6.46
N VAL J 116 80.12 -45.35 -7.20
CA VAL J 116 78.90 -45.23 -8.00
C VAL J 116 77.79 -46.09 -7.43
N PHE J 117 76.65 -45.49 -7.13
CA PHE J 117 75.48 -46.18 -6.63
C PHE J 117 74.30 -45.96 -7.56
N ILE J 118 73.32 -46.83 -7.51
CA ILE J 118 72.10 -46.64 -8.30
C ILE J 118 70.87 -46.96 -7.45
N PHE J 119 69.81 -46.18 -7.65
CA PHE J 119 68.61 -46.25 -6.82
C PHE J 119 67.37 -46.46 -7.67
N PRO J 120 66.72 -47.61 -7.61
CA PRO J 120 65.47 -47.77 -8.33
C PRO J 120 64.39 -46.94 -7.72
N PRO J 121 63.39 -46.51 -8.49
CA PRO J 121 62.37 -45.60 -7.99
C PRO J 121 61.61 -46.24 -6.84
N SER J 122 61.06 -45.39 -5.98
CA SER J 122 60.34 -45.89 -4.83
C SER J 122 59.00 -46.40 -5.28
N ASP J 123 58.39 -47.18 -4.41
CA ASP J 123 57.07 -47.67 -4.71
C ASP J 123 56.10 -46.52 -4.64
N GLU J 124 56.20 -45.77 -3.54
CA GLU J 124 55.42 -44.56 -3.30
C GLU J 124 55.35 -43.68 -4.54
N GLN J 125 56.48 -43.43 -5.19
CA GLN J 125 56.45 -42.61 -6.38
C GLN J 125 55.73 -43.32 -7.51
N LEU J 126 55.92 -44.63 -7.61
CA LEU J 126 55.40 -45.36 -8.73
C LEU J 126 53.89 -45.34 -8.77
N LYS J 127 53.25 -45.13 -7.63
CA LYS J 127 51.79 -45.02 -7.60
C LYS J 127 51.33 -43.74 -8.25
N SER J 128 52.21 -42.76 -8.41
CA SER J 128 51.81 -41.49 -8.97
C SER J 128 52.17 -41.33 -10.44
N GLY J 129 52.44 -42.43 -11.14
CA GLY J 129 52.47 -42.36 -12.59
C GLY J 129 53.74 -41.88 -13.24
N THR J 130 54.80 -41.65 -12.47
CA THR J 130 56.12 -41.39 -13.03
C THR J 130 57.16 -42.14 -12.23
N ALA J 131 58.31 -42.39 -12.87
CA ALA J 131 59.40 -43.15 -12.28
C ALA J 131 60.73 -42.43 -12.46
N SER J 132 61.45 -42.20 -11.36
CA SER J 132 62.73 -41.53 -11.38
C SER J 132 63.85 -42.43 -10.88
N VAL J 133 64.81 -42.75 -11.74
CA VAL J 133 65.98 -43.53 -11.36
C VAL J 133 67.15 -42.58 -11.11
N VAL J 134 67.76 -42.71 -9.95
CA VAL J 134 68.88 -41.86 -9.54
C VAL J 134 70.18 -42.65 -9.59
N CYS J 135 71.19 -42.08 -10.25
CA CYS J 135 72.55 -42.61 -10.28
C CYS J 135 73.41 -41.58 -9.57
N LEU J 136 74.28 -42.00 -8.66
CA LEU J 136 75.01 -41.09 -7.80
C LEU J 136 76.50 -41.38 -7.83
N LEU J 137 77.32 -40.38 -8.17
CA LEU J 137 78.77 -40.49 -8.13
C LEU J 137 79.29 -39.79 -6.88
N ASN J 138 79.89 -40.54 -5.98
CA ASN J 138 80.29 -40.04 -4.68
C ASN J 138 81.79 -39.87 -4.54
N ASN J 139 82.21 -38.68 -4.11
CA ASN J 139 83.60 -38.35 -3.80
C ASN J 139 84.57 -38.62 -4.93
N PHE J 140 84.37 -37.95 -6.07
CA PHE J 140 85.26 -38.08 -7.20
C PHE J 140 86.02 -36.78 -7.45
N TYR J 141 87.22 -36.88 -7.99
CA TYR J 141 87.97 -35.72 -8.47
C TYR J 141 88.88 -36.14 -9.58
N PRO J 142 88.98 -35.35 -10.65
CA PRO J 142 88.45 -34.05 -11.03
C PRO J 142 86.97 -33.97 -11.39
N ARG J 143 86.52 -32.76 -11.66
CA ARG J 143 85.11 -32.52 -11.86
C ARG J 143 84.62 -33.02 -13.19
N GLU J 144 85.50 -33.12 -14.16
CA GLU J 144 85.15 -33.70 -15.43
C GLU J 144 84.64 -35.14 -15.30
N ALA J 145 83.34 -35.35 -15.51
CA ALA J 145 82.77 -36.69 -15.43
C ALA J 145 81.63 -36.84 -16.42
N LYS J 146 81.51 -38.04 -16.98
CA LYS J 146 80.50 -38.36 -17.99
C LYS J 146 79.55 -39.44 -17.50
N VAL J 147 78.26 -39.16 -17.57
CA VAL J 147 77.24 -40.11 -17.16
C VAL J 147 76.32 -40.42 -18.32
N GLN J 148 76.26 -41.69 -18.72
CA GLN J 148 75.28 -42.14 -19.70
C GLN J 148 74.29 -43.08 -19.07
N TRP J 149 73.04 -42.98 -19.47
CA TRP J 149 72.00 -43.91 -19.07
C TRP J 149 71.68 -44.88 -20.20
N LYS J 150 71.54 -46.14 -19.86
CA LYS J 150 71.10 -47.16 -20.79
C LYS J 150 69.96 -47.94 -20.15
N VAL J 151 68.84 -48.12 -20.86
CA VAL J 151 67.76 -48.97 -20.38
C VAL J 151 67.53 -50.05 -21.41
N ASP J 152 67.54 -51.30 -20.97
CA ASP J 152 67.61 -52.45 -21.85
C ASP J 152 68.64 -52.17 -22.95
N ASN J 153 69.85 -51.83 -22.51
CA ASN J 153 70.94 -51.53 -23.41
C ASN J 153 70.73 -50.35 -24.33
N ALA J 154 69.61 -49.65 -24.23
CA ALA J 154 69.30 -48.57 -25.16
C ALA J 154 69.68 -47.22 -24.56
N LEU J 155 70.44 -46.45 -25.30
CA LEU J 155 71.02 -45.24 -24.76
C LEU J 155 69.96 -44.14 -24.68
N GLN J 156 69.52 -43.83 -23.47
CA GLN J 156 68.60 -42.74 -23.23
C GLN J 156 69.24 -41.41 -23.62
N SER J 157 68.43 -40.46 -24.02
CA SER J 157 68.96 -39.31 -24.75
C SER J 157 68.40 -37.96 -24.30
N GLY J 158 67.14 -37.82 -23.89
CA GLY J 158 66.70 -36.48 -23.57
C GLY J 158 66.07 -36.28 -22.21
N ASN J 159 66.19 -37.26 -21.35
CA ASN J 159 65.37 -37.33 -20.15
C ASN J 159 66.16 -37.46 -18.86
N SER J 160 67.47 -37.26 -18.89
CA SER J 160 68.28 -37.31 -17.69
C SER J 160 68.60 -35.89 -17.26
N GLN J 161 69.20 -35.75 -16.09
CA GLN J 161 69.48 -34.41 -15.57
C GLN J 161 70.44 -34.43 -14.40
N GLU J 162 71.64 -33.88 -14.63
CA GLU J 162 72.72 -33.91 -13.66
C GLU J 162 72.69 -32.68 -12.79
N SER J 163 73.37 -32.77 -11.66
CA SER J 163 73.71 -31.56 -10.93
C SER J 163 74.84 -31.90 -9.98
N VAL J 164 75.87 -31.09 -9.96
CA VAL J 164 77.08 -31.36 -9.20
C VAL J 164 77.16 -30.51 -7.96
N THR J 165 77.72 -31.07 -6.88
CA THR J 165 77.99 -30.29 -5.68
C THR J 165 79.23 -29.41 -5.86
N GLU J 166 79.56 -28.63 -4.84
CA GLU J 166 80.80 -27.88 -4.84
C GLU J 166 81.89 -28.61 -4.06
N GLN J 167 83.12 -28.26 -4.34
CA GLN J 167 84.24 -28.92 -3.68
C GLN J 167 84.05 -29.00 -2.19
N ASP J 168 84.38 -30.15 -1.65
CA ASP J 168 84.15 -30.43 -0.25
C ASP J 168 85.13 -29.64 0.59
N SER J 169 84.66 -29.13 1.73
CA SER J 169 85.53 -28.43 2.67
C SER J 169 86.66 -29.31 3.18
N LYS J 170 86.36 -30.59 3.35
CA LYS J 170 87.29 -31.51 3.98
C LYS J 170 88.18 -32.26 2.99
N ASP J 171 87.61 -33.09 2.15
CA ASP J 171 88.42 -33.84 1.20
C ASP J 171 88.47 -33.19 -0.17
N SER J 172 87.94 -31.98 -0.28
CA SER J 172 87.92 -31.23 -1.54
C SER J 172 87.67 -32.10 -2.77
N THR J 173 86.72 -33.00 -2.65
CA THR J 173 86.23 -33.82 -3.74
C THR J 173 84.82 -33.40 -4.14
N TYR J 174 84.42 -33.78 -5.35
CA TYR J 174 83.08 -33.48 -5.83
C TYR J 174 82.11 -34.63 -5.63
N SER J 175 80.84 -34.35 -5.88
CA SER J 175 79.81 -35.37 -5.88
C SER J 175 78.74 -34.99 -6.90
N LEU J 176 78.18 -35.99 -7.60
CA LEU J 176 77.28 -35.76 -8.73
C LEU J 176 76.06 -36.66 -8.62
N SER J 177 74.90 -36.13 -9.06
CA SER J 177 73.65 -36.87 -9.02
C SER J 177 72.82 -36.59 -10.26
N SER J 178 72.86 -37.49 -11.23
CA SER J 178 71.93 -37.43 -12.34
C SER J 178 70.73 -38.29 -12.05
N THR J 179 69.56 -37.87 -12.50
CA THR J 179 68.36 -38.70 -12.37
C THR J 179 67.61 -38.79 -13.69
N LEU J 180 67.13 -40.00 -13.99
CA LEU J 180 66.46 -40.35 -15.22
C LEU J 180 65.00 -40.57 -14.88
N THR J 181 64.11 -39.88 -15.56
CA THR J 181 62.69 -39.92 -15.27
C THR J 181 61.89 -40.44 -16.46
N LEU J 182 60.95 -41.35 -16.16
CA LEU J 182 60.14 -42.00 -17.18
C LEU J 182 58.70 -42.09 -16.73
N SER J 183 57.79 -42.26 -17.69
CA SER J 183 56.42 -42.56 -17.33
C SER J 183 56.37 -43.97 -16.76
N LYS J 184 55.51 -44.18 -15.77
CA LYS J 184 55.36 -45.53 -15.23
C LYS J 184 55.12 -46.52 -16.36
N ALA J 185 54.42 -46.08 -17.39
CA ALA J 185 54.27 -46.85 -18.62
C ALA J 185 55.60 -47.38 -19.11
N ASP J 186 56.50 -46.47 -19.45
CA ASP J 186 57.76 -46.91 -20.04
C ASP J 186 58.62 -47.63 -19.02
N TYR J 187 58.62 -47.19 -17.77
CA TYR J 187 59.45 -47.88 -16.81
C TYR J 187 59.05 -49.35 -16.71
N GLU J 188 57.75 -49.63 -16.73
CA GLU J 188 57.35 -51.02 -16.61
C GLU J 188 57.62 -51.80 -17.88
N LYS J 189 57.79 -51.12 -18.98
CA LYS J 189 58.06 -51.82 -20.21
C LYS J 189 59.48 -52.33 -20.34
N HIS J 190 60.39 -52.05 -19.40
CA HIS J 190 61.77 -52.47 -19.61
C HIS J 190 62.36 -53.08 -18.37
N LYS J 191 63.28 -54.02 -18.57
CA LYS J 191 63.78 -54.78 -17.44
C LYS J 191 65.02 -54.20 -16.78
N VAL J 192 66.12 -54.01 -17.53
CA VAL J 192 67.40 -53.66 -16.94
C VAL J 192 67.74 -52.18 -17.13
N TYR J 193 68.10 -51.52 -16.04
CA TYR J 193 68.40 -50.10 -16.04
C TYR J 193 69.83 -49.89 -15.57
N ALA J 194 70.66 -49.28 -16.40
CA ALA J 194 72.07 -49.10 -16.07
C ALA J 194 72.53 -47.69 -16.37
N CYS J 195 73.35 -47.12 -15.49
CA CYS J 195 74.07 -45.87 -15.74
C CYS J 195 75.55 -46.16 -15.83
N GLU J 196 76.19 -45.68 -16.89
CA GLU J 196 77.58 -45.95 -17.22
C GLU J 196 78.45 -44.70 -17.02
N VAL J 197 79.46 -44.78 -16.15
CA VAL J 197 80.22 -43.62 -15.67
C VAL J 197 81.64 -43.65 -16.20
N THR J 198 82.07 -42.62 -16.91
CA THR J 198 83.41 -42.57 -17.42
C THR J 198 84.29 -41.50 -16.81
N HIS J 199 85.04 -41.82 -15.79
CA HIS J 199 85.95 -40.88 -15.16
C HIS J 199 87.37 -41.28 -15.55
N GLN J 200 88.30 -40.47 -15.09
CA GLN J 200 89.68 -40.66 -15.44
C GLN J 200 90.47 -41.31 -14.37
N GLY J 201 89.86 -41.51 -13.24
CA GLY J 201 90.55 -42.20 -12.18
C GLY J 201 89.85 -43.50 -11.99
N LEU J 202 89.37 -44.07 -13.09
CA LEU J 202 88.65 -45.28 -13.11
C LEU J 202 89.20 -45.91 -14.34
N SER J 203 90.07 -46.88 -14.22
CA SER J 203 90.60 -47.54 -15.39
C SER J 203 89.44 -48.22 -16.06
N SER J 204 88.77 -47.58 -17.02
CA SER J 204 87.65 -48.24 -17.70
C SER J 204 86.32 -48.07 -17.03
N PRO J 205 85.33 -47.57 -17.74
CA PRO J 205 83.95 -47.22 -17.42
C PRO J 205 83.14 -48.18 -16.59
N VAL J 206 82.91 -47.91 -15.33
CA VAL J 206 82.16 -48.83 -14.51
C VAL J 206 80.69 -48.61 -14.59
N THR J 207 79.92 -49.62 -14.96
CA THR J 207 78.49 -49.49 -15.08
C THR J 207 77.66 -50.23 -14.05
N LYS J 208 76.99 -49.51 -13.16
CA LYS J 208 76.12 -50.12 -12.18
C LYS J 208 74.73 -50.22 -12.76
N SER J 209 74.00 -51.28 -12.40
CA SER J 209 72.69 -51.55 -12.99
C SER J 209 71.82 -52.34 -12.03
N PHE J 210 70.57 -52.55 -12.44
CA PHE J 210 69.63 -53.33 -11.66
C PHE J 210 68.51 -53.87 -12.55
N ASN J 211 68.02 -55.06 -12.20
CA ASN J 211 66.81 -55.57 -12.83
C ASN J 211 65.57 -55.11 -12.07
N ARG J 212 64.48 -54.95 -12.79
CA ARG J 212 63.26 -54.41 -12.20
C ARG J 212 62.60 -55.52 -11.38
N GLY J 213 63.04 -55.67 -10.14
CA GLY J 213 62.54 -56.74 -9.29
C GLY J 213 63.34 -57.03 -8.04
N GLN K 1 -33.28 -55.50 -20.14
CA GLN K 1 -33.14 -54.91 -18.81
C GLN K 1 -33.71 -55.79 -17.70
N VAL K 2 -34.62 -56.70 -18.05
CA VAL K 2 -35.43 -57.45 -17.11
C VAL K 2 -34.62 -58.44 -16.29
N GLN K 3 -34.29 -58.08 -15.04
CA GLN K 3 -33.48 -58.89 -14.16
C GLN K 3 -34.02 -58.83 -12.74
N LEU K 4 -33.95 -59.96 -12.04
CA LEU K 4 -34.25 -60.04 -10.62
C LEU K 4 -32.93 -60.07 -9.84
N VAL K 5 -32.80 -59.23 -8.82
CA VAL K 5 -31.54 -59.08 -8.12
C VAL K 5 -31.69 -59.54 -6.67
N GLN K 6 -31.14 -60.70 -6.34
CA GLN K 6 -31.31 -61.28 -5.02
C GLN K 6 -30.46 -60.54 -4.02
N SER K 7 -30.86 -60.62 -2.77
CA SER K 7 -30.07 -60.05 -1.69
C SER K 7 -28.85 -60.92 -1.38
N GLY K 8 -27.96 -60.35 -0.56
CA GLY K 8 -26.72 -61.01 -0.22
C GLY K 8 -26.91 -62.30 0.54
N ALA K 9 -25.92 -63.19 0.41
CA ALA K 9 -25.93 -64.48 1.08
C ALA K 9 -25.76 -64.31 2.58
N GLU K 10 -26.41 -65.20 3.34
CA GLU K 10 -26.51 -65.02 4.77
C GLU K 10 -26.31 -66.31 5.54
N VAL K 11 -25.88 -66.17 6.78
CA VAL K 11 -25.67 -67.28 7.70
C VAL K 11 -26.35 -66.91 9.02
N LYS K 12 -27.39 -67.65 9.38
CA LYS K 12 -28.19 -67.34 10.57
C LYS K 12 -28.27 -68.57 11.47
N LYS K 13 -28.45 -68.33 12.85
CA LYS K 13 -28.45 -69.36 13.89
C LYS K 13 -29.75 -70.14 13.88
N PRO K 14 -29.76 -71.38 14.33
CA PRO K 14 -31.02 -72.14 14.32
C PRO K 14 -32.05 -71.55 15.24
N GLY K 15 -33.30 -71.65 14.82
CA GLY K 15 -34.38 -71.06 15.54
C GLY K 15 -34.77 -69.68 15.03
N SER K 16 -33.81 -68.90 14.54
CA SER K 16 -34.13 -67.53 14.16
C SER K 16 -34.87 -67.48 12.83
N SER K 17 -34.92 -66.30 12.22
CA SER K 17 -35.58 -66.09 10.95
C SER K 17 -34.63 -65.53 9.92
N VAL K 18 -34.99 -65.70 8.65
CA VAL K 18 -34.29 -65.09 7.53
C VAL K 18 -35.26 -64.35 6.63
N GLN K 19 -34.76 -63.32 5.99
CA GLN K 19 -35.52 -62.65 4.96
C GLN K 19 -34.65 -62.41 3.75
N VAL K 20 -35.03 -62.98 2.64
CA VAL K 20 -34.31 -62.81 1.40
C VAL K 20 -35.08 -61.84 0.54
N SER K 21 -34.42 -60.81 0.04
CA SER K 21 -35.08 -59.85 -0.82
C SER K 21 -34.82 -60.19 -2.28
N CYS K 22 -35.49 -59.48 -3.18
CA CYS K 22 -35.39 -59.76 -4.61
C CYS K 22 -35.97 -58.59 -5.41
N ARG K 23 -35.17 -57.63 -5.88
CA ARG K 23 -35.66 -56.43 -6.57
C ARG K 23 -35.71 -56.62 -8.05
N ALA K 24 -36.90 -56.59 -8.64
CA ALA K 24 -36.97 -56.63 -10.09
C ALA K 24 -36.51 -55.31 -10.64
N SER K 25 -35.94 -55.33 -11.82
CA SER K 25 -35.52 -54.10 -12.41
C SER K 25 -35.94 -54.02 -13.84
N GLY K 26 -37.23 -54.07 -14.11
CA GLY K 26 -37.68 -53.97 -15.47
C GLY K 26 -39.18 -54.06 -15.58
N GLY K 27 -39.78 -53.15 -16.34
CA GLY K 27 -41.22 -53.14 -16.52
C GLY K 27 -41.88 -52.37 -15.40
N THR K 28 -43.19 -52.42 -15.28
CA THR K 28 -43.74 -52.00 -14.02
C THR K 28 -43.90 -53.18 -13.16
N PHE K 29 -43.41 -53.12 -11.95
CA PHE K 29 -43.60 -54.19 -10.99
C PHE K 29 -45.07 -54.33 -10.66
N GLY K 30 -45.52 -55.57 -10.43
CA GLY K 30 -46.84 -55.81 -9.88
C GLY K 30 -47.76 -56.62 -10.76
N ASN K 31 -47.58 -56.58 -12.06
CA ASN K 31 -48.51 -57.32 -12.90
C ASN K 31 -48.05 -58.72 -13.24
N TYR K 32 -46.94 -59.19 -12.66
CA TYR K 32 -46.44 -60.56 -12.82
C TYR K 32 -46.22 -61.29 -11.51
N ALA K 33 -46.36 -62.62 -11.57
CA ALA K 33 -46.08 -63.50 -10.44
C ALA K 33 -44.59 -63.68 -10.26
N ILE K 34 -44.13 -63.62 -9.03
CA ILE K 34 -42.76 -63.95 -8.64
C ILE K 34 -42.76 -65.23 -7.83
N ASN K 35 -41.98 -66.21 -8.25
CA ASN K 35 -41.88 -67.47 -7.53
C ASN K 35 -40.63 -67.55 -6.64
N TRP K 36 -40.74 -68.28 -5.53
CA TRP K 36 -39.61 -68.54 -4.65
C TRP K 36 -39.27 -70.01 -4.62
N VAL K 37 -38.14 -70.38 -5.21
CA VAL K 37 -37.67 -71.75 -5.33
C VAL K 37 -36.38 -71.95 -4.57
N ARG K 38 -36.28 -73.10 -3.90
CA ARG K 38 -35.24 -73.43 -2.93
C ARG K 38 -34.51 -74.67 -3.39
N GLN K 39 -33.20 -74.74 -3.15
CA GLN K 39 -32.41 -75.89 -3.57
C GLN K 39 -31.39 -76.23 -2.51
N ALA K 40 -31.61 -77.30 -1.75
CA ALA K 40 -30.64 -77.76 -0.79
C ALA K 40 -29.38 -78.17 -1.52
N PRO K 41 -28.24 -78.29 -0.83
CA PRO K 41 -27.02 -78.68 -1.52
C PRO K 41 -27.17 -80.04 -2.14
N GLY K 42 -26.87 -80.12 -3.44
CA GLY K 42 -27.03 -81.33 -4.23
C GLY K 42 -28.40 -81.93 -4.10
N GLN K 43 -29.43 -81.15 -4.39
CA GLN K 43 -30.76 -81.63 -4.14
C GLN K 43 -31.71 -81.13 -5.22
N GLY K 44 -32.94 -81.61 -5.13
CA GLY K 44 -33.96 -81.19 -6.07
C GLY K 44 -34.35 -79.75 -5.90
N LEU K 45 -35.33 -79.33 -6.69
CA LEU K 45 -35.87 -77.98 -6.59
C LEU K 45 -37.23 -78.09 -5.94
N GLU K 46 -37.46 -77.36 -4.88
CA GLU K 46 -38.79 -77.32 -4.30
C GLU K 46 -39.34 -75.91 -4.31
N TRP K 47 -40.59 -75.82 -4.72
CA TRP K 47 -41.29 -74.57 -4.81
C TRP K 47 -41.85 -74.22 -3.46
N MET K 48 -41.48 -73.07 -2.92
CA MET K 48 -41.97 -72.68 -1.61
C MET K 48 -43.31 -71.97 -1.70
N GLY K 49 -43.43 -71.02 -2.61
CA GLY K 49 -44.68 -70.28 -2.76
C GLY K 49 -44.47 -69.23 -3.80
N GLY K 50 -45.27 -68.17 -3.76
CA GLY K 50 -45.11 -67.07 -4.71
C GLY K 50 -46.21 -66.05 -4.58
N ILE K 51 -46.00 -64.89 -5.20
CA ILE K 51 -47.00 -63.83 -5.19
C ILE K 51 -47.07 -63.13 -6.52
N SER K 52 -48.26 -62.68 -6.87
CA SER K 52 -48.43 -61.68 -7.91
C SER K 52 -49.17 -60.52 -7.26
N PRO K 53 -48.46 -59.59 -6.75
CA PRO K 53 -48.98 -58.60 -5.80
C PRO K 53 -50.43 -58.20 -5.95
N ILE K 54 -50.88 -58.08 -7.19
CA ILE K 54 -52.16 -57.48 -7.47
C ILE K 54 -53.23 -58.50 -7.77
N PHE K 55 -52.89 -59.54 -8.50
CA PHE K 55 -53.86 -60.57 -8.74
C PHE K 55 -54.44 -61.11 -7.46
N GLY K 56 -53.66 -61.27 -6.43
CA GLY K 56 -54.21 -61.86 -5.25
C GLY K 56 -53.21 -62.09 -4.15
N PRO K 57 -53.59 -62.83 -3.13
CA PRO K 57 -52.72 -63.00 -2.01
C PRO K 57 -51.69 -64.08 -2.28
N PRO K 58 -50.60 -64.06 -1.53
CA PRO K 58 -49.58 -65.08 -1.67
C PRO K 58 -50.16 -66.48 -1.59
N LYS K 59 -49.55 -67.38 -2.33
CA LYS K 59 -49.88 -68.79 -2.25
C LYS K 59 -48.64 -69.57 -1.88
N TYR K 60 -48.83 -70.50 -0.95
CA TYR K 60 -47.75 -71.24 -0.32
C TYR K 60 -47.92 -72.74 -0.45
N ALA K 61 -46.81 -73.46 -0.32
CA ALA K 61 -46.82 -74.91 -0.16
C ALA K 61 -47.01 -75.28 1.31
N GLN K 62 -47.69 -76.39 1.58
CA GLN K 62 -47.92 -76.84 2.97
C GLN K 62 -46.65 -77.18 3.72
N LYS K 63 -45.60 -77.65 3.03
CA LYS K 63 -44.34 -77.88 3.71
C LYS K 63 -43.95 -76.69 4.56
N PHE K 64 -44.16 -75.50 4.04
CA PHE K 64 -43.72 -74.31 4.74
C PHE K 64 -44.86 -73.51 5.34
N GLN K 65 -46.06 -74.08 5.33
CA GLN K 65 -47.22 -73.40 5.89
C GLN K 65 -46.93 -73.03 7.35
N GLY K 66 -47.02 -71.74 7.65
CA GLY K 66 -46.71 -71.29 8.98
C GLY K 66 -45.30 -70.75 9.15
N ARG K 67 -44.31 -71.35 8.49
CA ARG K 67 -42.93 -70.90 8.68
C ARG K 67 -42.53 -69.73 7.77
N VAL K 68 -43.09 -69.67 6.57
CA VAL K 68 -42.75 -68.70 5.55
C VAL K 68 -43.87 -67.69 5.37
N THR K 69 -43.50 -66.45 5.01
CA THR K 69 -44.47 -65.47 4.52
C THR K 69 -43.82 -64.77 3.34
N ILE K 70 -44.57 -64.50 2.30
CA ILE K 70 -44.06 -63.73 1.18
C ILE K 70 -44.82 -62.43 1.06
N SER K 71 -44.10 -61.33 0.92
CA SER K 71 -44.67 -60.03 0.76
C SER K 71 -44.05 -59.34 -0.44
N ALA K 72 -44.57 -58.19 -0.80
CA ALA K 72 -43.98 -57.40 -1.86
C ALA K 72 -44.20 -55.93 -1.60
N ASP K 73 -43.19 -55.13 -1.87
CA ASP K 73 -43.28 -53.69 -1.75
C ASP K 73 -43.41 -53.11 -3.15
N ILE K 74 -44.63 -52.75 -3.49
CA ILE K 74 -44.99 -52.39 -4.86
C ILE K 74 -44.25 -51.17 -5.33
N SER K 75 -43.92 -50.27 -4.43
CA SER K 75 -43.25 -49.07 -4.88
C SER K 75 -41.80 -49.32 -5.21
N SER K 76 -41.07 -49.86 -4.26
CA SER K 76 -39.66 -50.13 -4.38
C SER K 76 -39.39 -51.31 -5.30
N SER K 77 -40.43 -51.93 -5.80
CA SER K 77 -40.32 -52.95 -6.83
C SER K 77 -39.62 -54.20 -6.32
N THR K 78 -40.01 -54.68 -5.15
CA THR K 78 -39.27 -55.72 -4.45
C THR K 78 -40.21 -56.71 -3.82
N ALA K 79 -39.88 -57.98 -3.91
CA ALA K 79 -40.62 -59.02 -3.21
C ALA K 79 -39.74 -59.61 -2.14
N TYR K 80 -40.35 -60.03 -1.04
CA TYR K 80 -39.65 -60.56 0.11
C TYR K 80 -40.11 -61.94 0.46
N MET K 81 -39.16 -62.81 0.72
CA MET K 81 -39.43 -64.15 1.18
C MET K 81 -38.92 -64.19 2.60
N ASP K 82 -39.81 -64.53 3.52
CA ASP K 82 -39.55 -64.39 4.94
C ASP K 82 -39.77 -65.74 5.62
N LEU K 83 -38.68 -66.48 5.79
CA LEU K 83 -38.69 -67.85 6.30
C LEU K 83 -38.74 -67.98 7.77
N SER K 84 -39.84 -68.63 8.18
CA SER K 84 -40.36 -68.97 9.52
C SER K 84 -39.39 -69.28 10.64
N SER K 85 -39.21 -70.55 10.97
CA SER K 85 -38.29 -70.94 12.03
C SER K 85 -37.31 -71.92 11.48
N LEU K 86 -36.07 -71.46 11.27
CA LEU K 86 -34.96 -72.20 10.68
C LEU K 86 -34.51 -73.43 11.41
N SER K 87 -33.90 -74.36 10.67
CA SER K 87 -33.52 -75.64 11.24
C SER K 87 -32.48 -76.45 10.49
N SER K 88 -31.29 -75.95 10.32
CA SER K 88 -30.27 -76.81 9.65
C SER K 88 -30.51 -77.43 8.28
N ASP K 89 -31.69 -77.98 8.00
CA ASP K 89 -31.99 -78.51 6.70
C ASP K 89 -32.85 -77.56 5.92
N ASP K 90 -32.70 -76.29 6.26
CA ASP K 90 -33.32 -75.15 5.68
C ASP K 90 -32.10 -74.47 5.18
N THR K 91 -30.97 -75.13 5.31
CA THR K 91 -29.82 -74.57 4.61
C THR K 91 -29.92 -74.87 3.12
N ALA K 92 -29.85 -73.84 2.29
CA ALA K 92 -30.16 -74.02 0.88
C ALA K 92 -29.81 -72.76 0.10
N VAL K 93 -30.03 -72.80 -1.21
CA VAL K 93 -30.02 -71.63 -2.07
C VAL K 93 -31.45 -71.22 -2.34
N TYR K 94 -31.71 -69.93 -2.27
CA TYR K 94 -33.04 -69.40 -2.47
C TYR K 94 -33.06 -68.54 -3.72
N TYR K 95 -33.80 -68.99 -4.74
CA TYR K 95 -33.94 -68.30 -6.00
C TYR K 95 -35.30 -67.64 -6.08
N CYS K 96 -35.36 -66.42 -6.59
CA CYS K 96 -36.62 -65.86 -7.01
C CYS K 96 -36.69 -65.89 -8.54
N ALA K 97 -37.86 -66.17 -9.10
CA ALA K 97 -37.97 -66.36 -10.53
C ALA K 97 -39.38 -66.10 -11.03
N ARG K 98 -39.48 -65.59 -12.25
CA ARG K 98 -40.73 -65.13 -12.83
C ARG K 98 -40.84 -65.55 -14.26
N LYS K 99 -42.03 -65.43 -14.82
CA LYS K 99 -42.22 -65.62 -16.26
C LYS K 99 -41.95 -64.32 -17.01
N LEU K 100 -41.56 -64.45 -18.27
CA LEU K 100 -41.20 -63.26 -19.02
C LEU K 100 -42.32 -62.74 -19.92
N GLU K 101 -42.71 -63.46 -20.82
CA GLU K 101 -43.71 -62.99 -21.76
C GLU K 101 -45.12 -63.29 -21.27
N PRO K 102 -46.08 -62.35 -21.44
CA PRO K 102 -47.40 -62.48 -20.84
C PRO K 102 -48.21 -63.50 -21.52
N PRO K 103 -49.22 -64.07 -20.85
CA PRO K 103 -49.72 -63.79 -19.51
C PRO K 103 -48.87 -64.42 -18.44
N TYR K 104 -48.50 -63.64 -17.46
CA TYR K 104 -47.56 -64.02 -16.42
C TYR K 104 -48.03 -63.63 -15.03
N TYR K 105 -49.31 -63.41 -14.86
CA TYR K 105 -49.80 -63.02 -13.57
C TYR K 105 -49.91 -64.19 -12.64
N PHE K 106 -49.93 -65.39 -13.18
CA PHE K 106 -50.04 -66.59 -12.37
C PHE K 106 -48.72 -67.33 -12.28
N TYR K 107 -48.67 -68.24 -11.33
CA TYR K 107 -47.54 -69.09 -11.07
C TYR K 107 -47.56 -70.20 -12.10
N SER K 108 -46.70 -70.09 -13.11
CA SER K 108 -46.65 -71.05 -14.19
C SER K 108 -45.24 -71.58 -14.26
N TYR K 109 -44.50 -71.22 -15.27
CA TYR K 109 -43.12 -71.59 -15.32
C TYR K 109 -42.31 -70.33 -15.17
N MET K 110 -41.01 -70.40 -15.43
CA MET K 110 -40.17 -69.25 -15.12
C MET K 110 -38.98 -69.15 -16.07
N ASP K 111 -39.06 -68.18 -16.98
CA ASP K 111 -37.99 -67.80 -17.89
C ASP K 111 -36.78 -67.24 -17.18
N VAL K 112 -37.01 -66.40 -16.18
CA VAL K 112 -36.01 -65.47 -15.62
C VAL K 112 -35.76 -65.76 -14.17
N TRP K 113 -34.53 -66.07 -13.81
CA TRP K 113 -34.21 -66.38 -12.43
C TRP K 113 -33.25 -65.37 -11.84
N GLY K 114 -33.31 -65.21 -10.54
CA GLY K 114 -32.24 -64.52 -9.87
C GLY K 114 -31.06 -65.43 -9.80
N LYS K 115 -29.95 -64.91 -9.31
CA LYS K 115 -28.83 -65.80 -9.19
C LYS K 115 -28.92 -66.64 -7.94
N GLY K 116 -29.75 -66.30 -7.02
CA GLY K 116 -29.86 -67.08 -5.82
C GLY K 116 -29.15 -66.43 -4.66
N THR K 117 -29.69 -66.65 -3.47
CA THR K 117 -29.10 -66.25 -2.20
C THR K 117 -28.87 -67.49 -1.35
N THR K 118 -27.63 -67.82 -1.09
CA THR K 118 -27.31 -68.99 -0.30
C THR K 118 -27.46 -68.70 1.18
N VAL K 119 -28.11 -69.59 1.91
CA VAL K 119 -28.42 -69.34 3.32
C VAL K 119 -28.15 -70.61 4.13
N THR K 120 -27.22 -70.51 5.10
CA THR K 120 -26.69 -71.62 5.90
C THR K 120 -27.09 -71.53 7.36
N VAL K 121 -27.82 -72.52 7.84
CA VAL K 121 -28.35 -72.49 9.19
C VAL K 121 -27.43 -73.27 10.11
N SER K 122 -26.61 -72.56 10.88
CA SER K 122 -25.56 -73.22 11.65
C SER K 122 -25.22 -72.42 12.90
N SER K 123 -25.20 -73.08 14.02
CA SER K 123 -24.84 -72.41 15.26
C SER K 123 -23.33 -72.24 15.42
N ALA K 124 -22.52 -72.57 14.44
CA ALA K 124 -21.10 -72.24 14.51
C ALA K 124 -20.92 -70.73 14.45
N SER K 125 -19.66 -70.32 14.46
CA SER K 125 -19.31 -68.91 14.33
C SER K 125 -17.97 -68.80 13.63
N THR K 126 -17.76 -67.67 12.97
CA THR K 126 -16.63 -67.46 12.09
C THR K 126 -15.34 -68.00 12.67
N LYS K 127 -14.60 -68.72 11.85
CA LYS K 127 -13.30 -69.26 12.24
C LYS K 127 -12.40 -69.41 11.04
N GLY K 128 -11.16 -69.00 11.18
CA GLY K 128 -10.23 -69.22 10.10
C GLY K 128 -9.80 -70.68 10.01
N PRO K 129 -9.33 -71.07 8.86
CA PRO K 129 -8.92 -72.45 8.67
C PRO K 129 -7.48 -72.69 9.04
N SER K 130 -7.20 -73.75 9.78
CA SER K 130 -5.83 -74.19 9.92
C SER K 130 -5.44 -75.04 8.72
N VAL K 131 -4.21 -74.90 8.24
CA VAL K 131 -3.79 -75.51 6.96
C VAL K 131 -2.60 -76.42 7.13
N PHE K 132 -2.80 -77.67 6.89
CA PHE K 132 -1.79 -78.67 7.03
C PHE K 132 -1.33 -79.18 5.68
N PRO K 133 -0.10 -79.67 5.58
CA PRO K 133 0.38 -80.21 4.29
C PRO K 133 0.18 -81.70 4.18
N LEU K 134 -0.23 -82.13 3.01
CA LEU K 134 -0.26 -83.53 2.64
C LEU K 134 1.06 -83.82 1.96
N ALA K 135 1.97 -84.36 2.69
CA ALA K 135 3.30 -84.51 2.14
C ALA K 135 3.38 -85.68 1.17
N PRO K 136 4.09 -85.52 0.06
CA PRO K 136 4.35 -86.65 -0.84
C PRO K 136 5.38 -87.59 -0.25
N SER K 137 5.50 -88.78 -0.85
CA SER K 137 6.42 -89.78 -0.30
C SER K 137 6.64 -90.90 -1.30
N SER K 138 7.20 -92.02 -0.84
CA SER K 138 7.24 -93.21 -1.66
C SER K 138 5.88 -93.89 -1.77
N LYS K 139 4.93 -93.49 -0.91
CA LYS K 139 3.55 -93.92 -0.91
C LYS K 139 2.62 -92.95 -1.64
N SER K 140 3.13 -91.75 -1.96
CA SER K 140 2.45 -90.75 -2.76
C SER K 140 3.11 -90.59 -4.13
N THR K 141 3.75 -91.69 -4.64
CA THR K 141 4.35 -91.83 -5.98
C THR K 141 3.95 -93.17 -6.60
N SER K 142 3.84 -93.21 -7.94
CA SER K 142 3.49 -94.44 -8.66
C SER K 142 3.87 -94.21 -10.12
N GLY K 143 4.94 -94.86 -10.56
CA GLY K 143 5.45 -94.58 -11.89
C GLY K 143 6.09 -93.19 -11.96
N GLY K 144 5.81 -92.49 -13.07
CA GLY K 144 6.39 -91.17 -13.25
C GLY K 144 5.97 -90.12 -12.25
N THR K 145 4.77 -90.23 -11.72
CA THR K 145 4.21 -89.12 -10.98
C THR K 145 3.95 -89.38 -9.50
N ALA K 146 3.83 -88.28 -8.77
CA ALA K 146 3.62 -88.28 -7.33
C ALA K 146 2.68 -87.15 -6.99
N ALA K 147 1.92 -87.33 -5.93
CA ALA K 147 0.86 -86.42 -5.51
C ALA K 147 1.15 -85.73 -4.19
N LEU K 148 0.83 -84.45 -4.13
CA LEU K 148 0.97 -83.70 -2.90
C LEU K 148 -0.25 -82.80 -2.77
N GLY K 149 -0.43 -82.21 -1.59
CA GLY K 149 -1.63 -81.41 -1.41
C GLY K 149 -1.66 -80.73 -0.05
N CYS K 150 -2.75 -80.01 0.18
CA CYS K 150 -3.05 -79.29 1.40
C CYS K 150 -4.37 -79.72 1.98
N LEU K 151 -4.40 -79.86 3.28
CA LEU K 151 -5.62 -80.13 4.02
C LEU K 151 -6.03 -78.87 4.74
N VAL K 152 -7.13 -78.24 4.31
CA VAL K 152 -7.62 -77.00 4.91
C VAL K 152 -8.70 -77.37 5.91
N LYS K 153 -8.36 -77.38 7.20
CA LYS K 153 -9.23 -77.98 8.19
C LYS K 153 -9.84 -76.94 9.14
N ASP K 154 -11.06 -77.25 9.62
CA ASP K 154 -11.78 -76.49 10.64
C ASP K 154 -11.90 -75.02 10.31
N TYR K 155 -12.82 -74.70 9.40
CA TYR K 155 -13.13 -73.34 9.01
C TYR K 155 -14.63 -73.21 8.90
N PHE K 156 -15.10 -71.98 9.11
CA PHE K 156 -16.51 -71.62 8.99
C PHE K 156 -16.57 -70.15 8.68
N PRO K 157 -17.46 -69.73 7.80
CA PRO K 157 -18.29 -70.57 6.93
C PRO K 157 -17.65 -70.61 5.56
N GLU K 158 -18.31 -71.32 4.65
CA GLU K 158 -17.90 -71.33 3.25
C GLU K 158 -17.88 -69.91 2.70
N PRO K 159 -17.07 -69.63 1.67
CA PRO K 159 -16.17 -70.51 0.95
C PRO K 159 -14.71 -70.26 1.26
N VAL K 160 -13.87 -71.19 0.85
CA VAL K 160 -12.44 -71.00 0.85
C VAL K 160 -12.02 -71.01 -0.61
N THR K 161 -10.93 -70.33 -0.94
CA THR K 161 -10.37 -70.40 -2.28
C THR K 161 -8.93 -70.85 -2.21
N VAL K 162 -8.56 -71.80 -3.05
CA VAL K 162 -7.22 -72.35 -3.02
C VAL K 162 -6.55 -72.21 -4.37
N SER K 163 -5.30 -71.78 -4.37
CA SER K 163 -4.48 -71.78 -5.57
C SER K 163 -3.11 -72.33 -5.21
N TRP K 164 -2.39 -72.77 -6.23
CA TRP K 164 -1.08 -73.37 -6.04
C TRP K 164 -0.05 -72.49 -6.72
N ASN K 165 1.05 -72.22 -6.01
CA ASN K 165 2.07 -71.30 -6.46
C ASN K 165 1.45 -70.00 -6.96
N SER K 166 0.56 -69.46 -6.14
CA SER K 166 -0.18 -68.25 -6.45
C SER K 166 -0.66 -68.19 -7.91
N GLY K 167 -1.32 -69.25 -8.35
CA GLY K 167 -1.91 -69.26 -9.66
C GLY K 167 -1.02 -69.73 -10.80
N ALA K 168 0.24 -70.05 -10.53
CA ALA K 168 1.11 -70.53 -11.60
C ALA K 168 0.78 -71.96 -12.01
N LEU K 169 0.55 -72.81 -11.02
CA LEU K 169 0.32 -74.23 -11.22
C LEU K 169 -1.16 -74.53 -11.37
N THR K 170 -1.50 -75.06 -12.54
CA THR K 170 -2.87 -75.39 -12.92
C THR K 170 -3.04 -76.88 -13.21
N SER K 171 -2.29 -77.41 -14.16
CA SER K 171 -2.47 -78.77 -14.63
C SER K 171 -2.42 -79.77 -13.47
N GLY K 172 -3.41 -80.64 -13.43
CA GLY K 172 -3.43 -81.72 -12.45
C GLY K 172 -3.84 -81.38 -11.04
N VAL K 173 -4.46 -80.25 -10.83
CA VAL K 173 -4.92 -79.81 -9.52
C VAL K 173 -6.36 -80.23 -9.32
N HIS K 174 -6.65 -80.74 -8.15
CA HIS K 174 -8.02 -81.01 -7.75
C HIS K 174 -8.27 -80.43 -6.38
N THR K 175 -9.12 -79.43 -6.30
CA THR K 175 -9.64 -78.96 -5.03
C THR K 175 -11.02 -79.54 -4.80
N PHE K 176 -11.18 -80.21 -3.75
CA PHE K 176 -12.39 -80.95 -3.56
C PHE K 176 -13.48 -80.10 -2.94
N PRO K 177 -14.73 -80.50 -3.12
CA PRO K 177 -15.80 -79.83 -2.40
C PRO K 177 -15.63 -80.05 -0.93
N ALA K 178 -15.83 -79.01 -0.14
CA ALA K 178 -15.68 -79.12 1.29
C ALA K 178 -16.74 -80.05 1.87
N VAL K 179 -16.48 -80.53 3.07
CA VAL K 179 -17.46 -81.30 3.81
C VAL K 179 -17.71 -80.66 5.15
N LEU K 180 -18.93 -80.83 5.63
CA LEU K 180 -19.34 -80.35 6.93
C LEU K 180 -19.07 -81.40 7.98
N GLN K 181 -18.27 -81.06 8.96
CA GLN K 181 -17.92 -82.02 9.98
C GLN K 181 -18.97 -82.05 11.08
N SER K 182 -18.75 -82.91 12.08
CA SER K 182 -19.65 -82.97 13.21
C SER K 182 -19.56 -81.74 14.08
N SER K 183 -18.41 -81.08 14.08
CA SER K 183 -18.29 -79.85 14.83
C SER K 183 -19.06 -78.74 14.18
N GLY K 184 -19.61 -79.02 13.01
CA GLY K 184 -20.28 -77.99 12.27
C GLY K 184 -19.32 -77.11 11.52
N LEU K 185 -18.07 -77.51 11.38
CA LEU K 185 -17.08 -76.75 10.64
C LEU K 185 -16.74 -77.51 9.36
N TYR K 186 -16.14 -76.81 8.43
CA TYR K 186 -15.84 -77.35 7.12
C TYR K 186 -14.40 -77.77 7.00
N SER K 187 -14.15 -78.74 6.14
CA SER K 187 -12.78 -79.11 5.77
C SER K 187 -12.74 -79.46 4.31
N LEU K 188 -11.71 -79.01 3.61
CA LEU K 188 -11.54 -79.46 2.24
C LEU K 188 -10.08 -79.74 2.01
N SER K 189 -9.82 -80.56 1.02
CA SER K 189 -8.48 -80.88 0.62
C SER K 189 -8.26 -80.43 -0.81
N SER K 190 -7.09 -79.88 -1.08
CA SER K 190 -6.64 -79.61 -2.43
C SER K 190 -5.39 -80.40 -2.70
N VAL K 191 -5.23 -80.86 -3.93
CA VAL K 191 -4.25 -81.88 -4.25
C VAL K 191 -3.70 -81.64 -5.65
N VAL K 192 -2.41 -81.89 -5.84
CA VAL K 192 -1.79 -81.85 -7.15
C VAL K 192 -0.98 -83.11 -7.40
N THR K 193 -0.98 -83.54 -8.65
CA THR K 193 -0.09 -84.57 -9.15
C THR K 193 0.98 -83.92 -10.01
N VAL K 194 2.24 -84.25 -9.74
CA VAL K 194 3.38 -83.62 -10.42
C VAL K 194 4.37 -84.70 -10.83
N PRO K 195 5.30 -84.35 -11.73
CA PRO K 195 6.34 -85.31 -12.07
C PRO K 195 7.15 -85.64 -10.84
N SER K 196 7.44 -86.92 -10.65
CA SER K 196 8.18 -87.31 -9.45
C SER K 196 9.55 -86.62 -9.38
N SER K 197 10.20 -86.40 -10.51
CA SER K 197 11.52 -85.76 -10.55
C SER K 197 11.53 -84.33 -10.06
N SER K 198 10.45 -83.59 -10.24
CA SER K 198 10.42 -82.19 -9.86
C SER K 198 10.48 -81.97 -8.36
N LEU K 199 10.29 -83.01 -7.55
CA LEU K 199 10.45 -82.81 -6.11
C LEU K 199 11.88 -82.52 -5.75
N GLY K 200 12.07 -81.52 -4.90
CA GLY K 200 13.40 -81.08 -4.58
C GLY K 200 13.84 -79.88 -5.37
N THR K 201 13.59 -79.91 -6.67
CA THR K 201 14.01 -78.81 -7.53
C THR K 201 12.96 -77.71 -7.52
N GLN K 202 11.75 -78.03 -7.91
CA GLN K 202 10.63 -77.09 -7.99
C GLN K 202 9.83 -77.05 -6.69
N THR K 203 9.51 -75.86 -6.21
CA THR K 203 8.87 -75.67 -4.92
C THR K 203 7.37 -75.36 -5.00
N TYR K 204 6.56 -76.14 -4.30
CA TYR K 204 5.10 -76.04 -4.33
C TYR K 204 4.54 -75.44 -3.05
N ILE K 205 3.74 -74.39 -3.19
CA ILE K 205 3.08 -73.72 -2.05
C ILE K 205 1.60 -73.59 -2.37
N CYS K 206 0.73 -74.08 -1.50
CA CYS K 206 -0.69 -73.82 -1.71
C CYS K 206 -1.06 -72.56 -0.95
N ASN K 207 -1.98 -71.79 -1.54
CA ASN K 207 -2.37 -70.50 -1.00
C ASN K 207 -3.83 -70.54 -0.63
N VAL K 208 -4.09 -70.63 0.61
CA VAL K 208 -5.45 -70.70 1.11
C VAL K 208 -5.91 -69.28 1.42
N ASN K 209 -7.19 -69.02 1.21
CA ASN K 209 -7.76 -67.69 1.42
C ASN K 209 -9.17 -67.84 1.97
N HIS K 210 -9.42 -67.26 3.13
CA HIS K 210 -10.75 -67.30 3.74
C HIS K 210 -11.16 -65.88 4.02
N LYS K 211 -11.92 -65.30 3.10
CA LYS K 211 -12.27 -63.90 3.27
C LYS K 211 -13.12 -63.69 4.53
N PRO K 212 -14.10 -64.52 4.85
CA PRO K 212 -14.90 -64.29 6.08
C PRO K 212 -14.12 -64.15 7.39
N SER K 213 -12.91 -64.67 7.47
CA SER K 213 -12.09 -64.46 8.64
C SER K 213 -10.86 -63.66 8.26
N ASN K 214 -10.82 -63.23 7.01
CA ASN K 214 -9.72 -62.46 6.46
C ASN K 214 -8.36 -63.10 6.71
N THR K 215 -8.31 -64.42 6.72
CA THR K 215 -7.06 -65.17 6.88
C THR K 215 -6.58 -65.64 5.52
N LYS K 216 -5.32 -65.36 5.21
CA LYS K 216 -4.68 -65.78 3.97
C LYS K 216 -3.39 -66.53 4.31
N VAL K 217 -3.41 -67.85 4.22
CA VAL K 217 -2.25 -68.68 4.54
C VAL K 217 -1.55 -69.13 3.27
N ASP K 218 -0.23 -69.14 3.29
CA ASP K 218 0.57 -69.72 2.21
C ASP K 218 1.42 -70.82 2.80
N LYS K 219 1.09 -72.08 2.50
CA LYS K 219 1.81 -73.20 3.10
C LYS K 219 2.69 -73.86 2.07
N ARG K 220 3.97 -73.88 2.34
CA ARG K 220 4.93 -74.58 1.52
C ARG K 220 4.79 -76.06 1.82
N VAL K 221 4.92 -76.89 0.81
CA VAL K 221 4.75 -78.32 1.00
C VAL K 221 6.07 -79.01 0.69
N GLU K 222 6.73 -79.63 1.74
CA GLU K 222 8.02 -80.27 1.57
C GLU K 222 7.87 -81.79 1.50
N PRO K 223 8.70 -82.46 0.71
CA PRO K 223 8.80 -83.92 0.79
C PRO K 223 9.38 -84.37 2.12
N LYS K 224 9.24 -85.67 2.37
CA LYS K 224 9.82 -86.32 3.53
C LYS K 224 10.19 -87.74 3.13
N SER K 225 10.90 -88.43 4.04
CA SER K 225 11.23 -89.85 3.86
C SER K 225 10.03 -90.80 4.09
N GLU L 1 -49.16 -82.51 -3.82
CA GLU L 1 -49.38 -83.68 -4.61
C GLU L 1 -49.17 -83.29 -6.05
N ILE L 2 -49.45 -84.21 -6.97
CA ILE L 2 -48.90 -84.23 -8.33
C ILE L 2 -47.38 -84.26 -8.22
N VAL L 3 -46.86 -85.43 -7.95
CA VAL L 3 -45.43 -85.61 -7.86
C VAL L 3 -44.93 -86.22 -9.16
N LEU L 4 -43.76 -85.77 -9.58
CA LEU L 4 -43.14 -86.11 -10.84
C LEU L 4 -41.85 -86.82 -10.53
N THR L 5 -41.75 -88.07 -10.92
CA THR L 5 -40.52 -88.83 -10.77
C THR L 5 -39.76 -88.95 -12.08
N GLN L 6 -38.50 -88.58 -12.07
CA GLN L 6 -37.74 -88.67 -13.30
C GLN L 6 -36.92 -89.97 -13.33
N SER L 7 -36.85 -90.56 -14.50
CA SER L 7 -36.12 -91.81 -14.77
C SER L 7 -35.21 -91.64 -15.97
N PRO L 8 -33.95 -92.00 -15.83
CA PRO L 8 -33.29 -92.48 -14.63
C PRO L 8 -32.64 -91.36 -13.88
N GLY L 9 -32.23 -91.62 -12.66
CA GLY L 9 -31.60 -90.59 -11.86
C GLY L 9 -30.37 -90.02 -12.50
N THR L 10 -29.58 -90.85 -13.16
CA THR L 10 -28.43 -90.38 -13.91
C THR L 10 -28.48 -91.05 -15.26
N LEU L 11 -27.80 -90.48 -16.23
CA LEU L 11 -27.85 -91.01 -17.57
C LEU L 11 -26.48 -90.91 -18.21
N SER L 12 -25.86 -92.06 -18.46
CA SER L 12 -24.54 -92.06 -19.07
C SER L 12 -24.67 -92.22 -20.57
N LEU L 13 -24.25 -91.19 -21.31
CA LEU L 13 -24.23 -91.17 -22.76
C LEU L 13 -23.00 -90.42 -23.24
N SER L 14 -22.45 -90.85 -24.25
CA SER L 14 -21.30 -90.18 -24.80
C SER L 14 -21.74 -89.11 -25.76
N PRO L 15 -20.94 -88.08 -25.99
CA PRO L 15 -21.40 -87.01 -26.87
C PRO L 15 -21.79 -87.55 -28.22
N GLY L 16 -22.69 -86.83 -28.87
CA GLY L 16 -23.21 -87.22 -30.15
C GLY L 16 -24.41 -88.14 -30.15
N GLU L 17 -24.91 -88.56 -29.00
CA GLU L 17 -25.89 -89.63 -28.89
C GLU L 17 -27.27 -89.10 -28.50
N ARG L 18 -28.33 -89.81 -28.89
CA ARG L 18 -29.66 -89.39 -28.46
C ARG L 18 -29.86 -89.74 -27.01
N ALA L 19 -30.24 -88.71 -26.26
CA ALA L 19 -30.66 -88.85 -24.89
C ALA L 19 -32.15 -88.62 -24.83
N THR L 20 -32.86 -89.53 -24.21
CA THR L 20 -34.27 -89.33 -23.94
C THR L 20 -34.54 -89.53 -22.46
N LEU L 21 -34.82 -88.45 -21.77
CA LEU L 21 -35.13 -88.45 -20.36
C LEU L 21 -36.64 -88.60 -20.27
N SER L 22 -37.12 -89.17 -19.18
CA SER L 22 -38.56 -89.24 -19.07
C SER L 22 -38.99 -88.67 -17.74
N CYS L 23 -40.27 -88.30 -17.65
CA CYS L 23 -40.80 -87.62 -16.48
C CYS L 23 -42.23 -88.13 -16.39
N ARG L 24 -42.55 -88.85 -15.34
CA ARG L 24 -43.86 -89.46 -15.15
C ARG L 24 -44.54 -88.81 -13.96
N ALA L 25 -45.86 -88.64 -14.03
CA ALA L 25 -46.60 -87.91 -13.01
C ALA L 25 -47.52 -88.81 -12.22
N SER L 26 -47.69 -88.45 -10.96
CA SER L 26 -48.54 -89.12 -10.02
C SER L 26 -49.97 -89.10 -10.49
N GLN L 27 -50.41 -87.94 -10.94
CA GLN L 27 -51.75 -87.79 -11.49
C GLN L 27 -51.63 -87.13 -12.81
N SER L 28 -52.58 -87.37 -13.69
CA SER L 28 -52.50 -86.80 -15.00
C SER L 28 -52.42 -85.29 -15.01
N VAL L 29 -51.48 -84.76 -15.74
CA VAL L 29 -51.28 -83.35 -15.83
C VAL L 29 -52.23 -82.78 -16.87
N SER L 30 -53.23 -82.03 -16.40
CA SER L 30 -54.25 -81.43 -17.22
C SER L 30 -53.57 -80.63 -18.23
N SER L 31 -53.79 -80.97 -19.49
CA SER L 31 -53.19 -80.30 -20.64
C SER L 31 -51.67 -80.35 -20.72
N SER L 32 -51.12 -79.62 -21.64
CA SER L 32 -49.67 -79.62 -21.61
C SER L 32 -49.32 -78.44 -20.75
N TYR L 33 -49.19 -78.69 -19.47
CA TYR L 33 -48.62 -77.72 -18.55
C TYR L 33 -47.40 -78.35 -17.90
N LEU L 34 -46.39 -78.61 -18.71
CA LEU L 34 -45.14 -79.17 -18.23
C LEU L 34 -43.96 -78.48 -18.88
N ALA L 35 -43.05 -77.97 -18.09
CA ALA L 35 -41.81 -77.37 -18.56
C ALA L 35 -40.65 -78.31 -18.30
N TRP L 36 -39.52 -78.05 -18.96
CA TRP L 36 -38.28 -78.78 -18.73
C TRP L 36 -37.16 -77.80 -18.52
N TYR L 37 -36.37 -77.99 -17.49
CA TYR L 37 -35.29 -77.05 -17.23
C TYR L 37 -33.94 -77.74 -17.38
N GLN L 38 -32.90 -76.94 -17.50
CA GLN L 38 -31.52 -77.42 -17.61
C GLN L 38 -30.66 -76.64 -16.63
N GLN L 39 -30.06 -77.35 -15.68
CA GLN L 39 -29.18 -76.74 -14.69
C GLN L 39 -27.76 -77.27 -14.82
N LYS L 40 -26.84 -76.41 -15.02
CA LYS L 40 -25.42 -76.68 -14.99
C LYS L 40 -24.86 -76.28 -13.65
N PRO L 41 -23.79 -76.89 -13.14
CA PRO L 41 -23.44 -76.64 -11.75
C PRO L 41 -22.97 -75.22 -11.57
N GLY L 42 -23.46 -74.59 -10.53
CA GLY L 42 -23.14 -73.22 -10.25
C GLY L 42 -24.10 -72.21 -10.78
N GLN L 43 -25.02 -72.59 -11.66
CA GLN L 43 -25.96 -71.64 -12.26
C GLN L 43 -27.39 -71.96 -11.88
N ALA L 44 -28.27 -71.01 -12.14
CA ALA L 44 -29.69 -71.24 -12.00
C ALA L 44 -30.23 -71.88 -13.26
N PRO L 45 -31.39 -72.51 -13.21
CA PRO L 45 -31.91 -73.19 -14.39
C PRO L 45 -32.17 -72.30 -15.59
N ARG L 46 -32.13 -72.93 -16.75
CA ARG L 46 -32.44 -72.29 -18.02
C ARG L 46 -33.72 -72.99 -18.47
N LEU L 47 -34.67 -72.25 -18.97
CA LEU L 47 -35.90 -72.88 -19.40
C LEU L 47 -35.72 -73.47 -20.77
N LEU L 48 -35.98 -74.76 -20.91
CA LEU L 48 -35.87 -75.41 -22.21
C LEU L 48 -37.19 -75.51 -22.92
N ILE L 49 -38.11 -76.26 -22.36
CA ILE L 49 -39.38 -76.53 -23.03
C ILE L 49 -40.47 -76.04 -22.13
N TYR L 50 -41.49 -75.44 -22.72
CA TYR L 50 -42.73 -75.16 -22.02
C TYR L 50 -43.88 -75.77 -22.76
N GLY L 51 -45.05 -75.56 -22.25
CA GLY L 51 -46.16 -76.20 -22.90
C GLY L 51 -46.00 -77.66 -22.69
N ALA L 52 -45.47 -78.35 -23.67
CA ALA L 52 -45.00 -79.70 -23.42
C ALA L 52 -43.96 -79.96 -24.45
N SER L 53 -44.19 -79.35 -25.59
CA SER L 53 -43.27 -79.42 -26.70
C SER L 53 -42.84 -78.07 -27.25
N SER L 54 -43.21 -76.98 -26.65
CA SER L 54 -42.82 -75.69 -27.17
C SER L 54 -41.42 -75.29 -26.77
N ARG L 55 -40.53 -75.15 -27.72
CA ARG L 55 -39.15 -74.77 -27.45
C ARG L 55 -39.08 -73.32 -27.03
N ALA L 56 -38.37 -73.01 -25.96
CA ALA L 56 -38.27 -71.64 -25.51
C ALA L 56 -37.36 -70.88 -26.45
N THR L 57 -37.67 -69.62 -26.65
CA THR L 57 -36.86 -68.89 -27.60
C THR L 57 -35.45 -68.82 -27.07
N GLY L 58 -34.48 -69.05 -27.95
CA GLY L 58 -33.09 -69.18 -27.56
C GLY L 58 -32.60 -70.61 -27.60
N ILE L 59 -33.47 -71.55 -27.33
CA ILE L 59 -33.04 -72.94 -27.18
C ILE L 59 -32.82 -73.57 -28.53
N PRO L 60 -31.66 -74.16 -28.74
CA PRO L 60 -31.34 -74.88 -29.96
C PRO L 60 -32.28 -76.01 -30.24
N ASP L 61 -32.28 -76.39 -31.50
CA ASP L 61 -33.26 -77.29 -32.09
C ASP L 61 -33.20 -78.73 -31.56
N ARG L 62 -32.03 -79.22 -31.18
CA ARG L 62 -31.89 -80.59 -30.70
C ARG L 62 -32.81 -80.92 -29.55
N PHE L 63 -33.07 -79.97 -28.69
CA PHE L 63 -34.03 -80.20 -27.62
C PHE L 63 -35.47 -80.20 -28.12
N SER L 64 -36.21 -81.27 -27.88
CA SER L 64 -37.60 -81.29 -28.30
C SER L 64 -38.40 -82.08 -27.29
N GLY L 65 -39.51 -81.53 -26.82
CA GLY L 65 -40.38 -82.19 -25.87
C GLY L 65 -41.57 -82.94 -26.46
N SER L 66 -42.19 -83.81 -25.69
CA SER L 66 -43.38 -84.51 -26.15
C SER L 66 -44.02 -85.22 -25.00
N GLY L 67 -45.10 -85.94 -25.30
CA GLY L 67 -45.83 -86.74 -24.33
C GLY L 67 -47.12 -86.10 -23.84
N SER L 68 -47.88 -86.89 -23.10
CA SER L 68 -49.16 -86.38 -22.64
C SER L 68 -49.72 -87.29 -21.58
N GLY L 69 -50.58 -86.74 -20.74
CA GLY L 69 -51.18 -87.56 -19.73
C GLY L 69 -50.24 -87.71 -18.59
N THR L 70 -49.75 -88.91 -18.38
CA THR L 70 -48.79 -89.17 -17.35
C THR L 70 -47.41 -89.52 -17.90
N ASP L 71 -47.17 -89.29 -19.19
CA ASP L 71 -45.91 -89.65 -19.82
C ASP L 71 -45.38 -88.50 -20.64
N PHE L 72 -44.29 -87.92 -20.19
CA PHE L 72 -43.63 -86.90 -20.95
C PHE L 72 -42.20 -87.33 -21.12
N THR L 73 -41.60 -86.89 -22.21
CA THR L 73 -40.22 -87.17 -22.49
C THR L 73 -39.57 -85.94 -23.08
N LEU L 74 -38.31 -85.75 -22.76
CA LEU L 74 -37.52 -84.69 -23.33
C LEU L 74 -36.40 -85.35 -24.10
N THR L 75 -36.27 -85.03 -25.38
CA THR L 75 -35.31 -85.70 -26.24
C THR L 75 -34.24 -84.74 -26.74
N ILE L 76 -32.98 -85.10 -26.58
CA ILE L 76 -31.84 -84.40 -27.16
C ILE L 76 -31.23 -85.31 -28.21
N THR L 77 -31.08 -84.81 -29.41
CA THR L 77 -30.79 -85.73 -30.49
C THR L 77 -29.32 -85.95 -30.72
N ARG L 78 -28.51 -84.94 -30.52
CA ARG L 78 -27.07 -85.11 -30.53
C ARG L 78 -26.56 -84.38 -29.32
N LEU L 79 -26.15 -85.10 -28.32
CA LEU L 79 -25.59 -84.46 -27.16
C LEU L 79 -24.38 -83.67 -27.57
N GLU L 80 -24.41 -82.38 -27.37
CA GLU L 80 -23.20 -81.60 -27.47
C GLU L 80 -22.53 -81.60 -26.12
N PRO L 81 -21.28 -81.15 -26.02
CA PRO L 81 -20.68 -81.02 -24.69
C PRO L 81 -21.41 -80.09 -23.75
N GLU L 82 -22.01 -79.02 -24.24
CA GLU L 82 -22.75 -78.11 -23.40
C GLU L 82 -23.94 -78.75 -22.74
N ASP L 83 -24.55 -79.69 -23.42
CA ASP L 83 -25.81 -80.27 -23.02
C ASP L 83 -25.68 -81.16 -21.84
N PHE L 84 -24.48 -81.39 -21.34
CA PHE L 84 -24.29 -82.28 -20.20
C PHE L 84 -24.52 -81.49 -18.93
N ALA L 85 -25.57 -81.83 -18.20
CA ALA L 85 -26.11 -80.98 -17.16
C ALA L 85 -27.19 -81.79 -16.45
N VAL L 86 -27.88 -81.19 -15.54
CA VAL L 86 -29.00 -81.83 -14.89
C VAL L 86 -30.29 -81.30 -15.49
N TYR L 87 -31.29 -82.15 -15.65
CA TYR L 87 -32.51 -81.74 -16.32
C TYR L 87 -33.70 -81.96 -15.41
N TYR L 88 -34.42 -80.89 -15.09
CA TYR L 88 -35.59 -80.95 -14.24
C TYR L 88 -36.83 -80.77 -15.08
N CYS L 89 -37.83 -81.58 -14.84
CA CYS L 89 -39.15 -81.37 -15.40
C CYS L 89 -40.01 -80.73 -14.34
N GLN L 90 -40.91 -79.86 -14.77
CA GLN L 90 -41.79 -79.17 -13.84
C GLN L 90 -43.21 -79.15 -14.34
N GLN L 91 -44.16 -79.34 -13.44
CA GLN L 91 -45.56 -79.25 -13.78
C GLN L 91 -46.16 -77.98 -13.22
N TYR L 92 -47.21 -77.50 -13.85
CA TYR L 92 -47.79 -76.28 -13.36
C TYR L 92 -49.25 -76.24 -13.73
N VAL L 93 -49.94 -77.36 -13.60
CA VAL L 93 -51.36 -77.24 -13.77
C VAL L 93 -52.02 -76.71 -12.55
N SER L 94 -51.48 -77.00 -11.38
CA SER L 94 -52.10 -76.56 -10.15
C SER L 94 -51.05 -76.44 -9.07
N THR L 95 -51.24 -75.48 -8.21
CA THR L 95 -50.41 -75.32 -7.06
C THR L 95 -50.62 -76.46 -6.11
N PRO L 96 -49.56 -76.88 -5.43
CA PRO L 96 -48.23 -76.30 -5.44
C PRO L 96 -47.45 -76.74 -6.67
N LEU L 97 -46.68 -75.83 -7.24
CA LEU L 97 -45.82 -76.19 -8.34
C LEU L 97 -44.82 -77.22 -7.85
N THR L 98 -44.60 -78.27 -8.62
CA THR L 98 -43.68 -79.31 -8.21
C THR L 98 -42.74 -79.62 -9.34
N PHE L 99 -41.49 -79.86 -8.99
CA PHE L 99 -40.47 -80.27 -9.92
C PHE L 99 -40.21 -81.77 -9.83
N GLY L 100 -39.35 -82.24 -10.71
CA GLY L 100 -38.88 -83.60 -10.64
C GLY L 100 -37.67 -83.74 -9.78
N GLY L 101 -37.25 -84.99 -9.66
CA GLY L 101 -36.03 -85.26 -8.92
C GLY L 101 -34.84 -84.73 -9.68
N GLY L 102 -34.91 -84.76 -11.00
CA GLY L 102 -33.81 -84.37 -11.86
C GLY L 102 -33.10 -85.55 -12.45
N THR L 103 -32.68 -85.47 -13.71
CA THR L 103 -31.78 -86.44 -14.30
C THR L 103 -30.48 -85.75 -14.60
N LYS L 104 -29.37 -86.38 -14.25
CA LYS L 104 -28.06 -85.89 -14.60
C LYS L 104 -27.52 -86.71 -15.75
N VAL L 105 -27.37 -86.10 -16.91
CA VAL L 105 -26.66 -86.71 -18.01
C VAL L 105 -25.19 -86.42 -17.81
N GLU L 106 -24.39 -87.46 -17.84
CA GLU L 106 -22.97 -87.36 -17.69
C GLU L 106 -22.29 -87.91 -18.91
N ILE L 107 -21.03 -87.58 -19.11
CA ILE L 107 -20.30 -88.10 -20.25
C ILE L 107 -19.92 -89.54 -20.00
N LYS L 108 -20.46 -90.43 -20.79
CA LYS L 108 -20.01 -91.80 -20.80
C LYS L 108 -18.64 -91.86 -21.42
N ARG L 109 -17.75 -92.69 -20.87
CA ARG L 109 -16.40 -92.86 -21.41
C ARG L 109 -15.85 -94.20 -20.96
N THR L 110 -14.67 -94.53 -21.47
CA THR L 110 -14.00 -95.78 -21.15
C THR L 110 -13.62 -95.88 -19.69
N VAL L 111 -13.69 -97.11 -19.15
CA VAL L 111 -13.36 -97.31 -17.75
C VAL L 111 -11.91 -96.93 -17.50
N ALA L 112 -11.67 -96.26 -16.39
CA ALA L 112 -10.34 -95.80 -16.05
C ALA L 112 -10.16 -95.91 -14.55
N ALA L 113 -9.22 -96.69 -14.12
CA ALA L 113 -9.03 -97.00 -12.72
C ALA L 113 -8.31 -95.88 -12.01
N PRO L 114 -8.54 -95.72 -10.72
CA PRO L 114 -7.92 -94.62 -9.98
C PRO L 114 -6.45 -94.83 -9.67
N SER L 115 -5.69 -93.75 -9.70
CA SER L 115 -4.44 -93.71 -8.96
C SER L 115 -4.76 -93.52 -7.50
N VAL L 116 -4.22 -94.36 -6.62
CA VAL L 116 -4.49 -94.29 -5.20
C VAL L 116 -3.26 -93.87 -4.42
N PHE L 117 -3.42 -92.81 -3.64
CA PHE L 117 -2.40 -92.27 -2.75
C PHE L 117 -2.92 -92.28 -1.33
N ILE L 118 -2.00 -92.24 -0.38
CA ILE L 118 -2.36 -92.12 1.02
C ILE L 118 -1.44 -91.12 1.68
N PHE L 119 -1.99 -90.32 2.58
CA PHE L 119 -1.24 -89.24 3.20
C PHE L 119 -1.32 -89.35 4.71
N PRO L 120 -0.24 -89.68 5.37
CA PRO L 120 -0.24 -89.69 6.84
C PRO L 120 -0.32 -88.29 7.41
N PRO L 121 -0.84 -88.13 8.61
CA PRO L 121 -1.07 -86.80 9.15
C PRO L 121 0.21 -86.00 9.28
N SER L 122 0.06 -84.69 9.23
CA SER L 122 1.19 -83.77 9.32
C SER L 122 1.67 -83.68 10.76
N ASP L 123 2.89 -83.19 10.94
CA ASP L 123 3.37 -83.02 12.29
C ASP L 123 2.65 -81.89 12.98
N GLU L 124 2.61 -80.74 12.30
CA GLU L 124 1.92 -79.55 12.74
C GLU L 124 0.55 -79.87 13.30
N GLN L 125 -0.22 -80.66 12.56
CA GLN L 125 -1.54 -81.02 13.06
C GLN L 125 -1.41 -81.90 14.26
N LEU L 126 -0.41 -82.77 14.26
CA LEU L 126 -0.33 -83.73 15.33
C LEU L 126 -0.06 -83.03 16.66
N LYS L 127 0.52 -81.83 16.62
CA LYS L 127 0.73 -81.09 17.86
C LYS L 127 -0.58 -80.59 18.43
N SER L 128 -1.64 -80.51 17.64
CA SER L 128 -2.89 -79.95 18.12
C SER L 128 -3.92 -81.02 18.47
N GLY L 129 -3.50 -82.26 18.71
CA GLY L 129 -4.39 -83.20 19.35
C GLY L 129 -5.39 -83.94 18.48
N THR L 130 -5.35 -83.78 17.17
CA THR L 130 -6.12 -84.63 16.27
C THR L 130 -5.27 -84.99 15.08
N ALA L 131 -5.62 -86.09 14.45
CA ALA L 131 -4.89 -86.66 13.33
C ALA L 131 -5.84 -86.99 12.20
N SER L 132 -5.56 -86.47 11.02
CA SER L 132 -6.39 -86.71 9.85
C SER L 132 -5.58 -87.43 8.80
N VAL L 133 -6.00 -88.64 8.46
CA VAL L 133 -5.37 -89.42 7.41
C VAL L 133 -6.20 -89.26 6.17
N VAL L 134 -5.57 -88.86 5.07
CA VAL L 134 -6.25 -88.64 3.80
C VAL L 134 -5.92 -89.74 2.81
N CYS L 135 -6.94 -90.33 2.19
CA CYS L 135 -6.77 -91.29 1.10
C CYS L 135 -7.38 -90.67 -0.15
N LEU L 136 -6.68 -90.73 -1.27
CA LEU L 136 -7.10 -89.99 -2.47
C LEU L 136 -7.12 -90.89 -3.69
N LEU L 137 -8.26 -90.98 -4.37
CA LEU L 137 -8.39 -91.71 -5.61
C LEU L 137 -8.42 -90.73 -6.77
N ASN L 138 -7.42 -90.79 -7.65
CA ASN L 138 -7.27 -89.80 -8.70
C ASN L 138 -7.61 -90.29 -10.10
N ASN L 139 -8.48 -89.55 -10.79
CA ASN L 139 -8.84 -89.79 -12.20
C ASN L 139 -9.40 -91.18 -12.48
N PHE L 140 -10.52 -91.48 -11.85
CA PHE L 140 -11.24 -92.72 -12.04
C PHE L 140 -12.56 -92.51 -12.74
N TYR L 141 -13.00 -93.50 -13.51
CA TYR L 141 -14.32 -93.46 -14.07
C TYR L 141 -14.77 -94.88 -14.24
N PRO L 142 -16.02 -95.22 -13.91
CA PRO L 142 -17.15 -94.47 -13.45
C PRO L 142 -17.01 -93.98 -12.05
N ARG L 143 -18.01 -93.23 -11.62
CA ARG L 143 -17.98 -92.54 -10.35
C ARG L 143 -18.17 -93.48 -9.19
N GLU L 144 -18.78 -94.61 -9.44
CA GLU L 144 -18.96 -95.70 -8.49
C GLU L 144 -17.62 -96.21 -7.96
N ALA L 145 -17.29 -95.93 -6.69
CA ALA L 145 -16.07 -96.41 -6.07
C ALA L 145 -16.29 -96.67 -4.59
N LYS L 146 -15.64 -97.68 -4.04
CA LYS L 146 -15.82 -98.02 -2.64
C LYS L 146 -14.51 -97.85 -1.87
N VAL L 147 -14.53 -97.08 -0.80
CA VAL L 147 -13.38 -96.85 0.05
C VAL L 147 -13.70 -97.26 1.46
N GLN L 148 -12.93 -98.22 1.99
CA GLN L 148 -12.97 -98.63 3.37
C GLN L 148 -11.67 -98.25 4.03
N TRP L 149 -11.72 -97.83 5.28
CA TRP L 149 -10.53 -97.60 6.06
C TRP L 149 -10.35 -98.77 6.99
N LYS L 150 -9.12 -99.26 7.12
CA LYS L 150 -8.80 -100.30 8.07
C LYS L 150 -7.59 -99.81 8.84
N VAL L 151 -7.62 -99.85 10.18
CA VAL L 151 -6.47 -99.53 11.00
C VAL L 151 -6.12 -100.70 11.93
N ASP L 152 -4.86 -101.11 11.88
CA ASP L 152 -4.43 -102.36 12.49
C ASP L 152 -5.44 -103.45 12.19
N ASN L 153 -5.70 -103.62 10.91
CA ASN L 153 -6.65 -104.57 10.35
C ASN L 153 -8.08 -104.35 10.79
N ALA L 154 -8.35 -103.32 11.58
CA ALA L 154 -9.66 -103.10 12.14
C ALA L 154 -10.43 -102.06 11.33
N LEU L 155 -11.64 -102.42 10.95
CA LEU L 155 -12.44 -101.64 10.01
C LEU L 155 -13.07 -100.41 10.65
N GLN L 156 -12.57 -99.23 10.31
CA GLN L 156 -13.16 -97.99 10.78
C GLN L 156 -14.58 -97.82 10.26
N SER L 157 -15.40 -97.16 11.04
CA SER L 157 -16.83 -97.26 10.85
C SER L 157 -17.58 -95.95 10.96
N GLY L 158 -17.18 -95.02 11.80
CA GLY L 158 -17.99 -93.83 11.93
C GLY L 158 -17.27 -92.52 11.73
N ASN L 159 -16.04 -92.58 11.23
CA ASN L 159 -15.14 -91.44 11.29
C ASN L 159 -14.54 -91.02 9.97
N SER L 160 -15.00 -91.53 8.84
CA SER L 160 -14.48 -91.11 7.56
C SER L 160 -15.48 -90.18 6.91
N GLN L 161 -15.07 -89.58 5.80
CA GLN L 161 -15.90 -88.63 5.09
C GLN L 161 -15.38 -88.33 3.69
N GLU L 162 -16.11 -88.73 2.67
CA GLU L 162 -15.71 -88.65 1.28
C GLU L 162 -16.19 -87.37 0.68
N SER L 163 -15.61 -87.00 -0.46
CA SER L 163 -16.24 -85.99 -1.29
C SER L 163 -15.66 -86.05 -2.68
N VAL L 164 -16.52 -86.05 -3.72
CA VAL L 164 -16.09 -86.24 -5.10
C VAL L 164 -16.08 -84.93 -5.87
N THR L 165 -15.14 -84.81 -6.79
CA THR L 165 -15.11 -83.68 -7.70
C THR L 165 -16.15 -83.87 -8.77
N GLU L 166 -16.27 -82.91 -9.65
CA GLU L 166 -17.15 -83.08 -10.78
C GLU L 166 -16.39 -83.56 -12.00
N GLN L 167 -17.11 -84.14 -12.94
CA GLN L 167 -16.50 -84.67 -14.14
C GLN L 167 -15.60 -83.64 -14.76
N ASP L 168 -14.43 -84.08 -15.22
CA ASP L 168 -13.44 -83.17 -15.73
C ASP L 168 -13.79 -82.60 -17.10
N SER L 169 -13.47 -81.32 -17.29
CA SER L 169 -13.69 -80.70 -18.58
C SER L 169 -12.90 -81.39 -19.69
N LYS L 170 -11.70 -81.87 -19.37
CA LYS L 170 -10.81 -82.41 -20.37
C LYS L 170 -10.92 -83.93 -20.56
N ASP L 171 -10.60 -84.73 -19.55
CA ASP L 171 -10.70 -86.19 -19.64
C ASP L 171 -11.96 -86.76 -19.03
N SER L 172 -12.91 -85.92 -18.67
CA SER L 172 -14.19 -86.31 -18.07
C SER L 172 -14.08 -87.49 -17.11
N THR L 173 -13.07 -87.43 -16.25
CA THR L 173 -12.94 -88.40 -15.18
C THR L 173 -13.21 -87.74 -13.83
N TYR L 174 -13.53 -88.54 -12.81
CA TYR L 174 -13.76 -88.04 -11.47
C TYR L 174 -12.54 -88.17 -10.57
N SER L 175 -12.62 -87.56 -9.39
CA SER L 175 -11.61 -87.73 -8.36
C SER L 175 -12.25 -87.68 -7.01
N LEU L 176 -11.76 -88.49 -6.08
CA LEU L 176 -12.41 -88.68 -4.80
C LEU L 176 -11.40 -88.59 -3.67
N SER L 177 -11.82 -88.04 -2.54
CA SER L 177 -10.95 -87.91 -1.39
C SER L 177 -11.69 -88.11 -0.08
N SER L 178 -11.57 -89.29 0.52
CA SER L 178 -12.06 -89.45 1.88
C SER L 178 -10.94 -89.17 2.85
N THR L 179 -11.28 -88.61 4.00
CA THR L 179 -10.29 -88.39 5.05
C THR L 179 -10.79 -88.94 6.37
N LEU L 180 -9.88 -89.60 7.08
CA LEU L 180 -10.16 -90.28 8.32
C LEU L 180 -9.48 -89.52 9.43
N THR L 181 -10.25 -89.13 10.43
CA THR L 181 -9.77 -88.30 11.52
C THR L 181 -9.89 -89.03 12.84
N LEU L 182 -8.82 -88.95 13.63
CA LEU L 182 -8.75 -89.65 14.91
C LEU L 182 -8.12 -88.71 15.92
N SER L 183 -8.35 -88.99 17.19
CA SER L 183 -7.65 -88.28 18.23
C SER L 183 -6.19 -88.67 18.23
N LYS L 184 -5.31 -87.71 18.51
CA LYS L 184 -3.91 -88.02 18.62
C LYS L 184 -3.71 -89.20 19.55
N ALA L 185 -4.54 -89.30 20.58
CA ALA L 185 -4.54 -90.47 21.43
C ALA L 185 -4.57 -91.73 20.60
N ASP L 186 -5.65 -91.91 19.84
CA ASP L 186 -5.85 -93.15 19.08
C ASP L 186 -4.88 -93.30 17.94
N TYR L 187 -4.55 -92.21 17.28
CA TYR L 187 -3.62 -92.36 16.18
C TYR L 187 -2.32 -92.93 16.68
N GLU L 188 -1.86 -92.48 17.83
CA GLU L 188 -0.59 -93.01 18.32
C GLU L 188 -0.75 -94.42 18.85
N LYS L 189 -1.95 -94.85 19.16
CA LYS L 189 -2.12 -96.20 19.66
C LYS L 189 -2.08 -97.32 18.61
N HIS L 190 -1.95 -97.05 17.32
CA HIS L 190 -2.01 -98.13 16.36
C HIS L 190 -0.95 -98.01 15.30
N LYS L 191 -0.49 -99.14 14.77
CA LYS L 191 0.64 -99.03 13.86
C LYS L 191 0.26 -98.86 12.39
N VAL L 192 -0.52 -99.76 11.82
CA VAL L 192 -0.73 -99.74 10.37
C VAL L 192 -2.06 -99.14 9.96
N TYR L 193 -2.00 -98.19 9.04
CA TYR L 193 -3.16 -97.47 8.53
C TYR L 193 -3.28 -97.69 7.04
N ALA L 194 -4.41 -98.28 6.61
CA ALA L 194 -4.64 -98.61 5.22
C ALA L 194 -6.01 -98.20 4.76
N CYS L 195 -6.09 -97.68 3.53
CA CYS L 195 -7.35 -97.47 2.85
C CYS L 195 -7.44 -98.42 1.67
N GLU L 196 -8.54 -99.17 1.57
CA GLU L 196 -8.80 -100.24 0.58
C GLU L 196 -9.87 -99.82 -0.42
N VAL L 197 -9.54 -99.76 -1.70
CA VAL L 197 -10.36 -99.16 -2.74
C VAL L 197 -10.90 -100.21 -3.70
N THR L 198 -12.21 -100.26 -3.89
CA THR L 198 -12.83 -101.15 -4.87
C THR L 198 -13.48 -100.33 -5.96
N HIS L 199 -12.84 -100.25 -7.10
CA HIS L 199 -13.42 -99.74 -8.33
C HIS L 199 -13.31 -100.85 -9.34
N GLN L 200 -13.62 -100.51 -10.56
CA GLN L 200 -13.57 -101.51 -11.61
C GLN L 200 -12.48 -101.11 -12.48
N GLY L 201 -11.91 -102.08 -13.10
CA GLY L 201 -10.73 -101.79 -13.82
C GLY L 201 -9.81 -101.70 -12.64
N LEU L 202 -9.83 -102.72 -11.83
CA LEU L 202 -9.00 -102.76 -10.70
C LEU L 202 -9.35 -104.15 -10.37
N SER L 203 -8.85 -105.08 -11.16
CA SER L 203 -9.05 -106.47 -10.92
C SER L 203 -8.38 -106.59 -9.63
N SER L 204 -9.16 -106.86 -8.60
CA SER L 204 -8.76 -106.95 -7.20
C SER L 204 -8.37 -105.64 -6.56
N PRO L 205 -9.17 -105.17 -5.61
CA PRO L 205 -9.13 -103.94 -4.88
C PRO L 205 -7.80 -103.63 -4.32
N VAL L 206 -7.21 -102.55 -4.78
CA VAL L 206 -5.91 -102.14 -4.33
C VAL L 206 -6.03 -101.56 -2.97
N THR L 207 -4.98 -101.60 -2.19
CA THR L 207 -5.07 -101.05 -0.84
C THR L 207 -3.74 -100.42 -0.52
N LYS L 208 -3.72 -99.10 -0.38
CA LYS L 208 -2.51 -98.40 0.00
C LYS L 208 -2.49 -98.21 1.50
N SER L 209 -1.30 -98.27 2.09
CA SER L 209 -1.18 -98.21 3.54
C SER L 209 0.15 -97.64 3.96
N PHE L 210 0.31 -97.42 5.26
CA PHE L 210 1.58 -96.95 5.78
C PHE L 210 1.65 -97.30 7.26
N ASN L 211 2.87 -97.58 7.74
CA ASN L 211 3.16 -97.74 9.16
C ASN L 211 3.53 -96.41 9.77
N ARG L 212 3.20 -96.25 11.05
CA ARG L 212 3.39 -94.96 11.73
C ARG L 212 4.85 -94.76 12.09
N GLY L 213 5.61 -94.25 11.14
CA GLY L 213 7.05 -94.08 11.34
C GLY L 213 7.84 -93.85 10.06
N GLY M 4 112.51 41.47 -2.09
CA GLY M 4 111.84 42.73 -2.40
C GLY M 4 110.72 43.05 -1.43
N ASP M 5 110.29 44.29 -1.39
CA ASP M 5 109.18 44.61 -0.52
C ASP M 5 107.89 43.92 -1.03
N THR M 6 106.99 43.53 -0.11
CA THR M 6 105.78 42.82 -0.53
C THR M 6 104.58 43.48 0.14
N LEU M 7 103.44 43.45 -0.52
CA LEU M 7 102.18 43.86 0.09
C LEU M 7 101.16 42.78 -0.21
N CYS M 8 100.57 42.20 0.81
CA CYS M 8 99.58 41.13 0.66
C CYS M 8 98.19 41.54 1.08
N ILE M 9 97.21 41.07 0.40
CA ILE M 9 95.84 41.24 0.81
C ILE M 9 95.43 40.00 1.57
N GLY M 10 94.61 40.13 2.60
CA GLY M 10 94.25 38.97 3.38
C GLY M 10 93.00 39.21 4.17
N TYR M 11 92.64 38.26 5.03
CA TYR M 11 91.40 38.36 5.77
C TYR M 11 91.52 37.82 7.18
N HIS M 12 90.64 38.29 8.04
CA HIS M 12 90.63 37.94 9.45
C HIS M 12 90.42 36.46 9.72
N ALA M 13 91.16 35.92 10.68
CA ALA M 13 90.85 34.63 11.25
C ALA M 13 90.95 34.69 12.75
N ASN M 14 90.21 33.84 13.46
CA ASN M 14 90.30 33.89 14.91
C ASN M 14 90.11 32.49 15.45
N ASN M 15 89.86 32.40 16.76
CA ASN M 15 89.73 31.14 17.48
C ASN M 15 88.32 30.59 17.49
N SER M 16 87.40 31.24 16.82
CA SER M 16 85.99 30.89 16.85
C SER M 16 85.74 29.47 16.42
N THR M 17 84.77 28.87 17.07
CA THR M 17 84.27 27.55 16.74
C THR M 17 82.81 27.56 16.33
N ASP M 18 82.21 28.73 16.14
CA ASP M 18 80.85 28.81 15.63
C ASP M 18 80.70 28.12 14.30
N THR M 19 79.73 27.26 14.17
CA THR M 19 79.44 26.71 12.87
C THR M 19 78.11 27.26 12.37
N VAL M 20 77.97 27.35 11.06
CA VAL M 20 76.69 27.72 10.47
C VAL M 20 76.50 26.80 9.31
N ASP M 21 75.26 26.60 8.95
CA ASP M 21 74.93 25.87 7.74
C ASP M 21 74.69 26.79 6.58
N THR M 22 75.07 26.37 5.38
CA THR M 22 74.79 27.09 4.15
C THR M 22 74.09 26.14 3.20
N VAL M 23 73.50 26.70 2.15
CA VAL M 23 72.72 25.90 1.22
C VAL M 23 73.59 24.88 0.55
N LEU M 24 74.87 25.19 0.38
CA LEU M 24 75.84 24.32 -0.23
C LEU M 24 76.65 23.51 0.76
N GLU M 25 76.71 23.86 2.03
CA GLU M 25 77.70 23.15 2.81
C GLU M 25 77.29 23.16 4.28
N LYS M 26 77.40 22.02 4.96
CA LYS M 26 77.09 21.92 6.39
C LYS M 26 78.35 22.16 7.23
N ASN M 27 78.19 22.64 8.47
CA ASN M 27 79.30 22.88 9.42
C ASN M 27 80.40 23.80 8.91
N VAL M 28 80.05 24.97 8.44
CA VAL M 28 81.08 25.91 8.07
C VAL M 28 81.46 26.72 9.31
N THR M 29 82.72 26.69 9.69
CA THR M 29 83.16 27.49 10.81
C THR M 29 83.34 28.93 10.40
N VAL M 30 82.71 29.85 11.12
CA VAL M 30 82.76 31.26 10.77
C VAL M 30 83.33 31.98 11.97
N THR M 31 83.82 33.18 11.75
CA THR M 31 84.52 33.87 12.82
C THR M 31 83.55 34.47 13.82
N HIS M 32 82.32 34.76 13.42
CA HIS M 32 81.31 35.22 14.35
C HIS M 32 79.97 34.90 13.70
N SER M 33 78.93 34.87 14.51
CA SER M 33 77.60 34.46 14.08
C SER M 33 76.61 34.95 15.11
N VAL M 34 75.33 34.97 14.76
CA VAL M 34 74.31 35.41 15.69
C VAL M 34 73.19 34.42 15.77
N ASN M 35 72.63 34.22 16.95
CA ASN M 35 71.55 33.26 17.06
C ASN M 35 70.22 33.92 16.75
N LEU M 36 69.43 33.24 15.94
CA LEU M 36 68.08 33.68 15.64
C LEU M 36 67.02 32.87 16.36
N LEU M 37 67.42 31.80 17.03
CA LEU M 37 66.50 30.83 17.61
C LEU M 37 66.56 30.99 19.10
N GLU M 38 65.47 31.43 19.71
CA GLU M 38 65.43 31.42 21.15
C GLU M 38 65.13 30.00 21.64
N ASP M 39 66.05 29.38 22.41
CA ASP M 39 65.89 28.00 22.85
C ASP M 39 66.13 27.74 24.34
N LYS M 40 65.99 28.74 25.20
CA LYS M 40 66.11 28.52 26.63
C LYS M 40 65.07 29.36 27.33
N HIS M 41 64.63 28.90 28.51
CA HIS M 41 63.62 29.61 29.30
C HIS M 41 64.01 29.70 30.77
N ASN M 42 63.26 30.50 31.54
CA ASN M 42 63.59 30.74 32.93
C ASN M 42 62.81 29.83 33.88
N GLY M 43 62.06 28.88 33.35
CA GLY M 43 61.42 27.92 34.21
C GLY M 43 60.36 28.47 35.12
N LYS M 44 59.88 29.68 34.87
CA LYS M 44 58.93 30.32 35.76
C LYS M 44 57.67 30.69 34.99
N LEU M 45 56.55 30.80 35.70
CA LEU M 45 55.35 31.35 35.14
C LEU M 45 55.27 32.78 35.63
N CYS M 46 55.41 33.73 34.75
CA CYS M 46 55.57 35.11 35.19
C CYS M 46 54.36 35.98 34.91
N LYS M 47 54.49 37.22 35.37
CA LYS M 47 53.48 38.22 35.09
C LYS M 47 53.58 38.61 33.64
N LEU M 48 52.43 38.79 33.01
CA LEU M 48 52.33 39.16 31.62
C LEU M 48 51.68 40.53 31.62
N ARG M 49 52.26 41.48 30.90
CA ARG M 49 51.79 42.86 30.93
C ARG M 49 51.99 43.44 32.34
N GLY M 50 52.83 42.79 33.15
CA GLY M 50 53.05 43.21 34.52
C GLY M 50 51.98 42.81 35.51
N VAL M 51 51.09 41.89 35.14
CA VAL M 51 49.98 41.44 35.98
C VAL M 51 50.15 39.98 36.26
N ALA M 52 50.07 39.60 37.54
CA ALA M 52 50.30 38.22 37.90
C ALA M 52 49.18 37.34 37.37
N PRO M 53 49.47 36.10 37.05
CA PRO M 53 48.40 35.16 36.70
C PRO M 53 47.58 34.80 37.91
N LEU M 54 46.37 34.33 37.63
CA LEU M 54 45.58 33.71 38.67
C LEU M 54 45.96 32.25 38.83
N HIS M 55 46.44 31.87 40.01
CA HIS M 55 46.81 30.48 40.26
C HIS M 55 45.75 29.81 41.14
N LEU M 56 45.26 28.66 40.69
CA LEU M 56 44.14 27.99 41.32
C LEU M 56 44.57 26.83 42.19
N GLY M 57 45.88 26.63 42.37
CA GLY M 57 46.35 25.53 43.18
C GLY M 57 45.78 24.19 42.73
N LYS M 58 45.12 23.46 43.62
CA LYS M 58 44.62 22.12 43.32
C LYS M 58 43.20 22.11 42.79
N CYS M 59 42.62 23.28 42.58
CA CYS M 59 41.30 23.49 42.01
C CYS M 59 41.34 23.78 40.52
N ASN M 60 40.23 23.50 39.85
CA ASN M 60 40.07 23.95 38.48
C ASN M 60 39.10 25.13 38.45
N ILE M 61 38.86 25.66 37.25
CA ILE M 61 38.03 26.84 37.13
C ILE M 61 36.62 26.56 37.61
N ALA M 62 36.08 25.39 37.26
CA ALA M 62 34.76 25.03 37.75
C ALA M 62 34.73 25.10 39.28
N GLY M 63 35.64 24.35 39.92
CA GLY M 63 35.72 24.38 41.37
C GLY M 63 35.93 25.77 41.93
N TRP M 64 36.82 26.54 41.33
CA TRP M 64 37.11 27.88 41.83
C TRP M 64 35.89 28.80 41.72
N ILE M 65 35.27 28.86 40.53
CA ILE M 65 34.21 29.83 40.31
C ILE M 65 32.92 29.47 41.04
N LEU M 66 32.68 28.20 41.36
CA LEU M 66 31.50 27.82 42.12
C LEU M 66 31.72 27.93 43.62
N GLY M 67 32.97 27.87 44.07
CA GLY M 67 33.30 27.96 45.48
C GLY M 67 33.29 26.61 46.16
N ASN M 68 33.75 25.58 45.44
CA ASN M 68 34.08 24.26 45.95
C ASN M 68 34.84 24.45 47.27
N PRO M 69 34.44 23.76 48.32
CA PRO M 69 35.05 24.00 49.64
C PRO M 69 36.56 23.86 49.71
N GLU M 70 37.16 23.04 48.85
CA GLU M 70 38.61 22.90 48.84
C GLU M 70 39.36 24.09 48.26
N CYS M 71 38.65 25.08 47.70
CA CYS M 71 39.27 26.23 47.07
C CYS M 71 39.12 27.51 47.88
N GLU M 72 38.44 27.43 49.02
CA GLU M 72 38.17 28.60 49.82
C GLU M 72 39.45 29.31 50.22
N SER M 73 40.53 28.56 50.39
CA SER M 73 41.78 29.13 50.86
C SER M 73 42.52 29.87 49.76
N LEU M 74 42.12 29.72 48.50
CA LEU M 74 42.78 30.44 47.42
C LEU M 74 42.52 31.94 47.55
N SER M 75 43.55 32.74 47.25
CA SER M 75 43.40 34.19 47.14
C SER M 75 43.07 34.54 45.69
N THR M 76 42.13 35.47 45.50
CA THR M 76 41.72 35.89 44.17
C THR M 76 41.82 37.41 44.10
N ALA M 77 42.84 37.90 43.37
CA ALA M 77 43.11 39.31 43.12
C ALA M 77 41.99 39.97 42.33
N SER M 78 42.08 41.27 42.09
CA SER M 78 41.06 41.95 41.33
C SER M 78 41.35 41.95 39.82
N SER M 79 42.47 41.39 39.39
CA SER M 79 42.79 41.29 37.97
C SER M 79 43.84 40.22 37.76
N TRP M 80 43.93 39.74 36.53
CA TRP M 80 44.93 38.72 36.22
C TRP M 80 45.03 38.61 34.72
N SER M 81 46.21 38.20 34.27
CA SER M 81 46.57 38.22 32.87
C SER M 81 46.33 36.90 32.18
N TYR M 82 46.43 35.79 32.91
CA TYR M 82 46.01 34.48 32.42
C TYR M 82 45.71 33.63 33.63
N ILE M 83 45.29 32.40 33.38
CA ILE M 83 44.97 31.44 34.44
C ILE M 83 45.95 30.28 34.38
N VAL M 84 46.35 29.79 35.55
CA VAL M 84 47.19 28.62 35.71
C VAL M 84 46.42 27.55 36.46
N GLU M 85 46.37 26.35 35.89
CA GLU M 85 45.91 25.16 36.61
C GLU M 85 47.08 24.20 36.71
N THR M 86 46.98 23.25 37.62
CA THR M 86 48.00 22.23 37.61
C THR M 86 47.46 20.98 36.92
N PRO M 87 48.32 20.09 36.43
CA PRO M 87 47.80 18.88 35.77
C PRO M 87 47.05 17.99 36.73
N SER M 88 47.22 18.18 38.04
CA SER M 88 46.55 17.40 39.06
C SER M 88 45.41 18.19 39.71
N SER M 89 45.11 19.37 39.17
CA SER M 89 44.04 20.21 39.68
C SER M 89 42.71 19.64 39.23
N ASP M 90 42.02 18.91 40.12
CA ASP M 90 40.72 18.36 39.76
C ASP M 90 39.67 18.57 40.85
N ASN M 91 39.92 19.42 41.83
CA ASN M 91 38.83 19.83 42.71
C ASN M 91 37.94 20.77 41.93
N GLY M 92 36.87 20.22 41.34
CA GLY M 92 35.97 20.94 40.47
C GLY M 92 34.52 20.90 40.94
N THR M 93 33.65 20.29 40.13
CA THR M 93 32.25 20.10 40.50
C THR M 93 32.18 18.90 41.43
N CYS M 94 32.16 19.18 42.74
CA CYS M 94 32.11 18.11 43.72
C CYS M 94 30.75 17.41 43.74
N TYR M 95 29.69 18.09 43.30
CA TYR M 95 28.43 17.41 42.99
C TYR M 95 28.37 17.16 41.50
N PRO M 96 28.26 15.90 41.09
CA PRO M 96 28.38 15.57 39.68
C PRO M 96 27.24 16.16 38.87
N GLY M 97 27.57 16.47 37.63
CA GLY M 97 26.61 17.02 36.70
C GLY M 97 27.37 17.70 35.58
N ASP M 98 26.61 18.41 34.76
CA ASP M 98 27.20 19.10 33.63
C ASP M 98 27.37 20.59 33.92
N PHE M 99 28.54 21.12 33.54
CA PHE M 99 28.78 22.56 33.57
C PHE M 99 28.60 23.05 32.13
N ILE M 100 27.50 23.77 31.89
CA ILE M 100 27.14 24.15 30.52
C ILE M 100 28.04 25.22 29.95
N ASP M 101 28.48 25.00 28.72
CA ASP M 101 29.42 25.87 28.03
C ASP M 101 30.61 26.20 28.93
N TYR M 102 31.12 25.16 29.57
CA TYR M 102 32.22 25.34 30.52
C TYR M 102 33.43 25.94 29.84
N GLU M 103 33.78 25.41 28.67
CA GLU M 103 34.97 25.90 27.99
C GLU M 103 34.81 27.36 27.60
N GLU M 104 33.61 27.75 27.17
CA GLU M 104 33.38 29.15 26.90
C GLU M 104 33.59 30.02 28.13
N LEU M 105 33.13 29.54 29.28
CA LEU M 105 33.30 30.32 30.50
C LEU M 105 34.76 30.48 30.83
N ARG M 106 35.51 29.39 30.70
CA ARG M 106 36.94 29.43 30.97
C ARG M 106 37.62 30.51 30.12
N GLU M 107 37.34 30.51 28.82
CA GLU M 107 37.89 31.54 27.93
C GLU M 107 37.44 32.95 28.35
N GLN M 108 36.16 33.10 28.71
CA GLN M 108 35.68 34.40 29.17
C GLN M 108 36.45 34.87 30.39
N LEU M 109 36.81 33.96 31.27
CA LEU M 109 37.40 34.33 32.53
C LEU M 109 38.91 34.38 32.48
N SER M 110 39.50 33.95 31.37
CA SER M 110 40.93 33.76 31.29
C SER M 110 41.73 35.00 31.64
N SER M 111 41.25 36.17 31.28
CA SER M 111 41.97 37.34 31.69
C SER M 111 40.99 38.44 32.00
N VAL M 112 41.23 39.11 33.11
CA VAL M 112 40.25 40.00 33.66
C VAL M 112 40.96 41.22 34.23
N SER M 113 40.48 42.40 33.85
CA SER M 113 41.08 43.65 34.31
C SER M 113 40.47 44.15 35.60
N SER M 114 39.25 43.72 35.92
CA SER M 114 38.55 44.04 37.16
C SER M 114 37.68 42.86 37.54
N PHE M 115 37.67 42.51 38.82
CA PHE M 115 36.92 41.34 39.28
C PHE M 115 36.54 41.50 40.75
N GLU M 116 35.24 41.57 41.03
CA GLU M 116 34.78 41.79 42.39
C GLU M 116 33.68 40.81 42.77
N ARG M 117 34.00 39.87 43.67
CA ARG M 117 33.00 38.98 44.24
C ARG M 117 32.11 39.80 45.17
N PHE M 118 30.79 39.60 45.08
CA PHE M 118 29.84 40.28 45.97
C PHE M 118 28.66 39.35 46.25
N GLU M 119 27.99 39.59 47.38
CA GLU M 119 26.87 38.74 47.77
C GLU M 119 25.61 39.23 47.07
N ILE M 120 25.34 38.61 45.91
CA ILE M 120 24.21 39.01 45.06
C ILE M 120 22.88 38.80 45.77
N PHE M 121 22.74 37.68 46.46
CA PHE M 121 21.55 37.41 47.25
C PHE M 121 21.97 37.06 48.67
N PRO M 122 21.97 38.03 49.58
CA PRO M 122 22.41 37.77 50.96
C PRO M 122 21.68 36.58 51.58
N LYS M 123 22.45 35.61 52.11
CA LYS M 123 21.86 34.40 52.69
C LYS M 123 20.90 34.70 53.82
N THR M 124 21.17 35.74 54.61
CA THR M 124 20.41 35.96 55.84
C THR M 124 19.04 36.56 55.56
N SER M 125 18.86 37.33 54.49
CA SER M 125 17.61 38.03 54.25
C SER M 125 16.86 37.61 53.01
N SER M 126 17.52 36.96 52.04
CA SER M 126 16.92 36.77 50.73
C SER M 126 15.80 35.73 50.70
N TRP M 127 15.85 34.70 51.56
CA TRP M 127 14.97 33.54 51.43
C TRP M 127 14.16 33.28 52.68
N PRO M 128 13.26 34.19 53.04
CA PRO M 128 12.47 34.00 54.26
C PRO M 128 11.57 32.77 54.19
N ASN M 129 11.20 32.31 53.00
CA ASN M 129 10.24 31.22 52.85
C ASN M 129 10.87 29.89 52.50
N HIS M 130 12.18 29.79 52.50
CA HIS M 130 12.85 28.53 52.20
C HIS M 130 13.96 28.26 53.21
N ASP M 131 14.41 27.00 53.24
CA ASP M 131 15.50 26.60 54.13
C ASP M 131 16.82 26.75 53.40
N SER M 132 17.69 27.64 53.91
CA SER M 132 19.00 27.89 53.31
C SER M 132 20.14 27.30 54.13
N ASN M 133 19.86 26.32 54.97
CA ASN M 133 20.86 25.69 55.81
C ASN M 133 21.02 24.20 55.57
N LYS M 134 19.95 23.49 55.23
CA LYS M 134 19.98 22.05 55.06
C LYS M 134 20.65 21.58 53.78
N GLY M 135 20.96 22.49 52.86
CA GLY M 135 21.52 22.10 51.57
C GLY M 135 23.00 21.77 51.60
N VAL M 136 23.39 20.71 52.30
CA VAL M 136 24.77 20.26 52.36
C VAL M 136 24.79 18.79 51.96
N THR M 137 25.97 18.30 51.60
CA THR M 137 26.08 16.97 51.06
C THR M 137 27.46 16.42 51.31
N ALA M 138 27.54 15.10 51.46
CA ALA M 138 28.82 14.46 51.69
C ALA M 138 29.68 14.51 50.45
N ALA M 139 29.07 14.74 49.28
CA ALA M 139 29.82 14.91 48.05
C ALA M 139 30.68 16.16 48.05
N CYS M 140 30.36 17.18 48.86
CA CYS M 140 31.11 18.43 48.91
C CYS M 140 31.55 18.69 50.36
N PRO M 141 32.43 17.85 50.90
CA PRO M 141 32.86 17.98 52.31
C PRO M 141 33.79 19.18 52.54
N HIS M 142 33.65 19.79 53.72
CA HIS M 142 34.58 20.81 54.20
C HIS M 142 35.04 20.43 55.60
N ALA M 143 36.32 20.07 55.74
CA ALA M 143 36.89 19.59 57.00
C ALA M 143 36.09 18.41 57.54
N GLY M 144 35.73 17.48 56.66
CA GLY M 144 34.99 16.30 57.04
C GLY M 144 33.49 16.49 57.20
N ALA M 145 33.05 17.70 57.52
CA ALA M 145 31.61 17.99 57.63
C ALA M 145 30.99 18.16 56.25
N LYS M 146 29.72 17.75 56.12
CA LYS M 146 28.97 18.06 54.91
C LYS M 146 28.97 19.55 54.66
N SER M 147 29.12 19.93 53.38
CA SER M 147 29.10 21.33 53.02
C SER M 147 28.59 21.43 51.58
N PHE M 148 28.85 22.57 50.94
CA PHE M 148 28.40 22.87 49.58
C PHE M 148 29.23 24.02 49.05
N TYR M 149 29.02 24.34 47.77
CA TYR M 149 29.75 25.43 47.14
C TYR M 149 29.53 26.72 47.94
N LYS M 150 30.59 27.53 48.05
CA LYS M 150 30.50 28.80 48.76
C LYS M 150 29.60 29.79 48.04
N ASN M 151 29.66 29.81 46.72
CA ASN M 151 29.01 30.84 45.93
C ASN M 151 27.54 30.53 45.60
N LEU M 152 27.04 29.36 45.99
CA LEU M 152 25.66 28.95 45.70
C LEU M 152 25.02 28.49 46.99
N ILE M 153 23.69 28.56 47.03
CA ILE M 153 22.90 27.98 48.11
C ILE M 153 21.90 27.00 47.51
N TRP M 154 21.91 25.77 48.01
CA TRP M 154 20.98 24.71 47.62
C TRP M 154 19.69 24.88 48.42
N LEU M 155 18.72 25.62 47.87
CA LEU M 155 17.48 25.81 48.60
C LEU M 155 16.65 24.55 48.71
N VAL M 156 16.06 24.36 49.90
CA VAL M 156 15.31 23.19 50.29
C VAL M 156 14.06 23.66 51.03
N LYS M 157 13.03 22.80 51.01
CA LYS M 157 11.76 23.11 51.67
C LYS M 157 11.96 23.50 53.13
N LYS M 158 11.12 24.42 53.60
CA LYS M 158 11.11 24.90 54.99
C LYS M 158 9.99 24.20 55.72
N GLY M 159 10.33 23.20 56.52
CA GLY M 159 9.31 22.37 57.13
C GLY M 159 8.82 21.39 56.10
N ASN M 160 7.58 21.56 55.63
CA ASN M 160 7.01 20.73 54.58
C ASN M 160 6.50 21.56 53.42
N SER M 161 7.03 22.76 53.23
CA SER M 161 6.55 23.66 52.19
C SER M 161 7.70 24.24 51.38
N TYR M 162 7.54 24.25 50.06
CA TYR M 162 8.44 24.94 49.14
C TYR M 162 7.54 25.84 48.32
N PRO M 163 7.35 27.08 48.76
CA PRO M 163 6.50 28.02 48.01
C PRO M 163 7.19 28.49 46.73
N LYS M 164 6.39 29.02 45.82
CA LYS M 164 6.93 29.54 44.57
C LYS M 164 7.98 30.60 44.87
N LEU M 165 9.17 30.42 44.33
CA LEU M 165 10.24 31.37 44.55
C LEU M 165 10.29 32.38 43.41
N SER M 166 10.59 33.63 43.75
CA SER M 166 10.76 34.68 42.75
C SER M 166 11.69 35.74 43.32
N LYS M 167 12.72 36.09 42.55
CA LYS M 167 13.73 36.99 43.06
C LYS M 167 14.47 37.62 41.89
N SER M 168 14.57 38.94 41.90
CA SER M 168 15.21 39.67 40.82
C SER M 168 16.42 40.42 41.35
N TYR M 169 17.40 40.63 40.46
CA TYR M 169 18.56 41.44 40.79
C TYR M 169 18.85 42.39 39.64
N ILE M 170 18.99 43.68 39.94
CA ILE M 170 19.38 44.68 38.97
C ILE M 170 20.86 44.99 39.08
N ASN M 171 21.55 44.93 37.95
CA ASN M 171 22.99 45.14 37.90
C ASN M 171 23.27 46.62 38.09
N ASP M 172 23.65 47.00 39.30
CA ASP M 172 24.02 48.37 39.59
C ASP M 172 25.53 48.51 39.82
N LYS M 173 26.31 47.60 39.23
CA LYS M 173 27.76 47.56 39.39
C LYS M 173 28.48 48.31 38.30
N GLY M 174 27.77 48.87 37.33
CA GLY M 174 28.41 49.57 36.24
C GLY M 174 29.29 48.66 35.40
N LYS M 175 29.18 47.35 35.59
CA LYS M 175 29.91 46.42 34.75
C LYS M 175 29.17 45.10 34.70
N GLU M 176 29.65 44.21 33.82
CA GLU M 176 29.05 42.89 33.63
C GLU M 176 29.12 42.09 34.93
N VAL M 177 28.05 41.36 35.22
CA VAL M 177 28.03 40.44 36.36
C VAL M 177 27.83 39.02 35.89
N LEU M 178 28.80 38.17 36.21
CA LEU M 178 28.65 36.73 35.98
C LEU M 178 27.80 36.15 37.08
N VAL M 179 26.64 35.62 36.71
CA VAL M 179 25.77 34.93 37.64
C VAL M 179 25.75 33.45 37.29
N LEU M 180 26.03 32.62 38.28
CA LEU M 180 25.97 31.18 38.12
C LEU M 180 24.88 30.63 39.01
N TRP M 181 24.22 29.58 38.55
CA TRP M 181 23.23 28.89 39.35
C TRP M 181 23.25 27.42 38.97
N GLY M 182 22.55 26.62 39.76
CA GLY M 182 22.46 25.21 39.49
C GLY M 182 21.02 24.75 39.42
N ILE M 183 20.83 23.65 38.69
CA ILE M 183 19.56 22.94 38.62
C ILE M 183 19.82 21.53 39.13
N HIS M 184 19.05 21.11 40.12
CA HIS M 184 19.23 19.80 40.73
C HIS M 184 18.26 18.79 40.13
N HIS M 185 18.79 17.62 39.79
CA HIS M 185 18.01 16.55 39.19
C HIS M 185 18.10 15.39 40.16
N PRO M 186 17.09 15.21 41.01
CA PRO M 186 17.17 14.15 42.03
C PRO M 186 17.14 12.76 41.43
N SER M 187 17.74 11.82 42.17
CA SER M 187 17.74 10.42 41.76
C SER M 187 16.34 9.78 41.80
N THR M 188 15.50 10.13 42.78
CA THR M 188 14.21 9.46 42.97
C THR M 188 13.10 10.45 43.26
N SER M 189 11.84 10.01 43.02
CA SER M 189 10.68 10.79 43.42
C SER M 189 10.64 11.05 44.92
N ALA M 190 11.13 10.09 45.70
CA ALA M 190 11.20 10.30 47.15
C ALA M 190 12.13 11.46 47.47
N ASP M 191 13.34 11.42 46.91
CA ASP M 191 14.32 12.48 47.13
C ASP M 191 13.74 13.82 46.70
N GLN M 192 13.07 13.86 45.54
CA GLN M 192 12.39 15.06 45.07
C GLN M 192 11.46 15.61 46.14
N GLN M 193 10.64 14.73 46.71
CA GLN M 193 9.70 15.18 47.71
C GLN M 193 10.42 15.56 49.00
N SER M 194 11.41 14.77 49.42
CA SER M 194 12.16 15.06 50.64
C SER M 194 12.87 16.40 50.61
N LEU M 195 13.35 16.82 49.45
CA LEU M 195 14.04 18.10 49.39
C LEU M 195 13.12 19.29 49.15
N TYR M 196 12.14 19.13 48.25
CA TYR M 196 11.39 20.26 47.71
C TYR M 196 9.87 20.12 47.88
N GLN M 197 9.39 18.99 48.41
CA GLN M 197 7.97 18.72 48.57
C GLN M 197 7.20 18.63 47.26
N ASN M 198 7.25 19.67 46.43
CA ASN M 198 6.52 19.66 45.16
C ASN M 198 7.10 18.60 44.25
N ALA M 199 6.22 17.77 43.67
CA ALA M 199 6.70 16.69 42.82
C ALA M 199 7.02 17.14 41.40
N ASP M 200 6.32 18.15 40.89
CA ASP M 200 6.44 18.55 39.49
C ASP M 200 6.82 20.03 39.47
N THR M 201 8.11 20.30 39.38
CA THR M 201 8.64 21.64 39.60
C THR M 201 9.28 22.13 38.30
N TYR M 202 9.55 23.42 38.28
CA TYR M 202 10.31 24.03 37.20
C TYR M 202 11.20 25.11 37.79
N VAL M 203 12.16 25.56 36.99
CA VAL M 203 12.98 26.72 37.33
C VAL M 203 13.02 27.61 36.10
N PHE M 204 12.91 28.91 36.29
CA PHE M 204 13.04 29.81 35.16
C PHE M 204 14.05 30.90 35.51
N VAL M 205 14.92 31.20 34.55
CA VAL M 205 15.91 32.26 34.69
C VAL M 205 15.79 33.18 33.48
N GLY M 206 15.69 34.48 33.74
CA GLY M 206 15.51 35.42 32.66
C GLY M 206 16.20 36.75 32.91
N SER M 207 16.81 37.30 31.87
CA SER M 207 17.31 38.66 31.89
C SER M 207 16.79 39.32 30.62
N SER M 208 17.40 40.45 30.23
CA SER M 208 17.00 41.07 28.98
C SER M 208 17.43 40.25 27.79
N ARG M 209 18.52 39.51 27.92
CA ARG M 209 19.06 38.73 26.81
C ARG M 209 19.02 37.24 27.04
N TYR M 210 18.82 36.77 28.26
CA TYR M 210 18.82 35.36 28.56
C TYR M 210 17.39 34.97 28.96
N SER M 211 16.98 33.76 28.57
CA SER M 211 15.65 33.26 28.93
C SER M 211 15.61 31.77 28.76
N LYS M 212 15.39 31.03 29.85
CA LYS M 212 15.40 29.58 29.77
C LYS M 212 14.61 28.97 30.93
N LYS M 213 13.74 28.02 30.59
CA LYS M 213 12.99 27.22 31.55
C LYS M 213 13.61 25.84 31.66
N PHE M 214 13.74 25.34 32.90
CA PHE M 214 14.39 24.06 33.16
C PHE M 214 13.38 23.09 33.76
N LYS M 215 13.54 21.80 33.47
CA LYS M 215 12.65 20.79 34.00
C LYS M 215 13.48 19.70 34.65
N PRO M 216 13.32 19.45 35.95
CA PRO M 216 14.10 18.42 36.62
C PRO M 216 13.86 17.06 35.98
N GLU M 217 14.94 16.33 35.76
CA GLU M 217 14.88 15.01 35.17
C GLU M 217 15.24 14.03 36.29
N ILE M 218 14.22 13.36 36.84
CA ILE M 218 14.40 12.48 37.99
C ILE M 218 14.65 11.05 37.53
N ALA M 219 15.83 10.52 37.87
CA ALA M 219 16.23 9.15 37.54
C ALA M 219 17.54 8.85 38.25
N ILE M 220 17.82 7.56 38.41
CA ILE M 220 19.06 7.12 39.03
C ILE M 220 20.20 7.08 38.03
N ARG M 221 21.20 7.87 38.30
CA ARG M 221 22.46 7.84 37.58
C ARG M 221 23.44 6.96 38.33
N PRO M 222 24.48 6.49 37.65
CA PRO M 222 25.57 5.82 38.33
C PRO M 222 26.17 6.71 39.41
N LYS M 223 26.43 6.11 40.58
CA LYS M 223 26.99 6.88 41.68
C LYS M 223 28.32 7.49 41.29
N VAL M 224 28.39 8.82 41.28
CA VAL M 224 29.65 9.54 41.26
C VAL M 224 29.76 10.27 42.58
N ARG M 225 30.90 10.13 43.25
CA ARG M 225 31.13 10.73 44.57
C ARG M 225 29.92 10.44 45.47
N ASP M 226 29.41 9.20 45.37
CA ASP M 226 28.31 8.63 46.15
C ASP M 226 26.92 9.14 45.76
N GLN M 227 26.79 9.91 44.68
CA GLN M 227 25.51 10.51 44.31
C GLN M 227 24.92 9.88 43.06
N GLU M 228 23.64 9.52 43.13
CA GLU M 228 22.90 9.01 41.99
C GLU M 228 22.13 10.11 41.28
N GLY M 229 22.05 11.29 41.90
CA GLY M 229 21.46 12.47 41.30
C GLY M 229 22.50 13.26 40.55
N ARG M 230 22.06 14.34 39.89
CA ARG M 230 22.98 15.20 39.16
C ARG M 230 22.65 16.66 39.41
N MET M 231 23.66 17.51 39.28
CA MET M 231 23.47 18.96 39.37
C MET M 231 24.11 19.61 38.14
N ASN M 232 23.30 20.28 37.34
CA ASN M 232 23.79 21.02 36.20
C ASN M 232 24.06 22.47 36.60
N TYR M 233 25.15 23.02 36.07
CA TYR M 233 25.58 24.36 36.41
C TYR M 233 25.49 25.27 35.19
N TYR M 234 24.89 26.43 35.37
CA TYR M 234 24.62 27.36 34.29
C TYR M 234 25.19 28.73 34.64
N TRP M 235 25.42 29.56 33.63
CA TRP M 235 25.98 30.88 33.88
C TRP M 235 25.51 31.83 32.79
N THR M 236 25.44 33.11 33.13
CA THR M 236 25.23 34.15 32.13
C THR M 236 25.84 35.44 32.63
N LEU M 237 26.02 36.37 31.70
CA LEU M 237 26.59 37.68 31.97
C LEU M 237 25.50 38.74 31.91
N VAL M 238 25.20 39.34 33.03
CA VAL M 238 24.17 40.38 33.05
C VAL M 238 24.83 41.73 32.77
N GLU M 239 24.31 42.44 31.78
CA GLU M 239 24.86 43.73 31.39
C GLU M 239 24.59 44.77 32.47
N PRO M 240 25.39 45.83 32.53
CA PRO M 240 25.11 46.91 33.49
C PRO M 240 23.72 47.46 33.26
N GLY M 241 22.95 47.54 34.35
CA GLY M 241 21.64 48.13 34.31
C GLY M 241 20.52 47.14 34.05
N ASP M 242 20.84 45.93 33.58
CA ASP M 242 19.86 44.89 33.32
C ASP M 242 19.48 44.11 34.58
N LYS M 243 18.31 43.51 34.53
CA LYS M 243 17.75 42.69 35.59
C LYS M 243 17.81 41.23 35.17
N ILE M 244 18.16 40.36 36.10
CA ILE M 244 17.97 38.94 35.89
C ILE M 244 16.98 38.42 36.92
N THR M 245 16.06 37.56 36.48
CA THR M 245 15.02 37.05 37.37
C THR M 245 15.11 35.54 37.45
N PHE M 246 14.97 35.03 38.67
CA PHE M 246 14.92 33.61 38.95
C PHE M 246 13.53 33.26 39.47
N GLU M 247 12.93 32.21 38.92
CA GLU M 247 11.64 31.72 39.38
C GLU M 247 11.74 30.22 39.53
N ALA M 248 11.20 29.70 40.62
CA ALA M 248 11.35 28.27 40.86
C ALA M 248 10.29 27.75 41.82
N THR M 249 9.89 26.50 41.60
CA THR M 249 9.09 25.74 42.55
C THR M 249 9.87 24.54 43.07
N GLY M 250 11.18 24.54 42.88
CA GLY M 250 12.04 23.50 43.37
C GLY M 250 13.29 23.44 42.52
N ASN M 251 14.27 22.67 42.98
CA ASN M 251 15.41 22.22 42.19
C ASN M 251 16.37 23.34 41.80
N LEU M 252 16.26 24.52 42.41
CA LEU M 252 17.12 25.65 42.07
C LEU M 252 18.23 25.78 43.09
N VAL M 253 19.47 25.67 42.61
CA VAL M 253 20.64 26.04 43.38
C VAL M 253 20.86 27.52 43.10
N VAL M 254 20.39 28.36 44.02
CA VAL M 254 20.39 29.78 43.75
C VAL M 254 21.78 30.37 43.89
N PRO M 255 22.06 31.46 43.21
CA PRO M 255 23.29 32.20 43.50
C PRO M 255 23.27 32.72 44.92
N ARG M 256 24.45 32.82 45.51
CA ARG M 256 24.65 33.56 46.73
C ARG M 256 25.64 34.68 46.48
N TYR M 257 26.82 34.35 45.98
CA TYR M 257 27.77 35.33 45.48
C TYR M 257 27.74 35.33 43.95
N ALA M 258 27.85 36.52 43.35
CA ALA M 258 28.03 36.70 41.91
C ALA M 258 29.26 37.57 41.70
N PHE M 259 29.56 37.92 40.46
CA PHE M 259 30.86 38.51 40.19
C PHE M 259 30.77 39.68 39.22
N ALA M 260 31.11 40.87 39.69
CA ALA M 260 31.21 42.03 38.81
C ALA M 260 32.62 41.97 38.24
N MET M 261 32.72 42.09 36.91
CA MET M 261 34.01 41.93 36.23
C MET M 261 34.10 42.75 34.97
N GLU M 262 35.34 43.03 34.54
CA GLU M 262 35.63 43.62 33.25
C GLU M 262 36.58 42.72 32.48
N ARG M 263 36.10 42.12 31.38
CA ARG M 263 36.93 41.22 30.61
C ARG M 263 37.84 42.07 29.75
N ASN M 264 39.12 41.71 29.71
CA ASN M 264 40.06 42.36 28.82
C ASN M 264 40.54 41.36 27.75
N ALA M 265 40.41 41.78 26.48
CA ALA M 265 40.84 41.05 25.30
C ALA M 265 40.66 39.54 25.37
N GLY M 266 41.77 38.84 25.49
CA GLY M 266 41.75 37.39 25.40
C GLY M 266 43.08 36.77 25.79
N SER M 267 43.09 36.05 26.91
CA SER M 267 44.26 35.33 27.32
C SER M 267 43.98 33.85 27.18
N GLY M 268 44.51 33.05 28.08
CA GLY M 268 44.21 31.64 28.06
C GLY M 268 44.55 30.99 29.38
N ILE M 269 44.57 29.67 29.36
CA ILE M 269 44.75 28.89 30.58
C ILE M 269 45.95 27.97 30.40
N ILE M 270 46.98 28.21 31.21
CA ILE M 270 48.17 27.37 31.24
C ILE M 270 47.97 26.27 32.26
N ILE M 271 48.21 25.02 31.85
CA ILE M 271 48.09 23.88 32.74
C ILE M 271 49.49 23.29 32.94
N SER M 272 50.07 23.54 34.12
CA SER M 272 51.50 23.31 34.30
C SER M 272 51.82 23.24 35.78
N ASP M 273 52.87 22.47 36.07
CA ASP M 273 53.47 22.38 37.39
C ASP M 273 54.51 23.46 37.62
N THR M 274 54.81 24.24 36.61
CA THR M 274 55.79 25.29 36.72
C THR M 274 55.40 26.28 37.82
N PRO M 275 56.31 26.65 38.70
CA PRO M 275 55.97 27.54 39.82
C PRO M 275 55.87 28.98 39.39
N VAL M 276 54.94 29.69 40.04
CA VAL M 276 54.78 31.12 39.79
C VAL M 276 55.95 31.88 40.42
N HIS M 277 56.19 33.08 39.91
CA HIS M 277 57.33 33.84 40.40
C HIS M 277 57.05 35.30 40.11
N ASP M 278 57.66 36.18 40.88
CA ASP M 278 57.47 37.64 40.68
C ASP M 278 58.40 38.18 39.57
N CYS M 279 58.15 37.82 38.28
CA CYS M 279 58.93 38.37 37.16
C CYS M 279 57.97 38.91 36.12
N ASN M 280 58.48 39.83 35.33
CA ASN M 280 57.73 40.35 34.20
C ASN M 280 58.19 39.57 32.98
N THR M 281 57.28 39.41 32.03
CA THR M 281 57.60 38.78 30.77
C THR M 281 56.64 39.34 29.74
N THR M 282 56.95 39.11 28.49
CA THR M 282 56.05 39.49 27.44
C THR M 282 55.59 38.26 26.69
N CYS M 283 56.18 37.10 26.99
CA CYS M 283 55.82 35.87 26.32
C CYS M 283 55.96 34.70 27.30
N GLN M 284 54.85 34.08 27.65
CA GLN M 284 54.83 32.95 28.58
C GLN M 284 54.46 31.64 27.89
N THR M 285 55.23 30.59 28.16
CA THR M 285 54.96 29.23 27.74
C THR M 285 54.63 28.35 28.93
N PRO M 286 54.09 27.14 28.69
CA PRO M 286 53.72 26.28 29.83
C PRO M 286 54.89 25.85 30.67
N LYS M 287 56.09 25.92 30.15
CA LYS M 287 57.21 25.43 30.92
C LYS M 287 58.11 26.58 31.30
N GLY M 288 57.74 27.80 30.92
CA GLY M 288 58.55 28.94 31.29
C GLY M 288 58.42 30.17 30.42
N ALA M 289 58.71 31.36 30.96
CA ALA M 289 58.64 32.53 30.11
C ALA M 289 59.92 32.60 29.30
N ILE M 290 59.86 33.28 28.17
CA ILE M 290 61.03 33.53 27.32
C ILE M 290 61.10 35.02 27.08
N ASN M 291 62.30 35.57 27.22
CA ASN M 291 62.53 37.00 27.03
C ASN M 291 63.46 37.12 25.85
N THR M 292 62.90 37.63 24.76
CA THR M 292 63.72 37.62 23.58
C THR M 292 63.11 38.49 22.53
N SER M 293 63.99 39.11 21.77
CA SER M 293 63.61 39.83 20.59
C SER M 293 63.76 38.96 19.36
N LEU M 294 64.26 37.76 19.55
CA LEU M 294 64.56 36.91 18.43
C LEU M 294 63.26 36.44 17.82
N PRO M 295 63.23 36.26 16.50
CA PRO M 295 61.97 35.97 15.83
C PRO M 295 61.50 34.53 15.95
N PHE M 296 62.33 33.60 16.38
CA PHE M 296 61.87 32.23 16.45
C PHE M 296 62.23 31.62 17.78
N GLN M 297 61.48 30.59 18.16
CA GLN M 297 61.71 29.89 19.40
C GLN M 297 61.26 28.45 19.24
N ASN M 298 61.97 27.53 19.90
CA ASN M 298 61.64 26.10 19.92
C ASN M 298 61.27 25.61 21.32
N ILE M 299 60.78 26.51 22.16
CA ILE M 299 60.43 26.16 23.53
C ILE M 299 59.12 25.41 23.60
N HIS M 300 58.07 26.00 23.03
CA HIS M 300 56.72 25.46 23.15
C HIS M 300 55.75 26.10 22.18
N PRO M 301 54.95 25.30 21.49
CA PRO M 301 53.97 25.89 20.55
C PRO M 301 52.85 26.64 21.22
N ILE M 302 52.48 26.29 22.44
CA ILE M 302 51.33 26.91 23.09
C ILE M 302 51.85 28.05 23.94
N THR M 303 51.81 29.25 23.43
CA THR M 303 52.35 30.37 24.15
C THR M 303 51.28 31.42 24.31
N ILE M 304 51.52 32.33 25.24
CA ILE M 304 50.67 33.49 25.44
C ILE M 304 51.52 34.75 25.41
N GLY M 305 51.07 35.74 24.64
CA GLY M 305 51.75 37.03 24.60
C GLY M 305 52.22 37.43 23.22
N LYS M 306 53.21 38.32 23.13
CA LYS M 306 53.81 38.69 21.85
C LYS M 306 55.02 37.82 21.66
N CYS M 307 54.88 36.73 20.94
CA CYS M 307 55.88 35.69 21.00
C CYS M 307 56.59 35.43 19.69
N PRO M 308 57.79 34.89 19.76
CA PRO M 308 58.43 34.43 18.54
C PRO M 308 57.72 33.20 18.07
N LYS M 309 57.76 33.00 16.76
CA LYS M 309 57.11 31.87 16.14
C LYS M 309 57.78 30.56 16.56
N TYR M 310 56.96 29.57 16.87
CA TYR M 310 57.46 28.23 17.17
C TYR M 310 57.93 27.55 15.90
N VAL M 311 59.10 26.92 15.95
CA VAL M 311 59.60 26.11 14.85
C VAL M 311 60.15 24.81 15.41
N LYS M 312 60.36 23.85 14.54
CA LYS M 312 60.92 22.59 15.00
C LYS M 312 62.44 22.61 15.04
N SER M 313 63.07 23.68 14.55
CA SER M 313 64.53 23.74 14.44
C SER M 313 65.23 23.71 15.79
N THR M 314 66.46 23.22 15.77
CA THR M 314 67.29 23.20 16.95
C THR M 314 68.42 24.20 16.86
N LYS M 315 68.68 24.76 15.70
CA LYS M 315 69.80 25.67 15.47
C LYS M 315 69.47 26.56 14.30
N LEU M 316 69.37 27.86 14.54
CA LEU M 316 69.17 28.84 13.48
C LEU M 316 70.22 29.92 13.62
N ARG M 317 71.43 29.63 13.24
CA ARG M 317 72.53 30.53 13.48
C ARG M 317 72.92 31.25 12.19
N LEU M 318 72.81 32.56 12.18
CA LEU M 318 73.09 33.32 10.97
C LEU M 318 74.55 33.74 10.98
N ALA M 319 75.28 33.43 9.92
CA ALA M 319 76.68 33.85 9.87
C ALA M 319 76.81 35.33 9.61
N THR M 320 77.72 35.98 10.33
CA THR M 320 78.08 37.37 10.10
C THR M 320 79.53 37.59 9.74
N GLY M 321 80.45 36.86 10.33
CA GLY M 321 81.85 37.01 9.99
C GLY M 321 82.19 36.15 8.82
N LEU M 322 83.44 35.83 8.66
CA LEU M 322 83.75 35.12 7.45
C LEU M 322 84.24 33.72 7.77
N ARG M 323 84.48 32.92 6.74
CA ARG M 323 84.94 31.57 6.98
C ARG M 323 86.21 31.67 7.74
N ASN M 324 86.34 30.83 8.74
CA ASN M 324 87.47 30.92 9.64
C ASN M 324 88.49 29.87 9.25
N ILE M 325 89.66 30.34 8.79
CA ILE M 325 90.71 29.51 8.23
C ILE M 325 91.99 29.98 8.91
N PRO M 326 92.18 29.63 10.18
CA PRO M 326 93.35 30.09 10.90
C PRO M 326 94.61 29.41 10.41
N SER M 327 95.71 30.13 10.54
CA SER M 327 97.05 29.75 10.04
C SER M 327 97.01 29.01 8.68
N GLY N 4 94.60 60.14 -28.06
CA GLY N 4 94.17 59.00 -28.85
C GLY N 4 92.68 58.78 -28.75
N ASP N 5 92.12 58.02 -29.67
CA ASP N 5 90.71 57.71 -29.64
C ASP N 5 90.38 56.84 -28.43
N THR N 6 89.17 57.01 -27.89
CA THR N 6 88.75 56.31 -26.69
C THR N 6 87.41 55.64 -26.87
N LEU N 7 87.22 54.52 -26.21
CA LEU N 7 85.91 53.90 -26.15
C LEU N 7 85.67 53.54 -24.69
N CYS N 8 84.62 54.08 -24.11
CA CYS N 8 84.29 53.83 -22.71
C CYS N 8 82.99 53.05 -22.55
N ILE N 9 82.95 52.20 -21.56
CA ILE N 9 81.76 51.49 -21.15
C ILE N 9 81.10 52.22 -20.00
N GLY N 10 79.77 52.22 -19.94
CA GLY N 10 79.06 52.93 -18.89
C GLY N 10 77.64 52.44 -18.74
N TYR N 11 76.87 53.10 -17.90
CA TYR N 11 75.52 52.65 -17.64
C TYR N 11 74.59 53.83 -17.49
N HIS N 12 73.31 53.59 -17.72
CA HIS N 12 72.31 54.65 -17.69
C HIS N 12 72.20 55.26 -16.32
N ALA N 13 72.08 56.57 -16.26
CA ALA N 13 71.66 57.25 -15.06
C ALA N 13 70.62 58.29 -15.40
N ASN N 14 69.76 58.61 -14.45
CA ASN N 14 68.78 59.62 -14.77
C ASN N 14 68.47 60.40 -13.51
N ASN N 15 67.42 61.19 -13.57
CA ASN N 15 66.98 62.09 -12.53
C ASN N 15 66.01 61.42 -11.56
N SER N 16 65.76 60.16 -11.72
CA SER N 16 64.80 59.44 -10.91
C SER N 16 65.15 59.54 -9.44
N THR N 17 64.12 59.59 -8.60
CA THR N 17 64.34 59.59 -7.17
C THR N 17 63.77 58.36 -6.46
N ASP N 18 63.33 57.35 -7.18
CA ASP N 18 62.88 56.11 -6.56
C ASP N 18 63.92 55.48 -5.67
N THR N 19 63.52 55.14 -4.46
CA THR N 19 64.38 54.38 -3.60
C THR N 19 63.80 52.99 -3.45
N VAL N 20 64.65 52.00 -3.22
CA VAL N 20 64.23 50.65 -2.91
C VAL N 20 65.13 50.18 -1.77
N ASP N 21 64.67 49.22 -0.99
CA ASP N 21 65.50 48.59 0.04
C ASP N 21 66.10 47.28 -0.49
N THR N 22 67.33 46.96 -0.10
CA THR N 22 67.92 45.68 -0.47
C THR N 22 68.39 44.97 0.79
N VAL N 23 68.71 43.68 0.69
CA VAL N 23 69.08 42.96 1.89
C VAL N 23 70.32 43.55 2.52
N LEU N 24 71.21 44.12 1.73
CA LEU N 24 72.39 44.71 2.31
C LEU N 24 72.24 46.19 2.55
N GLU N 25 71.28 46.85 1.94
CA GLU N 25 71.30 48.29 2.06
C GLU N 25 69.92 48.87 1.88
N LYS N 26 69.56 49.80 2.75
CA LYS N 26 68.29 50.50 2.72
C LYS N 26 68.41 51.79 1.91
N ASN N 27 67.29 52.23 1.35
CA ASN N 27 67.14 53.48 0.62
C ASN N 27 68.14 53.66 -0.50
N VAL N 28 68.20 52.67 -1.36
CA VAL N 28 69.02 52.72 -2.56
C VAL N 28 68.24 53.37 -3.67
N THR N 29 68.79 54.43 -4.24
CA THR N 29 68.16 55.12 -5.37
C THR N 29 68.38 54.36 -6.67
N VAL N 30 67.30 54.05 -7.38
CA VAL N 30 67.38 53.27 -8.60
C VAL N 30 66.77 54.10 -9.69
N THR N 31 67.08 53.77 -10.94
CA THR N 31 66.64 54.62 -12.04
C THR N 31 65.19 54.35 -12.36
N HIS N 32 64.71 53.17 -12.04
CA HIS N 32 63.30 52.86 -12.19
C HIS N 32 62.93 51.69 -11.27
N SER N 33 61.64 51.55 -10.98
CA SER N 33 61.20 50.52 -10.05
C SER N 33 59.72 50.31 -10.25
N VAL N 34 59.21 49.21 -9.75
CA VAL N 34 57.80 48.96 -9.90
C VAL N 34 57.19 48.59 -8.56
N ASN N 35 55.98 49.04 -8.32
CA ASN N 35 55.33 48.76 -7.06
C ASN N 35 54.63 47.45 -7.04
N LEU N 36 54.81 46.72 -5.95
CA LEU N 36 54.13 45.46 -5.74
C LEU N 36 52.97 45.57 -4.76
N LEU N 37 52.83 46.71 -4.10
CA LEU N 37 51.89 46.88 -3.00
C LEU N 37 50.74 47.76 -3.43
N GLU N 38 49.53 47.19 -3.49
CA GLU N 38 48.36 48.02 -3.71
C GLU N 38 47.95 48.69 -2.40
N ASP N 39 47.97 50.01 -2.38
CA ASP N 39 47.70 50.85 -1.21
C ASP N 39 46.69 51.97 -1.48
N LYS N 40 45.79 51.80 -2.44
CA LYS N 40 44.76 52.80 -2.66
C LYS N 40 43.42 52.15 -2.95
N HIS N 41 42.35 52.84 -2.58
CA HIS N 41 41.02 52.33 -2.85
C HIS N 41 40.18 53.48 -3.36
N ASN N 42 38.98 53.16 -3.87
CA ASN N 42 38.16 54.19 -4.48
C ASN N 42 37.10 54.75 -3.53
N GLY N 43 37.11 54.34 -2.27
CA GLY N 43 36.21 54.94 -1.31
C GLY N 43 34.75 54.65 -1.57
N LYS N 44 34.43 53.68 -2.43
CA LYS N 44 33.07 53.37 -2.83
C LYS N 44 32.78 51.92 -2.53
N LEU N 45 31.51 51.60 -2.34
CA LEU N 45 31.05 50.21 -2.29
C LEU N 45 30.49 49.84 -3.64
N CYS N 46 31.18 48.95 -4.31
CA CYS N 46 30.90 48.66 -5.72
C CYS N 46 30.24 47.37 -5.97
N LYS N 47 29.92 47.18 -7.28
CA LYS N 47 29.37 45.94 -7.80
C LYS N 47 30.47 44.93 -7.86
N LEU N 48 30.14 43.71 -7.48
CA LEU N 48 31.09 42.61 -7.51
C LEU N 48 30.54 41.60 -8.50
N ARG N 49 31.38 41.14 -9.42
CA ARG N 49 30.91 40.28 -10.49
C ARG N 49 29.88 41.00 -11.35
N GLY N 50 29.84 42.33 -11.27
CA GLY N 50 28.88 43.14 -12.01
C GLY N 50 27.50 43.18 -11.41
N VAL N 51 27.34 42.76 -10.16
CA VAL N 51 26.06 42.72 -9.47
C VAL N 51 26.13 43.63 -8.26
N ALA N 52 25.15 44.48 -8.13
CA ALA N 52 25.18 45.45 -7.06
C ALA N 52 24.98 44.74 -5.73
N PRO N 53 25.56 45.26 -4.67
CA PRO N 53 25.26 44.74 -3.35
C PRO N 53 23.84 45.09 -2.97
N LEU N 54 23.33 44.33 -2.02
CA LEU N 54 22.09 44.69 -1.34
C LEU N 54 22.40 45.65 -0.20
N HIS N 55 21.83 46.87 -0.26
CA HIS N 55 22.04 47.89 0.76
C HIS N 55 20.82 47.99 1.67
N LEU N 56 21.07 47.91 2.97
CA LEU N 56 20.00 47.83 3.94
C LEU N 56 19.73 49.14 4.68
N GLY N 57 20.39 50.23 4.31
CA GLY N 57 20.18 51.50 4.98
C GLY N 57 20.32 51.39 6.48
N LYS N 58 19.28 51.79 7.23
CA LYS N 58 19.33 51.84 8.69
C LYS N 58 18.84 50.57 9.36
N CYS N 59 18.52 49.55 8.60
CA CYS N 59 18.08 48.24 9.06
C CYS N 59 19.24 47.26 9.08
N ASN N 60 19.11 46.23 9.90
CA ASN N 60 20.04 45.12 9.83
C ASN N 60 19.30 43.96 9.14
N ILE N 61 19.99 42.83 8.97
CA ILE N 61 19.41 41.73 8.19
C ILE N 61 18.13 41.22 8.86
N ALA N 62 18.12 41.13 10.18
CA ALA N 62 16.93 40.70 10.90
C ALA N 62 15.72 41.57 10.55
N GLY N 63 15.85 42.87 10.75
CA GLY N 63 14.76 43.77 10.42
C GLY N 63 14.31 43.64 8.97
N TRP N 64 15.27 43.55 8.05
CA TRP N 64 14.92 43.46 6.64
C TRP N 64 14.16 42.18 6.32
N ILE N 65 14.71 41.02 6.72
CA ILE N 65 14.13 39.76 6.32
C ILE N 65 12.83 39.49 7.06
N LEU N 66 12.66 40.09 8.23
CA LEU N 66 11.40 39.95 8.93
C LEU N 66 10.38 40.96 8.45
N GLY N 67 10.82 42.07 7.88
CA GLY N 67 9.92 43.08 7.41
C GLY N 67 9.58 44.06 8.50
N ASN N 68 10.57 44.38 9.34
CA ASN N 68 10.49 45.50 10.26
C ASN N 68 9.87 46.69 9.53
N PRO N 69 8.85 47.33 10.09
CA PRO N 69 8.15 48.38 9.35
C PRO N 69 9.06 49.49 8.85
N GLU N 70 10.18 49.72 9.54
CA GLU N 70 11.14 50.74 9.11
C GLU N 70 11.93 50.35 7.87
N CYS N 71 11.79 49.12 7.40
CA CYS N 71 12.54 48.65 6.26
C CYS N 71 11.68 48.49 5.02
N GLU N 72 10.38 48.79 5.12
CA GLU N 72 9.45 48.60 4.02
C GLU N 72 9.87 49.39 2.80
N SER N 73 10.49 50.55 3.02
CA SER N 73 10.85 51.43 1.92
C SER N 73 12.09 50.96 1.19
N LEU N 74 12.82 50.00 1.75
CA LEU N 74 13.98 49.49 1.05
C LEU N 74 13.51 48.76 -0.20
N SER N 75 14.27 48.94 -1.29
CA SER N 75 14.08 48.17 -2.52
C SER N 75 14.96 46.95 -2.42
N THR N 76 14.42 45.81 -2.86
CA THR N 76 15.16 44.55 -2.80
C THR N 76 15.16 43.93 -4.19
N ALA N 77 16.30 43.98 -4.86
CA ALA N 77 16.48 43.42 -6.18
C ALA N 77 16.27 41.91 -6.14
N SER N 78 16.33 41.27 -7.30
CA SER N 78 16.15 39.83 -7.33
C SER N 78 17.46 39.08 -7.18
N SER N 79 18.58 39.79 -7.07
CA SER N 79 19.89 39.17 -6.85
C SER N 79 20.84 40.22 -6.29
N TRP N 80 21.91 39.76 -5.66
CA TRP N 80 22.91 40.65 -5.11
C TRP N 80 24.16 39.85 -4.77
N SER N 81 25.29 40.53 -4.79
CA SER N 81 26.60 39.90 -4.70
C SER N 81 27.14 39.90 -3.28
N TYR N 82 26.75 40.87 -2.46
CA TYR N 82 27.04 40.84 -1.03
C TYR N 82 26.01 41.71 -0.35
N ILE N 83 26.10 41.77 0.96
CA ILE N 83 25.20 42.59 1.75
C ILE N 83 25.98 43.70 2.44
N VAL N 84 25.38 44.87 2.53
CA VAL N 84 25.95 46.01 3.24
C VAL N 84 25.04 46.41 4.40
N GLU N 85 25.60 46.52 5.61
CA GLU N 85 24.92 47.17 6.71
C GLU N 85 25.69 48.42 7.10
N THR N 86 25.04 49.33 7.81
CA THR N 86 25.78 50.46 8.35
C THR N 86 26.06 50.26 9.82
N PRO N 87 27.06 50.96 10.39
CA PRO N 87 27.32 50.79 11.83
C PRO N 87 26.18 51.29 12.68
N SER N 88 25.30 52.10 12.11
CA SER N 88 24.14 52.68 12.78
C SER N 88 22.83 52.00 12.37
N SER N 89 22.90 50.92 11.60
CA SER N 89 21.75 50.16 11.13
C SER N 89 21.23 49.35 12.31
N ASP N 90 20.16 49.81 12.93
CA ASP N 90 19.64 49.07 14.05
C ASP N 90 18.15 48.82 14.07
N ASN N 91 17.43 49.05 12.98
CA ASN N 91 16.07 48.54 12.91
C ASN N 91 16.11 47.04 12.65
N GLY N 92 16.03 46.25 13.72
CA GLY N 92 16.14 44.82 13.58
C GLY N 92 14.91 44.15 14.11
N THR N 93 15.06 43.33 15.15
CA THR N 93 13.95 42.69 15.85
C THR N 93 13.33 43.70 16.81
N CYS N 94 12.25 44.36 16.37
CA CYS N 94 11.59 45.36 17.21
C CYS N 94 10.82 44.78 18.40
N TYR N 95 10.39 43.52 18.33
CA TYR N 95 9.92 42.81 19.52
C TYR N 95 11.02 41.97 20.10
N PRO N 96 11.42 42.19 21.33
CA PRO N 96 12.61 41.53 21.86
C PRO N 96 12.48 40.02 21.97
N GLY N 97 13.63 39.37 21.78
CA GLY N 97 13.77 37.94 21.87
C GLY N 97 15.04 37.52 21.15
N ASP N 98 15.22 36.22 21.00
CA ASP N 98 16.39 35.68 20.32
C ASP N 98 16.06 35.27 18.89
N PHE N 99 16.98 35.59 18.00
CA PHE N 99 16.94 35.14 16.61
C PHE N 99 17.87 33.94 16.52
N ILE N 100 17.26 32.76 16.37
CA ILE N 100 17.99 31.51 16.40
C ILE N 100 18.80 31.31 15.14
N ASP N 101 20.06 30.93 15.33
CA ASP N 101 21.03 30.76 14.26
C ASP N 101 21.07 31.97 13.32
N TYR N 102 21.07 33.16 13.93
CA TYR N 102 21.04 34.39 13.16
C TYR N 102 22.25 34.52 12.26
N GLU N 103 23.43 34.26 12.82
CA GLU N 103 24.64 34.43 12.05
C GLU N 103 24.71 33.47 10.89
N GLU N 104 24.25 32.24 11.09
CA GLU N 104 24.18 31.30 9.98
C GLU N 104 23.28 31.81 8.88
N LEU N 105 22.16 32.42 9.25
CA LEU N 105 21.25 32.95 8.26
C LEU N 105 21.91 34.07 7.48
N ARG N 106 22.60 34.96 8.18
CA ARG N 106 23.29 36.05 7.53
C ARG N 106 24.24 35.53 6.47
N GLU N 107 25.05 34.54 6.83
CA GLU N 107 25.94 33.90 5.88
C GLU N 107 25.16 33.26 4.74
N GLN N 108 24.04 32.61 5.05
CA GLN N 108 23.23 31.99 4.01
C GLN N 108 22.76 33.02 2.98
N LEU N 109 22.45 34.23 3.42
CA LEU N 109 21.86 35.23 2.57
C LEU N 109 22.88 36.15 1.92
N SER N 110 24.14 36.03 2.29
CA SER N 110 25.12 37.04 1.88
C SER N 110 25.14 37.21 0.37
N SER N 111 24.96 36.12 -0.35
CA SER N 111 24.89 36.28 -1.78
C SER N 111 23.90 35.30 -2.36
N VAL N 112 23.08 35.83 -3.26
CA VAL N 112 21.92 35.14 -3.75
C VAL N 112 21.79 35.47 -5.24
N SER N 113 21.63 34.44 -6.06
CA SER N 113 21.53 34.64 -7.49
C SER N 113 20.09 34.84 -7.93
N SER N 114 19.14 34.40 -7.11
CA SER N 114 17.72 34.60 -7.39
C SER N 114 17.00 34.77 -6.05
N PHE N 115 16.08 35.73 -5.99
CA PHE N 115 15.35 36.04 -4.75
C PHE N 115 13.98 36.65 -5.05
N GLU N 116 12.91 35.96 -4.70
CA GLU N 116 11.57 36.44 -4.99
C GLU N 116 10.67 36.25 -3.77
N ARG N 117 10.27 37.34 -3.13
CA ARG N 117 9.28 37.26 -2.05
C ARG N 117 7.91 36.88 -2.60
N PHE N 118 7.24 35.95 -1.91
CA PHE N 118 5.89 35.53 -2.26
C PHE N 118 5.11 35.23 -0.99
N GLU N 119 3.78 35.33 -1.08
CA GLU N 119 2.90 35.12 0.05
C GLU N 119 2.60 33.63 0.28
N ILE N 120 3.40 33.01 1.14
CA ILE N 120 3.28 31.58 1.42
C ILE N 120 1.94 31.25 2.06
N PHE N 121 1.48 32.09 2.99
CA PHE N 121 0.16 31.90 3.61
C PHE N 121 -0.64 33.19 3.49
N PRO N 122 -1.48 33.31 2.46
CA PRO N 122 -2.26 34.54 2.26
C PRO N 122 -3.05 34.92 3.51
N LYS N 123 -2.90 36.18 3.93
CA LYS N 123 -3.56 36.68 5.14
C LYS N 123 -5.07 36.51 5.05
N THR N 124 -5.64 36.67 3.85
CA THR N 124 -7.09 36.75 3.71
C THR N 124 -7.78 35.40 3.81
N SER N 125 -7.12 34.30 3.40
CA SER N 125 -7.76 32.99 3.33
C SER N 125 -7.18 31.93 4.25
N SER N 126 -5.97 32.10 4.75
CA SER N 126 -5.26 31.01 5.42
C SER N 126 -5.81 30.69 6.81
N TRP N 127 -6.37 31.66 7.55
CA TRP N 127 -6.68 31.52 8.97
C TRP N 127 -8.15 31.79 9.29
N PRO N 128 -9.06 30.95 8.79
CA PRO N 128 -10.49 31.20 9.05
C PRO N 128 -10.86 31.13 10.52
N ASN N 129 -10.10 30.40 11.33
CA ASN N 129 -10.45 30.21 12.73
C ASN N 129 -9.63 31.05 13.69
N HIS N 130 -8.81 31.95 13.19
CA HIS N 130 -8.03 32.79 14.07
C HIS N 130 -8.13 34.23 13.57
N ASP N 131 -7.77 35.15 14.44
CA ASP N 131 -7.77 36.58 14.14
C ASP N 131 -6.41 36.95 13.58
N SER N 132 -6.38 37.41 12.33
CA SER N 132 -5.13 37.80 11.67
C SER N 132 -4.97 39.31 11.53
N ASN N 133 -5.67 40.09 12.34
CA ASN N 133 -5.62 41.54 12.31
C ASN N 133 -5.15 42.18 13.62
N LYS N 134 -5.46 41.58 14.76
CA LYS N 134 -5.14 42.17 16.06
C LYS N 134 -3.66 42.09 16.43
N GLY N 135 -2.86 41.35 15.68
CA GLY N 135 -1.46 41.18 16.08
C GLY N 135 -0.52 42.34 15.80
N VAL N 136 -0.71 43.47 16.48
CA VAL N 136 0.16 44.64 16.35
C VAL N 136 0.61 45.04 17.75
N THR N 137 1.65 45.86 17.79
CA THR N 137 2.26 46.16 19.07
C THR N 137 2.96 47.50 19.01
N ALA N 138 3.00 48.17 20.17
CA ALA N 138 3.65 49.45 20.27
C ALA N 138 5.15 49.29 20.15
N ALA N 139 5.63 48.06 20.38
CA ALA N 139 7.05 47.75 20.20
C ALA N 139 7.46 47.83 18.74
N CYS N 140 6.53 47.69 17.78
CA CYS N 140 6.86 47.76 16.35
C CYS N 140 6.01 48.84 15.71
N PRO N 141 6.23 50.10 16.07
CA PRO N 141 5.40 51.19 15.56
C PRO N 141 5.72 51.49 14.10
N HIS N 142 4.69 51.87 13.36
CA HIS N 142 4.86 52.38 12.01
C HIS N 142 4.14 53.70 11.88
N ALA N 143 4.92 54.78 11.71
CA ALA N 143 4.37 56.14 11.67
C ALA N 143 3.54 56.44 12.91
N GLY N 144 4.09 56.06 14.07
CA GLY N 144 3.47 56.28 15.36
C GLY N 144 2.41 55.26 15.72
N ALA N 145 1.77 54.65 14.73
CA ALA N 145 0.79 53.60 14.99
C ALA N 145 1.50 52.29 15.30
N LYS N 146 0.87 51.50 16.19
CA LYS N 146 1.32 50.12 16.43
C LYS N 146 1.34 49.33 15.13
N SER N 147 2.36 48.50 14.96
CA SER N 147 2.44 47.69 13.75
C SER N 147 3.19 46.40 14.09
N PHE N 148 3.68 45.72 13.05
CA PHE N 148 4.35 44.44 13.19
C PHE N 148 5.16 44.14 11.94
N TYR N 149 5.92 43.04 12.00
CA TYR N 149 6.73 42.63 10.88
C TYR N 149 5.82 42.43 9.67
N LYS N 150 6.31 42.83 8.49
CA LYS N 150 5.55 42.69 7.26
C LYS N 150 5.37 41.24 6.85
N ASN N 151 6.40 40.44 7.04
CA ASN N 151 6.43 39.09 6.51
C ASN N 151 5.82 38.07 7.44
N LEU N 152 5.38 38.49 8.63
CA LEU N 152 4.82 37.57 9.60
C LEU N 152 3.48 38.12 10.06
N ILE N 153 2.65 37.20 10.55
CA ILE N 153 1.39 37.55 11.19
C ILE N 153 1.35 37.01 12.60
N TRP N 154 1.09 37.90 13.56
CA TRP N 154 0.91 37.56 14.97
C TRP N 154 -0.53 37.12 15.17
N LEU N 155 -0.78 35.82 15.02
CA LEU N 155 -2.14 35.30 15.19
C LEU N 155 -2.59 35.35 16.66
N VAL N 156 -3.87 35.68 16.85
CA VAL N 156 -4.45 35.90 18.17
C VAL N 156 -5.81 35.18 18.15
N LYS N 157 -6.28 34.83 19.35
CA LYS N 157 -7.55 34.10 19.47
C LYS N 157 -8.68 34.85 18.76
N LYS N 158 -9.60 34.06 18.20
CA LYS N 158 -10.77 34.56 17.49
C LYS N 158 -11.98 34.48 18.42
N GLY N 159 -12.36 35.62 18.99
CA GLY N 159 -13.40 35.63 20.01
C GLY N 159 -12.81 35.21 21.34
N ASN N 160 -13.20 34.01 21.75
CA ASN N 160 -12.68 33.40 22.97
C ASN N 160 -12.10 32.03 22.67
N SER N 161 -11.69 31.79 21.42
CA SER N 161 -11.19 30.50 21.00
C SER N 161 -9.90 30.60 20.20
N TYR N 162 -8.95 29.74 20.53
CA TYR N 162 -7.74 29.56 19.73
C TYR N 162 -7.70 28.07 19.48
N PRO N 163 -8.31 27.59 18.40
CA PRO N 163 -8.27 26.15 18.11
C PRO N 163 -6.88 25.76 17.62
N LYS N 164 -6.59 24.47 17.70
CA LYS N 164 -5.30 23.98 17.20
C LYS N 164 -5.20 24.35 15.73
N LEU N 165 -4.11 25.00 15.40
CA LEU N 165 -3.84 25.42 14.05
C LEU N 165 -3.01 24.35 13.35
N SER N 166 -3.28 24.15 12.06
CA SER N 166 -2.49 23.23 11.25
C SER N 166 -2.54 23.71 9.82
N LYS N 167 -1.35 23.84 9.23
CA LYS N 167 -1.23 24.44 7.90
C LYS N 167 0.09 23.99 7.30
N SER N 168 0.04 23.47 6.08
CA SER N 168 1.21 22.97 5.37
C SER N 168 1.40 23.77 4.08
N TYR N 169 2.65 23.85 3.62
CA TYR N 169 2.99 24.47 2.34
C TYR N 169 3.97 23.55 1.63
N ILE N 170 3.67 23.21 0.39
CA ILE N 170 4.56 22.42 -0.44
C ILE N 170 5.36 23.32 -1.36
N ASN N 171 6.68 23.17 -1.33
CA ASN N 171 7.61 24.01 -2.10
C ASN N 171 7.51 23.63 -3.57
N ASP N 172 6.75 24.42 -4.34
CA ASP N 172 6.63 24.18 -5.77
C ASP N 172 7.36 25.24 -6.62
N LYS N 173 8.38 25.87 -6.06
CA LYS N 173 9.12 26.93 -6.72
C LYS N 173 10.35 26.42 -7.46
N GLY N 174 10.61 25.12 -7.41
CA GLY N 174 11.79 24.59 -8.05
C GLY N 174 13.08 25.09 -7.46
N LYS N 175 13.03 25.77 -6.29
CA LYS N 175 14.21 26.20 -5.58
C LYS N 175 13.89 26.27 -4.09
N GLU N 176 14.93 26.53 -3.31
CA GLU N 176 14.81 26.62 -1.86
C GLU N 176 13.85 27.73 -1.46
N VAL N 177 13.05 27.50 -0.43
CA VAL N 177 12.17 28.53 0.12
C VAL N 177 12.58 28.81 1.56
N LEU N 178 12.95 30.06 1.82
CA LEU N 178 13.21 30.50 3.17
C LEU N 178 11.91 30.80 3.89
N VAL N 179 11.62 30.04 4.94
CA VAL N 179 10.47 30.29 5.78
C VAL N 179 10.93 30.76 7.16
N LEU N 180 10.40 31.88 7.61
CA LEU N 180 10.71 32.40 8.92
C LEU N 180 9.46 32.42 9.79
N TRP N 181 9.62 32.17 11.08
CA TRP N 181 8.47 32.28 11.99
C TRP N 181 8.96 32.75 13.34
N GLY N 182 7.99 33.11 14.19
CA GLY N 182 8.28 33.54 15.54
C GLY N 182 7.48 32.74 16.56
N ILE N 183 8.02 32.69 17.77
CA ILE N 183 7.34 32.11 18.91
C ILE N 183 7.21 33.21 19.96
N HIS N 184 5.98 33.44 20.44
CA HIS N 184 5.74 34.50 21.40
C HIS N 184 5.73 33.97 22.83
N HIS N 185 6.43 34.66 23.72
CA HIS N 185 6.55 34.29 25.13
C HIS N 185 5.96 35.40 25.99
N PRO N 186 4.70 35.25 26.41
CA PRO N 186 4.04 36.31 27.19
C PRO N 186 4.65 36.53 28.57
N SER N 187 4.51 37.75 29.08
CA SER N 187 4.96 38.11 30.42
C SER N 187 4.16 37.43 31.55
N THR N 188 2.84 37.28 31.38
CA THR N 188 1.97 36.78 32.46
C THR N 188 0.96 35.77 31.94
N SER N 189 0.43 34.96 32.87
CA SER N 189 -0.68 34.07 32.55
C SER N 189 -1.87 34.84 32.03
N ALA N 190 -2.07 36.06 32.53
CA ALA N 190 -3.15 36.91 32.06
C ALA N 190 -2.98 37.24 30.59
N ASP N 191 -1.79 37.74 30.23
CA ASP N 191 -1.50 38.06 28.85
C ASP N 191 -1.67 36.85 27.93
N GLN N 192 -1.18 35.68 28.36
CA GLN N 192 -1.36 34.43 27.63
C GLN N 192 -2.83 34.18 27.29
N GLN N 193 -3.70 34.34 28.29
CA GLN N 193 -5.12 34.08 28.08
C GLN N 193 -5.74 35.15 27.19
N SER N 194 -5.38 36.41 27.40
CA SER N 194 -5.92 37.50 26.60
C SER N 194 -5.59 37.35 25.12
N LEU N 195 -4.41 36.82 24.79
CA LEU N 195 -4.03 36.65 23.38
C LEU N 195 -4.50 35.32 22.79
N TYR N 196 -4.37 34.21 23.53
CA TYR N 196 -4.50 32.87 22.98
C TYR N 196 -5.56 32.03 23.69
N GLN N 197 -6.16 32.56 24.75
CA GLN N 197 -7.15 31.85 25.57
C GLN N 197 -6.58 30.62 26.26
N ASN N 198 -6.02 29.70 25.49
CA ASN N 198 -5.48 28.47 26.05
C ASN N 198 -4.28 28.77 26.93
N ALA N 199 -4.28 28.19 28.14
CA ALA N 199 -3.22 28.45 29.10
C ALA N 199 -1.99 27.60 28.83
N ASP N 200 -2.15 26.40 28.28
CA ASP N 200 -1.06 25.45 28.14
C ASP N 200 -0.96 25.08 26.65
N THR N 201 -0.07 25.80 25.94
CA THR N 201 -0.02 25.74 24.50
C THR N 201 1.34 25.18 24.08
N TYR N 202 1.42 24.79 22.81
CA TYR N 202 2.67 24.38 22.20
C TYR N 202 2.69 24.86 20.76
N VAL N 203 3.88 24.82 20.14
CA VAL N 203 4.05 25.05 18.71
C VAL N 203 4.94 23.95 18.17
N PHE N 204 4.59 23.41 17.01
CA PHE N 204 5.42 22.44 16.33
C PHE N 204 5.61 22.87 14.89
N VAL N 205 6.84 22.77 14.40
CA VAL N 205 7.18 23.07 13.01
C VAL N 205 7.91 21.85 12.48
N GLY N 206 7.48 21.35 11.33
CA GLY N 206 8.11 20.16 10.80
C GLY N 206 8.18 20.14 9.30
N SER N 207 9.31 19.69 8.79
CA SER N 207 9.46 19.38 7.38
C SER N 207 10.08 17.99 7.28
N SER N 208 10.61 17.69 6.10
CA SER N 208 11.32 16.44 5.88
C SER N 208 12.63 16.45 6.64
N ARG N 209 13.18 17.64 6.87
CA ARG N 209 14.48 17.82 7.50
C ARG N 209 14.39 18.53 8.83
N TYR N 210 13.30 19.22 9.10
CA TYR N 210 13.20 19.96 10.33
C TYR N 210 12.10 19.37 11.19
N SER N 211 12.30 19.40 12.50
CA SER N 211 11.29 18.93 13.43
C SER N 211 11.60 19.50 14.79
N LYS N 212 10.70 20.32 15.33
CA LYS N 212 10.93 20.99 16.60
C LYS N 212 9.61 21.40 17.23
N LYS N 213 9.46 21.07 18.51
CA LYS N 213 8.33 21.48 19.33
C LYS N 213 8.78 22.62 20.24
N PHE N 214 7.94 23.63 20.36
CA PHE N 214 8.29 24.80 21.14
C PHE N 214 7.32 24.91 22.31
N LYS N 215 7.80 25.42 23.43
CA LYS N 215 6.94 25.58 24.61
C LYS N 215 7.05 27.00 25.11
N PRO N 216 5.95 27.74 25.15
CA PRO N 216 6.00 29.12 25.65
C PRO N 216 6.53 29.20 27.07
N GLU N 217 7.43 30.15 27.31
CA GLU N 217 7.98 30.36 28.64
C GLU N 217 7.43 31.69 29.15
N ILE N 218 6.45 31.60 30.04
CA ILE N 218 5.73 32.77 30.56
C ILE N 218 6.38 33.30 31.82
N ALA N 219 6.86 34.54 31.78
CA ALA N 219 7.50 35.19 32.91
C ALA N 219 7.72 36.65 32.56
N ILE N 220 7.89 37.47 33.60
CA ILE N 220 8.17 38.89 33.37
C ILE N 220 9.66 39.06 33.14
N ARG N 221 10.02 39.54 31.97
CA ARG N 221 11.37 39.92 31.69
C ARG N 221 11.54 41.39 31.93
N PRO N 222 12.77 41.84 32.12
CA PRO N 222 13.04 43.27 32.13
C PRO N 222 12.53 43.88 30.83
N LYS N 223 11.86 45.03 30.94
CA LYS N 223 11.29 45.69 29.77
C LYS N 223 12.36 46.04 28.75
N VAL N 224 12.23 45.46 27.56
CA VAL N 224 12.93 45.93 26.37
C VAL N 224 11.88 46.44 25.40
N ARG N 225 12.09 47.66 24.89
CA ARG N 225 11.13 48.32 23.99
C ARG N 225 9.70 48.22 24.53
N ASP N 226 9.56 48.38 25.85
CA ASP N 226 8.32 48.39 26.61
C ASP N 226 7.70 47.01 26.81
N GLN N 227 8.38 45.94 26.42
CA GLN N 227 7.79 44.60 26.48
C GLN N 227 8.45 43.77 27.57
N GLU N 228 7.64 43.14 28.38
CA GLU N 228 8.14 42.22 29.38
C GLU N 228 8.11 40.78 28.86
N GLY N 229 7.44 40.57 27.73
CA GLY N 229 7.41 39.28 27.07
C GLY N 229 8.56 39.19 26.09
N ARG N 230 8.70 38.02 25.47
CA ARG N 230 9.76 37.86 24.48
C ARG N 230 9.22 37.13 23.26
N MET N 231 9.86 37.36 22.12
CA MET N 231 9.55 36.66 20.89
C MET N 231 10.82 36.12 20.26
N ASN N 232 10.89 34.79 20.12
CA ASN N 232 12.01 34.13 19.46
C ASN N 232 11.67 33.91 17.99
N TYR N 233 12.67 34.10 17.14
CA TYR N 233 12.49 34.00 15.70
C TYR N 233 13.29 32.84 15.14
N TYR N 234 12.63 32.05 14.32
CA TYR N 234 13.18 30.81 13.79
C TYR N 234 13.08 30.82 12.28
N TRP N 235 13.91 30.01 11.64
CA TRP N 235 13.91 29.96 10.18
C TRP N 235 14.36 28.60 9.72
N THR N 236 13.89 28.20 8.53
CA THR N 236 14.44 27.03 7.88
C THR N 236 14.27 27.19 6.38
N LEU N 237 15.03 26.38 5.65
CA LEU N 237 15.03 26.34 4.20
C LEU N 237 14.31 25.10 3.74
N VAL N 238 13.19 25.27 3.08
CA VAL N 238 12.45 24.13 2.58
C VAL N 238 12.98 23.78 1.19
N GLU N 239 13.39 22.53 1.03
CA GLU N 239 13.95 22.06 -0.24
C GLU N 239 12.87 22.00 -1.30
N PRO N 240 13.25 22.06 -2.58
CA PRO N 240 12.24 21.93 -3.65
C PRO N 240 11.48 20.62 -3.50
N GLY N 241 10.15 20.72 -3.49
CA GLY N 241 9.30 19.54 -3.44
C GLY N 241 8.90 19.11 -2.05
N ASP N 242 9.57 19.63 -1.02
CA ASP N 242 9.30 19.32 0.38
C ASP N 242 8.14 20.16 0.93
N LYS N 243 7.55 19.63 1.99
CA LYS N 243 6.46 20.22 2.73
C LYS N 243 6.99 20.73 4.06
N ILE N 244 6.53 21.90 4.47
CA ILE N 244 6.72 22.35 5.83
C ILE N 244 5.35 22.49 6.49
N THR N 245 5.25 22.03 7.73
CA THR N 245 3.98 22.04 8.45
C THR N 245 4.11 22.87 9.72
N PHE N 246 3.09 23.69 9.98
CA PHE N 246 2.99 24.45 11.21
C PHE N 246 1.81 23.96 12.03
N GLU N 247 2.05 23.70 13.31
CA GLU N 247 0.99 23.29 14.22
C GLU N 247 1.12 24.10 15.50
N ALA N 248 -0.01 24.59 16.01
CA ALA N 248 0.03 25.43 17.20
C ALA N 248 -1.31 25.45 17.90
N THR N 249 -1.25 25.58 19.23
CA THR N 249 -2.44 25.88 20.03
C THR N 249 -2.28 27.25 20.69
N GLY N 250 -1.34 28.03 20.19
CA GLY N 250 -1.10 29.39 20.65
C GLY N 250 0.33 29.78 20.36
N ASN N 251 0.60 31.08 20.54
CA ASN N 251 1.95 31.64 20.64
C ASN N 251 2.75 31.56 19.34
N LEU N 252 2.11 31.25 18.22
CA LEU N 252 2.78 31.14 16.93
C LEU N 252 2.58 32.42 16.12
N VAL N 253 3.67 33.09 15.79
CA VAL N 253 3.69 34.16 14.79
C VAL N 253 3.92 33.49 13.44
N VAL N 254 2.85 33.29 12.69
CA VAL N 254 2.91 32.49 11.46
C VAL N 254 3.57 33.24 10.31
N PRO N 255 4.12 32.52 9.36
CA PRO N 255 4.58 33.16 8.13
C PRO N 255 3.45 33.82 7.37
N ARG N 256 3.78 34.91 6.69
CA ARG N 256 2.90 35.47 5.68
C ARG N 256 3.59 35.51 4.32
N TYR N 257 4.74 36.16 4.23
CA TYR N 257 5.59 36.08 3.05
C TYR N 257 6.79 35.18 3.31
N ALA N 258 7.17 34.41 2.32
CA ALA N 258 8.41 33.63 2.36
C ALA N 258 9.23 33.94 1.11
N PHE N 259 10.37 33.27 0.97
CA PHE N 259 11.33 33.67 -0.03
C PHE N 259 11.93 32.46 -0.74
N ALA N 260 11.67 32.37 -2.04
CA ALA N 260 12.29 31.38 -2.91
C ALA N 260 13.62 31.97 -3.37
N MET N 261 14.71 31.21 -3.28
CA MET N 261 16.00 31.80 -3.57
C MET N 261 16.96 30.77 -4.13
N GLU N 262 17.98 31.28 -4.84
CA GLU N 262 19.10 30.47 -5.28
C GLU N 262 20.35 31.12 -4.68
N ARG N 263 20.96 30.43 -3.72
CA ARG N 263 22.16 30.97 -3.10
C ARG N 263 23.30 30.65 -4.05
N ASN N 264 24.16 31.62 -4.28
CA ASN N 264 25.38 31.42 -5.06
C ASN N 264 26.64 31.55 -4.22
N ALA N 265 27.50 30.53 -4.31
CA ALA N 265 28.81 30.40 -3.68
C ALA N 265 28.86 30.98 -2.27
N GLY N 266 29.53 32.10 -2.08
CA GLY N 266 29.71 32.49 -0.70
C GLY N 266 30.22 33.90 -0.68
N SER N 267 29.40 34.82 -0.18
CA SER N 267 29.88 36.16 -0.05
C SER N 267 30.02 36.46 1.43
N GLY N 268 29.75 37.68 1.81
CA GLY N 268 29.74 38.03 3.20
C GLY N 268 29.01 39.32 3.35
N ILE N 269 29.15 39.90 4.53
CA ILE N 269 28.39 41.08 4.89
C ILE N 269 29.36 42.18 5.30
N ILE N 270 29.37 43.26 4.53
CA ILE N 270 30.18 44.44 4.81
C ILE N 270 29.39 45.42 5.66
N ILE N 271 29.99 45.87 6.76
CA ILE N 271 29.38 46.85 7.65
C ILE N 271 30.18 48.15 7.61
N SER N 272 29.66 49.18 6.94
CA SER N 272 30.46 50.36 6.58
C SER N 272 29.56 51.54 6.22
N ASP N 273 30.07 52.75 6.46
CA ASP N 273 29.43 53.98 6.03
C ASP N 273 29.78 54.37 4.60
N THR N 274 30.67 53.65 3.96
CA THR N 274 31.04 53.95 2.60
C THR N 274 29.82 53.92 1.67
N PRO N 275 29.62 54.92 0.83
CA PRO N 275 28.44 54.95 -0.02
C PRO N 275 28.58 54.02 -1.19
N VAL N 276 27.46 53.41 -1.58
CA VAL N 276 27.43 52.56 -2.75
C VAL N 276 27.54 53.44 -3.99
N HIS N 277 27.98 52.82 -5.08
CA HIS N 277 28.16 53.60 -6.29
C HIS N 277 28.05 52.60 -7.42
N ASP N 278 27.65 53.09 -8.59
CA ASP N 278 27.50 52.30 -9.79
C ASP N 278 28.86 52.12 -10.46
N CYS N 279 29.74 51.34 -9.80
CA CYS N 279 31.04 50.99 -10.39
C CYS N 279 31.20 49.46 -10.30
N ASN N 280 32.03 48.90 -11.17
CA ASN N 280 32.35 47.49 -11.09
C ASN N 280 33.68 47.31 -10.36
N THR N 281 33.82 46.17 -9.67
CA THR N 281 35.06 45.83 -8.99
C THR N 281 35.20 44.32 -8.92
N THR N 282 36.42 43.90 -8.61
CA THR N 282 36.69 42.50 -8.39
C THR N 282 37.14 42.24 -6.96
N CYS N 283 37.39 43.28 -6.18
CA CYS N 283 37.82 43.11 -4.79
C CYS N 283 37.27 44.23 -3.96
N GLN N 284 36.38 43.93 -3.04
CA GLN N 284 35.77 44.96 -2.22
C GLN N 284 36.24 44.89 -0.79
N THR N 285 36.62 46.03 -0.24
CA THR N 285 36.94 46.18 1.17
C THR N 285 35.94 47.08 1.85
N PRO N 286 35.94 47.12 3.18
CA PRO N 286 34.96 47.95 3.88
C PRO N 286 35.15 49.42 3.63
N LYS N 287 36.30 49.84 3.19
CA LYS N 287 36.55 51.25 3.03
C LYS N 287 36.76 51.62 1.59
N GLY N 288 36.65 50.68 0.67
CA GLY N 288 36.82 51.02 -0.71
C GLY N 288 37.18 49.81 -1.53
N ALA N 289 36.86 49.90 -2.80
CA ALA N 289 37.15 48.84 -3.75
C ALA N 289 38.60 48.95 -4.14
N ILE N 290 39.12 47.84 -4.62
CA ILE N 290 40.48 47.84 -5.11
C ILE N 290 40.50 47.27 -6.50
N ASN N 291 41.16 47.96 -7.40
CA ASN N 291 41.32 47.50 -8.76
C ASN N 291 42.79 47.36 -8.96
N THR N 292 43.25 46.12 -9.03
CA THR N 292 44.69 46.00 -9.07
C THR N 292 45.05 44.60 -9.48
N SER N 293 46.11 44.51 -10.22
CA SER N 293 46.62 43.20 -10.45
C SER N 293 47.73 42.88 -9.47
N LEU N 294 48.10 43.83 -8.61
CA LEU N 294 49.22 43.65 -7.71
C LEU N 294 48.92 42.61 -6.64
N PRO N 295 49.91 41.83 -6.22
CA PRO N 295 49.60 40.71 -5.34
C PRO N 295 49.39 41.06 -3.88
N PHE N 296 49.76 42.23 -3.39
CA PHE N 296 49.59 42.49 -1.97
C PHE N 296 48.91 43.82 -1.74
N GLN N 297 48.26 43.93 -0.60
CA GLN N 297 47.58 45.16 -0.29
C GLN N 297 47.55 45.34 1.21
N ASN N 298 47.65 46.60 1.62
CA ASN N 298 47.60 46.99 3.02
C ASN N 298 46.39 47.84 3.33
N ILE N 299 45.32 47.69 2.55
CA ILE N 299 44.14 48.51 2.77
C ILE N 299 43.35 47.98 3.95
N HIS N 300 43.03 46.71 3.91
CA HIS N 300 42.15 46.10 4.87
C HIS N 300 42.20 44.61 4.80
N PRO N 301 42.29 43.98 5.98
CA PRO N 301 42.32 42.52 6.06
C PRO N 301 41.03 41.85 5.65
N ILE N 302 39.89 42.53 5.78
CA ILE N 302 38.59 41.93 5.50
C ILE N 302 38.17 42.25 4.09
N THR N 303 38.36 41.33 3.16
CA THR N 303 38.02 41.64 1.79
C THR N 303 37.04 40.61 1.25
N ILE N 304 36.39 40.98 0.17
CA ILE N 304 35.53 40.09 -0.57
C ILE N 304 35.93 40.08 -2.03
N GLY N 305 36.08 38.89 -2.59
CA GLY N 305 36.36 38.80 -4.01
C GLY N 305 37.67 38.10 -4.29
N LYS N 306 38.26 38.31 -5.42
CA LYS N 306 39.58 37.78 -5.66
C LYS N 306 40.56 38.86 -5.31
N CYS N 307 41.09 38.79 -4.10
CA CYS N 307 41.77 39.95 -3.52
C CYS N 307 43.24 39.73 -3.28
N PRO N 308 44.00 40.81 -3.23
CA PRO N 308 45.39 40.70 -2.85
C PRO N 308 45.54 40.39 -1.41
N LYS N 309 46.66 39.73 -1.09
CA LYS N 309 46.94 39.36 0.27
C LYS N 309 47.15 40.61 1.08
N TYR N 310 46.57 40.63 2.26
CA TYR N 310 46.82 41.73 3.16
C TYR N 310 48.20 41.64 3.74
N VAL N 311 48.92 42.75 3.76
CA VAL N 311 50.19 42.73 4.46
C VAL N 311 50.25 43.98 5.29
N LYS N 312 51.17 43.98 6.25
CA LYS N 312 51.40 45.13 7.14
C LYS N 312 52.40 46.11 6.58
N SER N 313 53.02 45.79 5.46
CA SER N 313 54.09 46.60 4.90
C SER N 313 53.59 47.96 4.47
N THR N 314 54.47 48.94 4.45
CA THR N 314 54.09 50.24 3.94
C THR N 314 54.73 50.51 2.61
N LYS N 315 55.70 49.71 2.21
CA LYS N 315 56.41 49.95 0.96
C LYS N 315 57.02 48.65 0.46
N LEU N 316 56.57 48.15 -0.70
CA LEU N 316 57.15 46.97 -1.32
C LEU N 316 57.49 47.29 -2.76
N ARG N 317 58.55 48.03 -2.93
CA ARG N 317 58.90 48.54 -4.24
C ARG N 317 60.07 47.73 -4.79
N LEU N 318 59.88 47.02 -5.91
CA LEU N 318 60.90 46.16 -6.50
C LEU N 318 61.73 46.93 -7.54
N ALA N 319 63.04 46.93 -7.40
CA ALA N 319 63.87 47.62 -8.40
C ALA N 319 64.00 46.85 -9.68
N THR N 320 63.93 47.57 -10.79
CA THR N 320 64.17 47.07 -12.13
C THR N 320 65.32 47.74 -12.85
N GLY N 321 65.49 49.02 -12.69
CA GLY N 321 66.52 49.79 -13.32
C GLY N 321 67.79 49.68 -12.52
N LEU N 322 68.69 50.65 -12.64
CA LEU N 322 69.97 50.40 -11.98
C LEU N 322 70.25 51.36 -10.83
N ARG N 323 71.35 51.12 -10.14
CA ARG N 323 71.70 52.02 -9.07
C ARG N 323 71.85 53.34 -9.75
N ASN N 324 71.29 54.39 -9.19
CA ASN N 324 71.28 55.62 -9.96
C ASN N 324 72.38 56.54 -9.49
N ILE N 325 73.35 56.75 -10.35
CA ILE N 325 74.54 57.49 -9.98
C ILE N 325 74.85 58.52 -11.03
N PRO N 326 74.09 59.59 -11.12
CA PRO N 326 74.31 60.57 -12.16
C PRO N 326 75.56 61.38 -11.97
N ASP O 2 104.89 24.42 -35.38
CA ASP O 2 104.88 25.41 -34.29
C ASP O 2 103.48 25.76 -33.70
N PRO O 3 102.29 25.31 -34.35
CA PRO O 3 101.03 25.27 -33.60
C PRO O 3 101.19 24.49 -32.30
N GLY O 4 101.33 25.26 -31.23
CA GLY O 4 101.58 24.68 -29.93
C GLY O 4 100.48 23.75 -29.49
N ASP O 5 100.82 22.97 -28.50
CA ASP O 5 99.89 22.06 -27.90
C ASP O 5 98.82 22.92 -27.21
N THR O 6 97.59 22.42 -27.12
CA THR O 6 96.58 23.28 -26.54
C THR O 6 95.87 22.52 -25.45
N LEU O 7 95.43 23.26 -24.43
CA LEU O 7 94.56 22.76 -23.39
C LEU O 7 93.42 23.72 -23.18
N CYS O 8 92.21 23.22 -23.35
CA CYS O 8 91.00 23.99 -23.19
C CYS O 8 90.20 23.50 -22.01
N ILE O 9 89.57 24.43 -21.35
CA ILE O 9 88.61 24.16 -20.30
C ILE O 9 87.22 24.19 -20.91
N GLY O 10 86.34 23.34 -20.42
CA GLY O 10 85.02 23.25 -20.97
C GLY O 10 84.11 22.61 -19.96
N TYR O 11 82.87 22.35 -20.37
CA TYR O 11 81.87 21.82 -19.47
C TYR O 11 80.97 20.82 -20.16
N HIS O 12 80.37 19.96 -19.36
CA HIS O 12 79.54 18.90 -19.88
C HIS O 12 78.32 19.42 -20.59
N ALA O 13 78.01 18.78 -21.71
CA ALA O 13 76.74 18.90 -22.37
C ALA O 13 76.27 17.51 -22.73
N ASN O 14 74.97 17.32 -22.83
CA ASN O 14 74.54 15.99 -23.18
C ASN O 14 73.28 16.14 -24.01
N ASN O 15 72.58 15.03 -24.20
CA ASN O 15 71.39 14.95 -25.04
C ASN O 15 70.08 15.22 -24.30
N SER O 16 70.16 15.56 -23.01
CA SER O 16 68.99 15.78 -22.16
C SER O 16 68.12 16.91 -22.70
N THR O 17 66.81 16.78 -22.53
CA THR O 17 65.84 17.81 -22.89
C THR O 17 65.06 18.36 -21.70
N ASP O 18 65.46 18.02 -20.49
CA ASP O 18 64.86 18.59 -19.29
C ASP O 18 64.92 20.11 -19.32
N THR O 19 63.79 20.75 -19.12
CA THR O 19 63.83 22.19 -18.97
C THR O 19 63.47 22.54 -17.54
N VAL O 20 64.00 23.68 -17.04
CA VAL O 20 63.62 24.21 -15.74
C VAL O 20 63.45 25.71 -15.90
N ASP O 21 62.67 26.29 -15.00
CA ASP O 21 62.50 27.73 -14.92
C ASP O 21 63.44 28.35 -13.89
N THR O 22 63.92 29.56 -14.18
CA THR O 22 64.72 30.35 -13.26
C THR O 22 64.08 31.73 -13.10
N VAL O 23 64.54 32.51 -12.11
CA VAL O 23 63.90 33.80 -11.88
C VAL O 23 64.12 34.70 -13.08
N LEU O 24 65.20 34.53 -13.80
CA LEU O 24 65.48 35.34 -14.97
C LEU O 24 65.05 34.69 -16.26
N GLU O 25 64.81 33.40 -16.30
CA GLU O 25 64.60 32.87 -17.63
C GLU O 25 63.75 31.61 -17.54
N LYS O 26 62.75 31.52 -18.42
CA LYS O 26 61.84 30.40 -18.49
C LYS O 26 62.35 29.34 -19.47
N ASN O 27 61.97 28.09 -19.22
CA ASN O 27 62.28 26.98 -20.13
C ASN O 27 63.77 26.90 -20.45
N VAL O 28 64.62 26.85 -19.42
CA VAL O 28 66.05 26.65 -19.61
C VAL O 28 66.34 25.17 -19.66
N THR O 29 66.96 24.70 -20.75
CA THR O 29 67.35 23.30 -20.87
C THR O 29 68.63 23.00 -20.07
N VAL O 30 68.58 22.00 -19.20
CA VAL O 30 69.68 21.65 -18.31
C VAL O 30 70.04 20.19 -18.55
N THR O 31 71.25 19.78 -18.13
CA THR O 31 71.70 18.45 -18.51
C THR O 31 71.03 17.41 -17.64
N HIS O 32 70.61 17.82 -16.45
CA HIS O 32 69.83 16.98 -15.58
C HIS O 32 69.09 17.86 -14.60
N SER O 33 68.05 17.32 -14.00
CA SER O 33 67.19 18.05 -13.07
C SER O 33 66.43 17.00 -12.29
N VAL O 34 65.85 17.39 -11.17
CA VAL O 34 65.09 16.46 -10.36
C VAL O 34 63.74 17.01 -10.00
N ASN O 35 62.76 16.14 -9.97
CA ASN O 35 61.42 16.58 -9.68
C ASN O 35 61.15 16.67 -8.19
N LEU O 36 60.53 17.76 -7.77
CA LEU O 36 60.12 17.99 -6.41
C LEU O 36 58.64 17.81 -6.20
N LEU O 37 57.90 17.64 -7.26
CA LEU O 37 56.45 17.66 -7.20
C LEU O 37 55.98 16.25 -7.45
N GLU O 38 55.38 15.64 -6.44
CA GLU O 38 54.75 14.35 -6.67
C GLU O 38 53.39 14.62 -7.35
N ASP O 39 53.20 14.08 -8.57
CA ASP O 39 52.03 14.29 -9.44
C ASP O 39 51.43 12.99 -9.98
N LYS O 40 51.62 11.87 -9.28
CA LYS O 40 51.01 10.60 -9.65
C LYS O 40 50.52 9.83 -8.44
N HIS O 41 49.47 9.02 -8.64
CA HIS O 41 48.93 8.19 -7.58
C HIS O 41 48.68 6.82 -8.17
N ASN O 42 48.36 5.86 -7.30
CA ASN O 42 48.20 4.48 -7.73
C ASN O 42 46.75 4.13 -8.00
N GLY O 43 45.86 5.11 -7.91
CA GLY O 43 44.50 4.84 -8.24
C GLY O 43 43.87 3.88 -7.27
N LYS O 44 44.50 3.65 -6.14
CA LYS O 44 44.02 2.67 -5.20
C LYS O 44 43.81 3.32 -3.84
N LEU O 45 42.94 2.73 -3.05
CA LEU O 45 42.80 3.06 -1.64
C LEU O 45 43.55 2.01 -0.82
N CYS O 46 44.62 2.39 -0.13
CA CYS O 46 45.50 1.40 0.47
C CYS O 46 45.37 1.34 1.97
N LYS O 47 46.12 0.39 2.53
CA LYS O 47 46.22 0.24 3.97
C LYS O 47 47.09 1.38 4.47
N LEU O 48 46.70 1.94 5.60
CA LEU O 48 47.43 3.05 6.18
C LEU O 48 47.99 2.56 7.50
N ARG O 49 49.28 2.79 7.71
CA ARG O 49 49.98 2.24 8.86
C ARG O 49 49.93 0.73 8.80
N GLY O 50 49.65 0.21 7.60
CA GLY O 50 49.53 -1.21 7.43
C GLY O 50 48.18 -1.75 7.86
N VAL O 51 47.20 -0.89 8.07
CA VAL O 51 45.88 -1.31 8.52
C VAL O 51 44.88 -0.96 7.44
N ALA O 52 44.06 -1.94 7.07
CA ALA O 52 43.13 -1.71 5.98
C ALA O 52 42.05 -0.74 6.44
N PRO O 53 41.51 0.05 5.54
CA PRO O 53 40.35 0.87 5.87
C PRO O 53 39.12 0.02 6.06
N LEU O 54 38.15 0.57 6.78
CA LEU O 54 36.80 0.02 6.83
C LEU O 54 36.00 0.55 5.64
N HIS O 55 35.55 -0.36 4.78
CA HIS O 55 34.76 0.02 3.61
C HIS O 55 33.29 -0.28 3.86
N LEU O 56 32.43 0.71 3.60
CA LEU O 56 31.01 0.59 3.95
C LEU O 56 30.11 0.29 2.75
N GLY O 57 30.67 0.04 1.57
CA GLY O 57 29.85 -0.28 0.42
C GLY O 57 28.77 0.74 0.16
N LYS O 58 27.52 0.28 0.13
CA LYS O 58 26.39 1.15 -0.21
C LYS O 58 25.76 1.79 1.02
N CYS O 59 26.33 1.56 2.19
CA CYS O 59 25.90 2.14 3.45
C CYS O 59 26.71 3.37 3.80
N ASN O 60 26.12 4.23 4.61
CA ASN O 60 26.89 5.31 5.19
C ASN O 60 27.13 4.94 6.65
N ILE O 61 27.83 5.80 7.37
CA ILE O 61 28.21 5.47 8.74
C ILE O 61 26.99 5.27 9.62
N ALA O 62 25.97 6.11 9.44
CA ALA O 62 24.74 5.95 10.20
C ALA O 62 24.17 4.55 10.00
N GLY O 63 23.93 4.17 8.74
CA GLY O 63 23.42 2.84 8.43
C GLY O 63 24.28 1.72 8.97
N TRP O 64 25.59 1.83 8.83
CA TRP O 64 26.46 0.77 9.30
C TRP O 64 26.36 0.64 10.83
N ILE O 65 26.51 1.76 11.55
CA ILE O 65 26.59 1.74 13.01
C ILE O 65 25.25 1.44 13.65
N LEU O 66 24.15 1.72 12.96
CA LEU O 66 22.85 1.36 13.50
C LEU O 66 22.48 -0.06 13.14
N GLY O 67 23.08 -0.60 12.08
CA GLY O 67 22.80 -1.96 11.65
C GLY O 67 21.62 -1.99 10.68
N ASN O 68 21.54 -0.99 9.82
CA ASN O 68 20.66 -1.00 8.67
C ASN O 68 20.73 -2.36 8.00
N PRO O 69 19.60 -2.98 7.73
CA PRO O 69 19.62 -4.35 7.20
C PRO O 69 20.45 -4.48 5.94
N GLU O 70 20.58 -3.40 5.18
CA GLU O 70 21.43 -3.43 3.99
C GLU O 70 22.91 -3.46 4.33
N CYS O 71 23.27 -3.32 5.61
CA CYS O 71 24.68 -3.28 5.97
C CYS O 71 25.09 -4.56 6.66
N GLU O 72 24.16 -5.51 6.84
CA GLU O 72 24.44 -6.75 7.54
C GLU O 72 25.55 -7.52 6.84
N SER O 73 25.63 -7.41 5.52
CA SER O 73 26.58 -8.17 4.75
C SER O 73 27.97 -7.60 4.85
N LEU O 74 28.13 -6.39 5.38
CA LEU O 74 29.45 -5.81 5.55
C LEU O 74 30.21 -6.61 6.60
N SER O 75 31.50 -6.82 6.35
CA SER O 75 32.41 -7.39 7.34
C SER O 75 33.02 -6.25 8.13
N THR O 76 33.14 -6.43 9.45
CA THR O 76 33.71 -5.39 10.30
C THR O 76 34.86 -5.97 11.12
N ALA O 77 36.09 -5.60 10.74
CA ALA O 77 37.28 -6.02 11.44
C ALA O 77 37.27 -5.46 12.85
N SER O 78 38.26 -5.83 13.65
CA SER O 78 38.31 -5.30 14.99
C SER O 78 39.09 -4.00 15.05
N SER O 79 39.64 -3.56 13.93
CA SER O 79 40.37 -2.30 13.85
C SER O 79 40.43 -1.86 12.40
N TRP O 80 40.67 -0.56 12.19
CA TRP O 80 40.78 0.01 10.85
C TRP O 80 41.39 1.39 10.95
N SER O 81 42.04 1.80 9.86
CA SER O 81 42.85 3.02 9.87
C SER O 81 42.09 4.24 9.36
N TYR O 82 41.12 4.05 8.48
CA TYR O 82 40.21 5.13 8.11
C TYR O 82 38.92 4.49 7.60
N ILE O 83 37.95 5.33 7.25
CA ILE O 83 36.68 4.86 6.72
C ILE O 83 36.51 5.33 5.29
N VAL O 84 35.94 4.46 4.45
CA VAL O 84 35.60 4.79 3.07
C VAL O 84 34.10 4.68 2.87
N GLU O 85 33.49 5.72 2.32
CA GLU O 85 32.12 5.67 1.82
C GLU O 85 32.16 5.87 0.31
N THR O 86 31.11 5.50 -0.34
CA THR O 86 31.03 5.83 -1.75
C THR O 86 30.12 7.03 -1.94
N PRO O 87 30.22 7.74 -3.08
CA PRO O 87 29.33 8.90 -3.28
C PRO O 87 27.86 8.52 -3.40
N SER O 88 27.56 7.24 -3.65
CA SER O 88 26.20 6.73 -3.80
C SER O 88 25.75 5.94 -2.57
N SER O 89 26.54 5.95 -1.51
CA SER O 89 26.25 5.26 -0.26
C SER O 89 25.20 6.06 0.49
N ASP O 90 23.96 5.61 0.42
CA ASP O 90 22.89 6.29 1.12
C ASP O 90 21.98 5.36 1.89
N ASN O 91 22.36 4.11 2.09
CA ASN O 91 21.63 3.31 3.06
C ASN O 91 22.01 3.81 4.43
N GLY O 92 21.20 4.71 4.98
CA GLY O 92 21.51 5.29 6.25
C GLY O 92 20.42 5.05 7.26
N THR O 93 19.81 6.11 7.75
CA THR O 93 18.66 5.96 8.65
C THR O 93 17.42 5.66 7.82
N CYS O 94 17.07 4.37 7.70
CA CYS O 94 15.92 4.00 6.88
C CYS O 94 14.61 4.42 7.55
N TYR O 95 14.60 4.60 8.86
CA TYR O 95 13.50 5.29 9.51
C TYR O 95 13.91 6.73 9.71
N PRO O 96 13.20 7.67 9.12
CA PRO O 96 13.64 9.06 9.09
C PRO O 96 13.67 9.71 10.47
N GLY O 97 14.60 10.64 10.61
CA GLY O 97 14.76 11.39 11.84
C GLY O 97 16.13 12.03 11.86
N ASP O 98 16.46 12.60 13.01
CA ASP O 98 17.74 13.26 13.17
C ASP O 98 18.73 12.34 13.89
N PHE O 99 19.96 12.32 13.39
CA PHE O 99 21.05 11.63 14.07
C PHE O 99 21.82 12.70 14.83
N ILE O 100 21.68 12.72 16.15
CA ILE O 100 22.26 13.80 16.95
C ILE O 100 23.77 13.66 17.03
N ASP O 101 24.45 14.79 16.81
CA ASP O 101 25.91 14.88 16.75
C ASP O 101 26.50 13.82 15.84
N TYR O 102 25.88 13.64 14.67
CA TYR O 102 26.30 12.61 13.72
C TYR O 102 27.75 12.79 13.27
N GLU O 103 28.12 14.01 12.88
CA GLU O 103 29.47 14.27 12.39
C GLU O 103 30.51 14.04 13.47
N GLU O 104 30.19 14.42 14.71
CA GLU O 104 31.11 14.13 15.81
C GLU O 104 31.33 12.64 15.93
N LEU O 105 30.27 11.85 15.79
CA LEU O 105 30.41 10.42 15.89
C LEU O 105 31.28 9.90 14.76
N ARG O 106 31.05 10.39 13.55
CA ARG O 106 31.84 10.00 12.38
C ARG O 106 33.33 10.24 12.63
N GLU O 107 33.66 11.42 13.12
CA GLU O 107 35.05 11.76 13.47
C GLU O 107 35.58 10.81 14.54
N GLN O 108 34.76 10.51 15.56
CA GLN O 108 35.20 9.58 16.59
C GLN O 108 35.52 8.21 16.02
N LEU O 109 34.78 7.77 15.01
CA LEU O 109 34.90 6.42 14.48
C LEU O 109 35.87 6.30 13.33
N SER O 110 36.42 7.42 12.84
CA SER O 110 37.20 7.39 11.61
C SER O 110 38.35 6.40 11.69
N SER O 111 38.97 6.25 12.86
CA SER O 111 40.01 5.25 13.01
C SER O 111 39.97 4.65 14.41
N VAL O 112 40.07 3.33 14.46
CA VAL O 112 39.80 2.58 15.68
C VAL O 112 40.79 1.43 15.78
N SER O 113 41.43 1.31 16.94
CA SER O 113 42.43 0.27 17.15
C SER O 113 41.82 -1.02 17.70
N SER O 114 40.65 -0.93 18.32
CA SER O 114 39.97 -2.11 18.81
C SER O 114 38.49 -1.85 18.68
N PHE O 115 37.75 -2.86 18.23
CA PHE O 115 36.32 -2.69 17.99
C PHE O 115 35.66 -4.04 18.14
N GLU O 116 34.80 -4.16 19.16
CA GLU O 116 34.13 -5.42 19.47
C GLU O 116 32.65 -5.21 19.73
N ARG O 117 31.82 -5.69 18.81
CA ARG O 117 30.39 -5.73 18.99
C ARG O 117 29.99 -6.74 20.04
N PHE O 118 29.09 -6.36 20.94
CA PHE O 118 28.58 -7.30 21.92
C PHE O 118 27.13 -6.97 22.20
N GLU O 119 26.37 -7.97 22.65
CA GLU O 119 24.94 -7.79 22.92
C GLU O 119 24.79 -7.21 24.32
N ILE O 120 24.70 -5.89 24.39
CA ILE O 120 24.63 -5.18 25.67
C ILE O 120 23.36 -5.54 26.44
N PHE O 121 22.23 -5.65 25.74
CA PHE O 121 20.98 -6.09 26.34
C PHE O 121 20.45 -7.25 25.49
N PRO O 122 20.71 -8.49 25.90
CA PRO O 122 20.28 -9.65 25.10
C PRO O 122 18.79 -9.61 24.77
N LYS O 123 18.47 -9.77 23.49
CA LYS O 123 17.09 -9.69 23.03
C LYS O 123 16.19 -10.71 23.73
N THR O 124 16.72 -11.90 24.01
CA THR O 124 15.87 -13.00 24.47
C THR O 124 15.48 -12.87 25.95
N SER O 125 16.30 -12.23 26.77
CA SER O 125 16.08 -12.18 28.22
C SER O 125 15.84 -10.79 28.79
N SER O 126 16.20 -9.73 28.09
CA SER O 126 16.23 -8.41 28.70
C SER O 126 14.83 -7.83 28.95
N TRP O 127 13.85 -8.18 28.12
CA TRP O 127 12.56 -7.48 28.12
C TRP O 127 11.37 -8.39 28.35
N PRO O 128 11.29 -9.00 29.54
CA PRO O 128 10.17 -9.90 29.81
C PRO O 128 8.83 -9.20 29.80
N ASN O 129 8.79 -7.89 30.07
CA ASN O 129 7.53 -7.18 30.20
C ASN O 129 7.19 -6.36 28.98
N HIS O 130 7.96 -6.47 27.92
CA HIS O 130 7.66 -5.74 26.70
C HIS O 130 7.78 -6.67 25.50
N ASP O 131 7.23 -6.23 24.38
CA ASP O 131 7.26 -6.99 23.14
C ASP O 131 8.50 -6.57 22.34
N SER O 132 9.41 -7.52 22.11
CA SER O 132 10.65 -7.28 21.38
C SER O 132 10.64 -7.88 19.99
N ASN O 133 9.46 -8.16 19.42
CA ASN O 133 9.36 -8.74 18.10
C ASN O 133 8.61 -7.88 17.08
N LYS O 134 7.60 -7.12 17.53
CA LYS O 134 6.76 -6.32 16.66
C LYS O 134 7.44 -5.04 16.16
N GLY O 135 8.61 -4.68 16.68
CA GLY O 135 9.19 -3.41 16.28
C GLY O 135 9.87 -3.46 14.92
N VAL O 136 9.06 -3.66 13.88
CA VAL O 136 9.51 -3.70 12.50
C VAL O 136 8.68 -2.72 11.70
N THR O 137 9.19 -2.38 10.52
CA THR O 137 8.57 -1.33 9.75
C THR O 137 8.88 -1.54 8.28
N ALA O 138 7.94 -1.11 7.44
CA ALA O 138 8.12 -1.22 6.00
C ALA O 138 9.18 -0.24 5.52
N ALA O 139 9.48 0.78 6.32
CA ALA O 139 10.54 1.74 6.01
C ALA O 139 11.91 1.10 6.04
N CYS O 140 12.08 -0.01 6.75
CA CYS O 140 13.36 -0.69 6.86
C CYS O 140 13.17 -2.14 6.42
N PRO O 141 12.88 -2.39 5.15
CA PRO O 141 12.61 -3.75 4.70
C PRO O 141 13.90 -4.55 4.69
N HIS O 142 13.80 -5.83 5.02
CA HIS O 142 14.93 -6.76 4.86
C HIS O 142 14.39 -7.96 4.10
N ALA O 143 14.87 -8.12 2.86
CA ALA O 143 14.41 -9.18 1.94
C ALA O 143 12.89 -9.10 1.75
N GLY O 144 12.40 -7.89 1.54
CA GLY O 144 10.99 -7.63 1.32
C GLY O 144 10.13 -7.57 2.56
N ALA O 145 10.52 -8.27 3.63
CA ALA O 145 9.77 -8.21 4.88
C ALA O 145 10.08 -6.93 5.64
N LYS O 146 9.08 -6.43 6.38
CA LYS O 146 9.33 -5.34 7.33
C LYS O 146 10.43 -5.75 8.28
N SER O 147 11.32 -4.82 8.61
CA SER O 147 12.40 -5.16 9.54
C SER O 147 12.81 -3.91 10.32
N PHE O 148 14.00 -3.94 10.90
CA PHE O 148 14.49 -2.84 11.72
C PHE O 148 16.00 -2.97 11.90
N TYR O 149 16.59 -1.95 12.51
CA TYR O 149 18.03 -1.95 12.75
C TYR O 149 18.44 -3.17 13.57
N LYS O 150 19.60 -3.76 13.23
CA LYS O 150 20.09 -4.91 13.99
C LYS O 150 20.52 -4.54 15.40
N ASN O 151 21.13 -3.39 15.57
CA ASN O 151 21.76 -3.03 16.84
C ASN O 151 20.78 -2.40 17.80
N LEU O 152 19.54 -2.19 17.38
CA LEU O 152 18.52 -1.58 18.20
C LEU O 152 17.30 -2.48 18.17
N ILE O 153 16.49 -2.36 19.20
CA ILE O 153 15.20 -3.02 19.26
C ILE O 153 14.10 -1.99 19.47
N TRP O 154 13.12 -2.00 18.59
CA TRP O 154 11.95 -1.12 18.71
C TRP O 154 10.97 -1.78 19.67
N LEU O 155 11.09 -1.45 20.96
CA LEU O 155 10.19 -2.02 21.96
C LEU O 155 8.78 -1.46 21.79
N VAL O 156 7.80 -2.34 21.97
CA VAL O 156 6.39 -2.02 21.75
C VAL O 156 5.63 -2.64 22.91
N LYS O 157 4.44 -2.09 23.21
CA LYS O 157 3.63 -2.60 24.31
C LYS O 157 3.40 -4.11 24.15
N LYS O 158 3.35 -4.80 25.29
CA LYS O 158 3.13 -6.24 25.31
C LYS O 158 1.67 -6.49 25.68
N GLY O 159 0.86 -6.85 24.68
CA GLY O 159 -0.57 -6.95 24.86
C GLY O 159 -1.17 -5.56 24.85
N ASN O 160 -1.63 -5.10 26.02
CA ASN O 160 -2.16 -3.74 26.13
C ASN O 160 -1.46 -2.96 27.22
N SER O 161 -0.24 -3.37 27.57
CA SER O 161 0.50 -2.76 28.66
C SER O 161 1.93 -2.47 28.24
N TYR O 162 2.39 -1.28 28.59
CA TYR O 162 3.79 -0.89 28.44
C TYR O 162 4.14 -0.45 29.85
N PRO O 163 4.65 -1.36 30.68
CA PRO O 163 5.02 -1.01 32.05
C PRO O 163 6.29 -0.17 32.09
N LYS O 164 6.49 0.50 33.23
CA LYS O 164 7.69 1.31 33.37
C LYS O 164 8.92 0.44 33.14
N LEU O 165 9.76 0.87 32.19
CA LEU O 165 10.98 0.17 31.85
C LEU O 165 12.15 0.77 32.61
N SER O 166 13.09 -0.09 33.00
CA SER O 166 14.33 0.32 33.65
C SER O 166 15.38 -0.75 33.38
N LYS O 167 16.57 -0.32 32.92
CA LYS O 167 17.58 -1.28 32.50
C LYS O 167 18.93 -0.59 32.56
N SER O 168 19.87 -1.21 33.25
CA SER O 168 21.21 -0.65 33.44
C SER O 168 22.25 -1.59 32.85
N TYR O 169 23.37 -1.01 32.43
CA TYR O 169 24.51 -1.80 31.98
C TYR O 169 25.75 -1.17 32.61
N ILE O 170 26.55 -1.97 33.29
CA ILE O 170 27.83 -1.51 33.85
C ILE O 170 28.97 -1.91 32.92
N ASN O 171 29.81 -0.94 32.55
CA ASN O 171 30.91 -1.16 31.61
C ASN O 171 32.04 -1.97 32.25
N ASP O 172 32.08 -3.27 32.00
CA ASP O 172 33.16 -4.10 32.52
C ASP O 172 34.13 -4.54 31.42
N LYS O 173 34.24 -3.76 30.36
CA LYS O 173 35.08 -4.11 29.21
C LYS O 173 36.48 -3.53 29.29
N GLY O 174 36.78 -2.75 30.33
CA GLY O 174 38.08 -2.14 30.45
C GLY O 174 38.35 -1.14 29.34
N LYS O 175 37.32 -0.79 28.56
CA LYS O 175 37.46 0.23 27.54
C LYS O 175 36.11 0.90 27.29
N GLU O 176 36.14 1.94 26.47
CA GLU O 176 34.96 2.71 26.14
C GLU O 176 33.91 1.82 25.46
N VAL O 177 32.65 2.05 25.81
CA VAL O 177 31.56 1.38 25.15
C VAL O 177 30.68 2.41 24.47
N LEU O 178 30.56 2.29 23.15
CA LEU O 178 29.64 3.09 22.36
C LEU O 178 28.23 2.52 22.46
N VAL O 179 27.32 3.28 23.05
CA VAL O 179 25.91 2.91 23.12
C VAL O 179 25.08 3.84 22.24
N LEU O 180 24.26 3.26 21.36
CA LEU O 180 23.35 4.02 20.52
C LEU O 180 21.93 3.64 20.91
N TRP O 181 21.01 4.60 20.86
CA TRP O 181 19.60 4.32 21.10
C TRP O 181 18.77 5.26 20.24
N GLY O 182 17.47 4.99 20.17
CA GLY O 182 16.57 5.84 19.40
C GLY O 182 15.39 6.31 20.23
N ILE O 183 14.84 7.46 19.83
CA ILE O 183 13.60 7.97 20.40
C ILE O 183 12.62 8.09 19.25
N HIS O 184 11.44 7.49 19.40
CA HIS O 184 10.44 7.49 18.34
C HIS O 184 9.40 8.57 18.61
N HIS O 185 9.10 9.33 17.58
CA HIS O 185 8.13 10.42 17.65
C HIS O 185 7.00 10.09 16.71
N PRO O 186 5.92 9.53 17.22
CA PRO O 186 4.81 9.12 16.35
C PRO O 186 4.13 10.28 15.67
N SER O 187 3.56 9.97 14.50
CA SER O 187 2.79 10.94 13.75
C SER O 187 1.52 11.36 14.47
N THR O 188 0.85 10.43 15.17
CA THR O 188 -0.44 10.73 15.75
C THR O 188 -0.56 10.16 17.17
N SER O 189 -1.49 10.75 17.93
CA SER O 189 -1.84 10.20 19.23
C SER O 189 -2.31 8.75 19.07
N ALA O 190 -2.96 8.43 17.94
CA ALA O 190 -3.40 7.08 17.66
C ALA O 190 -2.23 6.13 17.57
N ASP O 191 -1.23 6.48 16.77
CA ASP O 191 -0.05 5.64 16.64
C ASP O 191 0.63 5.43 17.99
N GLN O 192 0.72 6.50 18.81
CA GLN O 192 1.25 6.41 20.17
C GLN O 192 0.56 5.33 21.00
N GLN O 193 -0.76 5.29 20.98
CA GLN O 193 -1.47 4.31 21.79
C GLN O 193 -1.28 2.91 21.21
N SER O 194 -1.33 2.79 19.88
CA SER O 194 -1.16 1.49 19.23
C SER O 194 0.20 0.86 19.52
N LEU O 195 1.24 1.68 19.64
CA LEU O 195 2.57 1.12 19.92
C LEU O 195 2.86 0.98 21.41
N TYR O 196 2.49 1.99 22.22
CA TYR O 196 2.98 2.10 23.59
C TYR O 196 1.86 2.21 24.63
N GLN O 197 0.59 2.25 24.20
CA GLN O 197 -0.56 2.41 25.08
C GLN O 197 -0.57 3.72 25.85
N ASN O 198 0.50 4.00 26.58
CA ASN O 198 0.54 5.21 27.36
C ASN O 198 0.54 6.42 26.44
N ALA O 199 -0.33 7.37 26.74
CA ALA O 199 -0.46 8.55 25.91
C ALA O 199 0.62 9.58 26.23
N ASP O 200 1.08 9.63 27.48
CA ASP O 200 1.99 10.66 27.99
C ASP O 200 3.22 9.95 28.53
N THR O 201 4.23 9.80 27.68
CA THR O 201 5.37 8.94 27.99
C THR O 201 6.63 9.79 28.08
N TYR O 202 7.68 9.19 28.64
CA TYR O 202 9.00 9.78 28.63
C TYR O 202 10.05 8.69 28.47
N VAL O 203 11.27 9.12 28.14
CA VAL O 203 12.47 8.28 28.12
C VAL O 203 13.55 9.06 28.85
N PHE O 204 14.34 8.39 29.68
CA PHE O 204 15.46 9.03 30.33
C PHE O 204 16.70 8.16 30.10
N VAL O 205 17.81 8.81 29.77
CA VAL O 205 19.08 8.10 29.60
C VAL O 205 20.10 8.82 30.48
N GLY O 206 20.79 8.06 31.32
CA GLY O 206 21.73 8.67 32.24
C GLY O 206 22.94 7.79 32.50
N SER O 207 24.11 8.42 32.56
CA SER O 207 25.34 7.80 33.03
C SER O 207 25.97 8.76 34.02
N SER O 208 27.26 8.54 34.28
CA SER O 208 28.00 9.46 35.14
C SER O 208 28.19 10.78 34.43
N ARG O 209 28.22 10.74 33.11
CA ARG O 209 28.46 11.89 32.27
C ARG O 209 27.29 12.28 31.39
N TYR O 210 26.32 11.42 31.16
CA TYR O 210 25.22 11.78 30.27
C TYR O 210 23.94 11.87 31.07
N SER O 211 23.07 12.81 30.70
CA SER O 211 21.79 12.90 31.39
C SER O 211 20.83 13.69 30.52
N LYS O 212 19.76 13.04 30.08
CA LYS O 212 18.81 13.69 29.19
C LYS O 212 17.47 12.98 29.30
N LYS O 213 16.41 13.78 29.47
CA LYS O 213 15.05 13.30 29.45
C LYS O 213 14.48 13.67 28.09
N PHE O 214 13.74 12.74 27.49
CA PHE O 214 13.21 12.95 26.16
C PHE O 214 11.69 12.94 26.25
N LYS O 215 11.03 13.72 25.39
CA LYS O 215 9.58 13.78 25.37
C LYS O 215 9.14 13.56 23.92
N PRO O 216 8.36 12.52 23.63
CA PRO O 216 7.92 12.32 22.26
C PRO O 216 7.14 13.53 21.79
N GLU O 217 7.43 13.96 20.58
CA GLU O 217 6.76 15.10 20.00
C GLU O 217 5.88 14.47 18.93
N ILE O 218 4.59 14.39 19.24
CA ILE O 218 3.62 13.72 18.40
C ILE O 218 3.02 14.73 17.43
N ALA O 219 3.24 14.49 16.14
CA ALA O 219 2.73 15.33 15.06
C ALA O 219 3.01 14.62 13.75
N ILE O 220 2.25 14.99 12.72
CA ILE O 220 2.45 14.44 11.38
C ILE O 220 3.54 15.20 10.65
N ARG O 221 4.57 14.50 10.30
CA ARG O 221 5.58 15.07 9.44
C ARG O 221 5.28 14.70 7.99
N PRO O 222 5.85 15.44 7.04
CA PRO O 222 5.78 15.02 5.64
C PRO O 222 6.34 13.61 5.48
N LYS O 223 5.63 12.80 4.69
CA LYS O 223 6.04 11.42 4.49
C LYS O 223 7.43 11.32 3.90
N VAL O 224 8.35 10.72 4.66
CA VAL O 224 9.62 10.23 4.14
C VAL O 224 9.64 8.72 4.26
N ARG O 225 9.99 8.03 3.17
CA ARG O 225 9.99 6.56 3.13
C ARG O 225 8.72 6.00 3.75
N ASP O 226 7.60 6.65 3.45
CA ASP O 226 6.25 6.28 3.88
C ASP O 226 5.94 6.59 5.34
N GLN O 227 6.81 7.29 6.07
CA GLN O 227 6.59 7.53 7.50
C GLN O 227 6.28 8.99 7.78
N GLU O 228 5.22 9.22 8.53
CA GLU O 228 4.89 10.55 8.99
C GLU O 228 5.44 10.81 10.37
N GLY O 229 5.90 9.73 11.03
CA GLY O 229 6.54 9.85 12.32
C GLY O 229 8.03 10.05 12.13
N ARG O 230 8.74 10.23 13.25
CA ARG O 230 10.18 10.42 13.18
C ARG O 230 10.88 9.62 14.27
N MET O 231 12.14 9.28 14.01
CA MET O 231 12.98 8.63 15.00
C MET O 231 14.31 9.36 15.10
N ASN O 232 14.60 9.89 16.28
CA ASN O 232 15.88 10.54 16.54
C ASN O 232 16.84 9.52 17.13
N TYR O 233 18.10 9.59 16.71
CA TYR O 233 19.11 8.63 17.13
C TYR O 233 20.18 9.33 17.96
N TYR O 234 20.50 8.72 19.09
CA TYR O 234 21.41 9.29 20.07
C TYR O 234 22.52 8.28 20.38
N TRP O 235 23.64 8.79 20.89
CA TRP O 235 24.77 7.93 21.21
C TRP O 235 25.57 8.56 22.34
N THR O 236 26.23 7.71 23.10
CA THR O 236 27.21 8.20 24.06
C THR O 236 28.25 7.11 24.29
N LEU O 237 29.38 7.53 24.83
CA LEU O 237 30.52 6.67 25.15
C LEU O 237 30.60 6.44 26.65
N VAL O 238 30.39 5.20 27.06
CA VAL O 238 30.46 4.84 28.47
C VAL O 238 31.89 4.50 28.85
N GLU O 239 32.40 5.16 29.89
CA GLU O 239 33.75 4.96 30.36
C GLU O 239 33.88 3.59 30.99
N PRO O 240 35.08 3.02 31.04
CA PRO O 240 35.26 1.74 31.72
C PRO O 240 34.80 1.86 33.17
N GLY O 241 33.93 0.93 33.59
CA GLY O 241 33.49 0.89 34.96
C GLY O 241 32.23 1.67 35.25
N ASP O 242 31.80 2.54 34.32
CA ASP O 242 30.61 3.35 34.47
C ASP O 242 29.35 2.58 34.07
N LYS O 243 28.22 3.06 34.59
CA LYS O 243 26.88 2.53 34.36
C LYS O 243 26.13 3.49 33.45
N ILE O 244 25.37 2.94 32.50
CA ILE O 244 24.38 3.69 31.75
C ILE O 244 23.00 3.14 32.10
N THR O 245 22.01 4.02 32.32
CA THR O 245 20.67 3.62 32.73
C THR O 245 19.64 4.11 31.70
N PHE O 246 18.70 3.23 31.36
CA PHE O 246 17.56 3.55 30.49
C PHE O 246 16.27 3.49 31.28
N GLU O 247 15.45 4.54 31.17
CA GLU O 247 14.14 4.57 31.81
C GLU O 247 13.15 5.08 30.77
N ALA O 248 11.99 4.43 30.69
CA ALA O 248 11.04 4.83 29.66
C ALA O 248 9.65 4.35 30.03
N THR O 249 8.64 5.12 29.61
CA THR O 249 7.26 4.65 29.67
C THR O 249 6.68 4.53 28.27
N GLY O 250 7.53 4.52 27.27
CA GLY O 250 7.15 4.34 25.88
C GLY O 250 8.21 4.96 25.00
N ASN O 251 8.10 4.69 23.70
CA ASN O 251 8.80 5.43 22.65
C ASN O 251 10.32 5.21 22.65
N LEU O 252 10.83 4.22 23.39
CA LEU O 252 12.27 3.99 23.43
C LEU O 252 12.63 2.83 22.51
N VAL O 253 13.49 3.13 21.52
CA VAL O 253 14.15 2.14 20.70
C VAL O 253 15.43 1.77 21.45
N VAL O 254 15.38 0.64 22.16
CA VAL O 254 16.44 0.26 23.09
C VAL O 254 17.69 -0.26 22.37
N PRO O 255 18.85 -0.16 23.01
CA PRO O 255 20.05 -0.82 22.47
C PRO O 255 19.87 -2.33 22.43
N ARG O 256 20.50 -2.96 21.45
CA ARG O 256 20.65 -4.41 21.52
C ARG O 256 22.12 -4.77 21.51
N TYR O 257 22.87 -4.34 20.50
CA TYR O 257 24.32 -4.42 20.48
C TYR O 257 24.95 -3.08 20.77
N ALA O 258 26.05 -3.11 21.53
CA ALA O 258 26.89 -1.94 21.76
C ALA O 258 28.33 -2.32 21.40
N PHE O 259 29.25 -1.38 21.60
CA PHE O 259 30.57 -1.55 21.05
C PHE O 259 31.65 -1.11 22.02
N ALA O 260 32.49 -2.05 22.42
CA ALA O 260 33.66 -1.76 23.24
C ALA O 260 34.72 -1.35 22.24
N MET O 261 35.38 -0.23 22.51
CA MET O 261 36.30 0.27 21.51
C MET O 261 37.46 1.04 22.10
N GLU O 262 38.52 1.10 21.32
CA GLU O 262 39.69 1.94 21.55
C GLU O 262 39.85 2.82 20.32
N ARG O 263 39.67 4.12 20.51
CA ARG O 263 39.74 5.10 19.44
C ARG O 263 41.22 5.28 19.16
N ASN O 264 41.59 5.33 17.89
CA ASN O 264 42.98 5.61 17.57
C ASN O 264 43.19 6.95 16.89
N ALA O 265 44.08 7.76 17.51
CA ALA O 265 44.56 9.07 17.07
C ALA O 265 43.47 9.86 16.36
N GLY O 266 43.58 10.03 15.06
CA GLY O 266 42.66 10.90 14.35
C GLY O 266 42.91 10.64 12.90
N SER O 267 41.96 10.05 12.20
CA SER O 267 41.99 9.82 10.79
C SER O 267 40.93 10.71 10.15
N GLY O 268 40.28 10.24 9.09
CA GLY O 268 39.18 10.96 8.50
C GLY O 268 38.42 9.98 7.65
N ILE O 269 37.54 10.52 6.83
CA ILE O 269 36.63 9.71 6.04
C ILE O 269 36.77 10.09 4.58
N ILE O 270 37.22 9.15 3.76
CA ILE O 270 37.32 9.34 2.32
C ILE O 270 36.03 8.90 1.66
N ILE O 271 35.46 9.76 0.82
CA ILE O 271 34.22 9.45 0.12
C ILE O 271 34.56 9.33 -1.36
N SER O 272 34.61 8.11 -1.89
CA SER O 272 35.21 7.88 -3.20
C SER O 272 34.78 6.55 -3.78
N ASP O 273 34.74 6.49 -5.11
CA ASP O 273 34.52 5.26 -5.85
C ASP O 273 35.81 4.51 -6.13
N THR O 274 36.94 5.07 -5.79
CA THR O 274 38.21 4.41 -6.00
C THR O 274 38.22 3.07 -5.28
N PRO O 275 38.64 1.98 -5.92
CA PRO O 275 38.58 0.67 -5.28
C PRO O 275 39.70 0.40 -4.28
N VAL O 276 39.33 -0.35 -3.23
CA VAL O 276 40.27 -0.77 -2.21
C VAL O 276 41.20 -1.83 -2.78
N HIS O 277 42.37 -1.98 -2.17
CA HIS O 277 43.34 -2.91 -2.70
C HIS O 277 44.22 -3.33 -1.54
N ASP O 278 44.80 -4.53 -1.64
CA ASP O 278 45.70 -5.03 -0.59
C ASP O 278 47.08 -4.43 -0.82
N CYS O 279 47.14 -3.12 -0.58
CA CYS O 279 48.36 -2.33 -0.61
C CYS O 279 48.57 -1.47 0.62
N ASN O 280 49.85 -1.18 0.90
CA ASN O 280 50.28 -0.30 1.98
C ASN O 280 50.60 1.09 1.44
N THR O 281 50.36 2.10 2.28
CA THR O 281 50.70 3.47 1.96
C THR O 281 50.95 4.24 3.24
N THR O 282 51.53 5.43 3.08
CA THR O 282 51.73 6.35 4.18
C THR O 282 50.95 7.62 3.95
N CYS O 283 50.37 7.80 2.77
CA CYS O 283 49.59 9.00 2.44
C CYS O 283 48.46 8.64 1.49
N GLN O 284 47.21 8.74 1.94
CA GLN O 284 46.07 8.37 1.09
C GLN O 284 45.26 9.60 0.70
N THR O 285 44.93 9.72 -0.59
CA THR O 285 44.03 10.72 -1.13
C THR O 285 42.75 10.09 -1.66
N PRO O 286 41.71 10.89 -1.90
CA PRO O 286 40.47 10.29 -2.39
C PRO O 286 40.58 9.65 -3.73
N LYS O 287 41.60 9.96 -4.54
CA LYS O 287 41.64 9.39 -5.87
C LYS O 287 42.79 8.43 -6.04
N GLY O 288 43.57 8.19 -5.01
CA GLY O 288 44.68 7.27 -5.08
C GLY O 288 45.70 7.57 -4.02
N ALA O 289 46.45 6.54 -3.67
CA ALA O 289 47.50 6.67 -2.68
C ALA O 289 48.72 7.29 -3.34
N ILE O 290 49.58 7.88 -2.52
CA ILE O 290 50.83 8.45 -3.01
C ILE O 290 51.97 7.89 -2.21
N ASN O 291 52.99 7.44 -2.91
CA ASN O 291 54.17 6.91 -2.27
C ASN O 291 55.29 7.81 -2.72
N THR O 292 55.80 8.63 -1.80
CA THR O 292 56.77 9.62 -2.24
C THR O 292 57.44 10.26 -1.04
N SER O 293 58.71 10.57 -1.25
CA SER O 293 59.48 11.37 -0.32
C SER O 293 59.48 12.85 -0.69
N LEU O 294 58.87 13.22 -1.80
CA LEU O 294 58.92 14.58 -2.31
C LEU O 294 58.11 15.53 -1.43
N PRO O 295 58.53 16.77 -1.26
CA PRO O 295 57.85 17.64 -0.29
C PRO O 295 56.52 18.23 -0.78
N PHE O 296 56.21 18.21 -2.08
CA PHE O 296 54.97 18.80 -2.58
C PHE O 296 54.22 17.87 -3.55
N GLN O 297 52.91 18.09 -3.63
CA GLN O 297 52.03 17.32 -4.50
C GLN O 297 50.83 18.14 -4.95
N ASN O 298 50.38 17.86 -6.19
CA ASN O 298 49.20 18.49 -6.79
C ASN O 298 48.10 17.48 -7.06
N ILE O 299 48.07 16.39 -6.30
CA ILE O 299 47.06 15.37 -6.52
C ILE O 299 45.72 15.79 -5.95
N HIS O 300 45.70 16.15 -4.70
CA HIS O 300 44.47 16.44 -3.98
C HIS O 300 44.68 17.13 -2.66
N PRO O 301 43.92 18.17 -2.40
CA PRO O 301 44.06 18.86 -1.11
C PRO O 301 43.61 18.06 0.09
N ILE O 302 42.67 17.13 -0.05
CA ILE O 302 42.13 16.43 1.10
C ILE O 302 42.86 15.08 1.27
N THR O 303 43.85 15.03 2.16
CA THR O 303 44.64 13.81 2.32
C THR O 303 44.62 13.31 3.75
N ILE O 304 45.02 12.04 3.89
CA ILE O 304 45.22 11.41 5.19
C ILE O 304 46.62 10.82 5.24
N GLY O 305 47.32 11.08 6.34
CA GLY O 305 48.64 10.52 6.59
C GLY O 305 49.76 11.52 6.79
N LYS O 306 50.98 11.06 6.57
CA LYS O 306 52.15 11.95 6.61
C LYS O 306 52.35 12.32 5.15
N CYS O 307 51.80 13.46 4.76
CA CYS O 307 51.64 13.75 3.35
C CYS O 307 52.38 14.99 2.88
N PRO O 308 52.68 15.06 1.58
CA PRO O 308 53.23 16.28 1.02
C PRO O 308 52.21 17.39 0.96
N LYS O 309 52.72 18.61 1.03
CA LYS O 309 51.86 19.76 0.99
C LYS O 309 51.21 19.84 -0.41
N TYR O 310 49.93 20.13 -0.42
CA TYR O 310 49.24 20.36 -1.68
C TYR O 310 49.64 21.71 -2.24
N VAL O 311 49.95 21.77 -3.51
CA VAL O 311 50.19 23.05 -4.15
C VAL O 311 49.46 23.07 -5.47
N LYS O 312 49.31 24.26 -6.03
CA LYS O 312 48.65 24.41 -7.30
C LYS O 312 49.58 24.24 -8.48
N SER O 313 50.86 24.10 -8.23
CA SER O 313 51.85 24.05 -9.27
C SER O 313 51.66 22.83 -10.13
N THR O 314 52.11 22.93 -11.36
CA THR O 314 52.10 21.80 -12.26
C THR O 314 53.50 21.28 -12.51
N LYS O 315 54.53 22.02 -12.13
CA LYS O 315 55.91 21.63 -12.40
C LYS O 315 56.84 22.29 -11.40
N LEU O 316 57.51 21.50 -10.54
CA LEU O 316 58.51 22.03 -9.62
C LEU O 316 59.76 21.25 -9.81
N ARG O 317 60.45 21.52 -10.86
CA ARG O 317 61.60 20.75 -11.28
C ARG O 317 62.86 21.52 -10.91
N LEU O 318 63.68 20.97 -10.03
CA LEU O 318 64.87 21.66 -9.56
C LEU O 318 66.08 21.27 -10.41
N ALA O 319 66.78 22.25 -10.96
CA ALA O 319 67.97 21.93 -11.75
C ALA O 319 69.12 21.53 -10.89
N THR O 320 69.83 20.51 -11.30
CA THR O 320 71.07 20.12 -10.65
C THR O 320 72.25 20.17 -11.58
N GLY O 321 72.07 19.77 -12.82
CA GLY O 321 73.18 19.81 -13.74
C GLY O 321 73.32 21.19 -14.35
N LEU O 322 73.95 21.29 -15.48
CA LEU O 322 74.18 22.66 -15.91
C LEU O 322 73.46 22.99 -17.18
N ARG O 323 73.56 24.26 -17.57
CA ARG O 323 72.89 24.67 -18.77
C ARG O 323 73.43 23.82 -19.90
N ASN O 324 72.54 23.33 -20.74
CA ASN O 324 72.93 22.37 -21.77
C ASN O 324 73.11 23.05 -23.11
N ILE O 325 74.33 23.09 -23.58
CA ILE O 325 74.65 23.86 -24.76
C ILE O 325 75.49 22.94 -25.65
N PRO O 326 74.88 21.94 -26.29
CA PRO O 326 75.65 21.00 -27.10
C PRO O 326 76.09 21.74 -28.33
N SER O 327 77.26 21.37 -28.84
CA SER O 327 77.78 21.81 -30.14
C SER O 327 76.77 22.46 -31.12
N GLY P 1 85.52 29.96 -3.24
CA GLY P 1 84.18 30.52 -3.09
C GLY P 1 83.68 31.14 -4.37
N LEU P 2 82.47 31.66 -4.33
CA LEU P 2 81.85 32.07 -5.58
C LEU P 2 82.78 32.92 -6.39
N PHE P 3 83.60 33.72 -5.73
CA PHE P 3 84.47 34.64 -6.40
C PHE P 3 85.91 34.20 -6.39
N GLY P 4 86.23 33.07 -5.79
CA GLY P 4 87.52 32.51 -6.02
C GLY P 4 88.62 32.98 -5.11
N ALA P 5 88.38 33.98 -4.29
CA ALA P 5 89.45 34.49 -3.42
C ALA P 5 89.54 33.74 -2.09
N ILE P 6 88.54 33.88 -1.25
CA ILE P 6 88.64 33.29 0.07
C ILE P 6 88.62 31.78 -0.07
N ALA P 7 89.58 31.14 0.57
CA ALA P 7 89.81 29.72 0.40
C ALA P 7 90.06 29.42 -1.05
N GLY P 8 90.50 30.42 -1.78
CA GLY P 8 90.73 30.26 -3.19
C GLY P 8 92.16 30.62 -3.44
N PHE P 9 92.43 31.63 -4.26
CA PHE P 9 93.82 31.97 -4.46
C PHE P 9 94.45 32.63 -3.24
N ILE P 10 93.68 33.04 -2.26
CA ILE P 10 94.23 33.45 -0.98
C ILE P 10 93.82 32.35 -0.03
N GLU P 11 94.77 31.49 0.21
CA GLU P 11 94.49 30.19 0.75
C GLU P 11 94.00 30.22 2.20
N GLY P 12 94.57 31.05 3.07
CA GLY P 12 94.16 31.02 4.45
C GLY P 12 94.03 32.41 5.03
N GLY P 13 93.51 32.47 6.26
CA GLY P 13 93.29 33.74 6.94
C GLY P 13 94.40 34.15 7.88
N TRP P 14 94.24 35.33 8.46
CA TRP P 14 95.25 35.89 9.33
C TRP P 14 94.76 36.09 10.75
N THR P 15 95.18 35.23 11.67
CA THR P 15 94.88 35.50 13.05
C THR P 15 95.57 36.75 13.56
N GLY P 16 96.57 37.21 12.83
CA GLY P 16 97.29 38.39 13.25
C GLY P 16 96.64 39.70 12.89
N MET P 17 95.73 39.70 11.96
CA MET P 17 94.99 40.92 11.69
C MET P 17 93.73 40.93 12.51
N VAL P 18 93.76 41.61 13.66
CA VAL P 18 92.66 41.49 14.59
C VAL P 18 91.74 42.67 14.52
N ASP P 19 92.13 43.74 13.83
CA ASP P 19 91.39 44.99 13.79
C ASP P 19 90.50 45.14 12.56
N GLY P 20 90.23 44.08 11.83
CA GLY P 20 89.33 44.23 10.71
C GLY P 20 89.18 42.93 9.96
N TRP P 21 88.15 42.89 9.12
CA TRP P 21 87.84 41.72 8.32
C TRP P 21 88.80 41.55 7.19
N TYR P 22 89.00 42.58 6.44
CA TYR P 22 89.91 42.52 5.32
C TYR P 22 90.99 43.52 5.61
N GLY P 23 92.17 43.29 5.08
CA GLY P 23 93.24 44.24 5.26
C GLY P 23 94.49 43.78 4.61
N TYR P 24 95.62 44.27 5.10
CA TYR P 24 96.86 44.18 4.37
C TYR P 24 97.95 43.70 5.30
N HIS P 25 98.90 42.95 4.78
CA HIS P 25 100.18 42.70 5.43
C HIS P 25 101.34 43.19 4.58
N HIS P 26 102.25 43.94 5.15
CA HIS P 26 103.39 44.39 4.37
C HIS P 26 104.67 43.96 5.07
N GLN P 27 105.75 43.76 4.32
CA GLN P 27 107.12 43.67 4.86
C GLN P 27 108.04 44.48 3.96
N ASN P 28 108.71 45.48 4.53
CA ASN P 28 109.76 46.23 3.88
C ASN P 28 110.89 46.39 4.88
N GLU P 29 111.88 47.20 4.50
CA GLU P 29 113.08 47.34 5.31
C GLU P 29 112.75 47.86 6.68
N GLN P 30 111.88 48.84 6.75
CA GLN P 30 111.56 49.34 8.07
C GLN P 30 110.56 48.50 8.80
N GLY P 31 110.30 47.26 8.44
CA GLY P 31 109.37 46.60 9.32
C GLY P 31 108.40 45.74 8.56
N SER P 32 107.44 45.21 9.31
CA SER P 32 106.40 44.33 8.78
C SER P 32 105.25 44.27 9.78
N GLY P 33 104.04 44.09 9.27
CA GLY P 33 102.88 43.96 10.13
C GLY P 33 101.59 43.95 9.34
N TYR P 34 100.51 43.74 10.07
CA TYR P 34 99.15 43.76 9.55
C TYR P 34 98.48 45.11 9.68
N ALA P 35 97.61 45.42 8.73
CA ALA P 35 96.74 46.57 8.88
C ALA P 35 95.41 46.27 8.21
N ALA P 36 94.34 46.43 8.94
CA ALA P 36 93.01 46.26 8.38
C ALA P 36 92.69 47.38 7.41
N ASP P 37 91.97 47.05 6.34
CA ASP P 37 91.38 48.08 5.50
C ASP P 37 90.11 48.60 6.15
N LEU P 38 90.17 49.76 6.75
CA LEU P 38 89.04 50.23 7.53
C LEU P 38 87.80 50.52 6.72
N LYS P 39 87.95 51.14 5.54
CA LYS P 39 86.78 51.46 4.73
C LYS P 39 86.04 50.21 4.28
N SER P 40 86.72 49.29 3.60
CA SER P 40 86.03 48.10 3.12
C SER P 40 85.44 47.32 4.26
N THR P 41 86.11 47.27 5.40
CA THR P 41 85.55 46.57 6.56
C THR P 41 84.30 47.27 7.06
N GLN P 42 84.32 48.58 7.20
CA GLN P 42 83.13 49.22 7.76
C GLN P 42 81.96 49.04 6.84
N ASN P 43 82.20 49.16 5.55
CA ASN P 43 81.16 48.95 4.57
C ASN P 43 80.57 47.58 4.69
N ALA P 44 81.40 46.57 4.83
CA ALA P 44 80.88 45.22 4.90
C ALA P 44 80.11 45.04 6.16
N ILE P 45 80.59 45.63 7.24
CA ILE P 45 79.90 45.57 8.51
C ILE P 45 78.54 46.21 8.38
N ASP P 46 78.48 47.35 7.69
CA ASP P 46 77.20 48.00 7.47
C ASP P 46 76.26 47.08 6.70
N GLY P 47 76.75 46.41 5.69
CA GLY P 47 75.88 45.52 4.98
C GLY P 47 75.36 44.37 5.83
N ILE P 48 76.25 43.71 6.54
CA ILE P 48 75.76 42.57 7.30
C ILE P 48 74.86 43.03 8.42
N THR P 49 75.18 44.16 9.01
CA THR P 49 74.33 44.68 10.06
C THR P 49 72.96 44.91 9.57
N ASN P 50 72.85 45.55 8.44
CA ASN P 50 71.55 45.79 7.90
C ASN P 50 70.83 44.48 7.61
N LYS P 51 71.56 43.49 7.20
CA LYS P 51 70.96 42.22 6.85
C LYS P 51 70.37 41.56 8.06
N VAL P 52 71.13 41.49 9.14
CA VAL P 52 70.65 40.90 10.38
C VAL P 52 69.42 41.63 10.87
N ASN P 53 69.43 42.96 10.86
CA ASN P 53 68.24 43.65 11.34
C ASN P 53 67.04 43.36 10.48
N SER P 54 67.25 43.16 9.18
CA SER P 54 66.12 42.87 8.33
C SER P 54 65.51 41.54 8.65
N VAL P 55 66.34 40.53 8.82
CA VAL P 55 65.80 39.20 9.08
C VAL P 55 65.08 39.18 10.40
N ILE P 56 65.53 40.00 11.33
CA ILE P 56 64.96 40.02 12.67
C ILE P 56 63.74 40.91 12.75
N GLU P 57 63.85 42.15 12.26
CA GLU P 57 62.82 43.18 12.48
C GLU P 57 61.67 43.16 11.49
N LYS P 58 61.79 42.52 10.35
CA LYS P 58 60.66 42.49 9.45
C LYS P 58 59.55 41.61 9.96
N MET P 59 59.80 40.87 11.02
CA MET P 59 58.84 40.01 11.68
C MET P 59 58.16 40.78 12.77
N ASN P 60 56.94 41.20 12.55
CA ASN P 60 56.30 41.97 13.62
C ASN P 60 55.00 41.29 13.99
N THR P 61 55.12 40.42 14.98
CA THR P 61 54.00 39.63 15.44
C THR P 61 53.17 40.43 16.43
N GLN P 62 51.88 40.13 16.45
CA GLN P 62 50.92 40.73 17.36
C GLN P 62 50.75 39.87 18.58
N PHE P 63 50.07 40.43 19.58
CA PHE P 63 49.73 39.72 20.82
C PHE P 63 48.70 38.64 20.56
N THR P 64 49.06 37.39 20.83
CA THR P 64 48.12 36.28 20.63
C THR P 64 48.28 35.26 21.76
N ALA P 65 47.24 34.48 21.98
CA ALA P 65 47.32 33.33 22.87
C ALA P 65 47.02 32.11 22.02
N VAL P 66 48.02 31.28 21.82
CA VAL P 66 47.89 30.18 20.88
C VAL P 66 46.88 29.16 21.35
N GLY P 67 46.92 28.84 22.63
CA GLY P 67 46.13 27.75 23.13
C GLY P 67 44.65 27.93 22.84
N LYS P 68 44.00 26.79 22.63
CA LYS P 68 42.55 26.79 22.48
C LYS P 68 42.07 25.57 23.25
N GLU P 69 40.88 25.66 23.84
CA GLU P 69 40.32 24.54 24.59
C GLU P 69 39.01 24.05 23.99
N PHE P 70 38.91 22.74 23.80
CA PHE P 70 37.75 22.12 23.19
C PHE P 70 37.27 20.97 24.07
N ASN P 71 35.94 20.76 24.11
CA ASN P 71 35.43 19.67 24.91
C ASN P 71 35.41 18.39 24.08
N HIS P 72 35.00 17.28 24.69
CA HIS P 72 35.10 15.99 24.04
C HIS P 72 34.20 15.87 22.82
N LEU P 73 33.24 16.77 22.66
CA LEU P 73 32.35 16.74 21.51
C LEU P 73 32.69 17.81 20.50
N GLU P 74 33.90 18.35 20.57
CA GLU P 74 34.39 19.39 19.69
C GLU P 74 35.70 18.95 19.06
N LYS P 75 35.84 17.64 18.84
CA LYS P 75 37.08 17.09 18.32
C LYS P 75 37.41 17.64 16.93
N ARG P 76 36.38 17.84 16.11
CA ARG P 76 36.63 18.32 14.75
C ARG P 76 37.26 19.70 14.75
N ILE P 77 36.74 20.61 15.55
CA ILE P 77 37.38 21.92 15.58
C ILE P 77 38.71 21.85 16.32
N GLU P 78 38.84 20.95 17.28
CA GLU P 78 40.15 20.76 17.89
C GLU P 78 41.18 20.32 16.85
N ASN P 79 40.81 19.40 15.97
CA ASN P 79 41.73 19.01 14.91
C ASN P 79 41.94 20.13 13.90
N LEU P 80 40.93 20.97 13.68
CA LEU P 80 41.15 22.15 12.86
C LEU P 80 42.15 23.09 13.53
N ASN P 81 41.97 23.33 14.84
CA ASN P 81 42.92 24.18 15.52
C ASN P 81 44.32 23.60 15.47
N LYS P 82 44.41 22.28 15.56
CA LYS P 82 45.73 21.68 15.46
C LYS P 82 46.27 21.80 14.04
N LYS P 83 45.42 21.62 13.05
CA LYS P 83 45.88 21.77 11.68
C LYS P 83 46.41 23.17 11.45
N VAL P 84 45.80 24.15 12.08
CA VAL P 84 46.31 25.50 11.96
C VAL P 84 47.71 25.58 12.56
N ASP P 85 47.83 25.14 13.81
CA ASP P 85 49.10 25.22 14.49
C ASP P 85 50.18 24.41 13.78
N ASP P 86 49.84 23.22 13.31
CA ASP P 86 50.81 22.40 12.59
C ASP P 86 51.13 22.97 11.23
N GLY P 87 50.14 23.60 10.59
CA GLY P 87 50.40 24.23 9.32
C GLY P 87 51.35 25.38 9.50
N PHE P 88 51.16 26.16 10.56
CA PHE P 88 52.06 27.28 10.81
C PHE P 88 53.45 26.78 11.16
N LEU P 89 53.47 25.72 11.96
CA LEU P 89 54.73 25.14 12.38
C LEU P 89 55.54 24.70 11.18
N ASP P 90 54.91 24.00 10.26
CA ASP P 90 55.61 23.52 9.10
C ASP P 90 56.15 24.68 8.26
N ILE P 91 55.33 25.72 8.03
CA ILE P 91 55.75 26.87 7.25
C ILE P 91 56.92 27.60 7.86
N TRP P 92 56.80 28.01 9.11
CA TRP P 92 57.88 28.79 9.67
C TRP P 92 59.14 27.98 9.72
N THR P 93 59.02 26.70 9.99
CA THR P 93 60.22 25.91 10.08
C THR P 93 60.87 25.80 8.72
N TYR P 94 60.09 25.53 7.71
CA TYR P 94 60.69 25.41 6.40
C TYR P 94 61.29 26.75 6.01
N ASN P 95 60.53 27.82 6.16
CA ASN P 95 61.00 29.11 5.70
C ASN P 95 62.19 29.61 6.50
N ALA P 96 62.20 29.43 7.81
CA ALA P 96 63.39 29.85 8.55
C ALA P 96 64.60 29.05 8.16
N GLU P 97 64.45 27.74 8.00
CA GLU P 97 65.59 26.91 7.67
C GLU P 97 66.14 27.33 6.32
N LEU P 98 65.30 27.45 5.35
CA LEU P 98 65.84 27.79 4.05
C LEU P 98 66.39 29.20 4.07
N LEU P 99 65.70 30.10 4.74
CA LEU P 99 66.17 31.47 4.80
C LEU P 99 67.58 31.57 5.32
N VAL P 100 67.85 30.88 6.41
CA VAL P 100 69.17 30.93 7.01
C VAL P 100 70.19 30.35 6.06
N LEU P 101 69.91 29.17 5.55
CA LEU P 101 70.78 28.54 4.58
C LEU P 101 71.08 29.48 3.41
N LEU P 102 70.06 30.12 2.84
CA LEU P 102 70.30 30.94 1.64
C LEU P 102 71.12 32.17 1.99
N GLU P 103 70.82 32.81 3.10
CA GLU P 103 71.55 34.02 3.43
C GLU P 103 72.93 33.71 3.94
N ASN P 104 73.13 32.58 4.60
CA ASN P 104 74.49 32.25 4.98
C ASN P 104 75.35 32.12 3.74
N GLU P 105 74.81 31.49 2.72
CA GLU P 105 75.52 31.39 1.48
C GLU P 105 75.79 32.73 0.89
N ARG P 106 74.79 33.60 0.91
CA ARG P 106 74.98 34.91 0.33
C ARG P 106 76.01 35.70 1.11
N THR P 107 76.01 35.54 2.43
CA THR P 107 76.99 36.19 3.27
C THR P 107 78.41 35.77 3.00
N LEU P 108 78.67 34.48 2.89
CA LEU P 108 80.04 34.09 2.61
C LEU P 108 80.52 34.57 1.25
N ASP P 109 79.68 34.47 0.24
CA ASP P 109 80.03 35.02 -1.05
C ASP P 109 80.39 36.48 -0.91
N TYR P 110 79.69 37.19 -0.06
CA TYR P 110 79.90 38.62 -0.01
C TYR P 110 81.31 38.89 0.44
N HIS P 111 81.73 38.27 1.53
CA HIS P 111 83.09 38.41 1.96
C HIS P 111 84.03 38.04 0.86
N ASP P 112 83.80 36.91 0.22
CA ASP P 112 84.63 36.50 -0.89
C ASP P 112 84.72 37.60 -1.97
N SER P 113 83.60 38.18 -2.33
CA SER P 113 83.65 39.26 -3.30
C SER P 113 84.50 40.41 -2.85
N ASN P 114 84.35 40.80 -1.59
CA ASN P 114 85.08 41.92 -1.03
C ASN P 114 86.57 41.75 -1.06
N VAL P 115 87.06 40.54 -0.82
CA VAL P 115 88.49 40.33 -0.82
C VAL P 115 89.04 40.45 -2.23
N LYS P 116 88.43 39.74 -3.17
CA LYS P 116 88.74 39.84 -4.57
C LYS P 116 88.81 41.29 -5.01
N ASN P 117 87.81 42.10 -4.66
CA ASN P 117 87.79 43.49 -5.11
C ASN P 117 88.95 44.27 -4.53
N LEU P 118 89.24 44.06 -3.26
CA LEU P 118 90.43 44.66 -2.67
C LEU P 118 91.67 44.27 -3.43
N TYR P 119 91.81 42.98 -3.71
CA TYR P 119 92.97 42.54 -4.43
C TYR P 119 93.02 43.21 -5.78
N GLU P 120 91.90 43.24 -6.48
CA GLU P 120 91.87 43.85 -7.79
C GLU P 120 92.17 45.33 -7.74
N LYS P 121 91.66 46.02 -6.72
CA LYS P 121 91.94 47.44 -6.56
C LYS P 121 93.41 47.73 -6.40
N VAL P 122 94.14 46.88 -5.68
CA VAL P 122 95.57 47.08 -5.54
C VAL P 122 96.26 46.77 -6.85
N ARG P 123 95.90 45.66 -7.47
CA ARG P 123 96.54 45.27 -8.71
C ARG P 123 96.38 46.39 -9.72
N SER P 124 95.20 46.99 -9.78
CA SER P 124 94.98 48.06 -10.73
C SER P 124 95.87 49.24 -10.44
N GLN P 125 96.19 49.50 -9.18
CA GLN P 125 97.09 50.61 -8.88
C GLN P 125 98.51 50.23 -9.22
N LEU P 126 98.94 49.05 -8.79
CA LEU P 126 100.35 48.72 -8.90
C LEU P 126 100.75 48.57 -10.34
N LYS P 127 99.89 48.02 -11.15
CA LYS P 127 100.23 47.72 -12.53
C LYS P 127 101.54 46.99 -12.73
N ASN P 128 102.43 47.56 -13.54
CA ASN P 128 103.67 46.90 -13.88
C ASN P 128 104.75 47.25 -12.90
N ASN P 129 104.43 47.91 -11.81
CA ASN P 129 105.44 48.14 -10.79
C ASN P 129 105.64 46.98 -9.81
N ALA P 130 104.82 45.95 -9.88
CA ALA P 130 105.02 44.81 -9.01
C ALA P 130 104.69 43.52 -9.70
N LYS P 131 105.06 42.45 -9.04
CA LYS P 131 104.85 41.12 -9.56
C LYS P 131 103.83 40.39 -8.72
N GLU P 132 102.85 39.86 -9.39
CA GLU P 132 101.84 39.05 -8.73
C GLU P 132 102.42 37.71 -8.39
N ILE P 133 102.71 37.47 -7.14
CA ILE P 133 103.39 36.27 -6.76
C ILE P 133 102.41 35.24 -6.23
N GLY P 134 101.12 35.39 -6.54
CA GLY P 134 100.12 34.46 -6.04
C GLY P 134 99.88 34.60 -4.56
N ASN P 135 98.90 33.84 -4.08
CA ASN P 135 98.46 33.79 -2.68
C ASN P 135 98.14 35.18 -2.17
N GLY P 136 97.84 36.06 -3.11
CA GLY P 136 97.42 37.38 -2.74
C GLY P 136 98.52 38.34 -2.43
N CYS P 137 99.75 38.05 -2.78
CA CYS P 137 100.85 38.92 -2.45
C CYS P 137 101.37 39.56 -3.72
N PHE P 138 101.85 40.77 -3.61
CA PHE P 138 102.50 41.43 -4.72
C PHE P 138 103.91 41.71 -4.26
N GLU P 139 104.88 41.38 -5.09
CA GLU P 139 106.25 41.70 -4.79
C GLU P 139 106.65 42.88 -5.66
N PHE P 140 106.97 43.99 -5.02
CA PHE P 140 107.28 45.24 -5.70
C PHE P 140 108.59 45.15 -6.47
N TYR P 141 108.63 45.73 -7.66
CA TYR P 141 109.88 45.83 -8.40
C TYR P 141 110.69 47.07 -8.04
N HIS P 142 110.37 47.73 -6.93
CA HIS P 142 111.11 48.90 -6.48
C HIS P 142 111.02 48.96 -4.97
N LYS P 143 111.89 49.74 -4.33
CA LYS P 143 111.80 49.88 -2.89
C LYS P 143 110.54 50.60 -2.46
N CYS P 144 109.81 50.02 -1.51
CA CYS P 144 108.56 50.60 -1.04
C CYS P 144 108.62 50.84 0.46
N ASP P 145 108.92 52.08 0.87
CA ASP P 145 109.03 52.44 2.27
C ASP P 145 107.64 52.65 2.85
N ASN P 146 107.57 52.94 4.15
CA ASN P 146 106.27 53.05 4.79
C ASN P 146 105.38 54.07 4.12
N THR P 147 105.92 55.19 3.70
CA THR P 147 105.10 56.15 2.96
C THR P 147 104.47 55.54 1.72
N CYS P 148 105.28 54.82 0.96
CA CYS P 148 104.81 54.19 -0.27
C CYS P 148 103.68 53.18 0.01
N MET P 149 103.93 52.23 0.91
CA MET P 149 102.92 51.26 1.32
C MET P 149 101.58 51.91 1.68
N GLU P 150 101.63 52.97 2.48
CA GLU P 150 100.38 53.63 2.87
C GLU P 150 99.65 54.22 1.68
N SER P 151 100.37 54.76 0.73
CA SER P 151 99.67 55.30 -0.42
C SER P 151 98.88 54.21 -1.11
N VAL P 152 99.43 53.01 -1.14
CA VAL P 152 98.69 51.91 -1.75
C VAL P 152 97.44 51.58 -0.97
N LYS P 153 97.56 51.46 0.35
CA LYS P 153 96.38 51.18 1.16
C LYS P 153 95.34 52.27 1.08
N ASN P 154 95.77 53.52 0.91
CA ASN P 154 94.88 54.67 0.88
C ASN P 154 94.37 54.90 -0.55
N GLY P 155 94.94 54.20 -1.53
CA GLY P 155 94.52 54.37 -2.91
C GLY P 155 95.14 55.50 -3.69
N THR P 156 96.25 56.03 -3.25
CA THR P 156 96.91 57.09 -3.98
C THR P 156 98.31 56.72 -4.43
N TYR P 157 98.57 55.45 -4.73
CA TYR P 157 99.88 55.06 -5.20
C TYR P 157 100.24 55.79 -6.48
N ASP P 158 101.47 56.29 -6.55
CA ASP P 158 101.96 57.09 -7.68
C ASP P 158 102.71 56.19 -8.65
N TYR P 159 101.98 55.58 -9.59
CA TYR P 159 102.65 54.71 -10.57
C TYR P 159 103.84 55.37 -11.25
N PRO P 160 103.76 56.57 -11.80
CA PRO P 160 104.92 57.12 -12.52
C PRO P 160 106.14 57.42 -11.66
N LYS P 161 105.97 57.67 -10.37
CA LYS P 161 107.13 57.95 -9.52
C LYS P 161 108.12 56.79 -9.48
N TYR P 162 107.63 55.57 -9.48
CA TYR P 162 108.51 54.42 -9.33
C TYR P 162 108.67 53.62 -10.60
N SER P 163 108.06 54.05 -11.70
CA SER P 163 107.99 53.18 -12.88
C SER P 163 109.36 52.94 -13.47
N GLU P 164 110.21 53.95 -13.45
CA GLU P 164 111.57 53.78 -13.95
C GLU P 164 112.37 52.77 -13.16
N GLU P 165 112.47 52.96 -11.84
CA GLU P 165 113.19 52.01 -11.01
C GLU P 165 112.67 50.61 -11.24
N ALA P 166 111.36 50.46 -11.28
CA ALA P 166 110.76 49.15 -11.49
C ALA P 166 111.19 48.58 -12.84
N LYS P 167 111.12 49.39 -13.89
CA LYS P 167 111.51 48.90 -15.21
C LYS P 167 112.94 48.41 -15.22
N LEU P 168 113.81 49.04 -14.46
CA LEU P 168 115.19 48.58 -14.42
C LEU P 168 115.28 47.20 -13.79
N ASN P 169 114.69 47.05 -12.62
CA ASN P 169 114.68 45.80 -11.89
C ASN P 169 113.83 44.77 -12.58
N ARG P 170 112.87 45.19 -13.39
CA ARG P 170 112.05 44.17 -14.03
C ARG P 170 112.78 43.54 -15.20
N GLU P 171 113.45 44.33 -16.02
CA GLU P 171 114.19 43.76 -17.13
C GLU P 171 115.55 43.23 -16.70
N GLU P 172 116.07 43.71 -15.57
CA GLU P 172 117.22 43.07 -14.96
C GLU P 172 116.88 41.66 -14.46
N ILE P 173 115.78 41.51 -13.71
CA ILE P 173 115.41 40.21 -13.15
C ILE P 173 115.01 39.25 -14.25
N ASP P 174 114.29 39.75 -15.26
CA ASP P 174 113.93 38.93 -16.43
C ASP P 174 115.13 38.85 -17.39
N SER P 175 116.35 38.93 -16.83
CA SER P 175 117.62 38.93 -17.55
C SER P 175 117.67 40.04 -18.59
N GLY Q 1 77.59 45.41 -6.42
CA GLY Q 1 78.87 45.77 -5.85
C GLY Q 1 79.64 44.54 -6.10
N LEU Q 2 78.88 43.47 -6.03
CA LEU Q 2 79.44 42.14 -5.99
C LEU Q 2 80.47 41.96 -7.09
N PHE Q 3 80.26 42.56 -8.23
CA PHE Q 3 81.14 42.36 -9.35
C PHE Q 3 82.05 43.53 -9.62
N GLY Q 4 81.96 44.59 -8.86
CA GLY Q 4 83.00 45.56 -8.93
C GLY Q 4 82.88 46.61 -9.99
N ALA Q 5 81.92 46.51 -10.88
CA ALA Q 5 81.83 47.51 -11.94
C ALA Q 5 81.01 48.72 -11.52
N ILE Q 6 79.71 48.54 -11.30
CA ILE Q 6 78.87 49.70 -11.04
C ILE Q 6 79.25 50.28 -9.70
N ALA Q 7 79.49 51.58 -9.68
CA ALA Q 7 80.03 52.27 -8.51
C ALA Q 7 81.33 51.66 -8.06
N GLY Q 8 82.02 51.00 -8.96
CA GLY Q 8 83.24 50.32 -8.65
C GLY Q 8 84.29 50.91 -9.55
N PHE Q 9 84.90 50.13 -10.42
CA PHE Q 9 85.88 50.77 -11.28
C PHE Q 9 85.27 51.69 -12.30
N ILE Q 10 83.96 51.66 -12.51
CA ILE Q 10 83.28 52.67 -13.30
C ILE Q 10 82.43 53.47 -12.33
N GLU Q 11 82.92 54.65 -11.97
CA GLU Q 11 82.43 55.32 -10.78
C GLU Q 11 81.00 55.79 -10.87
N GLY Q 12 80.60 56.35 -12.00
CA GLY Q 12 79.28 56.92 -12.09
C GLY Q 12 78.59 56.59 -13.39
N GLY Q 13 77.31 56.97 -13.46
CA GLY Q 13 76.52 56.71 -14.64
C GLY Q 13 76.51 57.89 -15.58
N TRP Q 14 75.85 57.68 -16.70
CA TRP Q 14 75.77 58.64 -17.79
C TRP Q 14 74.33 59.08 -18.03
N THR Q 15 73.97 60.29 -17.60
CA THR Q 15 72.66 60.81 -17.97
C THR Q 15 72.55 61.02 -19.46
N GLY Q 16 73.66 61.00 -20.16
CA GLY Q 16 73.62 61.21 -21.58
C GLY Q 16 73.31 59.96 -22.38
N MET Q 17 73.43 58.78 -21.82
CA MET Q 17 72.99 57.59 -22.56
C MET Q 17 71.56 57.30 -22.22
N VAL Q 18 70.66 57.77 -23.06
CA VAL Q 18 69.26 57.75 -22.71
C VAL Q 18 68.53 56.60 -23.36
N ASP Q 19 69.13 55.93 -24.32
CA ASP Q 19 68.47 54.88 -25.10
C ASP Q 19 68.81 53.47 -24.64
N GLY Q 20 69.35 53.29 -23.45
CA GLY Q 20 69.62 51.93 -23.02
C GLY Q 20 70.28 51.94 -21.67
N TRP Q 21 70.28 50.76 -21.05
CA TRP Q 21 70.85 50.60 -19.73
C TRP Q 21 72.35 50.65 -19.77
N TYR Q 22 72.95 49.87 -20.63
CA TYR Q 22 74.37 49.84 -20.72
C TYR Q 22 74.77 50.31 -22.10
N GLY Q 23 75.95 50.85 -22.21
CA GLY Q 23 76.38 51.25 -23.52
C GLY Q 23 77.74 51.87 -23.58
N TYR Q 24 78.01 52.69 -24.59
CA TYR Q 24 79.36 53.07 -24.93
C TYR Q 24 79.43 54.56 -25.13
N HIS Q 25 80.56 55.15 -24.80
CA HIS Q 25 80.93 56.46 -25.26
C HIS Q 25 82.22 56.45 -26.06
N HIS Q 26 82.24 57.05 -27.23
CA HIS Q 26 83.46 57.09 -28.02
C HIS Q 26 83.82 58.53 -28.36
N GLN Q 27 85.11 58.78 -28.57
CA GLN Q 27 85.54 59.99 -29.26
C GLN Q 27 86.65 59.62 -30.23
N ASN Q 28 86.43 59.90 -31.51
CA ASN Q 28 87.48 59.80 -32.52
C ASN Q 28 87.44 61.04 -33.37
N GLU Q 29 88.21 61.01 -34.45
CA GLU Q 29 88.37 62.18 -35.29
C GLU Q 29 87.04 62.61 -35.87
N GLN Q 30 86.28 61.66 -36.37
CA GLN Q 30 85.00 62.02 -36.96
C GLN Q 30 83.91 62.24 -35.92
N GLY Q 31 84.22 62.48 -34.66
CA GLY Q 31 83.12 62.77 -33.77
C GLY Q 31 83.30 62.13 -32.42
N SER Q 32 82.25 62.25 -31.59
CA SER Q 32 82.17 61.70 -30.24
C SER Q 32 80.71 61.66 -29.80
N GLY Q 33 80.35 60.67 -28.98
CA GLY Q 33 78.99 60.60 -28.48
C GLY Q 33 78.73 59.30 -27.74
N TYR Q 34 77.52 59.21 -27.19
CA TYR Q 34 77.03 58.03 -26.49
C TYR Q 34 76.24 57.15 -27.42
N ALA Q 35 76.32 55.84 -27.20
CA ALA Q 35 75.43 54.93 -27.87
C ALA Q 35 75.13 53.73 -26.99
N ALA Q 36 73.86 53.46 -26.78
CA ALA Q 36 73.47 52.31 -25.99
C ALA Q 36 73.79 51.03 -26.72
N ASP Q 37 74.19 50.01 -25.98
CA ASP Q 37 74.30 48.64 -26.50
C ASP Q 37 72.96 47.96 -26.53
N LEU Q 38 72.35 47.86 -27.69
CA LEU Q 38 70.99 47.37 -27.74
C LEU Q 38 70.87 45.92 -27.35
N LYS Q 39 71.79 45.07 -27.76
CA LYS Q 39 71.59 43.67 -27.40
C LYS Q 39 71.63 43.40 -25.90
N SER Q 40 72.70 43.77 -25.23
CA SER Q 40 72.77 43.51 -23.80
C SER Q 40 71.66 44.18 -23.00
N THR Q 41 71.22 45.37 -23.39
CA THR Q 41 70.11 45.98 -22.68
C THR Q 41 68.85 45.17 -22.87
N GLN Q 42 68.55 44.75 -24.08
CA GLN Q 42 67.32 44.01 -24.29
C GLN Q 42 67.34 42.74 -23.53
N ASN Q 43 68.47 42.07 -23.50
CA ASN Q 43 68.58 40.85 -22.74
C ASN Q 43 68.29 41.07 -21.27
N ALA Q 44 68.82 42.12 -20.69
CA ALA Q 44 68.58 42.33 -19.27
C ALA Q 44 67.15 42.66 -19.01
N ILE Q 45 66.57 43.47 -19.88
CA ILE Q 45 65.19 43.85 -19.76
C ILE Q 45 64.32 42.62 -19.82
N ASP Q 46 64.60 41.71 -20.75
CA ASP Q 46 63.84 40.48 -20.80
C ASP Q 46 64.00 39.71 -19.50
N GLY Q 47 65.22 39.64 -18.97
CA GLY Q 47 65.41 38.95 -17.72
C GLY Q 47 64.66 39.56 -16.57
N ILE Q 48 64.77 40.85 -16.40
CA ILE Q 48 64.08 41.46 -15.28
C ILE Q 48 62.59 41.40 -15.49
N THR Q 49 62.16 41.52 -16.74
CA THR Q 49 60.75 41.41 -17.04
C THR Q 49 60.22 40.09 -16.61
N ASN Q 50 60.95 39.06 -16.94
CA ASN Q 50 60.53 37.75 -16.51
C ASN Q 50 60.48 37.72 -15.01
N LYS Q 51 61.41 38.40 -14.37
CA LYS Q 51 61.48 38.38 -12.92
C LYS Q 51 60.28 39.07 -12.30
N VAL Q 52 59.95 40.26 -12.77
CA VAL Q 52 58.78 40.93 -12.24
C VAL Q 52 57.53 40.10 -12.46
N ASN Q 53 57.34 39.58 -13.68
CA ASN Q 53 56.14 38.78 -13.94
C ASN Q 53 56.07 37.53 -13.07
N SER Q 54 57.20 36.93 -12.73
CA SER Q 54 57.16 35.76 -11.87
C SER Q 54 56.69 36.12 -10.47
N VAL Q 55 57.23 37.19 -9.90
CA VAL Q 55 56.86 37.54 -8.54
C VAL Q 55 55.39 37.86 -8.43
N ILE Q 56 54.83 38.41 -9.48
CA ILE Q 56 53.44 38.82 -9.43
C ILE Q 56 52.50 37.68 -9.72
N GLU Q 57 52.78 36.97 -10.77
CA GLU Q 57 51.86 35.99 -11.32
C GLU Q 57 51.90 34.63 -10.65
N LYS Q 58 52.94 34.29 -9.89
CA LYS Q 58 53.01 33.02 -9.18
C LYS Q 58 52.05 32.98 -8.01
N MET Q 59 51.43 34.10 -7.69
CA MET Q 59 50.42 34.22 -6.65
C MET Q 59 49.07 34.04 -7.29
N ASN Q 60 48.47 32.88 -7.10
CA ASN Q 60 47.18 32.69 -7.74
C ASN Q 60 46.14 32.29 -6.71
N THR Q 61 45.50 33.33 -6.17
CA THR Q 61 44.50 33.24 -5.13
C THR Q 61 43.12 32.97 -5.75
N GLN Q 62 42.27 32.27 -4.99
CA GLN Q 62 40.89 31.95 -5.32
C GLN Q 62 39.92 32.96 -4.70
N PHE Q 63 38.65 32.86 -5.15
CA PHE Q 63 37.60 33.73 -4.63
C PHE Q 63 37.29 33.36 -3.18
N THR Q 64 37.50 34.29 -2.26
CA THR Q 64 37.20 34.05 -0.87
C THR Q 64 36.63 35.33 -0.26
N ALA Q 65 35.88 35.17 0.82
CA ALA Q 65 35.41 36.28 1.63
C ALA Q 65 36.00 36.11 3.02
N VAL Q 66 36.87 37.02 3.41
CA VAL Q 66 37.64 36.88 4.65
C VAL Q 66 36.76 36.95 5.89
N GLY Q 67 35.82 37.88 5.93
CA GLY Q 67 35.10 38.10 7.16
C GLY Q 67 34.38 36.86 7.68
N LYS Q 68 34.32 36.77 9.01
CA LYS Q 68 33.56 35.75 9.70
C LYS Q 68 32.87 36.42 10.88
N GLU Q 69 31.68 35.92 11.23
CA GLU Q 69 30.87 36.44 12.34
C GLU Q 69 30.60 35.42 13.42
N PHE Q 70 30.84 35.81 14.67
CA PHE Q 70 30.66 34.93 15.82
C PHE Q 70 29.87 35.64 16.90
N ASN Q 71 29.02 34.90 17.61
CA ASN Q 71 28.24 35.51 18.67
C ASN Q 71 29.06 35.49 19.97
N HIS Q 72 28.49 36.05 21.04
CA HIS Q 72 29.21 36.25 22.29
C HIS Q 72 29.61 34.96 22.99
N LEU Q 73 29.04 33.82 22.59
CA LEU Q 73 29.37 32.53 23.19
C LEU Q 73 30.24 31.69 22.27
N GLU Q 74 30.89 32.34 21.31
CA GLU Q 74 31.77 31.68 20.35
C GLU Q 74 33.13 32.38 20.36
N LYS Q 75 33.54 32.91 21.53
CA LYS Q 75 34.78 33.67 21.62
C LYS Q 75 36.01 32.84 21.24
N ARG Q 76 36.02 31.57 21.63
CA ARG Q 76 37.18 30.74 21.33
C ARG Q 76 37.37 30.57 19.83
N ILE Q 77 36.29 30.27 19.10
CA ILE Q 77 36.48 30.14 17.67
C ILE Q 77 36.72 31.48 17.03
N GLU Q 78 36.19 32.55 17.59
CA GLU Q 78 36.54 33.86 17.09
C GLU Q 78 38.05 34.09 17.21
N ASN Q 79 38.63 33.69 18.34
CA ASN Q 79 40.07 33.80 18.49
C ASN Q 79 40.82 32.81 17.62
N LEU Q 80 40.24 31.64 17.33
CA LEU Q 80 40.87 30.77 16.34
C LEU Q 80 40.89 31.46 15.00
N ASN Q 81 39.77 32.05 14.59
CA ASN Q 81 39.75 32.77 13.33
C ASN Q 81 40.73 33.93 13.36
N LYS Q 82 40.87 34.58 14.51
CA LYS Q 82 41.83 35.67 14.56
C LYS Q 82 43.25 35.13 14.45
N LYS Q 83 43.51 34.02 15.12
CA LYS Q 83 44.83 33.43 15.00
C LYS Q 83 45.11 33.08 13.55
N VAL Q 84 44.09 32.64 12.83
CA VAL Q 84 44.28 32.33 11.42
C VAL Q 84 44.62 33.59 10.65
N ASP Q 85 43.81 34.63 10.81
CA ASP Q 85 44.06 35.84 10.07
C ASP Q 85 45.41 36.45 10.42
N ASP Q 86 45.76 36.48 11.69
CA ASP Q 86 47.05 37.05 12.06
C ASP Q 86 48.26 36.21 11.63
N GLY Q 87 48.13 34.89 11.62
CA GLY Q 87 49.24 34.07 11.16
C GLY Q 87 49.51 34.33 9.71
N PHE Q 88 48.44 34.44 8.92
CA PHE Q 88 48.60 34.70 7.51
C PHE Q 88 49.21 36.06 7.32
N LEU Q 89 48.78 37.01 8.14
CA LEU Q 89 49.34 38.35 8.05
C LEU Q 89 50.84 38.31 8.32
N ASP Q 90 51.24 37.63 9.38
CA ASP Q 90 52.65 37.54 9.70
C ASP Q 90 53.45 36.83 8.62
N ILE Q 91 52.95 35.72 8.10
CA ILE Q 91 53.70 35.04 7.06
C ILE Q 91 53.88 35.91 5.83
N TRP Q 92 52.79 36.44 5.29
CA TRP Q 92 52.89 37.22 4.07
C TRP Q 92 53.71 38.46 4.29
N THR Q 93 53.61 39.05 5.45
CA THR Q 93 54.37 40.25 5.63
C THR Q 93 55.84 39.93 5.66
N TYR Q 94 56.20 38.90 6.40
CA TYR Q 94 57.61 38.56 6.48
C TYR Q 94 58.12 38.14 5.12
N ASN Q 95 57.41 37.24 4.46
CA ASN Q 95 57.91 36.73 3.21
C ASN Q 95 57.94 37.81 2.13
N ALA Q 96 56.93 38.65 2.05
CA ALA Q 96 56.98 39.70 1.05
C ALA Q 96 58.14 40.64 1.31
N GLU Q 97 58.34 41.01 2.55
CA GLU Q 97 59.43 41.93 2.82
C GLU Q 97 60.76 41.32 2.45
N LEU Q 98 61.00 40.11 2.90
CA LEU Q 98 62.29 39.51 2.65
C LEU Q 98 62.45 39.24 1.16
N LEU Q 99 61.41 38.78 0.51
CA LEU Q 99 61.47 38.52 -0.92
C LEU Q 99 61.94 39.74 -1.68
N VAL Q 100 61.35 40.88 -1.38
CA VAL Q 100 61.71 42.09 -2.07
C VAL Q 100 63.17 42.42 -1.79
N LEU Q 101 63.54 42.40 -0.53
CA LEU Q 101 64.93 42.64 -0.17
C LEU Q 101 65.83 41.74 -1.00
N LEU Q 102 65.55 40.44 -1.08
CA LEU Q 102 66.47 39.56 -1.78
C LEU Q 102 66.50 39.82 -3.25
N GLU Q 103 65.35 40.04 -3.85
CA GLU Q 103 65.40 40.19 -5.27
C GLU Q 103 65.96 41.53 -5.65
N ASN Q 104 65.74 42.54 -4.85
CA ASN Q 104 66.38 43.81 -5.13
C ASN Q 104 67.88 43.66 -5.10
N GLU Q 105 68.38 42.94 -4.13
CA GLU Q 105 69.80 42.70 -4.11
C GLU Q 105 70.24 41.93 -5.30
N ARG Q 106 69.49 40.93 -5.68
CA ARG Q 106 69.89 40.14 -6.81
C ARG Q 106 69.86 40.97 -8.08
N THR Q 107 68.88 41.85 -8.19
CA THR Q 107 68.81 42.72 -9.34
C THR Q 107 70.01 43.64 -9.46
N LEU Q 108 70.46 44.26 -8.38
CA LEU Q 108 71.63 45.12 -8.52
C LEU Q 108 72.89 44.37 -8.92
N ASP Q 109 73.14 43.22 -8.34
CA ASP Q 109 74.27 42.43 -8.80
C ASP Q 109 74.18 42.15 -10.28
N TYR Q 110 72.97 41.89 -10.76
CA TYR Q 110 72.81 41.46 -12.12
C TYR Q 110 73.25 42.56 -13.06
N HIS Q 111 72.74 43.77 -12.86
CA HIS Q 111 73.23 44.87 -13.66
C HIS Q 111 74.73 45.01 -13.54
N ASP Q 112 75.24 44.96 -12.31
CA ASP Q 112 76.68 45.02 -12.09
C ASP Q 112 77.39 43.94 -12.87
N SER Q 113 76.87 42.73 -12.82
CA SER Q 113 77.50 41.70 -13.60
C SER Q 113 77.54 42.03 -15.06
N ASN Q 114 76.43 42.52 -15.62
CA ASN Q 114 76.32 42.84 -17.03
C ASN Q 114 77.30 43.91 -17.48
N VAL Q 115 77.56 44.89 -16.66
CA VAL Q 115 78.48 45.94 -17.04
C VAL Q 115 79.89 45.38 -17.10
N LYS Q 116 80.28 44.68 -16.06
CA LYS Q 116 81.54 43.96 -16.03
C LYS Q 116 81.74 43.13 -17.29
N ASN Q 117 80.76 42.33 -17.68
CA ASN Q 117 80.94 41.45 -18.83
C ASN Q 117 81.14 42.24 -20.10
N LEU Q 118 80.35 43.31 -20.26
CA LEU Q 118 80.51 44.20 -21.40
C LEU Q 118 81.92 44.74 -21.47
N TYR Q 119 82.45 45.21 -20.37
CA TYR Q 119 83.81 45.72 -20.37
C TYR Q 119 84.75 44.63 -20.74
N GLU Q 120 84.56 43.46 -20.18
CA GLU Q 120 85.43 42.35 -20.45
C GLU Q 120 85.38 41.93 -21.92
N LYS Q 121 84.20 41.93 -22.54
CA LYS Q 121 84.14 41.56 -23.96
C LYS Q 121 84.99 42.49 -24.80
N VAL Q 122 84.98 43.78 -24.49
CA VAL Q 122 85.82 44.70 -25.23
C VAL Q 122 87.29 44.51 -24.89
N ARG Q 123 87.62 44.38 -23.61
CA ARG Q 123 89.02 44.26 -23.24
C ARG Q 123 89.61 43.09 -23.95
N SER Q 124 88.86 42.01 -23.98
CA SER Q 124 89.31 40.79 -24.61
C SER Q 124 89.53 40.98 -26.11
N GLN Q 125 88.77 41.86 -26.77
CA GLN Q 125 89.00 42.09 -28.19
C GLN Q 125 90.23 42.92 -28.46
N LEU Q 126 90.34 44.03 -27.76
CA LEU Q 126 91.35 45.02 -28.07
C LEU Q 126 92.75 44.50 -27.79
N LYS Q 127 92.89 43.70 -26.76
CA LYS Q 127 94.18 43.25 -26.26
C LYS Q 127 95.12 44.45 -26.11
N ASN Q 128 96.31 44.42 -26.68
CA ASN Q 128 97.30 45.48 -26.55
C ASN Q 128 97.21 46.52 -27.64
N ASN Q 129 96.14 46.49 -28.42
CA ASN Q 129 95.97 47.54 -29.39
C ASN Q 129 95.41 48.79 -28.75
N ALA Q 130 95.08 48.70 -27.46
CA ALA Q 130 94.60 49.82 -26.68
C ALA Q 130 95.13 49.72 -25.26
N LYS Q 131 94.96 50.79 -24.52
CA LYS Q 131 95.42 50.89 -23.15
C LYS Q 131 94.24 51.02 -22.20
N GLU Q 132 94.19 50.17 -21.19
CA GLU Q 132 93.16 50.27 -20.17
C GLU Q 132 93.49 51.45 -19.26
N ILE Q 133 92.76 52.54 -19.36
CA ILE Q 133 93.12 53.74 -18.63
C ILE Q 133 92.26 53.92 -17.38
N GLY Q 134 91.62 52.86 -16.91
CA GLY Q 134 90.73 52.93 -15.76
C GLY Q 134 89.42 53.63 -16.02
N ASN Q 135 88.55 53.58 -15.04
CA ASN Q 135 87.23 54.17 -15.13
C ASN Q 135 86.47 53.63 -16.32
N GLY Q 136 86.84 52.47 -16.79
CA GLY Q 136 86.10 51.83 -17.85
C GLY Q 136 86.42 52.29 -19.25
N CYS Q 137 87.52 53.00 -19.47
CA CYS Q 137 87.89 53.53 -20.77
C CYS Q 137 89.09 52.82 -21.34
N PHE Q 138 89.12 52.72 -22.66
CA PHE Q 138 90.27 52.21 -23.38
C PHE Q 138 90.73 53.31 -24.30
N GLU Q 139 92.02 53.58 -24.32
CA GLU Q 139 92.58 54.54 -25.25
C GLU Q 139 93.31 53.80 -26.34
N PHE Q 140 92.82 53.93 -27.56
CA PHE Q 140 93.38 53.15 -28.66
C PHE Q 140 94.80 53.56 -29.01
N TYR Q 141 95.63 52.57 -29.29
CA TYR Q 141 96.95 52.84 -29.80
C TYR Q 141 96.99 52.98 -31.33
N HIS Q 142 95.82 53.14 -31.99
CA HIS Q 142 95.75 53.31 -33.44
C HIS Q 142 94.53 54.16 -33.77
N LYS Q 143 94.48 54.70 -34.98
CA LYS Q 143 93.30 55.45 -35.40
C LYS Q 143 92.09 54.55 -35.51
N CYS Q 144 90.99 54.96 -34.90
CA CYS Q 144 89.77 54.17 -34.92
C CYS Q 144 88.60 54.94 -35.50
N ASP Q 145 88.30 54.73 -36.77
CA ASP Q 145 87.20 55.44 -37.40
C ASP Q 145 85.89 54.76 -36.98
N ASN Q 146 84.77 55.31 -37.41
CA ASN Q 146 83.48 54.79 -36.97
C ASN Q 146 83.29 53.32 -37.29
N THR Q 147 83.75 52.89 -38.47
CA THR Q 147 83.68 51.48 -38.81
C THR Q 147 84.39 50.66 -37.77
N CYS Q 148 85.57 51.12 -37.38
CA CYS Q 148 86.33 50.41 -36.37
C CYS Q 148 85.52 50.36 -35.07
N MET Q 149 85.06 51.53 -34.60
CA MET Q 149 84.20 51.61 -33.43
C MET Q 149 83.06 50.60 -33.49
N GLU Q 150 82.37 50.54 -34.62
CA GLU Q 150 81.29 49.56 -34.71
C GLU Q 150 81.79 48.15 -34.61
N SER Q 151 82.95 47.85 -35.18
CA SER Q 151 83.42 46.47 -35.08
C SER Q 151 83.61 46.09 -33.64
N VAL Q 152 84.07 47.03 -32.82
CA VAL Q 152 84.27 46.76 -31.40
C VAL Q 152 82.93 46.51 -30.73
N LYS Q 153 81.96 47.38 -31.00
CA LYS Q 153 80.64 47.18 -30.45
C LYS Q 153 80.03 45.89 -30.93
N ASN Q 154 80.39 45.48 -32.15
CA ASN Q 154 79.83 44.33 -32.83
C ASN Q 154 80.55 43.03 -32.44
N GLY Q 155 81.69 43.12 -31.78
CA GLY Q 155 82.40 41.92 -31.41
C GLY Q 155 83.21 41.34 -32.53
N THR Q 156 83.46 42.13 -33.58
CA THR Q 156 84.28 41.74 -34.71
C THR Q 156 85.47 42.65 -34.96
N TYR Q 157 86.01 43.25 -33.92
CA TYR Q 157 87.19 44.09 -34.07
C TYR Q 157 88.33 43.25 -34.62
N ASP Q 158 89.07 43.79 -35.59
CA ASP Q 158 90.16 43.05 -36.25
C ASP Q 158 91.51 43.35 -35.60
N TYR Q 159 91.85 42.58 -34.55
CA TYR Q 159 93.14 42.78 -33.90
C TYR Q 159 94.32 42.76 -34.87
N PRO Q 160 94.46 41.78 -35.76
CA PRO Q 160 95.65 41.79 -36.61
C PRO Q 160 95.67 42.93 -37.60
N LYS Q 161 94.52 43.46 -37.97
CA LYS Q 161 94.54 44.58 -38.91
C LYS Q 161 95.29 45.79 -38.36
N TYR Q 162 95.18 46.04 -37.07
CA TYR Q 162 95.78 47.23 -36.49
C TYR Q 162 96.99 46.97 -35.62
N SER Q 163 97.43 45.73 -35.50
CA SER Q 163 98.42 45.40 -34.49
C SER Q 163 99.77 46.08 -34.78
N GLU Q 164 100.15 46.18 -36.04
CA GLU Q 164 101.40 46.86 -36.39
C GLU Q 164 101.37 48.33 -36.00
N GLU Q 165 100.35 49.05 -36.49
CA GLU Q 165 100.21 50.46 -36.13
C GLU Q 165 100.20 50.60 -34.62
N ALA Q 166 99.44 49.75 -33.95
CA ALA Q 166 99.37 49.81 -32.49
C ALA Q 166 100.74 49.59 -31.87
N LYS Q 167 101.44 48.55 -32.32
CA LYS Q 167 102.74 48.31 -31.73
C LYS Q 167 103.68 49.49 -31.92
N LEU Q 168 103.54 50.22 -33.03
CA LEU Q 168 104.41 51.38 -33.27
C LEU Q 168 104.20 52.49 -32.25
N ASN Q 169 102.95 52.89 -32.05
CA ASN Q 169 102.70 53.98 -31.12
C ASN Q 169 102.98 53.48 -29.72
N ARG Q 170 102.85 52.18 -29.53
CA ARG Q 170 103.12 51.67 -28.21
C ARG Q 170 104.62 51.54 -28.02
N GLU Q 171 105.36 51.52 -29.12
CA GLU Q 171 106.81 51.45 -29.09
C GLU Q 171 107.30 50.12 -28.54
N GLY R 1 75.49 34.58 -18.56
CA GLY R 1 75.66 33.98 -17.24
C GLY R 1 76.34 34.89 -16.27
N LEU R 2 75.99 34.78 -15.00
CA LEU R 2 76.43 35.79 -14.05
C LEU R 2 77.93 36.05 -14.10
N PHE R 3 78.70 35.02 -14.36
CA PHE R 3 80.14 35.11 -14.34
C PHE R 3 80.79 35.09 -15.71
N GLY R 4 80.02 34.98 -16.77
CA GLY R 4 80.61 35.22 -18.07
C GLY R 4 81.24 34.02 -18.73
N ALA R 5 81.35 32.89 -18.06
CA ALA R 5 81.99 31.73 -18.70
C ALA R 5 80.97 30.92 -19.48
N ILE R 6 80.03 30.27 -18.80
CA ILE R 6 79.10 29.39 -19.49
C ILE R 6 78.21 30.22 -20.39
N ALA R 7 78.11 29.81 -21.65
CA ALA R 7 77.46 30.58 -22.68
C ALA R 7 78.08 31.94 -22.80
N GLY R 8 79.33 32.06 -22.38
CA GLY R 8 79.99 33.33 -22.39
C GLY R 8 81.25 33.22 -23.21
N PHE R 9 82.39 33.46 -22.59
CA PHE R 9 83.64 33.35 -23.33
C PHE R 9 83.97 31.92 -23.67
N ILE R 10 83.29 30.95 -23.07
CA ILE R 10 83.33 29.56 -23.51
C ILE R 10 81.96 29.25 -24.07
N GLU R 11 81.88 29.26 -25.38
CA GLU R 11 80.63 29.38 -26.09
C GLU R 11 79.70 28.17 -25.95
N GLY R 12 80.22 26.97 -26.00
CA GLY R 12 79.35 25.82 -25.99
C GLY R 12 79.87 24.71 -25.12
N GLY R 13 79.05 23.67 -24.98
CA GLY R 13 79.40 22.56 -24.16
C GLY R 13 80.02 21.47 -24.96
N TRP R 14 80.43 20.44 -24.26
CA TRP R 14 81.15 19.31 -24.87
C TRP R 14 80.36 18.04 -24.72
N THR R 15 79.76 17.58 -25.80
CA THR R 15 79.15 16.24 -25.77
C THR R 15 80.19 15.13 -25.60
N GLY R 16 81.47 15.41 -25.83
CA GLY R 16 82.50 14.41 -25.69
C GLY R 16 83.04 14.17 -24.29
N MET R 17 82.84 15.09 -23.36
CA MET R 17 83.19 14.87 -21.97
C MET R 17 82.02 14.33 -21.18
N VAL R 18 81.97 13.02 -21.01
CA VAL R 18 80.79 12.36 -20.47
C VAL R 18 80.94 11.97 -19.02
N ASP R 19 82.15 12.04 -18.48
CA ASP R 19 82.50 11.60 -17.15
C ASP R 19 82.58 12.72 -16.12
N GLY R 20 82.05 13.91 -16.40
CA GLY R 20 82.12 14.93 -15.38
C GLY R 20 81.52 16.22 -15.87
N TRP R 21 81.27 17.10 -14.92
CA TRP R 21 80.65 18.36 -15.25
C TRP R 21 81.62 19.29 -15.92
N TYR R 22 82.79 19.49 -15.35
CA TYR R 22 83.78 20.39 -15.91
C TYR R 22 85.01 19.57 -16.23
N GLY R 23 85.79 20.02 -17.18
CA GLY R 23 87.01 19.28 -17.46
C GLY R 23 87.84 19.83 -18.59
N TYR R 24 88.67 19.02 -19.25
CA TYR R 24 89.71 19.57 -20.09
C TYR R 24 89.70 18.84 -21.40
N HIS R 25 90.03 19.55 -22.47
CA HIS R 25 90.42 18.96 -23.74
C HIS R 25 91.83 19.38 -24.10
N HIS R 26 92.65 18.43 -24.45
CA HIS R 26 94.02 18.71 -24.85
C HIS R 26 94.28 18.13 -26.22
N GLN R 27 95.20 18.73 -26.95
CA GLN R 27 95.83 18.12 -28.12
C GLN R 27 97.32 18.41 -28.07
N ASN R 28 98.13 17.36 -28.05
CA ASN R 28 99.57 17.50 -28.20
C ASN R 28 100.08 16.47 -29.19
N GLU R 29 101.40 16.35 -29.33
CA GLU R 29 101.93 15.48 -30.35
C GLU R 29 101.53 14.04 -30.10
N GLN R 30 101.59 13.57 -28.87
CA GLN R 30 101.21 12.21 -28.61
C GLN R 30 99.70 11.97 -28.51
N GLY R 31 98.82 12.80 -29.00
CA GLY R 31 97.44 12.38 -28.90
C GLY R 31 96.52 13.53 -28.57
N SER R 32 95.24 13.20 -28.35
CA SER R 32 94.23 14.20 -28.02
C SER R 32 93.00 13.55 -27.40
N GLY R 33 92.33 14.29 -26.52
CA GLY R 33 91.10 13.82 -25.90
C GLY R 33 90.60 14.71 -24.77
N TYR R 34 89.42 14.33 -24.26
CA TYR R 34 88.77 14.97 -23.13
C TYR R 34 89.08 14.24 -21.85
N ALA R 35 89.16 14.99 -20.76
CA ALA R 35 89.22 14.39 -19.44
C ALA R 35 88.50 15.28 -18.44
N ALA R 36 87.57 14.69 -17.72
CA ALA R 36 86.86 15.42 -16.69
C ALA R 36 87.80 15.73 -15.54
N ASP R 37 87.62 16.90 -14.95
CA ASP R 37 88.26 17.24 -13.68
C ASP R 37 87.49 16.63 -12.53
N LEU R 38 88.00 15.55 -11.98
CA LEU R 38 87.24 14.81 -10.97
C LEU R 38 87.05 15.58 -9.68
N LYS R 39 88.07 16.29 -9.22
CA LYS R 39 87.96 17.01 -7.96
C LYS R 39 86.89 18.07 -7.98
N SER R 40 86.95 19.03 -8.89
CA SER R 40 85.94 20.08 -8.92
C SER R 40 84.54 19.55 -9.17
N THR R 41 84.40 18.50 -9.97
CA THR R 41 83.08 17.93 -10.20
C THR R 41 82.53 17.35 -8.91
N GLN R 42 83.32 16.59 -8.19
CA GLN R 42 82.77 15.98 -7.00
C GLN R 42 82.37 17.04 -6.00
N ASN R 43 83.17 18.07 -5.86
CA ASN R 43 82.79 19.15 -4.97
C ASN R 43 81.48 19.76 -5.36
N ALA R 44 81.27 20.00 -6.65
CA ALA R 44 80.03 20.62 -7.04
C ALA R 44 78.89 19.68 -6.81
N ILE R 45 79.11 18.42 -7.07
CA ILE R 45 78.07 17.44 -6.84
C ILE R 45 77.72 17.45 -5.38
N ASP R 46 78.72 17.48 -4.53
CA ASP R 46 78.45 17.53 -3.11
C ASP R 46 77.67 18.77 -2.77
N GLY R 47 78.05 19.91 -3.32
CA GLY R 47 77.32 21.13 -3.04
C GLY R 47 75.88 21.07 -3.49
N ILE R 48 75.67 20.63 -4.71
CA ILE R 48 74.31 20.58 -5.23
C ILE R 48 73.52 19.50 -4.53
N THR R 49 74.15 18.40 -4.17
CA THR R 49 73.47 17.37 -3.42
C THR R 49 72.95 17.91 -2.11
N ASN R 50 73.80 18.65 -1.41
CA ASN R 50 73.41 19.22 -0.13
C ASN R 50 72.24 20.16 -0.33
N LYS R 51 72.21 20.86 -1.45
CA LYS R 51 71.13 21.80 -1.70
C LYS R 51 69.80 21.10 -1.91
N VAL R 52 69.78 20.07 -2.77
CA VAL R 52 68.56 19.32 -3.00
C VAL R 52 68.09 18.67 -1.72
N ASN R 53 68.99 18.02 -1.00
CA ASN R 53 68.53 17.39 0.24
C ASN R 53 68.03 18.43 1.20
N SER R 54 68.59 19.62 1.15
CA SER R 54 68.13 20.67 2.04
C SER R 54 66.71 21.06 1.71
N VAL R 55 66.41 21.25 0.44
CA VAL R 55 65.08 21.69 0.05
C VAL R 55 64.06 20.62 0.39
N ILE R 56 64.47 19.35 0.35
CA ILE R 56 63.54 18.26 0.60
C ILE R 56 63.38 17.99 2.08
N GLU R 57 64.48 17.87 2.80
CA GLU R 57 64.39 17.37 4.15
C GLU R 57 64.04 18.43 5.17
N LYS R 58 64.16 19.71 4.87
CA LYS R 58 63.79 20.69 5.87
C LYS R 58 62.29 20.78 6.09
N MET R 59 61.49 20.13 5.26
CA MET R 59 60.03 20.07 5.42
C MET R 59 59.71 18.80 6.18
N ASN R 60 59.42 18.90 7.46
CA ASN R 60 59.12 17.68 8.21
C ASN R 60 57.77 17.87 8.88
N THR R 61 56.76 17.42 8.13
CA THR R 61 55.37 17.56 8.46
C THR R 61 54.94 16.45 9.42
N GLN R 62 53.95 16.76 10.25
CA GLN R 62 53.44 15.78 11.17
C GLN R 62 52.19 15.06 10.61
N PHE R 63 51.79 13.98 11.27
CA PHE R 63 50.62 13.23 10.85
C PHE R 63 49.37 14.05 11.09
N THR R 64 48.65 14.33 10.03
CA THR R 64 47.43 15.10 10.14
C THR R 64 46.41 14.54 9.17
N ALA R 65 45.15 14.82 9.47
CA ALA R 65 44.05 14.52 8.57
C ALA R 65 43.41 15.85 8.20
N VAL R 66 43.55 16.23 6.91
CA VAL R 66 43.14 17.54 6.42
C VAL R 66 41.63 17.73 6.48
N GLY R 67 40.89 16.70 6.07
CA GLY R 67 39.46 16.85 5.91
C GLY R 67 38.78 17.26 7.19
N LYS R 68 37.71 18.02 7.03
CA LYS R 68 36.87 18.37 8.16
C LYS R 68 35.44 18.26 7.63
N GLU R 69 34.51 17.87 8.50
CA GLU R 69 33.11 17.76 8.10
C GLU R 69 32.22 18.68 8.91
N PHE R 70 31.38 19.42 8.22
CA PHE R 70 30.50 20.40 8.83
C PHE R 70 29.08 20.20 8.32
N ASN R 71 28.10 20.44 9.21
CA ASN R 71 26.70 20.32 8.84
C ASN R 71 26.17 21.62 8.26
N HIS R 72 24.91 21.61 7.85
CA HIS R 72 24.36 22.75 7.14
C HIS R 72 24.26 23.99 8.01
N LEU R 73 24.37 23.88 9.33
CA LEU R 73 24.29 25.05 10.19
C LEU R 73 25.64 25.47 10.72
N GLU R 74 26.69 24.99 10.08
CA GLU R 74 28.05 25.30 10.50
C GLU R 74 28.83 25.87 9.31
N LYS R 75 28.13 26.57 8.43
CA LYS R 75 28.77 27.09 7.22
C LYS R 75 29.91 28.04 7.55
N ARG R 76 29.75 28.86 8.60
CA ARG R 76 30.78 29.83 8.91
C ARG R 76 32.09 29.16 9.28
N ILE R 77 32.03 28.14 10.12
CA ILE R 77 33.28 27.46 10.40
C ILE R 77 33.73 26.65 9.22
N GLU R 78 32.78 26.15 8.42
CA GLU R 78 33.19 25.48 7.20
C GLU R 78 33.98 26.40 6.27
N ASN R 79 33.53 27.64 6.12
CA ASN R 79 34.27 28.60 5.32
C ASN R 79 35.57 29.01 6.01
N LEU R 80 35.58 29.01 7.35
CA LEU R 80 36.83 29.22 8.06
C LEU R 80 37.80 28.09 7.74
N ASN R 81 37.33 26.85 7.76
CA ASN R 81 38.23 25.75 7.39
C ASN R 81 38.71 25.92 5.96
N LYS R 82 37.85 26.40 5.08
CA LYS R 82 38.29 26.62 3.71
C LYS R 82 39.28 27.76 3.64
N LYS R 83 39.04 28.83 4.39
CA LYS R 83 40.02 29.92 4.38
C LYS R 83 41.36 29.42 4.82
N VAL R 84 41.36 28.50 5.79
CA VAL R 84 42.61 27.91 6.23
C VAL R 84 43.22 27.08 5.13
N ASP R 85 42.45 26.19 4.55
CA ASP R 85 42.97 25.33 3.53
C ASP R 85 43.45 26.14 2.34
N ASP R 86 42.69 27.15 1.95
CA ASP R 86 43.08 28.00 0.83
C ASP R 86 44.29 28.88 1.15
N GLY R 87 44.41 29.33 2.40
CA GLY R 87 45.56 30.13 2.77
C GLY R 87 46.84 29.35 2.68
N PHE R 88 46.82 28.11 3.15
CA PHE R 88 48.02 27.32 3.09
C PHE R 88 48.37 27.06 1.65
N LEU R 89 47.37 26.80 0.84
CA LEU R 89 47.60 26.52 -0.57
C LEU R 89 48.30 27.69 -1.23
N ASP R 90 47.80 28.90 -0.98
CA ASP R 90 48.44 30.06 -1.57
C ASP R 90 49.89 30.21 -1.07
N ILE R 91 50.11 30.06 0.23
CA ILE R 91 51.45 30.19 0.79
C ILE R 91 52.39 29.16 0.19
N TRP R 92 52.02 27.90 0.27
CA TRP R 92 52.93 26.88 -0.23
C TRP R 92 53.15 27.03 -1.71
N THR R 93 52.13 27.43 -2.42
CA THR R 93 52.31 27.53 -3.84
C THR R 93 53.24 28.67 -4.17
N TYR R 94 53.07 29.81 -3.53
CA TYR R 94 53.92 30.92 -3.85
C TYR R 94 55.37 30.59 -3.49
N ASN R 95 55.60 30.08 -2.28
CA ASN R 95 56.96 29.82 -1.84
C ASN R 95 57.62 28.68 -2.62
N ALA R 96 56.89 27.61 -2.90
CA ALA R 96 57.49 26.55 -3.68
C ALA R 96 57.87 27.04 -5.06
N GLU R 97 57.00 27.81 -5.69
CA GLU R 97 57.32 28.30 -7.02
C GLU R 97 58.53 29.20 -6.99
N LEU R 98 58.53 30.18 -6.09
CA LEU R 98 59.64 31.13 -6.04
C LEU R 98 60.92 30.47 -5.57
N LEU R 99 60.84 29.60 -4.58
CA LEU R 99 62.03 28.92 -4.12
C LEU R 99 62.74 28.23 -5.27
N VAL R 100 62.00 27.51 -6.08
CA VAL R 100 62.61 26.80 -7.18
C VAL R 100 63.21 27.80 -8.16
N LEU R 101 62.46 28.81 -8.54
CA LEU R 101 62.99 29.83 -9.42
C LEU R 101 64.30 30.37 -8.87
N LEU R 102 64.35 30.69 -7.58
CA LEU R 102 65.57 31.30 -7.07
C LEU R 102 66.70 30.31 -7.03
N GLU R 103 66.45 29.08 -6.61
CA GLU R 103 67.59 28.19 -6.53
C GLU R 103 68.03 27.74 -7.88
N ASN R 104 67.12 27.60 -8.81
CA ASN R 104 67.58 27.27 -10.14
C ASN R 104 68.48 28.34 -10.67
N GLU R 105 68.15 29.58 -10.43
CA GLU R 105 69.03 30.64 -10.88
C GLU R 105 70.39 30.53 -10.19
N ARG R 106 70.39 30.25 -8.89
CA ARG R 106 71.63 30.16 -8.13
C ARG R 106 72.46 28.96 -8.56
N THR R 107 71.82 27.85 -8.88
CA THR R 107 72.52 26.68 -9.35
C THR R 107 73.25 26.90 -10.65
N LEU R 108 72.62 27.53 -11.63
CA LEU R 108 73.33 27.79 -12.87
C LEU R 108 74.50 28.74 -12.67
N ASP R 109 74.31 29.79 -11.90
CA ASP R 109 75.41 30.68 -11.57
C ASP R 109 76.56 29.89 -10.94
N TYR R 110 76.25 28.90 -10.13
CA TYR R 110 77.30 28.20 -9.40
C TYR R 110 78.18 27.47 -10.41
N HIS R 111 77.55 26.72 -11.32
CA HIS R 111 78.32 26.11 -12.39
C HIS R 111 79.12 27.12 -13.16
N ASP R 112 78.49 28.23 -13.52
CA ASP R 112 79.23 29.29 -14.20
C ASP R 112 80.46 29.69 -13.43
N SER R 113 80.31 29.89 -12.13
CA SER R 113 81.45 30.23 -11.31
C SER R 113 82.54 29.18 -11.33
N ASN R 114 82.18 27.91 -11.22
CA ASN R 114 83.16 26.84 -11.20
C ASN R 114 83.97 26.78 -12.48
N VAL R 115 83.35 27.03 -13.62
CA VAL R 115 84.10 26.96 -14.85
C VAL R 115 85.06 28.12 -14.95
N LYS R 116 84.55 29.32 -14.72
CA LYS R 116 85.39 30.50 -14.64
C LYS R 116 86.58 30.22 -13.74
N ASN R 117 86.34 29.70 -12.55
CA ASN R 117 87.44 29.48 -11.63
C ASN R 117 88.42 28.45 -12.15
N LEU R 118 87.91 27.37 -12.72
CA LEU R 118 88.80 26.38 -13.32
C LEU R 118 89.69 27.04 -14.34
N TYR R 119 89.10 27.87 -15.18
CA TYR R 119 89.90 28.54 -16.19
C TYR R 119 90.94 29.41 -15.52
N GLU R 120 90.55 30.14 -14.50
CA GLU R 120 91.48 31.01 -13.83
C GLU R 120 92.61 30.23 -13.17
N LYS R 121 92.32 29.07 -12.58
CA LYS R 121 93.39 28.27 -11.97
C LYS R 121 94.43 27.86 -13.01
N VAL R 122 94.00 27.53 -14.23
CA VAL R 122 94.95 27.21 -15.26
C VAL R 122 95.70 28.44 -15.73
N ARG R 123 95.00 29.53 -15.98
CA ARG R 123 95.68 30.73 -16.48
C ARG R 123 96.76 31.13 -15.50
N SER R 124 96.45 31.09 -14.21
CA SER R 124 97.37 31.47 -13.16
C SER R 124 98.60 30.57 -13.12
N GLN R 125 98.47 29.30 -13.48
CA GLN R 125 99.67 28.45 -13.50
C GLN R 125 100.53 28.78 -14.70
N LEU R 126 99.93 28.87 -15.88
CA LEU R 126 100.68 28.98 -17.10
C LEU R 126 101.37 30.33 -17.20
N LYS R 127 100.74 31.37 -16.70
CA LYS R 127 101.20 32.74 -16.88
C LYS R 127 101.48 32.95 -18.37
N ASN R 128 102.65 33.40 -18.77
CA ASN R 128 102.97 33.69 -20.15
C ASN R 128 103.59 32.51 -20.87
N ASN R 129 103.54 31.33 -20.32
CA ASN R 129 104.06 30.20 -21.06
C ASN R 129 103.09 29.72 -22.11
N ALA R 130 101.92 30.31 -22.17
CA ALA R 130 100.96 29.98 -23.21
C ALA R 130 100.25 31.26 -23.59
N LYS R 131 99.50 31.19 -24.67
CA LYS R 131 98.76 32.33 -25.18
C LYS R 131 97.27 32.08 -25.06
N GLU R 132 96.54 33.03 -24.46
CA GLU R 132 95.10 32.92 -24.36
C GLU R 132 94.45 33.17 -25.70
N ILE R 133 93.99 32.11 -26.34
CA ILE R 133 93.48 32.21 -27.69
C ILE R 133 91.97 32.24 -27.70
N GLY R 134 91.35 32.57 -26.58
CA GLY R 134 89.90 32.58 -26.49
C GLY R 134 89.17 31.26 -26.47
N ASN R 135 87.88 31.32 -26.25
CA ASN R 135 87.02 30.16 -26.13
C ASN R 135 87.52 29.22 -25.06
N GLY R 136 88.28 29.72 -24.10
CA GLY R 136 88.68 28.86 -23.02
C GLY R 136 89.86 27.98 -23.29
N CYS R 137 90.62 28.27 -24.33
CA CYS R 137 91.75 27.47 -24.75
C CYS R 137 93.07 28.16 -24.51
N PHE R 138 94.10 27.40 -24.21
CA PHE R 138 95.44 27.97 -24.11
C PHE R 138 96.32 27.27 -25.12
N GLU R 139 97.09 28.05 -25.86
CA GLU R 139 98.08 27.54 -26.81
C GLU R 139 99.46 27.70 -26.21
N PHE R 140 100.12 26.58 -25.96
CA PHE R 140 101.42 26.58 -25.29
C PHE R 140 102.53 27.17 -26.16
N TYR R 141 103.41 27.95 -25.53
CA TYR R 141 104.60 28.42 -26.21
C TYR R 141 105.74 27.41 -26.08
N HIS R 142 105.45 26.19 -25.68
CA HIS R 142 106.48 25.16 -25.56
C HIS R 142 105.83 23.80 -25.80
N LYS R 143 106.64 22.79 -26.06
CA LYS R 143 106.09 21.44 -26.21
C LYS R 143 105.50 20.94 -24.91
N CYS R 144 104.27 20.45 -24.96
CA CYS R 144 103.61 19.97 -23.75
C CYS R 144 103.14 18.52 -23.89
N ASP R 145 103.93 17.59 -23.38
CA ASP R 145 103.59 16.18 -23.46
C ASP R 145 102.57 15.80 -22.39
N ASN R 146 102.15 14.54 -22.41
CA ASN R 146 101.11 14.10 -21.49
C ASN R 146 101.49 14.34 -20.04
N THR R 147 102.75 14.09 -19.70
CA THR R 147 103.20 14.38 -18.34
C THR R 147 102.97 15.83 -17.99
N CYS R 148 103.33 16.71 -18.92
CA CYS R 148 103.15 18.12 -18.70
C CYS R 148 101.67 18.43 -18.52
N MET R 149 100.86 18.00 -19.47
CA MET R 149 99.41 18.14 -19.38
C MET R 149 98.84 17.71 -18.02
N GLU R 150 99.23 16.53 -17.54
CA GLU R 150 98.71 16.09 -16.26
C GLU R 150 99.10 17.02 -15.14
N SER R 151 100.32 17.55 -15.16
CA SER R 151 100.67 18.47 -14.09
C SER R 151 99.74 19.67 -14.10
N VAL R 152 99.35 20.11 -15.28
CA VAL R 152 98.44 21.24 -15.35
C VAL R 152 97.09 20.89 -14.75
N LYS R 153 96.52 19.74 -15.12
CA LYS R 153 95.24 19.40 -14.52
C LYS R 153 95.31 19.23 -13.02
N ASN R 154 96.45 18.75 -12.50
CA ASN R 154 96.58 18.49 -11.08
C ASN R 154 97.05 19.75 -10.37
N GLY R 155 97.43 20.78 -11.12
CA GLY R 155 97.89 21.98 -10.46
C GLY R 155 99.32 22.00 -9.99
N THR R 156 100.16 21.14 -10.53
CA THR R 156 101.57 21.13 -10.18
C THR R 156 102.43 21.42 -11.39
N TYR R 157 101.92 22.23 -12.31
CA TYR R 157 102.68 22.62 -13.50
C TYR R 157 103.94 23.37 -13.10
N ASP R 158 105.06 23.02 -13.73
CA ASP R 158 106.36 23.61 -13.40
C ASP R 158 106.65 24.76 -14.34
N TYR R 159 106.20 25.95 -14.01
CA TYR R 159 106.51 27.10 -14.87
C TYR R 159 107.98 27.26 -15.23
N PRO R 160 108.93 27.25 -14.28
CA PRO R 160 110.32 27.49 -14.69
C PRO R 160 110.94 26.39 -15.54
N LYS R 161 110.44 25.17 -15.44
CA LYS R 161 111.00 24.07 -16.24
C LYS R 161 110.90 24.36 -17.72
N TYR R 162 109.83 24.99 -18.14
CA TYR R 162 109.58 25.23 -19.53
C TYR R 162 109.78 26.68 -19.88
N SER R 163 110.17 27.50 -18.91
CA SER R 163 110.15 28.94 -19.12
C SER R 163 111.13 29.40 -20.18
N GLU R 164 112.32 28.78 -20.24
CA GLU R 164 113.29 29.14 -21.28
C GLU R 164 112.78 28.84 -22.69
N GLU R 165 112.38 27.58 -22.94
CA GLU R 165 111.85 27.21 -24.25
C GLU R 165 110.72 28.12 -24.69
N ALA R 166 109.79 28.39 -23.79
CA ALA R 166 108.65 29.25 -24.11
C ALA R 166 109.08 30.65 -24.53
N LYS R 167 109.98 31.27 -23.76
CA LYS R 167 110.40 32.61 -24.10
C LYS R 167 111.04 32.70 -25.48
N LEU R 168 111.71 31.65 -25.92
CA LEU R 168 112.31 31.64 -27.25
C LEU R 168 111.24 31.69 -28.32
N ASN R 169 110.26 30.81 -28.21
CA ASN R 169 109.17 30.76 -29.17
C ASN R 169 108.31 31.99 -29.04
N ARG R 170 108.30 32.63 -27.88
CA ARG R 170 107.47 33.82 -27.75
C ARG R 170 108.17 34.99 -28.39
N GLU R 171 109.43 34.83 -28.74
CA GLU R 171 110.18 35.92 -29.31
C GLU R 171 110.66 35.55 -30.69
N GLY S 4 -102.87 -53.40 -26.94
CA GLY S 4 -102.40 -54.31 -25.90
C GLY S 4 -101.98 -53.64 -24.60
N ASP S 5 -101.88 -54.42 -23.51
CA ASP S 5 -101.42 -53.89 -22.23
C ASP S 5 -99.96 -53.47 -22.27
N THR S 6 -99.57 -52.43 -21.51
CA THR S 6 -98.20 -51.95 -21.58
C THR S 6 -97.63 -51.82 -20.18
N LEU S 7 -96.32 -52.02 -20.07
CA LEU S 7 -95.59 -51.74 -18.84
C LEU S 7 -94.36 -50.93 -19.21
N CYS S 8 -94.24 -49.75 -18.65
CA CYS S 8 -93.13 -48.85 -18.92
C CYS S 8 -92.24 -48.63 -17.71
N ILE S 9 -90.98 -48.49 -17.95
CA ILE S 9 -90.00 -48.10 -16.95
C ILE S 9 -89.78 -46.60 -17.06
N GLY S 10 -89.56 -45.93 -15.95
CA GLY S 10 -89.41 -44.50 -16.02
C GLY S 10 -88.73 -43.98 -14.78
N TYR S 11 -88.65 -42.67 -14.68
CA TYR S 11 -87.95 -42.09 -13.55
C TYR S 11 -88.62 -40.82 -13.06
N HIS S 12 -88.38 -40.50 -11.82
CA HIS S 12 -89.02 -39.36 -11.19
C HIS S 12 -88.67 -38.04 -11.85
N ALA S 13 -89.66 -37.14 -11.97
CA ALA S 13 -89.44 -35.72 -12.27
C ALA S 13 -90.29 -34.87 -11.34
N ASN S 14 -89.88 -33.64 -11.07
CA ASN S 14 -90.72 -32.83 -10.21
C ASN S 14 -90.58 -31.38 -10.63
N ASN S 15 -91.03 -30.45 -9.78
CA ASN S 15 -91.05 -29.02 -10.05
C ASN S 15 -89.77 -28.30 -9.65
N SER S 16 -88.79 -29.03 -9.18
CA SER S 16 -87.56 -28.49 -8.66
C SER S 16 -86.87 -27.67 -9.73
N THR S 17 -86.24 -26.60 -9.28
CA THR S 17 -85.40 -25.80 -10.15
C THR S 17 -83.93 -25.76 -9.72
N ASP S 18 -83.53 -26.60 -8.77
CA ASP S 18 -82.12 -26.71 -8.39
C ASP S 18 -81.23 -27.02 -9.58
N THR S 19 -80.18 -26.24 -9.75
CA THR S 19 -79.18 -26.56 -10.75
C THR S 19 -77.89 -26.98 -10.07
N VAL S 20 -77.10 -27.82 -10.74
CA VAL S 20 -75.76 -28.21 -10.30
C VAL S 20 -74.89 -28.15 -11.53
N ASP S 21 -73.61 -27.99 -11.31
CA ASP S 21 -72.65 -28.07 -12.40
C ASP S 21 -72.05 -29.46 -12.44
N THR S 22 -71.77 -29.97 -13.62
CA THR S 22 -71.08 -31.24 -13.73
C THR S 22 -69.87 -31.03 -14.61
N VAL S 23 -68.96 -31.99 -14.63
CA VAL S 23 -67.73 -31.75 -15.38
C VAL S 23 -68.01 -31.55 -16.87
N LEU S 24 -69.06 -32.16 -17.40
CA LEU S 24 -69.43 -32.04 -18.81
C LEU S 24 -70.46 -30.99 -19.08
N GLU S 25 -71.19 -30.53 -18.10
CA GLU S 25 -72.31 -29.67 -18.41
C GLU S 25 -72.67 -28.77 -17.25
N LYS S 26 -72.87 -27.48 -17.53
CA LYS S 26 -73.26 -26.49 -16.54
C LYS S 26 -74.79 -26.36 -16.43
N ASN S 27 -75.27 -25.94 -15.24
CA ASN S 27 -76.68 -25.67 -14.97
C ASN S 27 -77.57 -26.84 -15.31
N VAL S 28 -77.26 -27.99 -14.76
CA VAL S 28 -78.16 -29.11 -14.97
C VAL S 28 -79.25 -29.07 -13.91
N THR S 29 -80.50 -29.02 -14.33
CA THR S 29 -81.57 -29.02 -13.37
C THR S 29 -81.79 -30.43 -12.83
N VAL S 30 -81.75 -30.57 -11.51
CA VAL S 30 -81.86 -31.85 -10.85
C VAL S 30 -83.04 -31.80 -9.93
N THR S 31 -83.55 -32.95 -9.53
CA THR S 31 -84.78 -32.86 -8.78
C THR S 31 -84.50 -32.45 -7.35
N HIS S 32 -83.32 -32.72 -6.83
CA HIS S 32 -82.99 -32.26 -5.50
C HIS S 32 -81.48 -32.19 -5.43
N SER S 33 -80.97 -31.45 -4.47
CA SER S 33 -79.54 -31.26 -4.35
C SER S 33 -79.30 -30.76 -2.94
N VAL S 34 -78.05 -30.82 -2.50
CA VAL S 34 -77.70 -30.36 -1.17
C VAL S 34 -76.52 -29.43 -1.26
N ASN S 35 -76.53 -28.40 -0.43
CA ASN S 35 -75.47 -27.43 -0.44
C ASN S 35 -74.34 -27.87 0.45
N LEU S 36 -73.13 -27.70 -0.03
CA LEU S 36 -71.93 -27.99 0.73
C LEU S 36 -71.30 -26.72 1.23
N LEU S 37 -71.78 -25.58 0.81
CA LEU S 37 -71.13 -24.31 1.07
C LEU S 37 -71.95 -23.55 2.08
N GLU S 38 -71.42 -23.35 3.28
CA GLU S 38 -72.10 -22.44 4.20
C GLU S 38 -71.77 -21.02 3.76
N ASP S 39 -72.81 -20.26 3.40
CA ASP S 39 -72.68 -18.90 2.86
C ASP S 39 -73.58 -17.89 3.55
N LYS S 40 -74.00 -18.12 4.78
CA LYS S 40 -74.78 -17.16 5.51
C LYS S 40 -74.34 -17.16 6.97
N HIS S 41 -74.48 -16.01 7.64
CA HIS S 41 -74.09 -15.89 9.04
C HIS S 41 -75.19 -15.15 9.81
N ASN S 42 -75.07 -15.14 11.14
CA ASN S 42 -76.09 -14.55 11.99
C ASN S 42 -75.77 -13.11 12.39
N GLY S 43 -74.70 -12.54 11.87
CA GLY S 43 -74.48 -11.14 12.14
C GLY S 43 -74.21 -10.80 13.58
N LYS S 44 -73.90 -11.78 14.43
CA LYS S 44 -73.71 -11.55 15.85
C LYS S 44 -72.33 -12.04 16.22
N LEU S 45 -71.78 -11.48 17.29
CA LEU S 45 -70.58 -12.02 17.91
C LEU S 45 -71.03 -12.81 19.11
N CYS S 46 -70.82 -14.10 19.05
CA CYS S 46 -71.39 -15.03 20.00
C CYS S 46 -70.41 -15.64 20.98
N LYS S 47 -70.99 -16.42 21.89
CA LYS S 47 -70.23 -17.19 22.86
C LYS S 47 -69.59 -18.36 22.14
N LEU S 48 -68.36 -18.64 22.51
CA LEU S 48 -67.60 -19.73 21.93
C LEU S 48 -67.33 -20.69 23.08
N ARG S 49 -67.61 -21.96 22.87
CA ARG S 49 -67.52 -22.95 23.95
C ARG S 49 -68.50 -22.61 25.05
N GLY S 50 -69.49 -21.77 24.75
CA GLY S 50 -70.42 -21.34 25.75
C GLY S 50 -69.88 -20.24 26.63
N VAL S 51 -68.78 -19.62 26.23
CA VAL S 51 -68.14 -18.56 27.01
C VAL S 51 -68.15 -17.27 26.21
N ALA S 52 -68.59 -16.19 26.84
CA ALA S 52 -68.72 -14.93 26.14
C ALA S 52 -67.36 -14.34 25.82
N PRO S 53 -67.25 -13.59 24.73
CA PRO S 53 -66.03 -12.86 24.46
C PRO S 53 -65.88 -11.73 25.44
N LEU S 54 -64.66 -11.27 25.59
CA LEU S 54 -64.44 -10.02 26.29
C LEU S 54 -64.61 -8.88 25.31
N HIS S 55 -65.56 -7.99 25.56
CA HIS S 55 -65.78 -6.85 24.69
C HIS S 55 -65.19 -5.62 25.34
N LEU S 56 -64.36 -4.90 24.59
CA LEU S 56 -63.60 -3.78 25.12
C LEU S 56 -64.18 -2.43 24.74
N GLY S 57 -65.34 -2.40 24.09
CA GLY S 57 -65.94 -1.15 23.71
C GLY S 57 -64.99 -0.28 22.92
N LYS S 58 -64.72 0.94 23.39
CA LYS S 58 -63.89 1.92 22.68
C LYS S 58 -62.41 1.87 23.05
N CYS S 59 -62.03 0.93 23.90
CA CYS S 59 -60.66 0.70 24.31
C CYS S 59 -60.00 -0.41 23.51
N ASN S 60 -58.67 -0.37 23.46
CA ASN S 60 -57.93 -1.51 22.95
C ASN S 60 -57.32 -2.22 24.14
N ILE S 61 -56.62 -3.31 23.88
CA ILE S 61 -56.09 -4.14 24.96
C ILE S 61 -55.08 -3.38 25.81
N ALA S 62 -54.23 -2.58 25.18
CA ALA S 62 -53.27 -1.77 25.92
C ALA S 62 -53.99 -0.91 26.95
N GLY S 63 -54.93 -0.09 26.48
CA GLY S 63 -55.69 0.74 27.40
C GLY S 63 -56.39 -0.06 28.49
N TRP S 64 -57.01 -1.18 28.10
CA TRP S 64 -57.74 -2.00 29.07
C TRP S 64 -56.81 -2.58 30.12
N ILE S 65 -55.73 -3.22 29.69
CA ILE S 65 -54.92 -3.93 30.66
C ILE S 65 -54.13 -2.95 31.51
N LEU S 66 -53.90 -1.75 31.01
CA LEU S 66 -53.24 -0.75 31.82
C LEU S 66 -54.22 0.01 32.70
N GLY S 67 -55.49 0.02 32.31
CA GLY S 67 -56.50 0.72 33.09
C GLY S 67 -56.62 2.17 32.68
N ASN S 68 -56.48 2.47 31.38
CA ASN S 68 -56.82 3.77 30.79
C ASN S 68 -58.12 4.27 31.38
N PRO S 69 -58.13 5.51 31.87
CA PRO S 69 -59.31 6.01 32.59
C PRO S 69 -60.58 5.91 31.78
N GLU S 70 -60.49 5.92 30.45
CA GLU S 70 -61.69 5.77 29.64
C GLU S 70 -62.22 4.34 29.65
N CYS S 71 -61.50 3.38 30.25
CA CYS S 71 -61.89 1.98 30.25
C CYS S 71 -62.37 1.50 31.61
N GLU S 72 -62.37 2.39 32.61
CA GLU S 72 -62.74 2.01 33.97
C GLU S 72 -64.15 1.42 34.03
N SER S 73 -65.03 1.90 33.15
CA SER S 73 -66.44 1.51 33.15
C SER S 73 -66.67 0.15 32.52
N LEU S 74 -65.69 -0.43 31.85
CA LEU S 74 -65.86 -1.75 31.27
C LEU S 74 -66.00 -2.79 32.38
N SER S 75 -66.89 -3.75 32.16
CA SER S 75 -66.99 -4.90 33.02
C SER S 75 -66.07 -5.99 32.49
N THR S 76 -65.35 -6.65 33.41
CA THR S 76 -64.41 -7.70 33.04
C THR S 76 -64.74 -8.97 33.83
N ALA S 77 -65.31 -9.95 33.15
CA ALA S 77 -65.64 -11.25 33.72
C ALA S 77 -64.37 -11.98 34.17
N SER S 78 -64.53 -13.15 34.79
CA SER S 78 -63.38 -13.93 35.24
C SER S 78 -62.88 -14.88 34.18
N SER S 79 -63.54 -14.94 33.02
CA SER S 79 -63.11 -15.77 31.92
C SER S 79 -63.73 -15.25 30.64
N TRP S 80 -63.13 -15.62 29.52
CA TRP S 80 -63.65 -15.19 28.23
C TRP S 80 -62.99 -16.02 27.14
N SER S 81 -63.70 -16.18 26.03
CA SER S 81 -63.30 -17.12 24.99
C SER S 81 -62.50 -16.47 23.88
N TYR S 82 -62.73 -15.19 23.63
CA TYR S 82 -61.89 -14.41 22.74
C TYR S 82 -62.06 -12.97 23.17
N ILE S 83 -61.34 -12.08 22.49
CA ILE S 83 -61.43 -10.67 22.77
C ILE S 83 -62.02 -9.98 21.55
N VAL S 84 -62.84 -8.97 21.79
CA VAL S 84 -63.40 -8.17 20.71
C VAL S 84 -62.92 -6.73 20.85
N GLU S 85 -62.37 -6.19 19.78
CA GLU S 85 -62.14 -4.77 19.72
C GLU S 85 -63.03 -4.19 18.62
N THR S 86 -63.24 -2.91 18.67
CA THR S 86 -63.93 -2.31 17.55
C THR S 86 -62.90 -1.64 16.66
N PRO S 87 -63.23 -1.37 15.40
CA PRO S 87 -62.25 -0.71 14.54
C PRO S 87 -61.91 0.70 14.98
N SER S 88 -62.73 1.31 15.82
CA SER S 88 -62.48 2.66 16.30
C SER S 88 -61.96 2.67 17.73
N SER S 89 -61.66 1.49 18.28
CA SER S 89 -61.13 1.38 19.64
C SER S 89 -59.68 1.79 19.64
N ASP S 90 -59.39 3.02 20.06
CA ASP S 90 -58.00 3.47 20.14
C ASP S 90 -57.67 4.21 21.44
N ASN S 91 -58.54 4.15 22.46
CA ASN S 91 -58.12 4.60 23.78
C ASN S 91 -57.19 3.54 24.32
N GLY S 92 -55.90 3.77 24.14
CA GLY S 92 -54.87 2.82 24.49
C GLY S 92 -53.89 3.41 25.46
N THR S 93 -52.63 3.53 25.04
CA THR S 93 -51.62 4.18 25.86
C THR S 93 -51.79 5.68 25.73
N CYS S 94 -52.50 6.26 26.70
CA CYS S 94 -52.75 7.69 26.65
C CYS S 94 -51.48 8.50 26.92
N TYR S 95 -50.50 7.94 27.61
CA TYR S 95 -49.19 8.54 27.62
C TYR S 95 -48.34 7.84 26.58
N PRO S 96 -47.83 8.57 25.60
CA PRO S 96 -47.17 7.94 24.46
C PRO S 96 -45.89 7.22 24.85
N GLY S 97 -45.61 6.16 24.10
CA GLY S 97 -44.43 5.36 24.29
C GLY S 97 -44.63 4.01 23.63
N ASP S 98 -43.70 3.11 23.89
CA ASP S 98 -43.76 1.77 23.33
C ASP S 98 -44.29 0.75 24.33
N PHE S 99 -45.19 -0.12 23.86
CA PHE S 99 -45.66 -1.27 24.63
C PHE S 99 -44.86 -2.47 24.13
N ILE S 100 -43.95 -2.97 24.96
CA ILE S 100 -43.01 -3.99 24.53
C ILE S 100 -43.69 -5.35 24.36
N ASP S 101 -43.39 -6.02 23.25
CA ASP S 101 -44.01 -7.28 22.88
C ASP S 101 -45.52 -7.22 22.98
N TYR S 102 -46.07 -6.13 22.45
CA TYR S 102 -47.51 -5.91 22.56
C TYR S 102 -48.30 -7.05 21.92
N GLU S 103 -47.91 -7.45 20.72
CA GLU S 103 -48.65 -8.48 20.02
C GLU S 103 -48.57 -9.81 20.74
N GLU S 104 -47.42 -10.14 21.32
CA GLU S 104 -47.32 -11.35 22.11
C GLU S 104 -48.28 -11.32 23.28
N LEU S 105 -48.41 -10.18 23.95
CA LEU S 105 -49.31 -10.10 25.09
C LEU S 105 -50.76 -10.29 24.68
N ARG S 106 -51.16 -9.64 23.58
CA ARG S 106 -52.52 -9.76 23.08
C ARG S 106 -52.90 -11.21 22.84
N GLU S 107 -52.04 -11.94 22.15
CA GLU S 107 -52.30 -13.35 21.92
C GLU S 107 -52.40 -14.11 23.24
N GLN S 108 -51.53 -13.79 24.21
CA GLN S 108 -51.60 -14.45 25.51
C GLN S 108 -52.94 -14.23 26.20
N LEU S 109 -53.52 -13.05 26.06
CA LEU S 109 -54.72 -12.69 26.79
C LEU S 109 -55.98 -13.01 26.03
N SER S 110 -55.84 -13.44 24.78
CA SER S 110 -56.99 -13.58 23.91
C SER S 110 -58.04 -14.48 24.52
N SER S 111 -57.63 -15.52 25.24
CA SER S 111 -58.60 -16.37 25.92
C SER S 111 -58.03 -16.84 27.25
N VAL S 112 -58.87 -16.75 28.28
CA VAL S 112 -58.46 -16.91 29.67
C VAL S 112 -59.56 -17.63 30.43
N SER S 113 -59.20 -18.69 31.17
CA SER S 113 -60.18 -19.46 31.92
C SER S 113 -60.39 -18.92 33.31
N SER S 114 -59.43 -18.17 33.83
CA SER S 114 -59.52 -17.53 35.13
C SER S 114 -58.75 -16.24 35.04
N PHE S 115 -59.32 -15.19 35.62
CA PHE S 115 -58.72 -13.87 35.56
C PHE S 115 -59.17 -13.06 36.77
N GLU S 116 -58.22 -12.71 37.64
CA GLU S 116 -58.52 -12.00 38.88
C GLU S 116 -57.59 -10.81 39.06
N ARG S 117 -58.15 -9.61 38.92
CA ARG S 117 -57.43 -8.38 39.23
C ARG S 117 -57.25 -8.28 40.75
N PHE S 118 -56.05 -7.94 41.21
CA PHE S 118 -55.81 -7.72 42.62
C PHE S 118 -54.77 -6.62 42.78
N GLU S 119 -54.81 -5.95 43.94
CA GLU S 119 -53.89 -4.84 44.20
C GLU S 119 -52.56 -5.40 44.70
N ILE S 120 -51.65 -5.58 43.75
CA ILE S 120 -50.35 -6.19 44.03
C ILE S 120 -49.53 -5.34 44.99
N PHE S 121 -49.54 -4.02 44.81
CA PHE S 121 -48.87 -3.10 45.72
C PHE S 121 -49.88 -2.06 46.18
N PRO S 122 -50.49 -2.26 47.34
CA PRO S 122 -51.53 -1.34 47.81
C PRO S 122 -51.05 0.11 47.80
N LYS S 123 -51.85 0.98 47.18
CA LYS S 123 -51.45 2.38 47.08
C LYS S 123 -51.24 2.99 48.46
N THR S 124 -52.03 2.57 49.44
CA THR S 124 -52.04 3.23 50.73
C THR S 124 -50.83 2.87 51.61
N SER S 125 -50.26 1.67 51.47
CA SER S 125 -49.20 1.25 52.36
C SER S 125 -47.86 1.01 51.70
N SER S 126 -47.83 0.81 50.38
CA SER S 126 -46.62 0.32 49.72
C SER S 126 -45.50 1.34 49.63
N TRP S 127 -45.81 2.63 49.53
CA TRP S 127 -44.80 3.64 49.17
C TRP S 127 -44.69 4.75 50.21
N PRO S 128 -44.26 4.42 51.42
CA PRO S 128 -44.17 5.45 52.47
C PRO S 128 -43.15 6.52 52.16
N ASN S 129 -42.15 6.22 51.34
CA ASN S 129 -41.08 7.16 51.09
C ASN S 129 -41.19 7.87 49.75
N HIS S 130 -42.28 7.66 49.04
CA HIS S 130 -42.47 8.33 47.77
C HIS S 130 -43.88 8.90 47.70
N ASP S 131 -44.08 9.82 46.74
CA ASP S 131 -45.37 10.45 46.51
C ASP S 131 -46.16 9.67 45.48
N SER S 132 -47.31 9.13 45.90
CA SER S 132 -48.18 8.34 45.03
C SER S 132 -49.44 9.09 44.63
N ASN S 133 -49.42 10.40 44.71
CA ASN S 133 -50.58 11.19 44.35
C ASN S 133 -50.34 12.17 43.22
N LYS S 134 -49.12 12.71 43.10
CA LYS S 134 -48.82 13.72 42.10
C LYS S 134 -48.68 13.14 40.70
N GLY S 135 -48.65 11.82 40.56
CA GLY S 135 -48.42 11.25 39.25
C GLY S 135 -49.64 11.25 38.33
N VAL S 136 -50.10 12.43 37.93
CA VAL S 136 -51.22 12.56 37.00
C VAL S 136 -50.78 13.47 35.86
N THR S 137 -51.52 13.42 34.76
CA THR S 137 -51.09 14.12 33.57
C THR S 137 -52.29 14.43 32.72
N ALA S 138 -52.19 15.53 31.97
CA ALA S 138 -53.28 15.93 31.09
C ALA S 138 -53.40 14.98 29.91
N ALA S 139 -52.34 14.21 29.62
CA ALA S 139 -52.40 13.21 28.56
C ALA S 139 -53.37 12.09 28.89
N CYS S 140 -53.68 11.86 30.17
CA CYS S 140 -54.59 10.79 30.60
C CYS S 140 -55.70 11.42 31.43
N PRO S 141 -56.55 12.24 30.81
CA PRO S 141 -57.60 12.94 31.55
C PRO S 141 -58.70 11.97 31.98
N HIS S 142 -59.29 12.23 33.16
CA HIS S 142 -60.48 11.51 33.63
C HIS S 142 -61.54 12.53 34.04
N ALA S 143 -62.61 12.58 33.26
CA ALA S 143 -63.67 13.56 33.44
C ALA S 143 -63.06 14.96 33.42
N GLY S 144 -62.17 15.19 32.46
CA GLY S 144 -61.52 16.48 32.28
C GLY S 144 -60.34 16.73 33.21
N ALA S 145 -60.34 16.09 34.38
CA ALA S 145 -59.23 16.22 35.32
C ALA S 145 -58.05 15.36 34.90
N LYS S 146 -56.84 15.84 35.19
CA LYS S 146 -55.64 15.02 35.02
C LYS S 146 -55.77 13.72 35.80
N SER S 147 -55.29 12.63 35.19
CA SER S 147 -55.34 11.33 35.85
C SER S 147 -54.19 10.48 35.31
N PHE S 148 -54.30 9.17 35.49
CA PHE S 148 -53.28 8.20 35.10
C PHE S 148 -53.91 6.82 35.04
N TYR S 149 -53.12 5.85 34.57
CA TYR S 149 -53.60 4.48 34.47
C TYR S 149 -54.06 3.99 35.84
N LYS S 150 -55.15 3.23 35.85
CA LYS S 150 -55.67 2.69 37.09
C LYS S 150 -54.74 1.64 37.69
N ASN S 151 -54.12 0.82 36.84
CA ASN S 151 -53.36 -0.32 37.31
C ASN S 151 -51.93 0.02 37.65
N LEU S 152 -51.53 1.27 37.42
CA LEU S 152 -50.16 1.70 37.67
C LEU S 152 -50.21 2.95 38.52
N ILE S 153 -49.12 3.19 39.24
CA ILE S 153 -48.93 4.44 39.97
C ILE S 153 -47.63 5.09 39.51
N TRP S 154 -47.73 6.35 39.08
CA TRP S 154 -46.56 7.14 38.68
C TRP S 154 -45.95 7.71 39.95
N LEU S 155 -45.01 6.99 40.55
CA LEU S 155 -44.37 7.48 41.77
C LEU S 155 -43.49 8.69 41.45
N VAL S 156 -43.51 9.67 42.35
CA VAL S 156 -42.83 10.94 42.18
C VAL S 156 -42.16 11.26 43.50
N LYS S 157 -41.10 12.08 43.44
CA LYS S 157 -40.37 12.44 44.65
C LYS S 157 -41.32 13.00 45.72
N LYS S 158 -40.99 12.71 46.99
CA LYS S 158 -41.75 13.18 48.14
C LYS S 158 -40.99 14.37 48.70
N GLY S 159 -41.49 15.56 48.42
CA GLY S 159 -40.77 16.77 48.74
C GLY S 159 -39.67 16.97 47.73
N ASN S 160 -38.42 16.80 48.15
CA ASN S 160 -37.26 16.89 47.27
C ASN S 160 -36.38 15.66 47.35
N SER S 161 -36.95 14.52 47.74
CA SER S 161 -36.19 13.29 47.92
C SER S 161 -36.89 12.14 47.23
N TYR S 162 -36.10 11.34 46.52
CA TYR S 162 -36.54 10.07 45.93
C TYR S 162 -35.56 9.02 46.42
N PRO S 163 -35.83 8.37 47.55
CA PRO S 163 -34.92 7.35 48.05
C PRO S 163 -34.97 6.10 47.19
N LYS S 164 -33.92 5.29 47.32
CA LYS S 164 -33.87 4.05 46.57
C LYS S 164 -35.09 3.22 46.89
N LEU S 165 -35.80 2.83 45.85
CA LEU S 165 -36.99 2.01 46.01
C LEU S 165 -36.61 0.55 45.86
N SER S 166 -37.24 -0.30 46.66
CA SER S 166 -37.06 -1.74 46.54
C SER S 166 -38.33 -2.37 47.09
N LYS S 167 -38.92 -3.28 46.31
CA LYS S 167 -40.22 -3.84 46.68
C LYS S 167 -40.40 -5.17 45.96
N SER S 168 -40.73 -6.21 46.72
CA SER S 168 -40.88 -7.54 46.18
C SER S 168 -42.30 -8.06 46.39
N TYR S 169 -42.74 -8.95 45.50
CA TYR S 169 -44.03 -9.63 45.63
C TYR S 169 -43.84 -11.11 45.33
N ILE S 170 -44.30 -11.97 46.25
CA ILE S 170 -44.30 -13.40 46.06
C ILE S 170 -45.67 -13.87 45.60
N ASN S 171 -45.69 -14.63 44.51
CA ASN S 171 -46.92 -15.11 43.89
C ASN S 171 -47.55 -16.19 44.75
N ASP S 172 -48.55 -15.79 45.54
CA ASP S 172 -49.29 -16.73 46.36
C ASP S 172 -50.70 -16.96 45.83
N LYS S 173 -50.90 -16.77 44.52
CA LYS S 173 -52.22 -16.92 43.91
C LYS S 173 -52.45 -18.31 43.34
N GLY S 174 -51.47 -19.20 43.43
CA GLY S 174 -51.60 -20.54 42.88
C GLY S 174 -51.75 -20.57 41.36
N LYS S 175 -51.51 -19.44 40.69
CA LYS S 175 -51.54 -19.38 39.22
C LYS S 175 -50.63 -18.25 38.74
N GLU S 176 -50.45 -18.17 37.43
CA GLU S 176 -49.62 -17.14 36.83
C GLU S 176 -50.18 -15.76 37.14
N VAL S 177 -49.29 -14.80 37.41
CA VAL S 177 -49.68 -13.42 37.62
C VAL S 177 -49.08 -12.49 36.57
N LEU S 178 -49.94 -11.80 35.83
CA LEU S 178 -49.48 -10.77 34.92
C LEU S 178 -49.19 -9.49 35.70
N VAL S 179 -47.94 -9.07 35.71
CA VAL S 179 -47.52 -7.81 36.31
C VAL S 179 -47.07 -6.87 35.20
N LEU S 180 -47.62 -5.67 35.21
CA LEU S 180 -47.24 -4.66 34.25
C LEU S 180 -46.58 -3.48 34.96
N TRP S 181 -45.61 -2.86 34.32
CA TRP S 181 -44.99 -1.66 34.86
C TRP S 181 -44.57 -0.75 33.73
N GLY S 182 -44.20 0.48 34.11
CA GLY S 182 -43.73 1.45 33.15
C GLY S 182 -42.39 2.04 33.51
N ILE S 183 -41.69 2.51 32.48
CA ILE S 183 -40.45 3.25 32.60
C ILE S 183 -40.69 4.60 31.96
N HIS S 184 -40.43 5.69 32.71
CA HIS S 184 -40.68 7.04 32.21
C HIS S 184 -39.39 7.65 31.67
N HIS S 185 -39.48 8.24 30.49
CA HIS S 185 -38.33 8.86 29.83
C HIS S 185 -38.67 10.35 29.70
N PRO S 186 -38.19 11.18 30.62
CA PRO S 186 -38.53 12.60 30.58
C PRO S 186 -37.96 13.31 29.37
N SER S 187 -38.65 14.37 28.97
CA SER S 187 -38.19 15.22 27.87
C SER S 187 -36.90 15.98 28.18
N THR S 188 -36.72 16.45 29.43
CA THR S 188 -35.60 17.32 29.79
C THR S 188 -34.99 16.91 31.12
N SER S 189 -33.74 17.33 31.34
CA SER S 189 -33.11 17.13 32.64
C SER S 189 -33.91 17.78 33.77
N ALA S 190 -34.56 18.91 33.50
CA ALA S 190 -35.40 19.57 34.50
C ALA S 190 -36.55 18.68 34.90
N ASP S 191 -37.28 18.18 33.91
CA ASP S 191 -38.41 17.30 34.18
C ASP S 191 -37.91 16.11 35.00
N GLN S 192 -36.77 15.54 34.61
CA GLN S 192 -36.17 14.47 35.41
C GLN S 192 -35.98 14.90 36.86
N GLN S 193 -35.40 16.09 37.06
CA GLN S 193 -35.13 16.53 38.42
C GLN S 193 -36.45 16.89 39.13
N SER S 194 -37.36 17.56 38.41
CA SER S 194 -38.65 17.95 38.98
C SER S 194 -39.50 16.75 39.44
N LEU S 195 -39.42 15.62 38.74
CA LEU S 195 -40.21 14.44 39.11
C LEU S 195 -39.50 13.55 40.13
N TYR S 196 -38.20 13.32 39.97
CA TYR S 196 -37.50 12.27 40.69
C TYR S 196 -36.30 12.78 41.47
N GLN S 197 -35.95 14.07 41.36
CA GLN S 197 -34.78 14.68 41.99
C GLN S 197 -33.46 14.11 41.48
N ASN S 198 -33.27 12.80 41.57
CA ASN S 198 -32.01 12.19 41.16
C ASN S 198 -31.83 12.34 39.65
N ALA S 199 -30.63 12.80 39.27
CA ALA S 199 -30.38 13.03 37.85
C ALA S 199 -30.03 11.77 37.08
N ASP S 200 -29.40 10.78 37.72
CA ASP S 200 -28.89 9.60 37.02
C ASP S 200 -29.51 8.38 37.69
N THR S 201 -30.61 7.89 37.14
CA THR S 201 -31.41 6.90 37.82
C THR S 201 -31.38 5.62 37.01
N TYR S 202 -31.82 4.54 37.64
CA TYR S 202 -32.01 3.27 36.96
C TYR S 202 -33.23 2.60 37.54
N VAL S 203 -33.74 1.58 36.85
CA VAL S 203 -34.79 0.71 37.35
C VAL S 203 -34.36 -0.72 37.08
N PHE S 204 -34.59 -1.59 38.06
CA PHE S 204 -34.34 -3.02 37.89
C PHE S 204 -35.55 -3.82 38.32
N VAL S 205 -35.90 -4.81 37.52
CA VAL S 205 -37.00 -5.72 37.79
C VAL S 205 -36.44 -7.14 37.66
N GLY S 206 -36.68 -7.98 38.67
CA GLY S 206 -36.11 -9.30 38.59
C GLY S 206 -37.01 -10.35 39.22
N SER S 207 -37.10 -11.49 38.55
CA SER S 207 -37.72 -12.68 39.10
C SER S 207 -36.77 -13.85 38.87
N SER S 208 -37.31 -15.06 38.98
CA SER S 208 -36.50 -16.24 38.71
C SER S 208 -36.19 -16.38 37.24
N ARG S 209 -37.06 -15.91 36.37
CA ARG S 209 -36.86 -16.08 34.95
C ARG S 209 -36.69 -14.78 34.19
N TYR S 210 -37.04 -13.65 34.78
CA TYR S 210 -36.93 -12.37 34.12
C TYR S 210 -35.86 -11.56 34.85
N SER S 211 -35.10 -10.75 34.10
CA SER S 211 -34.08 -9.88 34.70
C SER S 211 -33.67 -8.79 33.73
N LYS S 212 -33.91 -7.53 34.11
CA LYS S 212 -33.62 -6.41 33.20
C LYS S 212 -33.42 -5.11 33.96
N LYS S 213 -32.35 -4.41 33.62
CA LYS S 213 -32.07 -3.08 34.12
C LYS S 213 -32.41 -2.08 33.02
N PHE S 214 -33.05 -0.97 33.41
CA PHE S 214 -33.52 0.03 32.48
C PHE S 214 -32.80 1.35 32.77
N LYS S 215 -32.57 2.14 31.73
CA LYS S 215 -31.90 3.43 31.87
C LYS S 215 -32.77 4.48 31.20
N PRO S 216 -33.25 5.48 31.93
CA PRO S 216 -34.09 6.53 31.33
C PRO S 216 -33.39 7.26 30.20
N GLU S 217 -34.10 7.48 29.10
CA GLU S 217 -33.56 8.20 27.96
C GLU S 217 -34.27 9.55 27.88
N ILE S 218 -33.57 10.58 28.33
CA ILE S 218 -34.09 11.94 28.44
C ILE S 218 -33.80 12.70 27.16
N ALA S 219 -34.86 13.11 26.47
CA ALA S 219 -34.74 13.86 25.22
C ALA S 219 -36.13 14.34 24.86
N ILE S 220 -36.18 15.38 24.04
CA ILE S 220 -37.45 15.89 23.58
C ILE S 220 -37.92 15.10 22.38
N ARG S 221 -39.05 14.45 22.53
CA ARG S 221 -39.70 13.82 21.40
C ARG S 221 -40.72 14.78 20.82
N PRO S 222 -41.12 14.59 19.58
CA PRO S 222 -42.26 15.34 19.06
C PRO S 222 -43.48 15.11 19.95
N LYS S 223 -44.19 16.19 20.24
CA LYS S 223 -45.35 16.12 21.11
C LYS S 223 -46.39 15.16 20.58
N VAL S 224 -46.66 14.11 21.35
CA VAL S 224 -47.86 13.29 21.17
C VAL S 224 -48.72 13.49 22.41
N ARG S 225 -50.00 13.78 22.19
CA ARG S 225 -50.95 14.07 23.27
C ARG S 225 -50.35 15.06 24.28
N ASP S 226 -49.64 16.06 23.73
CA ASP S 226 -48.99 17.19 24.42
C ASP S 226 -47.72 16.83 25.18
N GLN S 227 -47.21 15.61 25.06
CA GLN S 227 -46.06 15.16 25.82
C GLN S 227 -44.84 15.01 24.92
N GLU S 228 -43.72 15.57 25.34
CA GLU S 228 -42.45 15.41 24.66
C GLU S 228 -41.66 14.26 25.26
N GLY S 229 -42.10 13.75 26.41
CA GLY S 229 -41.50 12.60 27.04
C GLY S 229 -42.16 11.33 26.51
N ARG S 230 -41.65 10.20 26.95
CA ARG S 230 -42.21 8.90 26.55
C ARG S 230 -42.27 8.00 27.76
N MET S 231 -43.19 7.03 27.70
CA MET S 231 -43.33 6.00 28.72
C MET S 231 -43.35 4.64 28.03
N ASN S 232 -42.39 3.78 28.36
CA ASN S 232 -42.38 2.42 27.83
C ASN S 232 -43.06 1.49 28.83
N TYR S 233 -43.85 0.55 28.32
CA TYR S 233 -44.62 -0.37 29.15
C TYR S 233 -44.12 -1.79 28.97
N TYR S 234 -43.90 -2.48 30.08
CA TYR S 234 -43.31 -3.81 30.09
C TYR S 234 -44.20 -4.75 30.88
N TRP S 235 -44.06 -6.05 30.62
CA TRP S 235 -44.90 -7.03 31.31
C TRP S 235 -44.14 -8.36 31.42
N THR S 236 -44.48 -9.14 32.44
CA THR S 236 -44.02 -10.51 32.53
C THR S 236 -45.01 -11.32 33.35
N LEU S 237 -44.87 -12.63 33.23
CA LEU S 237 -45.72 -13.60 33.92
C LEU S 237 -44.93 -14.26 35.04
N VAL S 238 -45.34 -14.01 36.25
CA VAL S 238 -44.69 -14.60 37.40
C VAL S 238 -45.33 -15.94 37.70
N GLU S 239 -44.51 -16.96 37.79
CA GLU S 239 -45.00 -18.29 38.05
C GLU S 239 -45.52 -18.35 39.47
N PRO S 240 -46.43 -19.27 39.77
CA PRO S 240 -46.90 -19.42 41.16
C PRO S 240 -45.74 -19.69 42.11
N GLY S 241 -45.67 -18.91 43.18
CA GLY S 241 -44.66 -19.15 44.19
C GLY S 241 -43.38 -18.37 43.97
N ASP S 242 -43.19 -17.81 42.79
CA ASP S 242 -42.00 -17.04 42.49
C ASP S 242 -42.14 -15.60 42.99
N LYS S 243 -41.00 -14.97 43.17
CA LYS S 243 -40.90 -13.59 43.63
C LYS S 243 -40.50 -12.70 42.47
N ILE S 244 -41.12 -11.53 42.39
CA ILE S 244 -40.65 -10.47 41.50
C ILE S 244 -40.22 -9.28 42.35
N THR S 245 -39.09 -8.69 41.98
CA THR S 245 -38.52 -7.58 42.74
C THR S 245 -38.42 -6.36 41.85
N PHE S 246 -38.80 -5.21 42.39
CA PHE S 246 -38.65 -3.92 41.75
C PHE S 246 -37.63 -3.09 42.52
N GLU S 247 -36.67 -2.52 41.80
CA GLU S 247 -35.68 -1.64 42.40
C GLU S 247 -35.59 -0.41 41.51
N ALA S 248 -35.55 0.77 42.13
CA ALA S 248 -35.55 1.99 41.32
C ALA S 248 -35.01 3.18 42.12
N THR S 249 -34.36 4.08 41.39
CA THR S 249 -34.02 5.39 41.92
C THR S 249 -34.74 6.50 41.15
N GLY S 250 -35.76 6.14 40.40
CA GLY S 250 -36.58 7.10 39.68
C GLY S 250 -37.22 6.43 38.48
N ASN S 251 -38.15 7.15 37.88
CA ASN S 251 -38.63 6.84 36.53
C ASN S 251 -39.43 5.52 36.43
N LEU S 252 -39.83 4.93 37.55
CA LEU S 252 -40.56 3.68 37.56
C LEU S 252 -42.05 3.94 37.74
N VAL S 253 -42.85 3.53 36.76
CA VAL S 253 -44.29 3.47 36.91
C VAL S 253 -44.59 2.10 37.50
N VAL S 254 -44.81 2.08 38.81
CA VAL S 254 -44.94 0.83 39.54
C VAL S 254 -46.28 0.18 39.30
N PRO S 255 -46.37 -1.14 39.44
CA PRO S 255 -47.68 -1.78 39.45
C PRO S 255 -48.50 -1.28 40.62
N ARG S 256 -49.81 -1.23 40.42
CA ARG S 256 -50.72 -1.08 41.54
C ARG S 256 -51.64 -2.29 41.54
N TYR S 257 -52.33 -2.54 40.44
CA TYR S 257 -53.05 -3.79 40.24
C TYR S 257 -52.29 -4.70 39.30
N ALA S 258 -52.33 -6.00 39.61
CA ALA S 258 -51.81 -7.04 38.75
C ALA S 258 -52.92 -8.06 38.55
N PHE S 259 -52.64 -9.14 37.83
CA PHE S 259 -53.72 -10.01 37.39
C PHE S 259 -53.34 -11.47 37.52
N ALA S 260 -54.09 -12.19 38.35
CA ALA S 260 -53.94 -13.63 38.47
C ALA S 260 -54.78 -14.23 37.36
N MET S 261 -54.21 -15.14 36.58
CA MET S 261 -54.93 -15.64 35.42
C MET S 261 -54.52 -17.05 35.07
N GLU S 262 -55.41 -17.73 34.37
CA GLU S 262 -55.10 -19.03 33.78
C GLU S 262 -55.35 -18.98 32.28
N ARG S 263 -54.29 -19.08 31.50
CA ARG S 263 -54.42 -19.02 30.05
C ARG S 263 -54.90 -20.37 29.57
N ASN S 264 -55.87 -20.35 28.67
CA ASN S 264 -56.33 -21.56 28.01
C ASN S 264 -56.02 -21.55 26.52
N ALA S 265 -55.37 -22.63 26.06
CA ALA S 265 -55.02 -22.88 24.66
C ALA S 265 -54.67 -21.64 23.87
N GLY S 266 -55.54 -21.23 22.97
CA GLY S 266 -55.23 -20.17 22.03
C GLY S 266 -56.43 -19.70 21.24
N SER S 267 -56.88 -18.47 21.46
CA SER S 267 -57.95 -17.87 20.69
C SER S 267 -57.37 -16.77 19.82
N GLY S 268 -58.12 -15.70 19.62
CA GLY S 268 -57.60 -14.56 18.91
C GLY S 268 -58.47 -13.36 19.17
N ILE S 269 -58.24 -12.32 18.37
CA ILE S 269 -58.87 -11.03 18.57
C ILE S 269 -59.62 -10.61 17.32
N ILE S 270 -60.91 -10.50 17.44
CA ILE S 270 -61.78 -10.02 16.38
C ILE S 270 -61.93 -8.52 16.48
N ILE S 271 -61.72 -7.83 15.38
CA ILE S 271 -61.86 -6.38 15.33
C ILE S 271 -63.05 -6.07 14.43
N SER S 272 -64.17 -5.68 15.02
CA SER S 272 -65.44 -5.65 14.31
C SER S 272 -66.45 -4.78 15.04
N ASP S 273 -67.36 -4.21 14.26
CA ASP S 273 -68.50 -3.46 14.77
C ASP S 273 -69.72 -4.32 15.07
N THR S 274 -69.67 -5.60 14.75
CA THR S 274 -70.77 -6.50 15.02
C THR S 274 -71.11 -6.53 16.52
N PRO S 275 -72.38 -6.40 16.90
CA PRO S 275 -72.72 -6.37 18.32
C PRO S 275 -72.70 -7.76 18.90
N VAL S 276 -72.28 -7.83 20.15
CA VAL S 276 -72.27 -9.09 20.86
C VAL S 276 -73.69 -9.52 21.17
N HIS S 277 -73.85 -10.82 21.42
CA HIS S 277 -75.19 -11.34 21.66
C HIS S 277 -75.05 -12.61 22.49
N ASP S 278 -76.10 -12.91 23.27
CA ASP S 278 -76.19 -14.10 24.12
C ASP S 278 -76.69 -15.31 23.32
N CYS S 279 -75.81 -15.80 22.42
CA CYS S 279 -76.06 -17.03 21.66
C CYS S 279 -74.84 -17.95 21.77
N ASN S 280 -75.03 -19.26 21.58
CA ASN S 280 -73.87 -20.16 21.54
C ASN S 280 -73.49 -20.39 20.07
N THR S 281 -72.19 -20.62 19.82
CA THR S 281 -71.69 -20.94 18.48
C THR S 281 -70.44 -21.81 18.61
N THR S 282 -70.04 -22.41 17.48
CA THR S 282 -68.80 -23.17 17.45
C THR S 282 -67.79 -22.58 16.48
N CYS S 283 -68.16 -21.58 15.69
CA CYS S 283 -67.23 -20.97 14.73
C CYS S 283 -67.58 -19.49 14.60
N GLN S 284 -66.69 -18.60 15.02
CA GLN S 284 -66.95 -17.17 14.96
C GLN S 284 -66.11 -16.50 13.90
N THR S 285 -66.75 -15.68 13.07
CA THR S 285 -66.11 -14.82 12.08
C THR S 285 -66.26 -13.37 12.44
N PRO S 286 -65.51 -12.49 11.77
CA PRO S 286 -65.61 -11.08 12.12
C PRO S 286 -66.95 -10.47 11.84
N LYS S 287 -67.76 -11.08 11.00
CA LYS S 287 -69.02 -10.43 10.65
C LYS S 287 -70.24 -11.21 11.13
N GLY S 288 -70.05 -12.33 11.79
CA GLY S 288 -71.18 -13.08 12.28
C GLY S 288 -70.80 -14.51 12.50
N ALA S 289 -71.53 -15.14 13.37
CA ALA S 289 -71.24 -16.54 13.61
C ALA S 289 -71.86 -17.36 12.51
N ILE S 290 -71.34 -18.56 12.30
CA ILE S 290 -71.90 -19.51 11.35
C ILE S 290 -72.12 -20.80 12.10
N ASN S 291 -73.30 -21.38 11.93
CA ASN S 291 -73.63 -22.64 12.56
C ASN S 291 -73.86 -23.59 11.42
N THR S 292 -72.92 -24.52 11.26
CA THR S 292 -72.99 -25.38 10.10
C THR S 292 -72.06 -26.54 10.31
N SER S 293 -72.50 -27.67 9.80
CA SER S 293 -71.72 -28.88 9.69
C SER S 293 -71.08 -28.99 8.34
N LEU S 294 -71.36 -28.06 7.45
CA LEU S 294 -70.90 -28.13 6.08
C LEU S 294 -69.41 -27.89 6.07
N PRO S 295 -68.67 -28.56 5.18
CA PRO S 295 -67.22 -28.50 5.25
C PRO S 295 -66.58 -27.26 4.69
N PHE S 296 -67.27 -26.43 3.92
CA PHE S 296 -66.65 -25.25 3.33
C PHE S 296 -67.50 -24.04 3.58
N GLN S 297 -66.88 -22.87 3.54
CA GLN S 297 -67.59 -21.63 3.75
C GLN S 297 -66.92 -20.49 3.01
N ASN S 298 -67.74 -19.55 2.52
CA ASN S 298 -67.23 -18.37 1.84
C ASN S 298 -67.54 -17.07 2.56
N ILE S 299 -67.74 -17.13 3.87
CA ILE S 299 -68.07 -15.93 4.63
C ILE S 299 -66.85 -15.07 4.84
N HIS S 300 -65.80 -15.65 5.38
CA HIS S 300 -64.62 -14.91 5.77
C HIS S 300 -63.43 -15.81 6.07
N PRO S 301 -62.25 -15.47 5.57
CA PRO S 301 -61.07 -16.30 5.83
C PRO S 301 -60.61 -16.30 7.27
N ILE S 302 -60.86 -15.26 8.06
CA ILE S 302 -60.34 -15.15 9.41
C ILE S 302 -61.37 -15.65 10.42
N THR S 303 -61.25 -16.88 10.88
CA THR S 303 -62.24 -17.44 11.79
C THR S 303 -61.59 -17.92 13.08
N ILE S 304 -62.44 -18.11 14.09
CA ILE S 304 -62.04 -18.73 15.36
C ILE S 304 -62.97 -19.89 15.63
N GLY S 305 -62.38 -21.04 15.97
CA GLY S 305 -63.12 -22.23 16.33
C GLY S 305 -62.84 -23.43 15.45
N LYS S 306 -63.77 -24.37 15.44
CA LYS S 306 -63.71 -25.54 14.58
C LYS S 306 -64.53 -25.18 13.35
N CYS S 307 -63.84 -24.75 12.30
CA CYS S 307 -64.50 -24.05 11.22
C CYS S 307 -64.41 -24.77 9.88
N PRO S 308 -65.33 -24.48 9.00
CA PRO S 308 -65.24 -24.97 7.64
C PRO S 308 -64.13 -24.27 6.93
N LYS S 309 -63.57 -24.96 5.96
CA LYS S 309 -62.49 -24.40 5.20
C LYS S 309 -63.00 -23.23 4.40
N TYR S 310 -62.24 -22.15 4.37
CA TYR S 310 -62.57 -21.02 3.53
C TYR S 310 -62.30 -21.34 2.07
N VAL S 311 -63.23 -21.03 1.19
CA VAL S 311 -63.00 -21.16 -0.25
C VAL S 311 -63.53 -19.92 -0.95
N LYS S 312 -63.12 -19.74 -2.21
CA LYS S 312 -63.58 -18.60 -2.98
C LYS S 312 -64.88 -18.85 -3.71
N SER S 313 -65.40 -20.06 -3.68
CA SER S 313 -66.59 -20.45 -4.43
C SER S 313 -67.85 -19.72 -3.99
N THR S 314 -68.77 -19.61 -4.91
CA THR S 314 -70.08 -19.06 -4.62
C THR S 314 -71.16 -20.11 -4.63
N LYS S 315 -70.88 -21.31 -5.13
CA LYS S 315 -71.88 -22.37 -5.23
C LYS S 315 -71.17 -23.71 -5.25
N LEU S 316 -71.42 -24.54 -4.24
CA LEU S 316 -70.88 -25.89 -4.21
C LEU S 316 -72.04 -26.81 -3.95
N ARG S 317 -72.84 -27.02 -4.94
CA ARG S 317 -74.07 -27.75 -4.77
C ARG S 317 -73.91 -29.15 -5.30
N LEU S 318 -74.06 -30.12 -4.43
CA LEU S 318 -73.86 -31.50 -4.83
C LEU S 318 -75.21 -32.08 -5.24
N ALA S 319 -75.31 -32.65 -6.42
CA ALA S 319 -76.58 -33.25 -6.84
C ALA S 319 -76.82 -34.56 -6.13
N THR S 320 -78.07 -34.80 -5.74
CA THR S 320 -78.49 -36.08 -5.17
C THR S 320 -79.58 -36.78 -5.96
N GLY S 321 -80.54 -36.06 -6.49
CA GLY S 321 -81.59 -36.65 -7.28
C GLY S 321 -81.12 -36.77 -8.71
N LEU S 322 -82.05 -36.85 -9.64
CA LEU S 322 -81.64 -37.09 -11.00
C LEU S 322 -81.98 -35.90 -11.90
N ARG S 323 -81.55 -35.97 -13.18
CA ARG S 323 -81.84 -34.86 -14.08
C ARG S 323 -83.34 -34.70 -14.13
N ASN S 324 -83.80 -33.47 -14.08
CA ASN S 324 -85.23 -33.24 -13.97
C ASN S 324 -85.76 -32.91 -15.35
N ILE S 325 -86.59 -33.80 -15.86
CA ILE S 325 -87.07 -33.72 -17.23
C ILE S 325 -88.57 -33.92 -17.15
N PRO S 326 -89.30 -32.92 -16.68
CA PRO S 326 -90.73 -33.06 -16.52
C PRO S 326 -91.36 -33.05 -17.90
N SER S 327 -92.47 -33.77 -18.04
CA SER S 327 -93.21 -33.80 -19.30
C SER S 327 -92.27 -34.05 -20.49
N GLY T 4 -78.29 -79.90 -22.86
CA GLY T 4 -77.31 -79.44 -23.84
C GLY T 4 -76.04 -79.02 -23.17
N ASP T 5 -74.99 -78.91 -23.95
CA ASP T 5 -73.71 -78.46 -23.43
C ASP T 5 -73.83 -76.99 -23.00
N THR T 6 -73.07 -76.59 -21.99
CA THR T 6 -73.19 -75.24 -21.48
C THR T 6 -71.84 -74.57 -21.35
N LEU T 7 -71.81 -73.26 -21.55
CA LEU T 7 -70.64 -72.47 -21.28
C LEU T 7 -71.09 -71.25 -20.49
N CYS T 8 -70.56 -71.08 -19.29
CA CYS T 8 -70.92 -69.95 -18.44
C CYS T 8 -69.75 -69.00 -18.24
N ILE T 9 -70.06 -67.73 -18.15
CA ILE T 9 -69.10 -66.71 -17.78
C ILE T 9 -69.23 -66.45 -16.30
N GLY T 10 -68.13 -66.17 -15.61
CA GLY T 10 -68.16 -65.95 -14.19
C GLY T 10 -66.92 -65.24 -13.72
N TYR T 11 -66.75 -65.09 -12.41
CA TYR T 11 -65.61 -64.35 -11.91
C TYR T 11 -65.08 -64.97 -10.64
N HIS T 12 -63.83 -64.70 -10.37
CA HIS T 12 -63.14 -65.26 -9.22
C HIS T 12 -63.77 -64.84 -7.91
N ALA T 13 -63.88 -65.76 -7.00
CA ALA T 13 -64.17 -65.44 -5.62
C ALA T 13 -63.28 -66.24 -4.70
N ASN T 14 -63.01 -65.74 -3.50
CA ASN T 14 -62.16 -66.54 -2.63
C ASN T 14 -62.62 -66.32 -1.20
N ASN T 15 -61.82 -66.77 -0.24
CA ASN T 15 -62.16 -66.71 1.19
C ASN T 15 -61.67 -65.44 1.84
N SER T 16 -61.08 -64.54 1.11
CA SER T 16 -60.50 -63.32 1.66
C SER T 16 -61.54 -62.55 2.43
N THR T 17 -61.11 -61.90 3.48
CA THR T 17 -61.96 -61.04 4.26
C THR T 17 -61.59 -59.56 4.26
N ASP T 18 -60.68 -59.12 3.40
CA ASP T 18 -60.35 -57.72 3.24
C ASP T 18 -61.57 -56.87 2.93
N THR T 19 -61.78 -55.80 3.66
CA THR T 19 -62.82 -54.87 3.28
C THR T 19 -62.20 -53.58 2.80
N VAL T 20 -62.90 -52.88 1.91
CA VAL T 20 -62.51 -51.55 1.45
C VAL T 20 -63.74 -50.70 1.42
N ASP T 21 -63.57 -49.39 1.52
CA ASP T 21 -64.67 -48.45 1.34
C ASP T 21 -64.74 -47.88 -0.07
N THR T 22 -65.93 -47.65 -0.56
CA THR T 22 -66.11 -47.01 -1.84
C THR T 22 -67.03 -45.81 -1.69
N VAL T 23 -67.06 -44.97 -2.73
CA VAL T 23 -67.84 -43.74 -2.62
C VAL T 23 -69.30 -44.04 -2.46
N LEU T 24 -69.77 -45.13 -3.00
CA LEU T 24 -71.17 -45.44 -2.83
C LEU T 24 -71.41 -46.39 -1.68
N GLU T 25 -70.40 -47.09 -1.21
CA GLU T 25 -70.75 -48.11 -0.25
C GLU T 25 -69.56 -48.39 0.63
N LYS T 26 -69.81 -48.48 1.93
CA LYS T 26 -68.79 -48.76 2.93
C LYS T 26 -68.69 -50.25 3.24
N ASN T 27 -67.49 -50.66 3.67
CA ASN T 27 -67.15 -52.01 4.12
C ASN T 27 -67.51 -53.07 3.10
N VAL T 28 -67.06 -52.87 1.86
CA VAL T 28 -67.21 -53.82 0.78
C VAL T 28 -66.09 -54.83 0.81
N THR T 29 -66.43 -56.10 0.92
CA THR T 29 -65.44 -57.17 0.91
C THR T 29 -64.92 -57.47 -0.48
N VAL T 30 -63.60 -57.46 -0.66
CA VAL T 30 -62.97 -57.63 -1.95
C VAL T 30 -62.04 -58.82 -1.86
N THR T 31 -61.67 -59.39 -3.01
CA THR T 31 -60.89 -60.63 -2.97
C THR T 31 -59.45 -60.33 -2.67
N HIS T 32 -58.99 -59.12 -2.99
CA HIS T 32 -57.65 -58.69 -2.63
C HIS T 32 -57.63 -57.17 -2.62
N SER T 33 -56.65 -56.61 -1.92
CA SER T 33 -56.52 -55.16 -1.75
C SER T 33 -55.11 -54.92 -1.29
N VAL T 34 -54.65 -53.70 -1.40
CA VAL T 34 -53.30 -53.35 -1.00
C VAL T 34 -53.33 -52.13 -0.11
N ASN T 35 -52.45 -52.10 0.87
CA ASN T 35 -52.45 -50.97 1.79
C ASN T 35 -51.67 -49.77 1.32
N LEU T 36 -52.26 -48.59 1.49
CA LEU T 36 -51.54 -47.38 1.16
C LEU T 36 -51.05 -46.63 2.37
N LEU T 37 -51.45 -47.03 3.56
CA LEU T 37 -51.21 -46.28 4.79
C LEU T 37 -50.19 -47.01 5.63
N GLU T 38 -49.02 -46.43 5.81
CA GLU T 38 -48.07 -47.02 6.73
C GLU T 38 -48.46 -46.70 8.18
N ASP T 39 -48.70 -47.76 8.96
CA ASP T 39 -49.19 -47.70 10.34
C ASP T 39 -48.36 -48.52 11.33
N LYS T 40 -47.09 -48.81 11.06
CA LYS T 40 -46.27 -49.52 12.03
C LYS T 40 -44.88 -48.93 12.10
N HIS T 41 -44.27 -49.02 13.27
CA HIS T 41 -42.92 -48.51 13.41
C HIS T 41 -42.12 -49.53 14.18
N ASN T 42 -40.82 -49.33 14.22
CA ASN T 42 -39.97 -50.31 14.86
C ASN T 42 -39.61 -49.97 16.29
N GLY T 43 -40.19 -48.91 16.84
CA GLY T 43 -39.99 -48.62 18.25
C GLY T 43 -38.56 -48.24 18.58
N LYS T 44 -37.75 -47.93 17.59
CA LYS T 44 -36.35 -47.66 17.82
C LYS T 44 -35.99 -46.29 17.28
N LEU T 45 -34.95 -45.71 17.82
CA LEU T 45 -34.40 -44.51 17.22
C LEU T 45 -33.20 -44.96 16.41
N CYS T 46 -33.29 -44.83 15.11
CA CYS T 46 -32.30 -45.42 14.23
C CYS T 46 -31.35 -44.48 13.54
N LYS T 47 -30.43 -45.09 12.79
CA LYS T 47 -29.51 -44.34 11.95
C LYS T 47 -30.26 -43.81 10.75
N LEU T 48 -29.97 -42.58 10.39
CA LEU T 48 -30.59 -41.93 9.24
C LEU T 48 -29.49 -41.62 8.26
N ARG T 49 -29.68 -41.99 7.01
CA ARG T 49 -28.62 -41.87 6.01
C ARG T 49 -27.43 -42.71 6.43
N GLY T 50 -27.65 -43.66 7.34
CA GLY T 50 -26.56 -44.48 7.82
C GLY T 50 -25.69 -43.83 8.88
N VAL T 51 -26.12 -42.72 9.48
CA VAL T 51 -25.34 -42.00 10.48
C VAL T 51 -26.08 -42.00 11.80
N ALA T 52 -25.38 -42.37 12.86
CA ALA T 52 -26.05 -42.48 14.13
C ALA T 52 -26.41 -41.10 14.64
N PRO T 53 -27.50 -40.99 15.39
CA PRO T 53 -27.80 -39.74 16.07
C PRO T 53 -26.83 -39.52 17.20
N LEU T 54 -26.72 -38.27 17.60
CA LEU T 54 -26.04 -37.91 18.83
C LEU T 54 -27.02 -38.05 19.99
N HIS T 55 -26.71 -38.93 20.93
CA HIS T 55 -27.59 -39.13 22.08
C HIS T 55 -27.01 -38.42 23.29
N LEU T 56 -27.84 -37.61 23.94
CA LEU T 56 -27.36 -36.76 25.02
C LEU T 56 -27.72 -37.26 26.40
N GLY T 57 -28.30 -38.44 26.51
CA GLY T 57 -28.65 -38.97 27.81
C GLY T 57 -29.48 -37.99 28.64
N LYS T 58 -29.01 -37.63 29.84
CA LYS T 58 -29.75 -36.79 30.76
C LYS T 58 -29.43 -35.31 30.61
N CYS T 59 -28.60 -34.97 29.66
CA CYS T 59 -28.24 -33.61 29.35
C CYS T 59 -29.09 -33.07 28.23
N ASN T 60 -29.21 -31.76 28.17
CA ASN T 60 -29.78 -31.15 27.00
C ASN T 60 -28.64 -30.54 26.20
N ILE T 61 -28.97 -29.93 25.07
CA ILE T 61 -27.93 -29.43 24.18
C ILE T 61 -27.10 -28.36 24.88
N ALA T 62 -27.75 -27.48 25.64
CA ALA T 62 -27.04 -26.46 26.39
C ALA T 62 -25.97 -27.08 27.29
N GLY T 63 -26.39 -27.99 28.18
CA GLY T 63 -25.44 -28.64 29.06
C GLY T 63 -24.33 -29.33 28.29
N TRP T 64 -24.67 -30.03 27.22
CA TRP T 64 -23.68 -30.76 26.43
C TRP T 64 -22.68 -29.79 25.80
N ILE T 65 -23.18 -28.77 25.11
CA ILE T 65 -22.29 -27.92 24.35
C ILE T 65 -21.46 -27.04 25.26
N LEU T 66 -21.94 -26.76 26.47
CA LEU T 66 -21.16 -25.98 27.42
C LEU T 66 -20.21 -26.86 28.21
N GLY T 67 -20.52 -28.14 28.32
CA GLY T 67 -19.70 -29.07 29.06
C GLY T 67 -20.13 -29.10 30.51
N ASN T 68 -21.45 -29.02 30.77
CA ASN T 68 -21.99 -29.32 32.09
C ASN T 68 -21.31 -30.58 32.60
N PRO T 69 -20.79 -30.54 33.83
CA PRO T 69 -20.00 -31.67 34.34
C PRO T 69 -20.72 -33.01 34.30
N GLU T 70 -22.06 -33.01 34.38
CA GLU T 70 -22.81 -34.25 34.31
C GLU T 70 -22.83 -34.86 32.92
N CYS T 71 -22.31 -34.17 31.93
CA CYS T 71 -22.32 -34.62 30.55
C CYS T 71 -20.97 -35.08 30.08
N GLU T 72 -19.96 -35.01 30.96
CA GLU T 72 -18.59 -35.33 30.59
C GLU T 72 -18.52 -36.76 30.07
N SER T 73 -19.37 -37.63 30.60
CA SER T 73 -19.33 -39.03 30.25
C SER T 73 -19.93 -39.32 28.90
N LEU T 74 -20.65 -38.38 28.31
CA LEU T 74 -21.20 -38.64 26.99
C LEU T 74 -20.06 -38.75 25.98
N SER T 75 -20.20 -39.70 25.05
CA SER T 75 -19.30 -39.82 23.91
C SER T 75 -19.88 -38.98 22.78
N THR T 76 -19.01 -38.25 22.09
CA THR T 76 -19.44 -37.40 20.99
C THR T 76 -18.63 -37.74 19.75
N ALA T 77 -19.26 -38.42 18.80
CA ALA T 77 -18.67 -38.80 17.52
C ALA T 77 -18.30 -37.57 16.72
N SER T 78 -17.69 -37.77 15.57
CA SER T 78 -17.31 -36.65 14.73
C SER T 78 -18.40 -36.25 13.76
N SER T 79 -19.53 -36.97 13.74
CA SER T 79 -20.64 -36.62 12.89
C SER T 79 -21.90 -37.27 13.42
N TRP T 80 -23.05 -36.73 13.01
CA TRP T 80 -24.31 -37.29 13.46
C TRP T 80 -25.43 -36.73 12.61
N SER T 81 -26.51 -37.50 12.48
CA SER T 81 -27.58 -37.21 11.54
C SER T 81 -28.73 -36.44 12.18
N TYR T 82 -28.96 -36.63 13.48
CA TYR T 82 -29.89 -35.80 14.24
C TYR T 82 -29.50 -35.88 15.71
N ILE T 83 -30.23 -35.15 16.55
CA ILE T 83 -29.99 -35.14 17.99
C ILE T 83 -31.18 -35.74 18.73
N VAL T 84 -30.90 -36.49 19.79
CA VAL T 84 -31.93 -37.03 20.68
C VAL T 84 -31.75 -36.49 22.09
N GLU T 85 -32.80 -35.93 22.66
CA GLU T 85 -32.86 -35.61 24.09
C GLU T 85 -33.93 -36.48 24.71
N THR T 86 -33.89 -36.63 26.02
CA THR T 86 -35.00 -37.30 26.68
C THR T 86 -35.92 -36.28 27.32
N PRO T 87 -37.18 -36.63 27.62
CA PRO T 87 -38.07 -35.66 28.27
C PRO T 87 -37.63 -35.29 29.67
N SER T 88 -36.75 -36.10 30.27
CA SER T 88 -36.22 -35.87 31.62
C SER T 88 -34.81 -35.34 31.58
N SER T 89 -34.33 -34.99 30.39
CA SER T 89 -32.98 -34.44 30.19
C SER T 89 -33.01 -33.01 30.66
N ASP T 90 -32.48 -32.76 31.85
CA ASP T 90 -32.46 -31.42 32.36
C ASP T 90 -31.14 -30.95 32.95
N ASN T 91 -30.05 -31.67 32.74
CA ASN T 91 -28.73 -31.08 33.05
C ASN T 91 -28.41 -30.08 31.96
N GLY T 92 -28.72 -28.81 32.23
CA GLY T 92 -28.50 -27.81 31.21
C GLY T 92 -27.58 -26.72 31.70
N THR T 93 -28.08 -25.49 31.76
CA THR T 93 -27.31 -24.37 32.32
C THR T 93 -27.39 -24.46 33.84
N CYS T 94 -26.37 -25.04 34.47
CA CYS T 94 -26.37 -25.20 35.93
C CYS T 94 -26.16 -23.87 36.68
N TYR T 95 -25.54 -22.85 36.05
CA TYR T 95 -25.58 -21.49 36.59
C TYR T 95 -26.68 -20.71 35.90
N PRO T 96 -27.66 -20.22 36.63
CA PRO T 96 -28.83 -19.63 36.00
C PRO T 96 -28.54 -18.37 35.18
N GLY T 97 -29.33 -18.21 34.13
CA GLY T 97 -29.26 -17.09 33.23
C GLY T 97 -29.93 -17.44 31.92
N ASP T 98 -29.77 -16.55 30.95
CA ASP T 98 -30.34 -16.75 29.64
C ASP T 98 -29.29 -17.23 28.65
N PHE T 99 -29.67 -18.21 27.83
CA PHE T 99 -28.86 -18.67 26.72
C PHE T 99 -29.38 -17.99 25.48
N ILE T 100 -28.61 -17.05 24.96
CA ILE T 100 -29.07 -16.21 23.87
C ILE T 100 -29.12 -16.97 22.56
N ASP T 101 -30.24 -16.79 21.87
CA ASP T 101 -30.54 -17.48 20.62
C ASP T 101 -30.32 -18.98 20.74
N TYR T 102 -30.81 -19.53 21.84
CA TYR T 102 -30.64 -20.94 22.13
C TYR T 102 -31.24 -21.82 21.05
N GLU T 103 -32.47 -21.49 20.66
CA GLU T 103 -33.16 -22.31 19.67
C GLU T 103 -32.50 -22.29 18.31
N GLU T 104 -31.97 -21.13 17.89
CA GLU T 104 -31.21 -21.09 16.65
C GLU T 104 -30.00 -21.99 16.73
N LEU T 105 -29.34 -22.01 17.88
CA LEU T 105 -28.17 -22.84 18.02
C LEU T 105 -28.53 -24.32 17.89
N ARG T 106 -29.62 -24.71 18.54
CA ARG T 106 -30.07 -26.08 18.48
C ARG T 106 -30.29 -26.52 17.04
N GLU T 107 -31.00 -25.70 16.26
CA GLU T 107 -31.21 -25.97 14.84
C GLU T 107 -29.89 -26.01 14.09
N GLN T 108 -28.97 -25.11 14.42
CA GLN T 108 -27.66 -25.09 13.78
C GLN T 108 -26.94 -26.41 13.99
N LEU T 109 -27.09 -27.00 15.16
CA LEU T 109 -26.34 -28.18 15.53
C LEU T 109 -27.05 -29.47 15.20
N SER T 110 -28.29 -29.40 14.73
CA SER T 110 -29.11 -30.61 14.61
C SER T 110 -28.42 -31.67 13.78
N SER T 111 -27.71 -31.27 12.75
CA SER T 111 -26.98 -32.28 12.00
C SER T 111 -25.66 -31.72 11.51
N VAL T 112 -24.62 -32.51 11.67
CA VAL T 112 -23.26 -32.06 11.49
C VAL T 112 -22.49 -33.18 10.83
N SER T 113 -21.78 -32.85 9.75
CA SER T 113 -21.03 -33.83 9.02
C SER T 113 -19.60 -33.96 9.53
N SER T 114 -19.11 -32.94 10.23
CA SER T 114 -17.78 -33.00 10.85
C SER T 114 -17.86 -32.16 12.11
N PHE T 115 -17.24 -32.66 13.19
CA PHE T 115 -17.29 -32.00 14.48
C PHE T 115 -16.07 -32.34 15.32
N GLU T 116 -15.24 -31.36 15.59
CA GLU T 116 -14.02 -31.64 16.35
C GLU T 116 -13.81 -30.58 17.42
N ARG T 117 -13.95 -30.95 18.69
CA ARG T 117 -13.62 -30.07 19.80
C ARG T 117 -12.11 -29.86 19.90
N PHE T 118 -11.71 -28.60 20.10
CA PHE T 118 -10.30 -28.26 20.29
C PHE T 118 -10.22 -27.11 21.29
N GLU T 119 -9.06 -27.00 21.94
CA GLU T 119 -8.81 -26.00 22.96
C GLU T 119 -8.39 -24.67 22.33
N ILE T 120 -9.38 -23.80 22.11
CA ILE T 120 -9.14 -22.53 21.45
C ILE T 120 -8.23 -21.63 22.28
N PHE T 121 -8.43 -21.61 23.60
CA PHE T 121 -7.54 -20.85 24.48
C PHE T 121 -7.02 -21.76 25.58
N PRO T 122 -5.83 -22.32 25.40
CA PRO T 122 -5.27 -23.24 26.39
C PRO T 122 -5.26 -22.61 27.78
N LYS T 123 -5.81 -23.34 28.75
CA LYS T 123 -5.93 -22.85 30.13
C LYS T 123 -4.56 -22.50 30.72
N THR T 124 -3.51 -23.24 30.35
CA THR T 124 -2.22 -23.10 31.03
C THR T 124 -1.45 -21.86 30.61
N SER T 125 -1.63 -21.39 29.38
CA SER T 125 -0.83 -20.29 28.85
C SER T 125 -1.61 -19.03 28.51
N SER T 126 -2.93 -19.11 28.35
CA SER T 126 -3.69 -18.00 27.77
C SER T 126 -3.84 -16.81 28.71
N TRP T 127 -3.90 -17.02 30.03
CA TRP T 127 -4.30 -15.98 30.97
C TRP T 127 -3.24 -15.71 32.03
N PRO T 128 -2.07 -15.21 31.63
CA PRO T 128 -1.02 -14.98 32.61
C PRO T 128 -1.39 -13.93 33.65
N ASN T 129 -2.30 -13.01 33.35
CA ASN T 129 -2.61 -11.93 34.27
C ASN T 129 -3.91 -12.13 35.02
N HIS T 130 -4.54 -13.28 34.87
CA HIS T 130 -5.77 -13.54 35.58
C HIS T 130 -5.71 -14.93 36.17
N ASP T 131 -6.60 -15.20 37.13
CA ASP T 131 -6.70 -16.50 37.79
C ASP T 131 -7.69 -17.39 37.04
N SER T 132 -7.20 -18.51 36.51
CA SER T 132 -8.02 -19.46 35.75
C SER T 132 -8.31 -20.75 36.51
N ASN T 133 -8.21 -20.74 37.84
CA ASN T 133 -8.45 -21.90 38.67
C ASN T 133 -9.58 -21.73 39.70
N LYS T 134 -9.78 -20.54 40.22
CA LYS T 134 -10.76 -20.31 41.28
C LYS T 134 -12.19 -20.33 40.77
N GLY T 135 -12.41 -20.35 39.46
CA GLY T 135 -13.77 -20.25 38.94
C GLY T 135 -14.63 -21.49 39.00
N VAL T 136 -14.98 -21.92 40.21
CA VAL T 136 -15.86 -23.05 40.43
C VAL T 136 -16.99 -22.59 41.35
N THR T 137 -18.06 -23.36 41.36
CA THR T 137 -19.25 -22.92 42.07
C THR T 137 -20.08 -24.12 42.49
N ALA T 138 -20.80 -23.94 43.59
CA ALA T 138 -21.67 -24.98 44.12
C ALA T 138 -22.87 -25.19 43.21
N ALA T 139 -23.20 -24.21 42.37
CA ALA T 139 -24.28 -24.37 41.41
C ALA T 139 -23.95 -25.43 40.36
N CYS T 140 -22.68 -25.73 40.10
CA CYS T 140 -22.31 -26.72 39.08
C CYS T 140 -21.43 -27.77 39.75
N PRO T 141 -21.99 -28.56 40.68
CA PRO T 141 -21.19 -29.55 41.39
C PRO T 141 -20.81 -30.71 40.50
N HIS T 142 -19.61 -31.23 40.73
CA HIS T 142 -19.18 -32.47 40.11
C HIS T 142 -18.68 -33.42 41.18
N ALA T 143 -19.42 -34.50 41.39
CA ALA T 143 -19.13 -35.44 42.46
C ALA T 143 -19.05 -34.74 43.81
N GLY T 144 -20.02 -33.86 44.06
CA GLY T 144 -20.10 -33.13 45.30
C GLY T 144 -19.19 -31.92 45.39
N ALA T 145 -18.07 -31.93 44.67
CA ALA T 145 -17.18 -30.77 44.65
C ALA T 145 -17.71 -29.69 43.74
N LYS T 146 -17.47 -28.43 44.13
CA LYS T 146 -17.75 -27.30 43.23
C LYS T 146 -17.00 -27.49 41.91
N SER T 147 -17.65 -27.16 40.80
CA SER T 147 -17.01 -27.28 39.51
C SER T 147 -17.59 -26.23 38.56
N PHE T 148 -17.41 -26.44 37.27
CA PHE T 148 -17.86 -25.49 36.26
C PHE T 148 -17.91 -26.16 34.90
N TYR T 149 -18.44 -25.44 33.91
CA TYR T 149 -18.52 -25.98 32.57
C TYR T 149 -17.11 -26.38 32.10
N LYS T 150 -17.04 -27.50 31.40
CA LYS T 150 -15.78 -27.98 30.87
C LYS T 150 -15.22 -27.08 29.78
N ASN T 151 -16.10 -26.56 28.94
CA ASN T 151 -15.68 -25.84 27.75
C ASN T 151 -15.43 -24.36 28.00
N LEU T 152 -15.67 -23.88 29.21
CA LEU T 152 -15.50 -22.47 29.53
C LEU T 152 -14.63 -22.36 30.78
N ILE T 153 -13.99 -21.22 30.91
CA ILE T 153 -13.24 -20.87 32.11
C ILE T 153 -13.78 -19.57 32.69
N TRP T 154 -14.17 -19.61 33.96
CA TRP T 154 -14.64 -18.44 34.71
C TRP T 154 -13.43 -17.67 35.23
N LEU T 155 -12.94 -16.72 34.45
CA LEU T 155 -11.79 -15.93 34.89
C LEU T 155 -12.13 -15.00 36.04
N VAL T 156 -11.19 -14.88 36.99
CA VAL T 156 -11.37 -14.12 38.22
C VAL T 156 -10.08 -13.33 38.44
N LYS T 157 -10.20 -12.24 39.22
CA LYS T 157 -9.04 -11.38 39.49
C LYS T 157 -7.86 -12.19 40.04
N LYS T 158 -6.65 -11.75 39.66
CA LYS T 158 -5.39 -12.37 40.10
C LYS T 158 -4.77 -11.54 41.23
N GLY T 159 -4.89 -12.04 42.46
CA GLY T 159 -4.48 -11.26 43.61
C GLY T 159 -5.56 -10.24 43.89
N ASN T 160 -5.23 -9.00 43.57
CA ASN T 160 -6.15 -7.89 43.69
C ASN T 160 -6.25 -7.13 42.36
N SER T 161 -5.95 -7.79 41.23
CA SER T 161 -5.95 -7.14 39.92
C SER T 161 -6.69 -7.94 38.86
N TYR T 162 -7.52 -7.24 38.10
CA TYR T 162 -8.15 -7.80 36.91
C TYR T 162 -7.78 -6.80 35.83
N PRO T 163 -6.65 -6.99 35.15
CA PRO T 163 -6.28 -6.05 34.09
C PRO T 163 -7.16 -6.25 32.88
N LYS T 164 -7.19 -5.23 32.01
CA LYS T 164 -7.99 -5.35 30.80
C LYS T 164 -7.53 -6.56 30.02
N LEU T 165 -8.48 -7.42 29.70
CA LEU T 165 -8.19 -8.64 28.96
C LEU T 165 -8.40 -8.41 27.47
N SER T 166 -7.53 -9.02 26.66
CA SER T 166 -7.66 -8.98 25.21
C SER T 166 -7.00 -10.22 24.62
N LYS T 167 -7.73 -10.92 23.75
CA LYS T 167 -7.26 -12.20 23.23
C LYS T 167 -8.00 -12.48 21.93
N SER T 168 -7.26 -12.80 20.88
CA SER T 168 -7.83 -13.05 19.58
C SER T 168 -7.50 -14.46 19.15
N TYR T 169 -8.38 -15.04 18.34
CA TYR T 169 -8.15 -16.33 17.73
C TYR T 169 -8.55 -16.21 16.26
N ILE T 170 -7.64 -16.61 15.39
CA ILE T 170 -7.92 -16.65 13.97
C ILE T 170 -8.29 -18.08 13.57
N ASN T 171 -9.42 -18.22 12.88
CA ASN T 171 -9.99 -19.52 12.47
C ASN T 171 -9.14 -20.10 11.35
N ASP T 172 -8.24 -21.03 11.68
CA ASP T 172 -7.42 -21.70 10.68
C ASP T 172 -7.80 -23.17 10.46
N LYS T 173 -9.06 -23.53 10.72
CA LYS T 173 -9.56 -24.90 10.62
C LYS T 173 -10.16 -25.22 9.27
N GLY T 174 -10.21 -24.26 8.35
CA GLY T 174 -10.81 -24.48 7.06
C GLY T 174 -12.30 -24.77 7.16
N LYS T 175 -12.87 -24.54 8.34
CA LYS T 175 -14.30 -24.68 8.52
C LYS T 175 -14.73 -23.77 9.65
N GLU T 176 -16.04 -23.69 9.81
CA GLU T 176 -16.63 -22.86 10.85
C GLU T 176 -16.18 -23.32 12.22
N VAL T 177 -15.93 -22.37 13.12
CA VAL T 177 -15.61 -22.70 14.50
C VAL T 177 -16.68 -22.12 15.40
N LEU T 178 -17.36 -22.97 16.14
CA LEU T 178 -18.31 -22.54 17.14
C LEU T 178 -17.59 -22.11 18.41
N VAL T 179 -17.72 -20.83 18.74
CA VAL T 179 -17.19 -20.28 19.99
C VAL T 179 -18.34 -19.87 20.90
N LEU T 180 -18.29 -20.35 22.12
CA LEU T 180 -19.27 -20.01 23.13
C LEU T 180 -18.62 -19.25 24.26
N TRP T 181 -19.34 -18.30 24.85
CA TRP T 181 -18.83 -17.60 26.02
C TRP T 181 -19.98 -17.23 26.94
N GLY T 182 -19.62 -16.79 28.14
CA GLY T 182 -20.60 -16.35 29.12
C GLY T 182 -20.30 -14.96 29.65
N ILE T 183 -21.36 -14.30 30.11
CA ILE T 183 -21.26 -13.02 30.82
C ILE T 183 -21.84 -13.23 32.20
N HIS T 184 -21.08 -12.89 33.24
CA HIS T 184 -21.52 -13.09 34.62
C HIS T 184 -22.10 -11.81 35.21
N HIS T 185 -23.24 -11.93 35.85
CA HIS T 185 -23.94 -10.80 36.47
C HIS T 185 -24.03 -11.03 37.97
N PRO T 186 -23.12 -10.45 38.76
CA PRO T 186 -23.11 -10.70 40.21
C PRO T 186 -24.34 -10.15 40.92
N SER T 187 -24.68 -10.79 42.05
CA SER T 187 -25.79 -10.36 42.89
C SER T 187 -25.53 -9.01 43.58
N THR T 188 -24.30 -8.74 44.00
CA THR T 188 -24.00 -7.55 44.80
C THR T 188 -22.70 -6.90 44.30
N SER T 189 -22.55 -5.60 44.64
CA SER T 189 -21.30 -4.90 44.40
C SER T 189 -20.11 -5.55 45.09
N ALA T 190 -20.34 -6.14 46.26
CA ALA T 190 -19.30 -6.84 46.99
C ALA T 190 -18.80 -8.03 46.18
N ASP T 191 -19.73 -8.85 45.72
CA ASP T 191 -19.40 -10.01 44.91
C ASP T 191 -18.61 -9.58 43.68
N GLN T 192 -19.05 -8.49 43.04
CA GLN T 192 -18.33 -7.90 41.91
C GLN T 192 -16.87 -7.64 42.27
N GLN T 193 -16.66 -7.00 43.42
CA GLN T 193 -15.30 -6.66 43.83
C GLN T 193 -14.51 -7.90 44.21
N SER T 194 -15.14 -8.82 44.94
CA SER T 194 -14.47 -10.04 45.35
C SER T 194 -14.01 -10.87 44.15
N LEU T 195 -14.77 -10.88 43.06
CA LEU T 195 -14.38 -11.67 41.91
C LEU T 195 -13.47 -10.93 40.93
N TYR T 196 -13.75 -9.65 40.66
CA TYR T 196 -13.13 -8.96 39.55
C TYR T 196 -12.45 -7.66 39.97
N GLN T 197 -12.56 -7.28 41.25
CA GLN T 197 -12.02 -6.04 41.79
C GLN T 197 -12.61 -4.78 41.17
N ASN T 198 -12.54 -4.63 39.85
CA ASN T 198 -13.06 -3.44 39.18
C ASN T 198 -14.56 -3.37 39.33
N ALA T 199 -15.05 -2.18 39.73
CA ALA T 199 -16.48 -2.00 39.96
C ALA T 199 -17.25 -1.75 38.67
N ASP T 200 -16.63 -1.14 37.66
CA ASP T 200 -17.35 -0.70 36.46
C ASP T 200 -16.67 -1.35 35.26
N THR T 201 -17.21 -2.50 34.86
CA THR T 201 -16.55 -3.35 33.89
C THR T 201 -17.42 -3.42 32.66
N TYR T 202 -16.82 -3.91 31.58
CA TYR T 202 -17.52 -4.20 30.36
C TYR T 202 -16.92 -5.46 29.75
N VAL T 203 -17.65 -6.02 28.78
CA VAL T 203 -17.14 -7.12 27.96
C VAL T 203 -17.47 -6.76 26.52
N PHE T 204 -16.51 -6.98 25.62
CA PHE T 204 -16.74 -6.81 24.20
C PHE T 204 -16.29 -8.04 23.44
N VAL T 205 -17.11 -8.46 22.49
CA VAL T 205 -16.78 -9.60 21.63
C VAL T 205 -16.94 -9.11 20.20
N GLY T 206 -15.92 -9.33 19.39
CA GLY T 206 -15.98 -8.85 18.02
C GLY T 206 -15.28 -9.77 17.05
N SER T 207 -15.91 -9.96 15.90
CA SER T 207 -15.30 -10.61 14.76
C SER T 207 -15.56 -9.72 13.56
N SER T 208 -15.40 -10.30 12.37
CA SER T 208 -15.71 -9.59 11.13
C SER T 208 -17.21 -9.40 11.01
N ARG T 209 -17.98 -10.31 11.61
CA ARG T 209 -19.42 -10.33 11.52
C ARG T 209 -20.11 -10.07 12.84
N TYR T 210 -19.42 -10.23 13.95
CA TYR T 210 -20.08 -10.06 15.22
C TYR T 210 -19.48 -8.86 15.94
N SER T 211 -20.32 -8.14 16.68
CA SER T 211 -19.81 -7.02 17.46
C SER T 211 -20.83 -6.70 18.52
N LYS T 212 -20.44 -6.83 19.78
CA LYS T 212 -21.36 -6.61 20.87
C LYS T 212 -20.57 -6.27 22.13
N LYS T 213 -21.01 -5.21 22.80
CA LYS T 213 -20.48 -4.81 24.09
C LYS T 213 -21.48 -5.23 25.17
N PHE T 214 -20.96 -5.78 26.26
CA PHE T 214 -21.83 -6.27 27.30
C PHE T 214 -21.56 -5.47 28.57
N LYS T 215 -22.60 -5.27 29.38
CA LYS T 215 -22.47 -4.54 30.63
C LYS T 215 -23.05 -5.37 31.75
N PRO T 216 -22.27 -5.73 32.75
CA PRO T 216 -22.80 -6.52 33.87
C PRO T 216 -23.93 -5.81 34.58
N GLU T 217 -25.00 -6.55 34.89
CA GLU T 217 -26.15 -6.01 35.61
C GLU T 217 -26.15 -6.64 37.00
N ILE T 218 -25.72 -5.86 37.99
CA ILE T 218 -25.55 -6.32 39.36
C ILE T 218 -26.82 -6.07 40.19
N ALA T 219 -27.43 -7.14 40.68
CA ALA T 219 -28.65 -7.06 41.48
C ALA T 219 -28.95 -8.44 42.04
N ILE T 220 -29.73 -8.47 43.12
CA ILE T 220 -30.13 -9.75 43.69
C ILE T 220 -31.35 -10.26 42.94
N ARG T 221 -31.20 -11.39 42.32
CA ARG T 221 -32.31 -12.10 41.74
C ARG T 221 -32.79 -13.14 42.73
N PRO T 222 -34.02 -13.60 42.60
CA PRO T 222 -34.44 -14.77 43.39
C PRO T 222 -33.48 -15.92 43.14
N LYS T 223 -33.10 -16.60 44.22
CA LYS T 223 -32.15 -17.71 44.14
C LYS T 223 -32.61 -18.83 43.22
N VAL T 224 -31.83 -19.08 42.18
CA VAL T 224 -31.95 -20.32 41.42
C VAL T 224 -30.68 -21.10 41.65
N ARG T 225 -30.83 -22.38 42.00
CA ARG T 225 -29.72 -23.27 42.33
C ARG T 225 -28.72 -22.58 43.26
N ASP T 226 -29.27 -21.83 44.24
CA ASP T 226 -28.56 -21.11 45.30
C ASP T 226 -27.87 -19.84 44.84
N GLN T 227 -28.07 -19.40 43.60
CA GLN T 227 -27.36 -18.23 43.08
C GLN T 227 -28.31 -17.07 42.94
N GLU T 228 -27.89 -15.93 43.45
CA GLU T 228 -28.64 -14.70 43.31
C GLU T 228 -28.14 -13.93 42.11
N GLY T 229 -26.99 -14.36 41.57
CA GLY T 229 -26.43 -13.80 40.35
C GLY T 229 -26.95 -14.55 39.14
N ARG T 230 -26.54 -14.07 37.97
CA ARG T 230 -26.95 -14.73 36.73
C ARG T 230 -25.76 -14.81 35.79
N MET T 231 -25.80 -15.79 34.89
CA MET T 231 -24.78 -15.92 33.85
C MET T 231 -25.46 -16.09 32.50
N ASN T 232 -25.23 -15.15 31.59
CA ASN T 232 -25.75 -15.26 30.23
C ASN T 232 -24.71 -15.92 29.34
N TYR T 233 -25.19 -16.77 28.45
CA TYR T 233 -24.34 -17.56 27.56
C TYR T 233 -24.58 -17.13 26.12
N TYR T 234 -23.48 -16.90 25.42
CA TYR T 234 -23.51 -16.38 24.06
C TYR T 234 -22.70 -17.29 23.17
N TRP T 235 -22.97 -17.21 21.88
CA TRP T 235 -22.28 -18.06 20.94
C TRP T 235 -22.20 -17.36 19.60
N THR T 236 -21.18 -17.71 18.83
CA THR T 236 -21.14 -17.28 17.44
C THR T 236 -20.32 -18.28 16.64
N LEU T 237 -20.51 -18.21 15.34
CA LEU T 237 -19.83 -19.06 14.37
C LEU T 237 -18.77 -18.24 13.64
N VAL T 238 -17.51 -18.58 13.85
CA VAL T 238 -16.44 -17.88 13.19
C VAL T 238 -16.17 -18.56 11.85
N GLU T 239 -16.23 -17.78 10.78
CA GLU T 239 -16.02 -18.29 9.43
C GLU T 239 -14.55 -18.67 9.25
N PRO T 240 -14.25 -19.55 8.29
CA PRO T 240 -12.84 -19.88 8.03
C PRO T 240 -12.05 -18.62 7.67
N GLY T 241 -10.92 -18.42 8.37
CA GLY T 241 -10.03 -17.32 8.07
C GLY T 241 -10.26 -16.06 8.86
N ASP T 242 -11.41 -15.93 9.51
CA ASP T 242 -11.78 -14.78 10.34
C ASP T 242 -11.20 -14.87 11.75
N LYS T 243 -11.11 -13.70 12.38
CA LYS T 243 -10.62 -13.50 13.73
C LYS T 243 -11.80 -13.19 14.62
N ILE T 244 -11.80 -13.76 15.83
CA ILE T 244 -12.70 -13.33 16.88
C ILE T 244 -11.88 -12.77 18.03
N THR T 245 -12.31 -11.64 18.57
CA THR T 245 -11.59 -10.96 19.63
C THR T 245 -12.45 -10.85 20.87
N PHE T 246 -11.86 -11.14 22.02
CA PHE T 246 -12.49 -10.96 23.32
C PHE T 246 -11.78 -9.86 24.10
N GLU T 247 -12.54 -8.93 24.64
CA GLU T 247 -11.97 -7.87 25.48
C GLU T 247 -12.82 -7.74 26.73
N ALA T 248 -12.18 -7.59 27.89
CA ALA T 248 -12.93 -7.54 29.14
C ALA T 248 -12.12 -6.87 30.24
N THR T 249 -12.83 -6.18 31.14
CA THR T 249 -12.28 -5.70 32.39
C THR T 249 -12.94 -6.37 33.59
N GLY T 250 -13.63 -7.46 33.32
CA GLY T 250 -14.28 -8.28 34.32
C GLY T 250 -15.42 -9.05 33.71
N ASN T 251 -15.96 -9.99 34.48
CA ASN T 251 -17.25 -10.63 34.23
C ASN T 251 -17.28 -11.51 32.98
N LEU T 252 -16.15 -11.84 32.39
CA LEU T 252 -16.11 -12.64 31.19
C LEU T 252 -15.79 -14.08 31.56
N VAL T 253 -16.72 -14.99 31.24
CA VAL T 253 -16.47 -16.42 31.27
C VAL T 253 -15.92 -16.77 29.90
N VAL T 254 -14.61 -16.90 29.82
CA VAL T 254 -13.94 -17.05 28.53
C VAL T 254 -14.10 -18.45 27.97
N PRO T 255 -14.02 -18.60 26.66
CA PRO T 255 -13.95 -19.93 26.08
C PRO T 255 -12.71 -20.67 26.54
N ARG T 256 -12.84 -21.99 26.63
CA ARG T 256 -11.67 -22.85 26.75
C ARG T 256 -11.61 -23.84 25.60
N TYR T 257 -12.66 -24.63 25.38
CA TYR T 257 -12.79 -25.43 24.18
C TYR T 257 -13.79 -24.81 23.22
N ALA T 258 -13.50 -24.88 21.92
CA ALA T 258 -14.44 -24.49 20.87
C ALA T 258 -14.57 -25.65 19.89
N PHE T 259 -15.35 -25.42 18.84
CA PHE T 259 -15.75 -26.54 17.99
C PHE T 259 -15.70 -26.18 16.51
N ALA T 260 -14.83 -26.87 15.78
CA ALA T 260 -14.78 -26.78 14.33
C ALA T 260 -15.80 -27.76 13.77
N MET T 261 -16.63 -27.33 12.83
CA MET T 261 -17.70 -28.20 12.38
C MET T 261 -18.09 -27.94 10.93
N GLU T 262 -18.71 -28.95 10.32
CA GLU T 262 -19.31 -28.80 9.01
C GLU T 262 -20.77 -29.18 9.15
N ARG T 263 -21.64 -28.18 9.03
CA ARG T 263 -23.07 -28.42 9.15
C ARG T 263 -23.53 -29.02 7.83
N ASN T 264 -24.34 -30.05 7.92
CA ASN T 264 -24.98 -30.65 6.77
C ASN T 264 -26.49 -30.44 6.80
N ALA T 265 -27.01 -29.92 5.69
CA ALA T 265 -28.41 -29.65 5.38
C ALA T 265 -29.21 -29.18 6.59
N GLY T 266 -30.09 -30.02 7.09
CA GLY T 266 -30.96 -29.49 8.13
C GLY T 266 -31.67 -30.66 8.73
N SER T 267 -31.37 -30.96 10.00
CA SER T 267 -32.08 -32.03 10.64
C SER T 267 -32.99 -31.42 11.72
N GLY T 268 -33.16 -32.12 12.81
CA GLY T 268 -33.89 -31.54 13.89
C GLY T 268 -33.57 -32.31 15.13
N ILE T 269 -34.37 -32.07 16.15
CA ILE T 269 -34.12 -32.64 17.46
C ILE T 269 -35.35 -33.41 17.92
N ILE T 270 -35.19 -34.71 18.06
CA ILE T 270 -36.22 -35.59 18.58
C ILE T 270 -36.07 -35.71 20.09
N ILE T 271 -37.16 -35.50 20.81
CA ILE T 271 -37.18 -35.63 22.27
C ILE T 271 -38.07 -36.81 22.66
N SER T 272 -37.44 -37.92 23.09
CA SER T 272 -38.09 -39.23 23.21
C SER T 272 -37.29 -40.16 24.11
N ASP T 273 -38.01 -41.05 24.77
CA ASP T 273 -37.46 -42.14 25.55
C ASP T 273 -37.18 -43.37 24.71
N THR T 274 -37.57 -43.32 23.47
CA THR T 274 -37.34 -44.43 22.57
C THR T 274 -35.85 -44.73 22.52
N PRO T 275 -35.44 -45.98 22.64
CA PRO T 275 -34.02 -46.27 22.67
C PRO T 275 -33.36 -46.25 21.31
N VAL T 276 -32.12 -45.79 21.30
CA VAL T 276 -31.37 -45.83 20.06
C VAL T 276 -31.02 -47.27 19.77
N HIS T 277 -30.77 -47.56 18.50
CA HIS T 277 -30.49 -48.94 18.16
C HIS T 277 -29.67 -48.87 16.87
N ASP T 278 -28.83 -49.87 16.65
CA ASP T 278 -27.98 -49.96 15.46
C ASP T 278 -28.75 -50.57 14.27
N CYS T 279 -29.70 -49.78 13.75
CA CYS T 279 -30.50 -50.11 12.57
C CYS T 279 -30.42 -48.88 11.60
N ASN T 280 -30.63 -49.09 10.30
CA ASN T 280 -30.72 -47.98 9.35
C ASN T 280 -32.19 -47.64 9.08
N THR T 281 -32.47 -46.37 8.78
CA THR T 281 -33.82 -45.96 8.42
C THR T 281 -33.74 -44.76 7.50
N THR T 282 -34.86 -44.47 6.88
CA THR T 282 -34.97 -43.29 6.05
C THR T 282 -36.00 -42.30 6.57
N CYS T 283 -36.78 -42.66 7.59
CA CYS T 283 -37.79 -41.75 8.13
C CYS T 283 -37.89 -42.02 9.61
N GLN T 284 -37.49 -41.05 10.42
CA GLN T 284 -37.52 -41.25 11.85
C GLN T 284 -38.60 -40.41 12.52
N THR T 285 -39.38 -41.03 13.38
CA THR T 285 -40.34 -40.37 14.22
C THR T 285 -39.95 -40.47 15.66
N PRO T 286 -40.58 -39.69 16.55
CA PRO T 286 -40.19 -39.73 17.95
C PRO T 286 -40.45 -41.06 18.59
N LYS T 287 -41.31 -41.87 18.03
CA LYS T 287 -41.65 -43.11 18.69
C LYS T 287 -41.19 -44.31 17.92
N GLY T 288 -40.51 -44.13 16.82
CA GLY T 288 -40.05 -45.28 16.08
C GLY T 288 -39.79 -44.94 14.65
N ALA T 289 -38.92 -45.74 14.06
CA ALA T 289 -38.58 -45.56 12.67
C ALA T 289 -39.68 -46.15 11.83
N ILE T 290 -39.76 -45.71 10.58
CA ILE T 290 -40.72 -46.25 9.63
C ILE T 290 -39.96 -46.67 8.40
N ASN T 291 -40.23 -47.86 7.95
CA ASN T 291 -39.58 -48.35 6.75
C ASN T 291 -40.72 -48.59 5.81
N THR T 292 -40.83 -47.74 4.78
CA THR T 292 -42.01 -47.91 3.97
C THR T 292 -41.87 -47.14 2.67
N SER T 293 -42.41 -47.72 1.62
CA SER T 293 -42.53 -46.99 0.39
C SER T 293 -43.90 -46.37 0.24
N LEU T 294 -44.79 -46.62 1.18
CA LEU T 294 -46.17 -46.19 1.10
C LEU T 294 -46.27 -44.68 1.26
N PRO T 295 -47.20 -44.02 0.58
CA PRO T 295 -47.20 -42.56 0.59
C PRO T 295 -47.79 -41.92 1.83
N PHE T 296 -48.50 -42.60 2.67
CA PHE T 296 -49.09 -41.91 3.79
C PHE T 296 -48.81 -42.66 5.07
N GLN T 297 -48.84 -41.94 6.18
CA GLN T 297 -48.58 -42.61 7.42
C GLN T 297 -49.33 -41.87 8.50
N ASN T 298 -49.82 -42.63 9.49
CA ASN T 298 -50.52 -42.06 10.63
C ASN T 298 -49.77 -42.28 11.93
N ILE T 299 -48.46 -42.41 11.86
CA ILE T 299 -47.70 -42.66 13.06
C ILE T 299 -47.51 -41.41 13.87
N HIS T 300 -47.01 -40.37 13.24
CA HIS T 300 -46.63 -39.15 13.93
C HIS T 300 -46.38 -38.01 12.96
N PRO T 301 -46.90 -36.84 13.28
CA PRO T 301 -46.69 -35.67 12.42
C PRO T 301 -45.27 -35.16 12.38
N ILE T 302 -44.49 -35.37 13.43
CA ILE T 302 -43.15 -34.82 13.53
C ILE T 302 -42.14 -35.84 13.02
N THR T 303 -41.71 -35.73 11.78
CA THR T 303 -40.81 -36.75 11.30
C THR T 303 -39.53 -36.08 10.80
N ILE T 304 -38.49 -36.89 10.67
CA ILE T 304 -37.24 -36.44 10.05
C ILE T 304 -36.91 -37.41 8.94
N GLY T 305 -36.57 -36.90 7.78
CA GLY T 305 -36.16 -37.77 6.71
C GLY T 305 -37.02 -37.66 5.48
N LYS T 306 -37.00 -38.69 4.67
CA LYS T 306 -37.87 -38.71 3.51
C LYS T 306 -39.15 -39.47 3.86
N CYS T 307 -40.21 -38.74 4.19
CA CYS T 307 -41.32 -39.40 4.86
C CYS T 307 -42.63 -39.40 4.11
N PRO T 308 -43.49 -40.35 4.42
CA PRO T 308 -44.83 -40.33 3.91
C PRO T 308 -45.56 -39.22 4.59
N LYS T 309 -46.56 -38.70 3.88
CA LYS T 309 -47.35 -37.61 4.42
C LYS T 309 -48.14 -38.12 5.61
N TYR T 310 -48.18 -37.35 6.67
CA TYR T 310 -49.01 -37.71 7.80
C TYR T 310 -50.47 -37.53 7.44
N VAL T 311 -51.34 -38.49 7.77
CA VAL T 311 -52.78 -38.30 7.60
C VAL T 311 -53.46 -38.78 8.88
N LYS T 312 -54.73 -38.37 9.04
CA LYS T 312 -55.44 -38.78 10.26
C LYS T 312 -56.12 -40.10 10.08
N SER T 313 -56.08 -40.63 8.88
CA SER T 313 -56.82 -41.83 8.55
C SER T 313 -56.35 -43.01 9.36
N THR T 314 -57.26 -43.93 9.52
CA THR T 314 -56.95 -45.17 10.16
C THR T 314 -56.94 -46.31 9.16
N LYS T 315 -57.42 -46.09 7.94
CA LYS T 315 -57.50 -47.15 6.95
C LYS T 315 -57.52 -46.56 5.56
N LEU T 316 -56.50 -46.83 4.76
CA LEU T 316 -56.50 -46.38 3.37
C LEU T 316 -56.23 -47.57 2.51
N ARG T 317 -57.20 -48.42 2.34
CA ARG T 317 -56.96 -49.67 1.66
C ARG T 317 -57.52 -49.59 0.25
N LEU T 318 -56.67 -49.74 -0.76
CA LEU T 318 -57.08 -49.63 -2.15
C LEU T 318 -57.44 -51.01 -2.67
N ALA T 319 -58.63 -51.17 -3.23
CA ALA T 319 -59.02 -52.45 -3.79
C ALA T 319 -58.34 -52.72 -5.11
N THR T 320 -57.91 -53.94 -5.31
CA THR T 320 -57.36 -54.43 -6.56
C THR T 320 -58.13 -55.59 -7.15
N GLY T 321 -58.59 -56.50 -6.32
CA GLY T 321 -59.33 -57.65 -6.72
C GLY T 321 -60.79 -57.35 -6.89
N LEU T 322 -61.65 -58.34 -6.81
CA LEU T 322 -63.03 -58.04 -7.14
C LEU T 322 -63.98 -58.18 -5.99
N ARG T 323 -65.23 -57.78 -6.21
CA ARG T 323 -66.18 -57.92 -5.14
C ARG T 323 -66.23 -59.39 -4.79
N ASN T 324 -66.21 -59.69 -3.55
CA ASN T 324 -66.10 -61.07 -3.20
C ASN T 324 -67.42 -61.65 -2.81
N ILE T 325 -67.93 -62.53 -3.65
CA ILE T 325 -69.28 -63.08 -3.53
C ILE T 325 -69.17 -64.58 -3.70
N PRO T 326 -68.69 -65.30 -2.71
CA PRO T 326 -68.48 -66.74 -2.84
C PRO T 326 -69.74 -67.62 -2.88
N ASP U 2 -77.17 -59.12 -54.54
CA ASP U 2 -77.97 -59.18 -53.31
C ASP U 2 -77.22 -58.78 -52.01
N PRO U 3 -75.84 -58.73 -52.04
CA PRO U 3 -75.13 -58.01 -50.97
C PRO U 3 -75.80 -56.68 -50.70
N GLY U 4 -76.54 -56.65 -49.61
CA GLY U 4 -77.28 -55.49 -49.27
C GLY U 4 -76.40 -54.29 -49.03
N ASP U 5 -77.06 -53.16 -49.07
CA ASP U 5 -76.42 -51.89 -48.80
C ASP U 5 -76.00 -51.93 -47.33
N THR U 6 -74.93 -51.23 -46.96
CA THR U 6 -74.50 -51.33 -45.57
C THR U 6 -74.30 -49.95 -45.00
N LEU U 7 -74.55 -49.85 -43.70
CA LEU U 7 -74.23 -48.65 -42.94
C LEU U 7 -73.50 -49.07 -41.69
N CYS U 8 -72.29 -48.55 -41.55
CA CYS U 8 -71.37 -48.81 -40.46
C CYS U 8 -71.19 -47.57 -39.62
N ILE U 9 -71.05 -47.76 -38.33
CA ILE U 9 -70.71 -46.72 -37.37
C ILE U 9 -69.22 -46.73 -37.09
N GLY U 10 -68.62 -45.57 -36.88
CA GLY U 10 -67.19 -45.56 -36.66
C GLY U 10 -66.79 -44.28 -35.97
N TYR U 11 -65.49 -44.07 -35.84
CA TYR U 11 -65.01 -42.90 -35.11
C TYR U 11 -63.78 -42.34 -35.78
N HIS U 12 -63.53 -41.08 -35.55
CA HIS U 12 -62.43 -40.41 -36.20
C HIS U 12 -61.09 -41.01 -35.83
N ALA U 13 -60.21 -41.14 -36.80
CA ALA U 13 -58.79 -41.41 -36.58
C ALA U 13 -57.95 -40.49 -37.45
N ASN U 14 -56.73 -40.18 -37.04
CA ASN U 14 -55.92 -39.31 -37.90
C ASN U 14 -54.46 -39.70 -37.74
N ASN U 15 -53.55 -38.84 -38.22
CA ASN U 15 -52.12 -39.14 -38.18
C ASN U 15 -51.44 -38.65 -36.90
N SER U 16 -52.18 -38.09 -35.93
CA SER U 16 -51.65 -37.48 -34.71
C SER U 16 -50.83 -38.48 -33.89
N THR U 17 -49.79 -37.97 -33.23
CA THR U 17 -48.98 -38.78 -32.33
C THR U 17 -48.98 -38.34 -30.88
N ASP U 18 -49.85 -37.40 -30.49
CA ASP U 18 -49.99 -37.01 -29.10
C ASP U 18 -50.31 -38.21 -28.20
N THR U 19 -49.54 -38.37 -27.13
CA THR U 19 -49.89 -39.36 -26.14
C THR U 19 -50.29 -38.69 -24.84
N VAL U 20 -51.16 -39.37 -24.09
CA VAL U 20 -51.56 -38.96 -22.75
C VAL U 20 -51.56 -40.18 -21.88
N ASP U 21 -51.41 -39.95 -20.59
CA ASP U 21 -51.52 -40.99 -19.59
C ASP U 21 -52.92 -41.00 -19.01
N THR U 22 -53.42 -42.18 -18.69
CA THR U 22 -54.70 -42.36 -18.01
C THR U 22 -54.44 -43.22 -16.79
N VAL U 23 -55.42 -43.28 -15.90
CA VAL U 23 -55.22 -44.00 -14.65
C VAL U 23 -54.96 -45.46 -14.89
N LEU U 24 -55.50 -46.04 -15.93
CA LEU U 24 -55.32 -47.44 -16.26
C LEU U 24 -54.21 -47.74 -17.25
N GLU U 25 -53.74 -46.76 -18.01
CA GLU U 25 -52.84 -47.10 -19.09
C GLU U 25 -51.94 -45.93 -19.44
N LYS U 26 -50.65 -46.19 -19.63
CA LYS U 26 -49.69 -45.15 -19.99
C LYS U 26 -49.51 -44.99 -21.51
N ASN U 27 -49.14 -43.78 -21.93
CA ASN U 27 -48.82 -43.48 -23.32
C ASN U 27 -49.92 -43.92 -24.27
N VAL U 28 -51.13 -43.47 -24.02
CA VAL U 28 -52.21 -43.73 -24.95
C VAL U 28 -52.19 -42.66 -26.01
N THR U 29 -52.08 -43.06 -27.26
CA THR U 29 -52.13 -42.12 -28.37
C THR U 29 -53.53 -41.67 -28.68
N VAL U 30 -53.76 -40.37 -28.71
CA VAL U 30 -55.06 -39.77 -28.92
C VAL U 30 -55.02 -38.86 -30.13
N THR U 31 -56.16 -38.54 -30.69
CA THR U 31 -56.12 -37.80 -31.94
C THR U 31 -55.84 -36.34 -31.69
N HIS U 32 -56.15 -35.85 -30.50
CA HIS U 32 -55.81 -34.49 -30.14
C HIS U 32 -55.74 -34.44 -28.63
N SER U 33 -55.08 -33.42 -28.11
CA SER U 33 -54.86 -33.29 -26.67
C SER U 33 -54.48 -31.84 -26.42
N VAL U 34 -54.55 -31.40 -25.18
CA VAL U 34 -54.18 -30.02 -24.89
C VAL U 34 -53.24 -29.97 -23.71
N ASN U 35 -52.27 -29.08 -23.76
CA ASN U 35 -51.31 -29.00 -22.68
C ASN U 35 -51.78 -28.13 -21.54
N LEU U 36 -51.59 -28.62 -20.31
CA LEU U 36 -51.92 -27.91 -19.09
C LEU U 36 -50.69 -27.33 -18.39
N LEU U 37 -49.52 -27.66 -18.86
CA LEU U 37 -48.29 -27.34 -18.19
C LEU U 37 -47.55 -26.27 -18.97
N GLU U 38 -47.43 -25.09 -18.39
CA GLU U 38 -46.56 -24.13 -19.03
C GLU U 38 -45.13 -24.49 -18.67
N ASP U 39 -44.31 -24.78 -19.68
CA ASP U 39 -42.95 -25.27 -19.50
C ASP U 39 -41.93 -24.48 -20.33
N LYS U 40 -42.24 -23.23 -20.66
CA LYS U 40 -41.31 -22.37 -21.37
C LYS U 40 -41.36 -20.95 -20.84
N HIS U 41 -40.21 -20.27 -20.97
CA HIS U 41 -40.09 -18.88 -20.55
C HIS U 41 -39.35 -18.10 -21.62
N ASN U 42 -39.36 -16.78 -21.48
CA ASN U 42 -38.75 -15.93 -22.49
C ASN U 42 -37.34 -15.52 -22.11
N GLY U 43 -36.82 -16.03 -21.01
CA GLY U 43 -35.44 -15.73 -20.71
C GLY U 43 -35.23 -14.28 -20.42
N LYS U 44 -36.29 -13.52 -20.16
CA LYS U 44 -36.12 -12.11 -19.98
C LYS U 44 -36.68 -11.71 -18.63
N LEU U 45 -36.20 -10.62 -18.08
CA LEU U 45 -36.83 -10.02 -16.92
C LEU U 45 -37.69 -8.86 -17.43
N CYS U 46 -39.00 -8.97 -17.31
CA CYS U 46 -39.91 -8.05 -17.98
C CYS U 46 -40.57 -7.07 -17.03
N LYS U 47 -41.34 -6.18 -17.63
CA LYS U 47 -42.15 -5.24 -16.87
C LYS U 47 -43.31 -6.01 -16.28
N LEU U 48 -43.63 -5.69 -15.04
CA LEU U 48 -44.73 -6.32 -14.32
C LEU U 48 -45.75 -5.25 -14.04
N ARG U 49 -47.01 -5.54 -14.38
CA ARG U 49 -48.06 -4.54 -14.30
C ARG U 49 -47.74 -3.39 -15.23
N GLY U 50 -46.84 -3.65 -16.18
CA GLY U 50 -46.36 -2.67 -17.14
C GLY U 50 -45.30 -1.73 -16.61
N VAL U 51 -44.68 -2.04 -15.47
CA VAL U 51 -43.68 -1.17 -14.85
C VAL U 51 -42.37 -1.92 -14.80
N ALA U 52 -41.31 -1.26 -15.26
CA ALA U 52 -40.02 -1.92 -15.34
C ALA U 52 -39.50 -2.16 -13.93
N PRO U 53 -38.74 -3.23 -13.75
CA PRO U 53 -38.06 -3.43 -12.46
C PRO U 53 -36.96 -2.42 -12.27
N LEU U 54 -36.59 -2.23 -11.02
CA LEU U 54 -35.38 -1.50 -10.69
C LEU U 54 -34.22 -2.46 -10.78
N HIS U 55 -33.27 -2.17 -11.66
CA HIS U 55 -32.10 -3.01 -11.82
C HIS U 55 -30.92 -2.33 -11.14
N LEU U 56 -30.23 -3.08 -10.28
CA LEU U 56 -29.15 -2.54 -9.45
C LEU U 56 -27.75 -2.89 -9.92
N GLY U 57 -27.60 -3.53 -11.08
CA GLY U 57 -26.27 -3.86 -11.58
C GLY U 57 -25.40 -4.62 -10.58
N LYS U 58 -24.23 -4.06 -10.28
CA LYS U 58 -23.24 -4.71 -9.41
C LYS U 58 -23.39 -4.32 -7.94
N CYS U 59 -24.40 -3.53 -7.61
CA CYS U 59 -24.74 -3.12 -6.26
C CYS U 59 -25.82 -3.99 -5.68
N ASN U 60 -25.86 -4.03 -4.36
CA ASN U 60 -26.99 -4.64 -3.68
C ASN U 60 -27.83 -3.50 -3.12
N ILE U 61 -28.92 -3.85 -2.44
CA ILE U 61 -29.86 -2.85 -1.96
C ILE U 61 -29.18 -1.91 -0.96
N ALA U 62 -28.35 -2.47 -0.09
CA ALA U 62 -27.60 -1.65 0.86
C ALA U 62 -26.80 -0.57 0.14
N GLY U 63 -25.94 -0.97 -0.80
CA GLY U 63 -25.16 0.00 -1.53
C GLY U 63 -25.99 1.05 -2.24
N TRP U 64 -27.06 0.64 -2.90
CA TRP U 64 -27.89 1.58 -3.65
C TRP U 64 -28.55 2.60 -2.73
N ILE U 65 -29.21 2.13 -1.67
CA ILE U 65 -29.98 3.05 -0.85
C ILE U 65 -29.08 3.94 -0.02
N LEU U 66 -27.86 3.50 0.26
CA LEU U 66 -26.94 4.36 0.97
C LEU U 66 -26.18 5.27 0.04
N GLY U 67 -26.06 4.92 -1.25
CA GLY U 67 -25.34 5.75 -2.18
C GLY U 67 -23.86 5.43 -2.24
N ASN U 68 -23.52 4.15 -2.15
CA ASN U 68 -22.19 3.63 -2.45
C ASN U 68 -21.67 4.29 -3.72
N PRO U 69 -20.44 4.82 -3.71
CA PRO U 69 -19.98 5.57 -4.88
C PRO U 69 -20.06 4.78 -6.16
N GLU U 70 -19.99 3.44 -6.06
CA GLU U 70 -20.12 2.60 -7.25
C GLU U 70 -21.55 2.50 -7.77
N CYS U 71 -22.55 3.05 -7.07
CA CYS U 71 -23.93 2.92 -7.51
C CYS U 71 -24.46 4.23 -8.05
N GLU U 72 -23.64 5.27 -8.04
CA GLU U 72 -24.05 6.61 -8.47
C GLU U 72 -24.54 6.60 -9.90
N SER U 73 -23.98 5.72 -10.72
CA SER U 73 -24.29 5.67 -12.13
C SER U 73 -25.63 5.01 -12.39
N LEU U 74 -26.22 4.38 -11.39
CA LEU U 74 -27.52 3.78 -11.58
C LEU U 74 -28.55 4.89 -11.81
N SER U 75 -29.48 4.65 -12.73
CA SER U 75 -30.63 5.50 -12.92
C SER U 75 -31.72 4.96 -12.03
N THR U 76 -32.46 5.85 -11.38
CA THR U 76 -33.53 5.42 -10.48
C THR U 76 -34.83 6.11 -10.86
N ALA U 77 -35.75 5.35 -11.46
CA ALA U 77 -37.04 5.85 -11.85
C ALA U 77 -37.81 6.27 -10.61
N SER U 78 -39.00 6.84 -10.80
CA SER U 78 -39.79 7.25 -9.66
C SER U 78 -40.70 6.15 -9.16
N SER U 79 -40.73 5.02 -9.83
CA SER U 79 -41.52 3.87 -9.43
C SER U 79 -40.93 2.64 -10.07
N TRP U 80 -41.25 1.47 -9.51
CA TRP U 80 -40.75 0.22 -10.06
C TRP U 80 -41.52 -0.93 -9.45
N SER U 81 -41.60 -2.03 -10.20
CA SER U 81 -42.47 -3.13 -9.86
C SER U 81 -41.77 -4.22 -9.06
N TYR U 82 -40.47 -4.39 -9.26
CA TYR U 82 -39.69 -5.25 -8.40
C TYR U 82 -38.24 -4.81 -8.48
N ILE U 83 -37.39 -5.48 -7.72
CA ILE U 83 -35.97 -5.19 -7.73
C ILE U 83 -35.21 -6.39 -8.27
N VAL U 84 -34.17 -6.13 -9.05
CA VAL U 84 -33.28 -7.17 -9.54
C VAL U 84 -31.88 -6.92 -9.02
N GLU U 85 -31.27 -7.93 -8.42
CA GLU U 85 -29.84 -7.90 -8.12
C GLU U 85 -29.14 -8.97 -8.95
N THR U 86 -27.82 -8.84 -9.08
CA THR U 86 -27.14 -9.95 -9.71
C THR U 86 -26.49 -10.81 -8.64
N PRO U 87 -26.19 -12.08 -8.94
CA PRO U 87 -25.54 -12.94 -7.93
C PRO U 87 -24.17 -12.46 -7.55
N SER U 88 -23.57 -11.62 -8.37
CA SER U 88 -22.25 -11.07 -8.15
C SER U 88 -22.32 -9.63 -7.69
N SER U 89 -23.54 -9.14 -7.42
CA SER U 89 -23.77 -7.77 -6.95
C SER U 89 -23.38 -7.68 -5.48
N ASP U 90 -22.21 -7.14 -5.20
CA ASP U 90 -21.78 -7.00 -3.82
C ASP U 90 -21.19 -5.64 -3.46
N ASN U 91 -21.34 -4.62 -4.30
CA ASN U 91 -21.02 -3.27 -3.80
C ASN U 91 -22.15 -2.88 -2.88
N GLY U 92 -21.92 -3.12 -1.59
CA GLY U 92 -22.92 -2.90 -0.58
C GLY U 92 -22.39 -1.93 0.46
N THR U 93 -22.27 -2.39 1.69
CA THR U 93 -21.68 -1.57 2.75
C THR U 93 -20.16 -1.59 2.62
N CYS U 94 -19.59 -0.58 1.96
CA CYS U 94 -18.13 -0.53 1.80
C CYS U 94 -17.41 -0.19 3.10
N TYR U 95 -18.07 0.48 4.05
CA TYR U 95 -17.58 0.56 5.42
C TYR U 95 -18.28 -0.49 6.25
N PRO U 96 -17.53 -1.41 6.82
CA PRO U 96 -18.12 -2.57 7.48
C PRO U 96 -18.94 -2.23 8.72
N GLY U 97 -19.96 -3.05 8.93
CA GLY U 97 -20.84 -2.91 10.07
C GLY U 97 -22.13 -3.65 9.79
N ASP U 98 -23.09 -3.47 10.68
CA ASP U 98 -24.37 -4.12 10.55
C ASP U 98 -25.40 -3.17 9.98
N PHE U 99 -26.21 -3.67 9.05
CA PHE U 99 -27.36 -2.94 8.56
C PHE U 99 -28.56 -3.48 9.31
N ILE U 100 -29.09 -2.68 10.23
CA ILE U 100 -30.15 -3.16 11.10
C ILE U 100 -31.47 -3.29 10.35
N ASP U 101 -32.13 -4.42 10.58
CA ASP U 101 -33.37 -4.79 9.88
C ASP U 101 -33.23 -4.63 8.38
N TYR U 102 -32.10 -5.10 7.86
CA TYR U 102 -31.81 -4.96 6.43
C TYR U 102 -32.86 -5.66 5.58
N GLU U 103 -33.20 -6.89 5.94
CA GLU U 103 -34.14 -7.66 5.15
C GLU U 103 -35.50 -7.02 5.16
N GLU U 104 -35.91 -6.49 6.31
CA GLU U 104 -37.17 -5.79 6.34
C GLU U 104 -37.14 -4.61 5.39
N LEU U 105 -36.03 -3.91 5.34
CA LEU U 105 -35.95 -2.76 4.45
C LEU U 105 -36.05 -3.19 3.00
N ARG U 106 -35.36 -4.27 2.63
CA ARG U 106 -35.41 -4.78 1.25
C ARG U 106 -36.83 -5.07 0.80
N GLU U 107 -37.57 -5.82 1.61
CA GLU U 107 -38.97 -6.11 1.35
C GLU U 107 -39.80 -4.83 1.29
N GLN U 108 -39.53 -3.89 2.17
CA GLN U 108 -40.22 -2.61 2.11
C GLN U 108 -39.97 -1.93 0.77
N LEU U 109 -38.76 -2.11 0.24
CA LEU U 109 -38.40 -1.38 -0.96
C LEU U 109 -38.72 -2.16 -2.22
N SER U 110 -39.17 -3.40 -2.10
CA SER U 110 -39.31 -4.25 -3.28
C SER U 110 -40.21 -3.61 -4.34
N SER U 111 -41.26 -2.91 -3.92
CA SER U 111 -42.12 -2.21 -4.88
C SER U 111 -42.64 -0.89 -4.36
N VAL U 112 -42.55 0.13 -5.21
CA VAL U 112 -42.78 1.51 -4.81
C VAL U 112 -43.49 2.23 -5.94
N SER U 113 -44.59 2.91 -5.62
CA SER U 113 -45.34 3.60 -6.66
C SER U 113 -44.85 5.01 -6.87
N SER U 114 -44.19 5.58 -5.88
CA SER U 114 -43.62 6.91 -6.00
C SER U 114 -42.36 6.90 -5.16
N PHE U 115 -41.31 7.52 -5.68
CA PHE U 115 -40.02 7.53 -5.00
C PHE U 115 -39.27 8.78 -5.42
N GLU U 116 -39.03 9.67 -4.46
CA GLU U 116 -38.37 10.95 -4.73
C GLU U 116 -37.28 11.24 -3.70
N ARG U 117 -36.03 11.19 -4.16
CA ARG U 117 -34.88 11.60 -3.40
C ARG U 117 -34.85 13.10 -3.18
N PHE U 118 -34.58 13.54 -1.96
CA PHE U 118 -34.44 14.96 -1.69
C PHE U 118 -33.37 15.13 -0.62
N GLU U 119 -32.75 16.30 -0.59
CA GLU U 119 -31.69 16.60 0.36
C GLU U 119 -32.33 17.03 1.67
N ILE U 120 -32.51 16.07 2.57
CA ILE U 120 -33.19 16.34 3.84
C ILE U 120 -32.40 17.34 4.68
N PHE U 121 -31.09 17.21 4.70
CA PHE U 121 -30.22 18.17 5.37
C PHE U 121 -29.17 18.65 4.38
N PRO U 122 -29.39 19.80 3.75
CA PRO U 122 -28.45 20.31 2.74
C PRO U 122 -27.03 20.38 3.26
N LYS U 123 -26.10 19.80 2.50
CA LYS U 123 -24.70 19.76 2.92
C LYS U 123 -24.11 21.15 3.16
N THR U 124 -24.53 22.13 2.35
CA THR U 124 -23.86 23.43 2.38
C THR U 124 -24.27 24.30 3.57
N SER U 125 -25.49 24.14 4.09
CA SER U 125 -26.00 25.02 5.13
C SER U 125 -26.29 24.32 6.45
N SER U 126 -26.41 23.00 6.46
CA SER U 126 -26.93 22.32 7.65
C SER U 126 -25.94 22.30 8.81
N TRP U 127 -24.64 22.28 8.56
CA TRP U 127 -23.66 21.99 9.61
C TRP U 127 -22.62 23.08 9.78
N PRO U 128 -23.05 24.28 10.21
CA PRO U 128 -22.10 25.38 10.37
C PRO U 128 -21.07 25.09 11.43
N ASN U 129 -21.40 24.22 12.39
CA ASN U 129 -20.53 23.96 13.53
C ASN U 129 -19.77 22.66 13.41
N HIS U 130 -19.86 21.98 12.29
CA HIS U 130 -19.13 20.73 12.10
C HIS U 130 -18.46 20.71 10.73
N ASP U 131 -17.50 19.80 10.56
CA ASP U 131 -16.79 19.63 9.29
C ASP U 131 -17.54 18.62 8.44
N SER U 132 -18.03 19.07 7.28
CA SER U 132 -18.78 18.23 6.36
C SER U 132 -17.98 17.84 5.13
N ASN U 133 -16.65 17.92 5.22
CA ASN U 133 -15.80 17.59 4.09
C ASN U 133 -14.81 16.45 4.36
N LYS U 134 -14.31 16.31 5.60
CA LYS U 134 -13.31 15.32 5.96
C LYS U 134 -13.85 13.89 6.12
N GLY U 135 -15.16 13.67 6.09
CA GLY U 135 -15.66 12.33 6.34
C GLY U 135 -15.55 11.38 5.16
N VAL U 136 -14.32 11.05 4.75
CA VAL U 136 -14.06 10.13 3.65
C VAL U 136 -13.11 9.04 4.13
N THR U 137 -13.07 7.95 3.37
CA THR U 137 -12.31 6.79 3.79
C THR U 137 -11.90 6.00 2.57
N ALA U 138 -10.74 5.32 2.67
CA ALA U 138 -10.23 4.50 1.58
C ALA U 138 -11.07 3.26 1.37
N ALA U 139 -11.86 2.86 2.38
CA ALA U 139 -12.76 1.72 2.25
C ALA U 139 -13.87 1.98 1.23
N CYS U 140 -14.19 3.25 0.96
CA CYS U 140 -15.24 3.60 0.00
C CYS U 140 -14.63 4.53 -1.04
N PRO U 141 -13.70 4.02 -1.84
CA PRO U 141 -13.02 4.89 -2.80
C PRO U 141 -14.01 5.24 -3.91
N HIS U 142 -13.89 6.46 -4.40
CA HIS U 142 -14.62 6.87 -5.60
C HIS U 142 -13.59 7.47 -6.53
N ALA U 143 -13.33 6.79 -7.66
CA ALA U 143 -12.29 7.14 -8.65
C ALA U 143 -10.90 7.24 -8.02
N GLY U 144 -10.56 6.26 -7.20
CA GLY U 144 -9.27 6.14 -6.52
C GLY U 144 -9.12 7.00 -5.27
N ALA U 145 -9.83 8.11 -5.22
CA ALA U 145 -9.83 8.99 -4.05
C ALA U 145 -10.72 8.43 -2.94
N LYS U 146 -10.34 8.69 -1.69
CA LYS U 146 -11.22 8.40 -0.56
C LYS U 146 -12.56 9.10 -0.79
N SER U 147 -13.65 8.43 -0.43
CA SER U 147 -14.98 9.03 -0.60
C SER U 147 -15.92 8.46 0.45
N PHE U 148 -17.21 8.61 0.22
CA PHE U 148 -18.20 8.16 1.20
C PHE U 148 -19.54 8.03 0.51
N TYR U 149 -20.51 7.50 1.26
CA TYR U 149 -21.85 7.33 0.74
C TYR U 149 -22.40 8.69 0.30
N LYS U 150 -23.14 8.70 -0.81
CA LYS U 150 -23.73 9.95 -1.27
C LYS U 150 -24.84 10.46 -0.35
N ASN U 151 -25.65 9.57 0.18
CA ASN U 151 -26.85 9.97 0.90
C ASN U 151 -26.60 10.25 2.37
N LEU U 152 -25.37 10.04 2.85
CA LEU U 152 -25.04 10.27 4.24
C LEU U 152 -23.81 11.15 4.25
N ILE U 153 -23.64 11.86 5.37
CA ILE U 153 -22.45 12.64 5.61
C ILE U 153 -21.82 12.18 6.93
N TRP U 154 -20.53 11.82 6.86
CA TRP U 154 -19.76 11.43 8.04
C TRP U 154 -19.24 12.69 8.72
N LEU U 155 -20.00 13.21 9.67
CA LEU U 155 -19.57 14.41 10.38
C LEU U 155 -18.38 14.14 11.29
N VAL U 156 -17.47 15.11 11.31
CA VAL U 156 -16.20 15.02 12.02
C VAL U 156 -15.99 16.35 12.72
N LYS U 157 -15.20 16.32 13.79
CA LYS U 157 -14.93 17.55 14.54
C LYS U 157 -14.40 18.63 13.61
N LYS U 158 -14.76 19.89 13.89
CA LYS U 158 -14.30 21.04 13.10
C LYS U 158 -13.18 21.73 13.89
N GLY U 159 -11.95 21.50 13.46
CA GLY U 159 -10.80 21.96 14.22
C GLY U 159 -10.59 21.01 15.38
N ASN U 160 -10.88 21.47 16.60
CA ASN U 160 -10.80 20.60 17.77
C ASN U 160 -12.06 20.58 18.59
N SER U 161 -13.18 20.88 17.98
CA SER U 161 -14.44 20.96 18.68
C SER U 161 -15.48 20.18 17.91
N TYR U 162 -16.25 19.39 18.65
CA TYR U 162 -17.42 18.71 18.11
C TYR U 162 -18.48 19.18 19.11
N PRO U 163 -19.15 20.29 18.81
CA PRO U 163 -20.20 20.79 19.71
C PRO U 163 -21.43 19.90 19.64
N LYS U 164 -22.28 20.02 20.66
CA LYS U 164 -23.50 19.23 20.69
C LYS U 164 -24.31 19.50 19.43
N LEU U 165 -24.64 18.43 18.72
CA LEU U 165 -25.41 18.53 17.51
C LEU U 165 -26.88 18.30 17.80
N SER U 166 -27.74 19.05 17.10
CA SER U 166 -29.18 18.90 17.18
C SER U 166 -29.81 19.37 15.88
N LYS U 167 -30.68 18.54 15.30
CA LYS U 167 -31.20 18.84 13.97
C LYS U 167 -32.50 18.07 13.78
N SER U 168 -33.56 18.80 13.37
CA SER U 168 -34.88 18.22 13.19
C SER U 168 -35.33 18.39 11.74
N TYR U 169 -36.18 17.47 11.28
CA TYR U 169 -36.81 17.59 9.97
C TYR U 169 -38.27 17.23 10.13
N ILE U 170 -39.14 18.11 9.66
CA ILE U 170 -40.57 17.84 9.66
C ILE U 170 -41.01 17.36 8.29
N ASN U 171 -41.70 16.23 8.25
CA ASN U 171 -42.14 15.61 6.99
C ASN U 171 -43.28 16.42 6.38
N ASP U 172 -42.97 17.27 5.41
CA ASP U 172 -44.02 18.02 4.73
C ASP U 172 -44.25 17.52 3.31
N LYS U 173 -43.97 16.26 3.05
CA LYS U 173 -44.08 15.69 1.71
C LYS U 173 -45.43 15.02 1.45
N GLY U 174 -46.32 15.00 2.44
CA GLY U 174 -47.60 14.36 2.28
C GLY U 174 -47.48 12.86 2.06
N LYS U 175 -46.28 12.32 2.29
CA LYS U 175 -46.07 10.88 2.23
C LYS U 175 -44.90 10.50 3.13
N GLU U 176 -44.70 9.20 3.26
CA GLU U 176 -43.64 8.64 4.09
C GLU U 176 -42.28 9.11 3.60
N VAL U 177 -41.39 9.40 4.53
CA VAL U 177 -40.02 9.73 4.18
C VAL U 177 -39.08 8.71 4.80
N LEU U 178 -38.32 8.03 3.94
CA LEU U 178 -37.25 7.12 4.38
C LEU U 178 -35.99 7.89 4.74
N VAL U 179 -35.62 7.82 6.01
CA VAL U 179 -34.38 8.39 6.52
C VAL U 179 -33.43 7.29 6.93
N LEU U 180 -32.20 7.36 6.45
CA LEU U 180 -31.17 6.41 6.85
C LEU U 180 -30.08 7.18 7.56
N TRP U 181 -29.46 6.58 8.58
CA TRP U 181 -28.32 7.22 9.23
C TRP U 181 -27.37 6.14 9.71
N GLY U 182 -26.19 6.57 10.13
CA GLY U 182 -25.20 5.67 10.64
C GLY U 182 -24.66 6.06 12.01
N ILE U 183 -24.18 5.05 12.71
CA ILE U 183 -23.47 5.22 13.97
C ILE U 183 -22.08 4.63 13.77
N HIS U 184 -21.03 5.42 14.03
CA HIS U 184 -19.66 4.96 13.82
C HIS U 184 -19.06 4.47 15.13
N HIS U 185 -18.42 3.31 15.07
CA HIS U 185 -17.79 2.69 16.24
C HIS U 185 -16.30 2.61 15.94
N PRO U 186 -15.51 3.56 16.44
CA PRO U 186 -14.07 3.58 16.14
C PRO U 186 -13.32 2.40 16.72
N SER U 187 -12.21 2.08 16.05
CA SER U 187 -11.32 1.02 16.52
C SER U 187 -10.65 1.37 17.84
N THR U 188 -10.27 2.63 18.07
CA THR U 188 -9.49 3.00 19.25
C THR U 188 -10.04 4.29 19.85
N SER U 189 -9.75 4.50 21.15
CA SER U 189 -10.07 5.77 21.82
C SER U 189 -9.40 6.94 21.12
N ALA U 190 -8.22 6.70 20.58
CA ALA U 190 -7.47 7.70 19.82
C ALA U 190 -8.24 8.12 18.57
N ASP U 191 -8.69 7.14 17.79
CA ASP U 191 -9.46 7.43 16.58
C ASP U 191 -10.69 8.26 16.94
N GLN U 192 -11.36 7.90 18.04
CA GLN U 192 -12.49 8.67 18.55
C GLN U 192 -12.09 10.14 18.73
N GLN U 193 -10.95 10.37 19.37
CA GLN U 193 -10.54 11.75 19.61
C GLN U 193 -10.17 12.42 18.29
N SER U 194 -9.44 11.70 17.44
CA SER U 194 -9.06 12.27 16.15
C SER U 194 -10.26 12.65 15.30
N LEU U 195 -11.35 11.87 15.38
CA LEU U 195 -12.52 12.21 14.60
C LEU U 195 -13.46 13.17 15.30
N TYR U 196 -13.68 12.95 16.60
CA TYR U 196 -14.78 13.61 17.30
C TYR U 196 -14.35 14.38 18.53
N GLN U 197 -13.07 14.32 18.92
CA GLN U 197 -12.52 14.97 20.11
C GLN U 197 -13.09 14.45 21.44
N ASN U 198 -14.41 14.50 21.60
CA ASN U 198 -15.04 14.06 22.85
C ASN U 198 -14.83 12.57 23.03
N ALA U 199 -14.40 12.19 24.23
CA ALA U 199 -14.11 10.79 24.47
C ALA U 199 -15.37 9.99 24.77
N ASP U 200 -16.40 10.59 25.37
CA ASP U 200 -17.58 9.87 25.84
C ASP U 200 -18.83 10.48 25.18
N THR U 201 -19.26 9.90 24.07
CA THR U 201 -20.27 10.50 23.21
C THR U 201 -21.51 9.61 23.20
N TYR U 202 -22.60 10.19 22.71
CA TYR U 202 -23.83 9.45 22.45
C TYR U 202 -24.47 10.01 21.19
N VAL U 203 -25.43 9.26 20.64
CA VAL U 203 -26.28 9.73 19.56
C VAL U 203 -27.70 9.36 19.95
N PHE U 204 -28.63 10.27 19.71
CA PHE U 204 -30.04 9.98 19.94
C PHE U 204 -30.78 10.35 18.68
N VAL U 205 -31.69 9.47 18.28
CA VAL U 205 -32.55 9.67 17.12
C VAL U 205 -33.98 9.45 17.60
N GLY U 206 -34.86 10.41 17.29
CA GLY U 206 -36.22 10.30 17.76
C GLY U 206 -37.25 10.87 16.80
N SER U 207 -38.36 10.16 16.68
CA SER U 207 -39.54 10.67 15.99
C SER U 207 -40.73 10.41 16.92
N SER U 208 -41.93 10.50 16.36
CA SER U 208 -43.11 10.17 17.13
C SER U 208 -43.16 8.68 17.41
N ARG U 209 -42.55 7.91 16.52
CA ARG U 209 -42.57 6.48 16.58
C ARG U 209 -41.20 5.87 16.81
N TYR U 210 -40.11 6.60 16.62
CA TYR U 210 -38.81 5.98 16.80
C TYR U 210 -38.13 6.65 18.00
N SER U 211 -37.38 5.87 18.77
CA SER U 211 -36.64 6.43 19.89
C SER U 211 -35.54 5.47 20.30
N LYS U 212 -34.30 5.92 20.18
CA LYS U 212 -33.17 5.05 20.46
C LYS U 212 -31.97 5.92 20.79
N LYS U 213 -31.30 5.60 21.88
CA LYS U 213 -30.05 6.24 22.23
C LYS U 213 -28.93 5.29 21.86
N PHE U 214 -27.87 5.83 21.26
CA PHE U 214 -26.79 4.97 20.79
C PHE U 214 -25.54 5.33 21.56
N LYS U 215 -24.69 4.32 21.79
CA LYS U 215 -23.42 4.50 22.50
C LYS U 215 -22.33 3.88 21.65
N PRO U 216 -21.33 4.64 21.22
CA PRO U 216 -20.25 4.05 20.41
C PRO U 216 -19.54 2.95 21.18
N GLU U 217 -19.28 1.84 20.51
CA GLU U 217 -18.57 0.73 21.12
C GLU U 217 -17.20 0.71 20.46
N ILE U 218 -16.23 1.20 21.21
CA ILE U 218 -14.86 1.40 20.75
C ILE U 218 -14.02 0.17 21.04
N ALA U 219 -13.52 -0.47 19.98
CA ALA U 219 -12.68 -1.65 20.11
C ALA U 219 -12.14 -1.97 18.72
N ILE U 220 -11.06 -2.72 18.68
CA ILE U 220 -10.49 -3.15 17.41
C ILE U 220 -11.21 -4.38 16.92
N ARG U 221 -11.81 -4.26 15.78
CA ARG U 221 -12.37 -5.42 15.13
C ARG U 221 -11.35 -5.96 14.14
N PRO U 222 -11.48 -7.22 13.75
CA PRO U 222 -10.68 -7.72 12.64
C PRO U 222 -10.86 -6.84 11.41
N LYS U 223 -9.76 -6.55 10.73
CA LYS U 223 -9.80 -5.68 9.57
C LYS U 223 -10.71 -6.22 8.47
N VAL U 224 -11.77 -5.46 8.15
CA VAL U 224 -12.53 -5.64 6.93
C VAL U 224 -12.37 -4.37 6.09
N ARG U 225 -12.04 -4.55 4.80
CA ARG U 225 -11.78 -3.44 3.88
C ARG U 225 -10.87 -2.40 4.51
N ASP U 226 -9.86 -2.88 5.24
CA ASP U 226 -8.80 -2.10 5.90
C ASP U 226 -9.25 -1.36 7.16
N GLN U 227 -10.47 -1.56 7.65
CA GLN U 227 -10.99 -0.82 8.79
C GLN U 227 -11.13 -1.69 10.02
N GLU U 228 -10.62 -1.21 11.15
CA GLU U 228 -10.81 -1.90 12.41
C GLU U 228 -12.01 -1.36 13.17
N GLY U 229 -12.57 -0.24 12.71
CA GLY U 229 -13.78 0.30 13.29
C GLY U 229 -15.00 -0.28 12.57
N ARG U 230 -16.18 0.08 13.07
CA ARG U 230 -17.41 -0.39 12.45
C ARG U 230 -18.41 0.73 12.34
N MET U 231 -19.31 0.62 11.37
CA MET U 231 -20.42 1.55 11.20
C MET U 231 -21.73 0.77 11.07
N ASN U 232 -22.65 1.02 11.99
CA ASN U 232 -23.97 0.40 11.95
C ASN U 232 -24.91 1.35 11.21
N TYR U 233 -25.78 0.80 10.38
CA TYR U 233 -26.67 1.59 9.56
C TYR U 233 -28.11 1.38 9.98
N TYR U 234 -28.83 2.48 10.16
CA TYR U 234 -30.19 2.44 10.67
C TYR U 234 -31.11 3.19 9.72
N TRP U 235 -32.39 2.89 9.81
CA TRP U 235 -33.38 3.53 8.96
C TRP U 235 -34.71 3.54 9.69
N THR U 236 -35.53 4.53 9.34
CA THR U 236 -36.92 4.55 9.78
C THR U 236 -37.73 5.33 8.76
N LEU U 237 -39.03 5.16 8.84
CA LEU U 237 -40.02 5.80 7.98
C LEU U 237 -40.75 6.89 8.74
N VAL U 238 -40.57 8.13 8.33
CA VAL U 238 -41.25 9.23 8.99
C VAL U 238 -42.60 9.41 8.32
N GLU U 239 -43.66 9.38 9.12
CA GLU U 239 -45.01 9.54 8.62
C GLU U 239 -45.19 10.96 8.14
N PRO U 240 -46.14 11.20 7.25
CA PRO U 240 -46.43 12.58 6.83
C PRO U 240 -46.77 13.45 8.04
N GLY U 241 -46.08 14.59 8.17
CA GLY U 241 -46.36 15.54 9.21
C GLY U 241 -45.54 15.37 10.47
N ASP U 242 -44.90 14.24 10.64
CA ASP U 242 -44.08 13.93 11.80
C ASP U 242 -42.67 14.50 11.66
N LYS U 243 -42.06 14.67 12.82
CA LYS U 243 -40.70 15.17 12.99
C LYS U 243 -39.76 14.03 13.36
N ILE U 244 -38.57 14.05 12.79
CA ILE U 244 -37.47 13.22 13.25
C ILE U 244 -36.38 14.14 13.76
N THR U 245 -35.80 13.80 14.91
CA THR U 245 -34.80 14.64 15.56
C THR U 245 -33.48 13.89 15.69
N PHE U 246 -32.39 14.58 15.38
CA PHE U 246 -31.05 14.05 15.58
C PHE U 246 -30.33 14.85 16.66
N GLU U 247 -29.73 14.14 17.60
CA GLU U 247 -28.95 14.77 18.64
C GLU U 247 -27.66 13.98 18.75
N ALA U 248 -26.53 14.66 18.85
CA ALA U 248 -25.30 13.90 18.87
C ALA U 248 -24.18 14.71 19.48
N THR U 249 -23.28 14.01 20.16
CA THR U 249 -22.00 14.60 20.58
C THR U 249 -20.84 13.90 19.90
N GLY U 250 -21.10 13.14 18.87
CA GLY U 250 -20.07 12.47 18.09
C GLY U 250 -20.66 11.25 17.43
N ASN U 251 -19.88 10.68 16.52
CA ASN U 251 -20.11 9.33 16.03
C ASN U 251 -21.38 9.21 15.17
N LEU U 252 -21.98 10.32 14.76
CA LEU U 252 -23.18 10.27 13.95
C LEU U 252 -22.84 10.50 12.49
N VAL U 253 -23.14 9.51 11.65
CA VAL U 253 -23.13 9.67 10.20
C VAL U 253 -24.52 10.17 9.82
N VAL U 254 -24.63 11.47 9.61
CA VAL U 254 -25.92 12.13 9.43
C VAL U 254 -26.54 11.87 8.06
N PRO U 255 -27.85 11.95 7.96
CA PRO U 255 -28.49 11.94 6.65
C PRO U 255 -28.09 13.13 5.79
N ARG U 256 -28.04 12.92 4.49
CA ARG U 256 -27.97 14.03 3.57
C ARG U 256 -29.17 14.01 2.62
N TYR U 257 -29.37 12.91 1.90
CA TYR U 257 -30.57 12.67 1.13
C TYR U 257 -31.48 11.67 1.84
N ALA U 258 -32.78 11.93 1.78
CA ALA U 258 -33.81 10.99 2.23
C ALA U 258 -34.80 10.77 1.10
N PHE U 259 -35.85 10.00 1.36
CA PHE U 259 -36.68 9.53 0.29
C PHE U 259 -38.16 9.58 0.64
N ALA U 260 -38.89 10.40 -0.09
CA ALA U 260 -40.34 10.43 0.04
C ALA U 260 -40.80 9.32 -0.88
N MET U 261 -41.68 8.46 -0.38
CA MET U 261 -42.03 7.30 -1.17
C MET U 261 -43.46 6.86 -0.89
N GLU U 262 -44.00 6.14 -1.85
CA GLU U 262 -45.27 5.45 -1.72
C GLU U 262 -44.99 3.98 -1.99
N ARG U 263 -45.16 3.17 -0.94
CA ARG U 263 -44.90 1.75 -1.01
C ARG U 263 -46.07 1.15 -1.75
N ASN U 264 -45.78 0.24 -2.68
CA ASN U 264 -46.86 -0.46 -3.37
C ASN U 264 -46.96 -1.95 -3.07
N ALA U 265 -48.16 -2.36 -2.65
CA ALA U 265 -48.60 -3.71 -2.37
C ALA U 265 -47.46 -4.54 -1.79
N GLY U 266 -46.94 -5.45 -2.58
CA GLY U 266 -45.96 -6.39 -2.09
C GLY U 266 -45.40 -7.14 -3.27
N SER U 267 -44.14 -6.89 -3.57
CA SER U 267 -43.36 -7.58 -4.59
C SER U 267 -42.31 -8.44 -3.97
N GLY U 268 -41.19 -8.53 -4.66
CA GLY U 268 -40.10 -9.23 -4.06
C GLY U 268 -38.85 -8.86 -4.80
N ILE U 269 -37.80 -9.63 -4.55
CA ILE U 269 -36.48 -9.32 -5.08
C ILE U 269 -35.96 -10.54 -5.82
N ILE U 270 -35.78 -10.40 -7.12
CA ILE U 270 -35.20 -11.45 -7.96
C ILE U 270 -33.68 -11.29 -8.05
N ILE U 271 -32.95 -12.37 -7.80
CA ILE U 271 -31.50 -12.35 -7.88
C ILE U 271 -31.06 -13.25 -9.03
N SER U 272 -30.65 -12.63 -10.14
CA SER U 272 -30.51 -13.36 -11.38
C SER U 272 -29.64 -12.58 -12.35
N ASP U 273 -28.95 -13.31 -13.20
CA ASP U 273 -28.20 -12.77 -14.31
C ASP U 273 -29.03 -12.60 -15.57
N THR U 274 -30.28 -13.02 -15.54
CA THR U 274 -31.18 -12.88 -16.67
C THR U 274 -31.28 -11.41 -17.09
N PRO U 275 -31.15 -11.08 -18.38
CA PRO U 275 -31.18 -9.67 -18.79
C PRO U 275 -32.56 -9.06 -18.82
N VAL U 276 -32.61 -7.78 -18.47
CA VAL U 276 -33.84 -7.00 -18.52
C VAL U 276 -34.20 -6.71 -19.96
N HIS U 277 -35.47 -6.43 -20.20
CA HIS U 277 -35.90 -6.21 -21.57
C HIS U 277 -37.15 -5.35 -21.54
N ASP U 278 -37.38 -4.61 -22.62
CA ASP U 278 -38.57 -3.77 -22.72
C ASP U 278 -39.72 -4.67 -23.17
N CYS U 279 -40.11 -5.54 -22.25
CA CYS U 279 -41.24 -6.44 -22.37
C CYS U 279 -42.19 -6.40 -21.17
N ASN U 280 -43.46 -6.73 -21.45
CA ASN U 280 -44.50 -6.84 -20.44
C ASN U 280 -44.72 -8.29 -20.03
N THR U 281 -45.10 -8.48 -18.77
CA THR U 281 -45.44 -9.80 -18.27
C THR U 281 -46.41 -9.66 -17.10
N THR U 282 -47.04 -10.77 -16.75
CA THR U 282 -47.89 -10.83 -15.58
C THR U 282 -47.34 -11.80 -14.56
N CYS U 283 -46.32 -12.57 -14.92
CA CYS U 283 -45.71 -13.54 -14.00
C CYS U 283 -44.22 -13.63 -14.31
N GLN U 284 -43.37 -13.20 -13.39
CA GLN U 284 -41.92 -13.21 -13.59
C GLN U 284 -41.25 -14.25 -12.70
N THR U 285 -40.36 -15.05 -13.29
CA THR U 285 -39.48 -15.98 -12.60
C THR U 285 -38.02 -15.56 -12.73
N PRO U 286 -37.13 -16.15 -11.91
CA PRO U 286 -35.71 -15.73 -11.97
C PRO U 286 -35.01 -16.02 -13.27
N LYS U 287 -35.50 -16.93 -14.08
CA LYS U 287 -34.78 -17.30 -15.28
C LYS U 287 -35.54 -16.90 -16.51
N GLY U 288 -36.68 -16.25 -16.36
CA GLY U 288 -37.45 -15.82 -17.50
C GLY U 288 -38.89 -15.61 -17.13
N ALA U 289 -39.54 -14.77 -17.91
CA ALA U 289 -40.94 -14.47 -17.71
C ALA U 289 -41.76 -15.59 -18.29
N ILE U 290 -43.00 -15.70 -17.82
CA ILE U 290 -43.92 -16.68 -18.36
C ILE U 290 -45.17 -15.96 -18.73
N ASN U 291 -45.66 -16.24 -19.92
CA ASN U 291 -46.89 -15.63 -20.37
C ASN U 291 -47.78 -16.84 -20.56
N THR U 292 -48.77 -17.00 -19.69
CA THR U 292 -49.51 -18.24 -19.81
C THR U 292 -50.79 -18.14 -19.01
N SER U 293 -51.82 -18.75 -19.59
CA SER U 293 -53.09 -18.97 -18.97
C SER U 293 -53.21 -20.35 -18.35
N LEU U 294 -52.20 -21.17 -18.54
CA LEU U 294 -52.20 -22.54 -18.09
C LEU U 294 -52.10 -22.57 -16.57
N PRO U 295 -52.75 -23.51 -15.90
CA PRO U 295 -52.79 -23.43 -14.45
C PRO U 295 -51.52 -23.91 -13.78
N PHE U 296 -50.63 -24.62 -14.48
CA PHE U 296 -49.41 -25.13 -13.86
C PHE U 296 -48.18 -24.82 -14.70
N GLN U 297 -47.06 -24.79 -14.00
CA GLN U 297 -45.78 -24.51 -14.63
C GLN U 297 -44.69 -25.22 -13.85
N ASN U 298 -43.67 -25.68 -14.57
CA ASN U 298 -42.52 -26.31 -13.97
C ASN U 298 -41.23 -25.52 -14.17
N ILE U 299 -41.34 -24.20 -14.34
CA ILE U 299 -40.18 -23.37 -14.59
C ILE U 299 -39.40 -23.09 -13.31
N HIS U 300 -40.07 -22.61 -12.32
CA HIS U 300 -39.41 -22.16 -11.11
C HIS U 300 -40.38 -21.94 -9.97
N PRO U 301 -40.05 -22.41 -8.79
CA PRO U 301 -40.93 -22.21 -7.65
C PRO U 301 -41.01 -20.77 -7.19
N ILE U 302 -39.98 -19.98 -7.39
CA ILE U 302 -39.96 -18.62 -6.88
C ILE U 302 -40.43 -17.66 -7.96
N THR U 303 -41.69 -17.27 -7.91
CA THR U 303 -42.21 -16.39 -8.94
C THR U 303 -42.79 -15.16 -8.30
N ILE U 304 -42.98 -14.14 -9.13
CA ILE U 304 -43.67 -12.92 -8.75
C ILE U 304 -44.81 -12.66 -9.73
N GLY U 305 -45.98 -12.34 -9.20
CA GLY U 305 -47.11 -11.99 -10.02
C GLY U 305 -48.32 -12.88 -9.85
N LYS U 306 -49.17 -12.89 -10.85
CA LYS U 306 -50.31 -13.79 -10.87
C LYS U 306 -49.84 -15.00 -11.64
N CYS U 307 -49.39 -16.01 -10.92
CA CYS U 307 -48.59 -17.08 -11.50
C CYS U 307 -49.25 -18.44 -11.45
N PRO U 308 -48.87 -19.32 -12.35
CA PRO U 308 -49.32 -20.70 -12.27
C PRO U 308 -48.64 -21.41 -11.13
N LYS U 309 -49.34 -22.41 -10.61
CA LYS U 309 -48.80 -23.17 -9.51
C LYS U 309 -47.59 -23.93 -10.00
N TYR U 310 -46.54 -23.94 -9.21
CA TYR U 310 -45.38 -24.74 -9.55
C TYR U 310 -45.62 -26.21 -9.35
N VAL U 311 -45.23 -27.03 -10.32
CA VAL U 311 -45.31 -28.47 -10.07
C VAL U 311 -44.03 -29.12 -10.55
N LYS U 312 -43.80 -30.34 -10.07
CA LYS U 312 -42.64 -31.10 -10.46
C LYS U 312 -42.87 -31.92 -11.71
N SER U 313 -44.09 -31.97 -12.20
CA SER U 313 -44.40 -32.80 -13.34
C SER U 313 -43.65 -32.31 -14.54
N THR U 314 -43.41 -33.20 -15.47
CA THR U 314 -42.81 -32.82 -16.72
C THR U 314 -43.79 -32.86 -17.87
N LYS U 315 -44.97 -33.44 -17.68
CA LYS U 315 -45.94 -33.56 -18.76
C LYS U 315 -47.31 -33.67 -18.13
N LEU U 316 -48.16 -32.67 -18.39
CA LEU U 316 -49.55 -32.71 -17.92
C LEU U 316 -50.45 -32.44 -19.11
N ARG U 317 -50.60 -33.40 -19.96
CA ARG U 317 -51.30 -33.22 -21.21
C ARG U 317 -52.70 -33.81 -21.09
N LEU U 318 -53.73 -32.99 -21.24
CA LEU U 318 -55.10 -33.45 -21.11
C LEU U 318 -55.65 -33.86 -22.45
N ALA U 319 -56.18 -35.08 -22.55
CA ALA U 319 -56.77 -35.53 -23.80
C ALA U 319 -58.12 -34.90 -24.05
N THR U 320 -58.36 -34.51 -25.28
CA THR U 320 -59.64 -34.02 -25.76
C THR U 320 -60.21 -34.85 -26.86
N GLY U 321 -59.41 -35.34 -27.77
CA GLY U 321 -59.93 -36.17 -28.83
C GLY U 321 -60.01 -37.57 -28.31
N LEU U 322 -60.05 -38.52 -29.20
CA LEU U 322 -60.26 -39.88 -28.74
C LEU U 322 -59.05 -40.76 -29.03
N ARG U 323 -59.13 -41.99 -28.56
CA ARG U 323 -58.05 -42.92 -28.78
C ARG U 323 -57.86 -43.05 -30.26
N ASN U 324 -56.64 -43.00 -30.69
CA ASN U 324 -56.35 -42.95 -32.10
C ASN U 324 -55.92 -44.28 -32.69
N ILE U 325 -56.75 -44.85 -33.55
CA ILE U 325 -56.45 -46.19 -34.03
C ILE U 325 -56.61 -46.20 -35.55
N PRO U 326 -55.68 -45.61 -36.32
CA PRO U 326 -55.86 -45.58 -37.76
C PRO U 326 -55.61 -46.98 -38.26
N SER U 327 -56.22 -47.35 -39.37
CA SER U 327 -56.01 -48.70 -39.95
C SER U 327 -54.56 -49.30 -39.79
N GLY V 1 -77.17 -40.01 -21.45
CA GLY V 1 -76.20 -40.21 -20.38
C GLY V 1 -75.28 -41.38 -20.63
N LEU V 2 -74.29 -41.54 -19.78
CA LEU V 2 -73.24 -42.49 -20.08
C LEU V 2 -73.83 -43.81 -20.50
N PHE V 3 -74.94 -44.17 -19.91
CA PHE V 3 -75.56 -45.44 -20.16
C PHE V 3 -76.77 -45.35 -21.03
N GLY V 4 -77.15 -44.16 -21.46
CA GLY V 4 -78.11 -44.08 -22.54
C GLY V 4 -79.58 -44.11 -22.20
N ALA V 5 -79.96 -44.36 -20.97
CA ALA V 5 -81.38 -44.43 -20.65
C ALA V 5 -81.93 -43.05 -20.33
N ILE V 6 -81.49 -42.44 -19.24
CA ILE V 6 -82.07 -41.18 -18.82
C ILE V 6 -81.75 -40.12 -19.85
N ALA V 7 -82.77 -39.40 -20.30
CA ALA V 7 -82.66 -38.48 -21.41
C ALA V 7 -82.13 -39.20 -22.61
N GLY V 8 -82.33 -40.49 -22.68
CA GLY V 8 -81.82 -41.28 -23.76
C GLY V 8 -82.97 -41.99 -24.41
N PHE V 9 -82.98 -43.31 -24.42
CA PHE V 9 -84.12 -43.96 -25.03
C PHE V 9 -85.37 -43.83 -24.20
N ILE V 10 -85.29 -43.43 -22.94
CA ILE V 10 -86.48 -43.06 -22.16
C ILE V 10 -86.41 -41.56 -21.99
N GLU V 11 -87.19 -40.91 -22.81
CA GLU V 11 -86.99 -39.51 -23.11
C GLU V 11 -87.26 -38.58 -21.95
N GLY V 12 -88.30 -38.81 -21.18
CA GLY V 12 -88.62 -37.87 -20.13
C GLY V 12 -88.99 -38.56 -18.85
N GLY V 13 -89.15 -37.74 -17.81
CA GLY V 13 -89.47 -38.25 -16.51
C GLY V 13 -90.96 -38.18 -16.30
N TRP V 14 -91.37 -38.67 -15.14
CA TRP V 14 -92.75 -38.80 -14.74
C TRP V 14 -93.02 -37.94 -13.51
N THR V 15 -93.70 -36.81 -13.66
CA THR V 15 -94.15 -36.08 -12.47
C THR V 15 -95.17 -36.87 -11.67
N GLY V 16 -95.75 -37.89 -12.27
CA GLY V 16 -96.75 -38.66 -11.58
C GLY V 16 -96.19 -39.72 -10.67
N MET V 17 -94.93 -40.10 -10.84
CA MET V 17 -94.32 -41.01 -9.88
C MET V 17 -93.62 -40.26 -8.78
N VAL V 18 -94.34 -40.12 -7.68
CA VAL V 18 -93.89 -39.24 -6.64
C VAL V 18 -93.26 -39.98 -5.50
N ASP V 19 -93.42 -41.30 -5.45
CA ASP V 19 -92.98 -42.12 -4.34
C ASP V 19 -91.64 -42.82 -4.57
N GLY V 20 -90.87 -42.39 -5.55
CA GLY V 20 -89.59 -43.03 -5.75
C GLY V 20 -88.87 -42.46 -6.95
N TRP V 21 -87.58 -42.78 -7.02
CA TRP V 21 -86.73 -42.31 -8.10
C TRP V 21 -87.02 -43.07 -9.38
N TYR V 22 -87.02 -44.38 -9.32
CA TYR V 22 -87.27 -45.19 -10.47
C TYR V 22 -88.50 -46.01 -10.21
N GLY V 23 -89.20 -46.37 -11.26
CA GLY V 23 -90.37 -47.20 -11.10
C GLY V 23 -91.04 -47.47 -12.40
N TYR V 24 -92.32 -47.76 -12.32
CA TYR V 24 -93.01 -48.37 -13.43
C TYR V 24 -94.33 -47.67 -13.71
N HIS V 25 -94.73 -47.60 -14.95
CA HIS V 25 -96.10 -47.29 -15.32
C HIS V 25 -96.73 -48.44 -16.10
N HIS V 26 -97.92 -48.87 -15.72
CA HIS V 26 -98.65 -49.94 -16.41
C HIS V 26 -100.02 -49.45 -16.84
N GLN V 27 -100.56 -50.03 -17.90
CA GLN V 27 -101.97 -49.92 -18.24
C GLN V 27 -102.46 -51.29 -18.67
N ASN V 28 -103.44 -51.79 -17.98
CA ASN V 28 -104.12 -52.99 -18.41
C ASN V 28 -105.59 -52.67 -18.26
N GLU V 29 -106.41 -53.68 -18.45
CA GLU V 29 -107.84 -53.48 -18.48
C GLU V 29 -108.32 -52.95 -17.15
N GLN V 30 -107.79 -53.47 -16.07
CA GLN V 30 -108.25 -52.97 -14.79
C GLN V 30 -107.61 -51.66 -14.39
N GLY V 31 -107.02 -50.88 -15.28
CA GLY V 31 -106.55 -49.64 -14.73
C GLY V 31 -105.21 -49.26 -15.28
N SER V 32 -104.66 -48.20 -14.71
CA SER V 32 -103.37 -47.67 -15.10
C SER V 32 -102.86 -46.79 -13.98
N GLY V 33 -101.55 -46.76 -13.81
CA GLY V 33 -100.95 -45.92 -12.81
C GLY V 33 -99.48 -46.18 -12.64
N TYR V 34 -98.88 -45.36 -11.81
CA TYR V 34 -97.48 -45.44 -11.43
C TYR V 34 -97.21 -46.20 -10.16
N ALA V 35 -96.07 -46.88 -10.12
CA ALA V 35 -95.60 -47.44 -8.86
C ALA V 35 -94.09 -47.39 -8.84
N ALA V 36 -93.51 -46.80 -7.82
CA ALA V 36 -92.08 -46.77 -7.68
C ALA V 36 -91.50 -48.15 -7.35
N ASP V 37 -90.32 -48.44 -7.89
CA ASP V 37 -89.55 -49.61 -7.45
C ASP V 37 -88.80 -49.28 -6.17
N LEU V 38 -89.31 -49.78 -5.05
CA LEU V 38 -88.77 -49.40 -3.76
C LEU V 38 -87.35 -49.88 -3.50
N LYS V 39 -87.01 -51.11 -3.86
CA LYS V 39 -85.67 -51.63 -3.60
C LYS V 39 -84.61 -50.81 -4.32
N SER V 40 -84.73 -50.69 -5.63
CA SER V 40 -83.74 -49.94 -6.36
C SER V 40 -83.71 -48.51 -5.89
N THR V 41 -84.86 -47.94 -5.55
CA THR V 41 -84.83 -46.57 -5.05
C THR V 41 -84.12 -46.50 -3.71
N GLN V 42 -84.41 -47.41 -2.79
CA GLN V 42 -83.75 -47.30 -1.51
C GLN V 42 -82.26 -47.51 -1.66
N ASN V 43 -81.91 -48.48 -2.49
CA ASN V 43 -80.53 -48.77 -2.77
C ASN V 43 -79.81 -47.56 -3.35
N ALA V 44 -80.45 -46.87 -4.27
CA ALA V 44 -79.79 -45.72 -4.84
C ALA V 44 -79.65 -44.64 -3.81
N ILE V 45 -80.68 -44.49 -2.99
CA ILE V 45 -80.71 -43.53 -1.90
C ILE V 45 -79.65 -43.87 -0.88
N ASP V 46 -79.55 -45.14 -0.54
CA ASP V 46 -78.52 -45.54 0.41
C ASP V 46 -77.13 -45.19 -0.13
N GLY V 47 -76.89 -45.45 -1.39
CA GLY V 47 -75.59 -45.09 -1.93
C GLY V 47 -75.30 -43.62 -1.90
N ILE V 48 -76.24 -42.82 -2.38
CA ILE V 48 -75.97 -41.40 -2.43
C ILE V 48 -75.86 -40.83 -1.05
N THR V 49 -76.65 -41.35 -0.15
CA THR V 49 -76.56 -40.90 1.21
C THR V 49 -75.18 -41.14 1.71
N ASN V 50 -74.68 -42.32 1.43
CA ASN V 50 -73.35 -42.65 1.84
C ASN V 50 -72.35 -41.72 1.19
N LYS V 51 -72.62 -41.34 -0.05
CA LYS V 51 -71.71 -40.48 -0.78
C LYS V 51 -71.62 -39.11 -0.15
N VAL V 52 -72.78 -38.52 0.12
CA VAL V 52 -72.84 -37.20 0.74
C VAL V 52 -72.16 -37.22 2.10
N ASN V 53 -72.44 -38.23 2.93
CA ASN V 53 -71.80 -38.23 4.23
C ASN V 53 -70.29 -38.34 4.12
N SER V 54 -69.79 -39.04 3.12
CA SER V 54 -68.35 -39.14 2.96
C SER V 54 -67.74 -37.82 2.59
N VAL V 55 -68.31 -37.11 1.64
CA VAL V 55 -67.69 -35.86 1.23
C VAL V 55 -67.67 -34.88 2.37
N ILE V 56 -68.66 -34.97 3.25
CA ILE V 56 -68.79 -34.02 4.35
C ILE V 56 -67.93 -34.45 5.53
N GLU V 57 -68.03 -35.71 5.92
CA GLU V 57 -67.42 -36.16 7.15
C GLU V 57 -65.95 -36.52 7.03
N LYS V 58 -65.43 -36.70 5.83
CA LYS V 58 -64.00 -36.98 5.69
C LYS V 58 -63.13 -35.77 5.98
N MET V 59 -63.74 -34.62 6.13
CA MET V 59 -63.09 -33.36 6.49
C MET V 59 -63.16 -33.21 7.98
N ASN V 60 -62.07 -33.43 8.69
CA ASN V 60 -62.19 -33.26 10.14
C ASN V 60 -61.14 -32.28 10.61
N THR V 61 -61.57 -31.03 10.65
CA THR V 61 -60.74 -29.89 10.98
C THR V 61 -60.65 -29.73 12.49
N GLN V 62 -59.53 -29.19 12.94
CA GLN V 62 -59.25 -28.88 14.34
C GLN V 62 -59.56 -27.43 14.68
N PHE V 63 -59.56 -27.14 15.99
CA PHE V 63 -59.79 -25.79 16.49
C PHE V 63 -58.59 -24.92 16.14
N THR V 64 -58.81 -23.88 15.35
CA THR V 64 -57.71 -23.00 15.02
C THR V 64 -58.21 -21.58 14.99
N ALA V 65 -57.30 -20.62 15.17
CA ALA V 65 -57.62 -19.21 14.96
C ALA V 65 -56.73 -18.74 13.83
N VAL V 66 -57.34 -18.43 12.69
CA VAL V 66 -56.57 -18.12 11.50
C VAL V 66 -55.79 -16.83 11.63
N GLY V 67 -56.39 -15.82 12.23
CA GLY V 67 -55.80 -14.51 12.22
C GLY V 67 -54.41 -14.49 12.84
N LYS V 68 -53.58 -13.60 12.32
CA LYS V 68 -52.28 -13.39 12.88
C LYS V 68 -52.05 -11.89 12.87
N GLU V 69 -51.34 -11.39 13.86
CA GLU V 69 -51.05 -9.96 13.94
C GLU V 69 -49.55 -9.69 13.88
N PHE V 70 -49.17 -8.78 13.02
CA PHE V 70 -47.77 -8.46 12.82
C PHE V 70 -47.58 -6.95 12.87
N ASN V 71 -46.45 -6.51 13.40
CA ASN V 71 -46.19 -5.10 13.45
C ASN V 71 -45.53 -4.64 12.15
N HIS V 72 -45.28 -3.34 12.05
CA HIS V 72 -44.79 -2.78 10.79
C HIS V 72 -43.41 -3.27 10.41
N LEU V 73 -42.66 -3.91 11.33
CA LEU V 73 -41.33 -4.41 11.01
C LEU V 73 -41.29 -5.93 10.85
N GLU V 74 -42.44 -6.55 10.63
CA GLU V 74 -42.58 -7.99 10.46
C GLU V 74 -43.31 -8.27 9.15
N LYS V 75 -43.13 -7.41 8.15
CA LYS V 75 -43.87 -7.55 6.91
C LYS V 75 -43.56 -8.87 6.22
N ARG V 76 -42.32 -9.32 6.31
CA ARG V 76 -41.95 -10.54 5.61
C ARG V 76 -42.70 -11.74 6.15
N ILE V 77 -42.77 -11.87 7.46
CA ILE V 77 -43.52 -13.00 7.98
C ILE V 77 -44.99 -12.75 7.79
N GLU V 78 -45.41 -11.49 7.80
CA GLU V 78 -46.79 -11.21 7.47
C GLU V 78 -47.10 -11.72 6.07
N ASN V 79 -46.19 -11.49 5.13
CA ASN V 79 -46.37 -12.00 3.79
C ASN V 79 -46.24 -13.51 3.71
N LEU V 80 -45.42 -14.12 4.56
CA LEU V 80 -45.41 -15.57 4.62
C LEU V 80 -46.75 -16.10 5.10
N ASN V 81 -47.29 -15.50 6.16
CA ASN V 81 -48.59 -15.92 6.64
C ASN V 81 -49.64 -15.72 5.58
N LYS V 82 -49.52 -14.65 4.78
CA LYS V 82 -50.49 -14.47 3.72
C LYS V 82 -50.30 -15.55 2.68
N LYS V 83 -49.05 -15.88 2.37
CA LYS V 83 -48.84 -16.96 1.42
C LYS V 83 -49.46 -18.24 1.92
N VAL V 84 -49.43 -18.48 3.21
CA VAL V 84 -50.07 -19.68 3.73
C VAL V 84 -51.57 -19.61 3.52
N ASP V 85 -52.19 -18.53 3.96
CA ASP V 85 -53.63 -18.45 3.81
C ASP V 85 -54.05 -18.50 2.34
N ASP V 86 -53.32 -17.81 1.47
CA ASP V 86 -53.69 -17.84 0.06
C ASP V 86 -53.42 -19.18 -0.59
N GLY V 87 -52.38 -19.89 -0.16
CA GLY V 87 -52.14 -21.20 -0.73
C GLY V 87 -53.25 -22.16 -0.38
N PHE V 88 -53.71 -22.12 0.86
CA PHE V 88 -54.80 -23.00 1.28
C PHE V 88 -56.06 -22.61 0.56
N LEU V 89 -56.26 -21.32 0.41
CA LEU V 89 -57.44 -20.85 -0.25
C LEU V 89 -57.50 -21.40 -1.67
N ASP V 90 -56.40 -21.31 -2.39
CA ASP V 90 -56.39 -21.83 -3.74
C ASP V 90 -56.61 -23.33 -3.79
N ILE V 91 -55.94 -24.08 -2.92
CA ILE V 91 -56.09 -25.52 -2.90
C ILE V 91 -57.52 -25.93 -2.61
N TRP V 92 -58.06 -25.43 -1.52
CA TRP V 92 -59.40 -25.88 -1.18
C TRP V 92 -60.39 -25.47 -2.24
N THR V 93 -60.20 -24.30 -2.83
CA THR V 93 -61.16 -23.88 -3.81
C THR V 93 -61.10 -24.75 -5.04
N TYR V 94 -59.90 -25.05 -5.51
CA TYR V 94 -59.78 -25.87 -6.71
C TYR V 94 -60.33 -27.26 -6.44
N ASN V 95 -59.93 -27.86 -5.34
CA ASN V 95 -60.35 -29.23 -5.07
C ASN V 95 -61.86 -29.30 -4.81
N ALA V 96 -62.41 -28.34 -4.08
CA ALA V 96 -63.84 -28.36 -3.86
C ALA V 96 -64.60 -28.22 -5.16
N GLU V 97 -64.16 -27.32 -6.02
CA GLU V 97 -64.87 -27.13 -7.28
C GLU V 97 -64.82 -28.39 -8.12
N LEU V 98 -63.63 -28.95 -8.28
CA LEU V 98 -63.52 -30.11 -9.12
C LEU V 98 -64.21 -31.29 -8.50
N LEU V 99 -64.08 -31.46 -7.19
CA LEU V 99 -64.74 -32.57 -6.54
C LEU V 99 -66.22 -32.59 -6.84
N VAL V 100 -66.87 -31.45 -6.71
CA VAL V 100 -68.30 -31.37 -6.95
C VAL V 100 -68.58 -31.68 -8.40
N LEU V 101 -67.87 -31.02 -9.30
CA LEU V 101 -68.03 -31.31 -10.71
C LEU V 101 -67.87 -32.79 -10.94
N LEU V 102 -66.84 -33.40 -10.37
CA LEU V 102 -66.58 -34.79 -10.70
C LEU V 102 -67.65 -35.68 -10.14
N GLU V 103 -68.09 -35.45 -8.93
CA GLU V 103 -69.07 -36.36 -8.38
C GLU V 103 -70.44 -36.12 -8.94
N ASN V 104 -70.76 -34.88 -9.28
CA ASN V 104 -72.03 -34.63 -9.91
C ASN V 104 -72.19 -35.39 -11.19
N GLU V 105 -71.15 -35.44 -11.98
CA GLU V 105 -71.24 -36.22 -13.19
C GLU V 105 -71.47 -37.68 -12.85
N ARG V 106 -70.76 -38.16 -11.86
CA ARG V 106 -70.85 -39.55 -11.48
C ARG V 106 -72.20 -39.87 -10.93
N THR V 107 -72.78 -38.95 -10.17
CA THR V 107 -74.10 -39.18 -9.64
C THR V 107 -75.14 -39.33 -10.73
N LEU V 108 -75.12 -38.47 -11.73
CA LEU V 108 -76.05 -38.59 -12.84
C LEU V 108 -75.83 -39.87 -13.61
N ASP V 109 -74.58 -40.22 -13.81
CA ASP V 109 -74.30 -41.49 -14.41
C ASP V 109 -74.97 -42.62 -13.65
N TYR V 110 -74.97 -42.53 -12.32
CA TYR V 110 -75.46 -43.63 -11.51
C TYR V 110 -76.95 -43.83 -11.72
N HIS V 111 -77.71 -42.76 -11.63
CA HIS V 111 -79.13 -42.87 -11.91
C HIS V 111 -79.33 -43.48 -13.27
N ASP V 112 -78.60 -42.99 -14.26
CA ASP V 112 -78.70 -43.55 -15.59
C ASP V 112 -78.47 -45.06 -15.58
N SER V 113 -77.43 -45.52 -14.90
CA SER V 113 -77.21 -46.95 -14.84
C SER V 113 -78.37 -47.68 -14.22
N ASN V 114 -78.89 -47.14 -13.13
CA ASN V 114 -79.99 -47.76 -12.41
C ASN V 114 -81.24 -47.92 -13.26
N VAL V 115 -81.53 -46.95 -14.11
CA VAL V 115 -82.71 -47.04 -14.97
C VAL V 115 -82.50 -48.10 -16.04
N LYS V 116 -81.38 -48.03 -16.72
CA LYS V 116 -80.98 -49.05 -17.67
C LYS V 116 -81.10 -50.42 -17.06
N ASN V 117 -80.56 -50.62 -15.88
CA ASN V 117 -80.56 -51.94 -15.29
C ASN V 117 -81.97 -52.40 -14.98
N LEU V 118 -82.82 -51.54 -14.48
CA LEU V 118 -84.22 -51.91 -14.30
C LEU V 118 -84.86 -52.36 -15.59
N TYR V 119 -84.66 -51.60 -16.66
CA TYR V 119 -85.26 -51.97 -17.93
C TYR V 119 -84.75 -53.31 -18.38
N GLU V 120 -83.46 -53.52 -18.31
CA GLU V 120 -82.91 -54.78 -18.74
C GLU V 120 -83.44 -55.91 -17.88
N LYS V 121 -83.57 -55.67 -16.58
CA LYS V 121 -84.11 -56.66 -15.66
C LYS V 121 -85.51 -57.09 -16.06
N VAL V 122 -86.32 -56.15 -16.53
CA VAL V 122 -87.65 -56.46 -17.01
C VAL V 122 -87.59 -57.17 -18.35
N ARG V 123 -86.75 -56.68 -19.24
CA ARG V 123 -86.66 -57.26 -20.58
C ARG V 123 -86.32 -58.72 -20.44
N SER V 124 -85.40 -59.05 -19.55
CA SER V 124 -84.97 -60.42 -19.36
C SER V 124 -86.09 -61.31 -18.88
N GLN V 125 -87.04 -60.80 -18.11
CA GLN V 125 -88.14 -61.64 -17.68
C GLN V 125 -89.10 -61.85 -18.82
N LEU V 126 -89.46 -60.77 -19.50
CA LEU V 126 -90.54 -60.83 -20.46
C LEU V 126 -90.15 -61.67 -21.65
N LYS V 127 -88.89 -61.59 -22.05
CA LYS V 127 -88.46 -62.26 -23.28
C LYS V 127 -89.36 -62.01 -24.47
N ASN V 128 -89.83 -63.09 -25.06
CA ASN V 128 -90.64 -63.02 -26.27
C ASN V 128 -92.13 -62.92 -25.97
N ASN V 129 -92.48 -62.72 -24.73
CA ASN V 129 -93.87 -62.49 -24.41
C ASN V 129 -94.29 -61.05 -24.58
N ALA V 130 -93.38 -60.14 -24.90
CA ALA V 130 -93.72 -58.76 -25.14
C ALA V 130 -92.86 -58.16 -26.21
N LYS V 131 -93.27 -56.98 -26.64
CA LYS V 131 -92.59 -56.24 -27.68
C LYS V 131 -91.96 -54.98 -27.12
N GLU V 132 -90.70 -54.80 -27.38
CA GLU V 132 -90.04 -53.57 -26.96
C GLU V 132 -90.49 -52.44 -27.86
N ILE V 133 -91.33 -51.55 -27.37
CA ILE V 133 -91.88 -50.54 -28.21
C ILE V 133 -91.13 -49.22 -28.01
N GLY V 134 -89.92 -49.29 -27.47
CA GLY V 134 -89.16 -48.08 -27.22
C GLY V 134 -89.66 -47.21 -26.10
N ASN V 135 -88.90 -46.16 -25.78
CA ASN V 135 -89.18 -45.17 -24.73
C ASN V 135 -89.44 -45.88 -23.43
N GLY V 136 -88.91 -47.09 -23.34
CA GLY V 136 -88.99 -47.85 -22.14
C GLY V 136 -90.27 -48.61 -21.93
N CYS V 137 -91.09 -48.81 -22.96
CA CYS V 137 -92.35 -49.49 -22.75
C CYS V 137 -92.28 -50.85 -23.39
N PHE V 138 -92.97 -51.80 -22.78
CA PHE V 138 -93.12 -53.13 -23.34
C PHE V 138 -94.59 -53.32 -23.53
N GLU V 139 -94.98 -53.80 -24.68
CA GLU V 139 -96.36 -54.14 -24.95
C GLU V 139 -96.51 -55.64 -24.91
N PHE V 140 -97.29 -56.11 -23.96
CA PHE V 140 -97.45 -57.55 -23.75
C PHE V 140 -98.20 -58.14 -24.92
N TYR V 141 -97.76 -59.33 -25.35
CA TYR V 141 -98.50 -60.07 -26.36
C TYR V 141 -99.57 -60.94 -25.75
N HIS V 142 -99.89 -60.70 -24.50
CA HIS V 142 -100.94 -61.46 -23.86
C HIS V 142 -101.59 -60.55 -22.84
N LYS V 143 -102.78 -60.91 -22.39
CA LYS V 143 -103.44 -60.13 -21.33
C LYS V 143 -102.64 -60.18 -20.05
N CYS V 144 -102.36 -59.01 -19.49
CA CYS V 144 -101.58 -58.94 -18.27
C CYS V 144 -102.38 -58.22 -17.19
N ASP V 145 -103.01 -58.97 -16.30
CA ASP V 145 -103.82 -58.41 -15.22
C ASP V 145 -102.93 -57.94 -14.08
N ASN V 146 -103.56 -57.35 -13.04
CA ASN V 146 -102.80 -56.77 -11.95
C ASN V 146 -101.87 -57.77 -11.32
N THR V 147 -102.32 -59.01 -11.16
CA THR V 147 -101.45 -60.06 -10.66
C THR V 147 -100.22 -60.23 -11.55
N CYS V 148 -100.44 -60.28 -12.85
CA CYS V 148 -99.33 -60.45 -13.78
C CYS V 148 -98.35 -59.28 -13.66
N MET V 149 -98.85 -58.06 -13.77
CA MET V 149 -98.04 -56.87 -13.59
C MET V 149 -97.19 -56.91 -12.32
N GLU V 150 -97.79 -57.26 -11.19
CA GLU V 150 -97.01 -57.33 -9.96
C GLU V 150 -95.93 -58.38 -10.04
N SER V 151 -96.21 -59.52 -10.66
CA SER V 151 -95.16 -60.53 -10.73
C SER V 151 -93.95 -59.99 -11.46
N VAL V 152 -94.18 -59.18 -12.49
CA VAL V 152 -93.05 -58.61 -13.20
C VAL V 152 -92.28 -57.64 -12.31
N LYS V 153 -93.00 -56.73 -11.63
CA LYS V 153 -92.33 -55.80 -10.74
C LYS V 153 -91.61 -56.51 -9.60
N ASN V 154 -92.15 -57.63 -9.14
CA ASN V 154 -91.55 -58.32 -8.01
C ASN V 154 -90.48 -59.28 -8.55
N GLY V 155 -90.41 -59.46 -9.86
CA GLY V 155 -89.44 -60.36 -10.48
C GLY V 155 -89.71 -61.84 -10.56
N THR V 156 -90.96 -62.25 -10.43
CA THR V 156 -91.30 -63.66 -10.55
C THR V 156 -92.27 -63.90 -11.69
N TYR V 157 -92.15 -63.10 -12.73
CA TYR V 157 -93.01 -63.28 -13.87
C TYR V 157 -92.78 -64.67 -14.42
N ASP V 158 -93.85 -65.36 -14.72
CA ASP V 158 -93.84 -66.75 -15.19
C ASP V 158 -93.87 -66.80 -16.71
N TYR V 159 -92.70 -66.75 -17.35
CA TYR V 159 -92.65 -66.81 -18.81
C TYR V 159 -93.43 -67.95 -19.42
N PRO V 160 -93.31 -69.20 -18.97
CA PRO V 160 -94.04 -70.27 -19.67
C PRO V 160 -95.55 -70.20 -19.55
N LYS V 161 -96.06 -69.58 -18.49
CA LYS V 161 -97.51 -69.46 -18.30
C LYS V 161 -98.19 -68.70 -19.44
N TYR V 162 -97.54 -67.68 -19.97
CA TYR V 162 -98.15 -66.85 -20.98
C TYR V 162 -97.56 -67.07 -22.37
N SER V 163 -96.60 -67.97 -22.49
CA SER V 163 -95.83 -68.08 -23.72
C SER V 163 -96.69 -68.54 -24.88
N GLU V 164 -97.64 -69.45 -24.62
CA GLU V 164 -98.54 -69.91 -25.66
C GLU V 164 -99.42 -68.79 -26.21
N GLU V 165 -100.15 -68.11 -25.32
CA GLU V 165 -101.00 -66.99 -25.73
C GLU V 165 -100.20 -65.98 -26.52
N ALA V 166 -99.02 -65.64 -26.00
CA ALA V 166 -98.14 -64.68 -26.66
C ALA V 166 -97.74 -65.15 -28.05
N LYS V 167 -97.32 -66.42 -28.16
CA LYS V 167 -96.93 -66.93 -29.46
C LYS V 167 -98.06 -66.83 -30.45
N LEU V 168 -99.30 -67.00 -29.98
CA LEU V 168 -100.45 -66.89 -30.87
C LEU V 168 -100.63 -65.49 -31.41
N ASN V 169 -100.64 -64.52 -30.51
CA ASN V 169 -100.80 -63.13 -30.85
C ASN V 169 -99.58 -62.60 -31.56
N ARG V 170 -98.43 -63.23 -31.38
CA ARG V 170 -97.25 -62.70 -32.04
C ARG V 170 -97.23 -63.11 -33.51
N GLU V 171 -97.42 -64.39 -33.79
CA GLU V 171 -97.44 -64.81 -35.18
C GLU V 171 -98.69 -64.32 -35.88
N GLU V 172 -99.79 -64.14 -35.14
CA GLU V 172 -100.95 -63.48 -35.72
C GLU V 172 -100.63 -62.05 -36.15
N ILE V 173 -100.10 -61.23 -35.22
CA ILE V 173 -99.87 -59.81 -35.52
C ILE V 173 -98.93 -59.67 -36.70
N ASP V 174 -97.82 -60.42 -36.68
CA ASP V 174 -96.86 -60.51 -37.78
C ASP V 174 -97.42 -61.32 -38.96
N SER V 175 -98.72 -61.21 -39.22
CA SER V 175 -99.40 -61.93 -40.28
C SER V 175 -99.12 -63.43 -40.19
N GLY W 1 -71.48 -52.34 -10.23
CA GLY W 1 -72.92 -52.44 -10.21
C GLY W 1 -73.21 -51.75 -11.48
N LEU W 2 -72.35 -50.80 -11.74
CA LEU W 2 -72.60 -49.87 -12.81
C LEU W 2 -72.98 -50.57 -14.09
N PHE W 3 -72.40 -51.72 -14.36
CA PHE W 3 -72.65 -52.40 -15.61
C PHE W 3 -73.55 -53.60 -15.49
N GLY W 4 -73.99 -53.94 -14.30
CA GLY W 4 -75.06 -54.90 -14.17
C GLY W 4 -74.70 -56.36 -14.12
N ALA W 5 -73.46 -56.73 -14.35
CA ALA W 5 -73.07 -58.15 -14.35
C ALA W 5 -72.73 -58.63 -12.94
N ILE W 6 -71.66 -58.12 -12.35
CA ILE W 6 -71.22 -58.64 -11.07
C ILE W 6 -72.28 -58.31 -10.04
N ALA W 7 -72.69 -59.32 -9.29
CA ALA W 7 -73.81 -59.19 -8.38
C ALA W 7 -75.05 -58.74 -9.11
N GLY W 8 -75.12 -58.99 -10.39
CA GLY W 8 -76.23 -58.55 -11.19
C GLY W 8 -76.80 -59.78 -11.85
N PHE W 9 -76.79 -59.83 -13.18
CA PHE W 9 -77.28 -61.04 -13.82
C PHE W 9 -76.35 -62.20 -13.64
N ILE W 10 -75.14 -62.01 -13.17
CA ILE W 10 -74.32 -63.11 -12.72
C ILE W 10 -74.19 -62.94 -11.22
N GLU W 11 -74.98 -63.70 -10.48
CA GLU W 11 -75.26 -63.39 -9.09
C GLU W 11 -74.07 -63.54 -8.16
N GLY W 12 -73.26 -64.57 -8.34
CA GLY W 12 -72.18 -64.82 -7.40
C GLY W 12 -70.89 -65.23 -8.09
N GLY W 13 -69.84 -65.33 -7.28
CA GLY W 13 -68.54 -65.68 -7.82
C GLY W 13 -68.28 -67.16 -7.71
N TRP W 14 -67.16 -67.55 -8.25
CA TRP W 14 -66.75 -68.94 -8.32
C TRP W 14 -65.49 -69.15 -7.54
N THR W 15 -65.57 -69.74 -6.35
CA THR W 15 -64.37 -70.16 -5.63
C THR W 15 -63.63 -71.26 -6.36
N GLY W 16 -64.26 -71.90 -7.32
CA GLY W 16 -63.61 -72.98 -8.05
C GLY W 16 -62.71 -72.52 -9.17
N MET W 17 -62.84 -71.30 -9.63
CA MET W 17 -61.91 -70.75 -10.61
C MET W 17 -60.77 -70.05 -9.94
N VAL W 18 -59.66 -70.72 -9.78
CA VAL W 18 -58.62 -70.16 -8.93
C VAL W 18 -57.52 -69.50 -9.71
N ASP W 19 -57.46 -69.70 -11.02
CA ASP W 19 -56.36 -69.22 -11.84
C ASP W 19 -56.64 -67.93 -12.58
N GLY W 20 -57.66 -67.17 -12.21
CA GLY W 20 -57.88 -65.92 -12.91
C GLY W 20 -59.09 -65.19 -12.40
N TRP W 21 -59.17 -63.92 -12.77
CA TRP W 21 -60.24 -63.06 -12.30
C TRP W 21 -61.55 -63.39 -12.95
N TYR W 22 -61.56 -63.47 -14.26
CA TYR W 22 -62.77 -63.76 -15.00
C TYR W 22 -62.58 -65.06 -15.74
N GLY W 23 -63.65 -65.78 -16.04
CA GLY W 23 -63.43 -66.98 -16.80
C GLY W 23 -64.66 -67.79 -17.10
N TYR W 24 -64.53 -69.08 -17.34
CA TYR W 24 -65.60 -69.83 -17.95
C TYR W 24 -65.81 -71.11 -17.18
N HIS W 25 -67.04 -71.58 -17.10
CA HIS W 25 -67.32 -72.95 -16.72
C HIS W 25 -68.04 -73.66 -17.85
N HIS W 26 -67.58 -74.85 -18.23
CA HIS W 26 -68.22 -75.63 -19.27
C HIS W 26 -68.59 -77.00 -18.77
N GLN W 27 -69.63 -77.59 -19.36
CA GLN W 27 -69.89 -79.03 -19.24
C GLN W 27 -70.30 -79.55 -20.60
N ASN W 28 -69.54 -80.50 -21.11
CA ASN W 28 -69.93 -81.24 -22.29
C ASN W 28 -69.69 -82.71 -22.03
N GLU W 29 -69.85 -83.50 -23.08
CA GLU W 29 -69.79 -84.93 -22.93
C GLU W 29 -68.42 -85.38 -22.45
N GLN W 30 -67.37 -84.83 -23.00
CA GLN W 30 -66.05 -85.24 -22.56
C GLN W 30 -65.62 -84.57 -21.25
N GLY W 31 -66.53 -84.03 -20.42
CA GLY W 31 -66.07 -83.50 -19.16
C GLY W 31 -66.77 -82.22 -18.79
N SER W 32 -66.30 -81.62 -17.68
CA SER W 32 -66.82 -80.35 -17.14
C SER W 32 -65.78 -79.74 -16.17
N GLY W 33 -65.71 -78.41 -16.13
CA GLY W 33 -64.80 -77.74 -15.22
C GLY W 33 -64.69 -76.25 -15.47
N TYR W 34 -63.93 -75.59 -14.60
CA TYR W 34 -63.62 -74.16 -14.71
C TYR W 34 -62.31 -73.96 -15.45
N ALA W 35 -62.23 -72.89 -16.21
CA ALA W 35 -60.97 -72.46 -16.80
C ALA W 35 -60.98 -70.95 -16.87
N ALA W 36 -59.95 -70.30 -16.34
CA ALA W 36 -59.82 -68.85 -16.40
C ALA W 36 -59.54 -68.33 -17.80
N ASP W 37 -60.08 -67.15 -18.13
CA ASP W 37 -59.72 -66.41 -19.33
C ASP W 37 -58.44 -65.64 -19.11
N LEU W 38 -57.33 -66.15 -19.62
CA LEU W 38 -56.05 -65.54 -19.30
C LEU W 38 -55.87 -64.16 -19.87
N LYS W 39 -56.29 -63.92 -21.10
CA LYS W 39 -56.08 -62.61 -21.70
C LYS W 39 -56.81 -61.49 -20.99
N SER W 40 -58.12 -61.58 -20.88
CA SER W 40 -58.84 -60.51 -20.22
C SER W 40 -58.37 -60.30 -18.79
N THR W 41 -58.01 -61.37 -18.09
CA THR W 41 -57.49 -61.21 -16.74
C THR W 41 -56.18 -60.47 -16.75
N GLN W 42 -55.28 -60.85 -17.64
CA GLN W 42 -53.98 -60.20 -17.63
C GLN W 42 -54.15 -58.74 -17.97
N ASN W 43 -55.04 -58.42 -18.91
CA ASN W 43 -55.28 -57.02 -19.21
C ASN W 43 -55.77 -56.25 -18.00
N ALA W 44 -56.69 -56.81 -17.25
CA ALA W 44 -57.21 -56.10 -16.10
C ALA W 44 -56.15 -55.96 -15.05
N ILE W 45 -55.35 -57.00 -14.87
CA ILE W 45 -54.27 -56.96 -13.91
C ILE W 45 -53.30 -55.87 -14.28
N ASP W 46 -52.97 -55.78 -15.56
CA ASP W 46 -52.09 -54.72 -16.00
C ASP W 46 -52.72 -53.37 -15.72
N GLY W 47 -54.01 -53.22 -15.99
CA GLY W 47 -54.65 -51.95 -15.72
C GLY W 47 -54.61 -51.55 -14.26
N ILE W 48 -54.99 -52.46 -13.40
CA ILE W 48 -55.01 -52.12 -11.99
C ILE W 48 -53.61 -51.91 -11.51
N THR W 49 -52.67 -52.70 -12.02
CA THR W 49 -51.29 -52.52 -11.62
C THR W 49 -50.85 -51.14 -11.93
N ASN W 50 -51.16 -50.69 -13.11
CA ASN W 50 -50.79 -49.37 -13.46
C ASN W 50 -51.45 -48.39 -12.53
N LYS W 51 -52.65 -48.68 -12.11
CA LYS W 51 -53.32 -47.73 -11.25
C LYS W 51 -52.63 -47.63 -9.92
N VAL W 52 -52.34 -48.77 -9.30
CA VAL W 52 -51.65 -48.79 -8.02
C VAL W 52 -50.29 -48.11 -8.13
N ASN W 53 -49.53 -48.41 -9.16
CA ASN W 53 -48.23 -47.73 -9.23
C ASN W 53 -48.40 -46.24 -9.39
N SER W 54 -49.45 -45.79 -10.05
CA SER W 54 -49.65 -44.36 -10.19
C SER W 54 -49.95 -43.69 -8.87
N VAL W 55 -50.84 -44.25 -8.10
CA VAL W 55 -51.25 -43.61 -6.85
C VAL W 55 -50.09 -43.53 -5.89
N ILE W 56 -49.18 -44.46 -5.96
CA ILE W 56 -48.08 -44.46 -5.02
C ILE W 56 -46.98 -43.54 -5.47
N GLU W 57 -46.59 -43.68 -6.71
CA GLU W 57 -45.40 -43.06 -7.19
C GLU W 57 -45.57 -41.62 -7.61
N LYS W 58 -46.79 -41.16 -7.82
CA LYS W 58 -46.99 -39.75 -8.18
C LYS W 58 -46.73 -38.81 -7.02
N MET W 59 -46.53 -39.36 -5.84
CA MET W 59 -46.18 -38.64 -4.64
C MET W 59 -44.68 -38.61 -4.52
N ASN W 60 -44.05 -37.47 -4.81
CA ASN W 60 -42.59 -37.51 -4.69
C ASN W 60 -42.11 -36.39 -3.76
N THR W 61 -42.00 -36.78 -2.50
CA THR W 61 -41.63 -35.89 -1.42
C THR W 61 -40.11 -35.79 -1.30
N GLN W 62 -39.67 -34.64 -0.84
CA GLN W 62 -38.29 -34.31 -0.57
C GLN W 62 -37.95 -34.50 0.90
N PHE W 63 -36.65 -34.45 1.17
CA PHE W 63 -36.14 -34.57 2.52
C PHE W 63 -36.50 -33.34 3.33
N THR W 64 -37.26 -33.50 4.40
CA THR W 64 -37.62 -32.38 5.24
C THR W 64 -37.60 -32.84 6.68
N ALA W 65 -37.44 -31.89 7.59
CA ALA W 65 -37.58 -32.14 9.02
C ALA W 65 -38.74 -31.29 9.52
N VAL W 66 -39.81 -31.96 9.94
CA VAL W 66 -41.07 -31.29 10.28
C VAL W 66 -40.92 -30.40 11.48
N GLY W 67 -40.24 -30.88 12.51
CA GLY W 67 -40.23 -30.15 13.77
C GLY W 67 -39.68 -28.75 13.66
N LYS W 68 -40.25 -27.87 14.49
CA LYS W 68 -39.77 -26.53 14.65
C LYS W 68 -39.84 -26.24 16.15
N GLU W 69 -38.91 -25.44 16.62
CA GLU W 69 -38.83 -25.06 18.03
C GLU W 69 -38.95 -23.55 18.20
N PHE W 70 -39.82 -23.12 19.10
CA PHE W 70 -40.05 -21.70 19.32
C PHE W 70 -39.99 -21.40 20.82
N ASN W 71 -39.47 -20.23 21.17
CA ASN W 71 -39.40 -19.85 22.57
C ASN W 71 -40.70 -19.18 22.98
N HIS W 72 -40.79 -18.82 24.26
CA HIS W 72 -42.06 -18.32 24.80
C HIS W 72 -42.52 -16.99 24.21
N LEU W 73 -41.66 -16.24 23.51
CA LEU W 73 -42.10 -14.96 22.94
C LEU W 73 -42.30 -15.03 21.44
N GLU W 74 -42.43 -16.24 20.90
CA GLU W 74 -42.62 -16.50 19.49
C GLU W 74 -43.86 -17.35 19.32
N LYS W 75 -44.82 -17.15 20.22
CA LYS W 75 -46.02 -17.95 20.20
C LYS W 75 -46.75 -17.78 18.88
N ARG W 76 -46.73 -16.56 18.35
CA ARG W 76 -47.44 -16.29 17.12
C ARG W 76 -46.85 -17.09 15.96
N ILE W 77 -45.52 -17.11 15.82
CA ILE W 77 -44.99 -17.91 14.73
C ILE W 77 -45.13 -19.39 15.03
N GLU W 78 -45.09 -19.76 16.30
CA GLU W 78 -45.40 -21.14 16.62
C GLU W 78 -46.81 -21.51 16.19
N ASN W 79 -47.76 -20.63 16.43
CA ASN W 79 -49.11 -20.91 15.95
C ASN W 79 -49.19 -20.83 14.44
N LEU W 80 -48.37 -20.01 13.80
CA LEU W 80 -48.32 -20.05 12.35
C LEU W 80 -47.82 -21.41 11.88
N ASN W 81 -46.75 -21.91 12.50
CA ASN W 81 -46.25 -23.22 12.12
C ASN W 81 -47.30 -24.28 12.36
N LYS W 82 -48.07 -24.13 13.43
CA LYS W 82 -49.13 -25.11 13.66
C LYS W 82 -50.22 -24.99 12.62
N LYS W 83 -50.59 -23.77 12.25
CA LYS W 83 -51.59 -23.64 11.19
C LYS W 83 -51.09 -24.28 9.91
N VAL W 84 -49.80 -24.18 9.64
CA VAL W 84 -49.23 -24.83 8.46
C VAL W 84 -49.33 -26.33 8.58
N ASP W 85 -48.85 -26.87 9.68
CA ASP W 85 -48.86 -28.32 9.82
C ASP W 85 -50.28 -28.86 9.79
N ASP W 86 -51.21 -28.18 10.45
CA ASP W 86 -52.59 -28.62 10.47
C ASP W 86 -53.27 -28.44 9.12
N GLY W 87 -52.90 -27.42 8.35
CA GLY W 87 -53.48 -27.26 7.04
C GLY W 87 -53.10 -28.41 6.14
N PHE W 88 -51.85 -28.83 6.21
CA PHE W 88 -51.41 -29.93 5.38
C PHE W 88 -52.12 -31.21 5.81
N LEU W 89 -52.28 -31.41 7.10
CA LEU W 89 -52.96 -32.59 7.60
C LEU W 89 -54.39 -32.66 7.10
N ASP W 90 -55.12 -31.57 7.19
CA ASP W 90 -56.49 -31.59 6.71
C ASP W 90 -56.53 -31.87 5.21
N ILE W 91 -55.67 -31.24 4.43
CA ILE W 91 -55.65 -31.48 2.99
C ILE W 91 -55.35 -32.94 2.66
N TRP W 92 -54.24 -33.46 3.16
CA TRP W 92 -53.88 -34.81 2.80
C TRP W 92 -54.93 -35.79 3.28
N THR W 93 -55.50 -35.55 4.43
CA THR W 93 -56.47 -36.52 4.91
C THR W 93 -57.69 -36.51 4.04
N TYR W 94 -58.18 -35.33 3.70
CA TYR W 94 -59.37 -35.30 2.88
C TYR W 94 -59.07 -35.94 1.54
N ASN W 95 -57.97 -35.52 0.91
CA ASN W 95 -57.66 -36.02 -0.42
C ASN W 95 -57.31 -37.49 -0.41
N ALA W 96 -56.55 -37.96 0.58
CA ALA W 96 -56.29 -39.38 0.60
C ALA W 96 -57.54 -40.17 0.78
N GLU W 97 -58.41 -39.74 1.69
CA GLU W 97 -59.64 -40.48 1.91
C GLU W 97 -60.50 -40.51 0.69
N LEU W 98 -60.73 -39.35 0.09
CA LEU W 98 -61.61 -39.28 -1.05
C LEU W 98 -61.02 -39.99 -2.24
N LEU W 99 -59.73 -39.86 -2.46
CA LEU W 99 -59.09 -40.52 -3.58
C LEU W 99 -59.36 -42.01 -3.57
N VAL W 100 -59.19 -42.62 -2.43
CA VAL W 100 -59.39 -44.05 -2.32
C VAL W 100 -60.83 -44.42 -2.61
N LEU W 101 -61.77 -43.73 -1.98
CA LEU W 101 -63.17 -44.01 -2.27
C LEU W 101 -63.42 -43.96 -3.76
N LEU W 102 -62.93 -42.95 -4.45
CA LEU W 102 -63.26 -42.83 -5.87
C LEU W 102 -62.60 -43.93 -6.65
N GLU W 103 -61.36 -44.25 -6.34
CA GLU W 103 -60.78 -45.25 -7.18
C GLU W 103 -61.27 -46.63 -6.84
N ASN W 104 -61.61 -46.88 -5.59
CA ASN W 104 -62.19 -48.17 -5.23
C ASN W 104 -63.49 -48.38 -5.96
N GLU W 105 -64.30 -47.35 -6.06
CA GLU W 105 -65.50 -47.49 -6.83
C GLU W 105 -65.19 -47.77 -8.27
N ARG W 106 -64.22 -47.05 -8.80
CA ARG W 106 -63.88 -47.23 -10.20
C ARG W 106 -63.30 -48.60 -10.41
N THR W 107 -62.53 -49.08 -9.45
CA THR W 107 -62.03 -50.42 -9.60
C THR W 107 -63.16 -51.43 -9.64
N LEU W 108 -64.13 -51.33 -8.75
CA LEU W 108 -65.20 -52.31 -8.85
C LEU W 108 -65.99 -52.18 -10.14
N ASP W 109 -66.31 -50.96 -10.56
CA ASP W 109 -66.96 -50.82 -11.86
C ASP W 109 -66.15 -51.48 -12.96
N TYR W 110 -64.83 -51.38 -12.90
CA TYR W 110 -64.02 -51.86 -14.00
C TYR W 110 -64.16 -53.36 -14.14
N HIS W 111 -64.00 -54.08 -13.06
CA HIS W 111 -64.23 -55.51 -13.11
C HIS W 111 -65.61 -55.79 -13.64
N ASP W 112 -66.59 -55.10 -13.10
CA ASP W 112 -67.94 -55.27 -13.59
C ASP W 112 -67.99 -55.06 -15.09
N SER W 113 -67.35 -54.01 -15.57
CA SER W 113 -67.34 -53.78 -16.99
C SER W 113 -66.75 -54.93 -17.77
N ASN W 114 -65.60 -55.44 -17.31
CA ASN W 114 -64.88 -56.51 -18.00
C ASN W 114 -65.68 -57.81 -18.14
N VAL W 115 -66.44 -58.18 -17.13
CA VAL W 115 -67.21 -59.41 -17.18
C VAL W 115 -68.32 -59.27 -18.18
N LYS W 116 -69.06 -58.18 -18.07
CA LYS W 116 -70.08 -57.84 -19.04
C LYS W 116 -69.54 -58.01 -20.44
N ASN W 117 -68.36 -57.46 -20.72
CA ASN W 117 -67.82 -57.52 -22.09
C ASN W 117 -67.50 -58.94 -22.51
N LEU W 118 -66.91 -59.73 -21.61
CA LEU W 118 -66.67 -61.13 -21.90
C LEU W 118 -67.95 -61.81 -22.27
N TYR W 119 -68.98 -61.59 -21.49
CA TYR W 119 -70.26 -62.21 -21.79
C TYR W 119 -70.73 -61.75 -23.13
N GLU W 120 -70.62 -60.47 -23.40
CA GLU W 120 -71.08 -59.99 -24.68
C GLU W 120 -70.28 -60.61 -25.82
N LYS W 121 -68.96 -60.77 -25.66
CA LYS W 121 -68.17 -61.38 -26.73
C LYS W 121 -68.65 -62.79 -27.06
N VAL W 122 -69.02 -63.57 -26.05
CA VAL W 122 -69.53 -64.90 -26.34
C VAL W 122 -70.90 -64.82 -26.98
N ARG W 123 -71.79 -63.99 -26.45
CA ARG W 123 -73.13 -63.92 -26.99
C ARG W 123 -73.06 -63.56 -28.46
N SER W 124 -72.18 -62.63 -28.80
CA SER W 124 -72.03 -62.20 -30.19
C SER W 124 -71.53 -63.32 -31.07
N GLN W 125 -70.72 -64.23 -30.55
CA GLN W 125 -70.31 -65.33 -31.40
C GLN W 125 -71.42 -66.36 -31.58
N LEU W 126 -72.04 -66.78 -30.50
CA LEU W 126 -72.96 -67.90 -30.56
C LEU W 126 -74.23 -67.54 -31.32
N LYS W 127 -74.70 -66.32 -31.20
CA LYS W 127 -75.99 -65.90 -31.74
C LYS W 127 -77.06 -66.91 -31.35
N ASN W 128 -77.81 -67.46 -32.29
CA ASN W 128 -78.91 -68.37 -32.02
C ASN W 128 -78.48 -69.83 -32.03
N ASN W 129 -77.20 -70.11 -32.02
CA ASN W 129 -76.85 -71.51 -31.91
C ASN W 129 -76.90 -71.99 -30.47
N ALA W 130 -77.15 -71.11 -29.53
CA ALA W 130 -77.29 -71.47 -28.13
C ALA W 130 -78.37 -70.60 -27.51
N LYS W 131 -78.78 -70.97 -26.31
CA LYS W 131 -79.82 -70.25 -25.61
C LYS W 131 -79.28 -69.57 -24.38
N GLU W 132 -79.55 -68.29 -24.28
CA GLU W 132 -79.16 -67.52 -23.11
C GLU W 132 -80.05 -67.91 -21.96
N ILE W 133 -79.54 -68.67 -21.01
CA ILE W 133 -80.41 -69.19 -19.99
C ILE W 133 -80.30 -68.35 -18.72
N GLY W 134 -79.82 -67.12 -18.83
CA GLY W 134 -79.66 -66.28 -17.67
C GLY W 134 -78.54 -66.72 -16.75
N ASN W 135 -78.27 -65.92 -15.76
CA ASN W 135 -77.18 -66.19 -14.84
C ASN W 135 -75.86 -66.36 -15.55
N GLY W 136 -75.73 -65.81 -16.74
CA GLY W 136 -74.44 -65.86 -17.38
C GLY W 136 -74.11 -67.14 -18.09
N CYS W 137 -75.08 -67.99 -18.34
CA CYS W 137 -74.87 -69.29 -18.95
C CYS W 137 -75.48 -69.33 -20.34
N PHE W 138 -74.86 -70.10 -21.22
CA PHE W 138 -75.42 -70.32 -22.53
C PHE W 138 -75.64 -71.81 -22.64
N GLU W 139 -76.82 -72.23 -23.11
CA GLU W 139 -77.06 -73.63 -23.38
C GLU W 139 -77.04 -73.83 -24.88
N PHE W 140 -76.06 -74.60 -25.36
CA PHE W 140 -75.86 -74.80 -26.79
C PHE W 140 -76.97 -75.60 -27.43
N TYR W 141 -77.38 -75.21 -28.63
CA TYR W 141 -78.32 -76.02 -29.39
C TYR W 141 -77.61 -77.08 -30.23
N HIS W 142 -76.35 -77.35 -29.97
CA HIS W 142 -75.60 -78.37 -30.71
C HIS W 142 -74.54 -78.95 -29.78
N LYS W 143 -74.03 -80.11 -30.14
CA LYS W 143 -72.95 -80.72 -29.37
C LYS W 143 -71.72 -79.86 -29.42
N CYS W 144 -71.13 -79.57 -28.26
CA CYS W 144 -69.95 -78.73 -28.23
C CYS W 144 -68.81 -79.47 -27.56
N ASP W 145 -67.91 -80.05 -28.36
CA ASP W 145 -66.79 -80.77 -27.81
C ASP W 145 -65.73 -79.76 -27.38
N ASN W 146 -64.65 -80.26 -26.80
CA ASN W 146 -63.64 -79.35 -26.26
C ASN W 146 -63.08 -78.41 -27.32
N THR W 147 -62.85 -78.91 -28.53
CA THR W 147 -62.39 -78.03 -29.60
C THR W 147 -63.38 -76.91 -29.81
N CYS W 148 -64.66 -77.26 -29.82
CA CYS W 148 -65.67 -76.25 -29.99
C CYS W 148 -65.61 -75.24 -28.84
N MET W 149 -65.62 -75.73 -27.61
CA MET W 149 -65.46 -74.88 -26.44
C MET W 149 -64.29 -73.90 -26.55
N GLU W 150 -63.13 -74.40 -26.94
CA GLU W 150 -61.97 -73.54 -27.07
C GLU W 150 -62.16 -72.47 -28.11
N SER W 151 -62.80 -72.78 -29.22
CA SER W 151 -63.00 -71.73 -30.21
C SER W 151 -63.82 -70.61 -29.63
N VAL W 152 -64.80 -70.94 -28.79
CA VAL W 152 -65.62 -69.90 -28.18
C VAL W 152 -64.77 -69.05 -27.27
N LYS W 153 -63.99 -69.68 -26.41
CA LYS W 153 -63.12 -68.92 -25.54
C LYS W 153 -62.12 -68.14 -26.35
N ASN W 154 -61.75 -68.69 -27.51
CA ASN W 154 -60.72 -68.15 -28.38
C ASN W 154 -61.28 -67.09 -29.33
N GLY W 155 -62.60 -66.98 -29.43
CA GLY W 155 -63.17 -65.99 -30.33
C GLY W 155 -63.21 -66.41 -31.79
N THR W 156 -63.07 -67.69 -32.07
CA THR W 156 -63.16 -68.18 -33.43
C THR W 156 -64.24 -69.22 -33.58
N TYR W 157 -65.29 -69.12 -32.79
CA TYR W 157 -66.39 -70.07 -32.92
C TYR W 157 -66.96 -69.97 -34.32
N ASP W 158 -67.22 -71.11 -34.92
CA ASP W 158 -67.71 -71.20 -36.29
C ASP W 158 -69.23 -71.31 -36.33
N TYR W 159 -69.92 -70.17 -36.31
CA TYR W 159 -71.38 -70.18 -36.38
C TYR W 159 -71.93 -71.00 -37.54
N PRO W 160 -71.48 -70.83 -38.78
CA PRO W 160 -72.11 -71.61 -39.84
C PRO W 160 -71.86 -73.09 -39.75
N LYS W 161 -70.77 -73.52 -39.11
CA LYS W 161 -70.51 -74.95 -39.00
C LYS W 161 -71.60 -75.69 -38.26
N TYR W 162 -72.18 -75.10 -37.23
CA TYR W 162 -73.16 -75.78 -36.40
C TYR W 162 -74.57 -75.29 -36.63
N SER W 163 -74.76 -74.35 -37.55
CA SER W 163 -76.04 -73.68 -37.62
C SER W 163 -77.18 -74.60 -38.02
N GLU W 164 -76.92 -75.53 -38.94
CA GLU W 164 -77.97 -76.47 -39.33
C GLU W 164 -78.37 -77.36 -38.16
N GLU W 165 -77.40 -78.04 -37.59
CA GLU W 165 -77.66 -78.90 -36.45
C GLU W 165 -78.41 -78.12 -35.38
N ALA W 166 -77.94 -76.92 -35.08
CA ALA W 166 -78.58 -76.10 -34.06
C ALA W 166 -80.02 -75.81 -34.45
N LYS W 167 -80.24 -75.38 -35.69
CA LYS W 167 -81.59 -75.05 -36.12
C LYS W 167 -82.49 -76.26 -35.99
N LEU W 168 -81.95 -77.45 -36.19
CA LEU W 168 -82.76 -78.64 -36.05
C LEU W 168 -83.26 -78.81 -34.63
N ASN W 169 -82.33 -78.75 -33.67
CA ASN W 169 -82.75 -78.93 -32.29
C ASN W 169 -83.57 -77.74 -31.84
N ARG W 170 -83.35 -76.60 -32.48
CA ARG W 170 -84.13 -75.44 -32.08
C ARG W 170 -85.50 -75.51 -32.71
N GLU W 171 -85.64 -76.29 -33.78
CA GLU W 171 -86.90 -76.41 -34.50
C GLU W 171 -87.40 -75.05 -34.98
N GLY X 1 -62.50 -50.81 -24.23
CA GLY X 1 -62.68 -49.73 -23.26
C GLY X 1 -63.92 -49.94 -22.42
N LEU X 2 -64.24 -49.04 -21.53
CA LEU X 2 -65.28 -49.32 -20.55
C LEU X 2 -66.55 -49.84 -21.20
N PHE X 3 -66.89 -49.38 -22.38
CA PHE X 3 -68.15 -49.76 -22.98
C PHE X 3 -67.98 -50.75 -24.11
N GLY X 4 -66.77 -51.15 -24.43
CA GLY X 4 -66.68 -52.27 -25.29
C GLY X 4 -66.72 -51.93 -26.75
N ALA X 5 -66.97 -50.69 -27.11
CA ALA X 5 -67.03 -50.31 -28.52
C ALA X 5 -65.65 -49.94 -29.06
N ILE X 6 -65.07 -48.85 -28.58
CA ILE X 6 -63.81 -48.43 -29.16
C ILE X 6 -62.74 -49.44 -28.82
N ALA X 7 -62.01 -49.87 -29.82
CA ALA X 7 -61.06 -50.96 -29.69
C ALA X 7 -61.74 -52.19 -29.18
N GLY X 8 -63.02 -52.28 -29.41
CA GLY X 8 -63.77 -53.40 -28.93
C GLY X 8 -64.41 -54.01 -30.12
N PHE X 9 -65.72 -54.06 -30.16
CA PHE X 9 -66.38 -54.62 -31.31
C PHE X 9 -66.29 -53.74 -32.53
N ILE X 10 -65.86 -52.49 -32.42
CA ILE X 10 -65.51 -51.70 -33.59
C ILE X 10 -64.01 -51.53 -33.54
N GLU X 11 -63.32 -52.34 -34.33
CA GLU X 11 -61.91 -52.61 -34.12
C GLU X 11 -61.02 -51.40 -34.36
N GLY X 12 -61.27 -50.62 -35.40
CA GLY X 12 -60.38 -49.53 -35.69
C GLY X 12 -61.13 -48.27 -36.08
N GLY X 13 -60.37 -47.20 -36.21
CA GLY X 13 -60.93 -45.91 -36.52
C GLY X 13 -60.89 -45.61 -38.01
N TRP X 14 -61.47 -44.48 -38.36
CA TRP X 14 -61.57 -44.12 -39.75
C TRP X 14 -60.81 -42.84 -40.05
N THR X 15 -59.65 -42.98 -40.69
CA THR X 15 -58.96 -41.80 -41.20
C THR X 15 -59.77 -41.15 -42.30
N GLY X 16 -60.73 -41.85 -42.84
CA GLY X 16 -61.50 -41.25 -43.90
C GLY X 16 -62.61 -40.36 -43.43
N MET X 17 -63.03 -40.47 -42.18
CA MET X 17 -64.02 -39.53 -41.63
C MET X 17 -63.33 -38.37 -40.95
N VAL X 18 -63.20 -37.26 -41.66
CA VAL X 18 -62.36 -36.18 -41.20
C VAL X 18 -63.12 -35.04 -40.53
N ASP X 19 -64.44 -35.01 -40.68
CA ASP X 19 -65.34 -33.95 -40.23
C ASP X 19 -66.09 -34.22 -38.91
N GLY X 20 -65.68 -35.19 -38.12
CA GLY X 20 -66.38 -35.40 -36.87
C GLY X 20 -65.80 -36.57 -36.12
N TRP X 21 -66.16 -36.65 -34.85
CA TRP X 21 -65.64 -37.70 -34.00
C TRP X 21 -66.27 -39.03 -34.31
N TYR X 22 -67.58 -39.04 -34.35
CA TYR X 22 -68.33 -40.24 -34.61
C TYR X 22 -69.11 -40.01 -35.88
N GLY X 23 -69.40 -41.08 -36.58
CA GLY X 23 -70.19 -40.93 -37.78
C GLY X 23 -70.40 -42.26 -38.45
N TYR X 24 -70.65 -42.22 -39.75
CA TYR X 24 -71.20 -43.37 -40.43
C TYR X 24 -70.43 -43.60 -41.71
N HIS X 25 -70.30 -44.85 -42.12
CA HIS X 25 -69.92 -45.18 -43.48
C HIS X 25 -71.02 -45.98 -44.17
N HIS X 26 -71.41 -45.58 -45.36
CA HIS X 26 -72.44 -46.28 -46.09
C HIS X 26 -71.91 -46.70 -47.47
N GLN X 27 -72.48 -47.79 -47.98
CA GLN X 27 -72.39 -48.17 -49.40
C GLN X 27 -73.75 -48.66 -49.89
N ASN X 28 -74.28 -48.00 -50.92
CA ASN X 28 -75.46 -48.52 -51.58
C ASN X 28 -75.20 -48.44 -53.08
N GLU X 29 -76.22 -48.74 -53.88
CA GLU X 29 -76.03 -48.81 -55.29
C GLU X 29 -75.63 -47.43 -55.83
N GLN X 30 -76.29 -46.39 -55.38
CA GLN X 30 -75.90 -45.10 -55.89
C GLN X 30 -74.64 -44.54 -55.22
N GLY X 31 -73.80 -45.32 -54.57
CA GLY X 31 -72.60 -44.72 -54.05
C GLY X 31 -72.18 -45.25 -52.69
N SER X 32 -71.13 -44.62 -52.14
CA SER X 32 -70.57 -44.99 -50.85
C SER X 32 -69.72 -43.85 -50.32
N GLY X 33 -69.66 -43.74 -49.00
CA GLY X 33 -68.80 -42.71 -48.43
C GLY X 33 -68.97 -42.56 -46.94
N TYR X 34 -68.12 -41.70 -46.38
CA TYR X 34 -68.17 -41.34 -44.98
C TYR X 34 -68.98 -40.08 -44.80
N ALA X 35 -69.66 -40.02 -43.66
CA ALA X 35 -70.33 -38.81 -43.16
C ALA X 35 -70.30 -38.80 -41.64
N ALA X 36 -69.82 -37.71 -41.07
CA ALA X 36 -69.82 -37.55 -39.62
C ALA X 36 -71.24 -37.38 -39.09
N ASP X 37 -71.52 -37.95 -37.91
CA ASP X 37 -72.76 -37.63 -37.21
C ASP X 37 -72.56 -36.30 -36.50
N LEU X 38 -73.10 -35.23 -37.07
CA LEU X 38 -72.80 -33.91 -36.52
C LEU X 38 -73.35 -33.68 -35.14
N LYS X 39 -74.56 -34.15 -34.88
CA LYS X 39 -75.14 -33.88 -33.58
C LYS X 39 -74.35 -34.48 -32.43
N SER X 40 -74.13 -35.79 -32.45
CA SER X 40 -73.41 -36.41 -31.35
C SER X 40 -72.01 -35.83 -31.18
N THR X 41 -71.36 -35.48 -32.28
CA THR X 41 -70.06 -34.86 -32.18
C THR X 41 -70.16 -33.52 -31.47
N GLN X 42 -71.13 -32.70 -31.82
CA GLN X 42 -71.18 -31.40 -31.18
C GLN X 42 -71.42 -31.56 -29.68
N ASN X 43 -72.30 -32.49 -29.31
CA ASN X 43 -72.52 -32.71 -27.89
C ASN X 43 -71.25 -33.12 -27.18
N ALA X 44 -70.48 -34.02 -27.77
CA ALA X 44 -69.28 -34.44 -27.09
C ALA X 44 -68.29 -33.30 -27.05
N ILE X 45 -68.21 -32.54 -28.13
CA ILE X 45 -67.33 -31.40 -28.17
C ILE X 45 -67.76 -30.41 -27.11
N ASP X 46 -69.06 -30.17 -27.01
CA ASP X 46 -69.51 -29.29 -25.96
C ASP X 46 -69.15 -29.88 -24.61
N GLY X 47 -69.34 -31.17 -24.43
CA GLY X 47 -68.99 -31.77 -23.17
C GLY X 47 -67.52 -31.67 -22.83
N ILE X 48 -66.67 -32.02 -23.76
CA ILE X 48 -65.25 -31.98 -23.45
C ILE X 48 -64.78 -30.56 -23.30
N THR X 49 -65.33 -29.66 -24.08
CA THR X 49 -64.97 -28.27 -23.93
C THR X 49 -65.25 -27.79 -22.53
N ASN X 50 -66.40 -28.12 -22.05
CA ASN X 50 -66.77 -27.71 -20.71
C ASN X 50 -65.78 -28.24 -19.69
N LYS X 51 -65.30 -29.44 -19.90
CA LYS X 51 -64.38 -30.05 -18.96
C LYS X 51 -63.06 -29.32 -18.91
N VAL X 52 -62.49 -29.04 -20.08
CA VAL X 52 -61.23 -28.32 -20.12
C VAL X 52 -61.37 -26.96 -19.47
N ASN X 53 -62.42 -26.23 -19.77
CA ASN X 53 -62.49 -24.95 -19.10
C ASN X 53 -62.61 -25.07 -17.61
N SER X 54 -63.26 -26.11 -17.13
CA SER X 54 -63.35 -26.23 -15.69
C SER X 54 -62.00 -26.48 -15.10
N VAL X 55 -61.23 -27.38 -15.67
CA VAL X 55 -59.95 -27.68 -15.06
C VAL X 55 -59.04 -26.49 -15.09
N ILE X 56 -59.17 -25.63 -16.08
CA ILE X 56 -58.26 -24.49 -16.22
C ILE X 56 -58.73 -23.33 -15.39
N GLU X 57 -60.00 -22.99 -15.52
CA GLU X 57 -60.51 -21.75 -14.95
C GLU X 57 -60.90 -21.82 -13.50
N LYS X 58 -61.09 -22.99 -12.92
CA LYS X 58 -61.43 -23.11 -11.50
C LYS X 58 -60.29 -22.79 -10.59
N MET X 59 -59.09 -22.64 -11.12
CA MET X 59 -57.90 -22.25 -10.38
C MET X 59 -57.81 -20.75 -10.46
N ASN X 60 -58.16 -20.07 -9.39
CA ASN X 60 -58.11 -18.60 -9.43
C ASN X 60 -57.24 -18.08 -8.31
N THR X 61 -55.96 -17.92 -8.66
CA THR X 61 -54.90 -17.52 -7.77
C THR X 61 -54.88 -16.00 -7.68
N GLN X 62 -54.47 -15.54 -6.53
CA GLN X 62 -54.35 -14.12 -6.30
C GLN X 62 -52.91 -13.66 -6.57
N PHE X 63 -52.71 -12.34 -6.62
CA PHE X 63 -51.38 -11.76 -6.82
C PHE X 63 -50.49 -12.03 -5.62
N THR X 64 -49.41 -12.76 -5.84
CA THR X 64 -48.49 -13.05 -4.75
C THR X 64 -47.05 -12.99 -5.24
N ALA X 65 -46.14 -12.78 -4.30
CA ALA X 65 -44.70 -12.86 -4.53
C ALA X 65 -44.17 -13.98 -3.63
N VAL X 66 -43.71 -15.06 -4.25
CA VAL X 66 -43.32 -16.28 -3.54
C VAL X 66 -42.12 -16.05 -2.66
N GLY X 67 -41.13 -15.35 -3.18
CA GLY X 67 -39.86 -15.23 -2.49
C GLY X 67 -40.01 -14.61 -1.11
N LYS X 68 -39.15 -15.06 -0.22
CA LYS X 68 -39.03 -14.51 1.10
C LYS X 68 -37.54 -14.48 1.36
N GLU X 69 -37.08 -13.49 2.12
CA GLU X 69 -35.66 -13.40 2.43
C GLU X 69 -35.42 -13.49 3.94
N PHE X 70 -34.49 -14.35 4.34
CA PHE X 70 -34.19 -14.54 5.76
C PHE X 70 -32.70 -14.45 5.99
N ASN X 71 -32.31 -13.89 7.14
CA ASN X 71 -30.91 -13.75 7.51
C ASN X 71 -30.42 -15.00 8.24
N HIS X 72 -29.13 -14.99 8.58
CA HIS X 72 -28.49 -16.18 9.14
C HIS X 72 -29.01 -16.57 10.52
N LEU X 73 -29.73 -15.70 11.23
CA LEU X 73 -30.24 -16.08 12.54
C LEU X 73 -31.74 -16.34 12.51
N GLU X 74 -32.28 -16.56 11.33
CA GLU X 74 -33.70 -16.81 11.16
C GLU X 74 -33.87 -18.11 10.41
N LYS X 75 -32.94 -19.04 10.61
CA LYS X 75 -32.98 -20.29 9.86
C LYS X 75 -34.27 -21.04 10.13
N ARG X 76 -34.76 -20.98 11.35
CA ARG X 76 -35.96 -21.74 11.66
C ARG X 76 -37.14 -21.26 10.85
N ILE X 77 -37.33 -19.95 10.74
CA ILE X 77 -38.43 -19.54 9.92
C ILE X 77 -38.10 -19.75 8.45
N GLU X 78 -36.83 -19.67 8.07
CA GLU X 78 -36.49 -20.01 6.69
C GLU X 78 -36.84 -21.46 6.38
N ASN X 79 -36.56 -22.37 7.32
CA ASN X 79 -36.96 -23.75 7.11
C ASN X 79 -38.47 -23.92 7.20
N LEU X 80 -39.13 -23.10 8.00
CA LEU X 80 -40.58 -23.11 7.96
C LEU X 80 -41.07 -22.67 6.60
N ASN X 81 -40.49 -21.60 6.06
CA ASN X 81 -40.88 -21.15 4.73
C ASN X 81 -40.61 -22.20 3.68
N LYS X 82 -39.53 -22.95 3.83
CA LYS X 82 -39.29 -24.00 2.85
C LYS X 82 -40.30 -25.11 3.01
N LYS X 83 -40.66 -25.46 4.23
CA LYS X 83 -41.67 -26.48 4.39
C LYS X 83 -42.96 -26.05 3.74
N VAL X 84 -43.27 -24.77 3.80
CA VAL X 84 -44.47 -24.27 3.15
C VAL X 84 -44.34 -24.43 1.65
N ASP X 85 -43.25 -23.93 1.07
CA ASP X 85 -43.11 -24.02 -0.37
C ASP X 85 -43.06 -25.46 -0.84
N ASP X 86 -42.37 -26.30 -0.09
CA ASP X 86 -42.28 -27.71 -0.43
C ASP X 86 -43.57 -28.44 -0.21
N GLY X 87 -44.34 -28.04 0.80
CA GLY X 87 -45.62 -28.68 1.02
C GLY X 87 -46.55 -28.39 -0.12
N PHE X 88 -46.55 -27.15 -0.58
CA PHE X 88 -47.42 -26.77 -1.68
C PHE X 88 -47.00 -27.48 -2.95
N LEU X 89 -45.70 -27.59 -3.16
CA LEU X 89 -45.18 -28.25 -4.33
C LEU X 89 -45.66 -29.70 -4.40
N ASP X 90 -45.54 -30.42 -3.29
CA ASP X 90 -45.98 -31.79 -3.26
C ASP X 90 -47.49 -31.90 -3.50
N ILE X 91 -48.30 -31.06 -2.86
CA ILE X 91 -49.75 -31.11 -3.06
C ILE X 91 -50.10 -30.83 -4.51
N TRP X 92 -49.64 -29.73 -5.05
CA TRP X 92 -50.07 -29.44 -6.41
C TRP X 92 -49.59 -30.50 -7.37
N THR X 93 -48.43 -31.06 -7.13
CA THR X 93 -47.94 -32.03 -8.07
C THR X 93 -48.79 -33.28 -8.04
N TYR X 94 -49.13 -33.75 -6.86
CA TYR X 94 -49.90 -34.96 -6.77
C TYR X 94 -51.26 -34.76 -7.40
N ASN X 95 -51.94 -33.67 -7.04
CA ASN X 95 -53.29 -33.47 -7.54
C ASN X 95 -53.32 -33.22 -9.04
N ALA X 96 -52.40 -32.43 -9.57
CA ALA X 96 -52.40 -32.23 -11.02
C ALA X 96 -52.14 -33.53 -11.75
N GLU X 97 -51.18 -34.33 -11.29
CA GLU X 97 -50.92 -35.58 -11.97
C GLU X 97 -52.13 -36.49 -11.89
N LEU X 98 -52.68 -36.66 -10.69
CA LEU X 98 -53.80 -37.58 -10.57
C LEU X 98 -55.03 -37.04 -11.29
N LEU X 99 -55.29 -35.74 -11.18
CA LEU X 99 -56.45 -35.17 -11.87
C LEU X 99 -56.44 -35.48 -13.35
N VAL X 100 -55.30 -35.28 -13.98
CA VAL X 100 -55.18 -35.53 -15.40
C VAL X 100 -55.40 -36.99 -15.68
N LEU X 101 -54.72 -37.85 -14.95
CA LEU X 101 -54.92 -39.28 -15.13
C LEU X 101 -56.40 -39.61 -15.04
N LEU X 102 -57.11 -39.11 -14.04
CA LEU X 102 -58.52 -39.52 -13.89
C LEU X 102 -59.36 -38.97 -15.01
N GLU X 103 -59.17 -37.71 -15.40
CA GLU X 103 -60.06 -37.20 -16.41
C GLU X 103 -59.71 -37.77 -17.75
N ASN X 104 -58.45 -38.06 -17.99
CA ASN X 104 -58.12 -38.73 -19.22
C ASN X 104 -58.81 -40.06 -19.27
N GLU X 105 -58.83 -40.77 -18.16
CA GLU X 105 -59.58 -42.02 -18.15
C GLU X 105 -61.04 -41.78 -18.38
N ARG X 106 -61.59 -40.77 -17.73
CA ARG X 106 -62.99 -40.51 -17.90
C ARG X 106 -63.30 -40.07 -19.31
N THR X 107 -62.41 -39.28 -19.91
CA THR X 107 -62.59 -38.85 -21.29
C THR X 107 -62.60 -39.97 -22.30
N LEU X 108 -61.67 -40.91 -22.21
CA LEU X 108 -61.70 -42.01 -23.17
C LEU X 108 -62.95 -42.85 -23.03
N ASP X 109 -63.36 -43.16 -21.81
CA ASP X 109 -64.63 -43.85 -21.62
C ASP X 109 -65.77 -43.11 -22.28
N TYR X 110 -65.77 -41.79 -22.24
CA TYR X 110 -66.92 -41.03 -22.73
C TYR X 110 -67.07 -41.25 -24.22
N HIS X 111 -65.98 -41.09 -24.97
CA HIS X 111 -66.01 -41.39 -26.38
C HIS X 111 -66.49 -42.80 -26.61
N ASP X 112 -65.96 -43.75 -25.86
CA ASP X 112 -66.41 -45.13 -26.00
C ASP X 112 -67.92 -45.23 -25.83
N SER X 113 -68.46 -44.59 -24.80
CA SER X 113 -69.90 -44.61 -24.61
C SER X 113 -70.64 -44.01 -25.78
N ASN X 114 -70.17 -42.87 -26.26
CA ASN X 114 -70.85 -42.19 -27.36
C ASN X 114 -70.93 -43.07 -28.60
N VAL X 115 -69.90 -43.83 -28.88
CA VAL X 115 -69.95 -44.66 -30.07
C VAL X 115 -70.93 -45.78 -29.89
N LYS X 116 -70.83 -46.47 -28.76
CA LYS X 116 -71.80 -47.49 -28.38
C LYS X 116 -73.21 -46.98 -28.56
N ASN X 117 -73.50 -45.79 -28.05
CA ASN X 117 -74.87 -45.28 -28.13
C ASN X 117 -75.26 -45.00 -29.56
N LEU X 118 -74.36 -44.44 -30.37
CA LEU X 118 -74.69 -44.27 -31.78
C LEU X 118 -75.06 -45.57 -32.42
N TYR X 119 -74.28 -46.61 -32.18
CA TYR X 119 -74.58 -47.90 -32.76
C TYR X 119 -75.93 -48.40 -32.29
N GLU X 120 -76.19 -48.30 -31.00
CA GLU X 120 -77.46 -48.77 -30.47
C GLU X 120 -78.63 -47.99 -31.03
N LYS X 121 -78.46 -46.68 -31.20
CA LYS X 121 -79.53 -45.87 -31.76
C LYS X 121 -79.91 -46.34 -33.15
N VAL X 122 -78.92 -46.74 -33.95
CA VAL X 122 -79.22 -47.28 -35.26
C VAL X 122 -79.84 -48.66 -35.14
N ARG X 123 -79.24 -49.51 -34.30
CA ARG X 123 -79.75 -50.87 -34.16
C ARG X 123 -81.21 -50.83 -33.75
N SER X 124 -81.55 -49.95 -32.83
CA SER X 124 -82.92 -49.83 -32.37
C SER X 124 -83.86 -49.39 -33.49
N GLN X 125 -83.39 -48.58 -34.45
CA GLN X 125 -84.27 -48.17 -35.53
C GLN X 125 -84.49 -49.30 -36.49
N LEU X 126 -83.43 -49.96 -36.89
CA LEU X 126 -83.52 -50.94 -37.96
C LEU X 126 -84.31 -52.16 -37.50
N LYS X 127 -84.18 -52.54 -36.24
CA LYS X 127 -84.72 -53.79 -35.73
C LYS X 127 -84.30 -54.92 -36.67
N ASN X 128 -85.22 -55.72 -37.19
CA ASN X 128 -84.90 -56.87 -38.05
C ASN X 128 -84.88 -56.55 -39.54
N ASN X 129 -84.90 -55.29 -39.92
CA ASN X 129 -84.78 -54.98 -41.33
C ASN X 129 -83.34 -55.04 -41.80
N ALA X 130 -82.39 -55.25 -40.91
CA ALA X 130 -81.00 -55.42 -41.31
C ALA X 130 -80.36 -56.45 -40.42
N LYS X 131 -79.19 -56.90 -40.81
CA LYS X 131 -78.48 -57.91 -40.05
C LYS X 131 -77.20 -57.33 -39.46
N GLU X 132 -77.02 -57.54 -38.18
CA GLU X 132 -75.83 -57.12 -37.45
C GLU X 132 -74.64 -57.99 -37.80
N ILE X 133 -73.73 -57.46 -38.60
CA ILE X 133 -72.65 -58.28 -39.08
C ILE X 133 -71.39 -58.00 -38.28
N GLY X 134 -71.51 -57.39 -37.12
CA GLY X 134 -70.31 -57.07 -36.38
C GLY X 134 -69.45 -55.96 -36.95
N ASN X 135 -68.43 -55.60 -36.20
CA ASN X 135 -67.52 -54.53 -36.55
C ASN X 135 -68.24 -53.23 -36.77
N GLY X 136 -69.41 -53.09 -36.21
CA GLY X 136 -70.14 -51.84 -36.27
C GLY X 136 -70.92 -51.62 -37.54
N CYS X 137 -71.13 -52.65 -38.35
CA CYS X 137 -71.81 -52.57 -39.64
C CYS X 137 -73.16 -53.25 -39.63
N PHE X 138 -74.10 -52.72 -40.40
CA PHE X 138 -75.39 -53.35 -40.59
C PHE X 138 -75.56 -53.62 -42.07
N GLU X 139 -75.99 -54.82 -42.44
CA GLU X 139 -76.30 -55.13 -43.82
C GLU X 139 -77.81 -55.13 -44.02
N PHE X 140 -78.31 -54.23 -44.83
CA PHE X 140 -79.75 -54.10 -45.01
C PHE X 140 -80.38 -55.29 -45.72
N TYR X 141 -81.55 -55.70 -45.24
CA TYR X 141 -82.33 -56.71 -45.96
C TYR X 141 -83.21 -56.07 -47.00
N HIS X 142 -83.00 -54.82 -47.34
CA HIS X 142 -83.80 -54.19 -48.37
C HIS X 142 -82.95 -53.15 -49.05
N LYS X 143 -83.36 -52.70 -50.24
CA LYS X 143 -82.60 -51.66 -50.92
C LYS X 143 -82.66 -50.36 -50.15
N CYS X 144 -81.51 -49.78 -49.90
CA CYS X 144 -81.46 -48.54 -49.14
C CYS X 144 -80.79 -47.43 -49.93
N ASP X 145 -81.61 -46.58 -50.53
CA ASP X 145 -81.10 -45.48 -51.32
C ASP X 145 -80.67 -44.33 -50.41
N ASN X 146 -80.13 -43.27 -51.00
CA ASN X 146 -79.60 -42.17 -50.21
C ASN X 146 -80.65 -41.56 -49.30
N THR X 147 -81.88 -41.43 -49.78
CA THR X 147 -82.94 -40.93 -48.92
C THR X 147 -83.09 -41.79 -47.69
N CYS X 148 -83.08 -43.10 -47.90
CA CYS X 148 -83.21 -44.02 -46.79
C CYS X 148 -82.06 -43.86 -45.81
N MET X 149 -80.82 -43.91 -46.31
CA MET X 149 -79.63 -43.66 -45.49
C MET X 149 -79.73 -42.39 -44.64
N GLU X 150 -80.14 -41.27 -45.23
CA GLU X 150 -80.25 -40.05 -44.46
C GLU X 150 -81.29 -40.16 -43.35
N SER X 151 -82.41 -40.82 -43.62
CA SER X 151 -83.39 -40.94 -42.54
C SER X 151 -82.78 -41.68 -41.36
N VAL X 152 -81.94 -42.67 -41.64
CA VAL X 152 -81.31 -43.40 -40.56
C VAL X 152 -80.38 -42.51 -39.76
N LYS X 153 -79.52 -41.75 -40.44
CA LYS X 153 -78.63 -40.86 -39.71
C LYS X 153 -79.40 -39.80 -38.95
N ASN X 154 -80.55 -39.39 -39.47
CA ASN X 154 -81.35 -38.34 -38.87
C ASN X 154 -82.28 -38.93 -37.82
N GLY X 155 -82.39 -40.26 -37.76
CA GLY X 155 -83.27 -40.88 -36.80
C GLY X 155 -84.71 -40.96 -37.20
N THR X 156 -85.01 -40.84 -38.48
CA THR X 156 -86.39 -40.94 -38.91
C THR X 156 -86.61 -42.08 -39.91
N TYR X 157 -85.85 -43.15 -39.79
CA TYR X 157 -86.04 -44.28 -40.66
C TYR X 157 -87.44 -44.82 -40.49
N ASP X 158 -88.11 -45.14 -41.59
CA ASP X 158 -89.50 -45.62 -41.59
C ASP X 158 -89.51 -47.14 -41.63
N TYR X 159 -89.45 -47.76 -40.45
CA TYR X 159 -89.47 -49.22 -40.42
C TYR X 159 -90.59 -49.88 -41.20
N PRO X 160 -91.86 -49.50 -41.03
CA PRO X 160 -92.90 -50.24 -41.76
C PRO X 160 -92.85 -50.04 -43.25
N LYS X 161 -92.28 -48.95 -43.73
CA LYS X 161 -92.21 -48.73 -45.18
C LYS X 161 -91.42 -49.83 -45.88
N TYR X 162 -90.37 -50.34 -45.27
CA TYR X 162 -89.51 -51.33 -45.90
C TYR X 162 -89.68 -52.71 -45.33
N SER X 163 -90.58 -52.89 -44.38
CA SER X 163 -90.62 -54.14 -43.63
C SER X 163 -91.02 -55.32 -44.50
N GLU X 164 -91.95 -55.11 -45.44
CA GLU X 164 -92.36 -56.17 -46.33
C GLU X 164 -91.21 -56.65 -47.20
N GLU X 165 -90.57 -55.74 -47.94
CA GLU X 165 -89.45 -56.12 -48.78
C GLU X 165 -88.40 -56.88 -47.98
N ALA X 166 -88.08 -56.36 -46.80
CA ALA X 166 -87.08 -56.97 -45.92
C ALA X 166 -87.48 -58.37 -45.53
N LYS X 167 -88.73 -58.55 -45.10
CA LYS X 167 -89.15 -59.86 -44.67
C LYS X 167 -89.02 -60.89 -45.78
N LEU X 168 -89.20 -60.47 -47.03
CA LEU X 168 -89.06 -61.37 -48.16
C LEU X 168 -87.63 -61.85 -48.32
N ASN X 169 -86.69 -60.91 -48.31
CA ASN X 169 -85.28 -61.22 -48.45
C ASN X 169 -84.77 -61.96 -47.24
N ARG X 170 -85.42 -61.81 -46.09
CA ARG X 170 -84.95 -62.49 -44.90
C ARG X 170 -85.35 -63.95 -44.91
N GLU X 171 -86.35 -64.33 -45.68
CA GLU X 171 -86.78 -65.70 -45.65
C GLU X 171 -86.40 -66.39 -46.95
#